data_6QC9
#
_entry.id   6QC9
#
loop_
_entity.id
_entity.type
_entity.pdbx_description
1 polymer 'NADH dehydrogenase [ubiquinone] flavoprotein 1, mitochondrial'
2 polymer NDUFV2
3 polymer 'NADH:ubiquinone oxidoreductase core subunit S1'
4 polymer NDUFS2
5 polymer 'NADH:ubiquinone oxidoreductase core subunit S3'
6 polymer NDUFS7
7 polymer NDUFS8
8 polymer NDUFV3
9 polymer NDUFS6
10 polymer 'NADH:ubiquinone oxidoreductase subunit S4'
11 polymer 'NADH:ubiquinone oxidoreductase subunit A9'
12 polymer 'NADH dehydrogenase [ubiquinone] 1 alpha subcomplex subunit 2'
13 polymer NDUFA5
14 polymer 'NADH:ubiquinone oxidoreductase subunit A6'
15 polymer NDUFA7
16 polymer 'NADH dehydrogenase [ubiquinone] 1 alpha subcomplex subunit 12'
17 polymer 'Acyl carrier protein'
18 polymer 'NADH-ubiquinone oxidoreductase chain 3'
19 polymer 'NADH-ubiquinone oxidoreductase chain 1'
20 polymer 'NADH-ubiquinone oxidoreductase chain 6'
21 polymer 'NADH-ubiquinone oxidoreductase chain 4L'
22 polymer 'NADH-ubiquinone oxidoreductase chain 5'
23 polymer 'NADH-ubiquinone oxidoreductase chain 4'
24 polymer 'NADH-ubiquinone oxidoreductase chain 2'
25 polymer NDUFA11
26 polymer 'NADH:ubiquinone oxidoreductase subunit B5'
27 polymer 'NADH dehydrogenase [ubiquinone] 1 alpha subcomplex subunit 8'
28 polymer NDUFB10
29 polymer 'NADH dehydrogenase [ubiquinone] 1 alpha subcomplex subunit 10, mitochondrial'
30 polymer 'NADH:ubiquinone oxidoreductase subunit S5'
31 polymer 'NADH:ubiquinone oxidoreductase subunit A3'
32 polymer 'NADH:ubiquinone oxidoreductase subunit B3'
33 polymer 'NADH dehydrogenase [ubiquinone] 1 subunit C2'
34 polymer 'NADH:ubiquinone oxidoreductase subunit B4'
35 polymer NDUFA13
36 polymer NDUFB6
37 polymer 'NADH:ubiquinone oxidoreductase subunit B7'
38 polymer 'NADH:ubiquinone oxidoreductase subunit B9'
39 polymer 'NADH:ubiquinone oxidoreductase subunit B2'
40 polymer 'NADH dehydrogenase [ubiquinone] 1 beta subcomplex subunit 8, mitochondrial'
41 polymer NDUFB11
42 polymer NDUFC1
43 polymer NDUFB1
44 polymer NDUFA1
45 non-polymer 'IRON/SULFUR CLUSTER'
46 non-polymer 'FLAVIN MONONUCLEOTIDE'
47 non-polymer 'FE2/S2 (INORGANIC) CLUSTER'
48 non-polymer 'ZINC ION'
49 non-polymer 'NADPH DIHYDRO-NICOTINAMIDE-ADENINE-DINUCLEOTIDE PHOSPHATE'
50 non-polymer 'S-[2-({N-[(2S)-2-hydroxy-3,3-dimethyl-4-(phosphonooxy)butanoyl]-beta-alanyl}amino)ethyl] tetradecanethioate'
#
loop_
_entity_poly.entity_id
_entity_poly.type
_entity_poly.pdbx_seq_one_letter_code
_entity_poly.pdbx_strand_id
1 'polypeptide(L)'
;FSGDTTAPKKTSFGSLKDEDRIFTNLYGRHDWRLKGAQSRGDWYKTKEILLKGPDWILGEVKTSGLRGRGGAGFPTGLKW
SFMNKPSDGRPKYLVVNADEGEPGTCKDREIIRHDPHKLVEGCLVGGRAMGARAAYIYIRGEFYNEASNLQVAIREAYEA
GLIGKNACGSGYDFDVFVVRGAGAYICGEETALIESIEGKQGKPRLKPPFPADVGVFGCPTTVANVETVAVSPTICRRGG
AWFASFGRERNSGTKLFNISGHVNNPCTVEEEMSVPLKELIEKHAGGVTGGWDNLLAVIPGGSSTPLIPKSVCETVLMDF
DALIQAQTGLGTAAVIVMDRSTDIVKAIARLIEFYKHESCGQCTPCREGVDWMNKVMARFVRGDARPAEIDSLWEISKQI
EGHTICALGDGAAWPVQGLIRHFRPELEERMQRFAQQHQARQAAS
;
V1
2 'polypeptide(L)'
;GAGGALFVHRDTPKNNPETPFDFTPENYKRIEAIVKNYPEGHKAAAVLPVLDLAQRQNGWLPISAMNKVAEILQVPPMRV
YEVATFYTMYNRKPVGKYHIQVCTTTPCMLRNSDSILEAIQKKLGIKVGETTPDKLFTLIEVECLGACVNAPMVQINDNY
YEDLTPKDIEEIIDELKAGKIPKPGPRSGRFSCEPAGGLTSLTEPPKGPGFGVQAGL
;
V2
3 'polypeptide(L)'
;TATAASNLIEVFVDGQSVMVEPGTTVLQACEKVGMQIPRFCYHERLSVAGNCRMCLVEIEKAPKVVAACAMPVMKGWNIL
TNSEKTKKAREGVMEFLLANHPLDCPICDQGGECDLQDQSMMFGSDRSRFLEGKRAVEDKNIGPLVKTIMTRCIQCTRCI
RFASEIAGVDDLGTTGRGNDMQVGTYIEKMFMSELSGNIIDICPVGALTSKPYAFTARPWETRKTESIDVMDAVGSNIVV
STRTGEVMRILPRMHEDINEEWISDKTRFAYDGLKRQRLTEPMVRNEKGLLTHTTWEDALSRVAGMLQSCQGNDVAAIAG
GLVDAEALIALKDLLNRVDSDTLCTEEVFPTAGAGTDLRSNYLLNTTIAGVEEADVVLLVGTNPRFEAPLFNARIRKSWL
HNDLKVALIGSPVDLTYRYDHLGDSPKILQDIASGSHPFSQVLQEAKKPMVVLGSSALQRNDGAAILAAVSNIAQKIRTS
SGVTGDWKVMNILHRIASQVAALDLGYKPGVEAIRKNPPKMLFLLGADGGCVTRQDLPKDCFIVYQGHHGDVGAPIADVI
LPGAAYTEKSATYVNTEGRAQQTKVAVMPPGLAREDWKIIRALSEIAGMTLPYDTLDQVRNRLEEVSPNLVRYDDVEGAN
YFQQASELSKLVNQQLLADPLVPPQLTIKDFYMTDSISRASQTMAKCVKAVTEGAHAVEEPSIC
;
S1
4 'polypeptide(L)'
;ARQWQPDVEWAEQYGGAVMYPTKETAHWKPPPWNDVDPPKDTLVSNLTLNFGPQHPAAHGVLRLVMELSGEMVRKCDPHI
GLLHRGTEKLIEYKTYLQALPYFDRLDYVSMMCNEQAYSLAVEKLLNIQPPPRAQWIRVLFGEITRLLNHIMAVTTHALD
IGAMTPFFWMFEEREKMFEFYERVSGARMHAAYVRPGGVHQDLPLGLMDDIYEFSKNFSLRIDELEEMLTNNRIWRNRTV
DIGVVTAEDALNYGFSGVMLRGSGIQWDLRKTQPYDVYDQVEFDVPIGSRGDCYDRYLCRVEEMRQSIRIISQCLNKMPP
GEIKVDDAKVSPPKRAEMKTSMESLIHHFKLYTEGYQVPPGATYTAIEAPKGEFGVYLVSDGSSRPYRCKIKAPGFAHLA
GLDKMSKGHMLADVVAIIGTQDIVFGEVDR
;
S2
5 'polypeptide(L)'
;ESASADTRPTVRPRNDVAHKQLSAFGEYVAEILPKYVQQVQVSCFSELEICIHPDGVIPVLTFLRDHSNAQFKSLADLTA
VDIPTRQNRFEIVYNLLSLRFNSRIRVKTYTDELTPVESSVSVYKAANWYEREIWDMFGVFFANHPDLRRILTDYGFEGH
PFRKDFPLSGYVELRYDDEVKRVVAEPVELAQEFRKFDLNSPWEAFPAYRQPPESLKLEAGDKKPEAK
;
S3
6 'polypeptide(L)'
;PSSTQPAVSQARAVVPKPAALPSSRGEYVVAKLDDLINWARRSSLWPMTFGLACCAVEMMHMAAPRYDMDRFGVVFRASP
RQSDVMIVAGTLTNKMAPALRKVYDQMPEPRYVVSMGSCANGGGYYHYSYSVVRGCDRIVPVDIYVPGCPPTAEALLYGI
LQLQKKIKREKRLRIWYRR
;
S7
7 'polypeptide(L)'
;TYKYVNLREPSMDMKSVTDRAAQTLLWTELIRGLGMTLSYLFREPATINYPFEKGPLSPRFRGEHALRRYPSGEERCIAC
KLCEAVCPAQAITIEAEPRADGSRRTTRYDIDMTKCIYCGFCQEACPVDAIVEGPNFEFSTETHEELLYNKEKLLNNGDK
WEAEIAANIQADYLYR
;
S8
8 'polypeptide(L)' SAESGKNEKGLPPNPKKQSPPKKPASAAPTEPFDNTTYKNLQHHDYSTYTFLDLNLDLSKFRMPQPSSGRESPRH V3
9 'polypeptide(L)'
;GVRTSPTGEKVTHTGQVYDDEDYRRVRFVGRQKEVNENFAIDLIAEQPVSQVGSRVISCDGGGGALGHPRVYINLDKETK
TGTCGYCGLQFRQQHH
;
S6
10 'polypeptide(L)'
;AQDQTRDTQLITVDEKLDITTLTGVPEEHIKTRKARIFVPARNNMQSGVNNTKKWKMEFDTRERWENPLMGWASTADPLS
NLVLTFSTKEDAIAFAEKNGWSYDVEERKVPKPKSKSYGANFSWNKRTRVSTK
;
S4
11 'polypeptide(L)'
;LHHAVIPHGKGGRSSVSGIVATVFGATGFLGRYLVNHLGRMGSQVIVPYRCEPYDTMHLRPMGDLGQIIFMDWNGRDKDS
IRRAVEHSNVVINLVGREWETKNFDFEDVFVKIPQAIAQVSKEAGVEKFIHISHLNADIKSSSKYLRNKAVGEKEVRETF
PEATIIKPADIFGREDRFLNYFANIRWFGGVPLISLGKKTVKQPVYIVDVTKGIINAIKDPDARGKTFAFVGPNRYLLFD
LVQYVFAVAHRPFLPYPMPHFAYRWIGRLFEISPFEPWTTRDKVERIHTTDRTLPHLPGLEDLGVQATPLELKAIEVLRR
HRTYRWLSSEIEDVQPAK
;
A9
12 'polypeptide(L)'
;AAAAAIRGVRGKLGLREIRIHLCQRSPGSQGVRDFIEKRYVELKKANPDLPILIRECSDVQPKLWARYAFGQEKNVSLNN
FSADQVTRALENVLSSKA
;
A2
13 'polypeptide(L)'
;AGLLKKTTGLVGLAVCETPHERLKILYTKILDVLGHIPKNAAYRKYTEQITNEKLSIVKAEPDVKKLEEQLQGGQIEEVI
LQAENELSLARKMIQWKPWEPLVEEPPASQWKWPI
;
A5
14 'polypeptide(L)'
;AASGLRQAAVAASTSVKPIFSRDMNEAKRRVRELYRAWYREVPNTVHLFQLDISVKQGRDKVREMFKKNAHVTDPRVVDL
LVIKGKMELEETINVWKQRTHVMRFFHETEAPRPKDFLSKFYVGHDP
;
A6
15 'polypeptide(L)'
;ASATRLIQGLRNWASGRDLQAKLQLRYQEISKRTQPPPKLPVGPSHRLSNNYYCARDGRREAMPPSIVMSSQKVLVAGKP
AESSAVAASEKKAVSPAPPIKRWELSQDEPYL
;
A7
16 'polypeptide(L)'
;MELLQVLKRGLQQVSGHGGLRGYLRVLFRANDVRVGTLVGEDKYGNKYYEDNKQFFGRHRWVIYTTEMNGKNTFWDVDGS
MVPPEWHRWLHCMTDDPPTVKPPTARKFIWTNHKFNLSGTPQQYVPYSTTRKKIQEWVPPSTPYK
;
AL
17 'polypeptide(L)'
;SDAPPLTLEGIKDRVLYVLKLYDKIDPEKLSVNSHFMKDLGLDSLDQVEIIMAMEDEFGFEIPDIDAEKLMCPQEIVDYI
ADKKDVYE
;
AA,AB
18 'polypeptide(L)'
;MNLMITLLTNFTLATLLVTIAFWLPQLNVYSEKTSPYECGFDPMGSARLPFSMKFFLVAITFLLFDLEIALLLPLPWASQ
TTNLNTMLTMALLLIFLLAVSLAYEWTQKGLEWTE
;
D3
19 'polypeptide(L)'
;MFMINVLTLIIPILLAVAFLTLVERKVLGYMQFRKGPNVVGPYGLLQPIADAIKLFIKEPLRPATSSISMFILAPILALT
LALTMWIPLPMPYPLINMNLGVLFMLAMSSLAVYSILWSGWASNSKYALIGALRAVAQTISYEVTLAIILLSVLLMNGSF
TLSTLIITQEQVWLIFPAWPLAMMWFISTLAETNRAPFDLTEGESELVSGFNVEYAAGPFALFFMAEYANIIMMNIFTTT
LFLGAFHNPYMPELYTINFTIKSLLLSITFLWIRASYPRFRYDQLMHLLWKNFLPLTLALCMWHVSLPILLSSIPPQT
;
D1
20 'polypeptide(L)'
;MMTYIVFILSIIFVMGFVGFSSKPSPIYGGLGLIVSGGVGCGIVLNFGGSFLGLMVFLIYLGGMMVVFGYTTAMATEQYP
EVWVSNKVVLGTFITGLLMEFLMVYYVLKDKEVEIVFKFNGMGDWVIYDTGDSGFFSEEAMGIAALYSYGTWLVIVTGWS
LLIGVVVIMEITRGN
;
D6
21 'polypeptide(L)'
;MSLVYMNIMMAFTVSLTGLLMYRSHLMSSLLCLEGMMLSLFILATLMILNSHFTLASMMPIILLVFAACEAALGLSLLVM
VSNTYGTDYVQNLNLLQC
;
4L
22 'polypeptide(L)'
;MNLFSSLTLVTLILLTMPIAAINFNTHKFTNYPLYVKTTISCAFITSMIPTMMFIHTGQEMIISNWHWLTIQTLKLSLSF
KMDFFSMMFVPVALFVTWSIMEFSMWYMHSDPNINQFFKYLLLFLITMLILVTANNLFQLFIGWEGVGIMSFLLIGWWYG
RTDANTAALQAILYNRIGDIGFILAMAWFLINLNTWDLQQIFMLNPNDSNLPLMGLILAATGKSAQFGLHPWLPSAMEGP
TPVSALLHSSTMVVAGIFLLIRFYPLTENNKFGQSIMLCLGAMTTLFTAMCALTQNDIKKIIAFSTSSQLGLMMVTIGIN
QPHLAFLHICTHAFFKAMLFMCSGSIIHSLNDEQDIRKMGGLFKAMPFTTTALIIGSLALTGMPFLTGFYSKDLIIESAN
TSYTNAWALLMTLVATSFTAIYSTRIIFFALLGQPRFPTLININENNPFLINSIKRLLIGSLFAGFIISNNIPPMTIPQM
TMPHYLKMTALTVTILGFILALEISNTTHYLKFNYPSNTFKFSNLLGYYPTIMHRLTPYMNLTMSQKSASSLLDLIWLET
ILPKTISLAQMKMSTTITSQKGLIKLYFLSFLITILISTTLLNFHE
;
D5
23 'polypeptide(L)'
;MLKYIIPTMMLMPLTWLSKNSMIWINTTLHSLLISLTSLLLLNQFGDNSLNFSLTFFSDSLSTPLLILTMWLLPLMLMAS
QHHLSKENLARKKLFISMLILLQLFLIMTFTATELIFFYIMFEATLVPTLIIITRWGNQTERLNAGLYFLFYTLAGSLPL
LVALIYIQNTMGSLNFLILQYWVQPMPNSWSNTFMWLACMMAFMVKMPLYGLHLWLPKAHVEAPIAGSMVLAAILLKLGG
YGMMRITLLLNPITDFMAYPFIMLSLWGMIMTSSICLRQTDLKSLIAYSSVSHMALVIVAILIQTPWSYMGATALMIAHG
LTSSMLFCLANSNYERVHSRTMILARGLQTLLPLMAAWWLLASLTNLALPPSINLIGELFVVMSTFSWSNITIILMGLNM
VITALYSLYMLITTQRGKHTHHINNILPSFTRENALMSLHMLPLLLLSLNPKIILGPLY
;
D4
24 'polypeptide(L)'
;MNPIILIIILMTVMLGTIIVMISTHWLLIWIGFEMNMLAIIPIMMKKHNPRATEASTKYFLTQSTASMLLMMAIIINLMF
SGQWTVMKLFNPMASMLMTMALAMKLGMAPFHFWVPEVTQGIPLSSGLILLTWQKLAPMSVLYQILPSINLDLILTLSIL
SITIGGWGGLNQTQLRKIMAYSSIAHMGWMTAVLLYNPTMTLLNLIIYIIMTSTMFTLFMANSTTTTLSLSHTWNKAPIM
TILVLITLLSMGGLPPLSGFMPKWMIIQEMTKNDSIILPTLMAITALLNLYFYMRLTYSTALTMFPSTNNMKMKWQFPTT
KRMTLLPTMTVLSTMLLPLTPILSILE
;
D2
25 'polypeptide(L)'
;AKTLLHQYWDIPEGTECHRKTYAATSIGGASGLVVSAYSVALKTPTSFLEGVARTGRYTFTAAAIGAIFGLTSCISAQVR
EKPDDPLNYLIGGCAGGLTLGARTRSYGIGAAACAYMGLTAALVKMGQLEGWKVFAEPKV
;
AK
26 'polypeptide(L)'
;SGDHGKRLFIIKPSGFYDKRFLKLLRFYILLTGIPVVIGITLINVFIGEAELAEIPEGYVPEHWEYFKHPISRWIARTFF
DAPEKNYERTMAILQIESEKAELRLKELEVRRLMRAKGDGPWFQYPTIDKALIDHSPKATPDN
;
B5
27 'polypeptide(L)'
;PGIVELPSLEDLKVQEVKVSSSVLKAAAHHYGAQCDKPNKEFMLCRWEEKDPRRCLEEGKLVNQCALEFFRQIKRHCAEP
FTEYWTCIDYSGLQLFRRCRKEQAQFDKCVLDKLGWVRPDLGELSKVTKVKTDRPLPENPYHSRARPEPNPEVEGDLKPA
RHGSRLFFWTM
;
A8
28 'polypeptide(L)'
;PDSWDKDVYPEPPRRTPAPSPQTSLPNPITYLTKAFDLLVDRPVTLVREFIERQHAKNKYYYYHREFRRVPDITECHEKD
VLCMFEAEMQWKRDYKVDQEIVNIIQERLKACQQREGESHRQNCAKELQQFTQVVKAYQDRYHDLGAHYSARKCLAKQKQ
RMLAERKATKEAAAA
;
BJ
29 'polypeptide(L)'
;LQYGPLAYILGEKTTKKMTENSKLITVDGNICSGKSKLAKEVAEKLGLKHFPEAGIHYADSTTGDGKPLPVRFSGNCSLE
KFYDDPKSNDGNSYRLQAWLYASRLLQYADALEHLLSTGQGVVLERSIYSDFVFLEAMYRQGFIRKQCVDHYNQVKKVTV
CEYLPPHVVIYVDVPVSEVQSRIQKKGNPHEMKITSAYLQDIENVYKGTFLPEMSEKCEVLQYSAWEAEDAEKVVEDIQY
LKYDKGPWLDQDDRKLHNLRMLVQDKLEVLNYTSIPVFLPEVTIGAHQSDRVFQEFTELPGRKYRAGYNEDVGDKWIWLK
;
AJ
30 'polypeptide(L)'
;PFFDVQKKLGVDLDHWMTIQSAEQPHRIPARCHAFEKEWIECAHGIGSIRAEKECKIEFEDFRECLLRQKTMKRLNAIKR
QRDKLIKEGKYTPPPHHSGQEDLRP
;
S5
31 'polypeptide(L)'
;APRVAAFLKNVWAKEPVLVASFAIAGLAVILPTLSPYTKYSLMINRATPYNYPVPLRDDGNMPDVPSHPQDPQGPSLEWL
KRL
;
A3
32 'polypeptide(L)'
;AHGHGHEHGPSKMELPDYKQWKIEGTPLETVQEKLAARGLRDPWGRNEAWRYMGGFANNVSFVGALLKGFKWGFAAFVVA
VGAEYYLESQKKDKKHH
;
B3
33 'polypeptide(L)'
;MMTGRQARAPLQFLPDEARSLPPPKLTDPRLAYIGFLGYCSGLIDNAIRRRPVLSAGLHRQFLYITSFVFVGYYLLKRQD
YMYAVRDHDMFSYIKSHPEDFPEKDKKTYREVFEEFHPVR
;
C2
34 'polypeptide(L)'
;SFPKYEPSRLASLPTTLDPAEYDISSETRKAQAERLAIRSRLKREYQLQYNDPSRRGVVEDPALIRWTCARSANVYPNFR
PNTKTSLLGALFGIGPLIFWYYVFKTDRDRKEKLIQEGKLDRTFNISY
;
B4
35 'polypeptide(L)'
;AASKVKQDMPPVGGYGPIDYKRNLPRRGLSGYSMFAVGIGALLFGYWSMMRWNRERRRLQIEDFEARIALMPLLQAEKDR
RVLQMLRENLEEEATIMKDVPGWKVGESVFHTTRWVTPMMGELYGLRTGEEILSSTYGFIWYT
;
AM
36 'polypeptide(L)'
;SGYTPDEKLRLQQLRELRRRWLKDQELSPREPVLPPRRVSPVERFWNKFLQDGALWKNVIYKTYRHSIFAFTHVLIPVWI
IHYYLKYHVTTKPYTIVEKKPRIFPGDTILETGEVIPPMKEFPDQHH
;
B6
37 'polypeptide(L)'
;GAHLARRYLGDASVEPEPLRMPTFPPDYGFPERKEREMVATQQEMNDAQLVLQQRDYCAHYLIRFLKCKRDSFPNFLACK
HEQHDWDYCEHLDYVKRMKEFERERRLLQRKKRREQREADMAKGLGPGEVAPEVAL
;
B7
38 'polypeptide(L)'
;AFLPSAAYLTHQQKVLQLYKRALRHLESRCVHRDKYRYFACLLRARFDEHKNEKDMVKATQLLREAEKEFWHGQHPQPYI
FPESPGGTSYERYECYKVPEWCLDDWHPSEKAMYPDYFAKREQWKKLRRESWEREVKQLQEETPVGGPRTEALPPARKQG
DLPPLWWHIVTRPRERPM
;
B9
39 'polypeptide(L)' AGGGAHIEPRYRQFPQLTRSQVIQAEFFSATMWFWILWRFWHDSDAVLGHFPYPDPSQWTDEELGIPPDDED B2
40 'polypeptide(L)'
;ASHITKDMLPGPYPKTPEERAAAAKKYNMRVEDYEPYPDDGMGYGDYPKLPDRSQQERDPWYDWDHPDLRLNWGEPMHWD
LDMYIRNRVDTSPTPVNWNLMCKHLFGFVAFMLFMFWVGETYPTYQPVGPKQYPYNNLYLERGGDPNKEPEPVVHYEI
;
B8
41 'polypeptide(L)'
;ESSSSRAVIAPSTLAGKRPSEPTLRWQEDPEPEDENLYEKNPDSHGYDKDPAVDVWNMRVVFFFGFSIVLVLGSTFVAYL
PDYRMQEWARREAERLVKYREAHGLPLMESNCFDPSKIQLPEDED
;
BK
42 'polypeptide(L)' KFYIQEPPHGSPNWLKVGLTLGTSAFLWIYLIKQHNEDVLEYKRRNGLE C1
43 'polypeptide(L)' MNLLQVVRDHWIHVLVPVGFVFGYYLDRKNDEKLAAFRNKSLLYKRELKPNEEVTWK B1
44 'polypeptide(L)' MWFEVLPGIAVMGVCLFIPGMATARIHRFSNGGREKRVAHYSYQWYLMERDRRVSGVNRYYVSKGLENID A1
#
loop_
_chem_comp.id
_chem_comp.type
_chem_comp.name
_chem_comp.formula
FES non-polymer 'FE2/S2 (INORGANIC) CLUSTER' 'Fe2 S2'
FMN non-polymer 'FLAVIN MONONUCLEOTIDE' 'C17 H21 N4 O9 P'
NDP non-polymer 'NADPH DIHYDRO-NICOTINAMIDE-ADENINE-DINUCLEOTIDE PHOSPHATE' 'C21 H30 N7 O17 P3'
SF4 non-polymer 'IRON/SULFUR CLUSTER' 'Fe4 S4'
ZMP non-polymer 'S-[2-({N-[(2S)-2-hydroxy-3,3-dimethyl-4-(phosphonooxy)butanoyl]-beta-alanyl}amino)ethyl] tetradecanethioate' 'C25 H49 N2 O8 P S'
ZN non-polymer 'ZINC ION' 'Zn 2'
#
# COMPACT_ATOMS: atom_id res chain seq x y z
N LYS A 10 -57.27 -118.77 -5.12
CA LYS A 10 -57.58 -117.71 -4.17
C LYS A 10 -59.00 -117.83 -3.64
N THR A 11 -59.16 -117.64 -2.34
CA THR A 11 -60.46 -117.77 -1.70
C THR A 11 -61.36 -116.59 -2.05
N SER A 12 -62.67 -116.84 -1.99
CA SER A 12 -63.66 -115.77 -2.14
C SER A 12 -63.88 -115.14 -0.77
N PHE A 13 -62.94 -114.27 -0.40
CA PHE A 13 -62.88 -113.43 0.80
C PHE A 13 -62.70 -114.20 2.10
N GLY A 14 -62.69 -115.53 2.07
CA GLY A 14 -62.26 -116.31 3.23
C GLY A 14 -63.22 -116.45 4.39
N SER A 15 -63.23 -117.63 5.00
CA SER A 15 -63.99 -117.90 6.21
C SER A 15 -63.39 -119.13 6.88
N LEU A 16 -63.95 -119.47 8.03
CA LEU A 16 -63.45 -120.60 8.82
C LEU A 16 -63.88 -121.92 8.21
N LYS A 17 -62.90 -122.76 7.87
CA LYS A 17 -63.12 -124.17 7.60
C LYS A 17 -62.55 -124.95 8.76
N ASP A 18 -63.29 -125.96 9.23
CA ASP A 18 -62.95 -126.62 10.48
C ASP A 18 -61.72 -127.50 10.32
N GLU A 19 -60.99 -127.66 11.44
CA GLU A 19 -59.73 -128.39 11.65
C GLU A 19 -58.55 -127.63 11.03
N ASP A 20 -58.83 -126.56 10.30
CA ASP A 20 -57.81 -125.61 9.89
C ASP A 20 -57.56 -124.56 10.96
N ARG A 21 -58.23 -124.67 12.10
CA ARG A 21 -57.86 -123.91 13.29
C ARG A 21 -56.43 -124.24 13.69
N ILE A 22 -55.63 -123.20 13.94
CA ILE A 22 -54.25 -123.42 14.32
C ILE A 22 -54.17 -124.01 15.73
N PHE A 23 -54.95 -123.48 16.67
CA PHE A 23 -55.03 -124.07 17.98
C PHE A 23 -56.49 -124.29 18.36
N THR A 24 -56.77 -125.49 18.84
CA THR A 24 -58.07 -125.85 19.38
C THR A 24 -58.08 -125.53 20.88
N ASN A 25 -59.09 -126.06 21.59
CA ASN A 25 -59.29 -125.85 23.03
C ASN A 25 -59.39 -124.35 23.33
N LEU A 26 -60.47 -123.77 22.80
CA LEU A 26 -60.74 -122.35 23.05
C LEU A 26 -61.01 -122.10 24.51
N TYR A 27 -61.90 -122.89 25.12
CA TYR A 27 -62.20 -122.71 26.52
C TYR A 27 -62.71 -124.04 27.09
N GLY A 28 -62.20 -124.39 28.28
CA GLY A 28 -62.77 -125.46 29.10
C GLY A 28 -62.83 -126.83 28.47
N ARG A 29 -62.05 -127.09 27.42
CA ARG A 29 -62.16 -128.34 26.70
C ARG A 29 -61.30 -129.40 27.40
N HIS A 30 -61.12 -130.52 26.69
CA HIS A 30 -61.04 -131.88 27.22
C HIS A 30 -60.26 -132.05 28.53
N ASP A 31 -59.12 -131.38 28.65
CA ASP A 31 -58.39 -131.30 29.90
C ASP A 31 -57.53 -130.04 29.88
N TRP A 32 -56.60 -129.95 30.83
CA TRP A 32 -55.65 -128.85 30.89
C TRP A 32 -54.36 -129.44 31.47
N ARG A 33 -53.48 -129.91 30.58
CA ARG A 33 -52.40 -130.81 30.95
C ARG A 33 -51.47 -130.94 29.74
N LEU A 34 -50.21 -131.28 30.01
CA LEU A 34 -49.28 -131.64 28.94
C LEU A 34 -49.74 -132.89 28.19
N LYS A 35 -50.44 -133.80 28.87
CA LYS A 35 -51.05 -134.93 28.20
C LYS A 35 -52.11 -134.47 27.21
N GLY A 36 -52.91 -133.48 27.61
CA GLY A 36 -53.85 -132.89 26.69
C GLY A 36 -53.18 -132.13 25.57
N ALA A 37 -52.01 -131.56 25.85
CA ALA A 37 -51.22 -130.90 24.81
C ALA A 37 -50.69 -131.91 23.79
N GLN A 38 -50.28 -133.08 24.28
CA GLN A 38 -49.84 -134.16 23.41
C GLN A 38 -51.00 -134.68 22.58
N SER A 39 -52.19 -134.74 23.15
CA SER A 39 -53.36 -135.15 22.38
C SER A 39 -53.76 -134.10 21.36
N ARG A 40 -53.59 -132.82 21.68
CA ARG A 40 -53.91 -131.74 20.76
C ARG A 40 -52.80 -131.48 19.75
N GLY A 41 -51.61 -132.04 19.94
CA GLY A 41 -50.54 -131.84 18.97
C GLY A 41 -49.28 -131.14 19.47
N ASP A 42 -48.92 -131.33 20.73
CA ASP A 42 -47.67 -130.78 21.24
C ASP A 42 -46.71 -131.89 21.62
N TRP A 43 -45.42 -131.51 21.68
CA TRP A 43 -44.27 -132.41 21.89
C TRP A 43 -44.24 -133.55 20.87
N TYR A 44 -44.61 -133.26 19.64
CA TYR A 44 -44.64 -134.27 18.58
C TYR A 44 -43.55 -133.96 17.58
N LYS A 45 -42.47 -134.76 17.62
CA LYS A 45 -41.41 -134.80 16.61
C LYS A 45 -40.70 -133.46 16.48
N THR A 46 -40.53 -132.78 17.60
CA THR A 46 -39.90 -131.46 17.59
C THR A 46 -38.38 -131.52 17.56
N LYS A 47 -37.77 -132.62 18.03
CA LYS A 47 -36.31 -132.69 18.07
C LYS A 47 -35.71 -132.78 16.68
N GLU A 48 -36.40 -133.45 15.75
CA GLU A 48 -35.94 -133.51 14.37
C GLU A 48 -36.04 -132.16 13.69
N ILE A 49 -36.95 -131.30 14.17
CA ILE A 49 -37.02 -129.94 13.68
C ILE A 49 -35.90 -129.09 14.27
N LEU A 50 -35.61 -129.29 15.56
CA LEU A 50 -34.60 -128.47 16.23
C LEU A 50 -33.19 -128.79 15.74
N LEU A 51 -32.89 -130.08 15.52
CA LEU A 51 -31.54 -130.51 15.16
C LEU A 51 -31.30 -130.45 13.65
N LYS A 52 -32.07 -129.67 12.91
CA LYS A 52 -31.82 -129.49 11.49
C LYS A 52 -31.08 -128.19 11.20
N GLY A 53 -31.20 -127.20 12.08
CA GLY A 53 -30.54 -125.93 11.89
C GLY A 53 -31.54 -124.79 11.90
N PRO A 54 -31.24 -123.73 12.64
CA PRO A 54 -32.18 -122.61 12.79
C PRO A 54 -32.47 -121.86 11.50
N ASP A 55 -31.57 -121.97 10.51
CA ASP A 55 -31.83 -121.38 9.20
C ASP A 55 -33.03 -122.03 8.53
N TRP A 56 -33.22 -123.33 8.75
CA TRP A 56 -34.39 -124.02 8.20
C TRP A 56 -35.68 -123.60 8.90
N ILE A 57 -35.61 -123.32 10.21
CA ILE A 57 -36.78 -122.81 10.92
C ILE A 57 -37.15 -121.41 10.41
N LEU A 58 -36.14 -120.56 10.19
CA LEU A 58 -36.41 -119.24 9.64
C LEU A 58 -36.95 -119.32 8.22
N GLY A 59 -36.46 -120.28 7.43
CA GLY A 59 -37.03 -120.52 6.12
C GLY A 59 -38.45 -121.03 6.18
N GLU A 60 -38.77 -121.84 7.20
CA GLU A 60 -40.14 -122.32 7.37
C GLU A 60 -41.08 -121.18 7.75
N VAL A 61 -40.62 -120.27 8.60
CA VAL A 61 -41.47 -119.16 9.04
C VAL A 61 -41.67 -118.17 7.90
N LYS A 62 -40.60 -117.85 7.14
CA LYS A 62 -40.78 -116.98 6.00
C LYS A 62 -41.48 -117.68 4.83
N THR A 63 -41.49 -119.01 4.81
CA THR A 63 -42.37 -119.73 3.90
C THR A 63 -43.83 -119.51 4.28
N SER A 64 -44.14 -119.58 5.57
CA SER A 64 -45.48 -119.22 6.03
C SER A 64 -45.75 -117.74 5.84
N GLY A 65 -44.73 -116.90 5.94
CA GLY A 65 -44.88 -115.47 5.78
C GLY A 65 -45.65 -114.84 6.92
N LEU A 66 -45.13 -114.98 8.14
CA LEU A 66 -45.86 -114.57 9.33
C LEU A 66 -45.85 -113.06 9.46
N ARG A 67 -47.02 -112.45 9.35
CA ARG A 67 -47.17 -111.04 9.68
C ARG A 67 -47.11 -110.88 11.19
N GLY A 68 -46.36 -109.88 11.65
CA GLY A 68 -46.22 -109.66 13.08
C GLY A 68 -47.52 -109.15 13.70
N ARG A 69 -47.81 -109.63 14.90
CA ARG A 69 -49.07 -109.36 15.56
C ARG A 69 -48.88 -108.29 16.64
N GLY A 70 -49.98 -107.99 17.33
CA GLY A 70 -50.00 -106.87 18.25
C GLY A 70 -50.28 -105.54 17.60
N GLY A 71 -50.63 -105.54 16.31
CA GLY A 71 -50.97 -104.31 15.63
C GLY A 71 -49.81 -103.43 15.26
N ALA A 72 -48.65 -104.01 14.99
CA ALA A 72 -47.48 -103.23 14.60
C ALA A 72 -47.23 -103.29 13.09
N GLY A 73 -47.05 -104.50 12.54
CA GLY A 73 -46.81 -104.68 11.13
C GLY A 73 -45.44 -105.21 10.78
N PHE A 74 -44.49 -105.19 11.71
CA PHE A 74 -43.16 -105.71 11.43
C PHE A 74 -43.20 -107.23 11.37
N PRO A 75 -42.85 -107.85 10.23
CA PRO A 75 -42.97 -109.31 10.13
C PRO A 75 -41.90 -110.03 10.94
N THR A 76 -42.25 -111.24 11.39
CA THR A 76 -41.42 -112.00 12.30
C THR A 76 -40.14 -112.48 11.62
N GLY A 77 -40.21 -112.74 10.32
CA GLY A 77 -39.06 -113.28 9.61
C GLY A 77 -37.91 -112.30 9.51
N LEU A 78 -38.20 -111.03 9.24
CA LEU A 78 -37.17 -110.01 9.20
C LEU A 78 -36.55 -109.80 10.58
N LYS A 79 -37.38 -109.75 11.62
CA LYS A 79 -36.89 -109.56 12.99
C LYS A 79 -35.97 -110.71 13.42
N TRP A 80 -36.42 -111.93 13.23
CA TRP A 80 -35.60 -113.06 13.65
C TRP A 80 -34.47 -113.36 12.68
N SER A 81 -34.47 -112.74 11.49
CA SER A 81 -33.29 -112.77 10.65
C SER A 81 -32.27 -111.73 11.10
N PHE A 82 -32.73 -110.62 11.69
CA PHE A 82 -31.79 -109.77 12.42
C PHE A 82 -31.25 -110.50 13.64
N MET A 83 -32.03 -111.40 14.22
CA MET A 83 -31.55 -112.20 15.36
C MET A 83 -30.49 -113.28 14.97
N ASN A 84 -29.98 -113.37 13.74
CA ASN A 84 -28.95 -114.34 13.38
C ASN A 84 -27.55 -113.77 13.48
N LYS A 85 -27.33 -112.89 14.44
CA LYS A 85 -25.98 -112.40 14.73
C LYS A 85 -25.11 -113.55 15.22
N PRO A 86 -23.84 -113.61 14.80
CA PRO A 86 -22.91 -114.58 15.39
C PRO A 86 -22.71 -114.32 16.88
N SER A 87 -22.67 -115.40 17.64
CA SER A 87 -22.67 -115.31 19.09
C SER A 87 -21.31 -114.88 19.62
N ASP A 88 -21.32 -113.82 20.42
CA ASP A 88 -20.15 -113.33 21.13
C ASP A 88 -20.24 -113.77 22.59
N GLY A 89 -19.40 -113.18 23.44
CA GLY A 89 -19.43 -113.48 24.86
C GLY A 89 -20.70 -113.08 25.58
N ARG A 90 -21.49 -112.20 24.98
CA ARG A 90 -22.76 -111.76 25.54
C ARG A 90 -23.88 -112.71 25.09
N PRO A 91 -24.72 -113.20 26.01
CA PRO A 91 -25.75 -114.17 25.62
C PRO A 91 -26.91 -113.57 24.84
N LYS A 92 -27.87 -114.39 24.45
CA LYS A 92 -29.05 -113.93 23.72
C LYS A 92 -30.31 -114.29 24.49
N TYR A 93 -31.28 -113.38 24.50
CA TYR A 93 -32.46 -113.49 25.33
C TYR A 93 -33.72 -113.38 24.48
N LEU A 94 -34.75 -114.09 24.93
CA LEU A 94 -36.06 -114.06 24.30
C LEU A 94 -37.09 -113.61 25.33
N VAL A 95 -37.85 -112.58 25.00
CA VAL A 95 -38.82 -112.01 25.93
C VAL A 95 -40.21 -112.15 25.30
N VAL A 96 -41.08 -112.86 25.99
CA VAL A 96 -42.44 -113.10 25.52
C VAL A 96 -43.34 -112.07 26.19
N ASN A 97 -43.81 -111.10 25.42
CA ASN A 97 -44.66 -110.04 25.95
C ASN A 97 -46.10 -110.52 26.03
N ALA A 98 -46.76 -110.28 27.17
CA ALA A 98 -48.13 -110.76 27.31
C ALA A 98 -49.04 -109.74 27.98
N ASP A 99 -48.77 -108.45 27.81
CA ASP A 99 -49.75 -107.47 28.25
C ASP A 99 -50.89 -107.38 27.26
N GLU A 100 -52.00 -106.79 27.72
CA GLU A 100 -53.15 -106.53 26.86
C GLU A 100 -53.53 -105.06 26.98
N GLY A 101 -52.87 -104.24 26.18
CA GLY A 101 -53.36 -102.91 25.90
C GLY A 101 -54.41 -102.98 24.81
N GLU A 102 -54.70 -101.81 24.22
CA GLU A 102 -55.82 -101.59 23.31
C GLU A 102 -57.10 -102.06 23.97
N PRO A 103 -57.64 -101.29 24.96
CA PRO A 103 -58.75 -101.75 25.82
C PRO A 103 -59.98 -102.23 25.07
N GLY A 104 -60.31 -103.50 25.27
CA GLY A 104 -61.22 -104.19 24.38
C GLY A 104 -60.56 -105.49 23.97
N THR A 105 -59.47 -105.86 24.65
CA THR A 105 -58.60 -106.85 24.03
C THR A 105 -59.01 -108.30 24.33
N CYS A 106 -58.66 -108.82 25.50
CA CYS A 106 -58.58 -110.27 25.73
C CYS A 106 -58.00 -111.03 24.53
N LYS A 107 -56.81 -110.64 24.08
CA LYS A 107 -56.17 -111.35 22.98
C LYS A 107 -55.57 -112.67 23.45
N ASP A 108 -54.56 -112.58 24.31
CA ASP A 108 -53.86 -113.76 24.78
C ASP A 108 -54.25 -114.15 26.19
N ARG A 109 -55.24 -113.45 26.77
CA ARG A 109 -55.85 -113.92 28.00
C ARG A 109 -56.43 -115.30 27.83
N GLU A 110 -57.10 -115.52 26.69
CA GLU A 110 -57.68 -116.82 26.36
C GLU A 110 -56.59 -117.88 26.22
N ILE A 111 -55.48 -117.51 25.56
CA ILE A 111 -54.40 -118.46 25.30
C ILE A 111 -53.69 -118.83 26.60
N ILE A 112 -53.35 -117.83 27.41
CA ILE A 112 -52.64 -118.12 28.65
C ILE A 112 -53.57 -118.65 29.72
N ARG A 113 -54.88 -118.59 29.52
CA ARG A 113 -55.80 -119.19 30.47
C ARG A 113 -56.15 -120.63 30.10
N HIS A 114 -56.10 -121.00 28.81
CA HIS A 114 -56.51 -122.34 28.42
C HIS A 114 -55.42 -123.21 27.81
N ASP A 115 -54.26 -122.65 27.44
CA ASP A 115 -53.20 -123.44 26.82
C ASP A 115 -51.85 -122.76 26.97
N PRO A 116 -51.15 -122.94 28.10
CA PRO A 116 -49.76 -122.45 28.19
C PRO A 116 -48.76 -123.37 27.52
N HIS A 117 -49.16 -124.59 27.19
CA HIS A 117 -48.20 -125.59 26.73
C HIS A 117 -47.67 -125.27 25.35
N LYS A 118 -48.54 -124.79 24.45
CA LYS A 118 -48.08 -124.39 23.13
C LYS A 118 -47.20 -123.14 23.21
N LEU A 119 -47.41 -122.31 24.22
CA LEU A 119 -46.48 -121.20 24.48
C LEU A 119 -45.11 -121.71 24.92
N VAL A 120 -45.09 -122.78 25.72
CA VAL A 120 -43.81 -123.39 26.11
C VAL A 120 -43.10 -123.98 24.89
N GLU A 121 -43.87 -124.64 24.03
CA GLU A 121 -43.37 -125.15 22.75
C GLU A 121 -42.76 -124.03 21.91
N GLY A 122 -43.49 -122.91 21.81
CA GLY A 122 -43.05 -121.84 20.96
C GLY A 122 -41.87 -121.07 21.50
N CYS A 123 -41.78 -120.91 22.81
CA CYS A 123 -40.60 -120.25 23.35
C CYS A 123 -39.38 -121.15 23.29
N LEU A 124 -39.57 -122.47 23.36
CA LEU A 124 -38.46 -123.38 23.09
C LEU A 124 -38.01 -123.29 21.63
N VAL A 125 -38.97 -123.20 20.71
CA VAL A 125 -38.67 -123.06 19.28
C VAL A 125 -37.93 -121.75 19.02
N GLY A 126 -38.39 -120.65 19.61
CA GLY A 126 -37.74 -119.37 19.42
C GLY A 126 -36.38 -119.30 20.09
N GLY A 127 -36.20 -120.00 21.20
CA GLY A 127 -34.89 -120.05 21.82
C GLY A 127 -33.89 -120.86 21.03
N ARG A 128 -34.36 -121.90 20.34
CA ARG A 128 -33.44 -122.64 19.48
C ARG A 128 -33.19 -121.93 18.16
N ALA A 129 -34.19 -121.23 17.63
CA ALA A 129 -34.16 -120.73 16.26
C ALA A 129 -33.29 -119.50 16.06
N MET A 130 -32.76 -118.90 17.13
CA MET A 130 -31.97 -117.70 16.95
C MET A 130 -30.76 -117.65 17.87
N GLY A 131 -30.45 -118.73 18.57
CA GLY A 131 -29.35 -118.71 19.51
C GLY A 131 -29.68 -118.14 20.86
N ALA A 132 -30.96 -118.01 21.20
CA ALA A 132 -31.33 -117.51 22.51
C ALA A 132 -31.05 -118.55 23.57
N ARG A 133 -30.94 -118.09 24.79
CA ARG A 133 -30.49 -118.93 25.89
C ARG A 133 -31.47 -118.94 27.05
N ALA A 134 -32.13 -117.83 27.34
CA ALA A 134 -33.15 -117.78 28.37
C ALA A 134 -34.30 -116.90 27.92
N ALA A 135 -35.51 -117.27 28.33
CA ALA A 135 -36.72 -116.57 27.92
C ALA A 135 -37.46 -116.06 29.14
N TYR A 136 -37.59 -114.75 29.23
CA TYR A 136 -38.40 -114.10 30.24
C TYR A 136 -39.77 -113.82 29.66
N ILE A 137 -40.82 -114.28 30.34
CA ILE A 137 -42.19 -114.10 29.90
C ILE A 137 -42.83 -113.09 30.83
N TYR A 138 -43.30 -112.00 30.26
CA TYR A 138 -43.82 -110.87 31.03
C TYR A 138 -45.34 -110.90 30.99
N ILE A 139 -45.95 -111.21 32.12
CA ILE A 139 -47.40 -111.22 32.21
C ILE A 139 -47.85 -109.91 32.84
N ARG A 140 -49.04 -109.45 32.45
CA ARG A 140 -49.67 -108.28 33.02
C ARG A 140 -49.97 -108.52 34.50
N GLY A 141 -49.83 -107.46 35.31
CA GLY A 141 -50.08 -107.55 36.74
C GLY A 141 -51.52 -107.76 37.12
N GLU A 142 -52.45 -107.68 36.17
CA GLU A 142 -53.86 -107.90 36.38
C GLU A 142 -54.23 -109.37 36.44
N PHE A 143 -53.28 -110.27 36.29
CA PHE A 143 -53.50 -111.66 35.91
C PHE A 143 -52.79 -112.60 36.87
N TYR A 144 -53.06 -112.44 38.17
CA TYR A 144 -52.43 -113.29 39.17
C TYR A 144 -52.86 -114.75 39.04
N ASN A 145 -54.16 -114.99 38.85
CA ASN A 145 -54.66 -116.37 38.79
C ASN A 145 -54.20 -117.07 37.51
N GLU A 146 -54.24 -116.37 36.39
CA GLU A 146 -53.75 -116.93 35.14
C GLU A 146 -52.24 -117.07 35.16
N ALA A 147 -51.55 -116.19 35.91
CA ALA A 147 -50.12 -116.34 36.11
C ALA A 147 -49.79 -117.57 36.92
N SER A 148 -50.62 -117.88 37.91
CA SER A 148 -50.40 -119.10 38.68
C SER A 148 -50.75 -120.34 37.88
N ASN A 149 -51.73 -120.25 36.97
CA ASN A 149 -51.96 -121.33 36.01
C ASN A 149 -50.73 -121.55 35.12
N LEU A 150 -50.10 -120.45 34.71
CA LEU A 150 -48.86 -120.52 33.95
C LEU A 150 -47.75 -121.15 34.77
N GLN A 151 -47.71 -120.84 36.07
CA GLN A 151 -46.70 -121.45 36.94
C GLN A 151 -46.94 -122.94 37.12
N VAL A 152 -48.20 -123.36 37.22
CA VAL A 152 -48.54 -124.79 37.28
C VAL A 152 -48.12 -125.50 35.99
N ALA A 153 -48.30 -124.83 34.85
CA ALA A 153 -47.91 -125.42 33.58
C ALA A 153 -46.38 -125.51 33.44
N ILE A 154 -45.66 -124.50 33.95
CA ILE A 154 -44.20 -124.56 33.97
C ILE A 154 -43.73 -125.67 34.89
N ARG A 155 -44.42 -125.87 36.02
CA ARG A 155 -44.09 -126.96 36.92
C ARG A 155 -44.33 -128.32 36.26
N GLU A 156 -45.40 -128.43 35.48
CA GLU A 156 -45.67 -129.68 34.75
C GLU A 156 -44.62 -129.94 33.68
N ALA A 157 -44.22 -128.89 32.95
CA ALA A 157 -43.22 -129.06 31.90
C ALA A 157 -41.84 -129.35 32.48
N TYR A 158 -41.53 -128.80 33.65
CA TYR A 158 -40.30 -129.14 34.34
C TYR A 158 -40.35 -130.56 34.92
N GLU A 159 -41.50 -130.93 35.48
CA GLU A 159 -41.67 -132.23 36.11
C GLU A 159 -41.70 -133.36 35.10
N ALA A 160 -42.02 -133.05 33.84
CA ALA A 160 -41.78 -134.01 32.77
C ALA A 160 -40.31 -134.25 32.53
N GLY A 161 -39.44 -133.33 32.94
CA GLY A 161 -38.01 -133.49 32.74
C GLY A 161 -37.61 -133.30 31.30
N LEU A 162 -38.24 -132.35 30.61
CA LEU A 162 -38.07 -132.19 29.17
C LEU A 162 -37.71 -130.78 28.75
N ILE A 163 -37.94 -129.76 29.58
CA ILE A 163 -37.33 -128.46 29.42
C ILE A 163 -36.54 -128.13 30.68
N GLY A 164 -35.98 -126.93 30.70
CA GLY A 164 -35.07 -126.56 31.76
C GLY A 164 -33.65 -126.76 31.31
N LYS A 165 -33.05 -127.87 31.70
CA LYS A 165 -31.69 -128.21 31.29
C LYS A 165 -31.72 -129.41 30.36
N ASN A 166 -30.99 -129.32 29.24
CA ASN A 166 -30.78 -130.38 28.26
C ASN A 166 -32.12 -130.86 27.68
N ALA A 167 -32.78 -129.95 26.97
CA ALA A 167 -34.13 -130.19 26.49
C ALA A 167 -34.15 -131.18 25.33
N CYS A 168 -35.31 -131.83 25.19
CA CYS A 168 -35.61 -132.84 24.15
C CYS A 168 -34.64 -134.02 24.17
N GLY A 169 -33.99 -134.29 25.29
CA GLY A 169 -32.96 -135.30 25.36
C GLY A 169 -31.59 -134.86 24.88
N SER A 170 -31.51 -133.86 24.01
CA SER A 170 -30.23 -133.40 23.50
C SER A 170 -29.63 -132.38 24.46
N GLY A 171 -28.32 -132.15 24.31
CA GLY A 171 -27.59 -131.29 25.22
C GLY A 171 -27.84 -129.82 25.00
N TYR A 172 -29.07 -129.36 25.28
CA TYR A 172 -29.48 -127.99 25.00
C TYR A 172 -30.33 -127.49 26.16
N ASP A 173 -29.73 -126.73 27.06
CA ASP A 173 -30.49 -126.15 28.15
C ASP A 173 -31.23 -124.90 27.69
N PHE A 174 -32.39 -124.67 28.31
CA PHE A 174 -33.19 -123.49 27.99
C PHE A 174 -34.12 -123.23 29.16
N ASP A 175 -33.90 -122.13 29.86
CA ASP A 175 -34.70 -121.77 31.03
C ASP A 175 -35.69 -120.67 30.68
N VAL A 176 -36.87 -120.76 31.29
CA VAL A 176 -37.92 -119.77 31.11
C VAL A 176 -38.34 -119.26 32.49
N PHE A 177 -38.46 -117.95 32.60
CA PHE A 177 -38.89 -117.28 33.82
C PHE A 177 -40.14 -116.47 33.53
N VAL A 178 -40.82 -116.05 34.58
CA VAL A 178 -42.04 -115.24 34.46
C VAL A 178 -41.89 -114.01 35.35
N VAL A 179 -42.04 -112.84 34.75
CA VAL A 179 -42.04 -111.57 35.48
C VAL A 179 -43.43 -110.99 35.40
N ARG A 180 -43.98 -110.62 36.55
CA ARG A 180 -45.31 -110.02 36.59
C ARG A 180 -45.24 -108.57 36.11
N GLY A 181 -46.39 -108.07 35.70
CA GLY A 181 -46.56 -106.65 35.50
C GLY A 181 -46.90 -105.94 36.79
N ALA A 182 -46.91 -104.62 36.72
CA ALA A 182 -47.40 -103.80 37.82
C ALA A 182 -48.50 -102.87 37.36
N GLY A 183 -49.03 -103.09 36.15
CA GLY A 183 -50.15 -102.33 35.66
C GLY A 183 -49.70 -101.15 34.85
N ALA A 184 -49.78 -101.27 33.53
CA ALA A 184 -49.36 -100.21 32.62
C ALA A 184 -49.89 -100.54 31.23
N TYR A 185 -49.91 -99.52 30.38
CA TYR A 185 -50.00 -99.71 28.95
C TYR A 185 -48.64 -99.72 28.30
N ILE A 186 -47.70 -98.96 28.86
CA ILE A 186 -46.39 -98.77 28.26
C ILE A 186 -45.47 -99.97 28.46
N CYS A 187 -45.73 -100.81 29.46
CA CYS A 187 -44.92 -102.01 29.61
C CYS A 187 -45.16 -103.02 28.51
N GLY A 188 -46.30 -102.95 27.82
CA GLY A 188 -46.53 -103.78 26.65
C GLY A 188 -45.70 -103.39 25.45
N GLU A 189 -45.18 -102.17 25.40
CA GLU A 189 -44.47 -101.70 24.23
C GLU A 189 -43.10 -102.35 24.12
N GLU A 190 -42.37 -101.94 23.08
CA GLU A 190 -41.28 -102.77 22.59
C GLU A 190 -40.03 -102.66 23.48
N THR A 191 -39.81 -101.53 24.13
CA THR A 191 -38.52 -101.37 24.78
C THR A 191 -38.68 -100.94 26.24
N ALA A 192 -39.82 -100.30 26.54
CA ALA A 192 -40.16 -100.06 27.94
C ALA A 192 -40.37 -101.36 28.69
N LEU A 193 -40.82 -102.40 27.98
CA LEU A 193 -40.76 -103.77 28.48
C LEU A 193 -39.35 -104.15 28.94
N ILE A 194 -38.36 -103.89 28.08
CA ILE A 194 -36.97 -104.29 28.33
C ILE A 194 -36.44 -103.59 29.57
N GLU A 195 -36.69 -102.29 29.69
CA GLU A 195 -36.20 -101.62 30.89
C GLU A 195 -37.08 -101.84 32.11
N SER A 196 -38.33 -102.27 31.93
CA SER A 196 -39.13 -102.64 33.10
C SER A 196 -38.65 -103.95 33.69
N ILE A 197 -38.12 -104.85 32.85
CA ILE A 197 -37.46 -106.04 33.38
C ILE A 197 -36.19 -105.66 34.13
N GLU A 198 -35.51 -104.60 33.68
CA GLU A 198 -34.24 -104.18 34.26
C GLU A 198 -34.35 -103.58 35.67
N GLY A 199 -35.56 -103.46 36.22
CA GLY A 199 -35.73 -102.91 37.54
C GLY A 199 -35.88 -101.41 37.59
N LYS A 200 -35.40 -100.71 36.56
CA LYS A 200 -35.73 -99.31 36.40
C LYS A 200 -37.19 -99.19 35.97
N GLN A 201 -37.74 -98.00 36.16
CA GLN A 201 -39.14 -97.76 35.83
C GLN A 201 -39.35 -97.79 34.33
N GLY A 202 -40.51 -98.29 33.91
CA GLY A 202 -40.77 -98.61 32.52
C GLY A 202 -40.80 -97.42 31.60
N LYS A 203 -39.76 -97.27 30.79
CA LYS A 203 -39.57 -96.13 29.93
C LYS A 203 -38.86 -96.62 28.67
N PRO A 204 -39.36 -96.26 27.49
CA PRO A 204 -38.75 -96.77 26.26
C PRO A 204 -37.40 -96.12 26.00
N ARG A 205 -36.58 -96.85 25.25
CA ARG A 205 -35.28 -96.35 24.85
C ARG A 205 -35.40 -95.59 23.54
N LEU A 206 -34.28 -95.28 22.91
CA LEU A 206 -34.28 -94.71 21.57
C LEU A 206 -33.99 -95.81 20.56
N LYS A 207 -34.76 -95.79 19.48
CA LYS A 207 -34.82 -96.87 18.49
C LYS A 207 -33.58 -97.20 17.63
N PRO A 208 -32.77 -96.26 17.11
CA PRO A 208 -31.69 -96.66 16.17
C PRO A 208 -30.60 -97.53 16.81
N PRO A 209 -30.38 -97.48 18.16
CA PRO A 209 -29.83 -98.68 18.79
C PRO A 209 -30.94 -99.71 19.03
N PHE A 210 -30.94 -100.75 18.21
CA PHE A 210 -32.00 -101.75 18.21
C PHE A 210 -31.87 -102.70 19.40
N PRO A 211 -32.99 -103.33 19.80
CA PRO A 211 -32.90 -104.39 20.82
C PRO A 211 -32.09 -105.58 20.39
N ALA A 212 -31.96 -105.84 19.10
CA ALA A 212 -31.12 -106.93 18.60
C ALA A 212 -29.64 -106.60 18.63
N ASP A 213 -29.26 -105.40 19.07
CA ASP A 213 -27.87 -105.06 19.29
C ASP A 213 -27.57 -104.77 20.75
N VAL A 214 -28.38 -103.94 21.40
CA VAL A 214 -28.31 -103.73 22.84
C VAL A 214 -29.72 -103.89 23.39
N GLY A 215 -29.88 -104.79 24.34
CA GLY A 215 -31.19 -105.13 24.85
C GLY A 215 -31.25 -105.15 26.36
N VAL A 216 -31.60 -106.31 26.91
CA VAL A 216 -31.70 -106.48 28.36
C VAL A 216 -30.29 -106.40 28.93
N PHE A 217 -29.97 -105.25 29.51
CA PHE A 217 -28.69 -104.84 30.08
C PHE A 217 -27.54 -104.79 29.07
N GLY A 218 -27.80 -105.00 27.78
CA GLY A 218 -26.71 -104.98 26.83
C GLY A 218 -26.46 -106.28 26.11
N CYS A 219 -27.50 -107.05 25.83
CA CYS A 219 -27.37 -108.30 25.10
C CYS A 219 -28.31 -108.35 23.92
N PRO A 220 -27.94 -109.04 22.83
CA PRO A 220 -28.85 -109.11 21.68
C PRO A 220 -30.06 -109.98 21.98
N THR A 221 -31.17 -109.32 22.23
CA THR A 221 -32.41 -109.98 22.61
C THR A 221 -33.48 -109.67 21.59
N THR A 222 -34.64 -110.28 21.78
CA THR A 222 -35.81 -109.83 21.05
C THR A 222 -37.07 -110.09 21.86
N VAL A 223 -38.18 -109.53 21.37
CA VAL A 223 -39.47 -109.58 22.02
C VAL A 223 -40.49 -110.16 21.06
N ALA A 224 -41.16 -111.21 21.48
CA ALA A 224 -42.17 -111.87 20.66
C ALA A 224 -43.55 -111.71 21.30
N ASN A 225 -44.56 -111.54 20.45
CA ASN A 225 -45.95 -111.56 20.89
C ASN A 225 -46.37 -113.00 21.11
N VAL A 226 -47.40 -113.17 21.96
CA VAL A 226 -47.84 -114.51 22.36
C VAL A 226 -48.49 -115.25 21.18
N GLU A 227 -49.17 -114.54 20.27
CA GLU A 227 -49.71 -115.20 19.09
C GLU A 227 -48.61 -115.74 18.19
N THR A 228 -47.47 -115.03 18.11
CA THR A 228 -46.34 -115.53 17.34
C THR A 228 -45.71 -116.74 18.01
N VAL A 229 -45.62 -116.73 19.34
CA VAL A 229 -45.11 -117.87 20.09
C VAL A 229 -46.05 -119.07 19.94
N ALA A 230 -47.36 -118.82 19.87
CA ALA A 230 -48.31 -119.91 19.73
C ALA A 230 -48.28 -120.50 18.32
N VAL A 231 -48.19 -119.65 17.30
CA VAL A 231 -48.19 -120.17 15.94
C VAL A 231 -46.85 -120.78 15.58
N SER A 232 -45.77 -120.44 16.28
CA SER A 232 -44.43 -120.85 15.87
C SER A 232 -44.14 -122.36 15.89
N PRO A 233 -44.53 -123.19 16.88
CA PRO A 233 -44.25 -124.63 16.73
C PRO A 233 -45.18 -125.32 15.77
N THR A 234 -46.37 -124.76 15.50
CA THR A 234 -47.28 -125.38 14.55
C THR A 234 -46.75 -125.26 13.14
N ILE A 235 -46.08 -124.15 12.82
CA ILE A 235 -45.48 -124.02 11.51
C ILE A 235 -44.26 -124.93 11.40
N CYS A 236 -43.56 -125.16 12.50
CA CYS A 236 -42.43 -126.07 12.50
C CYS A 236 -42.87 -127.51 12.32
N ARG A 237 -43.95 -127.91 13.00
CA ARG A 237 -44.41 -129.29 12.91
C ARG A 237 -45.31 -129.54 11.70
N ARG A 238 -45.78 -128.50 11.03
CA ARG A 238 -46.65 -128.67 9.87
C ARG A 238 -45.97 -128.16 8.62
N GLY A 239 -46.69 -128.25 7.50
CA GLY A 239 -46.11 -128.00 6.20
C GLY A 239 -45.83 -126.53 5.93
N GLY A 240 -45.02 -126.32 4.89
CA GLY A 240 -44.69 -124.97 4.47
C GLY A 240 -45.82 -124.36 3.66
N ALA A 241 -46.22 -123.14 4.03
CA ALA A 241 -47.25 -122.33 3.39
C ALA A 241 -48.64 -122.96 3.42
N TRP A 242 -48.85 -123.96 4.29
CA TRP A 242 -50.23 -124.35 4.61
C TRP A 242 -50.92 -123.22 5.36
N PHE A 243 -50.16 -122.52 6.20
CA PHE A 243 -50.64 -121.33 6.88
C PHE A 243 -50.88 -120.19 5.91
N ALA A 244 -50.08 -120.10 4.86
CA ALA A 244 -50.13 -118.96 3.93
C ALA A 244 -51.27 -119.03 2.94
N SER A 245 -52.04 -120.11 2.91
CA SER A 245 -53.11 -120.27 1.92
C SER A 245 -54.42 -119.64 2.36
N PHE A 246 -54.42 -118.86 3.44
CA PHE A 246 -55.62 -118.26 3.99
C PHE A 246 -55.47 -116.74 3.90
N GLY A 247 -55.88 -116.15 2.77
CA GLY A 247 -55.87 -114.72 2.61
C GLY A 247 -54.90 -114.27 1.53
N ARG A 248 -54.36 -113.08 1.73
CA ARG A 248 -53.55 -112.42 0.71
C ARG A 248 -52.09 -112.85 0.82
N GLU A 249 -51.20 -112.11 0.15
CA GLU A 249 -49.80 -112.48 0.05
C GLU A 249 -48.91 -111.78 1.06
N ARG A 250 -49.18 -110.50 1.34
CA ARG A 250 -48.40 -109.81 2.36
C ARG A 250 -48.77 -110.31 3.76
N ASN A 251 -50.03 -110.14 4.14
CA ASN A 251 -50.58 -110.77 5.33
C ASN A 251 -51.10 -112.15 4.98
N SER A 252 -50.81 -113.12 5.85
CA SER A 252 -51.22 -114.48 5.56
C SER A 252 -51.48 -115.23 6.86
N GLY A 253 -52.61 -115.93 6.92
CA GLY A 253 -52.84 -116.92 7.96
C GLY A 253 -54.12 -116.65 8.72
N THR A 254 -54.11 -117.04 9.99
CA THR A 254 -55.28 -116.95 10.86
C THR A 254 -55.05 -115.87 11.91
N LYS A 255 -56.15 -115.27 12.36
CA LYS A 255 -56.09 -114.23 13.38
C LYS A 255 -57.36 -114.31 14.21
N LEU A 256 -57.22 -113.91 15.48
CA LEU A 256 -58.34 -113.76 16.41
C LEU A 256 -59.05 -112.45 16.09
N PHE A 257 -60.22 -112.55 15.48
CA PHE A 257 -61.11 -111.42 15.35
C PHE A 257 -62.14 -111.54 16.47
N ASN A 258 -62.13 -110.57 17.39
CA ASN A 258 -63.01 -110.67 18.53
C ASN A 258 -63.85 -109.41 18.57
N ILE A 259 -65.11 -109.57 18.92
CA ILE A 259 -65.89 -108.40 19.28
C ILE A 259 -65.88 -108.34 20.79
N SER A 260 -64.99 -107.55 21.38
CA SER A 260 -65.28 -107.15 22.76
C SER A 260 -65.95 -105.78 22.79
N GLY A 261 -67.28 -105.77 22.84
CA GLY A 261 -68.04 -104.54 22.77
C GLY A 261 -69.54 -104.70 22.55
N HIS A 262 -70.13 -103.92 21.65
CA HIS A 262 -71.58 -103.84 21.49
C HIS A 262 -72.10 -104.77 20.40
N VAL A 263 -72.19 -106.06 20.70
CA VAL A 263 -73.05 -106.97 19.95
C VAL A 263 -73.76 -107.86 20.95
N ASN A 264 -74.77 -108.59 20.48
CA ASN A 264 -75.35 -109.64 21.28
C ASN A 264 -74.38 -110.81 21.31
N ASN A 265 -74.12 -111.32 22.52
CA ASN A 265 -73.04 -112.24 22.87
C ASN A 265 -71.68 -111.73 22.39
N PRO A 266 -71.11 -110.73 23.03
CA PRO A 266 -69.75 -110.27 22.64
C PRO A 266 -68.71 -111.32 22.99
N CYS A 267 -67.89 -111.69 21.99
CA CYS A 267 -67.11 -112.91 22.13
C CYS A 267 -65.91 -112.86 21.19
N THR A 268 -65.28 -114.02 21.00
CA THR A 268 -64.00 -114.19 20.34
C THR A 268 -64.10 -115.31 19.31
N VAL A 269 -63.61 -115.08 18.07
CA VAL A 269 -63.50 -116.16 17.10
C VAL A 269 -62.16 -116.11 16.38
N GLU A 270 -61.56 -117.28 16.20
CA GLU A 270 -60.53 -117.44 15.19
C GLU A 270 -61.16 -117.31 13.81
N GLU A 271 -60.47 -116.63 12.89
CA GLU A 271 -60.81 -116.66 11.49
C GLU A 271 -59.53 -116.63 10.67
N GLU A 272 -59.69 -116.59 9.36
CA GLU A 272 -58.57 -116.47 8.44
C GLU A 272 -58.20 -114.99 8.31
N MET A 273 -57.35 -114.65 7.34
CA MET A 273 -56.82 -113.30 7.26
C MET A 273 -57.87 -112.32 6.74
N SER A 274 -58.70 -112.75 5.79
CA SER A 274 -59.75 -111.90 5.25
C SER A 274 -61.12 -112.46 5.63
N VAL A 275 -62.10 -111.56 5.74
CA VAL A 275 -63.47 -111.94 6.02
C VAL A 275 -64.40 -110.82 5.55
N PRO A 276 -65.59 -111.13 5.03
CA PRO A 276 -66.63 -110.11 4.91
C PRO A 276 -67.11 -109.69 6.29
N LEU A 277 -67.16 -108.37 6.49
CA LEU A 277 -67.32 -107.81 7.82
C LEU A 277 -68.73 -108.05 8.37
N LYS A 278 -69.74 -108.09 7.49
CA LYS A 278 -71.10 -108.31 7.97
C LYS A 278 -71.30 -109.75 8.42
N GLU A 279 -70.71 -110.71 7.70
CA GLU A 279 -70.70 -112.09 8.17
C GLU A 279 -69.95 -112.22 9.48
N LEU A 280 -68.80 -111.53 9.59
CA LEU A 280 -68.00 -111.52 10.81
C LEU A 280 -68.79 -111.02 12.01
N ILE A 281 -69.55 -109.94 11.83
CA ILE A 281 -70.23 -109.35 12.97
C ILE A 281 -71.49 -110.13 13.31
N GLU A 282 -72.33 -110.45 12.32
CA GLU A 282 -73.63 -111.01 12.67
C GLU A 282 -73.68 -112.54 12.60
N LYS A 283 -73.02 -113.15 11.62
CA LYS A 283 -73.17 -114.59 11.43
C LYS A 283 -72.24 -115.41 12.31
N HIS A 284 -71.55 -114.79 13.25
CA HIS A 284 -70.77 -115.53 14.23
C HIS A 284 -71.08 -115.15 15.66
N ALA A 285 -71.34 -113.88 15.94
CA ALA A 285 -71.51 -113.39 17.31
C ALA A 285 -72.88 -112.76 17.46
N GLY A 286 -73.89 -113.61 17.69
CA GLY A 286 -75.25 -113.17 17.98
C GLY A 286 -75.87 -112.28 16.93
N GLY A 287 -75.98 -111.00 17.25
CA GLY A 287 -76.37 -109.97 16.31
C GLY A 287 -75.98 -108.63 16.85
N VAL A 288 -76.04 -107.62 15.97
CA VAL A 288 -75.79 -106.25 16.41
C VAL A 288 -76.94 -105.82 17.31
N THR A 289 -76.62 -105.08 18.37
CA THR A 289 -77.61 -104.62 19.33
C THR A 289 -78.55 -103.64 18.63
N GLY A 290 -79.76 -104.10 18.31
CA GLY A 290 -80.73 -103.30 17.63
C GLY A 290 -80.73 -103.40 16.12
N GLY A 291 -79.97 -104.33 15.55
CA GLY A 291 -79.94 -104.50 14.11
C GLY A 291 -78.72 -103.84 13.48
N TRP A 292 -78.54 -104.13 12.19
CA TRP A 292 -77.36 -103.68 11.45
C TRP A 292 -77.38 -102.17 11.24
N ASP A 293 -78.55 -101.56 11.14
CA ASP A 293 -78.68 -100.15 10.87
C ASP A 293 -78.74 -99.31 12.14
N ASN A 294 -78.56 -99.93 13.31
CA ASN A 294 -78.66 -99.19 14.56
C ASN A 294 -77.34 -98.53 14.92
N LEU A 295 -76.22 -99.18 14.61
CA LEU A 295 -74.90 -98.73 15.04
C LEU A 295 -74.53 -97.41 14.39
N LEU A 296 -73.82 -96.57 15.14
CA LEU A 296 -73.30 -95.35 14.52
C LEU A 296 -72.06 -95.66 13.70
N ALA A 297 -71.11 -96.40 14.27
CA ALA A 297 -69.86 -96.62 13.55
C ALA A 297 -69.21 -97.92 13.99
N VAL A 298 -68.00 -98.16 13.50
CA VAL A 298 -67.20 -99.35 13.78
C VAL A 298 -65.77 -98.91 14.01
N ILE A 299 -65.15 -99.36 15.10
CA ILE A 299 -63.71 -99.22 15.28
C ILE A 299 -63.08 -100.60 15.13
N PRO A 300 -62.16 -100.77 14.19
CA PRO A 300 -61.32 -101.97 14.20
C PRO A 300 -60.11 -101.74 15.07
N GLY A 301 -59.23 -102.73 15.18
CA GLY A 301 -57.95 -102.49 15.86
C GLY A 301 -57.92 -102.45 17.36
N GLY A 302 -58.88 -101.76 17.97
CA GLY A 302 -58.85 -101.52 19.40
C GLY A 302 -58.96 -100.04 19.71
N SER A 303 -57.87 -99.46 20.20
CA SER A 303 -57.86 -98.06 20.57
C SER A 303 -56.82 -97.23 19.83
N SER A 304 -55.88 -97.86 19.15
CA SER A 304 -54.86 -97.15 18.38
C SER A 304 -55.20 -97.11 16.90
N THR A 305 -56.49 -96.96 16.59
CA THR A 305 -57.00 -97.09 15.24
C THR A 305 -58.10 -96.06 15.03
N PRO A 306 -58.10 -95.35 13.91
CA PRO A 306 -59.21 -94.46 13.60
C PRO A 306 -60.49 -95.23 13.34
N LEU A 307 -61.61 -94.51 13.41
CA LEU A 307 -62.90 -95.15 13.28
C LEU A 307 -63.22 -95.47 11.82
N ILE A 308 -64.25 -96.28 11.64
CA ILE A 308 -64.78 -96.62 10.32
C ILE A 308 -66.28 -96.41 10.36
N PRO A 309 -66.83 -95.52 9.55
CA PRO A 309 -68.27 -95.24 9.64
C PRO A 309 -69.12 -96.30 8.97
N LYS A 310 -70.43 -96.06 8.90
CA LYS A 310 -71.38 -97.09 8.46
C LYS A 310 -71.23 -97.40 6.98
N SER A 311 -71.19 -96.35 6.15
CA SER A 311 -71.08 -96.50 4.70
C SER A 311 -69.72 -97.03 4.26
N VAL A 312 -68.74 -97.09 5.16
CA VAL A 312 -67.45 -97.67 4.84
C VAL A 312 -67.40 -99.09 5.42
N CYS A 313 -68.02 -99.29 6.58
CA CYS A 313 -67.97 -100.62 7.19
C CYS A 313 -68.91 -101.63 6.53
N GLU A 314 -69.89 -101.17 5.75
CA GLU A 314 -70.72 -102.15 5.07
C GLU A 314 -70.01 -102.83 3.91
N THR A 315 -68.88 -102.30 3.43
CA THR A 315 -68.22 -102.83 2.24
C THR A 315 -66.78 -103.27 2.46
N VAL A 316 -66.05 -102.68 3.40
CA VAL A 316 -64.62 -102.91 3.50
C VAL A 316 -64.33 -104.25 4.18
N LEU A 317 -63.50 -105.06 3.54
CA LEU A 317 -63.04 -106.34 4.06
C LEU A 317 -61.95 -106.13 5.10
N MET A 318 -61.67 -107.19 5.86
CA MET A 318 -60.84 -107.09 7.06
C MET A 318 -59.41 -107.54 6.79
N ASP A 319 -58.70 -106.80 5.96
CA ASP A 319 -57.28 -107.06 5.71
C ASP A 319 -56.42 -105.89 6.14
N PHE A 320 -55.15 -106.21 6.41
CA PHE A 320 -54.16 -105.20 6.76
C PHE A 320 -53.94 -104.21 5.63
N ASP A 321 -53.80 -104.72 4.40
CA ASP A 321 -53.69 -103.84 3.25
C ASP A 321 -54.97 -103.07 3.00
N ALA A 322 -56.13 -103.68 3.30
CA ALA A 322 -57.40 -102.99 3.14
C ALA A 322 -57.54 -101.83 4.11
N LEU A 323 -57.05 -102.00 5.34
CA LEU A 323 -57.13 -100.92 6.30
C LEU A 323 -56.00 -99.91 6.13
N ILE A 324 -54.91 -100.28 5.45
CA ILE A 324 -53.98 -99.28 4.95
C ILE A 324 -54.66 -98.42 3.89
N GLN A 325 -55.43 -99.07 3.01
CA GLN A 325 -56.21 -98.34 2.02
C GLN A 325 -57.34 -97.53 2.66
N ALA A 326 -57.76 -97.87 3.87
CA ALA A 326 -58.73 -97.08 4.62
C ALA A 326 -58.11 -96.14 5.63
N GLN A 327 -56.78 -95.93 5.55
CA GLN A 327 -56.01 -94.99 6.37
C GLN A 327 -56.06 -95.31 7.86
N THR A 328 -56.22 -96.58 8.22
CA THR A 328 -56.25 -97.01 9.60
C THR A 328 -55.16 -98.07 9.81
N GLY A 329 -55.15 -98.67 10.98
CA GLY A 329 -54.21 -99.73 11.29
C GLY A 329 -54.88 -100.86 12.04
N LEU A 330 -54.73 -102.07 11.51
CA LEU A 330 -55.41 -103.22 12.08
C LEU A 330 -54.68 -103.75 13.30
N GLY A 331 -55.45 -103.99 14.35
CA GLY A 331 -54.94 -104.62 15.56
C GLY A 331 -55.84 -105.77 15.91
N THR A 332 -56.07 -105.99 17.20
CA THR A 332 -56.70 -107.21 17.65
C THR A 332 -57.96 -106.93 18.47
N ALA A 333 -58.95 -107.80 18.30
CA ALA A 333 -59.86 -108.26 19.37
C ALA A 333 -60.95 -107.29 19.81
N ALA A 334 -60.88 -106.05 19.32
CA ALA A 334 -61.92 -105.08 19.59
C ALA A 334 -62.39 -104.55 18.25
N VAL A 335 -62.66 -105.47 17.31
CA VAL A 335 -63.17 -105.04 16.01
C VAL A 335 -64.68 -104.90 16.18
N ILE A 336 -65.10 -103.79 16.78
CA ILE A 336 -66.43 -103.68 17.37
C ILE A 336 -67.19 -102.55 16.72
N VAL A 337 -68.51 -102.57 16.89
CA VAL A 337 -69.36 -101.50 16.46
C VAL A 337 -69.71 -100.68 17.69
N MET A 338 -70.23 -99.48 17.46
CA MET A 338 -70.90 -98.77 18.53
C MET A 338 -72.14 -98.09 17.98
N ASP A 339 -73.14 -98.03 18.86
CA ASP A 339 -74.51 -97.63 18.60
C ASP A 339 -74.60 -96.12 18.44
N ARG A 340 -75.68 -95.69 17.78
CA ARG A 340 -76.05 -94.29 17.77
C ARG A 340 -76.43 -93.79 19.16
N SER A 341 -76.91 -94.69 20.03
CA SER A 341 -77.36 -94.34 21.37
C SER A 341 -76.23 -93.88 22.28
N THR A 342 -74.98 -94.14 21.92
CA THR A 342 -73.83 -93.57 22.59
C THR A 342 -73.24 -92.47 21.73
N ASP A 343 -72.67 -91.46 22.40
CA ASP A 343 -72.00 -90.37 21.70
C ASP A 343 -70.54 -90.74 21.50
N ILE A 344 -70.11 -90.79 20.23
CA ILE A 344 -68.75 -91.19 19.92
C ILE A 344 -67.75 -90.13 20.40
N VAL A 345 -68.20 -88.88 20.54
CA VAL A 345 -67.37 -87.85 21.17
C VAL A 345 -67.07 -88.22 22.62
N LYS A 346 -68.09 -88.69 23.34
CA LYS A 346 -67.91 -89.11 24.72
C LYS A 346 -67.02 -90.33 24.82
N ALA A 347 -67.18 -91.28 23.89
CA ALA A 347 -66.37 -92.50 23.92
C ALA A 347 -64.90 -92.21 23.63
N ILE A 348 -64.63 -91.40 22.61
CA ILE A 348 -63.25 -91.05 22.29
C ILE A 348 -62.66 -90.15 23.36
N ALA A 349 -63.48 -89.33 24.02
CA ALA A 349 -62.97 -88.49 25.12
C ALA A 349 -62.58 -89.33 26.32
N ARG A 350 -63.36 -90.37 26.62
CA ARG A 350 -62.96 -91.32 27.66
C ARG A 350 -61.69 -92.06 27.29
N LEU A 351 -61.51 -92.36 25.99
CA LEU A 351 -60.27 -93.00 25.55
C LEU A 351 -59.07 -92.05 25.69
N ILE A 352 -59.28 -90.76 25.44
CA ILE A 352 -58.21 -89.78 25.63
C ILE A 352 -57.90 -89.62 27.11
N GLU A 353 -58.91 -89.72 27.97
CA GLU A 353 -58.65 -89.73 29.42
C GLU A 353 -57.82 -90.95 29.83
N PHE A 354 -58.09 -92.11 29.23
CA PHE A 354 -57.25 -93.28 29.43
C PHE A 354 -55.82 -93.03 28.98
N TYR A 355 -55.66 -92.37 27.83
CA TYR A 355 -54.33 -92.07 27.31
C TYR A 355 -53.56 -91.15 28.25
N LYS A 356 -54.26 -90.18 28.86
CA LYS A 356 -53.59 -89.33 29.84
C LYS A 356 -53.22 -90.13 31.08
N HIS A 357 -54.10 -91.02 31.52
CA HIS A 357 -53.86 -91.74 32.76
C HIS A 357 -52.73 -92.74 32.63
N GLU A 358 -52.48 -93.27 31.44
CA GLU A 358 -51.33 -94.16 31.22
C GLU A 358 -50.51 -93.66 30.04
N SER A 359 -49.41 -92.97 30.36
CA SER A 359 -48.38 -92.55 29.41
C SER A 359 -47.17 -92.13 30.22
N CYS A 360 -45.98 -92.49 29.77
CA CYS A 360 -44.82 -92.06 30.53
C CYS A 360 -44.49 -90.63 30.14
N GLY A 361 -43.50 -90.05 30.82
CA GLY A 361 -43.22 -88.65 30.59
C GLY A 361 -41.86 -88.37 30.00
N GLN A 362 -41.38 -89.26 29.14
CA GLN A 362 -40.15 -89.00 28.40
C GLN A 362 -40.29 -87.82 27.46
N CYS A 363 -41.13 -87.99 26.45
CA CYS A 363 -41.22 -87.04 25.35
C CYS A 363 -42.13 -85.91 25.78
N THR A 364 -41.69 -84.67 25.54
CA THR A 364 -42.58 -83.53 25.64
C THR A 364 -43.85 -83.60 24.77
N PRO A 365 -43.83 -83.99 23.47
CA PRO A 365 -45.04 -83.74 22.67
C PRO A 365 -46.22 -84.61 23.00
N CYS A 366 -46.05 -85.88 23.37
CA CYS A 366 -47.22 -86.69 23.70
C CYS A 366 -47.83 -86.22 25.00
N ARG A 367 -46.96 -85.89 25.95
CA ARG A 367 -47.36 -85.34 27.25
C ARG A 367 -48.26 -84.13 27.08
N GLU A 368 -47.74 -83.09 26.41
CA GLU A 368 -48.55 -81.89 26.32
C GLU A 368 -49.67 -82.01 25.28
N GLY A 369 -49.51 -82.87 24.28
CA GLY A 369 -50.57 -83.02 23.30
C GLY A 369 -51.77 -83.76 23.84
N VAL A 370 -51.53 -84.82 24.62
CA VAL A 370 -52.64 -85.51 25.26
C VAL A 370 -53.24 -84.63 26.35
N ASP A 371 -52.43 -83.74 26.95
CA ASP A 371 -52.99 -82.75 27.87
C ASP A 371 -53.99 -81.83 27.17
N TRP A 372 -53.58 -81.23 26.04
CA TRP A 372 -54.48 -80.34 25.31
C TRP A 372 -55.68 -81.11 24.78
N MET A 373 -55.47 -82.30 24.24
CA MET A 373 -56.57 -83.04 23.66
C MET A 373 -57.56 -83.51 24.70
N ASN A 374 -57.11 -83.80 25.92
CA ASN A 374 -58.03 -84.16 26.97
C ASN A 374 -58.87 -82.96 27.39
N LYS A 375 -58.22 -81.82 27.60
CA LYS A 375 -59.00 -80.63 28.00
C LYS A 375 -59.90 -80.13 26.87
N VAL A 376 -59.46 -80.25 25.62
CA VAL A 376 -60.26 -79.80 24.50
C VAL A 376 -61.41 -80.76 24.21
N MET A 377 -61.22 -82.08 24.39
CA MET A 377 -62.35 -82.99 24.25
C MET A 377 -63.34 -82.83 25.40
N ALA A 378 -62.86 -82.40 26.58
CA ALA A 378 -63.79 -81.98 27.63
C ALA A 378 -64.61 -80.77 27.20
N ARG A 379 -63.95 -79.78 26.60
CA ARG A 379 -64.66 -78.60 26.10
C ARG A 379 -65.51 -78.90 24.87
N PHE A 380 -65.33 -80.05 24.23
CA PHE A 380 -66.20 -80.47 23.13
C PHE A 380 -67.41 -81.25 23.62
N VAL A 381 -67.23 -82.11 24.63
CA VAL A 381 -68.37 -82.77 25.26
C VAL A 381 -69.29 -81.75 25.89
N ARG A 382 -68.72 -80.76 26.57
CA ARG A 382 -69.55 -79.64 27.01
C ARG A 382 -69.85 -78.67 25.88
N GLY A 383 -69.10 -78.72 24.78
CA GLY A 383 -69.43 -77.97 23.58
C GLY A 383 -69.14 -76.49 23.62
N ASP A 384 -68.14 -76.08 24.40
CA ASP A 384 -67.90 -74.66 24.69
C ASP A 384 -66.80 -74.06 23.80
N ALA A 385 -66.71 -74.47 22.54
CA ALA A 385 -65.64 -74.00 21.66
C ALA A 385 -66.21 -73.43 20.36
N ARG A 386 -65.30 -73.11 19.45
CA ARG A 386 -65.55 -72.57 18.12
C ARG A 386 -65.01 -73.56 17.08
N PRO A 387 -65.47 -73.48 15.82
CA PRO A 387 -64.94 -74.42 14.80
C PRO A 387 -63.46 -74.28 14.51
N ALA A 388 -62.88 -73.11 14.78
CA ALA A 388 -61.43 -72.98 14.72
C ALA A 388 -60.75 -73.89 15.74
N GLU A 389 -61.43 -74.21 16.84
CA GLU A 389 -60.86 -75.12 17.81
C GLU A 389 -60.85 -76.56 17.29
N ILE A 390 -61.88 -76.96 16.54
CA ILE A 390 -61.87 -78.33 16.04
C ILE A 390 -60.86 -78.47 14.92
N ASP A 391 -60.65 -77.39 14.14
CA ASP A 391 -59.58 -77.48 13.15
C ASP A 391 -58.20 -77.33 13.82
N SER A 392 -58.13 -76.68 14.98
CA SER A 392 -56.89 -76.65 15.74
C SER A 392 -56.55 -78.01 16.31
N LEU A 393 -57.58 -78.76 16.71
CA LEU A 393 -57.36 -80.12 17.16
C LEU A 393 -56.88 -80.98 16.02
N TRP A 394 -57.38 -80.72 14.81
CA TRP A 394 -56.83 -81.34 13.61
C TRP A 394 -55.37 -80.97 13.38
N GLU A 395 -55.02 -79.70 13.57
CA GLU A 395 -53.64 -79.27 13.34
C GLU A 395 -52.68 -79.90 14.35
N ILE A 396 -53.09 -79.96 15.62
CA ILE A 396 -52.20 -80.56 16.61
C ILE A 396 -52.11 -82.07 16.42
N SER A 397 -53.18 -82.70 15.96
CA SER A 397 -53.08 -84.12 15.67
C SER A 397 -52.22 -84.39 14.44
N LYS A 398 -52.08 -83.41 13.55
CA LYS A 398 -51.05 -83.51 12.52
C LYS A 398 -49.66 -83.26 13.09
N GLN A 399 -49.54 -82.44 14.13
CA GLN A 399 -48.22 -82.10 14.66
C GLN A 399 -47.62 -83.24 15.47
N ILE A 400 -48.43 -83.95 16.25
CA ILE A 400 -47.91 -84.89 17.24
C ILE A 400 -47.31 -86.13 16.57
N GLU A 401 -47.93 -86.56 15.47
CA GLU A 401 -47.79 -87.92 14.99
C GLU A 401 -46.39 -88.21 14.47
N GLY A 402 -45.73 -89.22 15.06
CA GLY A 402 -44.41 -89.63 14.66
C GLY A 402 -43.28 -88.81 15.24
N HIS A 403 -43.57 -87.76 16.01
CA HIS A 403 -42.57 -86.89 16.59
C HIS A 403 -42.21 -87.27 18.02
N THR A 404 -42.33 -88.56 18.34
CA THR A 404 -42.16 -89.05 19.70
C THR A 404 -41.18 -90.22 19.72
N ILE A 405 -41.09 -90.93 20.84
CA ILE A 405 -40.43 -92.23 20.85
C ILE A 405 -41.39 -93.33 20.41
N CYS A 406 -42.46 -93.54 21.17
CA CYS A 406 -43.26 -94.73 20.98
C CYS A 406 -44.48 -94.38 20.14
N ALA A 407 -45.43 -95.31 20.06
CA ALA A 407 -46.63 -95.11 19.25
C ALA A 407 -47.85 -94.80 20.10
N LEU A 408 -47.68 -94.47 21.38
CA LEU A 408 -48.85 -94.08 22.16
C LEU A 408 -49.30 -92.67 21.79
N GLY A 409 -48.35 -91.78 21.54
CA GLY A 409 -48.70 -90.48 21.00
C GLY A 409 -49.34 -90.59 19.63
N ASP A 410 -48.86 -91.53 18.80
CA ASP A 410 -49.45 -91.71 17.47
C ASP A 410 -50.86 -92.27 17.57
N GLY A 411 -51.05 -93.24 18.47
CA GLY A 411 -52.33 -93.82 18.74
C GLY A 411 -53.26 -92.95 19.56
N ALA A 412 -52.76 -91.83 20.06
CA ALA A 412 -53.62 -90.75 20.51
C ALA A 412 -53.92 -89.75 19.40
N ALA A 413 -53.04 -89.67 18.40
CA ALA A 413 -53.30 -88.79 17.26
C ALA A 413 -54.38 -89.36 16.35
N TRP A 414 -54.34 -90.67 16.10
CA TRP A 414 -55.24 -91.28 15.11
C TRP A 414 -56.74 -91.25 15.43
N PRO A 415 -57.23 -91.46 16.67
CA PRO A 415 -58.69 -91.36 16.86
C PRO A 415 -59.24 -89.96 16.66
N VAL A 416 -58.46 -88.94 17.04
CA VAL A 416 -58.84 -87.56 16.74
C VAL A 416 -58.89 -87.34 15.24
N GLN A 417 -57.96 -87.95 14.50
CA GLN A 417 -57.98 -87.88 13.05
C GLN A 417 -59.23 -88.51 12.47
N GLY A 418 -59.59 -89.70 12.95
CA GLY A 418 -60.77 -90.37 12.43
C GLY A 418 -62.05 -89.63 12.75
N LEU A 419 -62.14 -89.08 13.97
CA LEU A 419 -63.32 -88.32 14.37
C LEU A 419 -63.46 -87.05 13.55
N ILE A 420 -62.35 -86.39 13.23
CA ILE A 420 -62.43 -85.17 12.43
C ILE A 420 -62.69 -85.51 10.96
N ARG A 421 -62.14 -86.60 10.45
CA ARG A 421 -62.38 -86.98 9.06
C ARG A 421 -63.79 -87.47 8.83
N HIS A 422 -64.46 -87.97 9.87
CA HIS A 422 -65.76 -88.57 9.59
C HIS A 422 -66.94 -87.87 10.25
N PHE A 423 -66.83 -87.50 11.54
CA PHE A 423 -68.05 -87.13 12.27
C PHE A 423 -68.06 -85.66 12.65
N ARG A 424 -67.70 -84.82 11.69
CA ARG A 424 -67.95 -83.38 11.74
C ARG A 424 -69.37 -82.95 12.09
N PRO A 425 -70.46 -83.48 11.50
CA PRO A 425 -71.77 -82.81 11.69
C PRO A 425 -72.35 -82.95 13.09
N GLU A 426 -72.07 -84.04 13.80
CA GLU A 426 -72.55 -84.15 15.18
C GLU A 426 -71.83 -83.14 16.07
N LEU A 427 -70.55 -82.89 15.79
CA LEU A 427 -69.80 -81.84 16.49
C LEU A 427 -70.41 -80.48 16.24
N GLU A 428 -70.76 -80.19 14.97
CA GLU A 428 -71.36 -78.90 14.63
C GLU A 428 -72.73 -78.73 15.28
N GLU A 429 -73.53 -79.80 15.32
CA GLU A 429 -74.83 -79.71 15.95
C GLU A 429 -74.72 -79.60 17.47
N ARG A 430 -73.73 -80.27 18.07
CA ARG A 430 -73.49 -80.12 19.51
C ARG A 430 -73.11 -78.71 19.88
N MET A 431 -72.22 -78.10 19.09
CA MET A 431 -71.82 -76.73 19.35
C MET A 431 -72.94 -75.74 19.09
N GLN A 432 -73.79 -76.02 18.10
CA GLN A 432 -74.95 -75.17 17.85
C GLN A 432 -75.96 -75.28 18.97
N ARG A 433 -76.14 -76.47 19.53
CA ARG A 433 -77.04 -76.63 20.67
C ARG A 433 -76.47 -75.98 21.92
N PHE A 434 -75.15 -75.95 22.07
CA PHE A 434 -74.58 -75.19 23.17
C PHE A 434 -74.77 -73.69 22.99
N ALA A 435 -74.72 -73.21 21.75
CA ALA A 435 -75.01 -71.81 21.47
C ALA A 435 -76.46 -71.48 21.79
N GLN A 436 -77.38 -72.40 21.45
CA GLN A 436 -78.78 -72.21 21.80
C GLN A 436 -79.01 -72.29 23.30
N GLN A 437 -78.17 -73.06 24.00
CA GLN A 437 -78.29 -73.19 25.45
C GLN A 437 -77.83 -71.93 26.15
N HIS A 438 -76.65 -71.42 25.81
CA HIS A 438 -76.13 -70.23 26.46
C HIS A 438 -76.89 -68.98 26.04
N GLN A 439 -77.31 -68.90 24.78
CA GLN A 439 -78.07 -67.75 24.32
C GLN A 439 -79.55 -67.94 24.56
N ALA B 5 -52.06 -86.88 42.81
CA ALA B 5 -52.53 -87.59 43.99
C ALA B 5 -51.49 -87.57 45.10
N LEU B 6 -50.85 -86.41 45.27
CA LEU B 6 -49.91 -86.13 46.37
C LEU B 6 -48.72 -87.09 46.35
N PHE B 7 -47.88 -86.94 45.31
CA PHE B 7 -46.70 -87.76 45.10
C PHE B 7 -45.49 -87.34 45.92
N VAL B 8 -45.66 -86.61 47.02
CA VAL B 8 -44.59 -86.34 47.96
C VAL B 8 -45.04 -86.89 49.32
N HIS B 9 -44.08 -87.41 50.10
CA HIS B 9 -44.40 -88.32 51.20
C HIS B 9 -45.11 -87.60 52.35
N ARG B 10 -44.43 -86.62 52.97
CA ARG B 10 -44.98 -85.76 54.03
C ARG B 10 -45.46 -86.55 55.25
N ASP B 11 -44.50 -87.02 56.06
CA ASP B 11 -44.50 -88.29 56.77
C ASP B 11 -45.84 -88.80 57.30
N THR B 12 -46.48 -88.05 58.23
CA THR B 12 -47.74 -88.39 58.89
C THR B 12 -47.67 -89.78 59.54
N PRO B 13 -47.10 -89.89 60.74
CA PRO B 13 -46.80 -91.20 61.36
C PRO B 13 -48.02 -92.09 61.52
N LYS B 14 -47.73 -93.40 61.64
CA LYS B 14 -48.30 -94.63 61.00
C LYS B 14 -47.61 -94.77 59.66
N ASN B 15 -46.57 -93.97 59.47
CA ASN B 15 -45.57 -93.89 58.41
C ASN B 15 -44.37 -93.41 59.19
N ASN B 16 -43.47 -92.58 58.58
CA ASN B 16 -42.41 -91.88 59.30
C ASN B 16 -41.39 -92.85 59.88
N PRO B 17 -40.44 -93.31 59.07
CA PRO B 17 -39.51 -94.36 59.49
C PRO B 17 -38.68 -93.97 60.72
N GLU B 18 -38.54 -94.90 61.67
CA GLU B 18 -38.94 -96.29 61.51
C GLU B 18 -40.33 -96.66 62.04
N THR B 19 -41.24 -96.90 61.11
CA THR B 19 -42.39 -97.75 61.40
C THR B 19 -41.88 -99.18 61.52
N PRO B 20 -42.22 -99.92 62.58
CA PRO B 20 -41.71 -101.29 62.74
C PRO B 20 -42.32 -102.23 61.70
N PHE B 21 -41.44 -102.79 60.86
CA PHE B 21 -41.86 -103.61 59.73
C PHE B 21 -40.82 -104.67 59.45
N ASP B 22 -41.24 -105.92 59.41
CA ASP B 22 -40.33 -107.02 59.13
C ASP B 22 -41.13 -108.18 58.55
N PHE B 23 -40.45 -109.02 57.77
CA PHE B 23 -41.07 -110.18 57.16
C PHE B 23 -40.87 -111.42 58.04
N THR B 24 -41.16 -112.59 57.47
CA THR B 24 -41.09 -114.01 57.77
C THR B 24 -39.87 -114.63 57.08
N PRO B 25 -39.12 -115.50 57.76
CA PRO B 25 -37.98 -116.18 57.11
C PRO B 25 -38.36 -117.04 55.91
N GLU B 26 -39.60 -117.54 55.88
CA GLU B 26 -40.12 -118.19 54.68
C GLU B 26 -40.18 -117.20 53.53
N ASN B 27 -40.62 -115.97 53.81
CA ASN B 27 -40.60 -114.93 52.80
C ASN B 27 -39.17 -114.51 52.46
N TYR B 28 -38.24 -114.67 53.40
CA TYR B 28 -36.84 -114.44 53.08
C TYR B 28 -36.33 -115.49 52.10
N LYS B 29 -36.82 -116.72 52.20
CA LYS B 29 -36.46 -117.73 51.23
C LYS B 29 -37.08 -117.45 49.86
N ARG B 30 -38.31 -116.89 49.85
CA ARG B 30 -38.86 -116.34 48.61
C ARG B 30 -37.96 -115.25 48.02
N ILE B 31 -37.44 -114.37 48.88
CA ILE B 31 -36.54 -113.29 48.45
C ILE B 31 -35.27 -113.85 47.81
N GLU B 32 -34.73 -114.92 48.39
CA GLU B 32 -33.52 -115.51 47.83
C GLU B 32 -33.80 -116.26 46.53
N ALA B 33 -35.00 -116.84 46.39
CA ALA B 33 -35.39 -117.40 45.10
C ALA B 33 -35.52 -116.30 44.04
N ILE B 34 -36.08 -115.14 44.44
CA ILE B 34 -36.27 -114.04 43.50
C ILE B 34 -34.94 -113.47 43.06
N VAL B 35 -34.08 -113.07 44.00
CA VAL B 35 -32.70 -112.78 43.58
C VAL B 35 -31.92 -114.07 43.75
N LYS B 36 -32.31 -115.09 43.00
CA LYS B 36 -31.49 -116.13 42.42
C LYS B 36 -31.92 -116.41 40.99
N ASN B 37 -33.14 -116.02 40.62
CA ASN B 37 -33.57 -116.06 39.22
C ASN B 37 -32.69 -115.18 38.33
N TYR B 38 -32.51 -113.93 38.71
CA TYR B 38 -31.85 -112.97 37.85
C TYR B 38 -30.33 -113.17 37.89
N PRO B 39 -29.62 -112.85 36.80
CA PRO B 39 -28.18 -113.18 36.75
C PRO B 39 -27.35 -112.28 37.65
N GLU B 40 -26.17 -112.78 37.97
CA GLU B 40 -25.24 -112.02 38.81
C GLU B 40 -24.65 -110.87 38.02
N GLY B 41 -24.51 -109.72 38.68
CA GLY B 41 -24.06 -108.51 38.08
C GLY B 41 -25.13 -107.46 37.96
N HIS B 42 -26.39 -107.86 38.02
CA HIS B 42 -27.52 -106.94 37.88
C HIS B 42 -28.59 -107.27 38.91
N LYS B 43 -28.16 -107.32 40.20
CA LYS B 43 -29.04 -107.59 41.33
C LYS B 43 -30.23 -106.65 41.41
N ALA B 44 -30.09 -105.41 40.94
CA ALA B 44 -31.10 -104.37 41.00
C ALA B 44 -32.31 -104.62 40.10
N ALA B 45 -32.50 -105.79 39.49
CA ALA B 45 -33.65 -106.04 38.65
C ALA B 45 -34.84 -106.65 39.38
N ALA B 46 -34.65 -107.10 40.62
CA ALA B 46 -35.70 -107.79 41.36
C ALA B 46 -36.48 -106.86 42.29
N VAL B 47 -36.40 -105.55 42.05
CA VAL B 47 -37.01 -104.56 42.93
C VAL B 47 -38.52 -104.70 42.91
N LEU B 48 -39.09 -104.84 41.73
CA LEU B 48 -40.54 -104.97 41.60
C LEU B 48 -41.08 -106.30 42.16
N PRO B 49 -40.45 -107.47 41.96
CA PRO B 49 -40.97 -108.66 42.68
C PRO B 49 -40.79 -108.61 44.18
N VAL B 50 -39.69 -108.04 44.70
CA VAL B 50 -39.54 -107.94 46.15
C VAL B 50 -40.57 -106.98 46.74
N LEU B 51 -40.84 -105.88 46.03
CA LEU B 51 -41.85 -104.94 46.48
C LEU B 51 -43.26 -105.52 46.33
N ASP B 52 -43.44 -106.43 45.38
CA ASP B 52 -44.69 -107.18 45.28
C ASP B 52 -44.86 -108.11 46.47
N LEU B 53 -43.76 -108.75 46.91
CA LEU B 53 -43.80 -109.56 48.13
C LEU B 53 -44.16 -108.71 49.33
N ALA B 54 -43.63 -107.49 49.39
CA ALA B 54 -43.94 -106.58 50.49
C ALA B 54 -45.42 -106.20 50.48
N GLN B 55 -45.99 -105.98 49.30
CA GLN B 55 -47.42 -105.65 49.24
C GLN B 55 -48.29 -106.85 49.59
N ARG B 56 -47.91 -108.04 49.13
CA ARG B 56 -48.72 -109.22 49.43
C ARG B 56 -48.58 -109.62 50.89
N GLN B 57 -47.46 -109.31 51.53
CA GLN B 57 -47.32 -109.56 52.95
C GLN B 57 -48.14 -108.53 53.74
N ASN B 58 -47.81 -107.25 53.61
CA ASN B 58 -48.56 -106.18 54.24
C ASN B 58 -49.26 -105.41 53.13
N GLY B 59 -50.60 -105.38 53.19
CA GLY B 59 -51.49 -104.94 52.12
C GLY B 59 -51.20 -103.64 51.42
N TRP B 60 -50.50 -102.72 52.10
CA TRP B 60 -49.99 -101.52 51.47
C TRP B 60 -48.59 -101.27 52.03
N LEU B 61 -47.74 -100.70 51.21
CA LEU B 61 -46.34 -100.59 51.65
C LEU B 61 -46.09 -99.25 52.33
N PRO B 62 -45.51 -99.25 53.52
CA PRO B 62 -45.03 -97.99 54.10
C PRO B 62 -43.65 -97.65 53.59
N ILE B 63 -43.12 -96.55 54.11
CA ILE B 63 -41.81 -96.07 53.70
C ILE B 63 -40.69 -96.89 54.35
N SER B 64 -40.95 -97.44 55.55
CA SER B 64 -39.98 -98.32 56.18
C SER B 64 -39.84 -99.62 55.42
N ALA B 65 -40.92 -100.05 54.75
CA ALA B 65 -40.83 -101.17 53.81
C ALA B 65 -39.88 -100.86 52.67
N MET B 66 -39.89 -99.62 52.20
CA MET B 66 -39.00 -99.25 51.10
C MET B 66 -37.56 -99.15 51.55
N ASN B 67 -37.33 -98.66 52.78
CA ASN B 67 -35.99 -98.70 53.36
C ASN B 67 -35.52 -100.14 53.55
N LYS B 68 -36.44 -101.03 53.94
CA LYS B 68 -36.10 -102.44 54.13
C LYS B 68 -35.71 -103.09 52.82
N VAL B 69 -36.49 -102.84 51.76
CA VAL B 69 -36.19 -103.39 50.43
C VAL B 69 -34.87 -102.83 49.91
N ALA B 70 -34.61 -101.54 50.18
CA ALA B 70 -33.34 -100.94 49.76
C ALA B 70 -32.15 -101.56 50.48
N GLU B 71 -32.30 -101.86 51.77
CA GLU B 71 -31.19 -102.49 52.49
C GLU B 71 -31.04 -103.96 52.14
N ILE B 72 -32.13 -104.65 51.79
CA ILE B 72 -32.01 -106.04 51.36
C ILE B 72 -31.33 -106.12 50.00
N LEU B 73 -31.78 -105.32 49.05
CA LEU B 73 -31.20 -105.40 47.72
C LEU B 73 -29.96 -104.54 47.55
N GLN B 74 -29.45 -103.97 48.64
CA GLN B 74 -28.25 -103.11 48.73
C GLN B 74 -28.17 -102.06 47.60
N VAL B 75 -29.29 -101.36 47.41
CA VAL B 75 -29.40 -100.29 46.43
C VAL B 75 -29.66 -99.00 47.20
N PRO B 76 -29.40 -97.84 46.59
CA PRO B 76 -29.95 -96.60 47.13
C PRO B 76 -31.48 -96.63 47.03
N PRO B 77 -32.17 -96.04 48.00
CA PRO B 77 -33.63 -96.19 48.06
C PRO B 77 -34.38 -95.46 46.96
N MET B 78 -33.70 -94.55 46.24
CA MET B 78 -34.39 -93.66 45.31
C MET B 78 -34.98 -94.42 44.14
N ARG B 79 -34.34 -95.51 43.73
CA ARG B 79 -34.92 -96.35 42.69
C ARG B 79 -36.18 -97.06 43.18
N VAL B 80 -36.20 -97.42 44.45
CA VAL B 80 -37.40 -98.03 45.03
C VAL B 80 -38.52 -97.01 45.11
N TYR B 81 -38.19 -95.75 45.43
CA TYR B 81 -39.22 -94.71 45.44
C TYR B 81 -39.74 -94.42 44.05
N GLU B 82 -38.87 -94.48 43.03
CA GLU B 82 -39.31 -94.31 41.65
C GLU B 82 -40.28 -95.42 41.23
N VAL B 83 -39.92 -96.67 41.51
CA VAL B 83 -40.77 -97.79 41.11
C VAL B 83 -42.08 -97.78 41.90
N ALA B 84 -42.05 -97.30 43.15
CA ALA B 84 -43.27 -97.21 43.93
C ALA B 84 -44.18 -96.09 43.40
N THR B 85 -43.62 -94.96 43.02
CA THR B 85 -44.45 -93.88 42.48
C THR B 85 -44.78 -94.06 41.01
N PHE B 86 -44.23 -95.08 40.35
CA PHE B 86 -44.41 -95.17 38.91
C PHE B 86 -45.60 -96.04 38.50
N TYR B 87 -45.79 -97.18 39.14
CA TYR B 87 -46.73 -98.18 38.66
C TYR B 87 -48.10 -98.00 39.29
N THR B 88 -48.98 -98.99 39.09
CA THR B 88 -50.37 -98.91 39.51
C THR B 88 -50.74 -99.87 40.62
N MET B 89 -50.09 -101.03 40.70
CA MET B 89 -50.50 -102.04 41.68
C MET B 89 -50.10 -101.70 43.10
N TYR B 90 -49.34 -100.63 43.32
CA TYR B 90 -48.78 -100.36 44.64
C TYR B 90 -49.42 -99.08 45.16
N ASN B 91 -50.28 -99.24 46.16
CA ASN B 91 -51.05 -98.13 46.72
C ASN B 91 -50.42 -97.68 48.04
N ARG B 92 -49.77 -96.52 48.00
CA ARG B 92 -49.08 -96.00 49.17
C ARG B 92 -50.02 -95.51 50.25
N LYS B 93 -51.26 -95.22 49.90
CA LYS B 93 -52.27 -94.98 50.92
C LYS B 93 -52.66 -96.31 51.57
N PRO B 94 -53.00 -96.29 52.86
CA PRO B 94 -53.50 -97.52 53.49
C PRO B 94 -54.90 -97.86 53.01
N VAL B 95 -55.11 -99.14 52.73
CA VAL B 95 -56.39 -99.63 52.21
C VAL B 95 -56.96 -100.69 53.13
N GLY B 96 -58.12 -101.23 52.78
CA GLY B 96 -58.78 -102.24 53.57
C GLY B 96 -58.45 -103.65 53.11
N LYS B 97 -59.26 -104.60 53.57
CA LYS B 97 -59.09 -106.00 53.20
C LYS B 97 -59.32 -106.21 51.71
N TYR B 98 -60.56 -105.98 51.27
CA TYR B 98 -60.90 -106.04 49.85
C TYR B 98 -60.67 -104.68 49.20
N HIS B 99 -60.36 -104.72 47.91
CA HIS B 99 -60.08 -103.52 47.13
C HIS B 99 -60.88 -103.60 45.84
N ILE B 100 -61.69 -102.59 45.57
CA ILE B 100 -62.60 -102.63 44.43
C ILE B 100 -61.98 -101.80 43.31
N GLN B 101 -61.78 -102.42 42.16
CA GLN B 101 -61.38 -101.74 40.94
C GLN B 101 -62.51 -101.91 39.94
N VAL B 102 -63.23 -100.83 39.65
CA VAL B 102 -64.30 -100.87 38.65
C VAL B 102 -63.68 -100.42 37.33
N CYS B 103 -63.43 -101.39 36.44
CA CYS B 103 -62.78 -101.08 35.19
C CYS B 103 -63.79 -100.67 34.13
N THR B 104 -63.52 -99.50 33.53
CA THR B 104 -64.43 -98.89 32.56
C THR B 104 -63.68 -97.98 31.57
N THR B 105 -63.28 -98.52 30.41
CA THR B 105 -62.89 -97.59 29.34
C THR B 105 -63.58 -97.67 27.98
N THR B 106 -63.15 -98.60 27.13
CA THR B 106 -63.70 -98.56 25.77
C THR B 106 -64.81 -99.57 25.46
N PRO B 107 -64.71 -100.90 25.79
CA PRO B 107 -65.94 -101.70 25.65
C PRO B 107 -66.74 -101.65 26.93
N CYS B 108 -66.07 -101.36 28.03
CA CYS B 108 -66.68 -101.44 29.34
C CYS B 108 -67.62 -100.26 29.58
N MET B 109 -67.16 -99.04 29.29
CA MET B 109 -68.03 -97.88 29.44
C MET B 109 -69.09 -97.83 28.35
N LEU B 110 -68.73 -98.23 27.14
CA LEU B 110 -69.67 -98.24 26.02
C LEU B 110 -70.66 -99.39 26.10
N ARG B 111 -70.44 -100.36 26.98
CA ARG B 111 -71.47 -101.32 27.36
C ARG B 111 -72.05 -100.99 28.73
N ASN B 112 -72.24 -99.69 28.97
CA ASN B 112 -73.05 -99.15 30.07
C ASN B 112 -72.48 -99.50 31.45
N SER B 113 -71.28 -98.99 31.71
CA SER B 113 -70.69 -99.13 33.04
C SER B 113 -71.33 -98.20 34.06
N ASP B 114 -72.06 -97.18 33.60
CA ASP B 114 -72.60 -96.18 34.50
C ASP B 114 -73.70 -96.73 35.40
N SER B 115 -74.40 -97.77 34.94
CA SER B 115 -75.33 -98.47 35.81
C SER B 115 -74.59 -99.15 36.95
N ILE B 116 -73.42 -99.74 36.65
CA ILE B 116 -72.63 -100.41 37.67
C ILE B 116 -72.01 -99.37 38.61
N LEU B 117 -71.63 -98.21 38.07
CA LEU B 117 -71.08 -97.13 38.90
C LEU B 117 -72.14 -96.59 39.84
N GLU B 118 -73.38 -96.39 39.35
CA GLU B 118 -74.47 -95.98 40.22
C GLU B 118 -74.80 -97.03 41.27
N ALA B 119 -74.74 -98.31 40.88
CA ALA B 119 -75.07 -99.39 41.81
C ALA B 119 -74.05 -99.47 42.94
N ILE B 120 -72.76 -99.42 42.59
CA ILE B 120 -71.70 -99.39 43.59
C ILE B 120 -71.80 -98.15 44.47
N GLN B 121 -72.15 -97.01 43.87
CA GLN B 121 -72.20 -95.75 44.62
C GLN B 121 -73.35 -95.74 45.62
N LYS B 122 -74.57 -96.06 45.19
CA LYS B 122 -75.70 -96.03 46.11
C LYS B 122 -75.86 -97.32 46.89
N LYS B 123 -74.99 -98.31 46.70
CA LYS B 123 -74.94 -99.42 47.63
C LYS B 123 -73.89 -99.19 48.72
N LEU B 124 -72.71 -98.73 48.35
CA LEU B 124 -71.63 -98.57 49.31
C LEU B 124 -71.69 -97.22 50.03
N GLY B 125 -72.00 -96.16 49.30
CA GLY B 125 -72.19 -94.87 49.93
C GLY B 125 -71.05 -93.88 49.69
N ILE B 126 -69.82 -94.36 49.71
CA ILE B 126 -68.68 -93.46 49.54
C ILE B 126 -68.48 -93.18 48.06
N LYS B 127 -67.91 -92.01 47.77
CA LYS B 127 -67.82 -91.55 46.40
C LYS B 127 -66.64 -92.22 45.69
N VAL B 128 -66.56 -91.98 44.38
CA VAL B 128 -65.59 -92.68 43.55
C VAL B 128 -64.19 -92.14 43.83
N GLY B 129 -63.21 -93.04 43.85
CA GLY B 129 -61.84 -92.67 44.13
C GLY B 129 -61.49 -92.66 45.60
N GLU B 130 -62.48 -92.43 46.46
CA GLU B 130 -62.23 -92.27 47.89
C GLU B 130 -62.22 -93.63 48.58
N THR B 131 -62.17 -93.59 49.91
CA THR B 131 -62.25 -94.77 50.76
C THR B 131 -63.52 -94.72 51.59
N THR B 132 -63.68 -95.70 52.39
CA THR B 132 -64.83 -96.06 53.19
C THR B 132 -64.56 -95.86 54.70
N PRO B 133 -65.58 -95.61 55.54
CA PRO B 133 -65.34 -95.50 56.98
C PRO B 133 -65.35 -96.84 57.70
N ASP B 134 -64.72 -97.84 57.09
CA ASP B 134 -64.41 -99.15 57.63
C ASP B 134 -63.28 -99.70 56.77
N LYS B 135 -63.06 -101.00 56.83
CA LYS B 135 -62.10 -101.63 55.94
C LYS B 135 -62.84 -102.22 54.73
N LEU B 136 -62.11 -102.96 53.91
CA LEU B 136 -62.55 -103.87 52.84
C LEU B 136 -63.43 -103.23 51.77
N PHE B 137 -63.50 -101.91 51.68
CA PHE B 137 -64.28 -101.28 50.61
C PHE B 137 -63.59 -100.03 50.06
N THR B 138 -62.30 -100.13 49.81
CA THR B 138 -61.59 -99.07 49.11
C THR B 138 -61.94 -99.14 47.63
N LEU B 139 -62.77 -98.20 47.18
CA LEU B 139 -63.29 -98.17 45.82
C LEU B 139 -62.50 -97.20 44.96
N ILE B 140 -61.98 -97.69 43.83
CA ILE B 140 -61.52 -96.82 42.76
C ILE B 140 -62.03 -97.36 41.43
N GLU B 141 -62.38 -96.44 40.54
CA GLU B 141 -62.59 -96.80 39.15
C GLU B 141 -61.23 -96.79 38.48
N VAL B 142 -61.05 -97.69 37.52
CA VAL B 142 -59.76 -97.85 36.88
C VAL B 142 -59.95 -97.95 35.37
N GLU B 143 -58.82 -97.80 34.70
CA GLU B 143 -58.69 -97.91 33.26
C GLU B 143 -58.62 -99.39 32.90
N CYS B 144 -58.26 -99.70 31.65
CA CYS B 144 -58.41 -101.04 31.12
C CYS B 144 -57.52 -102.06 31.82
N LEU B 145 -58.05 -103.27 31.96
CA LEU B 145 -57.32 -104.36 32.58
C LEU B 145 -56.98 -105.45 31.58
N GLY B 146 -57.67 -105.52 30.45
CA GLY B 146 -57.45 -106.56 29.47
C GLY B 146 -58.68 -107.43 29.26
N ALA B 147 -59.37 -107.77 30.35
CA ALA B 147 -60.52 -108.66 30.28
C ALA B 147 -61.73 -107.85 29.80
N CYS B 148 -61.84 -107.74 28.49
CA CYS B 148 -62.74 -106.78 27.86
C CYS B 148 -64.01 -107.39 27.27
N VAL B 149 -64.03 -108.69 27.02
CA VAL B 149 -64.99 -109.31 26.10
C VAL B 149 -66.39 -109.42 26.67
N ASN B 150 -66.62 -108.90 27.86
CA ASN B 150 -67.88 -109.07 28.55
C ASN B 150 -68.33 -107.69 29.05
N ALA B 151 -69.31 -107.70 29.96
CA ALA B 151 -69.77 -106.51 30.66
C ALA B 151 -68.62 -105.82 31.41
N PRO B 152 -68.74 -104.50 31.68
CA PRO B 152 -67.71 -103.78 32.45
C PRO B 152 -67.43 -104.40 33.81
N MET B 153 -66.16 -104.34 34.22
CA MET B 153 -65.76 -105.44 35.11
C MET B 153 -65.32 -104.92 36.46
N VAL B 154 -65.24 -105.85 37.42
CA VAL B 154 -64.81 -105.55 38.77
C VAL B 154 -63.65 -106.47 39.14
N GLN B 155 -62.55 -105.89 39.57
CA GLN B 155 -61.45 -106.66 40.14
C GLN B 155 -61.45 -106.48 41.65
N ILE B 156 -61.41 -107.59 42.36
CA ILE B 156 -61.15 -107.61 43.80
C ILE B 156 -59.83 -108.36 43.89
N ASN B 157 -59.35 -108.66 45.11
CA ASN B 157 -57.97 -109.07 45.32
C ASN B 157 -57.65 -110.37 44.60
N ASP B 158 -56.98 -110.19 43.45
CA ASP B 158 -56.62 -111.23 42.49
C ASP B 158 -57.82 -112.03 41.98
N ASN B 159 -58.98 -111.39 41.82
CA ASN B 159 -60.15 -112.07 41.26
C ASN B 159 -60.95 -111.10 40.39
N TYR B 160 -61.67 -111.67 39.43
CA TYR B 160 -62.49 -110.92 38.49
C TYR B 160 -63.97 -111.17 38.71
N TYR B 161 -64.77 -110.24 38.22
CA TYR B 161 -66.22 -110.40 38.12
C TYR B 161 -66.69 -109.70 36.86
N GLU B 162 -67.32 -110.47 35.97
CA GLU B 162 -67.89 -110.02 34.72
C GLU B 162 -69.36 -110.40 34.68
N ASP B 163 -70.07 -109.85 33.67
CA ASP B 163 -71.49 -110.05 33.42
C ASP B 163 -72.33 -109.64 34.64
N LEU B 164 -72.28 -108.34 34.91
CA LEU B 164 -72.86 -107.77 36.12
C LEU B 164 -74.26 -107.21 35.86
N THR B 165 -74.91 -106.83 36.96
CA THR B 165 -76.26 -106.30 37.11
C THR B 165 -76.34 -105.87 38.57
N PRO B 166 -77.20 -104.89 38.94
CA PRO B 166 -77.20 -104.41 40.33
C PRO B 166 -77.64 -105.43 41.38
N LYS B 167 -78.41 -106.45 41.00
CA LYS B 167 -78.68 -107.52 41.97
C LYS B 167 -77.43 -108.36 42.23
N ASP B 168 -76.57 -108.54 41.22
CA ASP B 168 -75.28 -109.17 41.47
C ASP B 168 -74.38 -108.28 42.29
N ILE B 169 -74.51 -106.95 42.14
CA ILE B 169 -73.80 -106.00 43.00
C ILE B 169 -74.18 -106.21 44.45
N GLU B 170 -75.49 -106.26 44.72
CA GLU B 170 -76.00 -106.52 46.07
C GLU B 170 -75.51 -107.86 46.59
N GLU B 171 -75.56 -108.90 45.76
CA GLU B 171 -75.15 -110.24 46.18
C GLU B 171 -73.67 -110.30 46.52
N ILE B 172 -72.81 -109.80 45.63
CA ILE B 172 -71.37 -109.89 45.83
C ILE B 172 -70.93 -109.03 47.00
N ILE B 173 -71.53 -107.85 47.17
CA ILE B 173 -71.12 -107.00 48.28
C ILE B 173 -71.63 -107.54 49.62
N ASP B 174 -72.86 -108.07 49.65
CA ASP B 174 -73.36 -108.69 50.89
C ASP B 174 -72.61 -109.97 51.23
N GLU B 175 -72.10 -110.69 50.24
CA GLU B 175 -71.34 -111.89 50.53
C GLU B 175 -69.88 -111.61 50.85
N LEU B 176 -69.34 -110.47 50.43
CA LEU B 176 -68.06 -110.04 50.97
C LEU B 176 -68.22 -109.47 52.37
N LYS B 177 -69.40 -108.94 52.69
CA LYS B 177 -69.72 -108.64 54.09
C LYS B 177 -69.79 -109.92 54.91
N ALA B 178 -70.44 -110.95 54.37
CA ALA B 178 -70.53 -112.21 55.08
C ALA B 178 -69.18 -112.94 55.09
N GLY B 179 -68.37 -112.76 54.05
CA GLY B 179 -67.07 -113.37 53.96
C GLY B 179 -66.96 -114.49 52.95
N LYS B 180 -68.08 -114.92 52.37
CA LYS B 180 -68.08 -116.02 51.41
C LYS B 180 -67.92 -115.45 50.01
N ILE B 181 -66.90 -115.91 49.30
CA ILE B 181 -66.43 -115.25 48.07
C ILE B 181 -66.91 -116.04 46.85
N PRO B 182 -67.55 -115.38 45.87
CA PRO B 182 -67.95 -116.08 44.63
C PRO B 182 -66.80 -116.32 43.67
N LYS B 183 -67.12 -116.81 42.48
CA LYS B 183 -66.14 -117.31 41.54
C LYS B 183 -65.45 -116.18 40.77
N PRO B 184 -64.20 -116.38 40.35
CA PRO B 184 -63.54 -115.39 39.50
C PRO B 184 -64.09 -115.35 38.08
N GLY B 185 -64.75 -116.40 37.63
CA GLY B 185 -65.14 -116.53 36.24
C GLY B 185 -66.33 -115.68 35.86
N PRO B 186 -66.87 -115.93 34.65
CA PRO B 186 -68.00 -115.13 34.17
C PRO B 186 -69.31 -115.46 34.85
N ARG B 187 -70.38 -114.77 34.46
CA ARG B 187 -71.72 -115.04 34.94
C ARG B 187 -72.64 -115.23 33.74
N SER B 188 -73.94 -115.41 34.05
CA SER B 188 -75.01 -115.62 33.06
C SER B 188 -74.73 -116.83 32.17
N GLY B 189 -74.33 -117.93 32.80
CA GLY B 189 -73.88 -119.08 32.04
C GLY B 189 -72.56 -118.78 31.35
N ARG B 190 -72.36 -119.43 30.19
CA ARG B 190 -71.21 -119.27 29.28
C ARG B 190 -69.88 -119.32 30.03
N PHE B 191 -69.55 -120.53 30.48
CA PHE B 191 -68.50 -120.79 31.48
C PHE B 191 -67.08 -120.35 31.14
N SER B 192 -66.86 -119.75 29.98
CA SER B 192 -65.57 -119.13 29.67
C SER B 192 -65.84 -117.92 28.77
N CYS B 193 -64.80 -117.43 28.11
CA CYS B 193 -64.98 -116.47 27.04
C CYS B 193 -65.61 -117.18 25.85
N GLU B 194 -66.94 -117.12 25.74
CA GLU B 194 -67.56 -118.02 24.80
C GLU B 194 -68.32 -117.27 23.72
N PRO B 195 -68.32 -117.78 22.50
CA PRO B 195 -69.39 -117.42 21.59
C PRO B 195 -70.68 -118.03 22.10
N ALA B 196 -71.58 -117.19 22.61
CA ALA B 196 -72.74 -117.68 23.35
C ALA B 196 -73.96 -117.88 22.47
N GLY B 197 -73.77 -118.26 21.22
CA GLY B 197 -74.87 -118.61 20.35
C GLY B 197 -75.07 -120.11 20.25
N GLY B 198 -74.92 -120.66 19.06
CA GLY B 198 -75.12 -122.08 18.85
C GLY B 198 -73.84 -122.89 18.74
N LEU B 199 -72.80 -122.49 19.49
CA LEU B 199 -71.50 -123.15 19.55
C LEU B 199 -70.84 -123.20 18.16
N THR B 200 -70.46 -122.01 17.69
CA THR B 200 -69.81 -121.85 16.40
C THR B 200 -68.31 -122.20 16.43
N SER B 201 -67.81 -122.76 17.52
CA SER B 201 -66.42 -123.19 17.62
C SER B 201 -66.29 -124.62 17.10
N LEU B 202 -65.14 -125.23 17.36
CA LEU B 202 -64.91 -126.62 17.00
C LEU B 202 -65.72 -127.56 17.89
N THR B 203 -66.13 -128.69 17.30
CA THR B 203 -66.91 -129.70 17.99
C THR B 203 -66.26 -131.08 18.00
N GLU B 204 -65.51 -131.42 16.96
CA GLU B 204 -64.89 -132.73 16.85
C GLU B 204 -63.72 -132.85 17.82
N PRO B 205 -63.44 -134.05 18.32
CA PRO B 205 -62.24 -134.26 19.13
C PRO B 205 -60.99 -134.23 18.27
N PRO B 206 -60.08 -133.30 18.53
CA PRO B 206 -59.02 -132.98 17.55
C PRO B 206 -57.98 -134.08 17.46
N LYS B 207 -57.46 -134.28 16.25
CA LYS B 207 -56.55 -135.40 16.01
C LYS B 207 -55.16 -135.11 16.56
N GLY B 208 -54.55 -134.01 16.13
CA GLY B 208 -53.26 -133.62 16.64
C GLY B 208 -52.09 -134.15 15.84
N PRO B 209 -51.25 -134.97 16.49
CA PRO B 209 -50.03 -135.44 15.82
C PRO B 209 -50.24 -136.55 14.80
N GLY B 210 -51.47 -137.04 14.66
CA GLY B 210 -51.71 -138.22 13.87
C GLY B 210 -51.75 -138.01 12.37
N PHE B 211 -52.32 -136.89 11.91
CA PHE B 211 -52.59 -136.71 10.50
C PHE B 211 -51.40 -136.04 9.83
N GLY B 212 -51.57 -135.62 8.56
CA GLY B 212 -50.49 -135.22 7.68
C GLY B 212 -49.66 -134.01 8.06
N VAL B 213 -48.39 -134.28 8.40
CA VAL B 213 -47.42 -133.24 8.69
C VAL B 213 -46.25 -133.43 7.73
N GLN B 214 -45.21 -132.60 7.86
CA GLN B 214 -44.08 -132.71 6.95
C GLN B 214 -42.80 -132.29 7.68
N ALA B 215 -41.72 -133.03 7.40
CA ALA B 215 -40.38 -132.82 7.97
C ALA B 215 -40.40 -132.91 9.49
N GLY B 216 -41.23 -133.80 10.01
CA GLY B 216 -41.33 -134.03 11.43
C GLY B 216 -41.30 -135.52 11.72
N SER C 6 -9.45 -94.75 6.14
CA SER C 6 -8.89 -94.86 7.48
C SER C 6 -9.74 -94.11 8.50
N ASN C 7 -10.89 -94.70 8.83
CA ASN C 7 -11.80 -94.26 9.89
C ASN C 7 -12.34 -92.85 9.62
N LEU C 8 -12.98 -92.68 8.47
CA LEU C 8 -13.65 -91.45 8.13
C LEU C 8 -15.05 -91.76 7.62
N ILE C 9 -15.93 -90.76 7.76
CA ILE C 9 -17.33 -90.86 7.33
C ILE C 9 -17.65 -89.59 6.56
N GLU C 10 -18.25 -89.73 5.40
CA GLU C 10 -18.61 -88.57 4.59
C GLU C 10 -20.03 -88.10 4.93
N VAL C 11 -20.15 -86.85 5.37
CA VAL C 11 -21.47 -86.25 5.44
C VAL C 11 -21.43 -84.95 4.66
N PHE C 12 -22.61 -84.57 4.16
CA PHE C 12 -22.82 -83.28 3.52
C PHE C 12 -23.68 -82.47 4.47
N VAL C 13 -23.18 -81.32 4.89
CA VAL C 13 -23.97 -80.36 5.65
C VAL C 13 -24.43 -79.34 4.61
N ASP C 14 -25.64 -79.59 4.08
CA ASP C 14 -26.30 -78.78 3.04
C ASP C 14 -25.41 -78.61 1.81
N GLY C 15 -24.66 -79.66 1.48
CA GLY C 15 -23.72 -79.65 0.38
C GLY C 15 -22.27 -79.60 0.81
N GLN C 16 -21.97 -78.92 1.92
CA GLN C 16 -20.58 -78.80 2.35
C GLN C 16 -20.12 -80.12 2.94
N SER C 17 -19.21 -80.79 2.25
CA SER C 17 -18.73 -82.08 2.73
C SER C 17 -17.82 -81.91 3.93
N VAL C 18 -17.89 -82.87 4.86
CA VAL C 18 -16.96 -82.93 5.98
C VAL C 18 -16.88 -84.39 6.45
N MET C 19 -15.83 -84.68 7.21
CA MET C 19 -15.50 -86.03 7.62
C MET C 19 -15.77 -86.22 9.12
N VAL C 20 -16.29 -87.39 9.45
CA VAL C 20 -16.81 -87.71 10.77
C VAL C 20 -16.09 -88.96 11.28
N GLU C 21 -15.62 -88.89 12.52
CA GLU C 21 -15.08 -90.07 13.18
C GLU C 21 -16.20 -91.08 13.45
N PRO C 22 -15.89 -92.38 13.43
CA PRO C 22 -16.94 -93.38 13.66
C PRO C 22 -17.42 -93.39 15.10
N GLY C 23 -18.69 -93.73 15.27
CA GLY C 23 -19.31 -93.84 16.57
C GLY C 23 -19.89 -92.54 17.10
N THR C 24 -19.51 -91.40 16.57
CA THR C 24 -19.95 -90.12 17.11
C THR C 24 -21.35 -89.78 16.62
N THR C 25 -21.79 -88.58 16.96
CA THR C 25 -23.15 -88.14 16.69
C THR C 25 -23.20 -87.23 15.49
N VAL C 26 -24.42 -87.01 15.01
CA VAL C 26 -24.69 -85.96 14.03
C VAL C 26 -24.36 -84.60 14.60
N LEU C 27 -24.64 -84.41 15.90
CA LEU C 27 -24.56 -83.11 16.52
C LEU C 27 -23.12 -82.63 16.68
N GLN C 28 -22.18 -83.52 16.95
CA GLN C 28 -20.79 -83.08 17.06
C GLN C 28 -20.22 -82.67 15.71
N ALA C 29 -20.65 -83.31 14.62
CA ALA C 29 -20.19 -82.89 13.31
C ALA C 29 -20.86 -81.59 12.88
N CYS C 30 -22.14 -81.41 13.22
CA CYS C 30 -22.83 -80.17 12.90
C CYS C 30 -22.23 -79.01 13.69
N GLU C 31 -21.81 -79.26 14.93
CA GLU C 31 -21.08 -78.26 15.68
C GLU C 31 -19.64 -78.14 15.20
N LYS C 32 -19.13 -79.13 14.48
CA LYS C 32 -17.81 -79.01 13.88
C LYS C 32 -17.84 -78.04 12.70
N VAL C 33 -18.92 -78.06 11.91
CA VAL C 33 -19.01 -77.13 10.79
C VAL C 33 -19.58 -75.78 11.18
N GLY C 34 -19.93 -75.57 12.45
CA GLY C 34 -20.38 -74.28 12.94
C GLY C 34 -21.86 -74.21 13.26
N MET C 35 -22.67 -75.09 12.67
CA MET C 35 -24.12 -75.08 12.90
C MET C 35 -24.45 -75.55 14.30
N GLN C 36 -24.86 -74.64 15.18
CA GLN C 36 -25.34 -75.03 16.50
C GLN C 36 -26.80 -75.41 16.34
N ILE C 37 -27.07 -76.71 16.24
CA ILE C 37 -28.45 -77.17 16.35
C ILE C 37 -28.94 -76.91 17.77
N PRO C 38 -30.11 -76.30 17.95
CA PRO C 38 -30.55 -75.94 19.30
C PRO C 38 -30.89 -77.16 20.13
N ARG C 39 -30.44 -77.13 21.38
CA ARG C 39 -30.55 -78.29 22.26
C ARG C 39 -31.02 -77.84 23.63
N PHE C 40 -31.68 -78.76 24.34
CA PHE C 40 -32.12 -78.57 25.72
C PHE C 40 -31.71 -79.68 26.66
N CYS C 41 -31.72 -80.94 26.22
CA CYS C 41 -31.33 -81.99 27.15
C CYS C 41 -29.88 -82.40 27.01
N TYR C 42 -29.34 -82.35 25.80
CA TYR C 42 -27.93 -82.67 25.60
C TYR C 42 -27.04 -81.64 26.24
N HIS C 43 -26.02 -82.12 26.95
CA HIS C 43 -24.95 -81.26 27.45
C HIS C 43 -23.70 -82.10 27.55
N GLU C 44 -22.57 -81.51 27.18
CA GLU C 44 -21.38 -82.31 26.89
C GLU C 44 -20.69 -82.84 28.13
N ARG C 45 -21.00 -82.31 29.31
CA ARG C 45 -20.41 -82.87 30.52
C ARG C 45 -21.18 -84.07 31.06
N LEU C 46 -22.28 -84.45 30.41
CA LEU C 46 -23.12 -85.53 30.88
C LEU C 46 -23.37 -86.52 29.77
N SER C 47 -24.15 -87.54 30.09
CA SER C 47 -24.56 -88.54 29.11
C SER C 47 -25.65 -87.97 28.22
N VAL C 48 -26.11 -88.79 27.28
CA VAL C 48 -27.03 -88.34 26.25
C VAL C 48 -28.41 -88.87 26.59
N ALA C 49 -29.28 -88.00 27.07
CA ALA C 49 -30.70 -88.28 27.07
C ALA C 49 -31.27 -87.82 25.72
N GLY C 50 -32.56 -87.98 25.54
CA GLY C 50 -33.17 -87.54 24.30
C GLY C 50 -34.53 -86.93 24.55
N ASN C 51 -34.77 -86.56 25.79
CA ASN C 51 -36.11 -86.30 26.26
C ASN C 51 -36.59 -84.89 25.98
N CYS C 52 -35.76 -84.04 25.37
CA CYS C 52 -36.21 -82.70 25.07
C CYS C 52 -36.70 -82.54 23.64
N ARG C 53 -36.25 -83.41 22.73
CA ARG C 53 -36.79 -83.58 21.38
C ARG C 53 -36.49 -82.38 20.47
N MET C 54 -35.73 -81.39 20.97
CA MET C 54 -35.49 -80.16 20.22
C MET C 54 -34.59 -80.39 19.00
N CYS C 55 -33.68 -81.36 19.05
CA CYS C 55 -32.67 -81.47 18.01
C CYS C 55 -33.13 -82.23 16.77
N LEU C 56 -34.43 -82.30 16.50
CA LEU C 56 -34.92 -82.94 15.29
C LEU C 56 -34.39 -82.25 14.04
N VAL C 57 -34.06 -83.04 13.03
CA VAL C 57 -33.50 -82.52 11.78
C VAL C 57 -33.84 -83.50 10.66
N GLU C 58 -34.31 -82.97 9.53
CA GLU C 58 -34.78 -83.81 8.43
C GLU C 58 -33.58 -84.38 7.70
N ILE C 59 -33.24 -85.62 7.99
CA ILE C 59 -32.19 -86.34 7.29
C ILE C 59 -32.81 -87.07 6.11
N GLU C 60 -32.19 -86.94 4.95
CA GLU C 60 -32.80 -87.21 3.65
C GLU C 60 -33.15 -88.68 3.47
N LYS C 61 -34.10 -88.91 2.55
CA LYS C 61 -34.66 -90.23 2.21
C LYS C 61 -35.29 -90.92 3.41
N ALA C 62 -35.84 -90.14 4.32
CA ALA C 62 -36.49 -90.64 5.53
C ALA C 62 -37.76 -89.83 5.77
N PRO C 63 -38.91 -90.47 5.84
CA PRO C 63 -40.15 -89.73 6.11
C PRO C 63 -40.25 -89.25 7.54
N LYS C 64 -39.53 -89.87 8.47
CA LYS C 64 -39.57 -89.48 9.87
C LYS C 64 -38.37 -88.60 10.19
N VAL C 65 -38.60 -87.57 11.00
CA VAL C 65 -37.56 -86.62 11.38
C VAL C 65 -36.99 -87.06 12.71
N VAL C 66 -35.67 -87.18 12.78
CA VAL C 66 -35.02 -87.91 13.87
C VAL C 66 -34.12 -86.97 14.66
N ALA C 67 -33.79 -87.41 15.87
CA ALA C 67 -32.96 -86.63 16.78
C ALA C 67 -31.52 -86.63 16.32
N ALA C 68 -30.78 -85.62 16.76
CA ALA C 68 -29.40 -85.45 16.33
C ALA C 68 -28.40 -85.61 17.46
N CYS C 69 -28.83 -85.63 18.71
CA CYS C 69 -27.89 -85.83 19.79
C CYS C 69 -27.52 -87.30 19.98
N ALA C 70 -28.32 -88.21 19.45
CA ALA C 70 -28.11 -89.64 19.66
C ALA C 70 -28.37 -90.44 18.37
N MET C 71 -27.81 -89.96 17.26
CA MET C 71 -27.93 -90.68 16.01
C MET C 71 -26.56 -91.18 15.56
N PRO C 72 -26.39 -92.48 15.39
CA PRO C 72 -25.18 -93.00 14.76
C PRO C 72 -25.09 -92.55 13.30
N VAL C 73 -23.85 -92.36 12.86
CA VAL C 73 -23.58 -91.66 11.61
C VAL C 73 -23.12 -92.71 10.60
N MET C 74 -24.04 -93.14 9.75
CA MET C 74 -23.70 -93.96 8.60
C MET C 74 -22.89 -93.16 7.58
N LYS C 75 -22.22 -93.87 6.69
CA LYS C 75 -21.38 -93.22 5.69
C LYS C 75 -22.25 -92.57 4.61
N GLY C 76 -21.91 -91.34 4.26
CA GLY C 76 -22.58 -90.66 3.17
C GLY C 76 -23.94 -90.12 3.54
N TRP C 77 -23.98 -89.17 4.46
CA TRP C 77 -25.24 -88.50 4.73
C TRP C 77 -25.35 -87.19 3.97
N ASN C 78 -26.56 -86.63 3.99
CA ASN C 78 -26.77 -85.23 3.70
C ASN C 78 -27.81 -84.73 4.70
N ILE C 79 -27.49 -83.64 5.38
CA ILE C 79 -28.22 -83.21 6.57
C ILE C 79 -28.88 -81.88 6.26
N LEU C 80 -30.20 -81.89 6.10
CA LEU C 80 -30.96 -80.70 5.76
C LEU C 80 -31.42 -80.01 7.04
N THR C 81 -30.72 -78.95 7.42
CA THR C 81 -31.07 -78.21 8.63
C THR C 81 -32.08 -77.11 8.36
N ASN C 82 -32.05 -76.50 7.17
CA ASN C 82 -32.87 -75.34 6.86
C ASN C 82 -34.05 -75.69 5.96
N SER C 83 -34.62 -76.88 6.13
CA SER C 83 -35.70 -77.33 5.28
C SER C 83 -37.02 -76.75 5.78
N GLU C 84 -38.13 -77.28 5.27
CA GLU C 84 -39.45 -76.82 5.69
C GLU C 84 -39.88 -77.48 6.99
N LYS C 85 -39.99 -78.81 6.97
CA LYS C 85 -40.56 -79.51 8.11
C LYS C 85 -39.62 -79.58 9.29
N THR C 86 -38.33 -79.30 9.10
CA THR C 86 -37.44 -79.08 10.24
C THR C 86 -37.88 -77.85 11.02
N LYS C 87 -38.15 -76.75 10.30
CA LYS C 87 -38.66 -75.55 10.94
C LYS C 87 -40.05 -75.79 11.51
N LYS C 88 -40.87 -76.60 10.85
CA LYS C 88 -42.21 -76.88 11.35
C LYS C 88 -42.16 -77.69 12.64
N ALA C 89 -41.22 -78.64 12.73
CA ALA C 89 -41.04 -79.41 13.95
C ALA C 89 -40.50 -78.53 15.08
N ARG C 90 -39.61 -77.60 14.76
CA ARG C 90 -39.13 -76.68 15.78
C ARG C 90 -40.23 -75.77 16.29
N GLU C 91 -41.07 -75.27 15.38
CA GLU C 91 -42.24 -74.47 15.76
C GLU C 91 -43.18 -75.27 16.66
N GLY C 92 -43.42 -76.54 16.32
CA GLY C 92 -44.30 -77.38 17.12
C GLY C 92 -43.77 -77.64 18.51
N VAL C 93 -42.49 -78.03 18.61
CA VAL C 93 -41.89 -78.35 19.90
C VAL C 93 -41.80 -77.10 20.79
N MET C 94 -41.40 -75.97 20.20
CA MET C 94 -41.33 -74.73 20.98
C MET C 94 -42.72 -74.26 21.40
N GLU C 95 -43.76 -74.58 20.62
CA GLU C 95 -45.10 -74.27 21.08
C GLU C 95 -45.53 -75.23 22.18
N PHE C 96 -45.02 -76.47 22.18
CA PHE C 96 -45.39 -77.39 23.25
C PHE C 96 -44.73 -77.03 24.57
N LEU C 97 -43.53 -76.45 24.54
CA LEU C 97 -42.82 -76.19 25.80
C LEU C 97 -43.48 -75.08 26.60
N LEU C 98 -44.00 -74.06 25.92
CA LEU C 98 -44.50 -72.87 26.57
C LEU C 98 -45.94 -72.99 27.01
N ALA C 99 -46.51 -74.20 26.97
CA ALA C 99 -47.89 -74.35 27.39
C ALA C 99 -48.00 -74.33 28.90
N ASN C 100 -47.43 -75.32 29.56
CA ASN C 100 -47.48 -75.41 31.01
C ASN C 100 -46.24 -74.78 31.64
N HIS C 101 -45.93 -73.55 31.24
CA HIS C 101 -44.85 -72.79 31.81
C HIS C 101 -45.40 -71.46 32.28
N PRO C 102 -45.17 -71.08 33.53
CA PRO C 102 -45.91 -69.95 34.10
C PRO C 102 -45.30 -68.60 33.74
N LEU C 103 -46.14 -67.58 33.80
CA LEU C 103 -45.79 -66.21 33.44
C LEU C 103 -44.91 -65.60 34.53
N ASP C 104 -43.65 -66.01 34.56
CA ASP C 104 -42.79 -65.58 35.65
C ASP C 104 -41.52 -64.89 35.15
N CYS C 105 -41.49 -64.47 33.90
CA CYS C 105 -40.28 -63.86 33.36
C CYS C 105 -39.87 -62.54 34.02
N PRO C 106 -40.75 -61.72 34.61
CA PRO C 106 -40.24 -60.73 35.56
C PRO C 106 -39.64 -61.32 36.82
N ILE C 107 -40.35 -62.18 37.54
CA ILE C 107 -39.85 -62.68 38.82
C ILE C 107 -38.93 -63.88 38.66
N CYS C 108 -38.59 -64.22 37.42
CA CYS C 108 -37.54 -65.21 37.25
C CYS C 108 -36.19 -64.58 37.57
N ASP C 109 -35.19 -65.42 37.70
CA ASP C 109 -33.84 -64.92 37.92
C ASP C 109 -32.96 -65.20 36.72
N GLN C 110 -33.54 -65.62 35.60
CA GLN C 110 -32.76 -65.87 34.41
C GLN C 110 -33.31 -65.04 33.27
N GLY C 111 -33.58 -63.76 33.53
CA GLY C 111 -34.12 -62.90 32.48
C GLY C 111 -33.13 -62.67 31.35
N GLY C 112 -31.92 -62.24 31.68
CA GLY C 112 -30.89 -62.15 30.66
C GLY C 112 -30.34 -63.49 30.23
N GLU C 113 -30.49 -64.52 31.05
CA GLU C 113 -29.86 -65.80 30.77
C GLU C 113 -30.88 -66.92 30.75
N CYS C 114 -31.97 -66.74 30.03
CA CYS C 114 -32.88 -67.84 29.82
C CYS C 114 -32.39 -68.70 28.68
N ASP C 115 -33.12 -69.76 28.41
CA ASP C 115 -32.94 -70.53 27.20
C ASP C 115 -34.22 -70.62 26.39
N LEU C 116 -35.36 -70.75 27.08
CA LEU C 116 -36.66 -70.65 26.43
C LEU C 116 -36.82 -69.31 25.73
N GLN C 117 -36.33 -68.24 26.35
CA GLN C 117 -36.55 -66.90 25.77
C GLN C 117 -35.73 -66.71 24.50
N ASP C 118 -34.44 -67.02 24.55
CA ASP C 118 -33.58 -66.86 23.38
C ASP C 118 -34.00 -67.80 22.25
N GLN C 119 -34.23 -69.07 22.57
CA GLN C 119 -34.56 -69.99 21.50
C GLN C 119 -35.99 -69.85 21.02
N SER C 120 -36.89 -69.26 21.82
CA SER C 120 -38.23 -69.03 21.34
C SER C 120 -38.35 -67.75 20.54
N MET C 121 -37.46 -66.78 20.77
CA MET C 121 -37.30 -65.71 19.79
C MET C 121 -36.75 -66.27 18.48
N MET C 122 -35.60 -66.93 18.55
CA MET C 122 -34.89 -67.23 17.32
C MET C 122 -35.40 -68.45 16.59
N PHE C 123 -36.32 -69.23 17.17
CA PHE C 123 -36.77 -70.43 16.48
C PHE C 123 -38.27 -70.68 16.56
N GLY C 124 -39.02 -70.01 17.43
CA GLY C 124 -40.36 -70.39 17.75
C GLY C 124 -41.42 -69.63 16.97
N SER C 125 -42.67 -69.83 17.38
CA SER C 125 -43.80 -69.12 16.82
C SER C 125 -43.97 -67.79 17.54
N ASP C 126 -44.97 -67.01 17.14
CA ASP C 126 -45.25 -65.75 17.80
C ASP C 126 -46.64 -65.69 18.40
N ARG C 127 -47.67 -66.06 17.66
CA ARG C 127 -49.03 -66.08 18.21
C ARG C 127 -49.22 -67.38 18.98
N SER C 128 -49.47 -67.26 20.27
CA SER C 128 -49.65 -68.45 21.09
C SER C 128 -51.05 -69.01 20.92
N ARG C 129 -51.29 -70.15 21.57
CA ARG C 129 -52.56 -70.87 21.57
C ARG C 129 -52.70 -71.47 22.97
N PHE C 130 -53.54 -72.49 23.12
CA PHE C 130 -53.78 -73.19 24.39
C PHE C 130 -54.33 -72.23 25.44
N LEU C 131 -55.60 -71.87 25.20
CA LEU C 131 -56.27 -70.78 25.89
C LEU C 131 -56.37 -71.02 27.40
N GLU C 132 -56.93 -72.15 27.80
CA GLU C 132 -57.10 -72.47 29.21
C GLU C 132 -56.09 -73.53 29.62
N GLY C 133 -56.15 -73.92 30.89
CA GLY C 133 -55.33 -75.00 31.40
C GLY C 133 -54.25 -74.56 32.36
N LYS C 134 -52.99 -74.83 32.00
CA LYS C 134 -51.79 -74.32 32.66
C LYS C 134 -51.72 -74.75 34.13
N ARG C 135 -51.51 -76.05 34.31
CA ARG C 135 -51.29 -76.60 35.64
C ARG C 135 -49.98 -76.08 36.24
N ALA C 136 -49.86 -76.25 37.56
CA ALA C 136 -48.69 -75.76 38.28
C ALA C 136 -48.27 -76.77 39.34
N VAL C 137 -46.96 -76.96 39.47
CA VAL C 137 -46.37 -77.85 40.45
C VAL C 137 -45.77 -77.00 41.57
N GLU C 138 -46.15 -77.28 42.81
CA GLU C 138 -45.66 -76.50 43.93
C GLU C 138 -44.22 -76.89 44.24
N ASP C 139 -43.44 -75.89 44.68
CA ASP C 139 -42.01 -76.05 44.87
C ASP C 139 -41.69 -76.94 46.07
N LYS C 140 -40.41 -77.24 46.21
CA LYS C 140 -39.89 -78.02 47.33
C LYS C 140 -38.89 -77.18 48.10
N ASN C 141 -38.19 -77.83 49.03
CA ASN C 141 -37.14 -77.21 49.83
C ASN C 141 -35.89 -78.09 49.75
N ILE C 142 -35.10 -77.87 48.70
CA ILE C 142 -33.97 -78.73 48.39
C ILE C 142 -32.80 -78.43 49.30
N GLY C 143 -32.48 -77.14 49.45
CA GLY C 143 -31.39 -76.73 50.30
C GLY C 143 -31.42 -75.24 50.48
N PRO C 144 -30.97 -74.77 51.65
CA PRO C 144 -30.95 -73.32 51.90
C PRO C 144 -29.92 -72.56 51.08
N LEU C 145 -29.04 -73.25 50.35
CA LEU C 145 -28.12 -72.60 49.44
C LEU C 145 -28.69 -72.46 48.03
N VAL C 146 -29.68 -73.26 47.66
CA VAL C 146 -30.22 -73.28 46.30
C VAL C 146 -31.72 -73.00 46.38
N LYS C 147 -32.13 -71.83 45.89
CA LYS C 147 -33.54 -71.51 45.83
C LYS C 147 -34.19 -72.30 44.69
N THR C 148 -35.38 -72.83 44.95
CA THR C 148 -35.97 -73.83 44.07
C THR C 148 -37.44 -73.52 43.83
N ILE C 149 -37.80 -73.29 42.58
CA ILE C 149 -39.18 -73.22 42.15
C ILE C 149 -39.38 -74.33 41.13
N MET C 150 -40.30 -75.26 41.42
CA MET C 150 -40.49 -76.41 40.56
C MET C 150 -41.74 -76.31 39.70
N THR C 151 -42.29 -75.11 39.52
CA THR C 151 -43.29 -74.96 38.49
C THR C 151 -42.63 -74.73 37.14
N ARG C 152 -41.52 -74.00 37.13
CA ARG C 152 -40.78 -73.71 35.91
C ARG C 152 -39.96 -74.89 35.40
N CYS C 153 -39.94 -76.02 36.09
CA CYS C 153 -39.18 -77.19 35.65
C CYS C 153 -39.78 -77.76 34.38
N ILE C 154 -38.98 -77.83 33.33
CA ILE C 154 -39.44 -78.35 32.05
C ILE C 154 -39.16 -79.84 31.96
N GLN C 155 -38.75 -80.42 33.09
CA GLN C 155 -38.64 -81.88 33.28
C GLN C 155 -37.61 -82.47 32.33
N CYS C 156 -36.56 -81.69 32.08
CA CYS C 156 -35.66 -81.99 30.97
C CYS C 156 -34.68 -83.10 31.30
N THR C 157 -34.63 -83.53 32.56
CA THR C 157 -33.77 -84.59 33.07
C THR C 157 -32.31 -84.28 32.77
N ARG C 158 -31.85 -83.15 33.28
CA ARG C 158 -30.45 -82.80 33.23
C ARG C 158 -29.82 -82.82 34.62
N CYS C 159 -30.53 -82.32 35.62
CA CYS C 159 -30.04 -82.40 36.99
C CYS C 159 -30.02 -83.82 37.51
N ILE C 160 -30.91 -84.67 37.03
CA ILE C 160 -30.96 -86.06 37.45
C ILE C 160 -29.72 -86.81 36.96
N ARG C 161 -29.39 -86.62 35.68
CA ARG C 161 -28.20 -87.24 35.11
C ARG C 161 -26.94 -86.69 35.75
N PHE C 162 -26.93 -85.39 36.07
CA PHE C 162 -25.81 -84.78 36.76
C PHE C 162 -25.59 -85.39 38.12
N ALA C 163 -26.69 -85.61 38.87
CA ALA C 163 -26.60 -86.25 40.17
C ALA C 163 -26.05 -87.67 40.04
N SER C 164 -26.74 -88.51 39.27
CA SER C 164 -26.40 -89.94 39.19
C SER C 164 -25.10 -90.21 38.44
N GLU C 165 -24.50 -89.23 37.78
CA GLU C 165 -23.29 -89.49 37.01
C GLU C 165 -22.10 -88.63 37.41
N ILE C 166 -22.28 -87.58 38.20
CA ILE C 166 -21.13 -86.84 38.70
C ILE C 166 -21.22 -86.77 40.21
N ALA C 167 -22.40 -86.48 40.73
CA ALA C 167 -22.52 -86.35 42.18
C ALA C 167 -22.52 -87.71 42.86
N GLY C 168 -23.16 -88.70 42.22
CA GLY C 168 -23.29 -90.02 42.81
C GLY C 168 -24.14 -90.08 44.05
N VAL C 169 -24.98 -89.07 44.27
CA VAL C 169 -25.73 -88.98 45.51
C VAL C 169 -27.06 -89.70 45.40
N ASP C 170 -27.69 -89.60 44.22
CA ASP C 170 -28.95 -90.29 43.87
C ASP C 170 -30.08 -89.89 44.82
N ASP C 171 -30.42 -88.60 44.80
CA ASP C 171 -31.55 -88.09 45.56
C ASP C 171 -32.62 -87.45 44.70
N LEU C 172 -32.34 -87.16 43.44
CA LEU C 172 -33.31 -86.53 42.57
C LEU C 172 -33.87 -87.57 41.61
N GLY C 173 -35.19 -87.58 41.47
CA GLY C 173 -35.81 -88.56 40.59
C GLY C 173 -37.11 -88.04 40.02
N THR C 174 -37.55 -88.72 38.97
CA THR C 174 -38.86 -88.48 38.39
C THR C 174 -39.92 -89.21 39.18
N THR C 175 -41.03 -88.54 39.44
CA THR C 175 -42.18 -89.15 40.09
C THR C 175 -43.41 -88.84 39.25
N GLY C 176 -44.12 -89.88 38.84
CA GLY C 176 -45.39 -89.71 38.18
C GLY C 176 -45.32 -90.08 36.71
N ARG C 177 -46.42 -89.76 36.02
CA ARG C 177 -46.58 -90.12 34.62
C ARG C 177 -47.34 -89.00 33.92
N GLY C 178 -47.37 -89.07 32.59
CA GLY C 178 -48.15 -88.14 31.80
C GLY C 178 -47.62 -86.73 31.92
N ASN C 179 -48.54 -85.79 32.14
CA ASN C 179 -48.16 -84.43 32.45
C ASN C 179 -47.50 -84.34 33.81
N ASP C 180 -47.93 -85.17 34.76
CA ASP C 180 -47.55 -85.00 36.15
C ASP C 180 -46.26 -85.77 36.38
N MET C 181 -45.14 -85.08 36.19
CA MET C 181 -43.82 -85.58 36.52
C MET C 181 -43.17 -84.55 37.44
N GLN C 182 -43.23 -84.79 38.74
CA GLN C 182 -42.48 -83.97 39.68
C GLN C 182 -41.05 -84.48 39.75
N VAL C 183 -40.09 -83.57 39.64
CA VAL C 183 -38.68 -83.93 39.66
C VAL C 183 -38.09 -83.44 40.96
N GLY C 184 -37.60 -84.36 41.78
CA GLY C 184 -36.98 -83.97 43.03
C GLY C 184 -36.82 -85.14 43.98
N THR C 185 -36.72 -84.80 45.27
CA THR C 185 -36.55 -85.77 46.34
C THR C 185 -37.89 -85.95 47.04
N TYR C 186 -38.30 -87.20 47.21
CA TYR C 186 -39.65 -87.53 47.63
C TYR C 186 -39.92 -87.29 49.11
N ILE C 187 -38.88 -87.27 49.95
CA ILE C 187 -39.08 -87.56 51.37
C ILE C 187 -38.85 -86.38 52.29
N GLU C 188 -39.08 -85.15 51.80
CA GLU C 188 -38.85 -83.90 52.53
C GLU C 188 -37.42 -83.75 53.04
N LYS C 189 -36.46 -84.35 52.35
CA LYS C 189 -35.08 -84.31 52.79
C LYS C 189 -34.39 -83.11 52.16
N MET C 190 -33.77 -82.28 53.00
CA MET C 190 -32.98 -81.17 52.50
C MET C 190 -31.72 -81.75 51.87
N PHE C 191 -31.70 -81.80 50.55
CA PHE C 191 -30.58 -82.32 49.77
C PHE C 191 -29.35 -81.45 49.98
N MET C 192 -28.38 -81.97 50.73
CA MET C 192 -27.13 -81.28 50.98
C MET C 192 -25.99 -82.22 50.65
N SER C 193 -25.17 -81.84 49.67
CA SER C 193 -24.00 -82.62 49.30
C SER C 193 -22.99 -81.68 48.66
N GLU C 194 -21.83 -82.22 48.29
CA GLU C 194 -20.87 -81.41 47.57
C GLU C 194 -21.32 -81.18 46.15
N LEU C 195 -20.85 -80.08 45.57
CA LEU C 195 -21.18 -79.59 44.22
C LEU C 195 -22.67 -79.32 44.05
N SER C 196 -23.42 -79.15 45.15
CA SER C 196 -24.82 -78.80 45.03
C SER C 196 -25.00 -77.35 44.62
N GLY C 197 -23.95 -76.53 44.75
CA GLY C 197 -23.99 -75.21 44.18
C GLY C 197 -23.86 -75.20 42.67
N ASN C 198 -23.32 -76.28 42.08
CA ASN C 198 -23.15 -76.40 40.66
C ASN C 198 -24.39 -76.89 39.94
N ILE C 199 -25.53 -76.99 40.62
CA ILE C 199 -26.75 -77.39 39.95
C ILE C 199 -27.54 -76.18 39.46
N ILE C 200 -27.24 -74.98 39.95
CA ILE C 200 -27.93 -73.79 39.46
C ILE C 200 -27.42 -73.36 38.10
N ASP C 201 -26.25 -73.84 37.70
CA ASP C 201 -25.73 -73.58 36.37
C ASP C 201 -26.13 -74.67 35.39
N ILE C 202 -26.48 -75.84 35.90
CA ILE C 202 -26.93 -76.94 35.06
C ILE C 202 -28.35 -76.70 34.58
N CYS C 203 -29.24 -76.26 35.47
CA CYS C 203 -30.66 -76.14 35.18
C CYS C 203 -30.90 -75.07 34.13
N PRO C 204 -31.33 -75.43 32.92
CA PRO C 204 -31.30 -74.48 31.81
C PRO C 204 -32.38 -73.43 31.88
N VAL C 205 -33.43 -73.68 32.64
CA VAL C 205 -34.52 -72.74 32.79
C VAL C 205 -34.51 -72.24 34.22
N GLY C 206 -35.32 -71.22 34.48
CA GLY C 206 -35.35 -70.63 35.81
C GLY C 206 -36.11 -71.46 36.82
N ALA C 207 -35.60 -72.65 37.12
CA ALA C 207 -36.21 -73.52 38.11
C ALA C 207 -35.30 -73.85 39.27
N LEU C 208 -34.00 -73.60 39.15
CA LEU C 208 -33.05 -73.85 40.23
C LEU C 208 -32.06 -72.69 40.23
N THR C 209 -32.33 -71.69 41.07
CA THR C 209 -31.49 -70.50 41.10
C THR C 209 -30.72 -70.42 42.42
N SER C 210 -29.82 -69.45 42.48
CA SER C 210 -29.06 -69.23 43.70
C SER C 210 -29.95 -68.60 44.77
N LYS C 211 -29.86 -69.12 45.98
CA LYS C 211 -30.59 -68.55 47.10
C LYS C 211 -29.99 -67.24 47.62
N PRO C 212 -28.65 -67.12 47.92
CA PRO C 212 -28.21 -65.83 48.49
C PRO C 212 -28.11 -64.72 47.47
N TYR C 213 -27.95 -65.07 46.19
CA TYR C 213 -27.90 -64.06 45.13
C TYR C 213 -29.28 -63.51 44.81
N ALA C 214 -30.33 -64.23 45.21
CA ALA C 214 -31.59 -64.39 44.48
C ALA C 214 -32.11 -63.18 43.72
N PHE C 215 -32.20 -62.03 44.36
CA PHE C 215 -32.93 -60.93 43.73
C PHE C 215 -32.15 -59.62 43.83
N THR C 216 -30.88 -59.63 43.43
CA THR C 216 -30.10 -58.41 43.47
C THR C 216 -29.81 -57.81 42.10
N ALA C 217 -29.69 -58.61 41.04
CA ALA C 217 -29.44 -58.05 39.72
C ALA C 217 -29.96 -59.01 38.66
N ARG C 218 -29.92 -58.54 37.41
CA ARG C 218 -30.39 -59.32 36.28
C ARG C 218 -29.29 -59.06 35.24
N PRO C 219 -28.76 -60.10 34.59
CA PRO C 219 -27.35 -60.09 34.17
C PRO C 219 -26.94 -59.24 32.99
N TRP C 220 -27.73 -58.29 32.54
CA TRP C 220 -27.20 -57.39 31.52
C TRP C 220 -26.46 -56.21 32.12
N GLU C 221 -26.75 -55.84 33.36
CA GLU C 221 -26.05 -54.71 33.97
C GLU C 221 -24.62 -55.09 34.36
N THR C 222 -24.43 -56.30 34.88
CA THR C 222 -23.16 -56.68 35.46
C THR C 222 -22.18 -57.04 34.35
N ARG C 223 -20.96 -56.51 34.44
CA ARG C 223 -19.97 -56.83 33.43
C ARG C 223 -19.11 -58.00 33.90
N LYS C 224 -18.65 -58.78 32.92
CA LYS C 224 -17.99 -60.05 33.16
C LYS C 224 -16.48 -59.88 33.05
N THR C 225 -15.74 -60.45 34.00
CA THR C 225 -14.31 -60.22 34.05
C THR C 225 -13.56 -61.50 34.40
N GLU C 226 -12.48 -61.73 33.65
CA GLU C 226 -11.52 -62.81 33.87
C GLU C 226 -10.86 -62.71 35.25
N SER C 227 -10.77 -63.84 35.95
CA SER C 227 -9.97 -63.95 37.16
C SER C 227 -9.63 -65.42 37.42
N ILE C 228 -8.80 -65.63 38.43
CA ILE C 228 -8.31 -66.95 38.82
C ILE C 228 -8.84 -67.29 40.20
N ASP C 229 -9.23 -68.55 40.39
CA ASP C 229 -9.80 -69.04 41.63
C ASP C 229 -8.76 -69.05 42.75
N VAL C 230 -9.26 -69.06 43.98
CA VAL C 230 -8.47 -69.27 45.19
C VAL C 230 -9.11 -70.42 45.97
N MET C 231 -8.53 -70.69 47.16
CA MET C 231 -9.02 -71.60 48.19
C MET C 231 -8.96 -73.07 47.79
N ASP C 232 -8.61 -73.34 46.54
CA ASP C 232 -8.32 -74.67 46.01
C ASP C 232 -7.05 -74.54 45.19
N ALA C 233 -6.26 -75.60 45.19
CA ALA C 233 -4.98 -75.56 44.48
C ALA C 233 -5.11 -75.86 43.00
N VAL C 234 -6.31 -75.84 42.44
CA VAL C 234 -6.53 -76.23 41.06
C VAL C 234 -6.94 -75.05 40.18
N GLY C 235 -7.74 -74.11 40.71
CA GLY C 235 -8.05 -72.92 39.96
C GLY C 235 -8.99 -73.07 38.77
N SER C 236 -10.26 -73.33 39.01
CA SER C 236 -11.27 -73.20 37.96
C SER C 236 -11.36 -71.75 37.53
N ASN C 237 -11.62 -71.50 36.24
CA ASN C 237 -11.34 -70.16 35.77
C ASN C 237 -12.58 -69.32 36.08
N ILE C 238 -12.44 -68.24 36.84
CA ILE C 238 -13.62 -67.63 37.45
C ILE C 238 -13.98 -66.34 36.73
N VAL C 239 -15.25 -66.20 36.38
CA VAL C 239 -15.77 -65.00 35.74
C VAL C 239 -16.62 -64.25 36.76
N VAL C 240 -16.18 -63.06 37.12
CA VAL C 240 -16.92 -62.25 38.07
C VAL C 240 -17.88 -61.35 37.30
N SER C 241 -19.15 -61.43 37.65
CA SER C 241 -20.15 -60.46 37.22
C SER C 241 -20.18 -59.37 38.27
N THR C 242 -19.63 -58.21 37.91
CA THR C 242 -19.42 -57.09 38.81
C THR C 242 -20.44 -56.00 38.50
N ARG C 243 -20.81 -55.23 39.54
CA ARG C 243 -21.81 -54.20 39.37
C ARG C 243 -21.58 -53.13 40.43
N THR C 244 -21.84 -51.87 40.02
CA THR C 244 -21.87 -50.65 40.85
C THR C 244 -20.53 -50.34 41.48
N GLY C 245 -19.45 -50.50 40.71
CA GLY C 245 -18.11 -50.37 41.26
C GLY C 245 -17.76 -51.47 42.24
N GLU C 246 -18.56 -52.52 42.25
CA GLU C 246 -18.63 -53.58 43.24
C GLU C 246 -19.05 -54.80 42.47
N VAL C 247 -19.72 -55.72 43.13
CA VAL C 247 -19.75 -57.11 42.69
C VAL C 247 -21.18 -57.30 42.20
N MET C 248 -21.51 -58.47 41.67
CA MET C 248 -22.74 -59.14 42.03
C MET C 248 -22.52 -60.59 42.39
N ARG C 249 -21.81 -61.32 41.53
CA ARG C 249 -21.80 -62.77 41.61
C ARG C 249 -20.61 -63.28 40.81
N ILE C 250 -20.39 -64.59 40.86
CA ILE C 250 -19.37 -65.24 40.06
C ILE C 250 -19.99 -66.40 39.31
N LEU C 251 -19.24 -66.89 38.34
CA LEU C 251 -19.56 -68.13 37.63
C LEU C 251 -18.26 -68.83 37.29
N PRO C 252 -18.31 -70.12 37.03
CA PRO C 252 -17.14 -70.80 36.47
C PRO C 252 -17.11 -70.77 34.95
N ARG C 253 -16.00 -70.32 34.38
CA ARG C 253 -15.70 -70.58 32.99
C ARG C 253 -14.55 -71.57 32.90
N MET C 254 -14.38 -72.01 31.65
CA MET C 254 -13.80 -73.29 31.30
C MET C 254 -12.33 -73.14 30.94
N HIS C 255 -11.48 -73.86 31.67
CA HIS C 255 -10.26 -74.35 31.09
C HIS C 255 -10.53 -75.77 30.60
N GLU C 256 -9.85 -76.15 29.51
CA GLU C 256 -10.09 -77.44 28.90
C GLU C 256 -9.59 -78.56 29.81
N ASP C 257 -8.34 -78.46 30.24
CA ASP C 257 -7.72 -79.51 31.05
C ASP C 257 -8.22 -79.46 32.49
N ILE C 258 -7.92 -78.38 33.20
CA ILE C 258 -8.17 -78.32 34.63
C ILE C 258 -9.55 -77.71 34.90
N ASN C 259 -10.34 -78.43 35.70
CA ASN C 259 -11.56 -77.92 36.34
C ASN C 259 -12.57 -77.44 35.32
N GLU C 260 -13.06 -78.39 34.51
CA GLU C 260 -13.66 -78.11 33.20
C GLU C 260 -14.84 -77.15 33.22
N GLU C 261 -15.95 -77.54 33.84
CA GLU C 261 -17.07 -76.63 33.92
C GLU C 261 -17.71 -76.65 35.31
N TRP C 262 -16.93 -76.93 36.34
CA TRP C 262 -17.45 -77.02 37.69
C TRP C 262 -16.68 -76.07 38.57
N ILE C 263 -17.16 -75.89 39.80
CA ILE C 263 -16.52 -74.98 40.75
C ILE C 263 -16.92 -75.43 42.14
N SER C 264 -16.15 -75.01 43.14
CA SER C 264 -16.41 -75.38 44.52
C SER C 264 -17.62 -74.64 45.07
N ASP C 265 -18.30 -75.29 46.02
CA ASP C 265 -19.39 -74.65 46.74
C ASP C 265 -18.88 -73.49 47.59
N LYS C 266 -17.73 -73.70 48.24
CA LYS C 266 -17.07 -72.64 48.99
C LYS C 266 -16.68 -71.48 48.10
N THR C 267 -16.14 -71.78 46.92
CA THR C 267 -15.79 -70.74 45.96
C THR C 267 -17.01 -69.97 45.50
N ARG C 268 -18.09 -70.68 45.20
CA ARG C 268 -19.31 -70.05 44.73
C ARG C 268 -19.93 -69.15 45.79
N PHE C 269 -19.85 -69.56 47.06
CA PHE C 269 -20.51 -68.82 48.13
C PHE C 269 -19.52 -68.23 49.11
N ALA C 270 -18.37 -67.77 48.62
CA ALA C 270 -17.39 -67.12 49.47
C ALA C 270 -17.41 -65.61 49.39
N TYR C 271 -18.08 -65.02 48.40
CA TYR C 271 -18.00 -63.57 48.21
C TYR C 271 -18.77 -62.79 49.27
N ASP C 272 -19.74 -63.43 49.93
CA ASP C 272 -20.49 -62.78 51.00
C ASP C 272 -19.57 -62.45 52.18
N GLY C 273 -18.79 -63.42 52.63
CA GLY C 273 -17.79 -63.17 53.64
C GLY C 273 -16.64 -62.31 53.16
N LEU C 274 -16.41 -62.29 51.84
CA LEU C 274 -15.48 -61.34 51.28
C LEU C 274 -15.95 -59.91 51.47
N LYS C 275 -17.26 -59.67 51.40
CA LYS C 275 -17.79 -58.32 51.59
C LYS C 275 -18.39 -58.09 52.98
N ARG C 276 -17.88 -58.78 54.01
CA ARG C 276 -18.60 -58.81 55.28
C ARG C 276 -17.91 -58.05 56.42
N GLN C 277 -16.62 -58.26 56.66
CA GLN C 277 -16.00 -57.69 57.87
C GLN C 277 -14.64 -57.08 57.59
N ARG C 278 -14.47 -56.43 56.44
CA ARG C 278 -13.14 -56.17 55.89
C ARG C 278 -12.32 -55.18 56.69
N LEU C 279 -11.02 -55.47 56.79
CA LEU C 279 -10.06 -54.54 57.35
C LEU C 279 -9.87 -53.39 56.39
N THR C 280 -10.04 -52.16 56.87
CA THR C 280 -10.11 -51.02 55.98
C THR C 280 -9.02 -49.98 56.17
N GLU C 281 -8.48 -49.83 57.37
CA GLU C 281 -7.63 -48.68 57.69
C GLU C 281 -6.35 -49.14 58.35
N PRO C 282 -5.26 -48.37 58.24
CA PRO C 282 -4.05 -48.68 59.00
C PRO C 282 -4.24 -48.34 60.47
N MET C 283 -4.04 -49.34 61.32
CA MET C 283 -4.46 -49.29 62.72
C MET C 283 -3.26 -49.45 63.64
N VAL C 284 -3.18 -48.56 64.63
CA VAL C 284 -2.06 -48.44 65.56
C VAL C 284 -2.62 -48.53 66.98
N ARG C 285 -1.86 -49.17 67.86
CA ARG C 285 -2.21 -49.22 69.28
C ARG C 285 -2.07 -47.85 69.92
N ASN C 286 -2.62 -47.72 71.13
CA ASN C 286 -2.80 -46.44 71.78
C ASN C 286 -2.52 -46.61 73.26
N GLU C 287 -2.13 -45.47 73.90
CA GLU C 287 -1.47 -45.40 75.20
C GLU C 287 -2.25 -46.07 76.33
N LYS C 288 -3.57 -46.17 76.21
CA LYS C 288 -4.35 -46.97 77.15
C LYS C 288 -4.06 -48.47 76.98
N GLY C 289 -3.48 -48.87 75.86
CA GLY C 289 -3.40 -50.25 75.47
C GLY C 289 -4.42 -50.60 74.41
N LEU C 290 -5.01 -49.60 73.77
CA LEU C 290 -6.19 -49.78 72.96
C LEU C 290 -5.75 -49.86 71.50
N LEU C 291 -6.69 -50.08 70.59
CA LEU C 291 -6.39 -50.12 69.16
C LEU C 291 -7.29 -49.13 68.44
N THR C 292 -6.68 -48.14 67.79
CA THR C 292 -7.40 -47.22 66.93
C THR C 292 -6.73 -47.20 65.56
N HIS C 293 -7.14 -46.25 64.72
CA HIS C 293 -6.67 -46.12 63.36
C HIS C 293 -6.05 -44.74 63.18
N THR C 294 -5.20 -44.63 62.16
CA THR C 294 -4.63 -43.31 61.84
C THR C 294 -4.27 -43.28 60.35
N THR C 295 -3.60 -42.21 59.95
CA THR C 295 -3.14 -42.03 58.59
C THR C 295 -1.91 -42.93 58.36
N TRP C 296 -1.57 -43.12 57.08
CA TRP C 296 -0.44 -43.97 56.70
C TRP C 296 0.90 -43.42 57.16
N GLU C 297 1.00 -42.10 57.38
CA GLU C 297 2.27 -41.44 57.66
C GLU C 297 2.87 -41.94 58.97
N ASP C 298 2.14 -41.74 60.08
CA ASP C 298 2.64 -42.09 61.40
C ASP C 298 2.79 -43.60 61.54
N ALA C 299 1.89 -44.37 60.92
CA ALA C 299 1.93 -45.83 61.04
C ALA C 299 3.15 -46.41 60.33
N LEU C 300 3.37 -46.02 59.08
CA LEU C 300 4.53 -46.53 58.37
C LEU C 300 5.82 -45.94 58.92
N SER C 301 5.77 -44.75 59.52
CA SER C 301 6.95 -44.22 60.19
C SER C 301 7.30 -45.02 61.44
N ARG C 302 6.27 -45.46 62.17
CA ARG C 302 6.48 -46.33 63.33
C ARG C 302 7.09 -47.66 62.92
N VAL C 303 6.54 -48.27 61.87
CA VAL C 303 7.06 -49.55 61.39
C VAL C 303 8.48 -49.38 60.85
N ALA C 304 8.75 -48.25 60.19
CA ALA C 304 10.08 -48.01 59.62
C ALA C 304 11.12 -47.75 60.71
N GLY C 305 10.75 -46.99 61.75
CA GLY C 305 11.69 -46.74 62.83
C GLY C 305 11.98 -47.99 63.64
N MET C 306 10.95 -48.81 63.88
CA MET C 306 11.19 -50.09 64.54
C MET C 306 12.03 -51.02 63.67
N LEU C 307 11.84 -50.96 62.35
CA LEU C 307 12.65 -51.78 61.45
C LEU C 307 14.10 -51.31 61.42
N GLN C 308 14.34 -50.01 61.57
CA GLN C 308 15.72 -49.53 61.62
C GLN C 308 16.38 -49.90 62.93
N SER C 309 15.65 -49.82 64.04
CA SER C 309 16.25 -50.08 65.35
C SER C 309 16.07 -51.53 65.82
N CYS C 310 15.68 -52.45 64.95
CA CYS C 310 15.64 -53.88 65.29
C CYS C 310 16.17 -54.66 64.10
N GLN C 311 17.26 -55.40 64.31
CA GLN C 311 17.99 -56.04 63.23
C GLN C 311 18.37 -57.45 63.64
N GLY C 312 19.28 -58.05 62.88
CA GLY C 312 19.72 -59.40 63.13
C GLY C 312 18.86 -60.42 62.41
N ASN C 313 18.84 -61.62 62.97
CA ASN C 313 17.91 -62.66 62.54
C ASN C 313 16.57 -62.53 63.26
N ASP C 314 16.35 -61.43 63.97
CA ASP C 314 15.16 -61.23 64.80
C ASP C 314 14.01 -60.61 64.05
N VAL C 315 13.92 -60.84 62.74
CA VAL C 315 12.80 -60.32 61.95
C VAL C 315 12.22 -61.44 61.09
N ALA C 316 10.94 -61.70 61.31
CA ALA C 316 10.24 -62.87 60.80
C ALA C 316 9.08 -62.46 59.92
N ALA C 317 8.63 -63.40 59.10
CA ALA C 317 7.44 -63.12 58.30
C ALA C 317 6.70 -64.42 58.06
N ILE C 318 5.57 -64.59 58.74
CA ILE C 318 4.72 -65.76 58.52
C ILE C 318 3.72 -65.39 57.44
N ALA C 319 3.87 -65.98 56.27
CA ALA C 319 3.05 -65.67 55.11
C ALA C 319 2.14 -66.86 54.84
N GLY C 320 0.93 -66.80 55.39
CA GLY C 320 -0.08 -67.80 55.15
C GLY C 320 -1.30 -67.23 54.45
N GLY C 321 -2.33 -68.06 54.36
CA GLY C 321 -3.58 -67.60 53.77
C GLY C 321 -3.46 -67.44 52.26
N LEU C 322 -4.04 -66.37 51.75
CA LEU C 322 -4.09 -66.12 50.31
C LEU C 322 -3.31 -64.84 50.03
N VAL C 323 -2.02 -64.98 49.75
CA VAL C 323 -1.18 -63.84 49.37
C VAL C 323 -0.66 -64.06 47.97
N ASP C 324 0.08 -63.09 47.44
CA ASP C 324 0.51 -63.09 46.06
C ASP C 324 1.86 -63.77 45.91
N ALA C 325 2.27 -63.94 44.66
CA ALA C 325 3.70 -64.12 44.40
C ALA C 325 4.41 -62.78 44.42
N GLU C 326 3.73 -61.73 43.96
CA GLU C 326 4.32 -60.39 43.89
C GLU C 326 4.61 -59.85 45.29
N ALA C 327 3.67 -60.08 46.23
CA ALA C 327 3.88 -59.64 47.61
C ALA C 327 5.03 -60.39 48.25
N LEU C 328 5.17 -61.68 47.95
CA LEU C 328 6.28 -62.45 48.51
C LEU C 328 7.62 -62.02 47.95
N ILE C 329 7.67 -61.70 46.66
CA ILE C 329 8.93 -61.23 46.07
C ILE C 329 9.30 -59.86 46.62
N ALA C 330 8.31 -58.98 46.79
CA ALA C 330 8.58 -57.68 47.41
C ALA C 330 9.05 -57.83 48.85
N LEU C 331 8.44 -58.75 49.59
CA LEU C 331 8.82 -58.99 50.98
C LEU C 331 10.22 -59.58 51.06
N LYS C 332 10.57 -60.48 50.15
CA LYS C 332 11.90 -61.08 50.16
C LYS C 332 12.96 -60.06 49.77
N ASP C 333 12.63 -59.17 48.83
CA ASP C 333 13.55 -58.11 48.44
C ASP C 333 13.81 -57.17 49.60
N LEU C 334 12.74 -56.77 50.31
CA LEU C 334 12.90 -55.91 51.48
C LEU C 334 13.69 -56.59 52.59
N LEU C 335 13.37 -57.85 52.86
CA LEU C 335 13.95 -58.49 54.04
C LEU C 335 15.38 -58.95 53.82
N ASN C 336 15.75 -59.33 52.58
CA ASN C 336 17.16 -59.52 52.29
C ASN C 336 17.87 -58.17 52.21
N ARG C 337 17.15 -57.11 51.84
CA ARG C 337 17.77 -55.80 51.77
C ARG C 337 18.12 -55.26 53.16
N VAL C 338 17.38 -55.65 54.20
CA VAL C 338 17.73 -55.11 55.51
C VAL C 338 18.95 -55.82 56.08
N ASP C 339 18.79 -57.07 56.53
CA ASP C 339 19.99 -57.82 56.91
C ASP C 339 19.94 -59.31 56.57
N SER C 340 18.82 -59.96 56.88
CA SER C 340 18.63 -61.41 56.82
C SER C 340 17.14 -61.67 57.05
N ASP C 341 16.78 -62.94 57.21
CA ASP C 341 15.38 -63.33 57.11
C ASP C 341 15.04 -64.48 58.05
N THR C 342 13.80 -64.48 58.54
CA THR C 342 13.13 -65.74 58.87
C THR C 342 11.68 -65.71 58.35
N LEU C 343 11.56 -65.62 57.02
CA LEU C 343 10.32 -66.00 56.35
C LEU C 343 9.95 -67.43 56.67
N CYS C 344 8.66 -67.65 56.93
CA CYS C 344 8.07 -68.97 57.01
C CYS C 344 6.67 -68.92 56.41
N THR C 345 6.17 -70.08 56.01
CA THR C 345 4.82 -70.22 55.51
C THR C 345 3.89 -70.53 56.67
N GLU C 346 2.67 -70.98 56.36
CA GLU C 346 1.78 -71.43 57.42
C GLU C 346 1.92 -72.91 57.69
N GLU C 347 1.67 -73.74 56.69
CA GLU C 347 1.72 -75.18 56.91
C GLU C 347 3.17 -75.68 56.84
N VAL C 348 3.36 -76.93 57.24
CA VAL C 348 4.69 -77.52 57.42
C VAL C 348 4.94 -78.50 56.28
N PHE C 349 6.12 -78.40 55.66
CA PHE C 349 6.53 -79.29 54.59
C PHE C 349 8.00 -79.61 54.86
N PRO C 350 8.41 -80.87 54.75
CA PRO C 350 9.78 -81.23 55.13
C PRO C 350 10.80 -80.84 54.07
N THR C 351 12.00 -80.48 54.55
CA THR C 351 13.14 -80.22 53.68
C THR C 351 14.36 -81.00 54.17
N ALA C 352 14.39 -82.29 53.83
CA ALA C 352 15.56 -83.16 53.99
C ALA C 352 15.97 -83.79 52.67
N GLY C 353 15.04 -84.37 51.95
CA GLY C 353 15.31 -84.89 50.63
C GLY C 353 15.02 -83.89 49.54
N ALA C 354 15.51 -82.65 49.75
CA ALA C 354 15.40 -81.52 48.82
C ALA C 354 13.94 -81.20 48.49
N GLY C 355 13.21 -80.79 49.53
CA GLY C 355 11.80 -80.47 49.39
C GLY C 355 11.54 -79.04 48.96
N THR C 356 12.45 -78.13 49.29
CA THR C 356 12.28 -76.74 48.88
C THR C 356 12.57 -76.58 47.39
N ASP C 357 13.78 -76.91 46.98
CA ASP C 357 14.17 -76.97 45.57
C ASP C 357 13.73 -78.27 44.93
N LEU C 358 14.31 -78.60 43.77
CA LEU C 358 14.11 -79.89 43.09
C LEU C 358 12.65 -80.11 42.70
N ARG C 359 12.20 -79.43 41.63
CA ARG C 359 10.83 -79.16 41.21
C ARG C 359 9.83 -80.30 41.32
N SER C 360 10.30 -81.54 41.31
CA SER C 360 9.47 -82.73 41.47
C SER C 360 8.67 -82.78 42.77
N ASN C 361 9.38 -82.89 43.89
CA ASN C 361 8.79 -83.45 45.10
C ASN C 361 8.00 -82.46 45.94
N TYR C 362 7.50 -81.36 45.38
CA TYR C 362 6.63 -80.48 46.16
C TYR C 362 5.45 -79.95 45.38
N LEU C 363 5.09 -80.59 44.26
CA LEU C 363 3.89 -80.22 43.53
C LEU C 363 3.28 -81.49 42.93
N LEU C 364 2.18 -81.30 42.21
CA LEU C 364 1.46 -82.39 41.56
C LEU C 364 2.10 -82.61 40.20
N ASN C 365 2.97 -83.62 40.10
CA ASN C 365 3.82 -83.76 38.92
C ASN C 365 3.04 -84.31 37.72
N THR C 366 1.98 -85.06 37.97
CA THR C 366 1.14 -85.53 36.89
C THR C 366 0.34 -84.38 36.29
N THR C 367 -0.30 -84.66 35.15
CA THR C 367 -1.25 -83.71 34.60
C THR C 367 -2.61 -84.00 35.18
N ILE C 368 -3.31 -82.94 35.59
CA ILE C 368 -4.66 -83.09 36.14
C ILE C 368 -5.61 -83.63 35.08
N ALA C 369 -5.42 -83.22 33.81
CA ALA C 369 -6.10 -83.89 32.72
C ALA C 369 -5.54 -85.29 32.49
N GLY C 370 -4.26 -85.49 32.78
CA GLY C 370 -3.58 -86.75 32.48
C GLY C 370 -3.96 -87.90 33.39
N VAL C 371 -4.68 -87.65 34.48
CA VAL C 371 -5.09 -88.74 35.37
C VAL C 371 -6.26 -89.53 34.79
N GLU C 372 -6.87 -89.05 33.70
CA GLU C 372 -7.91 -89.83 33.05
C GLU C 372 -7.31 -90.98 32.26
N GLU C 373 -6.06 -90.84 31.82
CA GLU C 373 -5.36 -91.92 31.15
C GLU C 373 -4.66 -92.87 32.11
N ALA C 374 -4.86 -92.70 33.41
CA ALA C 374 -4.20 -93.55 34.39
C ALA C 374 -4.85 -94.92 34.43
N ASP C 375 -4.18 -95.86 35.10
CA ASP C 375 -4.66 -97.23 35.22
C ASP C 375 -5.05 -97.58 36.65
N VAL C 376 -4.12 -97.45 37.60
CA VAL C 376 -4.38 -97.79 39.00
C VAL C 376 -3.84 -96.67 39.87
N VAL C 377 -4.67 -96.14 40.77
CA VAL C 377 -4.29 -95.05 41.65
C VAL C 377 -4.56 -95.47 43.10
N LEU C 378 -3.55 -95.33 43.94
CA LEU C 378 -3.83 -95.36 45.36
C LEU C 378 -3.71 -93.95 45.94
N LEU C 379 -4.13 -93.84 47.19
CA LEU C 379 -4.50 -92.56 47.77
C LEU C 379 -4.14 -92.62 49.25
N VAL C 380 -2.98 -92.10 49.59
CA VAL C 380 -2.60 -92.11 51.00
C VAL C 380 -3.12 -90.85 51.67
N GLY C 381 -3.44 -90.99 52.97
CA GLY C 381 -4.48 -90.27 53.68
C GLY C 381 -4.84 -88.85 53.34
N THR C 382 -6.12 -88.69 53.00
CA THR C 382 -6.75 -87.44 52.58
C THR C 382 -8.25 -87.71 52.57
N ASN C 383 -9.01 -86.69 52.19
CA ASN C 383 -10.45 -86.84 51.97
C ASN C 383 -10.83 -85.88 50.86
N PRO C 384 -10.69 -86.32 49.60
CA PRO C 384 -10.81 -85.38 48.47
C PRO C 384 -12.21 -84.89 48.20
N ARG C 385 -13.24 -85.51 48.78
CA ARG C 385 -14.56 -84.89 48.76
C ARG C 385 -14.57 -83.62 49.59
N PHE C 386 -13.79 -83.59 50.67
CA PHE C 386 -13.71 -82.43 51.54
C PHE C 386 -12.35 -81.76 51.48
N GLU C 387 -11.56 -82.07 50.45
CA GLU C 387 -10.29 -81.41 50.17
C GLU C 387 -10.22 -81.27 48.66
N ALA C 388 -10.56 -80.08 48.15
CA ALA C 388 -10.62 -79.73 46.73
C ALA C 388 -11.50 -80.71 45.94
N PRO C 389 -12.83 -80.59 46.04
CA PRO C 389 -13.72 -81.60 45.43
C PRO C 389 -13.67 -81.68 43.91
N LEU C 390 -13.07 -80.69 43.24
CA LEU C 390 -12.94 -80.74 41.78
C LEU C 390 -12.07 -81.90 41.33
N PHE C 391 -11.01 -82.20 42.09
CA PHE C 391 -10.19 -83.35 41.73
C PHE C 391 -10.93 -84.65 42.00
N ASN C 392 -11.81 -84.68 43.01
CA ASN C 392 -12.62 -85.87 43.23
C ASN C 392 -13.64 -86.05 42.11
N ALA C 393 -14.16 -84.94 41.57
CA ALA C 393 -15.03 -85.03 40.40
C ALA C 393 -14.26 -85.55 39.19
N ARG C 394 -12.99 -85.16 39.05
CA ARG C 394 -12.15 -85.69 37.99
C ARG C 394 -11.90 -87.19 38.16
N ILE C 395 -11.65 -87.63 39.40
CA ILE C 395 -11.42 -89.04 39.67
C ILE C 395 -12.68 -89.85 39.39
N ARG C 396 -13.85 -89.32 39.74
CA ARG C 396 -15.08 -90.05 39.43
C ARG C 396 -15.39 -90.05 37.95
N LYS C 397 -14.99 -88.98 37.23
CA LYS C 397 -15.10 -88.99 35.78
C LYS C 397 -14.24 -90.10 35.17
N SER C 398 -13.02 -90.25 35.68
CA SER C 398 -12.15 -91.34 35.24
C SER C 398 -12.78 -92.69 35.55
N TRP C 399 -13.17 -92.90 36.81
CA TRP C 399 -13.72 -94.18 37.26
C TRP C 399 -15.02 -94.53 36.57
N LEU C 400 -15.75 -93.53 36.08
CA LEU C 400 -16.98 -93.81 35.38
C LEU C 400 -16.73 -94.11 33.91
N HIS C 401 -15.85 -93.35 33.25
CA HIS C 401 -15.67 -93.59 31.82
C HIS C 401 -14.72 -94.76 31.56
N ASN C 402 -13.46 -94.65 31.98
CA ASN C 402 -12.56 -95.78 31.82
C ASN C 402 -12.39 -96.49 33.15
N ASP C 403 -11.42 -97.40 33.22
CA ASP C 403 -11.30 -98.29 34.37
C ASP C 403 -10.13 -97.88 35.26
N LEU C 404 -10.41 -97.74 36.55
CA LEU C 404 -9.42 -97.49 37.57
C LEU C 404 -9.43 -98.62 38.60
N LYS C 405 -8.42 -98.56 39.47
CA LYS C 405 -8.42 -99.31 40.73
C LYS C 405 -7.94 -98.30 41.76
N VAL C 406 -8.87 -97.83 42.59
CA VAL C 406 -8.63 -96.73 43.52
C VAL C 406 -8.53 -97.30 44.92
N ALA C 407 -7.41 -97.00 45.59
CA ALA C 407 -7.22 -97.42 46.97
C ALA C 407 -7.11 -96.22 47.89
N LEU C 408 -7.56 -96.40 49.13
CA LEU C 408 -7.47 -95.38 50.16
C LEU C 408 -6.81 -95.95 51.40
N ILE C 409 -5.82 -95.22 51.93
CA ILE C 409 -5.11 -95.64 53.12
C ILE C 409 -5.27 -94.56 54.18
N GLY C 410 -6.02 -94.88 55.24
CA GLY C 410 -6.00 -94.10 56.46
C GLY C 410 -7.31 -93.82 57.19
N SER C 411 -8.42 -93.60 56.47
CA SER C 411 -9.64 -93.26 57.20
C SER C 411 -10.88 -93.61 56.39
N PRO C 412 -11.82 -94.35 56.98
CA PRO C 412 -13.11 -94.58 56.29
C PRO C 412 -13.96 -93.32 56.26
N VAL C 413 -14.08 -92.73 55.07
CA VAL C 413 -14.80 -91.48 54.87
C VAL C 413 -15.79 -91.67 53.73
N ASP C 414 -16.47 -90.58 53.36
CA ASP C 414 -17.60 -90.62 52.45
C ASP C 414 -17.17 -90.34 51.00
N LEU C 415 -16.25 -91.15 50.50
CA LEU C 415 -15.98 -91.14 49.07
C LEU C 415 -17.05 -91.98 48.37
N THR C 416 -17.81 -91.35 47.48
CA THR C 416 -19.07 -91.88 46.99
C THR C 416 -18.91 -92.73 45.73
N TYR C 417 -17.76 -93.37 45.55
CA TYR C 417 -17.49 -94.04 44.28
C TYR C 417 -16.83 -95.39 44.46
N ARG C 418 -17.03 -96.03 45.62
CA ARG C 418 -16.66 -97.43 45.89
C ARG C 418 -15.14 -97.63 45.74
N TYR C 419 -14.43 -97.03 46.67
CA TYR C 419 -12.99 -97.18 46.78
C TYR C 419 -12.66 -98.47 47.52
N ASP C 420 -11.48 -99.02 47.20
CA ASP C 420 -10.94 -100.12 47.97
C ASP C 420 -10.06 -99.55 49.07
N HIS C 421 -10.42 -99.83 50.31
CA HIS C 421 -9.68 -99.34 51.46
C HIS C 421 -8.66 -100.38 51.91
N LEU C 422 -7.48 -99.92 52.30
CA LEU C 422 -6.41 -100.85 52.64
C LEU C 422 -6.07 -100.92 54.12
N GLY C 423 -6.41 -99.92 54.90
CA GLY C 423 -6.08 -99.88 56.31
C GLY C 423 -5.51 -98.54 56.70
N ASP C 424 -5.17 -98.43 57.99
CA ASP C 424 -4.64 -97.19 58.57
C ASP C 424 -3.39 -97.48 59.39
N SER C 425 -2.24 -97.55 58.71
CA SER C 425 -0.94 -97.75 59.34
C SER C 425 0.18 -97.43 58.37
N PRO C 426 1.23 -96.72 58.80
CA PRO C 426 2.44 -96.63 57.98
C PRO C 426 3.16 -97.97 57.82
N LYS C 427 2.93 -98.93 58.71
CA LYS C 427 3.45 -100.27 58.53
C LYS C 427 2.79 -100.99 57.36
N ILE C 428 1.56 -100.60 56.99
CA ILE C 428 0.98 -101.14 55.77
C ILE C 428 1.72 -100.60 54.55
N LEU C 429 2.10 -99.33 54.59
CA LEU C 429 2.97 -98.76 53.56
C LEU C 429 4.32 -99.48 53.52
N GLN C 430 4.82 -99.88 54.69
CA GLN C 430 6.03 -100.70 54.75
C GLN C 430 5.80 -102.08 54.14
N ASP C 431 4.59 -102.62 54.25
CA ASP C 431 4.30 -103.92 53.64
C ASP C 431 4.22 -103.81 52.12
N ILE C 432 3.59 -102.74 51.62
CA ILE C 432 3.61 -102.44 50.18
C ILE C 432 5.05 -102.26 49.68
N ALA C 433 5.90 -101.62 50.50
CA ALA C 433 7.32 -101.52 50.16
C ALA C 433 8.02 -102.88 50.20
N SER C 434 7.54 -103.79 51.05
CA SER C 434 8.15 -105.12 51.14
C SER C 434 7.80 -105.99 49.92
N GLY C 435 6.52 -106.07 49.47
CA GLY C 435 5.22 -105.83 50.09
C GLY C 435 4.29 -106.96 49.67
N SER C 436 3.70 -107.64 50.65
CA SER C 436 2.90 -108.83 50.38
C SER C 436 1.43 -108.43 50.34
N HIS C 437 0.90 -108.28 49.13
CA HIS C 437 -0.50 -107.98 48.89
C HIS C 437 -0.89 -108.60 47.55
N PRO C 438 -2.19 -108.82 47.33
CA PRO C 438 -2.68 -109.00 45.95
C PRO C 438 -2.85 -107.69 45.20
N PHE C 439 -2.49 -106.57 45.84
CA PHE C 439 -2.63 -105.23 45.30
C PHE C 439 -1.29 -104.53 45.08
N SER C 440 -0.27 -104.85 45.87
CA SER C 440 1.07 -104.39 45.53
C SER C 440 1.58 -105.06 44.25
N GLN C 441 1.12 -106.28 43.96
CA GLN C 441 1.38 -106.89 42.66
C GLN C 441 0.76 -106.08 41.54
N VAL C 442 -0.44 -105.53 41.78
CA VAL C 442 -1.10 -104.66 40.82
C VAL C 442 -0.30 -103.37 40.62
N LEU C 443 0.27 -102.83 41.71
CA LEU C 443 1.15 -101.67 41.61
C LEU C 443 2.39 -101.98 40.77
N GLN C 444 3.23 -102.89 41.23
CA GLN C 444 4.50 -103.12 40.55
C GLN C 444 4.38 -103.96 39.28
N GLU C 445 3.17 -104.36 38.87
CA GLU C 445 2.96 -105.02 37.59
C GLU C 445 1.88 -104.33 36.76
N ALA C 446 1.47 -103.13 37.14
CA ALA C 446 0.51 -102.35 36.37
C ALA C 446 1.22 -101.54 35.30
N LYS C 447 0.43 -100.99 34.38
CA LYS C 447 1.01 -100.25 33.26
C LYS C 447 1.23 -98.77 33.60
N LYS C 448 0.17 -98.07 34.04
CA LYS C 448 0.26 -96.67 34.42
C LYS C 448 -0.13 -96.47 35.88
N PRO C 449 0.82 -96.51 36.80
CA PRO C 449 0.49 -96.37 38.23
C PRO C 449 0.66 -94.97 38.81
N MET C 450 -0.25 -94.65 39.73
CA MET C 450 -0.32 -93.31 40.30
C MET C 450 -0.63 -93.39 41.79
N VAL C 451 0.19 -92.69 42.56
CA VAL C 451 0.04 -92.57 44.01
C VAL C 451 -0.20 -91.11 44.33
N VAL C 452 -1.32 -90.81 44.98
CA VAL C 452 -1.68 -89.46 45.36
C VAL C 452 -1.46 -89.30 46.86
N LEU C 453 -0.58 -88.36 47.21
CA LEU C 453 -0.32 -88.02 48.59
C LEU C 453 -1.27 -86.92 49.05
N GLY C 454 -1.95 -87.15 50.17
CA GLY C 454 -2.71 -86.11 50.81
C GLY C 454 -1.84 -85.33 51.78
N SER C 455 -1.90 -84.00 51.68
CA SER C 455 -1.07 -83.15 52.52
C SER C 455 -1.57 -83.04 53.96
N SER C 456 -2.78 -83.52 54.24
CA SER C 456 -3.28 -83.55 55.62
C SER C 456 -2.54 -84.59 56.44
N ALA C 457 -2.09 -85.68 55.82
CA ALA C 457 -1.22 -86.64 56.45
C ALA C 457 0.24 -86.21 56.42
N LEU C 458 0.53 -85.02 55.87
CA LEU C 458 1.88 -84.48 55.80
C LEU C 458 2.12 -83.39 56.83
N GLN C 459 1.06 -82.89 57.46
CA GLN C 459 1.18 -81.88 58.50
C GLN C 459 1.30 -82.48 59.89
N ARG C 460 1.45 -83.81 59.98
CA ARG C 460 1.73 -84.48 61.24
C ARG C 460 3.25 -84.46 61.47
N ASN C 461 3.71 -85.17 62.49
CA ASN C 461 5.14 -85.26 62.76
C ASN C 461 5.80 -86.46 62.08
N ASP C 462 5.25 -86.92 60.97
CA ASP C 462 5.80 -88.01 60.18
C ASP C 462 5.95 -87.59 58.72
N GLY C 463 6.45 -86.38 58.50
CA GLY C 463 6.52 -85.86 57.15
C GLY C 463 7.64 -86.49 56.33
N ALA C 464 8.85 -86.45 56.87
CA ALA C 464 10.03 -86.85 56.11
C ALA C 464 10.05 -88.36 55.88
N ALA C 465 9.65 -89.15 56.88
CA ALA C 465 9.71 -90.60 56.77
C ALA C 465 8.67 -91.13 55.79
N ILE C 466 7.43 -90.63 55.90
CA ILE C 466 6.38 -91.09 54.98
C ILE C 466 6.64 -90.54 53.57
N LEU C 467 7.17 -89.32 53.47
CA LEU C 467 7.55 -88.79 52.15
C LEU C 467 8.64 -89.62 51.52
N ALA C 468 9.65 -90.02 52.30
CA ALA C 468 10.73 -90.84 51.78
C ALA C 468 10.25 -92.24 51.42
N ALA C 469 9.31 -92.79 52.19
CA ALA C 469 8.81 -94.14 51.91
C ALA C 469 7.96 -94.16 50.65
N VAL C 470 7.09 -93.17 50.47
CA VAL C 470 6.26 -93.12 49.27
C VAL C 470 7.12 -92.76 48.05
N SER C 471 8.18 -91.97 48.24
CA SER C 471 9.11 -91.73 47.14
C SER C 471 9.90 -92.98 46.78
N ASN C 472 10.17 -93.85 47.76
CA ASN C 472 10.80 -95.12 47.45
C ASN C 472 9.84 -96.05 46.72
N ILE C 473 8.55 -95.97 47.04
CA ILE C 473 7.53 -96.67 46.26
C ILE C 473 7.53 -96.18 44.81
N ALA C 474 7.64 -94.86 44.63
CA ALA C 474 7.67 -94.28 43.29
C ALA C 474 8.92 -94.70 42.52
N GLN C 475 10.07 -94.71 43.19
CA GLN C 475 11.32 -95.21 42.59
C GLN C 475 11.18 -96.66 42.19
N LYS C 476 10.60 -97.48 43.07
CA LYS C 476 10.45 -98.91 42.83
C LYS C 476 9.60 -99.19 41.60
N ILE C 477 8.42 -98.57 41.53
CA ILE C 477 7.54 -98.88 40.42
C ILE C 477 7.96 -98.16 39.14
N ARG C 478 8.68 -97.03 39.24
CA ARG C 478 9.16 -96.37 38.04
C ARG C 478 10.31 -97.14 37.42
N THR C 479 11.21 -97.71 38.23
CA THR C 479 12.25 -98.55 37.68
C THR C 479 11.71 -99.91 37.25
N SER C 480 10.59 -100.35 37.83
CA SER C 480 9.94 -101.55 37.33
C SER C 480 8.94 -101.19 36.23
N SER C 481 8.29 -102.23 35.70
CA SER C 481 7.04 -102.17 34.93
C SER C 481 7.13 -101.50 33.56
N GLY C 482 8.29 -100.93 33.22
CA GLY C 482 8.49 -100.24 31.96
C GLY C 482 7.55 -99.07 31.73
N VAL C 483 7.50 -98.14 32.67
CA VAL C 483 6.49 -97.08 32.70
C VAL C 483 7.16 -95.71 32.65
N THR C 484 7.00 -94.99 31.54
CA THR C 484 6.50 -95.52 30.24
C THR C 484 7.46 -95.55 29.03
N GLY C 485 8.28 -94.53 28.68
CA GLY C 485 8.49 -93.24 29.32
C GLY C 485 8.19 -92.06 28.40
N ASP C 486 7.99 -90.86 28.97
CA ASP C 486 8.07 -90.61 30.40
C ASP C 486 6.70 -90.24 31.00
N TRP C 487 6.49 -90.66 32.23
CA TRP C 487 5.21 -90.58 32.93
C TRP C 487 5.51 -90.96 34.37
N LYS C 488 4.57 -90.66 35.27
CA LYS C 488 4.89 -90.84 36.69
C LYS C 488 3.73 -91.35 37.52
N VAL C 489 4.06 -92.32 38.37
CA VAL C 489 3.26 -92.71 39.53
C VAL C 489 2.94 -91.50 40.40
N MET C 490 3.97 -90.78 40.84
CA MET C 490 3.88 -89.89 41.99
C MET C 490 3.14 -88.59 41.68
N ASN C 491 2.23 -88.19 42.58
CA ASN C 491 1.84 -86.79 42.72
C ASN C 491 1.30 -86.55 44.12
N ILE C 492 1.38 -85.29 44.55
CA ILE C 492 0.89 -84.86 45.86
C ILE C 492 -0.18 -83.80 45.64
N LEU C 493 -0.91 -83.48 46.71
CA LEU C 493 -1.84 -82.35 46.64
C LEU C 493 -1.54 -81.35 47.75
N HIS C 494 -2.34 -80.29 47.79
CA HIS C 494 -2.26 -79.26 48.82
C HIS C 494 -3.67 -78.76 49.10
N ARG C 495 -3.77 -77.69 49.88
CA ARG C 495 -5.07 -77.06 50.14
C ARG C 495 -5.00 -75.56 49.90
N ILE C 496 -3.82 -74.97 50.13
CA ILE C 496 -3.65 -73.52 50.12
C ILE C 496 -2.70 -73.15 48.99
N ALA C 497 -3.12 -72.19 48.17
CA ALA C 497 -2.38 -71.88 46.94
C ALA C 497 -1.11 -71.09 47.23
N SER C 498 -1.16 -70.18 48.20
CA SER C 498 0.01 -69.36 48.50
C SER C 498 1.13 -70.18 49.13
N GLN C 499 0.80 -71.31 49.77
CA GLN C 499 1.82 -72.24 50.23
C GLN C 499 2.59 -72.84 49.06
N VAL C 500 1.87 -73.23 48.01
CA VAL C 500 2.52 -73.79 46.82
C VAL C 500 3.36 -72.73 46.12
N ALA C 501 2.85 -71.50 46.05
CA ALA C 501 3.62 -70.41 45.46
C ALA C 501 4.86 -70.09 46.29
N ALA C 502 4.76 -70.19 47.61
CA ALA C 502 5.90 -69.93 48.47
C ALA C 502 6.94 -71.03 48.38
N LEU C 503 6.50 -72.28 48.17
CA LEU C 503 7.46 -73.34 47.89
C LEU C 503 8.12 -73.14 46.52
N ASP C 504 7.37 -72.62 45.54
CA ASP C 504 7.94 -72.33 44.24
C ASP C 504 8.96 -71.21 44.30
N LEU C 505 8.75 -70.24 45.19
CA LEU C 505 9.71 -69.16 45.36
C LEU C 505 10.88 -69.53 46.27
N GLY C 506 10.91 -70.75 46.79
CA GLY C 506 12.03 -71.21 47.60
C GLY C 506 12.06 -70.59 48.98
N TYR C 507 11.00 -70.80 49.75
CA TYR C 507 10.92 -70.30 51.11
C TYR C 507 11.12 -71.44 52.09
N LYS C 508 10.91 -71.17 53.37
CA LYS C 508 11.11 -72.18 54.40
C LYS C 508 9.75 -72.60 54.97
N PRO C 509 9.22 -73.75 54.57
CA PRO C 509 7.86 -74.12 54.98
C PRO C 509 7.81 -74.61 56.42
N GLY C 510 6.75 -74.23 57.11
CA GLY C 510 6.65 -74.48 58.54
C GLY C 510 7.25 -73.37 59.36
N VAL C 511 6.69 -73.16 60.54
CA VAL C 511 7.08 -72.05 61.41
C VAL C 511 8.09 -72.52 62.44
N GLU C 512 8.78 -73.63 62.15
CA GLU C 512 9.74 -74.19 63.09
C GLU C 512 10.96 -73.29 63.26
N ALA C 513 11.28 -72.49 62.24
CA ALA C 513 12.41 -71.56 62.38
C ALA C 513 12.09 -70.44 63.35
N ILE C 514 10.81 -70.14 63.55
CA ILE C 514 10.42 -69.13 64.53
C ILE C 514 10.10 -69.76 65.88
N ARG C 515 9.73 -71.05 65.89
CA ARG C 515 9.73 -71.81 67.13
C ARG C 515 11.14 -71.92 67.70
N LYS C 516 12.15 -72.01 66.83
CA LYS C 516 13.53 -71.97 67.29
C LYS C 516 13.94 -70.56 67.69
N ASN C 517 13.55 -69.56 66.90
CA ASN C 517 13.99 -68.18 67.07
C ASN C 517 12.80 -67.27 67.30
N PRO C 518 12.44 -66.99 68.54
CA PRO C 518 11.46 -65.95 68.82
C PRO C 518 12.02 -64.58 68.51
N PRO C 519 11.42 -63.84 67.60
CA PRO C 519 12.03 -62.61 67.08
C PRO C 519 11.64 -61.35 67.85
N LYS C 520 12.27 -60.25 67.46
CA LYS C 520 11.89 -58.92 67.91
C LYS C 520 10.77 -58.30 67.08
N MET C 521 10.44 -58.91 65.94
CA MET C 521 9.60 -58.27 64.93
C MET C 521 9.07 -59.33 63.98
N LEU C 522 7.76 -59.29 63.68
CA LEU C 522 7.30 -60.21 62.66
C LEU C 522 6.12 -59.64 61.88
N PHE C 523 6.01 -60.11 60.64
CA PHE C 523 5.01 -59.68 59.68
C PHE C 523 4.07 -60.84 59.46
N LEU C 524 2.82 -60.69 59.90
CA LEU C 524 1.80 -61.72 59.72
C LEU C 524 1.05 -61.39 58.44
N LEU C 525 1.48 -61.99 57.33
CA LEU C 525 0.83 -61.80 56.03
C LEU C 525 -0.22 -62.90 55.89
N GLY C 526 -1.45 -62.56 56.24
CA GLY C 526 -2.54 -63.52 56.18
C GLY C 526 -2.46 -64.63 57.21
N ALA C 527 -2.15 -64.28 58.45
CA ALA C 527 -2.12 -65.27 59.52
C ALA C 527 -3.55 -65.67 59.88
N ASP C 528 -3.89 -66.94 59.63
CA ASP C 528 -5.27 -67.38 59.79
C ASP C 528 -5.65 -67.48 61.26
N GLY C 529 -5.00 -68.35 62.00
CA GLY C 529 -5.32 -68.59 63.38
C GLY C 529 -4.06 -68.51 64.25
N GLY C 530 -4.03 -69.37 65.25
CA GLY C 530 -2.91 -69.39 66.18
C GLY C 530 -1.75 -70.23 65.69
N CYS C 531 -1.05 -69.74 64.66
CA CYS C 531 0.19 -70.38 64.24
C CYS C 531 1.26 -70.23 65.32
N VAL C 532 1.53 -68.98 65.72
CA VAL C 532 2.33 -68.68 66.91
C VAL C 532 1.49 -67.81 67.83
N THR C 533 1.97 -67.63 69.05
CA THR C 533 1.32 -66.77 70.02
C THR C 533 2.27 -65.65 70.42
N ARG C 534 1.77 -64.76 71.27
CA ARG C 534 2.63 -63.80 71.94
C ARG C 534 3.34 -64.43 73.15
N GLN C 535 2.91 -65.61 73.58
CA GLN C 535 3.56 -66.32 74.68
C GLN C 535 4.88 -66.96 74.24
N ASP C 536 4.98 -67.39 72.97
CA ASP C 536 6.13 -68.12 72.47
C ASP C 536 7.18 -67.19 71.89
N LEU C 537 7.28 -65.98 72.41
CA LEU C 537 7.95 -64.86 71.77
C LEU C 537 8.08 -63.80 72.84
N PRO C 538 9.10 -62.94 72.81
CA PRO C 538 9.22 -61.88 73.82
C PRO C 538 8.08 -60.88 73.73
N LYS C 539 7.74 -60.30 74.89
CA LYS C 539 6.49 -59.58 75.07
C LYS C 539 6.42 -58.29 74.26
N ASP C 540 7.56 -57.77 73.81
CA ASP C 540 7.57 -56.65 72.88
C ASP C 540 7.59 -57.24 71.47
N CYS C 541 6.41 -57.70 71.05
CA CYS C 541 6.29 -58.57 69.88
C CYS C 541 6.49 -57.80 68.58
N PHE C 542 5.73 -56.72 68.39
CA PHE C 542 5.64 -55.96 67.15
C PHE C 542 5.24 -56.86 65.98
N ILE C 543 3.99 -57.27 66.03
CA ILE C 543 3.37 -57.92 64.89
C ILE C 543 2.81 -56.85 63.96
N VAL C 544 3.00 -57.05 62.67
CA VAL C 544 2.34 -56.24 61.65
C VAL C 544 1.45 -57.22 60.89
N TYR C 545 0.17 -57.22 61.21
CA TYR C 545 -0.79 -58.15 60.63
C TYR C 545 -1.46 -57.47 59.45
N GLN C 546 -1.26 -58.02 58.27
CA GLN C 546 -1.76 -57.44 57.03
C GLN C 546 -2.80 -58.37 56.42
N GLY C 547 -3.92 -57.80 56.00
CA GLY C 547 -4.93 -58.60 55.34
C GLY C 547 -6.32 -58.01 55.29
N HIS C 548 -7.32 -58.88 55.40
CA HIS C 548 -8.71 -58.52 55.23
C HIS C 548 -9.56 -59.40 56.13
N HIS C 549 -10.53 -58.77 56.80
CA HIS C 549 -11.39 -59.32 57.85
C HIS C 549 -10.67 -60.23 58.84
N GLY C 550 -9.71 -59.66 59.57
CA GLY C 550 -9.02 -60.41 60.60
C GLY C 550 -9.95 -60.80 61.72
N ASP C 551 -10.07 -62.10 62.00
CA ASP C 551 -10.84 -62.64 63.11
C ASP C 551 -9.97 -63.15 64.23
N VAL C 552 -8.86 -63.81 63.90
CA VAL C 552 -7.85 -64.21 64.86
C VAL C 552 -6.52 -63.65 64.39
N GLY C 553 -5.85 -62.92 65.27
CA GLY C 553 -4.64 -62.20 64.90
C GLY C 553 -4.92 -60.72 64.95
N ALA C 554 -6.09 -60.33 64.47
CA ALA C 554 -6.60 -58.99 64.66
C ALA C 554 -6.98 -58.67 66.11
N PRO C 555 -7.36 -59.62 66.97
CA PRO C 555 -7.28 -59.34 68.41
C PRO C 555 -5.90 -59.51 69.01
N ILE C 556 -4.90 -59.89 68.22
CA ILE C 556 -3.53 -60.08 68.71
C ILE C 556 -2.73 -58.92 68.12
N ALA C 557 -3.42 -57.81 67.90
CA ALA C 557 -2.93 -56.76 67.00
C ALA C 557 -1.93 -55.83 67.66
N ASP C 558 -0.88 -55.50 66.91
CA ASP C 558 -0.05 -54.34 67.22
C ASP C 558 -0.11 -53.32 66.09
N VAL C 559 0.22 -53.68 64.86
CA VAL C 559 0.07 -52.79 63.72
C VAL C 559 -0.72 -53.51 62.64
N ILE C 560 -1.92 -53.01 62.34
CA ILE C 560 -2.82 -53.62 61.36
C ILE C 560 -2.69 -52.89 60.04
N LEU C 561 -2.43 -53.63 58.96
CA LEU C 561 -2.45 -53.08 57.62
C LEU C 561 -3.57 -53.71 56.80
N PRO C 562 -4.42 -52.91 56.17
CA PRO C 562 -5.54 -53.47 55.42
C PRO C 562 -5.13 -54.06 54.07
N GLY C 563 -4.71 -55.32 54.09
CA GLY C 563 -4.28 -55.96 52.86
C GLY C 563 -5.43 -56.24 51.92
N ALA C 564 -5.12 -56.29 50.63
CA ALA C 564 -6.12 -56.45 49.59
C ALA C 564 -6.62 -57.89 49.55
N ALA C 565 -7.53 -58.16 48.63
CA ALA C 565 -8.18 -59.46 48.51
C ALA C 565 -7.91 -60.06 47.14
N TYR C 566 -8.52 -61.22 46.89
CA TYR C 566 -8.24 -61.99 45.69
C TYR C 566 -9.01 -61.49 44.47
N THR C 567 -9.85 -60.47 44.61
CA THR C 567 -10.55 -59.88 43.49
C THR C 567 -10.08 -58.47 43.18
N GLU C 568 -9.05 -58.00 43.87
CA GLU C 568 -8.78 -56.57 43.97
C GLU C 568 -7.44 -56.16 43.36
N LYS C 569 -6.79 -57.05 42.63
CA LYS C 569 -5.44 -56.79 42.15
C LYS C 569 -5.10 -57.75 41.02
N SER C 570 -4.26 -57.28 40.10
CA SER C 570 -3.82 -58.07 38.95
C SER C 570 -2.53 -58.79 39.34
N ALA C 571 -2.69 -59.83 40.15
CA ALA C 571 -1.59 -60.60 40.71
C ALA C 571 -1.50 -61.95 39.98
N THR C 572 -0.46 -62.70 40.32
CA THR C 572 -0.21 -64.00 39.71
C THR C 572 -0.25 -65.07 40.80
N TYR C 573 -1.09 -66.07 40.60
CA TYR C 573 -1.14 -67.22 41.48
C TYR C 573 -0.63 -68.46 40.75
N VAL C 574 -0.35 -69.50 41.53
CA VAL C 574 0.16 -70.75 41.00
C VAL C 574 -0.74 -71.88 41.50
N ASN C 575 -1.13 -72.78 40.60
CA ASN C 575 -1.90 -73.95 41.00
C ASN C 575 -0.98 -75.03 41.56
N THR C 576 -1.49 -76.26 41.67
CA THR C 576 -0.73 -77.35 42.25
C THR C 576 0.18 -78.06 41.25
N GLU C 577 0.08 -77.77 39.95
CA GLU C 577 0.93 -78.43 38.97
C GLU C 577 1.83 -77.47 38.19
N GLY C 578 2.05 -76.27 38.73
CA GLY C 578 3.05 -75.37 38.19
C GLY C 578 2.55 -74.36 37.19
N ARG C 579 1.28 -74.43 36.80
CA ARG C 579 0.73 -73.52 35.81
C ARG C 579 0.47 -72.17 36.45
N ALA C 580 1.24 -71.16 36.07
CA ALA C 580 1.03 -69.81 36.57
C ALA C 580 -0.14 -69.18 35.85
N GLN C 581 -1.03 -68.55 36.61
CA GLN C 581 -2.26 -67.96 36.08
C GLN C 581 -2.47 -66.59 36.71
N GLN C 582 -2.50 -65.55 35.89
CA GLN C 582 -2.58 -64.20 36.41
C GLN C 582 -4.02 -63.79 36.71
N THR C 583 -4.22 -63.20 37.89
CA THR C 583 -5.50 -62.63 38.24
C THR C 583 -5.65 -61.25 37.61
N LYS C 584 -6.87 -60.72 37.64
CA LYS C 584 -7.16 -59.40 37.11
C LYS C 584 -8.01 -58.61 38.10
N VAL C 585 -7.97 -57.29 37.94
CA VAL C 585 -8.70 -56.38 38.82
C VAL C 585 -10.17 -56.38 38.43
N ALA C 586 -11.04 -56.55 39.42
CA ALA C 586 -12.48 -56.42 39.21
C ALA C 586 -13.09 -55.30 40.05
N VAL C 587 -12.85 -55.31 41.36
CA VAL C 587 -13.40 -54.32 42.28
C VAL C 587 -12.23 -53.73 43.06
N MET C 588 -12.18 -52.41 43.16
CA MET C 588 -11.19 -51.79 44.01
C MET C 588 -11.56 -51.99 45.49
N PRO C 589 -10.55 -52.12 46.36
CA PRO C 589 -10.82 -52.41 47.78
C PRO C 589 -11.53 -51.26 48.48
N PRO C 590 -12.48 -51.56 49.36
CA PRO C 590 -13.14 -50.49 50.12
C PRO C 590 -12.21 -49.93 51.17
N GLY C 591 -12.57 -48.75 51.67
CA GLY C 591 -11.67 -48.06 52.57
C GLY C 591 -10.45 -47.56 51.83
N LEU C 592 -9.33 -47.48 52.55
CA LEU C 592 -8.08 -47.12 51.88
C LEU C 592 -7.46 -48.36 51.24
N ALA C 593 -7.00 -49.30 52.06
CA ALA C 593 -6.75 -50.72 51.74
C ALA C 593 -5.92 -50.93 50.47
N ARG C 594 -4.65 -50.51 50.56
CA ARG C 594 -3.81 -50.44 49.38
C ARG C 594 -3.36 -51.83 48.92
N GLU C 595 -2.46 -51.83 47.93
CA GLU C 595 -1.94 -53.04 47.32
C GLU C 595 -0.68 -53.50 48.04
N ASP C 596 -0.49 -54.83 48.06
CA ASP C 596 0.42 -55.46 49.02
C ASP C 596 1.88 -55.13 48.73
N TRP C 597 2.34 -55.44 47.53
CA TRP C 597 3.73 -55.11 47.16
C TRP C 597 3.92 -53.62 47.05
N LYS C 598 2.86 -52.88 46.73
CA LYS C 598 2.90 -51.43 46.76
C LYS C 598 3.10 -50.93 48.19
N ILE C 599 2.46 -51.59 49.17
CA ILE C 599 2.68 -51.28 50.57
C ILE C 599 4.12 -51.58 50.97
N ILE C 600 4.68 -52.68 50.47
CA ILE C 600 6.05 -53.05 50.83
C ILE C 600 7.06 -52.07 50.25
N ARG C 601 6.87 -51.64 49.00
CA ARG C 601 7.81 -50.69 48.41
C ARG C 601 7.65 -49.30 49.00
N ALA C 602 6.43 -48.92 49.39
CA ALA C 602 6.26 -47.66 50.10
C ALA C 602 6.88 -47.72 51.49
N LEU C 603 6.85 -48.89 52.13
CA LEU C 603 7.50 -49.06 53.42
C LEU C 603 9.01 -48.94 53.29
N SER C 604 9.56 -49.51 52.21
CA SER C 604 10.99 -49.34 51.94
C SER C 604 11.34 -47.90 51.60
N GLU C 605 10.43 -47.17 50.96
CA GLU C 605 10.70 -45.76 50.67
C GLU C 605 10.69 -44.93 51.94
N ILE C 606 9.74 -45.20 52.84
CA ILE C 606 9.65 -44.41 54.07
C ILE C 606 10.79 -44.76 55.02
N ALA C 607 11.17 -46.04 55.08
CA ALA C 607 12.39 -46.40 55.77
C ALA C 607 13.61 -45.87 55.02
N GLY C 608 14.73 -45.74 55.73
CA GLY C 608 15.92 -45.17 55.14
C GLY C 608 16.66 -46.08 54.18
N MET C 609 15.98 -46.53 53.14
CA MET C 609 16.54 -47.45 52.15
C MET C 609 15.77 -47.26 50.85
N THR C 610 16.05 -48.12 49.87
CA THR C 610 15.35 -48.05 48.61
C THR C 610 15.28 -49.43 47.98
N LEU C 611 14.33 -49.59 47.07
CA LEU C 611 14.19 -50.81 46.29
C LEU C 611 14.04 -50.46 44.82
N PRO C 612 14.67 -51.22 43.92
CA PRO C 612 14.74 -50.84 42.50
C PRO C 612 13.52 -51.25 41.67
N TYR C 613 12.33 -50.95 42.17
CA TYR C 613 11.12 -51.22 41.41
C TYR C 613 10.03 -50.25 41.83
N ASP C 614 9.22 -49.84 40.85
CA ASP C 614 8.04 -49.01 41.06
C ASP C 614 6.78 -49.59 40.44
N THR C 615 6.90 -50.23 39.28
CA THR C 615 5.75 -50.69 38.52
C THR C 615 5.60 -52.20 38.63
N LEU C 616 4.39 -52.67 38.30
CA LEU C 616 4.13 -54.10 38.28
C LEU C 616 4.88 -54.79 37.16
N ASP C 617 5.26 -54.07 36.10
CA ASP C 617 6.16 -54.64 35.10
C ASP C 617 7.55 -54.90 35.68
N GLN C 618 8.03 -53.98 36.52
CA GLN C 618 9.30 -54.20 37.20
C GLN C 618 9.20 -55.34 38.22
N VAL C 619 8.03 -55.47 38.86
CA VAL C 619 7.81 -56.58 39.77
C VAL C 619 7.75 -57.90 39.01
N ARG C 620 7.15 -57.89 37.82
CA ARG C 620 7.17 -59.07 36.94
C ARG C 620 8.58 -59.40 36.48
N ASN C 621 9.42 -58.38 36.27
CA ASN C 621 10.79 -58.63 35.88
C ASN C 621 11.57 -59.30 37.01
N ARG C 622 11.39 -58.82 38.23
CA ARG C 622 12.05 -59.48 39.36
C ARG C 622 11.47 -60.87 39.62
N LEU C 623 10.17 -61.06 39.40
CA LEU C 623 9.58 -62.39 39.50
C LEU C 623 10.11 -63.33 38.41
N GLU C 624 10.40 -62.79 37.23
CA GLU C 624 11.05 -63.56 36.18
C GLU C 624 12.46 -63.97 36.58
N GLU C 625 13.21 -63.05 37.19
CA GLU C 625 14.55 -63.36 37.64
C GLU C 625 14.59 -64.13 38.96
N VAL C 626 13.43 -64.39 39.57
CA VAL C 626 13.37 -65.43 40.61
C VAL C 626 12.98 -66.78 40.02
N SER C 627 11.95 -66.80 39.17
CA SER C 627 11.59 -68.02 38.45
C SER C 627 11.14 -67.67 37.04
N PRO C 628 11.66 -68.36 36.02
CA PRO C 628 11.33 -67.99 34.64
C PRO C 628 9.97 -68.50 34.18
N ASN C 629 9.45 -69.56 34.80
CA ASN C 629 8.15 -70.08 34.40
C ASN C 629 6.97 -69.31 34.98
N LEU C 630 7.22 -68.28 35.78
CA LEU C 630 6.15 -67.51 36.40
C LEU C 630 5.79 -66.28 35.59
N VAL C 631 6.09 -66.27 34.30
CA VAL C 631 5.59 -65.23 33.41
C VAL C 631 4.84 -65.91 32.27
N ARG C 632 5.18 -67.16 31.99
CA ARG C 632 4.51 -67.94 30.96
C ARG C 632 3.16 -68.36 31.51
N TYR C 633 2.18 -67.49 31.33
CA TYR C 633 0.87 -67.66 31.94
C TYR C 633 0.06 -68.66 31.13
N ASP C 634 -0.72 -69.48 31.85
CA ASP C 634 -1.50 -70.60 31.29
C ASP C 634 -0.61 -71.58 30.52
N ASP C 635 0.60 -71.80 31.02
CA ASP C 635 1.56 -72.69 30.38
C ASP C 635 2.03 -73.71 31.40
N VAL C 636 2.20 -74.95 30.95
CA VAL C 636 2.51 -76.06 31.83
C VAL C 636 3.68 -76.85 31.26
N GLU C 637 4.58 -77.29 32.13
CA GLU C 637 5.70 -78.14 31.75
C GLU C 637 6.09 -78.96 32.97
N GLY C 638 6.30 -80.26 32.76
CA GLY C 638 6.44 -81.21 33.85
C GLY C 638 7.80 -81.15 34.54
N ALA C 639 7.95 -82.04 35.51
CA ALA C 639 9.16 -82.16 36.31
C ALA C 639 9.74 -83.57 36.15
N ASN C 640 10.94 -83.75 36.68
CA ASN C 640 11.74 -84.96 36.47
C ASN C 640 12.58 -85.18 37.73
N TYR C 641 13.67 -85.95 37.58
CA TYR C 641 14.72 -86.15 38.60
C TYR C 641 14.17 -86.93 39.79
N PHE C 642 13.34 -87.93 39.48
CA PHE C 642 12.68 -88.72 40.51
C PHE C 642 13.66 -89.62 41.23
N GLN C 643 14.60 -90.22 40.48
CA GLN C 643 15.62 -91.06 41.10
C GLN C 643 16.60 -90.23 41.92
N GLN C 644 16.88 -89.00 41.49
CA GLN C 644 17.73 -88.11 42.29
C GLN C 644 17.05 -87.71 43.59
N ALA C 645 15.76 -87.38 43.53
CA ALA C 645 15.01 -87.07 44.76
C ALA C 645 14.88 -88.30 45.66
N SER C 646 14.80 -89.49 45.06
CA SER C 646 14.68 -90.71 45.85
C SER C 646 15.99 -91.06 46.55
N GLU C 647 17.13 -90.91 45.84
CA GLU C 647 18.41 -91.18 46.48
C GLU C 647 18.80 -90.07 47.45
N LEU C 648 18.23 -88.88 47.31
CA LEU C 648 18.36 -87.88 48.35
C LEU C 648 17.35 -88.06 49.47
N SER C 649 16.37 -88.96 49.30
CA SER C 649 15.42 -89.27 50.36
C SER C 649 15.93 -90.37 51.31
N LYS C 650 17.25 -90.56 51.40
CA LYS C 650 17.85 -91.51 52.32
C LYS C 650 18.80 -90.84 53.31
N LEU C 651 18.74 -89.50 53.44
CA LEU C 651 19.71 -88.80 54.27
C LEU C 651 19.43 -89.00 55.75
N VAL C 652 18.21 -88.71 56.19
CA VAL C 652 17.80 -88.92 57.57
C VAL C 652 16.78 -90.05 57.55
N ASN C 653 17.24 -91.26 57.82
CA ASN C 653 16.37 -92.43 57.82
C ASN C 653 15.58 -92.43 59.12
N GLN C 654 14.30 -92.04 59.02
CA GLN C 654 13.46 -91.86 60.19
C GLN C 654 12.53 -93.05 60.37
N GLN C 655 12.13 -93.27 61.62
CA GLN C 655 11.17 -94.31 61.94
C GLN C 655 9.76 -93.89 61.53
N LEU C 656 8.83 -94.85 61.62
CA LEU C 656 7.44 -94.63 61.21
C LEU C 656 6.55 -95.08 62.35
N LEU C 657 5.55 -94.25 62.67
CA LEU C 657 4.64 -94.56 63.77
C LEU C 657 3.70 -95.71 63.41
N ALA C 658 2.99 -96.20 64.43
CA ALA C 658 1.95 -97.18 64.27
C ALA C 658 0.57 -96.62 64.56
N ASP C 659 0.48 -95.35 64.97
CA ASP C 659 -0.80 -94.74 65.28
C ASP C 659 -1.63 -94.51 64.02
N PRO C 660 -2.95 -94.66 64.11
CA PRO C 660 -3.80 -94.50 62.91
C PRO C 660 -3.85 -93.06 62.45
N LEU C 661 -3.45 -92.85 61.19
CA LEU C 661 -3.42 -91.52 60.61
C LEU C 661 -4.80 -91.14 60.08
N VAL C 662 -5.23 -89.93 60.40
CA VAL C 662 -6.57 -89.49 60.05
C VAL C 662 -6.55 -88.01 59.65
N PRO C 663 -7.23 -87.64 58.55
CA PRO C 663 -7.24 -86.25 58.14
C PRO C 663 -8.15 -85.44 59.04
N PRO C 664 -7.90 -84.14 59.19
CA PRO C 664 -8.85 -83.29 59.90
C PRO C 664 -10.09 -82.97 59.09
N GLN C 665 -9.96 -82.79 57.77
CA GLN C 665 -11.10 -82.53 56.91
C GLN C 665 -11.92 -83.80 56.79
N LEU C 666 -12.94 -83.95 57.63
CA LEU C 666 -13.64 -85.22 57.73
C LEU C 666 -15.11 -85.14 57.33
N THR C 667 -15.75 -83.98 57.36
CA THR C 667 -17.17 -83.91 57.02
C THR C 667 -17.51 -82.53 56.49
N ILE C 668 -18.83 -82.28 56.38
CA ILE C 668 -19.39 -81.11 55.69
C ILE C 668 -18.95 -79.82 56.37
N LYS C 669 -19.15 -79.75 57.68
CA LYS C 669 -18.88 -78.52 58.43
C LYS C 669 -17.40 -78.21 58.49
N ASP C 670 -16.55 -79.24 58.55
CA ASP C 670 -15.12 -79.01 58.58
C ASP C 670 -14.58 -78.74 57.18
N PHE C 671 -15.36 -79.03 56.14
CA PHE C 671 -15.01 -78.48 54.84
C PHE C 671 -15.40 -77.01 54.73
N TYR C 672 -16.56 -76.64 55.28
CA TYR C 672 -17.06 -75.29 55.07
C TYR C 672 -16.27 -74.26 55.87
N MET C 673 -16.14 -74.49 57.19
CA MET C 673 -15.68 -73.42 58.08
C MET C 673 -14.19 -73.14 57.99
N THR C 674 -13.37 -74.12 57.62
CA THR C 674 -11.93 -74.02 57.86
C THR C 674 -11.23 -73.33 56.69
N ASP C 675 -11.58 -72.05 56.54
CA ASP C 675 -10.87 -71.04 55.77
C ASP C 675 -11.28 -69.69 56.33
N SER C 676 -10.48 -68.66 56.03
CA SER C 676 -10.76 -67.34 56.58
C SER C 676 -12.01 -66.71 55.96
N ILE C 677 -12.05 -66.65 54.63
CA ILE C 677 -13.11 -65.92 53.94
C ILE C 677 -14.42 -66.70 54.04
N SER C 678 -14.36 -68.02 53.96
CA SER C 678 -15.56 -68.82 54.15
C SER C 678 -15.97 -68.85 55.62
N ARG C 679 -15.01 -68.67 56.54
CA ARG C 679 -15.34 -68.57 57.95
C ARG C 679 -16.03 -67.26 58.25
N ALA C 680 -15.80 -66.24 57.42
CA ALA C 680 -16.41 -64.94 57.65
C ALA C 680 -17.92 -64.98 57.43
N SER C 681 -18.40 -65.58 56.34
CA SER C 681 -19.75 -65.39 55.85
C SER C 681 -20.82 -65.98 56.77
N GLN C 682 -22.05 -65.55 56.54
CA GLN C 682 -23.21 -66.03 57.29
C GLN C 682 -24.02 -67.07 56.54
N THR C 683 -23.97 -67.08 55.21
CA THR C 683 -24.71 -68.09 54.46
C THR C 683 -24.09 -69.46 54.63
N MET C 684 -22.78 -69.52 54.82
CA MET C 684 -22.13 -70.75 55.24
C MET C 684 -22.61 -71.19 56.61
N ALA C 685 -22.86 -70.24 57.52
CA ALA C 685 -23.42 -70.59 58.82
C ALA C 685 -24.84 -71.10 58.71
N LYS C 686 -25.60 -70.55 57.75
CA LYS C 686 -26.96 -71.02 57.49
C LYS C 686 -26.96 -72.46 57.01
N CYS C 687 -26.07 -72.79 56.07
CA CYS C 687 -26.05 -74.17 55.61
C CYS C 687 -25.38 -75.12 56.60
N VAL C 688 -24.48 -74.63 57.46
CA VAL C 688 -23.94 -75.46 58.53
C VAL C 688 -25.03 -75.81 59.55
N LYS C 689 -25.83 -74.82 59.96
CA LYS C 689 -26.93 -75.14 60.86
C LYS C 689 -28.06 -75.88 60.15
N ALA C 690 -28.09 -75.85 58.82
CA ALA C 690 -28.99 -76.73 58.08
C ALA C 690 -28.47 -78.16 58.06
N VAL C 691 -27.16 -78.34 58.07
CA VAL C 691 -26.58 -79.68 58.20
C VAL C 691 -26.84 -80.24 59.60
N THR C 692 -26.58 -79.43 60.62
CA THR C 692 -26.80 -79.87 62.00
C THR C 692 -28.27 -79.88 62.38
N GLU C 693 -29.14 -79.28 61.58
CA GLU C 693 -30.57 -79.22 61.87
C GLU C 693 -31.38 -79.63 60.65
N ALA D 1 32.66 17.62 -34.98
CA ALA D 1 32.88 18.62 -36.03
C ALA D 1 33.37 19.91 -35.42
N ARG D 2 33.97 19.78 -34.22
CA ARG D 2 34.78 20.78 -33.52
C ARG D 2 33.93 21.91 -32.91
N GLN D 3 32.64 21.97 -33.25
CA GLN D 3 31.73 22.84 -32.52
C GLN D 3 31.27 22.11 -31.27
N TRP D 4 31.54 22.69 -30.11
CA TRP D 4 31.33 21.99 -28.86
C TRP D 4 29.85 21.87 -28.53
N GLN D 5 29.47 20.74 -27.95
CA GLN D 5 28.13 20.50 -27.46
C GLN D 5 28.20 19.99 -26.03
N PRO D 6 27.21 20.32 -25.19
CA PRO D 6 27.23 19.84 -23.81
C PRO D 6 26.94 18.35 -23.73
N ASP D 7 27.27 17.79 -22.57
CA ASP D 7 27.38 16.35 -22.39
C ASP D 7 26.30 15.85 -21.44
N VAL D 8 26.38 14.55 -21.15
CA VAL D 8 25.47 13.90 -20.21
C VAL D 8 25.63 14.48 -18.82
N GLU D 9 26.87 14.85 -18.45
CA GLU D 9 27.07 15.45 -17.14
C GLU D 9 26.57 16.89 -17.09
N TRP D 10 26.61 17.61 -18.22
CA TRP D 10 25.96 18.93 -18.26
C TRP D 10 24.47 18.80 -18.09
N ALA D 11 23.86 17.81 -18.74
CA ALA D 11 22.44 17.59 -18.59
C ALA D 11 22.07 17.15 -17.19
N GLU D 12 22.96 16.42 -16.53
CA GLU D 12 22.72 16.10 -15.13
C GLU D 12 22.94 17.29 -14.22
N GLN D 13 23.79 18.24 -14.62
CA GLN D 13 23.86 19.51 -13.91
C GLN D 13 22.56 20.28 -14.03
N TYR D 14 21.88 20.18 -15.16
CA TYR D 14 20.50 20.67 -15.21
C TYR D 14 19.50 19.56 -14.89
N GLY D 15 19.72 18.86 -13.80
CA GLY D 15 18.89 17.71 -13.46
C GLY D 15 18.58 17.69 -11.98
N GLY D 16 17.41 17.15 -11.66
CA GLY D 16 16.92 17.09 -10.31
C GLY D 16 15.66 17.93 -10.12
N ALA D 17 15.11 17.84 -8.93
CA ALA D 17 13.89 18.58 -8.61
C ALA D 17 14.19 20.07 -8.45
N VAL D 18 15.31 20.41 -7.84
CA VAL D 18 15.70 21.79 -7.67
C VAL D 18 16.93 22.06 -8.53
N MET D 19 17.36 23.31 -8.56
CA MET D 19 18.56 23.66 -9.29
C MET D 19 19.80 23.65 -8.39
N TYR D 20 19.81 24.50 -7.37
CA TYR D 20 21.02 24.73 -6.61
C TYR D 20 21.08 23.82 -5.39
N PRO D 21 22.13 23.04 -5.22
CA PRO D 21 22.26 22.23 -4.01
C PRO D 21 22.71 23.07 -2.82
N THR D 22 22.11 22.77 -1.66
CA THR D 22 22.44 23.40 -0.39
C THR D 22 22.69 22.31 0.63
N LYS D 23 22.77 22.70 1.91
CA LYS D 23 22.74 21.70 2.97
C LYS D 23 21.39 21.02 3.06
N GLU D 24 20.32 21.71 2.66
CA GLU D 24 18.97 21.29 3.00
C GLU D 24 18.28 20.52 1.91
N THR D 25 18.62 20.78 0.64
CA THR D 25 17.73 20.38 -0.45
C THR D 25 18.09 19.00 -1.06
N ALA D 26 18.63 18.09 -0.25
CA ALA D 26 18.86 16.72 -0.70
C ALA D 26 17.59 15.88 -0.76
N HIS D 27 16.58 16.23 0.02
CA HIS D 27 15.37 15.43 0.12
C HIS D 27 14.36 15.73 -0.97
N TRP D 28 14.67 16.63 -1.89
CA TRP D 28 13.77 16.99 -2.98
C TRP D 28 13.91 15.96 -4.09
N LYS D 29 13.03 14.96 -4.06
CA LYS D 29 13.02 13.93 -5.08
C LYS D 29 12.39 14.48 -6.37
N PRO D 30 12.80 13.95 -7.54
CA PRO D 30 12.19 14.41 -8.79
C PRO D 30 10.75 13.94 -8.90
N PRO D 31 9.89 14.70 -9.56
CA PRO D 31 8.48 14.31 -9.71
C PRO D 31 8.36 13.13 -10.66
N PRO D 32 7.25 12.39 -10.61
CA PRO D 32 7.03 11.35 -11.61
C PRO D 32 6.72 11.96 -12.96
N TRP D 33 7.20 11.30 -14.00
CA TRP D 33 7.15 11.85 -15.35
C TRP D 33 5.76 11.81 -15.96
N ASN D 34 4.83 11.08 -15.34
CA ASN D 34 3.44 11.08 -15.75
C ASN D 34 2.58 11.97 -14.87
N ASP D 35 3.20 12.71 -13.94
CA ASP D 35 2.52 13.48 -12.88
C ASP D 35 1.55 12.62 -12.08
N VAL D 36 1.89 11.34 -11.90
CA VAL D 36 1.03 10.39 -11.21
C VAL D 36 1.93 9.57 -10.28
N ASP D 37 1.68 9.67 -8.98
CA ASP D 37 2.42 8.86 -8.02
C ASP D 37 1.95 7.42 -8.08
N PRO D 38 2.77 6.48 -7.61
CA PRO D 38 2.29 5.10 -7.35
C PRO D 38 1.61 5.01 -6.00
N PRO D 39 0.30 5.25 -5.93
CA PRO D 39 -0.33 5.60 -4.66
C PRO D 39 -0.43 4.41 -3.72
N LYS D 40 -0.73 4.71 -2.46
CA LYS D 40 -0.97 3.65 -1.49
C LYS D 40 -2.31 3.00 -1.75
N ASP D 41 -2.31 1.67 -1.84
CA ASP D 41 -3.56 0.91 -1.95
C ASP D 41 -4.05 0.54 -0.54
N THR D 42 -4.36 1.60 0.23
CA THR D 42 -4.75 1.44 1.63
C THR D 42 -6.23 1.04 1.69
N LEU D 43 -6.48 -0.20 1.31
CA LEU D 43 -7.70 -0.92 1.63
C LEU D 43 -7.26 -2.37 1.74
N VAL D 44 -6.93 -2.78 2.95
CA VAL D 44 -6.31 -4.09 3.16
C VAL D 44 -7.34 -5.19 3.03
N SER D 45 -8.50 -5.01 3.65
CA SER D 45 -9.59 -5.96 3.53
C SER D 45 -10.89 -5.20 3.35
N ASN D 46 -11.93 -5.95 2.99
CA ASN D 46 -13.28 -5.40 2.95
C ASN D 46 -13.84 -5.33 4.37
N LEU D 47 -15.11 -4.95 4.47
CA LEU D 47 -15.76 -4.86 5.78
C LEU D 47 -16.06 -6.26 6.29
N THR D 48 -15.35 -6.69 7.33
CA THR D 48 -15.46 -8.04 7.85
C THR D 48 -16.29 -8.03 9.11
N LEU D 49 -17.48 -8.61 9.05
CA LEU D 49 -18.44 -8.59 10.13
C LEU D 49 -18.63 -10.00 10.68
N ASN D 50 -18.50 -10.13 12.00
CA ASN D 50 -18.59 -11.39 12.70
C ASN D 50 -19.93 -11.40 13.44
N PHE D 51 -20.99 -11.81 12.75
CA PHE D 51 -22.30 -11.94 13.38
C PHE D 51 -22.30 -13.17 14.27
N GLY D 52 -22.32 -12.95 15.57
CA GLY D 52 -22.30 -14.01 16.54
C GLY D 52 -23.69 -14.53 16.87
N PRO D 53 -23.80 -15.27 17.97
CA PRO D 53 -25.06 -15.93 18.30
C PRO D 53 -26.10 -15.06 19.01
N GLN D 54 -25.96 -13.75 19.04
CA GLN D 54 -27.02 -12.93 19.67
C GLN D 54 -28.19 -12.76 18.71
N VAL D 61 -29.43 -21.20 15.51
CA VAL D 61 -28.41 -20.29 15.99
C VAL D 61 -27.08 -20.60 15.33
N LEU D 62 -26.51 -19.58 14.70
CA LEU D 62 -25.42 -19.74 13.75
C LEU D 62 -24.33 -18.71 14.04
N ARG D 63 -23.19 -18.87 13.37
CA ARG D 63 -22.20 -17.82 13.28
C ARG D 63 -22.01 -17.49 11.82
N LEU D 64 -21.98 -16.20 11.49
CA LEU D 64 -21.80 -15.81 10.09
C LEU D 64 -20.69 -14.79 10.02
N VAL D 65 -19.62 -15.12 9.31
CA VAL D 65 -18.53 -14.17 9.10
C VAL D 65 -18.63 -13.71 7.65
N MET D 66 -19.17 -12.52 7.41
CA MET D 66 -19.28 -12.04 6.04
C MET D 66 -18.22 -10.98 5.78
N GLU D 67 -17.66 -11.02 4.58
CA GLU D 67 -16.70 -10.04 4.11
C GLU D 67 -17.37 -9.30 2.97
N LEU D 68 -17.56 -7.99 3.13
CA LEU D 68 -18.47 -7.26 2.28
C LEU D 68 -17.83 -6.00 1.71
N SER D 69 -17.96 -5.81 0.40
CA SER D 69 -17.98 -4.46 -0.13
C SER D 69 -19.33 -3.85 0.24
N GLY D 70 -19.31 -2.55 0.53
CA GLY D 70 -20.28 -1.82 1.34
C GLY D 70 -21.75 -1.85 0.97
N GLU D 71 -22.59 -2.20 1.96
CA GLU D 71 -24.04 -2.45 1.80
C GLU D 71 -24.34 -3.44 0.68
N MET D 72 -23.40 -4.35 0.50
CA MET D 72 -23.35 -5.36 -0.54
C MET D 72 -22.50 -6.41 0.15
N VAL D 73 -21.77 -7.23 -0.58
CA VAL D 73 -21.08 -8.40 -0.02
C VAL D 73 -19.75 -8.54 -0.74
N ARG D 74 -18.97 -9.55 -0.34
CA ARG D 74 -18.12 -10.24 -1.29
C ARG D 74 -18.27 -11.74 -1.10
N LYS D 75 -18.11 -12.18 0.15
CA LYS D 75 -18.14 -13.59 0.52
C LYS D 75 -18.76 -13.72 1.90
N CYS D 76 -19.08 -14.95 2.28
CA CYS D 76 -19.61 -15.21 3.61
C CYS D 76 -19.27 -16.64 4.02
N ASP D 77 -18.67 -16.79 5.21
CA ASP D 77 -18.41 -18.09 5.78
C ASP D 77 -19.48 -18.40 6.80
N PRO D 78 -20.36 -19.37 6.56
CA PRO D 78 -21.25 -19.81 7.62
C PRO D 78 -20.53 -20.74 8.57
N HIS D 79 -20.14 -20.25 9.74
CA HIS D 79 -19.64 -21.12 10.79
C HIS D 79 -20.83 -21.78 11.46
N ILE D 80 -21.00 -23.06 11.18
CA ILE D 80 -22.05 -23.90 11.73
C ILE D 80 -21.34 -25.01 12.51
N GLY D 81 -22.10 -25.73 13.32
CA GLY D 81 -21.54 -26.63 14.30
C GLY D 81 -21.65 -26.11 15.70
N LEU D 82 -22.31 -24.95 15.87
CA LEU D 82 -22.69 -24.49 17.20
C LEU D 82 -23.56 -25.52 17.90
N LEU D 83 -24.57 -26.01 17.19
CA LEU D 83 -25.52 -26.96 17.76
C LEU D 83 -25.12 -28.38 17.37
N HIS D 84 -23.90 -28.79 17.72
CA HIS D 84 -23.47 -30.16 17.54
C HIS D 84 -23.71 -30.94 18.82
N ARG D 85 -24.25 -32.15 18.69
CA ARG D 85 -24.64 -32.93 19.85
C ARG D 85 -24.11 -34.35 19.85
N GLY D 86 -23.57 -34.85 18.74
CA GLY D 86 -23.01 -36.19 18.73
C GLY D 86 -24.02 -37.29 18.52
N THR D 87 -25.01 -37.05 17.65
CA THR D 87 -26.17 -37.94 17.56
C THR D 87 -25.79 -39.28 16.96
N GLU D 88 -24.92 -39.28 15.94
CA GLU D 88 -24.53 -40.53 15.31
C GLU D 88 -23.73 -41.41 16.26
N LYS D 89 -22.89 -40.80 17.08
CA LYS D 89 -22.12 -41.55 18.07
C LYS D 89 -23.02 -42.15 19.14
N LEU D 90 -23.99 -41.35 19.62
CA LEU D 90 -24.92 -41.89 20.62
C LEU D 90 -25.81 -42.99 20.05
N ILE D 91 -26.15 -42.94 18.77
CA ILE D 91 -26.91 -44.05 18.21
C ILE D 91 -26.02 -45.26 18.00
N GLU D 92 -24.72 -45.04 17.72
CA GLU D 92 -23.80 -46.17 17.63
C GLU D 92 -23.55 -46.84 18.97
N TYR D 93 -23.84 -46.17 20.08
CA TYR D 93 -23.74 -46.85 21.37
C TYR D 93 -25.10 -47.22 21.96
N LYS D 94 -26.15 -47.30 21.15
CA LYS D 94 -27.45 -47.72 21.64
C LYS D 94 -28.09 -48.70 20.67
N THR D 95 -29.32 -49.10 20.97
CA THR D 95 -30.07 -50.04 20.16
C THR D 95 -30.93 -49.27 19.16
N TYR D 96 -31.84 -49.97 18.50
CA TYR D 96 -32.70 -49.34 17.51
C TYR D 96 -33.86 -48.62 18.18
N LEU D 97 -34.64 -49.38 18.94
CA LEU D 97 -35.86 -48.89 19.58
C LEU D 97 -35.56 -47.82 20.61
N GLN D 98 -34.42 -47.91 21.29
CA GLN D 98 -34.06 -46.89 22.25
C GLN D 98 -33.61 -45.61 21.57
N ALA D 99 -32.91 -45.69 20.44
CA ALA D 99 -32.34 -44.50 19.84
C ALA D 99 -33.20 -43.93 18.72
N LEU D 100 -34.41 -44.44 18.54
CA LEU D 100 -35.39 -43.75 17.70
C LEU D 100 -35.68 -42.27 18.04
N PRO D 101 -35.77 -41.82 19.30
CA PRO D 101 -36.02 -40.38 19.52
C PRO D 101 -34.90 -39.44 19.08
N TYR D 102 -33.66 -39.92 18.95
CA TYR D 102 -32.62 -39.10 18.33
C TYR D 102 -32.99 -38.75 16.89
N PHE D 103 -33.50 -39.73 16.15
CA PHE D 103 -34.05 -39.45 14.83
C PHE D 103 -35.29 -38.58 14.92
N ASP D 104 -36.05 -38.67 16.02
CA ASP D 104 -37.21 -37.81 16.15
C ASP D 104 -36.82 -36.35 16.32
N ARG D 105 -35.67 -36.07 16.94
CA ARG D 105 -35.36 -34.70 17.31
C ARG D 105 -34.09 -34.13 16.69
N LEU D 106 -33.46 -34.81 15.73
CA LEU D 106 -32.41 -34.12 14.97
C LEU D 106 -33.01 -33.00 14.13
N ASP D 107 -34.09 -33.28 13.43
CA ASP D 107 -35.01 -32.24 13.00
C ASP D 107 -36.11 -32.14 14.03
N TYR D 108 -36.63 -30.93 14.22
CA TYR D 108 -37.65 -30.75 15.24
C TYR D 108 -38.93 -30.08 14.77
N VAL D 109 -38.92 -29.35 13.66
CA VAL D 109 -40.15 -28.73 13.21
C VAL D 109 -41.00 -29.75 12.47
N SER D 110 -40.46 -30.35 11.41
CA SER D 110 -41.00 -31.62 10.97
C SER D 110 -40.64 -32.65 12.02
N MET D 111 -41.63 -33.42 12.46
CA MET D 111 -41.46 -34.25 13.63
C MET D 111 -41.92 -35.69 13.47
N MET D 112 -42.79 -35.99 12.52
CA MET D 112 -43.22 -37.36 12.33
C MET D 112 -42.75 -37.96 11.01
N CYS D 113 -42.31 -37.12 10.07
CA CYS D 113 -41.70 -37.67 8.86
C CYS D 113 -40.34 -38.26 9.16
N ASN D 114 -39.64 -37.76 10.19
CA ASN D 114 -38.37 -38.36 10.58
C ASN D 114 -38.58 -39.75 11.16
N GLU D 115 -39.59 -39.87 12.04
CA GLU D 115 -40.10 -41.16 12.48
C GLU D 115 -40.44 -42.06 11.31
N GLN D 116 -41.12 -41.50 10.30
CA GLN D 116 -41.56 -42.27 9.15
C GLN D 116 -40.37 -42.80 8.35
N ALA D 117 -39.35 -41.98 8.17
CA ALA D 117 -38.19 -42.40 7.40
C ALA D 117 -37.36 -43.43 8.14
N TYR D 118 -37.21 -43.27 9.47
CA TYR D 118 -36.45 -44.27 10.21
C TYR D 118 -37.20 -45.59 10.29
N SER D 119 -38.51 -45.53 10.48
CA SER D 119 -39.31 -46.74 10.53
C SER D 119 -39.32 -47.45 9.19
N LEU D 120 -39.39 -46.70 8.09
CA LEU D 120 -39.33 -47.34 6.80
C LEU D 120 -37.94 -47.84 6.45
N ALA D 121 -36.89 -47.22 7.02
CA ALA D 121 -35.55 -47.76 6.85
C ALA D 121 -35.41 -49.12 7.53
N VAL D 122 -35.92 -49.24 8.76
CA VAL D 122 -35.81 -50.50 9.47
C VAL D 122 -36.74 -51.55 8.85
N GLU D 123 -37.92 -51.15 8.40
CA GLU D 123 -38.82 -52.10 7.74
C GLU D 123 -38.29 -52.53 6.39
N LYS D 124 -37.61 -51.64 5.67
CA LYS D 124 -37.04 -52.00 4.38
C LYS D 124 -35.84 -52.91 4.55
N LEU D 125 -35.05 -52.72 5.62
CA LEU D 125 -33.97 -53.66 5.87
C LEU D 125 -34.52 -54.99 6.35
N LEU D 126 -35.59 -54.96 7.14
CA LEU D 126 -36.08 -56.14 7.83
C LEU D 126 -37.09 -56.92 6.99
N ASN D 127 -37.44 -56.40 5.80
CA ASN D 127 -38.31 -57.05 4.82
C ASN D 127 -39.69 -57.37 5.39
N ILE D 128 -40.22 -56.44 6.18
CA ILE D 128 -41.54 -56.60 6.79
C ILE D 128 -42.38 -55.38 6.46
N GLN D 129 -43.52 -55.61 5.81
CA GLN D 129 -44.51 -54.61 5.40
C GLN D 129 -45.52 -54.40 6.52
N PRO D 130 -45.81 -53.15 6.87
CA PRO D 130 -46.82 -52.88 7.90
C PRO D 130 -48.22 -53.18 7.38
N PRO D 131 -49.21 -53.36 8.26
CA PRO D 131 -50.60 -53.51 7.81
C PRO D 131 -51.09 -52.23 7.16
N PRO D 132 -52.15 -52.30 6.33
CA PRO D 132 -52.49 -51.13 5.51
C PRO D 132 -53.07 -49.97 6.29
N ARG D 133 -53.82 -50.21 7.36
CA ARG D 133 -54.32 -49.12 8.20
C ARG D 133 -53.17 -48.33 8.82
N ALA D 134 -52.08 -49.02 9.18
CA ALA D 134 -50.89 -48.34 9.66
C ALA D 134 -50.29 -47.45 8.58
N GLN D 135 -50.31 -47.91 7.33
CA GLN D 135 -49.79 -47.10 6.23
C GLN D 135 -50.62 -45.86 5.99
N TRP D 136 -51.95 -45.99 6.02
CA TRP D 136 -52.80 -44.82 5.76
C TRP D 136 -52.74 -43.83 6.93
N ILE D 137 -52.64 -44.33 8.17
CA ILE D 137 -52.49 -43.42 9.31
C ILE D 137 -51.15 -42.72 9.28
N ARG D 138 -50.10 -43.44 8.85
CA ARG D 138 -48.80 -42.84 8.66
C ARG D 138 -48.81 -41.78 7.56
N VAL D 139 -49.61 -42.00 6.52
CA VAL D 139 -49.77 -40.99 5.46
C VAL D 139 -50.47 -39.75 6.00
N LEU D 140 -51.53 -39.94 6.80
CA LEU D 140 -52.24 -38.83 7.43
C LEU D 140 -51.33 -37.99 8.30
N PHE D 141 -50.51 -38.63 9.13
CA PHE D 141 -49.65 -37.83 10.00
C PHE D 141 -48.45 -37.27 9.27
N GLY D 142 -48.02 -37.91 8.17
CA GLY D 142 -47.04 -37.28 7.30
C GLY D 142 -47.58 -36.02 6.65
N GLU D 143 -48.87 -36.00 6.32
CA GLU D 143 -49.46 -34.79 5.75
C GLU D 143 -49.63 -33.71 6.80
N ILE D 144 -49.98 -34.10 8.03
CA ILE D 144 -50.01 -33.14 9.14
C ILE D 144 -48.63 -32.52 9.37
N THR D 145 -47.59 -33.34 9.32
CA THR D 145 -46.23 -32.87 9.52
C THR D 145 -45.78 -31.97 8.37
N ARG D 146 -46.18 -32.31 7.15
CA ARG D 146 -45.85 -31.49 5.99
C ARG D 146 -46.52 -30.12 6.08
N LEU D 147 -47.80 -30.11 6.43
CA LEU D 147 -48.55 -28.88 6.63
C LEU D 147 -47.93 -28.03 7.72
N LEU D 148 -47.53 -28.66 8.82
CA LEU D 148 -46.99 -27.95 9.97
C LEU D 148 -45.62 -27.34 9.68
N ASN D 149 -44.72 -28.10 9.04
CA ASN D 149 -43.40 -27.57 8.75
C ASN D 149 -43.45 -26.47 7.71
N HIS D 150 -44.29 -26.61 6.67
CA HIS D 150 -44.39 -25.53 5.69
C HIS D 150 -45.01 -24.28 6.29
N ILE D 151 -46.00 -24.44 7.17
CA ILE D 151 -46.62 -23.23 7.72
C ILE D 151 -45.70 -22.57 8.73
N MET D 152 -44.86 -23.34 9.43
CA MET D 152 -43.93 -22.67 10.33
C MET D 152 -42.80 -22.02 9.56
N ALA D 153 -42.38 -22.61 8.44
CA ALA D 153 -41.34 -21.98 7.62
C ALA D 153 -41.83 -20.67 7.01
N VAL D 154 -43.09 -20.66 6.55
CA VAL D 154 -43.70 -19.43 6.05
C VAL D 154 -43.78 -18.39 7.16
N THR D 155 -44.20 -18.78 8.36
CA THR D 155 -44.35 -17.78 9.42
C THR D 155 -43.03 -17.31 9.98
N THR D 156 -42.00 -18.17 10.03
CA THR D 156 -40.73 -17.68 10.51
C THR D 156 -40.01 -16.84 9.46
N HIS D 157 -40.27 -17.10 8.18
CA HIS D 157 -39.79 -16.22 7.13
C HIS D 157 -40.48 -14.87 7.21
N ALA D 158 -41.78 -14.87 7.52
CA ALA D 158 -42.52 -13.63 7.69
C ALA D 158 -42.05 -12.85 8.90
N LEU D 159 -41.81 -13.53 10.02
CA LEU D 159 -41.37 -12.83 11.23
C LEU D 159 -39.96 -12.29 11.06
N ASP D 160 -39.08 -13.04 10.41
CA ASP D 160 -37.73 -12.53 10.23
C ASP D 160 -37.67 -11.45 9.16
N ILE D 161 -38.62 -11.46 8.22
CA ILE D 161 -38.67 -10.40 7.22
C ILE D 161 -39.44 -9.18 7.73
N GLY D 162 -40.15 -9.31 8.85
CA GLY D 162 -40.99 -8.25 9.37
C GLY D 162 -42.28 -8.83 9.91
N ALA D 163 -43.42 -8.33 9.42
CA ALA D 163 -44.71 -9.05 9.27
C ALA D 163 -45.14 -9.80 10.54
N MET D 164 -45.50 -9.00 11.55
CA MET D 164 -45.67 -9.53 12.90
C MET D 164 -46.83 -10.52 13.01
N THR D 165 -48.01 -10.13 12.53
CA THR D 165 -49.24 -10.86 12.86
C THR D 165 -49.58 -12.21 12.19
N PRO D 166 -49.22 -12.52 10.92
CA PRO D 166 -49.69 -13.81 10.37
C PRO D 166 -48.97 -15.00 10.98
N PHE D 167 -47.75 -14.76 11.47
CA PHE D 167 -47.07 -15.61 12.44
C PHE D 167 -48.00 -16.14 13.51
N PHE D 168 -48.72 -15.22 14.18
CA PHE D 168 -49.54 -15.62 15.30
C PHE D 168 -50.87 -16.23 14.88
N TRP D 169 -51.40 -15.79 13.75
CA TRP D 169 -52.59 -16.44 13.19
C TRP D 169 -52.34 -17.93 12.91
N MET D 170 -51.30 -18.20 12.13
CA MET D 170 -51.04 -19.58 11.77
C MET D 170 -50.47 -20.38 12.93
N PHE D 171 -49.85 -19.71 13.93
CA PHE D 171 -49.51 -20.46 15.13
C PHE D 171 -50.69 -20.79 16.01
N GLU D 172 -51.79 -20.03 15.96
CA GLU D 172 -53.00 -20.52 16.64
C GLU D 172 -53.52 -21.78 15.97
N GLU D 173 -53.47 -21.81 14.64
CA GLU D 173 -53.84 -23.04 13.92
C GLU D 173 -52.90 -24.20 14.30
N ARG D 174 -51.61 -23.90 14.45
CA ARG D 174 -50.67 -24.93 14.88
C ARG D 174 -50.91 -25.35 16.33
N GLU D 175 -51.47 -24.47 17.16
CA GLU D 175 -51.86 -24.88 18.51
C GLU D 175 -52.98 -25.91 18.48
N LYS D 176 -53.92 -25.75 17.55
CA LYS D 176 -54.87 -26.84 17.30
C LYS D 176 -54.15 -28.12 16.88
N MET D 177 -53.09 -28.00 16.08
CA MET D 177 -52.41 -29.21 15.63
C MET D 177 -51.63 -29.88 16.75
N PHE D 178 -51.09 -29.11 17.69
CA PHE D 178 -50.44 -29.73 18.84
C PHE D 178 -51.45 -30.34 19.79
N GLU D 179 -52.66 -29.77 19.86
CA GLU D 179 -53.74 -30.46 20.57
C GLU D 179 -54.07 -31.80 19.93
N PHE D 180 -54.01 -31.87 18.60
CA PHE D 180 -54.21 -33.15 17.92
C PHE D 180 -53.11 -34.15 18.25
N TYR D 181 -51.84 -33.73 18.25
CA TYR D 181 -50.75 -34.61 18.67
C TYR D 181 -50.93 -35.10 20.11
N GLU D 182 -51.40 -34.20 20.99
CA GLU D 182 -51.65 -34.57 22.38
C GLU D 182 -52.72 -35.65 22.47
N ARG D 183 -53.82 -35.47 21.75
CA ARG D 183 -54.89 -36.47 21.76
C ARG D 183 -54.46 -37.77 21.11
N VAL D 184 -53.52 -37.72 20.18
CA VAL D 184 -53.01 -38.96 19.58
C VAL D 184 -52.14 -39.73 20.56
N SER D 185 -51.06 -39.10 21.02
CA SER D 185 -50.10 -39.80 21.87
C SER D 185 -50.10 -39.27 23.29
N GLY D 186 -49.95 -37.96 23.45
CA GLY D 186 -49.78 -37.35 24.75
C GLY D 186 -48.72 -36.29 24.75
N ALA D 187 -47.69 -36.46 23.93
CA ALA D 187 -46.63 -35.46 23.86
C ALA D 187 -47.11 -34.23 23.10
N ARG D 188 -46.50 -33.10 23.44
CA ARG D 188 -46.78 -31.86 22.72
C ARG D 188 -46.15 -31.91 21.33
N MET D 189 -44.84 -32.05 21.27
CA MET D 189 -44.10 -32.01 20.01
C MET D 189 -43.42 -33.33 19.69
N HIS D 190 -42.54 -33.82 20.57
CA HIS D 190 -41.68 -34.95 20.22
C HIS D 190 -42.34 -36.28 20.56
N ALA D 191 -43.49 -36.51 19.93
CA ALA D 191 -44.15 -37.79 20.04
C ALA D 191 -43.39 -38.79 19.19
N ALA D 192 -42.85 -39.83 19.82
CA ALA D 192 -42.19 -40.88 19.07
C ALA D 192 -43.19 -41.63 18.20
N TYR D 193 -44.02 -42.46 18.82
CA TYR D 193 -45.29 -42.95 18.32
C TYR D 193 -45.24 -43.82 17.05
N VAL D 194 -44.12 -43.85 16.34
CA VAL D 194 -44.02 -44.60 15.10
C VAL D 194 -42.93 -45.65 15.34
N ARG D 195 -43.35 -46.80 15.76
CA ARG D 195 -42.37 -47.84 15.92
C ARG D 195 -42.02 -48.42 14.57
N PRO D 196 -40.81 -48.89 14.40
CA PRO D 196 -40.52 -49.75 13.26
C PRO D 196 -41.32 -51.04 13.36
N GLY D 197 -42.23 -51.23 12.40
CA GLY D 197 -43.19 -52.30 12.50
C GLY D 197 -44.59 -51.74 12.51
N GLY D 198 -44.73 -50.50 12.05
CA GLY D 198 -46.02 -49.85 12.00
C GLY D 198 -46.28 -48.97 13.21
N VAL D 199 -47.35 -48.19 13.09
CA VAL D 199 -47.78 -47.26 14.14
C VAL D 199 -48.21 -48.03 15.38
N HIS D 200 -47.82 -47.53 16.55
CA HIS D 200 -48.16 -48.12 17.83
C HIS D 200 -49.23 -47.31 18.54
N GLN D 201 -50.17 -48.02 19.19
CA GLN D 201 -51.19 -47.44 20.08
C GLN D 201 -52.06 -46.42 19.35
N ASP D 202 -52.95 -46.95 18.51
CA ASP D 202 -53.72 -46.15 17.56
C ASP D 202 -54.66 -45.12 18.18
N LEU D 203 -55.31 -44.35 17.32
CA LEU D 203 -56.01 -43.14 17.72
C LEU D 203 -57.26 -43.44 18.54
N PRO D 204 -57.58 -42.59 19.51
CA PRO D 204 -58.84 -42.76 20.25
C PRO D 204 -60.03 -42.37 19.39
N LEU D 205 -61.17 -42.95 19.75
CA LEU D 205 -62.40 -42.76 18.97
C LEU D 205 -62.88 -41.33 19.14
N GLY D 206 -62.93 -40.59 18.04
CA GLY D 206 -63.34 -39.21 18.10
C GLY D 206 -62.26 -38.23 17.67
N LEU D 207 -61.44 -38.64 16.72
CA LEU D 207 -60.35 -37.79 16.23
C LEU D 207 -60.53 -37.37 14.78
N MET D 208 -61.01 -38.30 13.93
CA MET D 208 -61.10 -38.03 12.50
C MET D 208 -62.10 -36.92 12.19
N ASP D 209 -63.17 -36.82 12.97
CA ASP D 209 -64.11 -35.73 12.78
C ASP D 209 -63.49 -34.39 13.18
N ASP D 210 -62.61 -34.39 14.18
CA ASP D 210 -61.89 -33.18 14.53
C ASP D 210 -60.92 -32.78 13.43
N ILE D 211 -60.28 -33.76 12.79
CA ILE D 211 -59.39 -33.46 11.67
C ILE D 211 -60.19 -32.93 10.48
N TYR D 212 -61.41 -33.43 10.28
CA TYR D 212 -62.32 -32.93 9.27
C TYR D 212 -62.67 -31.47 9.52
N GLU D 213 -62.98 -31.14 10.79
CA GLU D 213 -63.27 -29.76 11.18
C GLU D 213 -62.08 -28.84 10.94
N PHE D 214 -60.87 -29.32 11.32
CA PHE D 214 -59.67 -28.54 11.08
C PHE D 214 -59.41 -28.34 9.60
N SER D 215 -59.74 -29.34 8.78
CA SER D 215 -59.52 -29.22 7.34
C SER D 215 -60.38 -28.12 6.74
N LYS D 216 -61.66 -28.05 7.15
CA LYS D 216 -62.52 -26.99 6.65
C LYS D 216 -62.06 -25.61 7.13
N ASN D 217 -61.88 -25.46 8.44
CA ASN D 217 -61.49 -24.17 9.00
C ASN D 217 -60.11 -23.73 8.53
N PHE D 218 -59.22 -24.67 8.28
CA PHE D 218 -57.87 -24.31 7.89
C PHE D 218 -57.79 -24.00 6.41
N SER D 219 -58.66 -24.59 5.58
CA SER D 219 -58.78 -24.12 4.20
C SER D 219 -59.23 -22.66 4.18
N LEU D 220 -60.20 -22.33 5.04
CA LEU D 220 -60.64 -20.94 5.13
C LEU D 220 -59.52 -20.01 5.61
N ARG D 221 -58.75 -20.44 6.62
CA ARG D 221 -57.70 -19.58 7.16
C ARG D 221 -56.51 -19.45 6.22
N ILE D 222 -56.20 -20.47 5.43
CA ILE D 222 -55.08 -20.31 4.51
C ILE D 222 -55.49 -19.46 3.32
N ASP D 223 -56.77 -19.50 2.93
CA ASP D 223 -57.25 -18.56 1.93
C ASP D 223 -57.22 -17.13 2.46
N GLU D 224 -57.45 -16.95 3.77
CA GLU D 224 -57.31 -15.63 4.35
C GLU D 224 -55.85 -15.20 4.50
N LEU D 225 -54.92 -16.16 4.62
CA LEU D 225 -53.51 -15.79 4.59
C LEU D 225 -53.10 -15.28 3.20
N GLU D 226 -53.55 -15.96 2.14
CA GLU D 226 -53.32 -15.42 0.81
C GLU D 226 -54.14 -14.15 0.53
N GLU D 227 -55.20 -13.91 1.29
CA GLU D 227 -55.85 -12.61 1.25
C GLU D 227 -54.94 -11.53 1.82
N MET D 228 -54.29 -11.80 2.94
CA MET D 228 -53.43 -10.79 3.56
C MET D 228 -52.18 -10.54 2.75
N LEU D 229 -51.34 -11.56 2.58
CA LEU D 229 -50.08 -11.41 1.89
C LEU D 229 -50.34 -11.78 0.42
N THR D 230 -49.27 -11.98 -0.38
CA THR D 230 -49.33 -12.56 -1.72
C THR D 230 -50.16 -11.73 -2.69
N ASN D 231 -49.51 -10.71 -3.30
CA ASN D 231 -49.94 -9.41 -3.82
C ASN D 231 -49.86 -8.33 -2.76
N ASN D 232 -49.22 -8.63 -1.64
CA ASN D 232 -48.58 -7.57 -0.88
C ASN D 232 -47.51 -6.95 -1.77
N ARG D 233 -47.61 -5.65 -1.99
CA ARG D 233 -46.74 -4.99 -2.97
C ARG D 233 -45.30 -4.95 -2.49
N ILE D 234 -45.08 -4.48 -1.27
CA ILE D 234 -43.70 -4.27 -0.86
C ILE D 234 -43.05 -5.55 -0.36
N TRP D 235 -43.83 -6.58 -0.02
CA TRP D 235 -43.21 -7.87 0.26
C TRP D 235 -42.74 -8.52 -1.04
N ARG D 236 -43.50 -8.30 -2.12
CA ARG D 236 -43.07 -8.70 -3.45
C ARG D 236 -41.82 -7.93 -3.87
N ASN D 237 -41.76 -6.63 -3.57
CA ASN D 237 -40.54 -5.86 -3.82
C ASN D 237 -39.39 -6.38 -2.95
N ARG D 238 -39.70 -6.85 -1.75
CA ARG D 238 -38.69 -7.32 -0.81
C ARG D 238 -38.05 -8.61 -1.29
N THR D 239 -38.85 -9.57 -1.75
CA THR D 239 -38.33 -10.85 -2.22
C THR D 239 -38.91 -11.18 -3.60
N VAL D 240 -38.34 -10.62 -4.66
CA VAL D 240 -38.45 -11.16 -6.02
C VAL D 240 -37.06 -11.24 -6.65
N ASP D 241 -36.31 -10.15 -6.60
CA ASP D 241 -35.07 -10.10 -7.36
C ASP D 241 -33.95 -10.97 -6.77
N ILE D 242 -34.11 -11.47 -5.56
CA ILE D 242 -33.06 -12.21 -4.89
C ILE D 242 -33.27 -13.71 -5.08
N GLY D 243 -32.18 -14.47 -4.94
CA GLY D 243 -32.26 -15.91 -4.94
C GLY D 243 -32.47 -16.56 -6.28
N VAL D 244 -31.51 -16.40 -7.19
CA VAL D 244 -31.55 -17.08 -8.48
C VAL D 244 -30.79 -18.39 -8.36
N VAL D 245 -31.30 -19.43 -9.02
CA VAL D 245 -30.69 -20.76 -8.98
C VAL D 245 -30.72 -21.35 -10.38
N THR D 246 -29.55 -21.66 -10.91
CA THR D 246 -29.43 -22.34 -12.20
C THR D 246 -29.66 -23.84 -11.98
N ALA D 247 -30.17 -24.52 -13.02
CA ALA D 247 -30.41 -25.96 -12.93
C ALA D 247 -29.11 -26.73 -12.76
N GLU D 248 -28.03 -26.27 -13.39
CA GLU D 248 -26.71 -26.86 -13.15
C GLU D 248 -26.28 -26.67 -11.71
N ASP D 249 -26.60 -25.52 -11.11
CA ASP D 249 -26.33 -25.31 -9.70
C ASP D 249 -27.18 -26.22 -8.83
N ALA D 250 -28.46 -26.38 -9.20
CA ALA D 250 -29.36 -27.24 -8.45
C ALA D 250 -28.97 -28.72 -8.55
N LEU D 251 -28.20 -29.09 -9.56
CA LEU D 251 -27.68 -30.45 -9.59
C LEU D 251 -26.35 -30.57 -8.86
N ASN D 252 -25.38 -29.72 -9.18
CA ASN D 252 -24.03 -29.88 -8.65
C ASN D 252 -23.95 -29.56 -7.16
N TYR D 253 -24.73 -28.59 -6.70
CA TYR D 253 -24.70 -28.26 -5.28
C TYR D 253 -25.60 -29.15 -4.45
N GLY D 254 -26.24 -30.14 -5.07
CA GLY D 254 -26.91 -31.20 -4.34
C GLY D 254 -28.16 -30.78 -3.60
N PHE D 255 -28.99 -29.97 -4.23
CA PHE D 255 -30.19 -29.48 -3.57
C PHE D 255 -31.25 -30.57 -3.48
N SER D 256 -32.27 -30.32 -2.68
CA SER D 256 -33.20 -31.36 -2.29
C SER D 256 -34.59 -30.77 -2.10
N GLY D 257 -35.57 -31.33 -2.80
CA GLY D 257 -36.95 -30.98 -2.57
C GLY D 257 -37.36 -29.64 -3.11
N VAL D 258 -37.64 -28.68 -2.21
CA VAL D 258 -38.35 -27.45 -2.54
C VAL D 258 -37.52 -26.55 -3.45
N MET D 259 -36.19 -26.61 -3.33
CA MET D 259 -35.33 -25.91 -4.27
C MET D 259 -35.44 -26.51 -5.66
N LEU D 260 -35.56 -27.84 -5.75
CA LEU D 260 -35.71 -28.47 -7.05
C LEU D 260 -37.10 -28.25 -7.63
N ARG D 261 -38.11 -28.18 -6.77
CA ARG D 261 -39.44 -27.76 -7.22
C ARG D 261 -39.42 -26.35 -7.77
N GLY D 262 -38.72 -25.45 -7.07
CA GLY D 262 -38.78 -24.05 -7.42
C GLY D 262 -37.95 -23.69 -8.62
N SER D 263 -36.82 -24.37 -8.82
CA SER D 263 -35.93 -24.06 -9.93
C SER D 263 -35.95 -25.21 -10.92
N GLY D 264 -36.93 -25.16 -11.84
CA GLY D 264 -36.86 -26.00 -13.00
C GLY D 264 -37.48 -27.38 -12.88
N ILE D 265 -36.64 -28.37 -12.58
CA ILE D 265 -36.91 -29.77 -12.88
C ILE D 265 -38.06 -30.31 -12.03
N GLN D 266 -38.98 -31.01 -12.68
CA GLN D 266 -40.07 -31.69 -11.99
C GLN D 266 -39.50 -32.89 -11.25
N TRP D 267 -39.58 -32.87 -9.92
CA TRP D 267 -38.89 -33.87 -9.13
C TRP D 267 -39.57 -34.04 -7.80
N ASP D 268 -40.16 -35.21 -7.56
CA ASP D 268 -40.74 -35.58 -6.28
C ASP D 268 -40.36 -37.02 -5.98
N LEU D 269 -39.79 -37.24 -4.81
CA LEU D 269 -39.51 -38.60 -4.36
C LEU D 269 -40.80 -39.37 -4.16
N ARG D 270 -41.83 -38.67 -3.64
CA ARG D 270 -43.15 -39.25 -3.41
C ARG D 270 -43.77 -39.76 -4.70
N LYS D 271 -43.65 -38.99 -5.78
CA LYS D 271 -44.28 -39.36 -7.02
C LYS D 271 -43.44 -40.35 -7.81
N THR D 272 -42.13 -40.14 -7.86
CA THR D 272 -41.27 -41.02 -8.66
C THR D 272 -41.12 -42.38 -8.02
N GLN D 273 -40.71 -42.43 -6.75
CA GLN D 273 -40.56 -43.69 -6.02
C GLN D 273 -41.53 -43.69 -4.84
N PRO D 274 -42.78 -44.11 -5.03
CA PRO D 274 -43.74 -44.13 -3.92
C PRO D 274 -43.36 -45.16 -2.88
N TYR D 275 -42.88 -44.68 -1.75
CA TYR D 275 -42.45 -45.54 -0.66
C TYR D 275 -43.60 -46.02 0.21
N ASP D 276 -44.82 -45.59 -0.09
CA ASP D 276 -46.02 -45.90 0.67
C ASP D 276 -47.20 -45.72 -0.27
N VAL D 277 -48.40 -45.56 0.30
CA VAL D 277 -49.64 -45.59 -0.46
C VAL D 277 -49.95 -44.22 -1.08
N TYR D 278 -48.95 -43.32 -1.11
CA TYR D 278 -49.03 -42.05 -1.86
C TYR D 278 -49.38 -42.23 -3.34
N ASP D 279 -49.09 -43.39 -3.93
CA ASP D 279 -49.42 -43.63 -5.32
C ASP D 279 -50.92 -43.69 -5.59
N GLN D 280 -51.75 -43.85 -4.57
CA GLN D 280 -53.18 -44.03 -4.76
C GLN D 280 -53.99 -42.85 -4.22
N VAL D 281 -53.43 -41.64 -4.28
CA VAL D 281 -54.18 -40.42 -4.07
C VAL D 281 -53.84 -39.45 -5.21
N GLU D 282 -54.87 -38.75 -5.70
CA GLU D 282 -54.67 -37.78 -6.78
C GLU D 282 -54.22 -36.46 -6.18
N PHE D 283 -52.96 -36.10 -6.41
CA PHE D 283 -52.46 -34.77 -6.09
C PHE D 283 -51.41 -34.39 -7.12
N ASP D 284 -51.15 -33.09 -7.21
CA ASP D 284 -50.22 -32.54 -8.19
C ASP D 284 -49.28 -31.54 -7.54
N VAL D 285 -48.00 -31.87 -7.52
CA VAL D 285 -47.00 -31.03 -6.85
C VAL D 285 -46.78 -29.74 -7.65
N PRO D 286 -46.71 -28.58 -6.99
CA PRO D 286 -46.42 -27.35 -7.74
C PRO D 286 -44.96 -27.29 -8.12
N ILE D 287 -44.70 -26.76 -9.31
CA ILE D 287 -43.36 -26.63 -9.86
C ILE D 287 -43.07 -25.14 -9.96
N GLY D 288 -41.79 -24.80 -9.97
CA GLY D 288 -41.41 -23.44 -10.24
C GLY D 288 -41.08 -23.21 -11.70
N SER D 289 -41.08 -21.94 -12.09
CA SER D 289 -40.72 -21.55 -13.43
C SER D 289 -39.45 -20.71 -13.47
N ARG D 290 -39.43 -19.58 -12.78
CA ARG D 290 -38.29 -18.66 -12.87
C ARG D 290 -37.17 -19.00 -11.92
N GLY D 291 -37.36 -19.95 -11.01
CA GLY D 291 -36.33 -20.29 -10.05
C GLY D 291 -36.10 -19.18 -9.06
N ASP D 292 -37.12 -18.88 -8.26
CA ASP D 292 -37.15 -17.61 -7.57
C ASP D 292 -37.81 -17.77 -6.19
N CYS D 293 -37.52 -16.83 -5.30
CA CYS D 293 -37.90 -16.96 -3.90
C CYS D 293 -39.37 -16.67 -3.66
N TYR D 294 -39.92 -15.65 -4.33
CA TYR D 294 -41.37 -15.47 -4.29
C TYR D 294 -42.08 -16.65 -4.93
N ASP D 295 -41.49 -17.15 -6.02
CA ASP D 295 -42.01 -18.35 -6.68
C ASP D 295 -41.92 -19.56 -5.77
N ARG D 296 -40.84 -19.65 -4.98
CA ARG D 296 -40.69 -20.73 -4.02
C ARG D 296 -41.70 -20.60 -2.89
N TYR D 297 -42.04 -19.37 -2.51
CA TYR D 297 -43.08 -19.14 -1.51
C TYR D 297 -44.43 -19.64 -2.00
N LEU D 298 -44.77 -19.31 -3.25
CA LEU D 298 -46.00 -19.83 -3.85
C LEU D 298 -45.98 -21.35 -3.91
N CYS D 299 -44.81 -21.93 -4.18
CA CYS D 299 -44.68 -23.38 -4.19
C CYS D 299 -44.95 -23.99 -2.82
N ARG D 300 -44.47 -23.35 -1.75
CA ARG D 300 -44.72 -23.87 -0.41
C ARG D 300 -46.20 -23.78 -0.03
N VAL D 301 -46.84 -22.65 -0.35
CA VAL D 301 -48.25 -22.50 0.00
C VAL D 301 -49.12 -23.48 -0.79
N GLU D 302 -48.80 -23.70 -2.06
CA GLU D 302 -49.56 -24.68 -2.79
C GLU D 302 -49.23 -26.12 -2.41
N GLU D 303 -48.03 -26.39 -1.86
CA GLU D 303 -47.82 -27.71 -1.28
C GLU D 303 -48.65 -27.91 -0.02
N MET D 304 -48.86 -26.83 0.76
CA MET D 304 -49.81 -26.91 1.87
C MET D 304 -51.22 -27.23 1.39
N ARG D 305 -51.62 -26.60 0.28
CA ARG D 305 -52.97 -26.83 -0.22
C ARG D 305 -53.12 -28.23 -0.81
N GLN D 306 -52.05 -28.75 -1.41
CA GLN D 306 -52.03 -30.16 -1.81
C GLN D 306 -52.08 -31.08 -0.59
N SER D 307 -51.50 -30.65 0.54
CA SER D 307 -51.60 -31.47 1.74
C SER D 307 -53.02 -31.49 2.28
N ILE D 308 -53.76 -30.39 2.09
CA ILE D 308 -55.20 -30.39 2.40
C ILE D 308 -55.93 -31.41 1.53
N ARG D 309 -55.58 -31.46 0.24
CA ARG D 309 -56.16 -32.45 -0.67
C ARG D 309 -55.89 -33.88 -0.22
N ILE D 310 -54.64 -34.16 0.15
CA ILE D 310 -54.27 -35.52 0.52
C ILE D 310 -54.92 -35.90 1.85
N ILE D 311 -55.10 -34.95 2.76
CA ILE D 311 -55.82 -35.23 4.01
C ILE D 311 -57.28 -35.57 3.72
N SER D 312 -57.92 -34.86 2.80
CA SER D 312 -59.32 -35.13 2.47
C SER D 312 -59.47 -36.51 1.83
N GLN D 313 -58.60 -36.85 0.89
CA GLN D 313 -58.70 -38.16 0.25
C GLN D 313 -58.28 -39.29 1.20
N CYS D 314 -57.38 -39.01 2.15
CA CYS D 314 -56.99 -40.01 3.13
C CYS D 314 -58.11 -40.30 4.10
N LEU D 315 -58.84 -39.26 4.52
CA LEU D 315 -60.00 -39.50 5.37
C LEU D 315 -61.11 -40.23 4.62
N ASN D 316 -61.22 -40.02 3.31
CA ASN D 316 -62.22 -40.76 2.58
C ASN D 316 -61.78 -42.16 2.17
N LYS D 317 -60.49 -42.48 2.28
CA LYS D 317 -60.02 -43.80 1.83
C LYS D 317 -59.38 -44.62 2.96
N MET D 318 -60.03 -44.71 4.12
CA MET D 318 -59.40 -45.31 5.28
C MET D 318 -59.89 -46.74 5.48
N PRO D 319 -59.01 -47.73 5.46
CA PRO D 319 -59.42 -49.11 5.78
C PRO D 319 -59.18 -49.43 7.23
N PRO D 320 -60.08 -50.16 7.88
CA PRO D 320 -59.94 -50.46 9.33
C PRO D 320 -59.19 -51.76 9.59
N GLY D 321 -57.93 -51.83 9.19
CA GLY D 321 -57.20 -53.08 9.33
C GLY D 321 -56.75 -53.50 10.71
N GLU D 322 -55.70 -52.86 11.25
CA GLU D 322 -55.06 -53.24 12.51
C GLU D 322 -53.97 -52.20 12.77
N ILE D 323 -53.49 -52.16 14.02
CA ILE D 323 -52.52 -51.16 14.43
C ILE D 323 -51.12 -51.52 13.93
N LYS D 324 -50.59 -52.64 14.41
CA LYS D 324 -49.20 -53.05 14.19
C LYS D 324 -49.13 -54.30 13.33
N VAL D 325 -47.90 -54.73 13.04
CA VAL D 325 -47.70 -55.99 12.32
C VAL D 325 -48.12 -57.16 13.20
N ASP D 326 -48.52 -58.24 12.53
CA ASP D 326 -48.76 -59.52 13.22
C ASP D 326 -47.53 -60.41 13.20
N ASP D 327 -46.41 -59.83 13.60
CA ASP D 327 -45.13 -60.53 13.69
C ASP D 327 -44.60 -60.10 15.05
N ALA D 328 -44.96 -60.85 16.09
CA ALA D 328 -44.66 -60.45 17.46
C ALA D 328 -43.18 -60.45 17.79
N LYS D 329 -42.34 -61.04 16.96
CA LYS D 329 -40.91 -60.99 17.17
C LYS D 329 -40.29 -59.67 16.72
N VAL D 330 -41.10 -58.73 16.22
CA VAL D 330 -40.64 -57.40 15.90
C VAL D 330 -41.45 -56.34 16.65
N SER D 331 -42.77 -56.36 16.51
CA SER D 331 -43.54 -55.43 17.32
C SER D 331 -44.00 -56.11 18.59
N PRO D 332 -43.99 -55.40 19.72
CA PRO D 332 -44.45 -56.00 20.97
C PRO D 332 -45.95 -56.21 20.94
N PRO D 333 -46.45 -57.23 21.63
CA PRO D 333 -47.89 -57.50 21.65
C PRO D 333 -48.61 -56.51 22.55
N LYS D 334 -49.91 -56.70 22.68
CA LYS D 334 -50.69 -55.82 23.52
C LYS D 334 -50.95 -56.46 24.88
N ARG D 335 -51.73 -55.74 25.70
CA ARG D 335 -51.76 -56.01 27.13
C ARG D 335 -52.48 -57.30 27.47
N ALA D 336 -53.54 -57.65 26.75
CA ALA D 336 -54.34 -58.82 27.11
C ALA D 336 -53.54 -60.11 26.94
N GLU D 337 -52.93 -60.29 25.78
CA GLU D 337 -52.08 -61.44 25.55
C GLU D 337 -50.80 -61.35 26.38
N MET D 338 -50.36 -60.12 26.68
CA MET D 338 -49.20 -59.90 27.53
C MET D 338 -49.42 -60.40 28.94
N LYS D 339 -50.60 -60.14 29.50
CA LYS D 339 -50.90 -60.57 30.85
C LYS D 339 -51.37 -62.02 30.89
N THR D 340 -51.82 -62.58 29.77
CA THR D 340 -52.05 -64.02 29.72
C THR D 340 -51.57 -64.55 28.38
N SER D 341 -50.30 -64.92 28.34
CA SER D 341 -49.71 -65.74 27.28
C SER D 341 -48.61 -66.57 27.92
N MET D 342 -47.73 -67.09 27.10
CA MET D 342 -46.35 -67.22 27.54
C MET D 342 -45.39 -66.65 26.52
N GLU D 343 -45.64 -66.91 25.23
CA GLU D 343 -44.77 -66.46 24.17
C GLU D 343 -44.78 -64.95 24.06
N SER D 344 -45.93 -64.34 24.30
CA SER D 344 -46.01 -62.89 24.20
C SER D 344 -45.33 -62.21 25.37
N LEU D 345 -45.36 -62.83 26.56
CA LEU D 345 -44.63 -62.25 27.68
C LEU D 345 -43.13 -62.36 27.46
N ILE D 346 -42.66 -63.51 26.94
CA ILE D 346 -41.25 -63.67 26.63
C ILE D 346 -40.81 -62.68 25.57
N HIS D 347 -41.65 -62.49 24.54
CA HIS D 347 -41.33 -61.55 23.47
C HIS D 347 -41.30 -60.12 23.97
N HIS D 348 -42.25 -59.76 24.85
CA HIS D 348 -42.24 -58.46 25.51
C HIS D 348 -40.95 -58.23 26.26
N PHE D 349 -40.58 -59.21 27.09
CA PHE D 349 -39.42 -59.09 27.96
C PHE D 349 -38.13 -58.94 27.17
N LYS D 350 -37.83 -59.91 26.32
CA LYS D 350 -36.56 -59.85 25.61
C LYS D 350 -36.55 -58.80 24.52
N LEU D 351 -37.71 -58.44 23.99
CA LEU D 351 -37.77 -57.42 22.96
C LEU D 351 -37.49 -56.05 23.53
N TYR D 352 -37.89 -55.82 24.78
CA TYR D 352 -37.51 -54.54 25.38
C TYR D 352 -36.15 -54.57 26.05
N THR D 353 -35.65 -55.72 26.48
CA THR D 353 -34.29 -55.70 27.03
C THR D 353 -33.25 -55.62 25.93
N GLU D 354 -33.20 -56.63 25.08
CA GLU D 354 -32.12 -56.69 24.11
C GLU D 354 -32.40 -55.81 22.91
N GLY D 355 -33.63 -55.86 22.40
CA GLY D 355 -33.87 -55.31 21.09
C GLY D 355 -33.76 -56.43 20.10
N TYR D 356 -34.63 -56.42 19.09
CA TYR D 356 -34.65 -57.49 18.10
C TYR D 356 -33.41 -57.43 17.22
N GLN D 357 -32.93 -58.60 16.82
CA GLN D 357 -31.74 -58.67 15.99
C GLN D 357 -32.07 -58.25 14.57
N VAL D 358 -31.10 -57.61 13.93
CA VAL D 358 -31.29 -57.00 12.62
C VAL D 358 -30.20 -57.56 11.71
N PRO D 359 -30.56 -58.08 10.52
CA PRO D 359 -29.58 -58.80 9.73
C PRO D 359 -28.53 -57.85 9.16
N PRO D 360 -27.31 -58.33 8.92
CA PRO D 360 -26.23 -57.42 8.55
C PRO D 360 -26.39 -56.92 7.13
N GLY D 361 -25.77 -55.77 6.88
CA GLY D 361 -25.90 -55.12 5.59
C GLY D 361 -26.03 -53.62 5.75
N ALA D 362 -25.89 -52.90 4.65
CA ALA D 362 -26.00 -51.46 4.66
C ALA D 362 -27.14 -51.06 3.74
N THR D 363 -28.09 -50.32 4.27
CA THR D 363 -29.18 -49.81 3.46
C THR D 363 -29.21 -48.30 3.51
N TYR D 364 -29.92 -47.73 2.54
CA TYR D 364 -30.17 -46.32 2.45
C TYR D 364 -31.61 -46.16 2.01
N THR D 365 -32.27 -45.13 2.54
CA THR D 365 -33.54 -44.72 1.97
C THR D 365 -33.67 -43.22 2.16
N ALA D 366 -34.70 -42.65 1.55
CA ALA D 366 -34.91 -41.22 1.62
C ALA D 366 -36.36 -40.93 1.35
N ILE D 367 -36.98 -40.13 2.21
CA ILE D 367 -38.34 -39.69 1.91
C ILE D 367 -38.37 -38.17 1.80
N GLU D 368 -39.54 -37.63 1.49
CA GLU D 368 -39.68 -36.19 1.26
C GLU D 368 -40.08 -35.53 2.57
N ALA D 369 -39.08 -35.12 3.32
CA ALA D 369 -39.30 -34.15 4.37
C ALA D 369 -39.73 -32.84 3.74
N PRO D 370 -40.48 -32.00 4.47
CA PRO D 370 -40.88 -30.70 3.92
C PRO D 370 -39.73 -29.77 3.60
N LYS D 371 -38.56 -29.99 4.19
CA LYS D 371 -37.35 -29.40 3.65
C LYS D 371 -37.01 -30.01 2.31
N GLY D 372 -36.75 -31.32 2.28
CA GLY D 372 -36.31 -31.98 1.07
C GLY D 372 -36.03 -33.46 1.24
N GLU D 373 -34.91 -33.92 0.70
CA GLU D 373 -34.55 -35.33 0.72
C GLU D 373 -34.05 -35.68 2.12
N PHE D 374 -34.96 -36.08 3.00
CA PHE D 374 -34.50 -36.60 4.28
C PHE D 374 -34.02 -38.02 4.02
N GLY D 375 -32.70 -38.21 4.01
CA GLY D 375 -32.12 -39.51 3.77
C GLY D 375 -31.60 -40.08 5.07
N VAL D 376 -31.65 -41.41 5.18
CA VAL D 376 -31.06 -42.10 6.31
C VAL D 376 -30.34 -43.34 5.79
N TYR D 377 -29.12 -43.53 6.27
CA TYR D 377 -28.20 -44.56 5.80
C TYR D 377 -27.81 -45.40 6.99
N LEU D 378 -28.37 -46.61 7.06
CA LEU D 378 -28.09 -47.53 8.16
C LEU D 378 -27.05 -48.54 7.73
N VAL D 379 -26.18 -48.88 8.67
CA VAL D 379 -25.15 -49.90 8.50
C VAL D 379 -25.27 -50.79 9.72
N SER D 380 -25.60 -52.07 9.49
CA SER D 380 -25.99 -52.96 10.56
C SER D 380 -25.10 -54.19 10.58
N ASP D 381 -24.44 -54.42 11.71
CA ASP D 381 -23.96 -55.73 12.08
C ASP D 381 -25.18 -56.62 12.38
N GLY D 382 -24.96 -57.94 12.29
CA GLY D 382 -25.99 -58.84 12.77
C GLY D 382 -26.04 -58.70 14.28
N SER D 383 -27.04 -57.98 14.75
CA SER D 383 -27.00 -57.35 16.07
C SER D 383 -28.32 -56.71 16.43
N SER D 384 -28.43 -56.27 17.68
CA SER D 384 -29.48 -55.37 18.09
C SER D 384 -28.99 -53.94 18.19
N ARG D 385 -27.71 -53.69 17.89
CA ARG D 385 -27.23 -52.33 17.81
C ARG D 385 -26.85 -51.99 16.39
N PRO D 386 -27.24 -50.81 15.90
CA PRO D 386 -26.76 -50.40 14.58
C PRO D 386 -25.29 -50.05 14.63
N TYR D 387 -24.56 -50.47 13.60
CA TYR D 387 -23.12 -50.21 13.59
C TYR D 387 -22.81 -48.78 13.22
N ARG D 388 -23.56 -48.20 12.28
CA ARG D 388 -23.31 -46.82 11.88
C ARG D 388 -24.57 -46.28 11.23
N CYS D 389 -25.17 -45.26 11.81
CA CYS D 389 -26.24 -44.54 11.15
C CYS D 389 -25.70 -43.21 10.66
N LYS D 390 -26.33 -42.69 9.60
CA LYS D 390 -25.94 -41.39 9.09
C LYS D 390 -27.17 -40.79 8.41
N ILE D 391 -27.24 -39.46 8.38
CA ILE D 391 -28.45 -38.77 7.95
C ILE D 391 -28.11 -37.76 6.88
N LYS D 392 -28.72 -37.91 5.70
CA LYS D 392 -28.63 -36.90 4.66
C LYS D 392 -29.65 -35.83 4.98
N ALA D 393 -29.18 -34.61 5.21
CA ALA D 393 -29.99 -33.52 5.71
C ALA D 393 -30.21 -32.47 4.63
N PRO D 394 -31.47 -32.17 4.32
CA PRO D 394 -31.75 -31.12 3.34
C PRO D 394 -31.35 -29.74 3.81
N GLY D 395 -31.37 -29.50 5.12
CA GLY D 395 -30.87 -28.24 5.63
C GLY D 395 -29.38 -28.06 5.38
N PHE D 396 -28.60 -29.12 5.57
CA PHE D 396 -27.18 -29.07 5.28
C PHE D 396 -26.94 -28.89 3.79
N ALA D 397 -27.68 -29.63 2.96
CA ALA D 397 -27.51 -29.52 1.52
C ALA D 397 -27.91 -28.15 1.01
N HIS D 398 -28.94 -27.53 1.61
CA HIS D 398 -29.35 -26.20 1.21
C HIS D 398 -28.39 -25.14 1.70
N LEU D 399 -27.82 -25.32 2.88
CA LEU D 399 -26.86 -24.34 3.37
C LEU D 399 -25.54 -24.43 2.61
N ALA D 400 -25.29 -25.55 1.94
CA ALA D 400 -24.01 -25.78 1.26
C ALA D 400 -23.71 -24.81 0.12
N GLY D 401 -24.72 -24.18 -0.48
CA GLY D 401 -24.46 -23.34 -1.64
C GLY D 401 -24.69 -21.86 -1.43
N LEU D 402 -24.35 -21.37 -0.24
CA LEU D 402 -24.81 -20.05 0.19
C LEU D 402 -24.06 -18.94 -0.52
N ASP D 403 -22.77 -19.16 -0.83
CA ASP D 403 -21.98 -18.15 -1.53
C ASP D 403 -22.50 -17.90 -2.93
N LYS D 404 -22.77 -18.98 -3.68
CA LYS D 404 -23.29 -18.81 -5.01
C LYS D 404 -24.76 -18.40 -5.02
N MET D 405 -25.49 -18.66 -3.95
CA MET D 405 -26.83 -18.08 -3.89
C MET D 405 -26.81 -16.61 -3.50
N SER D 406 -25.76 -16.14 -2.83
CA SER D 406 -25.76 -14.76 -2.33
C SER D 406 -24.48 -14.03 -2.72
N LYS D 407 -24.02 -14.23 -3.95
CA LYS D 407 -22.84 -13.49 -4.43
C LYS D 407 -23.16 -12.04 -4.74
N GLY D 408 -24.39 -11.72 -5.13
CA GLY D 408 -24.68 -10.39 -5.63
C GLY D 408 -25.76 -9.59 -4.93
N HIS D 409 -25.84 -9.66 -3.61
CA HIS D 409 -26.94 -9.01 -2.88
C HIS D 409 -26.37 -8.37 -1.62
N MET D 410 -27.26 -8.00 -0.70
CA MET D 410 -26.89 -7.32 0.54
C MET D 410 -27.40 -8.12 1.74
N LEU D 411 -27.14 -7.59 2.94
CA LEU D 411 -27.21 -8.42 4.15
C LEU D 411 -28.64 -8.76 4.55
N ALA D 412 -29.57 -7.82 4.38
CA ALA D 412 -30.97 -8.13 4.64
C ALA D 412 -31.50 -9.13 3.61
N ASP D 413 -31.01 -9.04 2.38
CA ASP D 413 -31.32 -10.07 1.40
C ASP D 413 -30.69 -11.41 1.78
N VAL D 414 -29.54 -11.40 2.46
CA VAL D 414 -28.94 -12.65 2.93
C VAL D 414 -29.80 -13.26 4.02
N VAL D 415 -30.36 -12.43 4.91
CA VAL D 415 -31.29 -12.92 5.93
C VAL D 415 -32.55 -13.48 5.27
N ALA D 416 -33.00 -12.85 4.19
CA ALA D 416 -34.11 -13.41 3.42
C ALA D 416 -33.72 -14.72 2.72
N ILE D 417 -32.45 -14.89 2.36
CA ILE D 417 -32.01 -16.16 1.75
C ILE D 417 -32.00 -17.27 2.79
N ILE D 418 -31.50 -16.98 3.99
CA ILE D 418 -31.60 -17.91 5.13
C ILE D 418 -33.06 -18.23 5.46
N GLY D 419 -33.96 -17.27 5.27
CA GLY D 419 -35.37 -17.55 5.48
C GLY D 419 -35.98 -18.42 4.38
N THR D 420 -35.64 -18.16 3.13
CA THR D 420 -36.35 -18.76 2.00
C THR D 420 -35.98 -20.21 1.76
N GLN D 421 -34.92 -20.69 2.37
CA GLN D 421 -34.66 -22.11 2.52
C GLN D 421 -34.95 -22.45 3.97
N ASP D 422 -35.90 -23.34 4.20
CA ASP D 422 -36.38 -23.57 5.55
C ASP D 422 -35.30 -24.20 6.42
N ILE D 423 -35.06 -23.58 7.57
CA ILE D 423 -33.93 -23.90 8.43
C ILE D 423 -34.43 -24.24 9.82
N VAL D 424 -33.77 -25.22 10.44
CA VAL D 424 -33.95 -25.49 11.86
C VAL D 424 -32.65 -25.44 12.63
N PHE D 425 -31.50 -25.59 11.96
CA PHE D 425 -30.14 -25.59 12.50
C PHE D 425 -29.88 -26.69 13.52
N GLY D 426 -30.79 -27.65 13.65
CA GLY D 426 -30.50 -28.86 14.40
C GLY D 426 -30.22 -29.96 13.41
N GLU D 427 -31.03 -30.03 12.36
CA GLU D 427 -30.88 -31.08 11.36
C GLU D 427 -29.66 -30.84 10.48
N VAL D 428 -29.29 -29.57 10.28
CA VAL D 428 -28.08 -29.22 9.55
C VAL D 428 -26.86 -29.82 10.25
N ASP D 429 -26.90 -29.87 11.56
CA ASP D 429 -25.97 -30.70 12.30
C ASP D 429 -26.30 -32.17 12.12
N ARG D 430 -25.27 -32.99 11.94
CA ARG D 430 -25.46 -34.43 11.89
C ARG D 430 -24.23 -35.11 12.47
N THR E 7 -46.42 -66.09 3.13
CA THR E 7 -45.23 -65.33 2.73
C THR E 7 -45.65 -64.00 2.13
N ARG E 8 -46.85 -63.97 1.57
CA ARG E 8 -47.32 -62.77 0.87
C ARG E 8 -47.87 -61.67 1.80
N PRO E 9 -48.75 -61.93 2.79
CA PRO E 9 -49.16 -60.81 3.65
C PRO E 9 -48.08 -60.42 4.65
N THR E 10 -47.97 -59.11 4.89
CA THR E 10 -47.09 -58.48 5.88
C THR E 10 -45.61 -58.77 5.66
N VAL E 11 -45.22 -59.25 4.48
CA VAL E 11 -43.82 -59.36 4.09
C VAL E 11 -43.70 -58.68 2.74
N ARG E 12 -42.74 -57.76 2.65
CA ARG E 12 -42.66 -56.87 1.50
C ARG E 12 -42.23 -57.60 0.24
N PRO E 13 -43.04 -57.65 -0.81
CA PRO E 13 -42.62 -58.28 -2.05
C PRO E 13 -41.66 -57.40 -2.82
N ARG E 14 -41.02 -58.00 -3.80
CA ARG E 14 -39.95 -57.36 -4.55
C ARG E 14 -40.19 -57.49 -6.03
N ASN E 15 -39.31 -56.89 -6.82
CA ASN E 15 -39.33 -57.00 -8.27
C ASN E 15 -37.99 -57.53 -8.76
N ASP E 16 -38.02 -58.70 -9.40
CA ASP E 16 -36.82 -59.23 -10.01
C ASP E 16 -36.41 -58.46 -11.25
N VAL E 17 -37.32 -57.68 -11.82
CA VAL E 17 -37.03 -56.92 -13.04
C VAL E 17 -35.98 -55.85 -12.78
N ALA E 18 -36.15 -55.10 -11.69
CA ALA E 18 -35.17 -54.11 -11.29
C ALA E 18 -33.85 -54.76 -10.88
N HIS E 19 -33.92 -55.96 -10.30
CA HIS E 19 -32.72 -56.70 -9.97
C HIS E 19 -31.93 -57.07 -11.22
N LYS E 20 -32.62 -57.55 -12.26
CA LYS E 20 -31.94 -57.89 -13.51
C LYS E 20 -31.39 -56.65 -14.20
N GLN E 21 -32.12 -55.53 -14.12
CA GLN E 21 -31.66 -54.28 -14.71
C GLN E 21 -30.38 -53.78 -14.04
N LEU E 22 -30.37 -53.75 -12.71
CA LEU E 22 -29.18 -53.30 -11.99
C LEU E 22 -28.04 -54.29 -12.13
N SER E 23 -28.32 -55.59 -12.26
CA SER E 23 -27.27 -56.57 -12.46
C SER E 23 -26.60 -56.38 -13.81
N ALA E 24 -27.41 -56.19 -14.86
CA ALA E 24 -26.84 -55.95 -16.19
C ALA E 24 -26.10 -54.63 -16.25
N PHE E 25 -26.62 -53.61 -15.56
CA PHE E 25 -25.95 -52.31 -15.57
C PHE E 25 -24.63 -52.35 -14.83
N GLY E 26 -24.58 -53.05 -13.70
CA GLY E 26 -23.34 -53.16 -12.97
C GLY E 26 -22.31 -54.01 -13.67
N GLU E 27 -22.76 -55.06 -14.36
CA GLU E 27 -21.87 -55.84 -15.21
C GLU E 27 -21.31 -54.99 -16.34
N TYR E 28 -22.13 -54.12 -16.92
CA TYR E 28 -21.70 -53.20 -17.97
C TYR E 28 -20.64 -52.23 -17.48
N VAL E 29 -20.87 -51.61 -16.32
CA VAL E 29 -19.91 -50.64 -15.77
C VAL E 29 -18.62 -51.35 -15.38
N ALA E 30 -18.72 -52.56 -14.83
CA ALA E 30 -17.54 -53.35 -14.49
C ALA E 30 -16.74 -53.75 -15.71
N GLU E 31 -17.41 -53.98 -16.84
CA GLU E 31 -16.67 -54.32 -18.06
C GLU E 31 -16.03 -53.09 -18.68
N ILE E 32 -16.67 -51.93 -18.58
CA ILE E 32 -16.14 -50.79 -19.33
C ILE E 32 -15.28 -49.86 -18.52
N LEU E 33 -15.12 -50.09 -17.21
CA LEU E 33 -14.03 -49.48 -16.46
C LEU E 33 -13.29 -50.56 -15.68
N PRO E 34 -12.47 -51.36 -16.36
CA PRO E 34 -11.82 -52.49 -15.68
C PRO E 34 -10.70 -52.09 -14.76
N LYS E 35 -10.25 -50.83 -14.80
CA LYS E 35 -9.00 -50.47 -14.13
C LYS E 35 -9.17 -50.43 -12.61
N TYR E 36 -10.39 -50.20 -12.13
CA TYR E 36 -10.58 -50.00 -10.70
C TYR E 36 -11.72 -50.82 -10.11
N VAL E 37 -12.42 -51.62 -10.89
CA VAL E 37 -13.56 -52.36 -10.37
C VAL E 37 -13.10 -53.67 -9.76
N GLN E 38 -13.49 -53.87 -8.50
CA GLN E 38 -13.28 -54.96 -7.57
C GLN E 38 -14.60 -55.59 -7.18
N GLN E 39 -15.59 -54.83 -6.73
CA GLN E 39 -16.85 -55.52 -6.52
C GLN E 39 -17.99 -54.75 -7.14
N VAL E 40 -18.92 -55.47 -7.76
CA VAL E 40 -20.20 -54.88 -8.11
C VAL E 40 -21.26 -55.78 -7.49
N GLN E 41 -21.75 -55.39 -6.33
CA GLN E 41 -22.68 -56.25 -5.62
C GLN E 41 -24.07 -55.64 -5.60
N VAL E 42 -25.07 -56.52 -5.71
CA VAL E 42 -26.47 -56.14 -5.73
C VAL E 42 -27.15 -56.87 -4.59
N SER E 43 -27.85 -56.12 -3.75
CA SER E 43 -28.57 -56.70 -2.62
C SER E 43 -29.90 -57.26 -3.11
N CYS E 44 -30.75 -57.66 -2.16
CA CYS E 44 -32.02 -58.26 -2.52
C CYS E 44 -33.02 -57.24 -3.04
N PHE E 45 -32.94 -56.00 -2.56
CA PHE E 45 -33.94 -54.97 -2.86
C PHE E 45 -33.44 -53.93 -3.86
N SER E 46 -32.43 -54.29 -4.66
CA SER E 46 -32.03 -53.58 -5.89
C SER E 46 -31.56 -52.14 -5.62
N GLU E 47 -30.43 -52.04 -4.92
CA GLU E 47 -29.69 -50.80 -4.80
C GLU E 47 -28.21 -51.12 -5.02
N LEU E 48 -27.58 -50.43 -5.96
CA LEU E 48 -26.31 -50.95 -6.49
C LEU E 48 -25.14 -50.54 -5.61
N GLU E 49 -24.15 -51.43 -5.46
CA GLU E 49 -22.93 -51.07 -4.75
C GLU E 49 -21.73 -51.38 -5.63
N ILE E 50 -20.82 -50.41 -5.76
CA ILE E 50 -19.62 -50.55 -6.57
C ILE E 50 -18.43 -50.24 -5.67
N CYS E 51 -17.53 -51.21 -5.54
CA CYS E 51 -16.45 -51.18 -4.55
C CYS E 51 -15.13 -51.02 -5.27
N ILE E 52 -14.41 -49.95 -4.92
CA ILE E 52 -13.42 -49.28 -5.77
C ILE E 52 -12.10 -49.03 -5.01
N HIS E 53 -11.01 -49.31 -5.71
CA HIS E 53 -9.65 -48.97 -5.32
C HIS E 53 -9.50 -47.45 -5.19
N PRO E 54 -8.68 -46.97 -4.23
CA PRO E 54 -8.55 -45.51 -4.00
C PRO E 54 -7.59 -44.78 -4.94
N ASP E 55 -7.70 -45.05 -6.23
CA ASP E 55 -6.95 -44.27 -7.21
C ASP E 55 -7.84 -43.77 -8.32
N GLY E 56 -8.92 -44.49 -8.57
CA GLY E 56 -9.82 -44.10 -9.64
C GLY E 56 -10.97 -43.25 -9.16
N VAL E 57 -10.75 -42.46 -8.11
CA VAL E 57 -11.82 -41.63 -7.55
C VAL E 57 -12.26 -40.58 -8.57
N ILE E 58 -11.32 -39.73 -8.98
CA ILE E 58 -11.62 -38.73 -10.00
C ILE E 58 -12.02 -39.34 -11.35
N PRO E 59 -11.34 -40.37 -11.90
CA PRO E 59 -11.82 -40.91 -13.18
C PRO E 59 -13.18 -41.57 -13.13
N VAL E 60 -13.47 -42.32 -12.07
CA VAL E 60 -14.77 -42.99 -11.98
C VAL E 60 -15.88 -41.97 -11.73
N LEU E 61 -15.62 -40.92 -10.93
CA LEU E 61 -16.67 -39.94 -10.73
C LEU E 61 -16.89 -39.06 -11.95
N THR E 62 -15.83 -38.76 -12.71
CA THR E 62 -16.02 -38.07 -13.98
C THR E 62 -16.76 -38.92 -14.98
N PHE E 63 -16.60 -40.25 -14.93
CA PHE E 63 -17.41 -41.09 -15.78
C PHE E 63 -18.87 -41.10 -15.32
N LEU E 64 -19.09 -41.26 -14.02
CA LEU E 64 -20.43 -41.45 -13.48
C LEU E 64 -21.24 -40.16 -13.40
N ARG E 65 -20.62 -39.00 -13.61
CA ARG E 65 -21.40 -37.76 -13.69
C ARG E 65 -22.05 -37.58 -15.07
N ASP E 66 -21.62 -38.33 -16.07
CA ASP E 66 -21.85 -38.01 -17.47
C ASP E 66 -22.18 -39.29 -18.23
N HIS E 67 -21.89 -39.32 -19.53
CA HIS E 67 -21.84 -40.48 -20.45
C HIS E 67 -23.23 -40.82 -21.01
N SER E 68 -24.29 -40.18 -20.55
CA SER E 68 -25.68 -40.33 -21.05
C SER E 68 -26.22 -41.75 -20.93
N ASN E 69 -25.55 -42.61 -20.19
CA ASN E 69 -26.11 -43.89 -19.80
C ASN E 69 -26.19 -44.02 -18.29
N ALA E 70 -25.52 -43.13 -17.56
CA ALA E 70 -25.60 -43.07 -16.10
C ALA E 70 -25.34 -41.62 -15.69
N GLN E 71 -26.41 -40.83 -15.57
CA GLN E 71 -26.24 -39.40 -15.36
C GLN E 71 -25.76 -39.09 -13.95
N PHE E 72 -26.59 -39.38 -12.94
CA PHE E 72 -26.24 -39.36 -11.52
C PHE E 72 -25.62 -38.03 -11.07
N LYS E 73 -26.39 -36.96 -11.25
CA LYS E 73 -25.87 -35.67 -10.83
C LYS E 73 -25.94 -35.50 -9.32
N SER E 74 -26.90 -36.14 -8.66
CA SER E 74 -27.18 -35.84 -7.27
C SER E 74 -26.18 -36.53 -6.36
N LEU E 75 -25.46 -35.74 -5.58
CA LEU E 75 -24.46 -36.23 -4.64
C LEU E 75 -25.06 -36.32 -3.25
N ALA E 76 -24.78 -37.41 -2.56
CA ALA E 76 -25.10 -37.61 -1.16
C ALA E 76 -23.95 -38.38 -0.52
N ASP E 77 -24.22 -38.91 0.68
CA ASP E 77 -23.31 -39.06 1.81
C ASP E 77 -21.95 -39.68 1.49
N LEU E 78 -21.00 -39.44 2.38
CA LEU E 78 -19.59 -39.48 2.10
C LEU E 78 -18.84 -40.41 3.02
N THR E 79 -19.41 -40.76 4.18
CA THR E 79 -18.78 -41.35 5.36
C THR E 79 -17.92 -42.59 5.12
N ALA E 80 -17.02 -42.88 6.07
CA ALA E 80 -15.92 -43.80 5.89
C ALA E 80 -15.92 -44.84 7.01
N VAL E 81 -16.89 -45.76 6.96
CA VAL E 81 -17.38 -46.51 8.13
C VAL E 81 -16.25 -47.25 8.82
N ASP E 82 -16.02 -46.91 10.09
CA ASP E 82 -14.80 -47.27 10.80
C ASP E 82 -14.82 -48.76 11.11
N ILE E 83 -14.10 -49.52 10.30
CA ILE E 83 -14.08 -50.97 10.47
C ILE E 83 -12.67 -51.39 10.85
N PRO E 84 -12.44 -51.80 12.08
CA PRO E 84 -11.18 -52.45 12.43
C PRO E 84 -11.10 -53.88 11.95
N THR E 85 -10.07 -54.61 12.40
CA THR E 85 -9.67 -55.93 11.90
C THR E 85 -9.36 -55.86 10.40
N ARG E 86 -8.84 -54.73 9.97
CA ARG E 86 -8.42 -54.51 8.60
C ARG E 86 -7.15 -53.67 8.64
N GLN E 87 -6.43 -53.66 7.53
CA GLN E 87 -5.34 -52.70 7.45
C GLN E 87 -5.81 -51.42 6.76
N ASN E 88 -6.72 -51.55 5.81
CA ASN E 88 -7.43 -50.39 5.24
C ASN E 88 -8.70 -50.23 6.06
N ARG E 89 -8.68 -49.30 7.01
CA ARG E 89 -9.73 -49.21 8.01
C ARG E 89 -10.97 -48.52 7.47
N PHE E 90 -10.80 -47.37 6.84
CA PHE E 90 -11.92 -46.46 6.65
C PHE E 90 -12.56 -46.69 5.28
N GLU E 91 -13.87 -46.46 5.21
CA GLU E 91 -14.59 -46.70 3.97
C GLU E 91 -15.28 -45.42 3.51
N ILE E 92 -14.74 -44.81 2.45
CA ILE E 92 -15.35 -43.60 1.91
C ILE E 92 -16.53 -44.02 1.07
N VAL E 93 -17.72 -43.58 1.46
CA VAL E 93 -18.94 -44.01 0.78
C VAL E 93 -19.55 -42.77 0.13
N TYR E 94 -19.37 -42.71 -1.19
CA TYR E 94 -20.11 -41.79 -2.04
C TYR E 94 -21.50 -42.35 -2.25
N ASN E 95 -22.51 -41.49 -2.28
CA ASN E 95 -23.83 -41.99 -2.61
C ASN E 95 -24.37 -41.15 -3.77
N LEU E 96 -24.82 -41.80 -4.83
CA LEU E 96 -25.20 -41.06 -6.01
C LEU E 96 -26.62 -41.40 -6.43
N LEU E 97 -27.35 -40.36 -6.80
CA LEU E 97 -28.73 -40.45 -7.23
C LEU E 97 -28.86 -39.83 -8.61
N SER E 98 -29.59 -40.52 -9.49
CA SER E 98 -29.80 -40.09 -10.87
C SER E 98 -31.06 -39.26 -10.97
N LEU E 99 -30.93 -38.05 -11.49
CA LEU E 99 -32.09 -37.23 -11.79
C LEU E 99 -32.90 -37.82 -12.94
N ARG E 100 -32.22 -38.44 -13.90
CA ARG E 100 -32.89 -38.92 -15.10
C ARG E 100 -33.42 -40.33 -14.96
N PHE E 101 -32.81 -41.17 -14.14
CA PHE E 101 -33.14 -42.59 -14.14
C PHE E 101 -33.74 -43.12 -12.85
N ASN E 102 -33.75 -42.34 -11.76
CA ASN E 102 -34.34 -42.70 -10.47
C ASN E 102 -33.72 -43.98 -9.91
N SER E 103 -32.44 -43.89 -9.57
CA SER E 103 -31.72 -45.06 -9.08
C SER E 103 -30.59 -44.62 -8.16
N ARG E 104 -30.23 -45.52 -7.24
CA ARG E 104 -29.24 -45.22 -6.22
C ARG E 104 -28.06 -46.17 -6.33
N ILE E 105 -26.87 -45.59 -6.49
CA ILE E 105 -25.64 -46.36 -6.52
C ILE E 105 -24.75 -45.88 -5.37
N ARG E 106 -24.08 -46.82 -4.73
CA ARG E 106 -23.21 -46.55 -3.60
C ARG E 106 -21.78 -46.86 -4.02
N VAL E 107 -20.98 -45.82 -4.19
CA VAL E 107 -19.61 -45.97 -4.59
C VAL E 107 -18.80 -46.08 -3.30
N LYS E 108 -18.47 -47.29 -2.91
CA LYS E 108 -17.67 -47.53 -1.73
C LYS E 108 -16.23 -47.69 -2.16
N THR E 109 -15.41 -46.69 -1.89
CA THR E 109 -13.98 -46.87 -2.09
C THR E 109 -13.31 -47.08 -0.75
N TYR E 110 -12.27 -47.88 -0.75
CA TYR E 110 -11.63 -48.21 0.53
C TYR E 110 -10.41 -47.33 0.75
N THR E 111 -10.06 -47.09 2.02
CA THR E 111 -8.86 -46.34 2.32
C THR E 111 -8.33 -46.69 3.70
N ASP E 112 -7.06 -46.34 3.92
CA ASP E 112 -6.37 -46.56 5.18
C ASP E 112 -6.38 -45.28 6.02
N GLU E 113 -5.55 -45.27 7.07
CA GLU E 113 -5.54 -44.17 8.01
C GLU E 113 -4.88 -42.92 7.45
N LEU E 114 -3.78 -43.09 6.71
CA LEU E 114 -2.90 -41.97 6.42
C LEU E 114 -2.75 -41.63 4.94
N THR E 115 -3.17 -42.50 4.03
CA THR E 115 -2.97 -42.16 2.63
C THR E 115 -4.22 -41.52 2.06
N PRO E 116 -4.12 -40.36 1.42
CA PRO E 116 -5.32 -39.66 0.96
C PRO E 116 -5.94 -40.31 -0.27
N VAL E 117 -7.27 -40.29 -0.32
CA VAL E 117 -7.99 -40.37 -1.58
C VAL E 117 -8.07 -38.97 -2.14
N GLU E 118 -8.47 -38.84 -3.40
CA GLU E 118 -8.08 -37.72 -4.24
C GLU E 118 -9.12 -36.59 -4.31
N SER E 119 -9.86 -36.34 -3.21
CA SER E 119 -10.55 -35.08 -2.94
C SER E 119 -11.58 -34.73 -4.01
N SER E 120 -12.71 -35.45 -3.97
CA SER E 120 -13.77 -35.39 -4.97
C SER E 120 -14.45 -34.04 -5.19
N VAL E 121 -14.03 -32.99 -4.47
CA VAL E 121 -14.62 -31.67 -4.59
C VAL E 121 -14.34 -31.03 -5.96
N SER E 122 -13.38 -31.57 -6.73
CA SER E 122 -13.06 -31.03 -8.04
C SER E 122 -14.20 -31.18 -9.02
N VAL E 123 -14.97 -32.27 -8.93
CA VAL E 123 -16.10 -32.48 -9.81
C VAL E 123 -17.43 -32.37 -9.09
N TYR E 124 -17.44 -32.38 -7.77
CA TYR E 124 -18.65 -32.35 -6.97
C TYR E 124 -18.59 -31.15 -6.03
N LYS E 125 -19.37 -30.11 -6.35
CA LYS E 125 -19.38 -28.94 -5.51
C LYS E 125 -20.15 -29.13 -4.21
N ALA E 126 -20.89 -30.23 -4.07
CA ALA E 126 -21.53 -30.56 -2.80
C ALA E 126 -20.61 -31.25 -1.82
N ALA E 127 -19.44 -31.69 -2.27
CA ALA E 127 -18.56 -32.49 -1.45
C ALA E 127 -17.66 -31.65 -0.55
N ASN E 128 -17.79 -30.32 -0.57
CA ASN E 128 -16.82 -29.48 0.12
C ASN E 128 -16.95 -29.61 1.64
N TRP E 129 -18.12 -29.31 2.17
CA TRP E 129 -18.29 -29.46 3.61
C TRP E 129 -18.43 -30.91 4.02
N TYR E 130 -18.78 -31.80 3.11
CA TYR E 130 -18.72 -33.23 3.39
C TYR E 130 -17.30 -33.68 3.65
N GLU E 131 -16.37 -33.26 2.79
CA GLU E 131 -14.96 -33.59 2.96
C GLU E 131 -14.38 -32.91 4.19
N ARG E 132 -14.83 -31.68 4.48
CA ARG E 132 -14.37 -31.01 5.70
C ARG E 132 -14.88 -31.70 6.95
N GLU E 133 -16.11 -32.22 6.89
CA GLU E 133 -16.67 -32.98 8.00
C GLU E 133 -15.90 -34.28 8.21
N ILE E 134 -15.58 -34.99 7.13
CA ILE E 134 -14.84 -36.26 7.29
C ILE E 134 -13.44 -36.00 7.80
N TRP E 135 -12.80 -34.92 7.35
CA TRP E 135 -11.50 -34.54 7.90
C TRP E 135 -11.58 -34.19 9.38
N ASP E 136 -12.67 -33.54 9.79
CA ASP E 136 -12.77 -33.15 11.20
C ASP E 136 -13.07 -34.36 12.08
N MET E 137 -13.95 -35.24 11.63
CA MET E 137 -14.36 -36.32 12.53
C MET E 137 -13.43 -37.52 12.48
N PHE E 138 -12.69 -37.71 11.40
CA PHE E 138 -11.85 -38.90 11.25
C PHE E 138 -10.37 -38.56 11.14
N GLY E 139 -10.01 -37.68 10.22
CA GLY E 139 -8.62 -37.47 9.88
C GLY E 139 -8.21 -38.01 8.53
N VAL E 140 -9.16 -38.38 7.69
CA VAL E 140 -8.86 -38.79 6.32
C VAL E 140 -8.41 -37.54 5.57
N PHE E 141 -7.13 -37.48 5.22
CA PHE E 141 -6.61 -36.28 4.59
C PHE E 141 -7.04 -36.21 3.14
N PHE E 142 -7.17 -34.98 2.63
CA PHE E 142 -7.67 -34.70 1.29
C PHE E 142 -6.71 -33.74 0.59
N ALA E 143 -5.75 -34.31 -0.13
CA ALA E 143 -4.82 -33.49 -0.91
C ALA E 143 -5.53 -32.91 -2.13
N ASN E 144 -5.08 -31.72 -2.54
CA ASN E 144 -5.72 -30.88 -3.56
C ASN E 144 -7.16 -30.55 -3.16
N HIS E 145 -7.25 -29.79 -2.07
CA HIS E 145 -8.51 -29.30 -1.54
C HIS E 145 -8.30 -27.84 -1.21
N PRO E 146 -9.32 -26.98 -1.41
CA PRO E 146 -9.15 -25.56 -1.08
C PRO E 146 -8.96 -25.26 0.41
N ASP E 147 -9.89 -25.67 1.28
CA ASP E 147 -9.81 -25.32 2.70
C ASP E 147 -10.28 -26.49 3.56
N LEU E 148 -9.37 -27.00 4.39
CA LEU E 148 -9.66 -28.02 5.38
C LEU E 148 -9.62 -27.36 6.75
N ARG E 149 -10.75 -27.39 7.47
CA ARG E 149 -10.81 -26.83 8.81
C ARG E 149 -11.57 -27.80 9.71
N ARG E 150 -11.76 -27.40 10.95
CA ARG E 150 -12.57 -28.16 11.90
C ARG E 150 -13.95 -27.56 11.98
N ILE E 151 -14.93 -28.23 11.36
CA ILE E 151 -16.33 -27.84 11.41
C ILE E 151 -17.12 -29.05 11.87
N LEU E 152 -18.04 -28.81 12.84
CA LEU E 152 -18.83 -29.72 13.70
C LEU E 152 -18.04 -30.21 14.90
N THR E 153 -16.90 -29.62 15.21
CA THR E 153 -16.25 -29.83 16.50
C THR E 153 -15.90 -28.49 17.12
N ASP E 154 -15.47 -28.54 18.38
CA ASP E 154 -14.86 -27.39 19.01
C ASP E 154 -13.47 -27.18 18.39
N TYR E 155 -12.98 -25.94 18.49
CA TYR E 155 -11.68 -25.61 17.94
C TYR E 155 -10.56 -26.24 18.76
N GLY E 156 -10.50 -25.91 20.04
CA GLY E 156 -9.44 -26.43 20.89
C GLY E 156 -9.53 -27.91 21.22
N PHE E 157 -10.60 -28.57 20.79
CA PHE E 157 -10.78 -30.00 20.98
C PHE E 157 -10.13 -30.78 19.85
N GLU E 158 -9.51 -31.90 20.19
CA GLU E 158 -8.94 -32.78 19.18
C GLU E 158 -9.10 -34.22 19.64
N GLY E 159 -8.96 -35.13 18.69
CA GLY E 159 -9.10 -36.54 18.98
C GLY E 159 -9.77 -37.32 17.86
N HIS E 160 -10.43 -36.60 16.94
CA HIS E 160 -11.20 -37.12 15.81
C HIS E 160 -12.28 -38.07 16.33
N PRO E 161 -13.34 -37.53 16.93
CA PRO E 161 -14.11 -38.31 17.91
C PRO E 161 -15.00 -39.39 17.34
N PHE E 162 -15.37 -39.35 16.07
CA PHE E 162 -16.24 -40.43 15.57
C PHE E 162 -15.49 -41.72 15.27
N ARG E 163 -14.20 -41.83 15.57
CA ARG E 163 -13.49 -43.09 15.53
C ARG E 163 -14.02 -44.05 16.59
N LYS E 164 -13.58 -45.30 16.52
CA LYS E 164 -13.87 -46.25 17.59
C LYS E 164 -12.88 -46.14 18.74
N ASP E 165 -11.70 -45.58 18.49
CA ASP E 165 -10.73 -45.41 19.56
C ASP E 165 -11.14 -44.30 20.51
N PHE E 166 -11.86 -43.32 20.03
CA PHE E 166 -12.40 -42.30 20.91
C PHE E 166 -13.59 -42.89 21.65
N PRO E 167 -13.63 -42.81 22.99
CA PRO E 167 -14.73 -43.45 23.74
C PRO E 167 -15.99 -42.62 23.67
N LEU E 168 -17.03 -42.99 24.43
CA LEU E 168 -18.28 -42.25 24.37
C LEU E 168 -18.13 -40.87 24.98
N SER E 169 -17.76 -40.81 26.25
CA SER E 169 -17.49 -39.53 26.86
C SER E 169 -16.18 -38.97 26.32
N GLY E 170 -16.12 -37.64 26.26
CA GLY E 170 -14.88 -37.00 25.90
C GLY E 170 -13.85 -37.10 27.00
N TYR E 171 -12.60 -36.81 26.64
CA TYR E 171 -11.55 -36.77 27.64
C TYR E 171 -11.60 -35.48 28.44
N VAL E 172 -12.08 -34.41 27.83
CA VAL E 172 -12.14 -33.11 28.49
C VAL E 172 -13.58 -32.78 28.83
N GLU E 173 -13.74 -31.90 29.82
CA GLU E 173 -15.04 -31.53 30.34
C GLU E 173 -14.92 -30.12 30.89
N LEU E 174 -15.77 -29.23 30.42
CA LEU E 174 -15.66 -27.83 30.82
C LEU E 174 -16.37 -27.56 32.13
N ARG E 175 -15.85 -26.58 32.85
CA ARG E 175 -16.56 -25.98 33.96
C ARG E 175 -16.07 -24.55 34.11
N TYR E 176 -16.96 -23.68 34.57
CA TYR E 176 -16.55 -22.34 34.92
C TYR E 176 -15.91 -22.34 36.29
N ASP E 177 -14.88 -21.53 36.46
CA ASP E 177 -14.36 -21.29 37.80
C ASP E 177 -13.95 -19.84 37.95
N ASP E 178 -14.15 -19.35 39.17
CA ASP E 178 -13.91 -17.98 39.57
C ASP E 178 -12.47 -17.75 40.00
N GLU E 179 -11.65 -18.81 39.97
CA GLU E 179 -10.22 -18.66 40.24
C GLU E 179 -9.55 -17.80 39.19
N VAL E 180 -9.61 -18.25 37.93
CA VAL E 180 -9.11 -17.47 36.81
C VAL E 180 -10.26 -16.83 36.02
N LYS E 181 -11.47 -16.82 36.61
CA LYS E 181 -12.61 -16.01 36.16
C LYS E 181 -13.09 -16.41 34.76
N ARG E 182 -12.99 -17.68 34.42
CA ARG E 182 -13.30 -18.12 33.06
C ARG E 182 -13.62 -19.61 33.07
N VAL E 183 -13.82 -20.18 31.89
CA VAL E 183 -14.19 -21.57 31.74
C VAL E 183 -12.94 -22.36 31.37
N VAL E 184 -12.70 -23.46 32.08
CA VAL E 184 -11.54 -24.31 31.83
C VAL E 184 -12.00 -25.74 31.60
N ALA E 185 -11.13 -26.50 30.95
CA ALA E 185 -11.35 -27.92 30.69
C ALA E 185 -10.56 -28.77 31.67
N GLU E 186 -11.16 -29.87 32.08
CA GLU E 186 -10.61 -30.80 33.05
C GLU E 186 -10.76 -32.22 32.51
N PRO E 187 -9.96 -33.16 33.02
CA PRO E 187 -10.25 -34.57 32.73
C PRO E 187 -11.61 -34.96 33.28
N VAL E 188 -12.25 -35.91 32.59
CA VAL E 188 -13.69 -36.12 32.74
C VAL E 188 -13.99 -36.78 34.08
N GLU E 189 -14.95 -36.22 34.79
CA GLU E 189 -15.42 -36.73 36.07
C GLU E 189 -16.90 -36.99 35.90
N LEU E 190 -17.25 -38.20 35.47
CA LEU E 190 -18.64 -38.56 35.26
C LEU E 190 -19.38 -38.64 36.59
N ALA E 191 -20.68 -38.37 36.53
CA ALA E 191 -21.53 -38.56 37.69
C ALA E 191 -22.16 -39.94 37.73
N GLN E 192 -22.07 -40.70 36.64
CA GLN E 192 -22.63 -42.04 36.60
C GLN E 192 -21.89 -42.81 35.51
N GLU E 193 -22.14 -44.12 35.45
CA GLU E 193 -21.20 -45.05 34.82
C GLU E 193 -21.32 -45.11 33.30
N PHE E 194 -22.51 -44.85 32.75
CA PHE E 194 -22.91 -45.31 31.41
C PHE E 194 -22.73 -46.82 31.30
N ARG E 195 -23.65 -47.52 31.95
CA ARG E 195 -23.66 -48.97 32.01
C ARG E 195 -23.70 -49.61 30.62
N LYS E 196 -23.24 -50.85 30.56
CA LYS E 196 -22.92 -51.53 29.31
C LYS E 196 -23.61 -52.87 29.30
N PHE E 197 -24.67 -52.99 28.52
CA PHE E 197 -25.53 -54.16 28.54
C PHE E 197 -25.01 -55.18 27.53
N ASP E 198 -24.59 -56.35 28.00
CA ASP E 198 -24.07 -57.39 27.10
C ASP E 198 -25.25 -58.05 26.40
N LEU E 199 -25.72 -57.39 25.35
CA LEU E 199 -26.93 -57.79 24.65
C LEU E 199 -26.67 -58.72 23.48
N ASN E 200 -25.40 -59.00 23.16
CA ASN E 200 -25.07 -59.83 22.00
C ASN E 200 -25.36 -61.28 22.34
N SER E 201 -26.62 -61.65 22.17
CA SER E 201 -27.12 -62.98 22.50
C SER E 201 -26.59 -64.01 21.51
N PRO E 202 -26.36 -65.23 21.97
CA PRO E 202 -25.98 -66.31 21.05
C PRO E 202 -27.13 -66.83 20.19
N TRP E 203 -26.87 -67.99 19.56
CA TRP E 203 -27.81 -68.90 18.90
C TRP E 203 -28.23 -68.53 17.48
N GLU E 204 -27.46 -67.71 16.76
CA GLU E 204 -27.37 -67.75 15.30
C GLU E 204 -28.71 -67.44 14.62
N ALA E 205 -29.16 -66.19 14.80
CA ALA E 205 -30.48 -65.78 14.32
C ALA E 205 -30.62 -65.80 12.81
N PHE E 206 -29.53 -65.86 12.06
CA PHE E 206 -29.57 -65.89 10.60
C PHE E 206 -28.64 -66.98 10.10
N PRO E 207 -29.19 -68.11 9.63
CA PRO E 207 -28.31 -69.19 9.14
C PRO E 207 -27.68 -68.89 7.79
N ALA E 208 -28.21 -67.95 7.02
CA ALA E 208 -27.67 -67.70 5.69
C ALA E 208 -26.37 -66.91 5.72
N TYR E 209 -26.20 -66.03 6.72
CA TYR E 209 -25.04 -65.16 6.80
C TYR E 209 -23.93 -65.75 7.66
N ARG E 210 -23.82 -67.08 7.72
CA ARG E 210 -22.76 -67.71 8.49
C ARG E 210 -21.45 -67.58 7.75
N GLN E 211 -20.45 -67.02 8.41
CA GLN E 211 -19.11 -67.02 7.89
C GLN E 211 -18.41 -68.34 8.21
N PRO E 212 -17.53 -68.82 7.35
CA PRO E 212 -16.85 -70.10 7.61
C PRO E 212 -15.82 -69.98 8.70
N PRO E 213 -15.95 -70.75 9.79
CA PRO E 213 -15.00 -70.65 10.89
C PRO E 213 -13.73 -71.45 10.60
N GLU E 214 -12.76 -71.32 11.49
CA GLU E 214 -11.49 -72.00 11.35
C GLU E 214 -11.40 -73.23 12.25
N SER F 24 -42.87 1.48 65.63
CA SER F 24 -41.73 1.24 64.76
C SER F 24 -42.07 1.62 63.32
N ARG F 25 -42.39 2.89 63.12
CA ARG F 25 -42.79 3.34 61.79
C ARG F 25 -41.63 3.38 60.81
N GLY F 26 -40.39 3.40 61.30
CA GLY F 26 -39.26 3.17 60.43
C GLY F 26 -39.30 1.79 59.77
N GLU F 27 -39.50 0.76 60.58
CA GLU F 27 -39.69 -0.60 60.07
C GLU F 27 -40.94 -0.72 59.20
N TYR F 28 -41.99 0.05 59.55
CA TYR F 28 -43.22 0.06 58.77
C TYR F 28 -42.98 0.62 57.37
N VAL F 29 -42.26 1.73 57.27
CA VAL F 29 -41.93 2.33 55.98
C VAL F 29 -40.99 1.43 55.19
N VAL F 30 -40.06 0.76 55.89
CA VAL F 30 -39.15 -0.19 55.23
C VAL F 30 -39.92 -1.35 54.60
N ALA F 31 -40.86 -1.94 55.35
CA ALA F 31 -41.63 -3.07 54.85
C ALA F 31 -42.54 -2.67 53.70
N LYS F 32 -43.19 -1.51 53.81
CA LYS F 32 -44.09 -1.07 52.74
C LYS F 32 -43.33 -0.70 51.48
N LEU F 33 -42.19 -0.01 51.62
CA LEU F 33 -41.40 0.36 50.47
C LEU F 33 -40.77 -0.86 49.82
N ASP F 34 -40.39 -1.86 50.62
CA ASP F 34 -39.86 -3.11 50.06
C ASP F 34 -40.92 -3.86 49.28
N ASP F 35 -42.16 -3.89 49.81
CA ASP F 35 -43.27 -4.48 49.07
C ASP F 35 -43.50 -3.77 47.74
N LEU F 36 -43.44 -2.44 47.75
CA LEU F 36 -43.66 -1.68 46.53
C LEU F 36 -42.56 -1.92 45.49
N ILE F 37 -41.29 -1.91 45.93
CA ILE F 37 -40.22 -2.08 44.94
C ILE F 37 -40.15 -3.51 44.43
N ASN F 38 -40.45 -4.50 45.28
CA ASN F 38 -40.37 -5.87 44.82
C ASN F 38 -41.57 -6.22 43.94
N TRP F 39 -42.74 -5.66 44.23
CA TRP F 39 -43.87 -5.79 43.31
C TRP F 39 -43.59 -5.12 41.98
N ALA F 40 -42.86 -3.99 42.02
CA ALA F 40 -42.45 -3.32 40.79
C ALA F 40 -41.48 -4.17 39.99
N ARG F 41 -40.58 -4.89 40.68
CA ARG F 41 -39.68 -5.81 39.98
C ARG F 41 -40.45 -6.97 39.36
N ARG F 42 -41.24 -7.68 40.15
CA ARG F 42 -41.93 -8.87 39.68
C ARG F 42 -43.13 -8.58 38.78
N SER F 43 -43.48 -7.31 38.58
CA SER F 43 -44.67 -6.96 37.82
C SER F 43 -44.51 -7.31 36.35
N SER F 44 -43.51 -6.73 35.68
CA SER F 44 -43.39 -6.93 34.23
C SER F 44 -42.44 -8.08 33.90
N LEU F 45 -41.16 -7.95 34.25
CA LEU F 45 -40.11 -8.96 34.06
C LEU F 45 -39.97 -9.38 32.60
N TRP F 46 -39.51 -8.44 31.77
CA TRP F 46 -39.32 -8.83 30.37
C TRP F 46 -38.05 -9.67 30.24
N PRO F 47 -38.13 -10.83 29.61
CA PRO F 47 -36.96 -11.72 29.51
C PRO F 47 -36.18 -11.51 28.24
N MET F 48 -35.10 -12.25 28.10
CA MET F 48 -34.49 -12.51 26.80
C MET F 48 -34.60 -14.01 26.53
N THR F 49 -34.92 -14.35 25.30
CA THR F 49 -35.10 -15.75 24.91
C THR F 49 -33.80 -16.20 24.27
N PHE F 50 -33.00 -16.96 25.03
CA PHE F 50 -31.73 -17.43 24.47
C PHE F 50 -32.00 -18.56 23.49
N GLY F 51 -32.56 -19.67 23.96
CA GLY F 51 -33.28 -20.59 23.11
C GLY F 51 -32.53 -21.35 22.03
N LEU F 52 -31.72 -22.35 22.41
CA LEU F 52 -30.91 -23.04 21.42
C LEU F 52 -31.72 -24.00 20.55
N ALA F 53 -32.23 -25.07 21.15
CA ALA F 53 -32.95 -26.11 20.44
C ALA F 53 -34.44 -26.00 20.69
N CYS F 54 -35.19 -27.03 20.29
CA CYS F 54 -36.64 -27.16 20.34
C CYS F 54 -37.41 -26.67 21.57
N CYS F 55 -36.73 -26.59 22.72
CA CYS F 55 -37.25 -25.79 23.82
C CYS F 55 -37.50 -24.33 23.43
N ALA F 56 -36.74 -23.80 22.47
CA ALA F 56 -37.04 -22.48 21.94
C ALA F 56 -38.37 -22.48 21.19
N VAL F 57 -38.68 -23.57 20.50
CA VAL F 57 -39.95 -23.64 19.80
C VAL F 57 -41.09 -23.72 20.80
N GLU F 58 -40.90 -24.40 21.92
CA GLU F 58 -41.96 -24.40 22.92
C GLU F 58 -42.07 -23.07 23.65
N MET F 59 -40.98 -22.32 23.77
CA MET F 59 -41.07 -20.97 24.30
C MET F 59 -41.81 -20.04 23.36
N MET F 60 -41.59 -20.20 22.06
CA MET F 60 -42.37 -19.45 21.09
C MET F 60 -43.83 -19.91 21.06
N HIS F 61 -44.10 -21.14 21.52
CA HIS F 61 -45.47 -21.59 21.71
C HIS F 61 -46.10 -21.16 23.04
N MET F 62 -45.32 -20.71 24.00
CA MET F 62 -45.94 -19.91 25.06
C MET F 62 -45.89 -18.44 24.75
N ALA F 63 -45.29 -18.06 23.63
CA ALA F 63 -45.52 -16.76 23.04
C ALA F 63 -46.76 -16.76 22.15
N ALA F 64 -47.38 -17.92 21.96
CA ALA F 64 -48.49 -18.09 21.05
C ALA F 64 -49.73 -17.36 21.58
N PRO F 65 -50.72 -17.11 20.73
CA PRO F 65 -51.95 -16.44 21.20
C PRO F 65 -52.76 -17.18 22.26
N ARG F 66 -52.55 -18.47 22.49
CA ARG F 66 -53.34 -19.12 23.54
C ARG F 66 -52.74 -18.86 24.93
N TYR F 67 -51.55 -19.38 25.18
CA TYR F 67 -50.86 -19.10 26.43
C TYR F 67 -50.20 -17.73 26.29
N ASP F 68 -50.70 -16.74 27.01
CA ASP F 68 -50.26 -15.38 26.76
C ASP F 68 -48.95 -15.09 27.46
N MET F 69 -48.37 -13.95 27.11
CA MET F 69 -47.38 -13.32 27.94
C MET F 69 -47.66 -11.84 28.17
N ASP F 70 -48.60 -11.24 27.44
CA ASP F 70 -48.98 -9.84 27.69
C ASP F 70 -49.54 -9.66 29.08
N ARG F 71 -50.32 -10.64 29.54
CA ARG F 71 -51.06 -10.52 30.79
C ARG F 71 -50.14 -10.37 31.99
N PHE F 72 -48.94 -10.92 31.92
CA PHE F 72 -48.02 -10.90 33.05
C PHE F 72 -46.95 -9.82 32.88
N GLY F 73 -47.18 -8.87 31.98
CA GLY F 73 -46.20 -7.85 31.69
C GLY F 73 -44.96 -8.35 31.00
N VAL F 74 -45.01 -9.56 30.44
CA VAL F 74 -43.84 -10.26 29.96
C VAL F 74 -43.72 -10.01 28.47
N VAL F 75 -42.70 -9.27 28.08
CA VAL F 75 -42.46 -8.90 26.68
C VAL F 75 -41.26 -9.69 26.20
N PHE F 76 -41.48 -10.56 25.21
CA PHE F 76 -40.35 -11.26 24.61
C PHE F 76 -39.52 -10.28 23.80
N ARG F 77 -38.21 -10.33 24.01
CA ARG F 77 -37.34 -9.27 23.50
C ARG F 77 -35.92 -9.82 23.42
N ALA F 78 -35.30 -9.67 22.26
CA ALA F 78 -33.96 -10.19 22.05
C ALA F 78 -32.86 -9.30 22.64
N SER F 79 -33.22 -8.19 23.26
CA SER F 79 -32.21 -7.28 23.81
C SER F 79 -31.55 -7.88 25.03
N PRO F 80 -30.23 -7.99 25.05
CA PRO F 80 -29.56 -8.53 26.24
C PRO F 80 -29.26 -7.46 27.28
N ARG F 81 -29.23 -6.20 26.84
CA ARG F 81 -28.79 -5.12 27.71
C ARG F 81 -29.80 -4.78 28.79
N GLN F 82 -31.06 -5.17 28.60
CA GLN F 82 -32.13 -4.82 29.52
C GLN F 82 -32.84 -6.05 30.07
N SER F 83 -32.15 -7.19 30.09
CA SER F 83 -32.78 -8.46 30.40
C SER F 83 -33.02 -8.59 31.91
N ASP F 84 -34.29 -8.72 32.30
CA ASP F 84 -34.61 -8.96 33.70
C ASP F 84 -34.28 -10.39 34.08
N VAL F 85 -34.98 -11.34 33.48
CA VAL F 85 -34.68 -12.75 33.68
C VAL F 85 -34.16 -13.29 32.35
N MET F 86 -33.61 -14.49 32.40
CA MET F 86 -33.07 -15.11 31.20
C MET F 86 -33.44 -16.58 31.21
N ILE F 87 -34.04 -17.03 30.12
CA ILE F 87 -34.57 -18.39 30.03
C ILE F 87 -33.57 -19.19 29.21
N VAL F 88 -32.70 -19.92 29.91
CA VAL F 88 -31.73 -20.78 29.23
C VAL F 88 -32.47 -22.04 28.81
N ALA F 89 -32.55 -22.25 27.51
CA ALA F 89 -33.30 -23.39 26.99
C ALA F 89 -32.59 -23.92 25.76
N GLY F 90 -32.78 -25.20 25.49
CA GLY F 90 -32.04 -25.83 24.43
C GLY F 90 -30.99 -26.76 25.00
N THR F 91 -29.87 -26.93 24.31
CA THR F 91 -28.83 -27.85 24.75
C THR F 91 -27.49 -27.13 24.77
N LEU F 92 -26.96 -26.94 25.97
CA LEU F 92 -25.69 -26.24 26.14
C LEU F 92 -24.53 -27.14 25.73
N THR F 93 -23.62 -26.60 24.90
CA THR F 93 -22.46 -27.34 24.46
C THR F 93 -21.18 -26.60 24.88
N ASN F 94 -20.05 -27.29 24.69
CA ASN F 94 -18.76 -26.71 25.05
C ASN F 94 -18.43 -25.53 24.15
N LYS F 95 -18.78 -25.63 22.88
CA LYS F 95 -18.62 -24.50 21.97
C LYS F 95 -19.57 -23.36 22.30
N MET F 96 -20.70 -23.67 22.95
CA MET F 96 -21.68 -22.65 23.29
C MET F 96 -21.31 -21.89 24.55
N ALA F 97 -20.69 -22.57 25.52
CA ALA F 97 -20.63 -22.06 26.89
C ALA F 97 -19.87 -20.73 27.10
N PRO F 98 -18.69 -20.46 26.49
CA PRO F 98 -18.10 -19.14 26.72
C PRO F 98 -18.90 -18.00 26.13
N ALA F 99 -19.52 -18.24 24.97
CA ALA F 99 -20.40 -17.23 24.39
C ALA F 99 -21.65 -17.05 25.25
N LEU F 100 -22.14 -18.12 25.88
CA LEU F 100 -23.27 -18.00 26.79
C LEU F 100 -22.93 -17.16 28.00
N ARG F 101 -21.75 -17.38 28.59
CA ARG F 101 -21.42 -16.55 29.75
C ARG F 101 -21.03 -15.13 29.35
N LYS F 102 -20.55 -14.91 28.13
CA LYS F 102 -20.36 -13.54 27.67
C LYS F 102 -21.71 -12.83 27.49
N VAL F 103 -22.73 -13.55 27.04
CA VAL F 103 -24.09 -13.01 27.05
C VAL F 103 -24.53 -12.72 28.48
N TYR F 104 -24.14 -13.59 29.41
CA TYR F 104 -24.54 -13.43 30.81
C TYR F 104 -23.87 -12.23 31.47
N ASP F 105 -22.67 -11.85 31.02
CA ASP F 105 -21.94 -10.80 31.72
C ASP F 105 -22.52 -9.42 31.42
N GLN F 106 -22.68 -9.07 30.15
CA GLN F 106 -23.29 -7.78 29.79
C GLN F 106 -24.79 -7.86 30.07
N MET F 107 -25.12 -7.70 31.36
CA MET F 107 -26.47 -7.88 31.85
C MET F 107 -26.48 -7.18 33.21
N PRO F 108 -27.54 -6.46 33.55
CA PRO F 108 -27.58 -5.80 34.85
C PRO F 108 -27.67 -6.79 35.99
N GLU F 109 -27.03 -6.44 37.10
CA GLU F 109 -26.82 -7.28 38.27
C GLU F 109 -28.11 -7.77 38.96
N PRO F 110 -29.24 -7.00 39.01
CA PRO F 110 -30.50 -7.68 39.33
C PRO F 110 -30.94 -8.54 38.17
N ARG F 111 -30.78 -9.85 38.32
CA ARG F 111 -31.01 -10.79 37.22
C ARG F 111 -31.40 -12.13 37.80
N TYR F 112 -32.17 -12.90 37.02
CA TYR F 112 -32.67 -14.19 37.47
C TYR F 112 -32.65 -15.16 36.29
N VAL F 113 -32.52 -16.45 36.59
CA VAL F 113 -32.29 -17.46 35.57
C VAL F 113 -33.32 -18.57 35.69
N VAL F 114 -33.98 -18.87 34.57
CA VAL F 114 -34.88 -20.01 34.46
C VAL F 114 -34.23 -21.02 33.54
N SER F 115 -33.82 -22.16 34.08
CA SER F 115 -33.29 -23.26 33.28
C SER F 115 -34.46 -24.12 32.82
N MET F 116 -34.77 -24.05 31.53
CA MET F 116 -35.86 -24.81 30.95
C MET F 116 -35.30 -26.00 30.20
N GLY F 117 -35.92 -27.15 30.40
CA GLY F 117 -35.56 -28.27 29.56
C GLY F 117 -34.65 -29.28 30.24
N SER F 118 -34.95 -30.55 29.98
CA SER F 118 -34.17 -31.66 30.51
C SER F 118 -32.73 -31.60 30.04
N CYS F 119 -32.51 -31.15 28.80
CA CYS F 119 -31.15 -30.97 28.30
C CYS F 119 -30.38 -29.94 29.12
N ALA F 120 -31.05 -28.87 29.52
CA ALA F 120 -30.34 -27.75 30.10
C ALA F 120 -30.22 -27.83 31.62
N ASN F 121 -31.08 -28.58 32.30
CA ASN F 121 -31.05 -28.56 33.77
C ASN F 121 -30.38 -29.79 34.35
N GLY F 122 -29.27 -30.24 33.77
CA GLY F 122 -28.68 -31.47 34.22
C GLY F 122 -28.29 -32.44 33.11
N GLY F 123 -28.07 -31.92 31.91
CA GLY F 123 -27.52 -32.73 30.84
C GLY F 123 -28.60 -33.44 30.06
N GLY F 124 -29.35 -34.29 30.75
CA GLY F 124 -30.58 -34.81 30.18
C GLY F 124 -30.36 -36.02 29.30
N TYR F 125 -30.94 -35.97 28.12
CA TYR F 125 -30.85 -37.11 27.22
C TYR F 125 -29.47 -37.19 26.61
N TYR F 126 -28.82 -36.05 26.43
CA TYR F 126 -27.40 -36.01 26.08
C TYR F 126 -26.56 -35.80 27.32
N HIS F 127 -26.78 -36.60 28.36
CA HIS F 127 -25.93 -36.44 29.53
C HIS F 127 -24.60 -37.14 29.35
N TYR F 128 -24.63 -38.42 28.95
CA TYR F 128 -23.41 -39.14 28.67
C TYR F 128 -22.99 -38.83 27.25
N SER F 129 -22.16 -37.82 27.08
CA SER F 129 -21.67 -37.47 25.76
C SER F 129 -20.40 -36.66 25.93
N TYR F 130 -19.74 -36.38 24.82
CA TYR F 130 -18.74 -35.34 24.80
C TYR F 130 -19.38 -34.07 24.28
N SER F 131 -18.59 -32.99 24.31
CA SER F 131 -18.92 -31.66 23.81
C SER F 131 -20.10 -30.99 24.52
N VAL F 132 -20.67 -31.61 25.55
CA VAL F 132 -21.87 -31.12 26.21
C VAL F 132 -21.57 -30.88 27.68
N VAL F 133 -21.82 -29.65 28.14
CA VAL F 133 -21.75 -29.36 29.56
C VAL F 133 -22.94 -30.03 30.25
N ARG F 134 -22.68 -30.71 31.38
CA ARG F 134 -23.71 -31.47 32.08
C ARG F 134 -24.65 -30.51 32.79
N GLY F 135 -25.56 -29.92 32.02
CA GLY F 135 -26.48 -28.95 32.54
C GLY F 135 -25.87 -27.57 32.67
N CYS F 136 -26.74 -26.57 32.69
CA CYS F 136 -26.27 -25.19 32.76
C CYS F 136 -25.95 -24.75 34.18
N ASP F 137 -25.99 -25.66 35.16
CA ASP F 137 -25.51 -25.34 36.49
C ASP F 137 -24.02 -25.08 36.50
N ARG F 138 -23.27 -25.72 35.60
CA ARG F 138 -21.83 -25.56 35.57
C ARG F 138 -21.38 -24.30 34.86
N ILE F 139 -22.29 -23.42 34.45
CA ILE F 139 -21.91 -22.15 33.86
C ILE F 139 -22.50 -21.00 34.64
N VAL F 140 -23.82 -20.94 34.72
CA VAL F 140 -24.52 -19.85 35.38
C VAL F 140 -25.32 -20.40 36.56
N PRO F 141 -25.58 -19.61 37.59
CA PRO F 141 -26.49 -20.06 38.65
C PRO F 141 -27.91 -20.14 38.14
N VAL F 142 -28.70 -21.00 38.76
CA VAL F 142 -30.06 -21.27 38.32
C VAL F 142 -31.01 -20.99 39.47
N ASP F 143 -31.98 -20.11 39.23
CA ASP F 143 -33.05 -19.91 40.19
C ASP F 143 -34.15 -20.95 40.02
N ILE F 144 -34.73 -21.04 38.83
CA ILE F 144 -35.90 -21.89 38.62
C ILE F 144 -35.58 -22.96 37.59
N TYR F 145 -35.57 -24.22 38.03
CA TYR F 145 -35.52 -25.33 37.11
C TYR F 145 -36.93 -25.68 36.68
N VAL F 146 -37.13 -25.87 35.38
CA VAL F 146 -38.41 -26.42 34.91
C VAL F 146 -38.13 -27.57 33.96
N PRO F 147 -38.43 -28.79 34.37
CA PRO F 147 -38.08 -29.94 33.54
C PRO F 147 -39.16 -30.26 32.53
N GLY F 148 -38.89 -31.26 31.70
CA GLY F 148 -39.79 -31.61 30.62
C GLY F 148 -39.01 -31.80 29.33
N CYS F 149 -39.61 -32.46 28.35
CA CYS F 149 -39.00 -32.55 27.02
C CYS F 149 -40.10 -32.63 25.98
N PRO F 150 -40.56 -31.49 25.48
CA PRO F 150 -40.30 -30.14 25.99
C PRO F 150 -41.13 -29.90 27.23
N PRO F 151 -40.64 -29.06 28.14
CA PRO F 151 -41.52 -28.58 29.21
C PRO F 151 -42.68 -27.87 28.58
N THR F 152 -43.89 -28.38 28.84
CA THR F 152 -45.11 -27.88 28.23
C THR F 152 -45.28 -26.40 28.58
N ALA F 153 -45.75 -25.63 27.60
CA ALA F 153 -45.85 -24.16 27.72
C ALA F 153 -46.69 -23.77 28.93
N GLU F 154 -47.71 -24.56 29.23
CA GLU F 154 -48.47 -24.44 30.46
C GLU F 154 -47.58 -24.59 31.69
N ALA F 155 -46.73 -25.61 31.69
CA ALA F 155 -45.86 -25.86 32.83
C ALA F 155 -44.78 -24.79 32.96
N LEU F 156 -44.28 -24.29 31.82
CA LEU F 156 -43.31 -23.21 31.85
C LEU F 156 -43.93 -21.94 32.42
N LEU F 157 -45.19 -21.68 32.07
CA LEU F 157 -45.85 -20.50 32.60
C LEU F 157 -46.09 -20.65 34.10
N TYR F 158 -46.35 -21.87 34.56
CA TYR F 158 -46.39 -22.13 36.01
C TYR F 158 -45.04 -21.87 36.66
N GLY F 159 -43.95 -22.26 35.99
CA GLY F 159 -42.63 -22.01 36.53
C GLY F 159 -42.30 -20.54 36.63
N ILE F 160 -42.79 -19.74 35.69
CA ILE F 160 -42.60 -18.30 35.78
C ILE F 160 -43.44 -17.71 36.91
N LEU F 161 -44.62 -18.29 37.18
CA LEU F 161 -45.38 -17.84 38.35
C LEU F 161 -44.65 -18.15 39.66
N GLN F 162 -44.01 -19.31 39.75
CA GLN F 162 -43.30 -19.60 41.00
C GLN F 162 -42.00 -18.80 41.08
N LEU F 163 -41.45 -18.40 39.93
CA LEU F 163 -40.39 -17.38 39.92
C LEU F 163 -40.88 -16.07 40.51
N GLN F 164 -42.08 -15.62 40.12
CA GLN F 164 -42.64 -14.40 40.68
C GLN F 164 -42.86 -14.51 42.18
N LYS F 165 -43.21 -15.70 42.67
CA LYS F 165 -43.38 -15.82 44.11
C LYS F 165 -42.04 -15.86 44.84
N LYS F 166 -40.99 -16.35 44.18
CA LYS F 166 -39.64 -16.19 44.72
C LYS F 166 -39.26 -14.71 44.79
N ILE F 167 -39.67 -13.92 43.80
CA ILE F 167 -39.42 -12.48 43.86
C ILE F 167 -40.23 -11.84 45.00
N LYS F 168 -41.41 -12.38 45.28
CA LYS F 168 -42.20 -11.92 46.41
C LYS F 168 -41.49 -12.17 47.74
N ARG F 169 -40.71 -13.25 47.85
CA ARG F 169 -39.91 -13.48 49.05
C ARG F 169 -38.44 -13.16 48.80
N GLU F 170 -38.04 -11.90 48.99
CA GLU F 170 -36.63 -11.57 48.80
C GLU F 170 -35.98 -10.74 49.92
N LYS F 171 -36.77 -9.94 50.64
CA LYS F 171 -36.43 -9.24 51.92
C LYS F 171 -35.11 -8.45 51.88
N ARG F 172 -34.77 -7.92 50.69
CA ARG F 172 -33.53 -7.16 50.52
C ARG F 172 -33.52 -5.89 51.37
N LEU F 173 -34.60 -5.13 51.37
CA LEU F 173 -34.62 -3.88 52.11
C LEU F 173 -34.74 -4.12 53.61
N ARG F 174 -35.40 -5.23 54.01
CA ARG F 174 -35.38 -5.63 55.42
C ARG F 174 -33.96 -5.91 55.89
N ILE F 175 -33.19 -6.66 55.10
CA ILE F 175 -31.79 -6.94 55.45
C ILE F 175 -30.96 -5.66 55.43
N TRP F 176 -31.26 -4.73 54.53
CA TRP F 176 -30.50 -3.48 54.49
C TRP F 176 -30.80 -2.60 55.68
N TYR F 177 -32.05 -2.56 56.13
CA TYR F 177 -32.39 -1.72 57.27
C TYR F 177 -31.84 -2.29 58.57
N ARG F 178 -32.05 -3.58 58.82
CA ARG F 178 -31.51 -4.15 60.06
C ARG F 178 -30.09 -4.68 59.90
N ARG F 179 -29.41 -4.32 58.82
CA ARG F 179 -27.98 -4.60 58.69
C ARG F 179 -27.19 -3.66 59.57
N THR G 1 -47.57 -35.10 -11.92
CA THR G 1 -48.50 -33.97 -11.93
C THR G 1 -47.87 -32.76 -11.26
N TYR G 2 -47.97 -31.60 -11.90
CA TYR G 2 -47.35 -30.39 -11.39
C TYR G 2 -48.21 -29.18 -11.72
N LYS G 3 -48.19 -28.22 -10.81
CA LYS G 3 -49.02 -27.01 -10.89
C LYS G 3 -48.13 -25.85 -10.47
N TYR G 4 -47.41 -25.26 -11.42
CA TYR G 4 -46.41 -24.29 -11.03
C TYR G 4 -47.00 -22.88 -11.03
N VAL G 5 -46.16 -21.90 -10.71
CA VAL G 5 -46.59 -20.53 -10.45
C VAL G 5 -45.78 -19.57 -11.32
N ASN G 6 -46.16 -18.29 -11.24
CA ASN G 6 -45.44 -17.15 -11.81
C ASN G 6 -45.26 -17.25 -13.32
N LEU G 7 -46.25 -17.79 -14.00
CA LEU G 7 -46.22 -17.76 -15.46
C LEU G 7 -47.40 -16.89 -15.91
N ARG G 8 -47.11 -15.60 -16.07
CA ARG G 8 -48.03 -14.64 -16.65
C ARG G 8 -47.19 -13.52 -17.26
N GLU G 9 -47.87 -12.44 -17.65
CA GLU G 9 -47.23 -11.20 -18.04
C GLU G 9 -48.12 -10.07 -17.55
N PRO G 10 -47.54 -8.89 -17.30
CA PRO G 10 -48.38 -7.71 -17.06
C PRO G 10 -49.14 -7.35 -18.33
N SER G 11 -50.47 -7.27 -18.22
CA SER G 11 -51.32 -7.10 -19.38
C SER G 11 -51.17 -5.70 -19.96
N MET G 12 -50.90 -5.64 -21.27
CA MET G 12 -50.63 -4.39 -21.95
C MET G 12 -51.89 -3.59 -22.23
N ASP G 13 -53.06 -4.10 -21.88
CA ASP G 13 -54.30 -3.35 -22.03
C ASP G 13 -54.30 -2.16 -21.07
N MET G 14 -55.04 -1.11 -21.47
CA MET G 14 -54.94 0.17 -20.79
C MET G 14 -55.53 0.11 -19.38
N LYS G 15 -56.61 -0.66 -19.21
CA LYS G 15 -57.28 -0.74 -17.91
C LYS G 15 -56.40 -1.44 -16.88
N SER G 16 -55.73 -2.53 -17.27
CA SER G 16 -54.91 -3.25 -16.31
C SER G 16 -53.65 -2.46 -15.94
N VAL G 17 -53.06 -1.77 -16.92
CA VAL G 17 -51.84 -1.03 -16.61
C VAL G 17 -52.17 0.23 -15.80
N THR G 18 -53.34 0.85 -16.02
CA THR G 18 -53.69 1.97 -15.16
C THR G 18 -54.17 1.50 -13.80
N ASP G 19 -54.61 0.25 -13.66
CA ASP G 19 -54.91 -0.27 -12.33
C ASP G 19 -53.64 -0.55 -11.56
N ARG G 20 -52.61 -1.07 -12.23
CA ARG G 20 -51.32 -1.25 -11.55
C ARG G 20 -50.69 0.09 -11.21
N ALA G 21 -50.88 1.10 -12.06
CA ALA G 21 -50.41 2.44 -11.74
C ALA G 21 -51.19 3.05 -10.58
N ALA G 22 -52.49 2.73 -10.48
CA ALA G 22 -53.29 3.24 -9.38
C ALA G 22 -52.88 2.60 -8.07
N GLN G 23 -52.56 1.31 -8.09
CA GLN G 23 -52.02 0.68 -6.89
C GLN G 23 -50.64 1.24 -6.54
N THR G 24 -49.84 1.57 -7.55
CA THR G 24 -48.51 2.11 -7.29
C THR G 24 -48.59 3.49 -6.63
N LEU G 25 -49.42 4.37 -7.17
CA LEU G 25 -49.46 5.75 -6.71
C LEU G 25 -50.58 6.05 -5.71
N LEU G 26 -51.35 5.05 -5.31
CA LEU G 26 -52.49 5.34 -4.45
C LEU G 26 -52.54 4.51 -3.17
N TRP G 27 -51.59 3.58 -2.96
CA TRP G 27 -51.42 2.81 -1.73
C TRP G 27 -52.70 2.04 -1.37
N THR G 28 -53.07 1.10 -2.23
CA THR G 28 -54.40 0.50 -2.14
C THR G 28 -54.39 -0.81 -1.35
N GLU G 29 -53.60 -1.79 -1.79
CA GLU G 29 -53.61 -3.08 -1.14
C GLU G 29 -52.92 -3.06 0.21
N LEU G 30 -52.11 -2.04 0.47
CA LEU G 30 -51.66 -1.77 1.83
C LEU G 30 -52.85 -1.49 2.75
N ILE G 31 -53.77 -0.63 2.31
CA ILE G 31 -54.98 -0.35 3.07
C ILE G 31 -55.90 -1.57 3.12
N ARG G 32 -55.83 -2.43 2.09
CA ARG G 32 -56.55 -3.71 2.16
C ARG G 32 -56.00 -4.60 3.26
N GLY G 33 -54.68 -4.61 3.42
CA GLY G 33 -54.07 -5.31 4.55
C GLY G 33 -54.48 -4.71 5.89
N LEU G 34 -54.56 -3.38 5.96
CA LEU G 34 -55.08 -2.73 7.16
C LEU G 34 -56.52 -3.13 7.46
N GLY G 35 -57.33 -3.30 6.42
CA GLY G 35 -58.71 -3.71 6.61
C GLY G 35 -58.82 -5.15 7.13
N MET G 36 -57.98 -6.04 6.60
CA MET G 36 -57.95 -7.42 7.08
C MET G 36 -57.49 -7.48 8.54
N THR G 37 -56.49 -6.68 8.89
CA THR G 37 -56.01 -6.70 10.26
C THR G 37 -57.03 -6.06 11.22
N LEU G 38 -57.78 -5.07 10.77
CA LEU G 38 -58.84 -4.54 11.63
C LEU G 38 -59.99 -5.53 11.75
N SER G 39 -60.21 -6.36 10.73
CA SER G 39 -61.20 -7.42 10.88
C SER G 39 -60.76 -8.43 11.93
N TYR G 40 -59.46 -8.69 12.04
CA TYR G 40 -59.04 -9.51 13.19
C TYR G 40 -58.99 -8.73 14.48
N LEU G 41 -58.93 -7.41 14.42
CA LEU G 41 -59.06 -6.61 15.64
C LEU G 41 -60.44 -6.74 16.25
N PHE G 42 -61.49 -6.67 15.42
CA PHE G 42 -62.84 -6.72 15.94
C PHE G 42 -63.32 -8.12 16.30
N ARG G 43 -62.48 -9.14 16.18
CA ARG G 43 -62.83 -10.43 16.74
C ARG G 43 -62.65 -10.42 18.25
N GLU G 44 -63.12 -11.47 18.88
CA GLU G 44 -62.74 -11.69 20.26
C GLU G 44 -61.50 -12.56 20.31
N PRO G 45 -60.47 -12.14 21.04
CA PRO G 45 -59.22 -12.92 21.06
C PRO G 45 -59.38 -14.18 21.88
N ALA G 46 -58.64 -15.20 21.47
CA ALA G 46 -58.72 -16.52 22.10
C ALA G 46 -57.54 -16.66 23.05
N THR G 47 -57.76 -16.23 24.28
CA THR G 47 -56.79 -16.42 25.36
C THR G 47 -57.45 -17.22 26.46
N ILE G 48 -56.63 -17.77 27.33
CA ILE G 48 -57.12 -18.44 28.53
C ILE G 48 -56.53 -17.74 29.74
N ASN G 49 -57.37 -17.49 30.74
CA ASN G 49 -56.89 -16.93 32.00
C ASN G 49 -56.15 -18.02 32.75
N TYR G 50 -54.82 -17.94 32.77
CA TYR G 50 -53.98 -19.10 33.11
C TYR G 50 -54.15 -19.65 34.52
N PRO G 51 -54.07 -18.89 35.62
CA PRO G 51 -54.15 -19.56 36.94
C PRO G 51 -55.52 -20.08 37.27
N PHE G 52 -56.56 -19.66 36.54
CA PHE G 52 -57.91 -20.11 36.80
C PHE G 52 -58.39 -21.10 35.76
N GLU G 53 -58.06 -20.87 34.49
CA GLU G 53 -58.42 -21.76 33.39
C GLU G 53 -57.15 -22.44 32.95
N LYS G 54 -57.12 -23.76 33.01
CA LYS G 54 -55.97 -24.51 32.56
C LYS G 54 -56.28 -25.15 31.22
N GLY G 55 -55.28 -25.17 30.34
CA GLY G 55 -55.44 -25.59 28.97
C GLY G 55 -55.77 -27.06 28.84
N PRO G 56 -56.55 -27.40 27.82
CA PRO G 56 -57.06 -28.77 27.69
C PRO G 56 -55.95 -29.74 27.32
N LEU G 57 -56.24 -31.01 27.52
CA LEU G 57 -55.25 -32.07 27.41
C LEU G 57 -55.93 -33.33 26.89
N SER G 58 -55.24 -34.45 27.05
CA SER G 58 -55.67 -35.79 26.71
C SER G 58 -55.66 -36.64 27.96
N PRO G 59 -56.38 -37.77 27.97
CA PRO G 59 -56.22 -38.72 29.09
C PRO G 59 -54.87 -39.44 29.11
N ARG G 60 -54.02 -39.27 28.10
CA ARG G 60 -52.75 -39.97 28.03
C ARG G 60 -51.56 -39.01 28.05
N PHE G 61 -51.64 -37.95 28.84
CA PHE G 61 -50.50 -37.06 29.01
C PHE G 61 -49.41 -37.78 29.80
N ARG G 62 -48.16 -37.36 29.62
CA ARG G 62 -47.02 -37.93 30.32
C ARG G 62 -46.35 -36.85 31.18
N GLY G 63 -46.62 -36.90 32.49
CA GLY G 63 -46.20 -35.94 33.48
C GLY G 63 -45.31 -36.40 34.62
N GLU G 64 -45.97 -36.72 35.73
CA GLU G 64 -45.44 -36.64 37.08
C GLU G 64 -44.47 -37.78 37.46
N HIS G 65 -44.53 -38.92 36.76
CA HIS G 65 -43.84 -40.17 37.14
C HIS G 65 -44.29 -40.65 38.53
N ALA G 66 -45.57 -41.02 38.62
CA ALA G 66 -46.09 -41.54 39.87
C ALA G 66 -46.09 -43.05 39.87
N LEU G 67 -46.26 -43.62 41.07
CA LEU G 67 -46.37 -45.06 41.26
C LEU G 67 -47.80 -45.44 41.62
N ARG G 68 -48.10 -46.72 41.46
CA ARG G 68 -49.37 -47.28 41.87
C ARG G 68 -49.13 -48.37 42.91
N ARG G 69 -50.22 -48.87 43.46
CA ARG G 69 -50.17 -49.96 44.43
C ARG G 69 -51.45 -50.78 44.30
N TYR G 70 -51.42 -51.94 44.94
CA TYR G 70 -52.49 -52.90 44.83
C TYR G 70 -53.72 -52.44 45.62
N PRO G 71 -54.92 -52.98 45.32
CA PRO G 71 -56.10 -52.61 46.10
C PRO G 71 -55.99 -53.05 47.55
N SER G 72 -55.83 -52.07 48.44
CA SER G 72 -55.51 -52.28 49.86
C SER G 72 -54.31 -53.19 50.04
N GLY G 73 -53.31 -53.00 49.18
CA GLY G 73 -52.22 -53.94 49.11
C GLY G 73 -50.87 -53.28 49.13
N GLU G 74 -49.85 -54.02 48.77
CA GLU G 74 -48.47 -53.57 48.90
C GLU G 74 -48.05 -52.87 47.61
N GLU G 75 -46.75 -52.64 47.48
CA GLU G 75 -46.20 -51.90 46.36
C GLU G 75 -46.32 -52.70 45.07
N ARG G 76 -46.72 -52.03 44.00
CA ARG G 76 -47.02 -52.72 42.76
C ARG G 76 -45.75 -53.16 42.04
N CYS G 77 -44.63 -52.51 42.30
CA CYS G 77 -43.39 -52.84 41.62
C CYS G 77 -42.81 -54.14 42.16
N ILE G 78 -42.13 -54.85 41.26
CA ILE G 78 -41.45 -56.10 41.59
C ILE G 78 -39.94 -55.89 41.63
N ALA G 79 -39.45 -54.78 41.08
CA ALA G 79 -38.05 -54.54 40.69
C ALA G 79 -37.59 -55.59 39.68
N CYS G 80 -38.24 -55.55 38.52
CA CYS G 80 -37.89 -56.45 37.43
C CYS G 80 -37.01 -55.77 36.39
N LYS G 81 -36.56 -54.55 36.65
CA LYS G 81 -35.51 -53.85 35.92
C LYS G 81 -35.80 -53.59 34.45
N LEU G 82 -37.05 -53.77 34.01
CA LEU G 82 -37.38 -53.51 32.61
C LEU G 82 -37.31 -52.03 32.29
N CYS G 83 -37.73 -51.19 33.24
CA CYS G 83 -37.73 -49.75 32.99
C CYS G 83 -36.30 -49.21 32.94
N GLU G 84 -35.40 -49.75 33.74
CA GLU G 84 -34.01 -49.34 33.63
C GLU G 84 -33.35 -49.99 32.42
N ALA G 85 -33.86 -51.12 31.97
CA ALA G 85 -33.32 -51.70 30.74
C ALA G 85 -33.75 -50.91 29.51
N VAL G 86 -34.89 -50.22 29.57
CA VAL G 86 -35.37 -49.49 28.40
C VAL G 86 -35.12 -48.00 28.49
N CYS G 87 -34.73 -47.48 29.65
CA CYS G 87 -34.69 -46.04 29.89
C CYS G 87 -33.64 -45.35 29.04
N PRO G 88 -34.03 -44.59 28.02
CA PRO G 88 -33.08 -44.16 26.99
C PRO G 88 -32.13 -43.07 27.42
N ALA G 89 -32.25 -42.57 28.65
CA ALA G 89 -31.19 -41.80 29.26
C ALA G 89 -30.74 -42.39 30.57
N GLN G 90 -31.19 -43.62 30.87
CA GLN G 90 -30.74 -44.42 32.00
C GLN G 90 -30.99 -43.72 33.34
N ALA G 91 -32.08 -42.96 33.40
CA ALA G 91 -32.36 -42.18 34.60
C ALA G 91 -32.89 -43.06 35.71
N ILE G 92 -33.52 -44.19 35.36
CA ILE G 92 -33.91 -45.16 36.36
C ILE G 92 -32.66 -45.76 36.99
N THR G 93 -32.68 -45.94 38.30
CA THR G 93 -31.63 -46.64 39.01
C THR G 93 -32.33 -47.58 40.00
N ILE G 94 -32.21 -48.88 39.78
CA ILE G 94 -32.85 -49.87 40.62
C ILE G 94 -31.78 -50.72 41.29
N GLU G 95 -31.82 -50.77 42.61
CA GLU G 95 -31.09 -51.77 43.38
C GLU G 95 -32.13 -52.54 44.18
N ALA G 96 -32.15 -53.86 44.01
CA ALA G 96 -33.23 -54.69 44.52
C ALA G 96 -32.74 -55.60 45.63
N GLU G 97 -33.59 -55.81 46.63
CA GLU G 97 -33.42 -56.84 47.63
C GLU G 97 -34.80 -57.37 47.99
N PRO G 98 -34.88 -58.63 48.40
CA PRO G 98 -36.09 -59.13 49.05
C PRO G 98 -36.10 -58.80 50.52
N ARG G 99 -37.29 -58.71 51.07
CA ARG G 99 -37.46 -58.39 52.48
C ARG G 99 -37.55 -59.68 53.28
N ALA G 100 -37.98 -59.58 54.54
CA ALA G 100 -38.09 -60.74 55.40
C ALA G 100 -39.25 -61.66 55.03
N ASP G 101 -40.18 -61.20 54.20
CA ASP G 101 -41.32 -62.02 53.82
C ASP G 101 -40.93 -63.10 52.82
N GLY G 102 -40.41 -62.70 51.68
CA GLY G 102 -40.03 -63.65 50.66
C GLY G 102 -40.31 -63.20 49.24
N SER G 103 -41.28 -62.29 49.08
CA SER G 103 -41.56 -61.73 47.77
C SER G 103 -40.44 -60.76 47.38
N ARG G 104 -40.05 -60.78 46.12
CA ARG G 104 -38.92 -59.98 45.70
C ARG G 104 -39.34 -58.52 45.54
N ARG G 105 -38.49 -57.64 46.04
CA ARG G 105 -38.72 -56.21 46.10
C ARG G 105 -37.36 -55.55 45.94
N THR G 106 -37.25 -54.34 46.45
CA THR G 106 -36.32 -53.32 45.98
C THR G 106 -35.31 -53.05 47.06
N THR G 107 -34.46 -52.07 46.83
CA THR G 107 -33.98 -51.17 47.87
C THR G 107 -34.07 -49.72 47.43
N ARG G 108 -33.71 -49.45 46.18
CA ARG G 108 -33.48 -48.08 45.72
C ARG G 108 -34.06 -47.95 44.33
N TYR G 109 -35.00 -47.03 44.17
CA TYR G 109 -35.69 -46.83 42.90
C TYR G 109 -35.65 -45.33 42.61
N ASP G 110 -34.68 -44.88 41.83
CA ASP G 110 -34.44 -43.47 41.64
C ASP G 110 -34.70 -43.06 40.21
N ILE G 111 -35.47 -41.99 40.04
CA ILE G 111 -35.69 -41.34 38.75
C ILE G 111 -34.91 -40.04 38.75
N ASP G 112 -34.04 -39.86 37.76
CA ASP G 112 -33.41 -38.56 37.57
C ASP G 112 -34.34 -37.69 36.75
N MET G 113 -34.79 -36.59 37.30
CA MET G 113 -35.69 -35.73 36.55
C MET G 113 -34.95 -34.90 35.52
N THR G 114 -33.63 -34.78 35.66
CA THR G 114 -32.84 -34.13 34.64
C THR G 114 -32.79 -34.97 33.38
N LYS G 115 -32.42 -36.24 33.51
CA LYS G 115 -32.25 -37.08 32.33
C LYS G 115 -33.56 -37.53 31.71
N CYS G 116 -34.69 -37.39 32.41
CA CYS G 116 -35.92 -37.97 31.93
C CYS G 116 -36.46 -37.16 30.75
N ILE G 117 -36.38 -37.73 29.56
CA ILE G 117 -36.88 -37.13 28.33
C ILE G 117 -38.39 -37.25 28.19
N TYR G 118 -39.04 -38.07 29.04
CA TYR G 118 -40.48 -38.36 29.05
C TYR G 118 -40.91 -39.02 27.74
N CYS G 119 -40.40 -40.23 27.54
CA CYS G 119 -40.84 -41.03 26.40
C CYS G 119 -42.22 -41.61 26.65
N GLY G 120 -42.30 -42.45 27.68
CA GLY G 120 -43.37 -43.41 27.84
C GLY G 120 -42.92 -44.85 27.73
N PHE G 121 -41.63 -45.09 27.45
CA PHE G 121 -41.17 -46.47 27.33
C PHE G 121 -41.21 -47.21 28.65
N CYS G 122 -40.99 -46.52 29.77
CA CYS G 122 -41.08 -47.23 31.04
C CYS G 122 -42.53 -47.52 31.40
N GLN G 123 -43.48 -46.73 30.90
CA GLN G 123 -44.87 -47.08 31.07
C GLN G 123 -45.24 -48.29 30.22
N GLU G 124 -44.81 -48.29 28.95
CA GLU G 124 -45.16 -49.40 28.08
C GLU G 124 -44.41 -50.67 28.45
N ALA G 125 -43.24 -50.54 29.08
CA ALA G 125 -42.41 -51.69 29.41
C ALA G 125 -42.80 -52.32 30.73
N CYS G 126 -43.57 -51.63 31.55
CA CYS G 126 -43.88 -52.15 32.87
C CYS G 126 -44.93 -53.24 32.74
N PRO G 127 -44.65 -54.46 33.18
CA PRO G 127 -45.61 -55.54 33.00
C PRO G 127 -46.76 -55.48 33.97
N VAL G 128 -46.62 -54.77 35.08
CA VAL G 128 -47.65 -54.70 36.10
C VAL G 128 -48.20 -53.29 36.27
N ASP G 129 -47.79 -52.36 35.42
CA ASP G 129 -48.17 -50.94 35.46
C ASP G 129 -47.81 -50.30 36.80
N ALA G 130 -46.58 -50.56 37.24
CA ALA G 130 -46.13 -50.00 38.51
C ALA G 130 -45.84 -48.52 38.36
N ILE G 131 -44.91 -48.16 37.49
CA ILE G 131 -44.65 -46.76 37.21
C ILE G 131 -45.66 -46.29 36.16
N VAL G 132 -46.28 -45.14 36.41
CA VAL G 132 -47.22 -44.54 35.48
C VAL G 132 -46.82 -43.08 35.32
N GLU G 133 -46.75 -42.62 34.07
CA GLU G 133 -46.57 -41.20 33.82
C GLU G 133 -47.78 -40.44 34.35
N GLY G 134 -47.51 -39.42 35.16
CA GLY G 134 -48.57 -38.82 35.93
C GLY G 134 -49.34 -37.80 35.15
N PRO G 135 -50.35 -37.25 35.79
CA PRO G 135 -51.23 -36.30 35.10
C PRO G 135 -50.78 -34.85 35.16
N ASN G 136 -50.12 -34.44 36.22
CA ASN G 136 -49.85 -33.03 36.43
C ASN G 136 -48.38 -32.72 36.23
N PHE G 137 -48.15 -31.51 35.77
CA PHE G 137 -46.86 -31.09 35.26
C PHE G 137 -46.53 -29.75 35.91
N GLU G 138 -46.13 -29.80 37.17
CA GLU G 138 -45.83 -28.59 37.93
C GLU G 138 -44.72 -28.99 38.89
N PHE G 139 -43.50 -28.74 38.46
CA PHE G 139 -42.32 -29.13 39.22
C PHE G 139 -41.57 -27.92 39.73
N SER G 140 -41.15 -27.03 38.82
CA SER G 140 -40.88 -25.61 39.06
C SER G 140 -39.94 -25.38 40.24
N THR G 141 -38.93 -26.21 40.30
CA THR G 141 -38.22 -26.46 41.53
C THR G 141 -37.04 -25.52 41.69
N GLU G 142 -36.96 -24.87 42.84
CA GLU G 142 -35.96 -23.84 43.05
C GLU G 142 -34.56 -24.39 43.26
N THR G 143 -34.42 -25.66 43.63
CA THR G 143 -33.12 -26.24 43.90
C THR G 143 -32.90 -27.50 43.09
N HIS G 144 -31.66 -27.72 42.68
CA HIS G 144 -31.30 -28.88 41.87
C HIS G 144 -31.22 -30.15 42.69
N GLU G 145 -31.06 -30.04 44.01
CA GLU G 145 -31.10 -31.22 44.86
C GLU G 145 -32.47 -31.88 44.82
N GLU G 146 -33.52 -31.07 44.79
CA GLU G 146 -34.89 -31.54 44.94
C GLU G 146 -35.42 -32.19 43.68
N LEU G 147 -34.71 -32.11 42.56
CA LEU G 147 -35.13 -32.76 41.32
C LEU G 147 -34.55 -34.15 41.14
N LEU G 148 -34.29 -34.88 42.21
CA LEU G 148 -33.83 -36.26 42.10
C LEU G 148 -34.74 -37.09 42.99
N TYR G 149 -35.72 -37.77 42.38
CA TYR G 149 -36.74 -38.45 43.16
C TYR G 149 -36.18 -39.70 43.81
N ASN G 150 -36.63 -39.96 45.04
CA ASN G 150 -36.46 -41.24 45.69
C ASN G 150 -37.74 -42.04 45.60
N LYS G 151 -37.61 -43.33 45.90
CA LYS G 151 -38.73 -44.27 45.87
C LYS G 151 -39.81 -43.87 46.88
N GLU G 152 -39.40 -43.30 48.00
CA GLU G 152 -40.38 -42.83 48.99
C GLU G 152 -41.10 -41.57 48.52
N LYS G 153 -40.39 -40.70 47.80
CA LYS G 153 -41.04 -39.57 47.16
C LYS G 153 -42.05 -40.05 46.11
N LEU G 154 -41.70 -41.11 45.38
CA LEU G 154 -42.62 -41.65 44.39
C LEU G 154 -43.82 -42.31 45.04
N LEU G 155 -43.62 -42.95 46.19
CA LEU G 155 -44.76 -43.54 46.88
C LEU G 155 -45.68 -42.48 47.49
N ASN G 156 -45.10 -41.39 48.02
CA ASN G 156 -45.93 -40.29 48.49
C ASN G 156 -46.65 -39.61 47.34
N ASN G 157 -46.01 -39.55 46.17
CA ASN G 157 -46.60 -38.92 45.02
C ASN G 157 -47.62 -39.83 44.35
N GLY G 158 -47.53 -41.13 44.58
CA GLY G 158 -48.56 -42.06 44.19
C GLY G 158 -49.64 -42.25 45.22
N ASP G 159 -49.42 -41.76 46.43
CA ASP G 159 -50.46 -41.78 47.45
C ASP G 159 -51.07 -40.41 47.70
N LYS G 160 -50.58 -39.38 47.01
CA LYS G 160 -51.32 -38.12 46.98
C LYS G 160 -52.52 -38.24 46.06
N TRP G 161 -52.44 -39.13 45.06
CA TRP G 161 -53.59 -39.48 44.25
C TRP G 161 -53.35 -40.82 43.59
N GLU G 162 -54.41 -41.61 43.48
CA GLU G 162 -54.50 -42.67 42.49
C GLU G 162 -55.73 -42.49 41.61
N ALA G 163 -56.75 -41.80 42.11
CA ALA G 163 -58.05 -41.74 41.46
C ALA G 163 -57.98 -41.07 40.09
N GLU G 164 -57.11 -40.07 39.94
CA GLU G 164 -56.80 -39.54 38.62
C GLU G 164 -56.17 -40.60 37.73
N ILE G 165 -55.12 -41.24 38.24
CA ILE G 165 -54.38 -42.25 37.48
C ILE G 165 -55.28 -43.43 37.17
N ALA G 166 -56.08 -43.85 38.14
CA ALA G 166 -57.00 -44.96 37.95
C ALA G 166 -58.09 -44.61 36.95
N ALA G 167 -58.55 -43.35 36.95
CA ALA G 167 -59.56 -42.94 36.00
C ALA G 167 -59.00 -42.89 34.58
N ASN G 168 -57.77 -42.38 34.42
CA ASN G 168 -57.16 -42.33 33.09
C ASN G 168 -56.87 -43.72 32.55
N ILE G 169 -56.36 -44.61 33.40
CA ILE G 169 -56.06 -45.97 32.94
C ILE G 169 -57.35 -46.73 32.65
N GLN G 170 -58.35 -46.60 33.52
CA GLN G 170 -59.63 -47.28 33.33
C GLN G 170 -60.39 -46.73 32.14
N ALA G 171 -60.10 -45.50 31.73
CA ALA G 171 -60.64 -45.02 30.46
C ALA G 171 -59.85 -45.57 29.28
N ASP G 172 -58.52 -45.67 29.40
CA ASP G 172 -57.68 -45.99 28.24
C ASP G 172 -56.75 -47.15 28.53
N TYR G 173 -57.27 -48.24 29.08
CA TYR G 173 -56.53 -49.49 29.11
C TYR G 173 -56.83 -50.35 27.91
N LEU G 174 -57.60 -49.84 26.96
CA LEU G 174 -57.99 -50.62 25.79
C LEU G 174 -57.21 -50.26 24.54
N TYR G 175 -56.72 -49.03 24.44
CA TYR G 175 -55.87 -48.69 23.30
C TYR G 175 -54.51 -49.32 23.44
N ARG G 176 -53.78 -48.99 24.49
CA ARG G 176 -52.55 -49.70 24.81
C ARG G 176 -52.91 -50.86 25.71
N ASN H 35 -65.67 -129.60 22.88
CA ASN H 35 -66.11 -129.86 24.25
C ASN H 35 -66.57 -128.55 24.89
N THR H 36 -67.85 -128.50 25.26
CA THR H 36 -68.50 -127.28 25.71
C THR H 36 -68.53 -127.14 27.22
N THR H 37 -67.57 -127.75 27.92
CA THR H 37 -67.50 -127.67 29.38
C THR H 37 -66.24 -126.93 29.76
N TYR H 38 -66.35 -126.07 30.78
CA TYR H 38 -65.27 -125.21 31.21
C TYR H 38 -64.20 -126.05 31.90
N LYS H 39 -63.15 -126.41 31.16
CA LYS H 39 -62.12 -127.31 31.66
C LYS H 39 -61.22 -126.66 32.70
N ASN H 40 -61.30 -125.34 32.87
CA ASN H 40 -60.65 -124.62 33.95
C ASN H 40 -61.48 -124.72 35.23
N LEU H 41 -61.27 -123.76 36.16
CA LEU H 41 -61.48 -123.72 37.63
C LEU H 41 -60.24 -124.30 38.30
N GLN H 42 -59.26 -124.75 37.51
CA GLN H 42 -57.93 -124.96 38.03
C GLN H 42 -57.26 -123.63 38.42
N HIS H 43 -57.73 -122.52 37.85
CA HIS H 43 -57.30 -121.19 38.23
C HIS H 43 -57.95 -120.69 39.51
N HIS H 44 -59.02 -121.36 39.95
CA HIS H 44 -59.90 -120.75 40.95
C HIS H 44 -59.29 -120.76 42.34
N ASP H 45 -58.46 -121.76 42.64
CA ASP H 45 -57.88 -121.94 43.96
C ASP H 45 -56.63 -121.09 44.20
N TYR H 46 -56.35 -120.11 43.33
CA TYR H 46 -55.10 -119.38 43.39
C TYR H 46 -55.11 -118.39 44.56
N SER H 47 -54.18 -118.60 45.50
CA SER H 47 -53.98 -117.71 46.63
C SER H 47 -53.00 -116.60 46.26
N THR H 48 -52.94 -115.58 47.12
CA THR H 48 -52.17 -114.37 46.87
C THR H 48 -50.67 -114.55 47.09
N TYR H 49 -50.21 -115.75 47.41
CA TYR H 49 -48.79 -116.04 47.58
C TYR H 49 -48.26 -116.98 46.52
N THR H 50 -49.12 -117.50 45.65
CA THR H 50 -48.79 -118.66 44.82
C THR H 50 -47.79 -118.33 43.72
N PHE H 51 -47.75 -117.08 43.25
CA PHE H 51 -46.78 -116.70 42.23
C PHE H 51 -45.36 -116.76 42.79
N LEU H 52 -45.15 -116.17 43.97
CA LEU H 52 -43.86 -116.28 44.63
C LEU H 52 -43.61 -117.71 45.14
N ASP H 53 -44.67 -118.48 45.41
CA ASP H 53 -44.49 -119.88 45.78
C ASP H 53 -43.95 -120.70 44.62
N LEU H 54 -44.47 -120.46 43.41
CA LEU H 54 -44.02 -121.22 42.26
C LEU H 54 -42.62 -120.78 41.84
N ASN H 55 -42.35 -119.47 41.93
CA ASN H 55 -41.00 -118.96 41.70
C ASN H 55 -40.02 -119.49 42.74
N LEU H 56 -40.50 -119.71 43.96
CA LEU H 56 -39.69 -120.28 45.02
C LEU H 56 -39.33 -121.73 44.71
N ASP H 57 -40.34 -122.53 44.37
CA ASP H 57 -40.14 -123.95 44.21
C ASP H 57 -39.44 -124.33 42.90
N LEU H 58 -39.54 -123.49 41.87
CA LEU H 58 -38.93 -123.79 40.58
C LEU H 58 -37.58 -123.12 40.41
N SER H 59 -36.83 -122.95 41.50
CA SER H 59 -35.55 -122.27 41.45
C SER H 59 -34.40 -123.17 41.06
N LYS H 60 -34.59 -124.49 41.03
CA LYS H 60 -33.49 -125.37 40.67
C LYS H 60 -33.36 -125.45 39.15
N PHE H 61 -32.34 -126.17 38.70
CA PHE H 61 -31.74 -126.12 37.34
C PHE H 61 -31.65 -124.69 36.81
N ARG H 62 -30.88 -123.89 37.53
CA ARG H 62 -30.66 -122.49 37.20
C ARG H 62 -29.18 -122.30 36.83
N MET H 63 -28.92 -122.20 35.53
CA MET H 63 -27.58 -121.89 35.03
C MET H 63 -27.20 -120.46 35.45
N PRO H 64 -25.88 -120.18 35.66
CA PRO H 64 -25.52 -119.17 36.68
C PRO H 64 -25.80 -117.70 36.39
N GLN H 65 -26.62 -117.37 35.36
CA GLN H 65 -27.08 -116.01 35.06
C GLN H 65 -25.91 -115.05 34.90
N PRO H 66 -25.22 -115.06 33.75
CA PRO H 66 -23.77 -114.83 33.72
C PRO H 66 -23.33 -113.46 34.21
N SER H 67 -22.31 -113.48 35.07
CA SER H 67 -21.80 -112.29 35.73
C SER H 67 -21.03 -111.41 34.74
N SER H 68 -20.68 -110.22 35.20
CA SER H 68 -19.93 -109.27 34.37
C SER H 68 -19.12 -108.37 35.28
N GLY H 69 -17.84 -108.70 35.43
CA GLY H 69 -16.90 -107.87 36.18
C GLY H 69 -17.26 -107.72 37.65
N ARG H 70 -17.74 -106.53 38.00
CA ARG H 70 -18.18 -106.24 39.36
C ARG H 70 -19.52 -106.93 39.63
N GLU H 71 -19.85 -107.04 40.92
CA GLU H 71 -21.07 -107.69 41.37
C GLU H 71 -22.30 -106.81 41.22
N SER H 72 -22.13 -105.55 40.87
CA SER H 72 -23.17 -104.53 40.97
C SER H 72 -22.67 -103.30 40.19
N PRO H 73 -23.57 -102.38 39.79
CA PRO H 73 -23.08 -101.19 39.06
C PRO H 73 -22.21 -100.29 39.91
N ARG H 74 -22.56 -100.10 41.18
CA ARG H 74 -21.65 -99.56 42.17
C ARG H 74 -21.26 -100.70 43.11
N HIS H 75 -19.97 -100.95 43.23
CA HIS H 75 -19.51 -102.18 43.86
C HIS H 75 -19.23 -102.01 45.34
N GLY I 1 -46.61 -45.39 62.72
CA GLY I 1 -46.14 -46.75 62.53
C GLY I 1 -44.64 -46.85 62.34
N VAL I 2 -43.94 -45.74 62.56
CA VAL I 2 -42.50 -45.66 62.37
C VAL I 2 -41.81 -45.82 63.71
N ARG I 3 -40.58 -46.29 63.66
CA ARG I 3 -39.70 -46.26 64.82
C ARG I 3 -39.03 -44.88 64.93
N THR I 4 -38.49 -44.61 66.11
CA THR I 4 -37.66 -43.43 66.34
C THR I 4 -36.32 -43.92 66.88
N SER I 5 -35.29 -43.86 66.04
CA SER I 5 -33.95 -44.22 66.47
C SER I 5 -33.42 -43.14 67.42
N PRO I 6 -32.39 -43.46 68.22
CA PRO I 6 -31.76 -42.42 69.05
C PRO I 6 -31.09 -41.29 68.28
N THR I 7 -30.92 -41.41 66.96
CA THR I 7 -30.62 -40.24 66.15
C THR I 7 -31.74 -39.21 66.22
N GLY I 8 -33.00 -39.67 66.18
CA GLY I 8 -34.14 -38.84 66.46
C GLY I 8 -35.08 -38.56 65.31
N GLU I 9 -34.95 -39.25 64.17
CA GLU I 9 -35.73 -38.93 62.99
C GLU I 9 -36.61 -40.10 62.59
N LYS I 10 -37.35 -39.89 61.50
CA LYS I 10 -38.23 -40.92 60.96
C LYS I 10 -37.43 -42.04 60.33
N VAL I 11 -37.77 -43.29 60.66
CA VAL I 11 -37.20 -44.43 59.98
C VAL I 11 -38.11 -44.77 58.80
N THR I 12 -37.62 -45.61 57.89
CA THR I 12 -38.37 -45.98 56.69
C THR I 12 -38.73 -47.45 56.75
N HIS I 13 -39.32 -47.93 55.65
CA HIS I 13 -39.59 -49.35 55.49
C HIS I 13 -38.43 -50.10 54.86
N THR I 14 -37.23 -49.55 54.96
CA THR I 14 -35.98 -50.23 54.66
C THR I 14 -35.00 -49.86 55.76
N GLY I 15 -34.22 -50.84 56.21
CA GLY I 15 -33.33 -50.64 57.33
C GLY I 15 -32.12 -49.79 56.99
N GLN I 16 -32.34 -48.49 56.79
CA GLN I 16 -31.32 -47.58 56.27
C GLN I 16 -31.10 -46.38 57.18
N VAL I 17 -31.62 -46.41 58.41
CA VAL I 17 -31.56 -45.25 59.28
C VAL I 17 -30.13 -45.01 59.75
N TYR I 18 -29.84 -43.78 60.15
CA TYR I 18 -28.49 -43.26 60.19
C TYR I 18 -27.80 -43.57 61.52
N ASP I 19 -26.51 -43.24 61.57
CA ASP I 19 -25.73 -43.24 62.81
C ASP I 19 -25.60 -41.80 63.31
N ASP I 20 -25.11 -41.67 64.55
CA ASP I 20 -24.92 -40.35 65.14
C ASP I 20 -23.76 -39.60 64.52
N GLU I 21 -22.78 -40.31 63.96
CA GLU I 21 -21.55 -39.73 63.44
C GLU I 21 -21.68 -39.23 62.01
N ASP I 22 -22.90 -39.08 61.51
CA ASP I 22 -23.12 -38.80 60.10
C ASP I 22 -23.24 -37.30 59.85
N TYR I 23 -22.89 -36.90 58.64
CA TYR I 23 -23.13 -35.55 58.16
C TYR I 23 -24.40 -35.46 57.30
N ARG I 24 -24.98 -36.59 56.94
CA ARG I 24 -26.17 -36.55 56.12
C ARG I 24 -27.40 -36.18 56.93
N ARG I 25 -27.36 -36.46 58.23
CA ARG I 25 -28.36 -35.90 59.14
C ARG I 25 -28.33 -34.38 59.14
N VAL I 26 -27.14 -33.79 59.13
CA VAL I 26 -27.09 -32.33 59.19
C VAL I 26 -27.28 -31.73 57.80
N ARG I 27 -27.15 -32.51 56.73
CA ARG I 27 -27.65 -31.97 55.47
C ARG I 27 -29.16 -32.16 55.33
N PHE I 28 -29.79 -32.93 56.21
CA PHE I 28 -31.25 -32.89 56.29
C PHE I 28 -31.79 -31.69 57.09
N VAL I 29 -30.93 -30.76 57.51
CA VAL I 29 -31.38 -29.61 58.29
C VAL I 29 -32.14 -28.64 57.40
N GLY I 30 -33.36 -28.29 57.83
CA GLY I 30 -34.14 -27.27 57.18
C GLY I 30 -35.19 -27.79 56.23
N ARG I 31 -35.08 -29.04 55.80
CA ARG I 31 -36.01 -29.64 54.87
C ARG I 31 -36.35 -31.04 55.36
N GLN I 32 -37.64 -31.36 55.43
CA GLN I 32 -38.07 -32.58 56.07
C GLN I 32 -37.84 -33.80 55.19
N LYS I 33 -37.41 -34.88 55.82
CA LYS I 33 -37.26 -36.17 55.17
C LYS I 33 -38.63 -36.76 54.91
N GLU I 34 -39.17 -36.54 53.70
CA GLU I 34 -40.49 -37.03 53.36
C GLU I 34 -40.42 -38.52 53.07
N VAL I 35 -41.36 -39.27 53.64
CA VAL I 35 -41.40 -40.72 53.53
C VAL I 35 -42.86 -41.14 53.37
N ASN I 36 -43.08 -42.26 52.70
CA ASN I 36 -44.41 -42.83 52.64
C ASN I 36 -44.82 -43.32 54.02
N GLU I 37 -45.93 -42.79 54.52
CA GLU I 37 -46.44 -43.12 55.83
C GLU I 37 -47.51 -44.20 55.77
N ASN I 38 -47.43 -45.06 54.76
CA ASN I 38 -48.34 -46.19 54.60
C ASN I 38 -47.48 -47.35 54.13
N PHE I 39 -47.05 -48.19 55.08
CA PHE I 39 -46.02 -49.19 54.81
C PHE I 39 -46.60 -50.38 54.04
N ALA I 40 -45.76 -51.39 53.85
CA ALA I 40 -46.08 -52.50 52.98
C ALA I 40 -46.43 -53.79 53.70
N ILE I 41 -45.64 -54.16 54.73
CA ILE I 41 -45.84 -55.44 55.41
C ILE I 41 -47.12 -55.41 56.22
N ASP I 42 -47.51 -54.24 56.73
CA ASP I 42 -48.72 -54.12 57.52
C ASP I 42 -49.99 -54.27 56.68
N LEU I 43 -49.91 -54.08 55.36
CA LEU I 43 -51.05 -54.28 54.49
C LEU I 43 -51.13 -55.71 53.96
N ILE I 44 -50.55 -56.66 54.67
CA ILE I 44 -50.69 -58.08 54.36
C ILE I 44 -51.61 -58.77 55.35
N ALA I 45 -51.48 -58.44 56.64
CA ALA I 45 -52.41 -58.94 57.64
C ALA I 45 -53.80 -58.33 57.50
N GLU I 46 -53.91 -57.17 56.85
CA GLU I 46 -55.23 -56.59 56.62
C GLU I 46 -56.02 -57.38 55.59
N GLN I 47 -55.34 -58.04 54.67
CA GLN I 47 -56.03 -58.82 53.66
C GLN I 47 -56.48 -60.15 54.25
N PRO I 48 -57.75 -60.52 54.12
CA PRO I 48 -58.19 -61.82 54.64
C PRO I 48 -57.65 -62.97 53.80
N VAL I 49 -57.33 -64.07 54.47
CA VAL I 49 -56.84 -65.27 53.81
C VAL I 49 -58.05 -66.00 53.24
N SER I 50 -58.20 -65.96 51.92
CA SER I 50 -59.37 -66.54 51.28
C SER I 50 -59.31 -68.05 51.28
N GLN I 51 -60.48 -68.68 51.25
CA GLN I 51 -60.61 -70.13 51.30
C GLN I 51 -61.44 -70.57 50.10
N VAL I 52 -60.80 -71.26 49.16
CA VAL I 52 -61.42 -71.70 47.92
C VAL I 52 -61.55 -73.22 47.98
N GLY I 53 -62.72 -73.73 47.59
CA GLY I 53 -62.98 -75.16 47.65
C GLY I 53 -62.23 -76.03 46.66
N SER I 54 -61.47 -75.44 45.73
CA SER I 54 -60.74 -76.21 44.74
C SER I 54 -59.34 -76.55 45.27
N ARG I 55 -58.47 -77.07 44.39
CA ARG I 55 -57.17 -77.59 44.79
C ARG I 55 -56.02 -76.83 44.16
N VAL I 56 -56.04 -76.62 42.85
CA VAL I 56 -54.99 -75.93 42.12
C VAL I 56 -55.64 -74.71 41.49
N ILE I 57 -55.45 -73.54 42.11
CA ILE I 57 -56.34 -72.42 41.82
C ILE I 57 -55.59 -71.26 41.19
N SER I 58 -56.32 -70.18 40.92
CA SER I 58 -55.89 -69.10 40.04
C SER I 58 -55.59 -67.84 40.82
N CYS I 59 -54.76 -66.98 40.23
CA CYS I 59 -54.57 -65.63 40.73
C CYS I 59 -54.31 -64.72 39.55
N ASP I 60 -55.10 -63.64 39.47
CA ASP I 60 -55.05 -62.68 38.40
C ASP I 60 -54.70 -61.28 38.87
N GLY I 61 -55.44 -60.75 39.85
CA GLY I 61 -55.10 -59.46 40.42
C GLY I 61 -56.17 -58.40 40.35
N GLY I 62 -57.40 -58.79 40.12
CA GLY I 62 -58.48 -57.83 40.09
C GLY I 62 -58.53 -57.01 38.82
N GLY I 63 -58.80 -57.67 37.69
CA GLY I 63 -58.95 -56.98 36.44
C GLY I 63 -58.25 -57.68 35.29
N GLY I 64 -58.99 -57.92 34.20
CA GLY I 64 -58.40 -58.50 33.01
C GLY I 64 -57.50 -57.47 32.33
N ALA I 65 -56.23 -57.84 32.13
CA ALA I 65 -55.17 -56.97 31.59
C ALA I 65 -54.99 -55.70 32.40
N LEU I 66 -55.22 -55.77 33.71
CA LEU I 66 -54.92 -54.68 34.64
C LEU I 66 -54.29 -55.32 35.88
N GLY I 67 -52.97 -55.39 35.89
CA GLY I 67 -52.28 -55.94 37.04
C GLY I 67 -51.07 -56.78 36.69
N HIS I 68 -50.94 -57.91 37.34
CA HIS I 68 -49.89 -58.90 37.11
C HIS I 68 -50.46 -60.08 36.36
N PRO I 69 -49.65 -60.82 35.59
CA PRO I 69 -50.20 -61.88 34.75
C PRO I 69 -50.70 -63.06 35.56
N ARG I 70 -51.37 -63.99 34.86
CA ARG I 70 -51.99 -65.14 35.51
C ARG I 70 -50.94 -66.03 36.15
N VAL I 71 -51.26 -66.54 37.33
CA VAL I 71 -50.41 -67.58 37.90
C VAL I 71 -51.30 -68.56 38.65
N TYR I 72 -51.06 -69.85 38.44
CA TYR I 72 -51.84 -70.90 39.05
C TYR I 72 -51.02 -71.49 40.17
N ILE I 73 -51.53 -71.41 41.38
CA ILE I 73 -50.79 -71.86 42.55
C ILE I 73 -51.49 -73.07 43.17
N ASN I 74 -50.69 -73.86 43.87
CA ASN I 74 -51.09 -75.14 44.42
C ASN I 74 -51.38 -74.99 45.91
N LEU I 75 -52.17 -75.93 46.45
CA LEU I 75 -52.55 -75.92 47.85
C LEU I 75 -52.23 -77.25 48.52
N ASP I 76 -51.18 -77.92 48.09
CA ASP I 76 -50.84 -79.23 48.66
C ASP I 76 -50.20 -79.11 50.04
N LYS I 77 -49.57 -77.98 50.35
CA LYS I 77 -49.09 -77.73 51.70
C LYS I 77 -50.30 -77.58 52.61
N GLU I 78 -50.50 -78.56 53.51
CA GLU I 78 -51.77 -78.70 54.22
C GLU I 78 -52.00 -77.57 55.21
N THR I 79 -50.94 -77.09 55.85
CA THR I 79 -51.07 -76.02 56.82
C THR I 79 -50.51 -74.68 56.32
N LYS I 80 -49.78 -74.68 55.23
CA LYS I 80 -49.18 -73.46 54.69
C LYS I 80 -50.02 -72.93 53.53
N THR I 81 -50.38 -71.67 53.61
CA THR I 81 -51.20 -71.05 52.58
C THR I 81 -50.40 -70.82 51.31
N GLY I 82 -51.08 -70.94 50.17
CA GLY I 82 -50.44 -70.62 48.90
C GLY I 82 -50.25 -69.11 48.77
N THR I 83 -49.08 -68.73 48.27
CA THR I 83 -48.69 -67.32 48.20
C THR I 83 -48.26 -66.99 46.79
N CYS I 84 -49.02 -66.12 46.14
CA CYS I 84 -48.61 -65.58 44.85
C CYS I 84 -47.39 -64.69 45.02
N GLY I 85 -46.37 -64.91 44.19
CA GLY I 85 -45.19 -64.08 44.23
C GLY I 85 -45.46 -62.66 43.78
N TYR I 86 -46.44 -62.49 42.90
CA TYR I 86 -46.80 -61.15 42.44
C TYR I 86 -47.73 -60.46 43.43
N CYS I 87 -48.87 -61.10 43.73
CA CYS I 87 -49.90 -60.48 44.57
C CYS I 87 -49.39 -60.22 45.98
N GLY I 88 -49.08 -61.28 46.71
CA GLY I 88 -48.86 -61.19 48.13
C GLY I 88 -50.07 -61.52 48.97
N LEU I 89 -51.12 -62.06 48.38
CA LEU I 89 -52.33 -62.41 49.11
C LEU I 89 -52.53 -63.92 49.06
N GLN I 90 -53.11 -64.46 50.12
CA GLN I 90 -53.04 -65.88 50.43
C GLN I 90 -54.29 -66.63 50.00
N PHE I 91 -54.22 -67.95 50.09
CA PHE I 91 -55.28 -68.84 49.64
C PHE I 91 -55.30 -70.08 50.52
N ARG I 92 -56.48 -70.68 50.67
CA ARG I 92 -56.62 -71.93 51.41
C ARG I 92 -57.57 -72.85 50.67
N GLN I 93 -57.64 -74.10 51.14
CA GLN I 93 -58.49 -75.12 50.53
C GLN I 93 -59.52 -75.61 51.54
N GLN I 94 -60.73 -75.85 51.04
CA GLN I 94 -61.84 -76.37 51.84
C GLN I 94 -62.45 -77.56 51.11
N HIS I 95 -62.11 -78.76 51.58
CA HIS I 95 -62.62 -79.98 50.99
C HIS I 95 -64.08 -80.24 51.36
N THR J 8 1.89 -42.17 -6.32
CA THR J 8 2.06 -42.89 -7.56
C THR J 8 3.46 -43.51 -7.57
N GLN J 9 3.57 -44.68 -6.92
CA GLN J 9 4.83 -45.39 -6.69
C GLN J 9 5.86 -44.51 -6.00
N LEU J 10 5.45 -43.97 -4.85
CA LEU J 10 6.26 -43.04 -4.08
C LEU J 10 7.06 -43.79 -3.00
N ILE J 11 7.55 -43.03 -2.02
CA ILE J 11 8.69 -43.23 -1.13
C ILE J 11 8.77 -44.59 -0.45
N THR J 12 7.62 -45.26 -0.28
CA THR J 12 7.29 -46.18 0.79
C THR J 12 8.39 -47.05 1.39
N VAL J 13 8.47 -47.02 2.72
CA VAL J 13 9.51 -47.71 3.49
C VAL J 13 8.82 -48.69 4.44
N ASP J 14 9.39 -49.89 4.56
CA ASP J 14 8.79 -50.96 5.36
C ASP J 14 9.19 -50.79 6.81
N GLU J 15 8.33 -50.15 7.61
CA GLU J 15 8.62 -49.87 9.01
C GLU J 15 7.35 -50.10 9.84
N LYS J 16 7.38 -49.60 11.07
CA LYS J 16 6.32 -49.73 12.07
C LYS J 16 5.40 -48.51 12.04
N LEU J 17 4.43 -48.49 12.95
CA LEU J 17 3.44 -47.43 13.02
C LEU J 17 3.35 -46.83 14.42
N ASP J 18 3.07 -45.53 14.46
CA ASP J 18 3.17 -44.71 15.68
C ASP J 18 1.95 -43.80 15.84
N ILE J 19 0.76 -44.39 15.76
CA ILE J 19 -0.48 -43.61 15.72
C ILE J 19 -0.83 -42.97 17.06
N THR J 20 -0.16 -43.40 18.14
CA THR J 20 -0.45 -42.90 19.48
C THR J 20 -0.08 -41.44 19.68
N THR J 21 0.74 -40.86 18.80
CA THR J 21 0.99 -39.42 18.81
C THR J 21 -0.02 -38.65 17.99
N LEU J 22 -1.06 -39.31 17.54
CA LEU J 22 -2.10 -38.72 16.70
C LEU J 22 -3.50 -38.91 17.26
N THR J 23 -3.77 -40.03 17.92
CA THR J 23 -5.15 -40.30 18.33
C THR J 23 -5.58 -39.47 19.54
N GLY J 24 -4.68 -38.70 20.17
CA GLY J 24 -5.07 -37.64 21.07
C GLY J 24 -5.36 -38.02 22.51
N VAL J 25 -5.48 -39.30 22.81
CA VAL J 25 -5.68 -39.72 24.21
C VAL J 25 -4.40 -39.49 24.99
N PRO J 26 -4.46 -38.91 26.20
CA PRO J 26 -3.24 -38.50 26.90
C PRO J 26 -2.36 -39.66 27.37
N GLU J 27 -1.10 -39.30 27.64
CA GLU J 27 -0.06 -40.30 27.86
C GLU J 27 -0.21 -41.02 29.18
N GLU J 28 -0.93 -40.43 30.15
CA GLU J 28 -1.31 -41.14 31.35
C GLU J 28 -2.11 -42.39 31.02
N HIS J 29 -3.15 -42.22 30.20
CA HIS J 29 -3.95 -43.35 29.74
C HIS J 29 -3.20 -44.21 28.73
N ILE J 30 -2.17 -43.67 28.08
CA ILE J 30 -1.37 -44.49 27.18
C ILE J 30 -0.52 -45.49 27.95
N LYS J 31 0.38 -45.00 28.80
CA LYS J 31 1.35 -45.89 29.41
C LYS J 31 0.85 -46.55 30.68
N THR J 32 -0.21 -46.05 31.31
CA THR J 32 -0.62 -46.64 32.57
C THR J 32 -1.65 -47.74 32.38
N ARG J 33 -2.63 -47.53 31.51
CA ARG J 33 -3.70 -48.51 31.33
C ARG J 33 -3.25 -49.64 30.41
N LYS J 34 -3.80 -50.83 30.65
CA LYS J 34 -3.34 -52.06 30.02
C LYS J 34 -4.51 -52.77 29.35
N ALA J 35 -4.30 -53.24 28.13
CA ALA J 35 -5.36 -53.91 27.39
C ALA J 35 -5.30 -55.43 27.58
N ARG J 36 -6.42 -56.07 27.28
CA ARG J 36 -6.52 -57.52 27.33
C ARG J 36 -7.32 -57.99 26.13
N ILE J 37 -6.77 -58.96 25.39
CA ILE J 37 -7.41 -59.50 24.21
C ILE J 37 -7.82 -60.93 24.54
N PHE J 38 -9.12 -61.21 24.45
CA PHE J 38 -9.56 -62.56 24.74
C PHE J 38 -10.83 -62.85 23.99
N VAL J 39 -11.02 -64.12 23.66
CA VAL J 39 -12.34 -64.57 23.24
C VAL J 39 -13.24 -64.64 24.48
N PRO J 40 -14.41 -63.99 24.48
CA PRO J 40 -15.26 -64.03 25.67
C PRO J 40 -15.86 -65.42 25.86
N ALA J 41 -15.77 -65.91 27.09
CA ALA J 41 -16.19 -67.27 27.40
C ALA J 41 -17.70 -67.40 27.29
N ARG J 42 -18.15 -68.63 27.09
CA ARG J 42 -19.58 -68.90 27.08
C ARG J 42 -20.15 -68.67 28.46
N ASN J 43 -21.20 -67.86 28.53
CA ASN J 43 -21.89 -67.63 29.79
C ASN J 43 -22.57 -68.93 30.20
N ASN J 44 -22.07 -69.53 31.28
CA ASN J 44 -22.16 -70.97 31.51
C ASN J 44 -23.60 -71.45 31.73
N MET J 45 -24.53 -70.56 32.06
CA MET J 45 -25.89 -71.02 32.33
C MET J 45 -26.60 -71.42 31.04
N GLN J 46 -26.43 -70.63 29.98
CA GLN J 46 -26.82 -71.09 28.66
C GLN J 46 -25.68 -71.93 28.09
N SER J 47 -25.99 -72.71 27.05
CA SER J 47 -24.97 -73.50 26.36
C SER J 47 -25.09 -73.23 24.87
N GLY J 48 -24.53 -72.11 24.44
CA GLY J 48 -24.51 -71.75 23.03
C GLY J 48 -23.30 -70.89 22.75
N VAL J 49 -22.60 -71.17 21.66
CA VAL J 49 -21.30 -70.54 21.45
C VAL J 49 -21.33 -69.62 20.23
N ASN J 50 -22.46 -68.97 19.98
CA ASN J 50 -22.46 -67.84 19.05
C ASN J 50 -21.76 -66.63 19.66
N ASN J 51 -21.65 -66.57 20.98
CA ASN J 51 -20.90 -65.52 21.67
C ASN J 51 -19.39 -65.75 21.59
N THR J 52 -18.97 -66.86 20.99
CA THR J 52 -17.58 -67.15 20.66
C THR J 52 -17.31 -66.51 19.28
N LYS J 53 -16.23 -66.91 18.61
CA LYS J 53 -15.83 -66.52 17.25
C LYS J 53 -15.42 -65.05 17.14
N LYS J 54 -15.33 -64.34 18.26
CA LYS J 54 -14.90 -62.95 18.27
C LYS J 54 -13.81 -62.76 19.33
N TRP J 55 -12.92 -61.83 19.05
CA TRP J 55 -11.81 -61.52 19.93
C TRP J 55 -12.06 -60.13 20.52
N LYS J 56 -12.58 -60.08 21.73
CA LYS J 56 -12.85 -58.80 22.35
C LYS J 56 -11.57 -58.24 22.94
N MET J 57 -11.31 -56.97 22.64
CA MET J 57 -10.29 -56.18 23.30
C MET J 57 -10.97 -55.32 24.36
N GLU J 58 -10.50 -55.44 25.60
CA GLU J 58 -11.04 -54.69 26.73
C GLU J 58 -9.90 -54.01 27.46
N PHE J 59 -10.27 -53.09 28.35
CA PHE J 59 -9.31 -52.52 29.28
C PHE J 59 -9.63 -52.98 30.69
N ASP J 60 -8.60 -53.02 31.53
CA ASP J 60 -8.75 -53.47 32.91
C ASP J 60 -9.55 -52.45 33.72
N THR J 61 -10.19 -52.94 34.79
CA THR J 61 -11.06 -52.10 35.58
C THR J 61 -10.24 -51.27 36.58
N ARG J 62 -10.84 -50.18 37.03
CA ARG J 62 -10.19 -49.26 37.98
C ARG J 62 -11.25 -48.83 38.98
N GLU J 63 -10.96 -47.75 39.71
CA GLU J 63 -11.72 -47.41 40.90
C GLU J 63 -13.11 -46.88 40.55
N ARG J 64 -14.10 -47.28 41.36
CA ARG J 64 -15.47 -46.83 41.20
C ARG J 64 -16.02 -46.61 42.61
N TRP J 65 -15.97 -45.37 43.08
CA TRP J 65 -16.39 -45.04 44.43
C TRP J 65 -17.91 -44.91 44.50
N GLU J 66 -18.40 -44.35 45.60
CA GLU J 66 -19.82 -44.14 45.79
C GLU J 66 -20.15 -42.68 45.51
N ASN J 67 -21.20 -42.46 44.74
CA ASN J 67 -21.68 -41.11 44.52
C ASN J 67 -22.42 -40.66 45.78
N PRO J 68 -21.94 -39.65 46.50
CA PRO J 68 -22.42 -39.41 47.87
C PRO J 68 -23.79 -38.76 47.98
N LEU J 69 -24.59 -38.72 46.91
CA LEU J 69 -25.93 -38.18 47.00
C LEU J 69 -27.00 -39.16 46.57
N MET J 70 -26.67 -40.12 45.71
CA MET J 70 -27.65 -41.06 45.20
C MET J 70 -27.26 -42.51 45.37
N GLY J 71 -25.99 -42.83 45.65
CA GLY J 71 -25.58 -44.21 45.75
C GLY J 71 -25.31 -44.82 44.39
N TRP J 72 -24.45 -44.17 43.62
CA TRP J 72 -24.08 -44.61 42.29
C TRP J 72 -22.58 -44.90 42.26
N ALA J 73 -22.11 -45.42 41.13
CA ALA J 73 -20.71 -45.76 40.95
C ALA J 73 -20.13 -44.82 39.90
N SER J 74 -19.68 -43.65 40.33
CA SER J 74 -18.97 -42.76 39.44
C SER J 74 -17.55 -43.28 39.22
N THR J 75 -16.92 -42.80 38.17
CA THR J 75 -15.54 -43.16 37.89
C THR J 75 -14.85 -42.04 37.13
N ALA J 76 -13.55 -41.92 37.33
CA ALA J 76 -12.70 -41.06 36.50
C ALA J 76 -12.03 -41.85 35.40
N ASP J 77 -12.82 -42.62 34.65
CA ASP J 77 -12.30 -43.53 33.63
C ASP J 77 -13.15 -43.40 32.38
N PRO J 78 -12.71 -42.59 31.41
CA PRO J 78 -13.43 -42.55 30.14
C PRO J 78 -13.29 -43.83 29.34
N LEU J 79 -12.19 -44.55 29.50
CA LEU J 79 -11.92 -45.75 28.72
C LEU J 79 -12.52 -46.99 29.34
N SER J 80 -13.31 -46.85 30.40
CA SER J 80 -13.78 -48.00 31.16
C SER J 80 -14.82 -48.81 30.40
N ASN J 81 -15.54 -48.21 29.47
CA ASN J 81 -16.58 -48.91 28.73
C ASN J 81 -16.25 -49.02 27.25
N LEU J 82 -15.00 -49.36 26.95
CA LEU J 82 -14.61 -49.75 25.60
C LEU J 82 -14.69 -51.26 25.46
N VAL J 83 -15.07 -51.69 24.27
CA VAL J 83 -14.89 -53.07 23.85
C VAL J 83 -14.70 -53.03 22.34
N LEU J 84 -13.83 -53.91 21.84
CA LEU J 84 -13.56 -53.96 20.40
C LEU J 84 -13.58 -55.43 19.97
N THR J 85 -14.69 -55.83 19.35
CA THR J 85 -14.87 -57.21 18.92
C THR J 85 -14.19 -57.42 17.58
N PHE J 86 -13.23 -58.33 17.53
CA PHE J 86 -12.41 -58.57 16.35
C PHE J 86 -12.67 -59.99 15.84
N SER J 87 -11.95 -60.36 14.79
CA SER J 87 -12.14 -61.64 14.13
C SER J 87 -10.91 -62.53 14.15
N THR J 88 -9.71 -61.97 14.33
CA THR J 88 -8.52 -62.80 14.41
C THR J 88 -7.54 -62.18 15.40
N LYS J 89 -6.71 -63.06 15.97
CA LYS J 89 -5.75 -62.65 16.98
C LYS J 89 -4.64 -61.78 16.39
N GLU J 90 -4.31 -62.01 15.11
CA GLU J 90 -3.22 -61.29 14.46
C GLU J 90 -3.56 -59.83 14.28
N ASP J 91 -4.77 -59.53 13.78
CA ASP J 91 -5.18 -58.14 13.62
C ASP J 91 -5.40 -57.46 14.96
N ALA J 92 -5.78 -58.23 15.99
CA ALA J 92 -5.91 -57.68 17.33
C ALA J 92 -4.56 -57.20 17.86
N ILE J 93 -3.54 -58.05 17.77
CA ILE J 93 -2.21 -57.70 18.24
C ILE J 93 -1.63 -56.57 17.39
N ALA J 94 -1.89 -56.60 16.07
CA ALA J 94 -1.41 -55.56 15.19
C ALA J 94 -2.04 -54.21 15.50
N PHE J 95 -3.33 -54.19 15.81
CA PHE J 95 -3.97 -52.92 16.17
C PHE J 95 -3.52 -52.43 17.53
N ALA J 96 -3.30 -53.35 18.48
CA ALA J 96 -2.87 -52.93 19.81
C ALA J 96 -1.45 -52.37 19.79
N GLU J 97 -0.58 -52.97 18.99
CA GLU J 97 0.76 -52.43 18.83
C GLU J 97 0.77 -51.19 17.95
N LYS J 98 -0.22 -51.05 17.08
CA LYS J 98 -0.31 -49.86 16.23
C LYS J 98 -0.75 -48.65 17.04
N ASN J 99 -1.67 -48.83 17.98
CA ASN J 99 -2.20 -47.71 18.73
C ASN J 99 -1.46 -47.47 20.05
N GLY J 100 -0.46 -48.29 20.37
CA GLY J 100 0.51 -47.89 21.36
C GLY J 100 0.53 -48.59 22.71
N TRP J 101 -0.63 -48.86 23.30
CA TRP J 101 -0.62 -49.37 24.65
C TRP J 101 -0.30 -50.86 24.70
N SER J 102 -0.05 -51.35 25.92
CA SER J 102 0.31 -52.73 26.17
C SER J 102 -0.93 -53.62 26.18
N TYR J 103 -0.69 -54.94 26.16
CA TYR J 103 -1.76 -55.88 25.92
C TYR J 103 -1.39 -57.25 26.47
N ASP J 104 -2.40 -57.97 26.94
CA ASP J 104 -2.24 -59.33 27.45
C ASP J 104 -3.04 -60.27 26.57
N VAL J 105 -2.39 -61.26 26.00
CA VAL J 105 -3.02 -62.20 25.10
C VAL J 105 -3.35 -63.48 25.84
N GLU J 106 -4.64 -63.81 25.90
CA GLU J 106 -5.09 -65.11 26.36
C GLU J 106 -5.51 -65.92 25.15
N GLU J 107 -5.20 -67.21 25.16
CA GLU J 107 -5.38 -68.03 23.98
C GLU J 107 -6.77 -68.65 23.93
N ARG J 108 -7.21 -68.98 22.72
CA ARG J 108 -8.54 -69.50 22.49
C ARG J 108 -8.62 -70.96 22.92
N LYS J 109 -9.75 -71.34 23.53
CA LYS J 109 -9.95 -72.70 24.01
C LYS J 109 -11.29 -73.22 23.49
N VAL J 110 -11.23 -74.16 22.56
CA VAL J 110 -12.43 -74.80 22.00
C VAL J 110 -12.94 -75.82 23.00
N PRO J 111 -14.19 -76.26 22.93
CA PRO J 111 -14.60 -77.44 23.69
C PRO J 111 -13.95 -78.69 23.13
N LYS J 112 -13.48 -79.55 24.01
CA LYS J 112 -12.77 -80.75 23.59
C LYS J 112 -13.77 -81.76 23.02
N PRO J 113 -13.50 -82.34 21.85
CA PRO J 113 -14.39 -83.36 21.31
C PRO J 113 -14.33 -84.63 22.13
N LYS J 114 -15.48 -85.25 22.31
CA LYS J 114 -15.62 -86.41 23.17
C LYS J 114 -16.05 -87.63 22.36
N SER J 115 -16.31 -88.72 23.09
CA SER J 115 -16.71 -90.01 22.50
C SER J 115 -17.75 -90.61 23.44
N LYS J 116 -19.03 -90.37 23.13
CA LYS J 116 -20.13 -90.85 23.93
C LYS J 116 -21.16 -91.52 23.04
N SER J 117 -21.86 -92.50 23.59
CA SER J 117 -22.92 -93.17 22.85
C SER J 117 -23.93 -93.78 23.81
N TYR J 118 -25.16 -93.91 23.31
CA TYR J 118 -26.28 -94.39 24.10
C TYR J 118 -26.13 -95.87 24.41
N GLY J 119 -25.57 -96.64 23.47
CA GLY J 119 -25.24 -98.02 23.74
C GLY J 119 -24.16 -98.18 24.78
N ALA J 120 -23.21 -97.24 24.84
CA ALA J 120 -22.24 -97.26 25.92
C ALA J 120 -22.88 -96.84 27.23
N ASN J 121 -23.96 -96.06 27.17
CA ASN J 121 -24.74 -95.80 28.36
C ASN J 121 -25.60 -96.98 28.77
N PHE J 122 -25.70 -98.01 27.92
CA PHE J 122 -26.38 -99.25 28.29
C PHE J 122 -25.43 -100.45 28.31
N SER J 123 -24.30 -100.29 28.98
CA SER J 123 -23.26 -101.30 29.01
C SER J 123 -23.69 -102.55 29.76
N TRP J 124 -22.91 -103.62 29.56
CA TRP J 124 -23.13 -104.95 30.12
C TRP J 124 -22.19 -105.27 31.26
N ASN J 125 -20.89 -105.10 31.03
CA ASN J 125 -19.87 -105.29 32.05
C ASN J 125 -18.91 -104.12 32.13
N LYS J 126 -19.23 -103.00 31.48
CA LYS J 126 -18.54 -101.74 31.67
C LYS J 126 -19.33 -100.89 32.65
N ARG J 127 -18.62 -100.09 33.45
CA ARG J 127 -19.27 -99.37 34.53
C ARG J 127 -20.02 -98.13 34.07
N THR J 128 -19.92 -97.75 32.80
CA THR J 128 -20.69 -96.63 32.27
C THR J 128 -22.13 -97.09 32.15
N ARG J 129 -22.93 -96.81 33.19
CA ARG J 129 -24.30 -97.27 33.26
C ARG J 129 -25.15 -96.11 33.74
N VAL J 130 -26.35 -95.97 33.15
CA VAL J 130 -27.14 -94.77 33.41
C VAL J 130 -27.77 -94.81 34.79
N SER J 131 -28.08 -96.01 35.31
CA SER J 131 -28.55 -96.30 36.66
C SER J 131 -29.88 -95.64 37.05
N THR J 132 -30.58 -95.00 36.10
CA THR J 132 -31.79 -94.25 36.45
C THR J 132 -32.94 -94.39 35.48
N LYS J 133 -32.74 -94.88 34.25
CA LYS J 133 -33.77 -94.73 33.22
C LYS J 133 -33.60 -95.76 32.13
N LEU K 1 -13.13 -42.68 62.38
CA LEU K 1 -14.13 -41.89 61.68
C LEU K 1 -14.91 -42.74 60.68
N HIS K 2 -16.10 -42.27 60.35
CA HIS K 2 -17.02 -42.99 59.49
C HIS K 2 -16.56 -42.88 58.04
N HIS K 3 -17.10 -43.76 57.19
CA HIS K 3 -16.81 -43.65 55.76
C HIS K 3 -17.52 -42.45 55.16
N ALA K 4 -17.23 -42.23 53.87
CA ALA K 4 -17.57 -41.05 53.07
C ALA K 4 -17.00 -39.76 53.65
N VAL K 5 -16.05 -39.84 54.57
CA VAL K 5 -15.20 -38.72 54.92
C VAL K 5 -13.77 -38.98 54.46
N ILE K 6 -13.40 -40.25 54.27
CA ILE K 6 -12.10 -40.64 53.71
C ILE K 6 -12.03 -40.19 52.26
N PRO K 7 -10.83 -39.89 51.74
CA PRO K 7 -10.74 -39.48 50.33
C PRO K 7 -10.98 -40.65 49.39
N HIS K 8 -11.37 -40.30 48.17
CA HIS K 8 -11.75 -41.28 47.16
C HIS K 8 -11.21 -40.86 45.80
N GLY K 9 -10.24 -41.60 45.29
CA GLY K 9 -9.81 -41.44 43.90
C GLY K 9 -9.06 -40.15 43.66
N LYS K 10 -9.30 -39.56 42.50
CA LYS K 10 -8.65 -38.31 42.09
C LYS K 10 -9.41 -37.14 42.73
N GLY K 11 -9.13 -35.92 42.26
CA GLY K 11 -9.73 -34.73 42.81
C GLY K 11 -10.65 -34.05 41.81
N GLY K 12 -11.57 -33.25 42.33
CA GLY K 12 -12.40 -32.38 41.50
C GLY K 12 -13.75 -32.93 41.12
N ARG K 13 -14.77 -32.08 41.24
CA ARG K 13 -16.13 -32.30 40.73
C ARG K 13 -16.76 -33.57 41.32
N SER K 14 -17.03 -33.47 42.62
CA SER K 14 -17.72 -34.46 43.44
C SER K 14 -16.94 -35.75 43.59
N SER K 15 -15.64 -35.72 43.34
CA SER K 15 -14.77 -36.74 43.91
C SER K 15 -14.74 -36.52 45.41
N VAL K 16 -15.06 -37.56 46.18
CA VAL K 16 -15.25 -37.43 47.61
C VAL K 16 -13.90 -37.20 48.27
N SER K 17 -13.61 -35.97 48.64
CA SER K 17 -12.35 -35.63 49.29
C SER K 17 -12.54 -35.71 50.80
N GLY K 18 -11.55 -35.23 51.54
CA GLY K 18 -11.51 -35.44 52.97
C GLY K 18 -12.46 -34.59 53.78
N ILE K 19 -12.26 -33.30 53.76
CA ILE K 19 -12.81 -32.42 54.78
C ILE K 19 -14.22 -32.01 54.44
N VAL K 20 -15.03 -31.86 55.48
CA VAL K 20 -16.34 -31.23 55.41
C VAL K 20 -16.23 -29.94 56.21
N ALA K 21 -16.37 -28.81 55.52
CA ALA K 21 -15.98 -27.52 56.08
C ALA K 21 -17.21 -26.67 56.35
N THR K 22 -17.41 -26.32 57.61
CA THR K 22 -18.38 -25.29 57.97
C THR K 22 -17.68 -23.93 57.94
N VAL K 23 -18.17 -23.05 57.08
CA VAL K 23 -17.52 -21.77 56.86
C VAL K 23 -18.44 -20.68 57.37
N PHE K 24 -17.90 -19.81 58.24
CA PHE K 24 -18.64 -18.61 58.59
C PHE K 24 -18.14 -17.47 57.73
N GLY K 25 -19.06 -16.71 57.19
CA GLY K 25 -18.73 -15.70 56.19
C GLY K 25 -18.98 -16.22 54.77
N ALA K 26 -17.92 -16.27 53.96
CA ALA K 26 -17.84 -16.79 52.59
C ALA K 26 -18.63 -16.00 51.56
N THR K 27 -19.40 -14.99 51.97
CA THR K 27 -20.05 -14.10 51.03
C THR K 27 -19.12 -12.97 50.62
N GLY K 28 -18.12 -12.68 51.44
CA GLY K 28 -17.09 -11.72 51.11
C GLY K 28 -16.09 -12.25 50.11
N PHE K 29 -14.84 -11.83 50.27
CA PHE K 29 -13.83 -12.03 49.24
C PHE K 29 -13.03 -13.31 49.46
N LEU K 30 -12.33 -13.39 50.60
CA LEU K 30 -11.41 -14.49 50.84
C LEU K 30 -12.17 -15.79 51.09
N GLY K 31 -13.34 -15.72 51.73
CA GLY K 31 -14.15 -16.91 51.91
C GLY K 31 -14.69 -17.44 50.60
N ARG K 32 -15.01 -16.55 49.67
CA ARG K 32 -15.48 -16.97 48.35
C ARG K 32 -14.37 -17.70 47.59
N TYR K 33 -13.15 -17.14 47.60
CA TYR K 33 -12.04 -17.86 46.96
C TYR K 33 -11.73 -19.16 47.69
N LEU K 34 -11.99 -19.23 48.99
CA LEU K 34 -11.68 -20.45 49.73
C LEU K 34 -12.68 -21.55 49.40
N VAL K 35 -13.96 -21.19 49.27
CA VAL K 35 -14.97 -22.12 48.79
C VAL K 35 -14.66 -22.56 47.37
N ASN K 36 -14.11 -21.65 46.55
CA ASN K 36 -13.70 -21.99 45.19
C ASN K 36 -12.60 -23.05 45.17
N HIS K 37 -11.58 -22.89 46.02
CA HIS K 37 -10.51 -23.87 46.00
C HIS K 37 -10.92 -25.17 46.70
N LEU K 38 -11.87 -25.13 47.61
CA LEU K 38 -12.37 -26.39 48.14
C LEU K 38 -13.27 -27.10 47.14
N GLY K 39 -13.95 -26.35 46.27
CA GLY K 39 -14.70 -26.97 45.20
C GLY K 39 -13.81 -27.57 44.15
N ARG K 40 -12.64 -26.95 43.91
CA ARG K 40 -11.64 -27.59 43.06
C ARG K 40 -11.08 -28.84 43.73
N MET K 41 -10.88 -28.79 45.04
CA MET K 41 -10.50 -29.99 45.78
C MET K 41 -11.63 -31.01 45.80
N GLY K 42 -12.87 -30.55 45.81
CA GLY K 42 -14.01 -31.43 45.85
C GLY K 42 -14.46 -31.73 47.27
N SER K 43 -14.61 -30.68 48.07
CA SER K 43 -14.97 -30.81 49.48
C SER K 43 -16.34 -30.20 49.73
N GLN K 44 -17.13 -30.88 50.55
CA GLN K 44 -18.45 -30.38 50.90
C GLN K 44 -18.33 -29.20 51.87
N VAL K 45 -18.97 -28.10 51.50
CA VAL K 45 -18.92 -26.86 52.26
C VAL K 45 -20.32 -26.54 52.76
N ILE K 46 -20.46 -26.49 54.08
CA ILE K 46 -21.69 -26.03 54.72
C ILE K 46 -21.48 -24.57 55.06
N VAL K 47 -22.23 -23.69 54.40
CA VAL K 47 -22.12 -22.26 54.67
C VAL K 47 -23.49 -21.72 55.06
N PRO K 48 -23.61 -21.07 56.21
CA PRO K 48 -24.78 -20.26 56.48
C PRO K 48 -24.54 -18.81 56.09
N TYR K 49 -25.59 -18.19 55.58
CA TYR K 49 -25.62 -16.77 55.26
C TYR K 49 -26.63 -16.09 56.17
N ARG K 50 -26.60 -14.77 56.15
CA ARG K 50 -27.63 -13.98 56.81
C ARG K 50 -28.36 -13.05 55.85
N CYS K 51 -27.83 -12.84 54.66
CA CYS K 51 -28.31 -11.83 53.74
C CYS K 51 -29.37 -12.41 52.81
N GLU K 52 -29.67 -11.67 51.75
CA GLU K 52 -30.52 -12.16 50.67
C GLU K 52 -29.90 -13.39 50.03
N PRO K 53 -30.69 -14.39 49.62
CA PRO K 53 -30.15 -15.53 48.87
C PRO K 53 -29.62 -15.21 47.48
N TYR K 54 -29.68 -13.96 47.01
CA TYR K 54 -29.13 -13.64 45.70
C TYR K 54 -27.61 -13.61 45.72
N ASP K 55 -27.00 -13.24 46.85
CA ASP K 55 -25.56 -13.22 46.94
C ASP K 55 -24.99 -14.63 46.97
N THR K 56 -25.56 -15.48 47.82
CA THR K 56 -25.20 -16.89 47.81
C THR K 56 -25.67 -17.59 46.55
N MET K 57 -26.57 -16.98 45.78
CA MET K 57 -26.94 -17.50 44.48
C MET K 57 -25.86 -17.22 43.45
N HIS K 58 -25.29 -16.02 43.43
CA HIS K 58 -24.24 -15.80 42.44
C HIS K 58 -22.89 -16.37 42.87
N LEU K 59 -22.77 -16.84 44.11
CA LEU K 59 -21.66 -17.72 44.44
C LEU K 59 -22.09 -19.17 44.64
N ARG K 60 -23.29 -19.52 44.21
CA ARG K 60 -23.78 -20.90 44.35
C ARG K 60 -23.11 -21.93 43.43
N PRO K 61 -23.01 -21.75 42.08
CA PRO K 61 -22.66 -22.91 41.25
C PRO K 61 -21.18 -23.27 41.24
N MET K 62 -20.44 -22.82 42.24
CA MET K 62 -19.03 -23.15 42.36
C MET K 62 -18.83 -24.64 42.57
N GLY K 63 -19.65 -25.26 43.41
CA GLY K 63 -19.56 -26.68 43.65
C GLY K 63 -20.17 -27.50 42.54
N ASP K 64 -20.18 -28.80 42.73
CA ASP K 64 -20.81 -29.73 41.81
C ASP K 64 -22.28 -29.89 42.26
N LEU K 65 -22.97 -30.93 41.78
CA LEU K 65 -24.37 -31.15 42.09
C LEU K 65 -24.57 -31.41 43.58
N GLY K 66 -25.13 -30.41 44.26
CA GLY K 66 -25.52 -30.56 45.65
C GLY K 66 -24.40 -30.71 46.64
N GLN K 67 -23.18 -30.34 46.28
CA GLN K 67 -22.07 -30.47 47.22
C GLN K 67 -22.17 -29.44 48.33
N ILE K 68 -22.09 -28.16 47.98
CA ILE K 68 -22.17 -27.14 49.01
C ILE K 68 -23.63 -26.97 49.41
N ILE K 69 -23.85 -26.54 50.65
CA ILE K 69 -25.20 -26.42 51.17
C ILE K 69 -25.30 -25.09 51.92
N PHE K 70 -26.48 -24.51 51.84
CA PHE K 70 -26.75 -23.17 52.33
C PHE K 70 -27.73 -23.23 53.49
N MET K 71 -27.43 -22.49 54.56
CA MET K 71 -28.40 -22.38 55.64
C MET K 71 -28.29 -20.98 56.25
N ASP K 72 -28.89 -20.80 57.42
CA ASP K 72 -29.01 -19.50 58.03
C ASP K 72 -28.22 -19.45 59.33
N TRP K 73 -27.73 -18.25 59.66
CA TRP K 73 -27.11 -18.01 60.97
C TRP K 73 -27.41 -16.57 61.37
N ASN K 74 -27.14 -16.28 62.64
CA ASN K 74 -27.34 -14.95 63.18
C ASN K 74 -26.31 -14.71 64.27
N GLY K 75 -26.06 -13.44 64.55
CA GLY K 75 -25.02 -13.09 65.52
C GLY K 75 -25.53 -13.03 66.95
N ARG K 76 -26.65 -13.67 67.24
CA ARG K 76 -27.26 -13.56 68.56
C ARG K 76 -27.48 -14.89 69.26
N ASP K 77 -27.96 -15.91 68.55
CA ASP K 77 -28.38 -17.15 69.19
C ASP K 77 -27.37 -18.25 69.00
N LYS K 78 -27.22 -19.09 70.03
CA LYS K 78 -26.38 -20.27 69.94
C LYS K 78 -27.08 -21.44 69.25
N ASP K 79 -28.41 -21.39 69.13
CA ASP K 79 -29.16 -22.52 68.60
C ASP K 79 -28.96 -22.67 67.10
N SER K 80 -29.04 -21.56 66.36
CA SER K 80 -28.84 -21.61 64.91
C SER K 80 -27.39 -21.91 64.56
N ILE K 81 -26.45 -21.34 65.32
CA ILE K 81 -25.03 -21.60 65.11
C ILE K 81 -24.71 -23.06 65.40
N ARG K 82 -25.24 -23.58 66.52
CA ARG K 82 -25.03 -24.96 66.91
C ARG K 82 -25.64 -25.93 65.92
N ARG K 83 -26.83 -25.58 65.39
CA ARG K 83 -27.44 -26.37 64.33
C ARG K 83 -26.62 -26.34 63.05
N ALA K 84 -25.94 -25.23 62.80
CA ALA K 84 -25.04 -25.17 61.65
C ALA K 84 -23.76 -25.96 61.87
N VAL K 85 -23.35 -26.15 63.13
CA VAL K 85 -22.11 -26.88 63.37
C VAL K 85 -22.37 -28.19 64.12
N GLU K 86 -23.56 -28.77 63.90
CA GLU K 86 -23.87 -30.09 64.46
C GLU K 86 -22.89 -31.16 63.97
N HIS K 87 -22.73 -31.27 62.66
CA HIS K 87 -21.85 -32.28 62.08
C HIS K 87 -20.89 -31.57 61.13
N SER K 88 -19.66 -31.40 61.56
CA SER K 88 -18.64 -30.71 60.77
C SER K 88 -17.30 -31.35 61.04
N ASN K 89 -16.52 -31.56 59.98
CA ASN K 89 -15.13 -31.96 60.19
C ASN K 89 -14.31 -30.76 60.63
N VAL K 90 -14.22 -29.73 59.78
CA VAL K 90 -13.45 -28.55 60.09
C VAL K 90 -14.35 -27.33 60.04
N VAL K 91 -13.90 -26.25 60.64
CA VAL K 91 -14.69 -25.02 60.69
C VAL K 91 -13.74 -23.82 60.64
N ILE K 92 -14.10 -22.84 59.82
CA ILE K 92 -13.30 -21.63 59.69
C ILE K 92 -14.14 -20.41 60.02
N ASN K 93 -13.49 -19.44 60.65
CA ASN K 93 -14.11 -18.22 61.14
C ASN K 93 -13.47 -17.05 60.40
N LEU K 94 -14.27 -16.44 59.52
CA LEU K 94 -13.94 -15.24 58.76
C LEU K 94 -15.13 -14.31 58.84
N VAL K 95 -14.96 -13.14 59.46
CA VAL K 95 -16.06 -12.19 59.60
C VAL K 95 -15.45 -10.82 59.82
N GLY K 96 -16.22 -9.77 59.52
CA GLY K 96 -15.83 -8.43 59.88
C GLY K 96 -16.10 -7.35 58.86
N ARG K 97 -16.82 -6.32 59.27
CA ARG K 97 -17.02 -5.13 58.47
C ARG K 97 -15.99 -4.10 58.90
N GLU K 98 -15.42 -3.39 57.94
CA GLU K 98 -14.38 -2.41 58.22
C GLU K 98 -14.93 -1.02 58.49
N TRP K 99 -16.20 -0.91 58.88
CA TRP K 99 -16.74 0.30 59.47
C TRP K 99 -17.83 -0.12 60.44
N GLU K 100 -17.98 0.65 61.52
CA GLU K 100 -19.01 0.35 62.50
C GLU K 100 -20.39 0.61 61.91
N THR K 101 -21.35 -0.18 62.35
CA THR K 101 -22.72 -0.11 61.87
C THR K 101 -23.61 0.42 62.99
N LYS K 102 -24.92 0.41 62.74
CA LYS K 102 -25.85 0.81 63.78
C LYS K 102 -25.90 -0.23 64.90
N ASN K 103 -25.92 -1.51 64.55
CA ASN K 103 -26.10 -2.57 65.53
C ASN K 103 -24.81 -3.30 65.88
N PHE K 104 -23.71 -3.01 65.21
CA PHE K 104 -22.45 -3.66 65.50
C PHE K 104 -21.31 -2.66 65.47
N ASP K 105 -20.43 -2.77 66.45
CA ASP K 105 -19.22 -1.97 66.51
C ASP K 105 -18.08 -2.78 65.89
N PHE K 106 -16.85 -2.28 66.04
CA PHE K 106 -15.70 -3.15 65.89
C PHE K 106 -15.61 -4.11 67.07
N GLU K 107 -16.07 -3.65 68.23
CA GLU K 107 -16.28 -4.53 69.36
C GLU K 107 -17.47 -5.43 69.09
N ASP K 108 -17.41 -6.64 69.66
CA ASP K 108 -18.44 -7.63 69.88
C ASP K 108 -18.80 -8.41 68.61
N VAL K 109 -18.35 -8.00 67.44
CA VAL K 109 -18.25 -8.97 66.35
C VAL K 109 -16.97 -9.78 66.49
N PHE K 110 -15.82 -9.08 66.57
CA PHE K 110 -14.52 -9.69 66.79
C PHE K 110 -14.40 -10.27 68.18
N VAL K 111 -15.21 -9.79 69.12
CA VAL K 111 -15.20 -10.27 70.49
C VAL K 111 -16.30 -11.31 70.64
N LYS K 112 -17.55 -10.91 70.44
CA LYS K 112 -18.68 -11.74 70.83
C LYS K 112 -18.91 -12.89 69.86
N ILE K 113 -18.59 -12.72 68.58
CA ILE K 113 -18.81 -13.78 67.60
C ILE K 113 -17.89 -14.98 67.81
N PRO K 114 -16.55 -14.87 68.01
CA PRO K 114 -15.77 -16.09 68.27
C PRO K 114 -16.07 -16.74 69.62
N GLN K 115 -16.63 -16.00 70.59
CA GLN K 115 -16.96 -16.57 71.88
C GLN K 115 -18.04 -17.64 71.76
N ALA K 116 -19.17 -17.30 71.16
CA ALA K 116 -20.29 -18.23 71.10
C ALA K 116 -20.00 -19.39 70.14
N ILE K 117 -19.34 -19.11 69.02
CA ILE K 117 -19.09 -20.19 68.06
C ILE K 117 -18.00 -21.11 68.59
N ALA K 118 -17.01 -20.57 69.33
CA ALA K 118 -16.02 -21.43 69.96
C ALA K 118 -16.62 -22.21 71.11
N GLN K 119 -17.62 -21.62 71.80
CA GLN K 119 -18.32 -22.32 72.87
C GLN K 119 -19.07 -23.54 72.33
N VAL K 120 -19.90 -23.33 71.31
CA VAL K 120 -20.65 -24.45 70.74
C VAL K 120 -19.74 -25.37 69.94
N SER K 121 -18.56 -24.90 69.51
CA SER K 121 -17.61 -25.75 68.81
C SER K 121 -16.91 -26.70 69.77
N LYS K 122 -16.45 -26.17 70.91
CA LYS K 122 -15.78 -26.99 71.90
C LYS K 122 -16.75 -27.90 72.62
N GLU K 123 -18.01 -27.47 72.77
CA GLU K 123 -19.04 -28.39 73.23
C GLU K 123 -19.49 -29.35 72.13
N ALA K 124 -19.20 -29.03 70.87
CA ALA K 124 -19.59 -29.86 69.74
C ALA K 124 -18.54 -30.90 69.40
N GLY K 125 -17.27 -30.55 69.49
CA GLY K 125 -16.21 -31.49 69.15
C GLY K 125 -15.77 -31.38 67.71
N VAL K 126 -15.38 -30.19 67.30
CA VAL K 126 -14.86 -29.97 65.97
C VAL K 126 -13.34 -29.99 66.04
N GLU K 127 -12.70 -30.11 64.89
CA GLU K 127 -11.24 -30.17 64.80
C GLU K 127 -10.77 -29.28 63.68
N LYS K 128 -9.51 -28.83 63.81
CA LYS K 128 -8.84 -27.94 62.86
C LYS K 128 -9.62 -26.64 62.62
N PHE K 129 -10.03 -26.00 63.71
CA PHE K 129 -10.69 -24.71 63.60
C PHE K 129 -9.68 -23.64 63.21
N ILE K 130 -9.93 -22.98 62.09
CA ILE K 130 -9.03 -21.95 61.59
C ILE K 130 -9.71 -20.60 61.75
N HIS K 131 -9.09 -19.72 62.51
CA HIS K 131 -9.61 -18.39 62.77
C HIS K 131 -8.70 -17.37 62.10
N ILE K 132 -9.26 -16.53 61.23
CA ILE K 132 -8.39 -15.52 60.62
C ILE K 132 -8.18 -14.37 61.60
N SER K 133 -7.18 -13.56 61.30
CA SER K 133 -6.95 -12.29 61.99
C SER K 133 -6.18 -11.39 61.06
N HIS K 134 -6.36 -10.08 61.25
CA HIS K 134 -5.49 -9.13 60.56
C HIS K 134 -4.09 -9.24 61.15
N LEU K 135 -3.09 -8.94 60.32
CA LEU K 135 -1.73 -8.89 60.81
C LEU K 135 -1.57 -7.69 61.74
N ASN K 136 -0.59 -7.82 62.65
CA ASN K 136 -0.18 -6.86 63.71
C ASN K 136 -1.36 -6.11 64.36
N ALA K 137 -2.35 -6.89 64.79
CA ALA K 137 -3.44 -6.39 65.61
C ALA K 137 -3.02 -6.46 67.07
N ASP K 138 -2.76 -5.30 67.68
CA ASP K 138 -2.15 -5.22 68.98
C ASP K 138 -3.14 -4.71 70.03
N ILE K 139 -2.66 -4.66 71.28
CA ILE K 139 -3.31 -3.91 72.34
C ILE K 139 -3.08 -2.41 72.16
N LYS K 140 -2.13 -2.05 71.31
CA LYS K 140 -1.72 -0.67 71.11
C LYS K 140 -2.80 0.13 70.37
N SER K 141 -2.48 1.38 70.08
CA SER K 141 -3.48 2.39 69.77
C SER K 141 -3.89 2.35 68.30
N SER K 142 -4.60 3.41 67.89
CA SER K 142 -4.97 3.88 66.56
C SER K 142 -6.11 3.10 65.91
N SER K 143 -6.59 1.99 66.50
CA SER K 143 -7.65 1.24 65.83
C SER K 143 -8.45 0.45 66.86
N LYS K 144 -9.75 0.79 66.97
CA LYS K 144 -10.69 -0.11 67.62
C LYS K 144 -10.75 -1.45 66.89
N TYR K 145 -10.65 -1.39 65.56
CA TYR K 145 -10.43 -2.53 64.68
C TYR K 145 -9.33 -3.47 65.18
N LEU K 146 -8.11 -2.96 65.28
CA LEU K 146 -6.97 -3.79 65.64
C LEU K 146 -7.01 -4.23 67.09
N ARG K 147 -7.51 -3.38 68.00
CA ARG K 147 -7.51 -3.81 69.39
C ARG K 147 -8.62 -4.82 69.68
N ASN K 148 -9.77 -4.71 69.01
CA ASN K 148 -10.79 -5.73 69.15
C ASN K 148 -10.37 -7.02 68.48
N LYS K 149 -9.61 -6.93 67.39
CA LYS K 149 -9.05 -8.15 66.82
C LYS K 149 -8.01 -8.79 67.74
N ALA K 150 -7.22 -7.99 68.47
CA ALA K 150 -6.28 -8.56 69.42
C ALA K 150 -7.00 -9.24 70.58
N VAL K 151 -8.12 -8.65 71.02
CA VAL K 151 -8.93 -9.29 72.06
C VAL K 151 -9.51 -10.62 71.55
N GLY K 152 -9.97 -10.63 70.30
CA GLY K 152 -10.46 -11.88 69.72
C GLY K 152 -9.34 -12.91 69.54
N GLU K 153 -8.14 -12.45 69.22
CA GLU K 153 -6.97 -13.32 69.14
C GLU K 153 -6.67 -13.96 70.48
N LYS K 154 -6.73 -13.17 71.56
CA LYS K 154 -6.50 -13.72 72.90
C LYS K 154 -7.62 -14.69 73.29
N GLU K 155 -8.85 -14.42 72.86
CA GLU K 155 -9.96 -15.32 73.15
C GLU K 155 -9.80 -16.67 72.45
N VAL K 156 -9.53 -16.64 71.15
CA VAL K 156 -9.40 -17.88 70.38
C VAL K 156 -8.12 -18.63 70.79
N ARG K 157 -7.10 -17.92 71.25
CA ARG K 157 -5.92 -18.58 71.80
C ARG K 157 -6.22 -19.23 73.14
N GLU K 158 -6.97 -18.55 74.01
CA GLU K 158 -7.21 -19.07 75.34
C GLU K 158 -8.20 -20.23 75.33
N THR K 159 -9.45 -19.97 74.94
CA THR K 159 -10.40 -21.06 74.84
C THR K 159 -10.28 -21.69 73.45
N PHE K 160 -10.39 -23.03 73.41
CA PHE K 160 -10.00 -23.90 72.31
C PHE K 160 -8.57 -23.57 71.88
N PRO K 161 -7.56 -24.02 72.64
CA PRO K 161 -6.20 -23.53 72.39
C PRO K 161 -5.56 -24.04 71.12
N GLU K 162 -5.96 -25.21 70.61
CA GLU K 162 -5.36 -25.74 69.38
C GLU K 162 -6.13 -25.32 68.13
N ALA K 163 -6.38 -24.03 68.04
CA ALA K 163 -6.92 -23.42 66.84
C ALA K 163 -5.79 -22.88 66.01
N THR K 164 -5.89 -23.03 64.69
CA THR K 164 -4.90 -22.37 63.85
C THR K 164 -5.33 -20.91 63.75
N ILE K 165 -4.65 -20.06 64.51
CA ILE K 165 -4.79 -18.62 64.34
C ILE K 165 -3.93 -18.24 63.15
N ILE K 166 -4.56 -17.70 62.13
CA ILE K 166 -3.84 -17.44 60.90
C ILE K 166 -3.95 -15.95 60.60
N LYS K 167 -2.92 -15.42 59.96
CA LYS K 167 -2.99 -14.03 59.57
C LYS K 167 -2.22 -13.86 58.27
N PRO K 168 -2.83 -13.28 57.28
CA PRO K 168 -2.06 -12.82 56.14
C PRO K 168 -1.66 -11.37 56.35
N ALA K 169 -0.93 -10.78 55.42
CA ALA K 169 -0.81 -9.33 55.37
C ALA K 169 -2.05 -8.78 54.67
N ASP K 170 -2.03 -7.49 54.35
CA ASP K 170 -3.17 -6.90 53.65
C ASP K 170 -3.15 -7.34 52.19
N ILE K 171 -4.14 -8.13 51.81
CA ILE K 171 -4.13 -8.88 50.55
C ILE K 171 -4.66 -8.03 49.42
N PHE K 172 -4.13 -8.27 48.22
CA PHE K 172 -4.60 -7.61 47.02
C PHE K 172 -5.04 -8.67 46.02
N GLY K 173 -5.95 -8.30 45.14
CA GLY K 173 -6.52 -9.22 44.18
C GLY K 173 -7.51 -8.58 43.24
N ARG K 174 -8.50 -9.35 42.78
CA ARG K 174 -9.48 -8.82 41.83
C ARG K 174 -10.44 -7.85 42.50
N GLU K 175 -10.78 -8.09 43.76
CA GLU K 175 -11.69 -7.20 44.48
C GLU K 175 -11.03 -6.73 45.76
N ASP K 176 -9.81 -6.21 45.64
CA ASP K 176 -9.08 -5.62 46.74
C ASP K 176 -9.82 -4.38 47.27
N ARG K 177 -9.55 -4.07 48.54
CA ARG K 177 -10.02 -2.83 49.13
C ARG K 177 -9.03 -1.69 48.91
N PHE K 178 -7.75 -1.91 49.25
CA PHE K 178 -6.84 -0.77 49.25
C PHE K 178 -6.36 -0.40 47.86
N LEU K 179 -6.26 -1.37 46.94
CA LEU K 179 -5.95 -0.99 45.56
C LEU K 179 -7.15 -0.35 44.90
N ASN K 180 -8.37 -0.71 45.32
CA ASN K 180 -9.56 0.00 44.86
C ASN K 180 -9.55 1.43 45.36
N TYR K 181 -9.14 1.64 46.62
CA TYR K 181 -9.01 3.00 47.13
C TYR K 181 -7.87 3.74 46.45
N PHE K 182 -6.85 3.02 46.00
CA PHE K 182 -5.81 3.62 45.16
C PHE K 182 -6.39 4.05 43.82
N ALA K 183 -7.35 3.28 43.29
CA ALA K 183 -8.05 3.71 42.09
C ALA K 183 -9.06 4.81 42.40
N ASN K 184 -9.79 4.67 43.51
CA ASN K 184 -10.78 5.66 43.92
C ASN K 184 -10.07 6.73 44.74
N ILE K 185 -9.31 7.58 44.04
CA ILE K 185 -8.52 8.61 44.70
C ILE K 185 -9.10 9.96 44.31
N ARG K 186 -8.86 10.95 45.19
CA ARG K 186 -9.26 12.35 45.02
C ARG K 186 -10.76 12.52 44.84
N SER K 195 -5.26 14.90 47.04
CA SER K 195 -4.57 13.68 47.44
C SER K 195 -3.56 13.98 48.55
N LEU K 196 -2.84 12.95 48.96
CA LEU K 196 -1.95 13.04 50.12
C LEU K 196 -0.80 12.06 49.95
N GLY K 197 0.35 12.40 50.53
CA GLY K 197 1.52 11.57 50.44
C GLY K 197 2.25 11.38 51.76
N LYS K 198 2.39 10.14 52.20
CA LYS K 198 3.10 9.83 53.43
C LYS K 198 4.18 8.81 53.16
N LYS K 199 4.77 8.26 54.22
CA LYS K 199 5.73 7.17 54.11
C LYS K 199 5.29 6.02 55.01
N THR K 200 5.38 4.81 54.47
CA THR K 200 5.22 3.56 55.22
C THR K 200 5.79 2.45 54.36
N VAL K 201 6.64 1.61 54.93
CA VAL K 201 7.09 0.42 54.23
C VAL K 201 6.02 -0.67 54.37
N LYS K 202 5.84 -1.47 53.32
CA LYS K 202 4.69 -2.35 53.24
C LYS K 202 4.98 -3.50 52.29
N GLN K 203 4.56 -4.71 52.68
CA GLN K 203 4.63 -5.86 51.81
C GLN K 203 3.22 -6.33 51.45
N PRO K 204 2.88 -6.36 50.15
CA PRO K 204 1.59 -6.93 49.75
C PRO K 204 1.71 -8.40 49.35
N VAL K 205 0.71 -9.17 49.73
CA VAL K 205 0.64 -10.59 49.42
C VAL K 205 -0.62 -10.84 48.59
N TYR K 206 -0.47 -11.59 47.50
CA TYR K 206 -1.60 -11.83 46.63
C TYR K 206 -2.52 -12.89 47.23
N ILE K 207 -3.78 -12.84 46.82
CA ILE K 207 -4.83 -13.56 47.53
C ILE K 207 -4.78 -15.07 47.29
N VAL K 208 -4.33 -15.50 46.10
CA VAL K 208 -4.48 -16.92 45.80
C VAL K 208 -3.41 -17.74 46.52
N ASP K 209 -2.24 -17.16 46.80
CA ASP K 209 -1.25 -17.87 47.60
C ASP K 209 -1.72 -18.00 49.04
N VAL K 210 -2.45 -17.00 49.54
CA VAL K 210 -3.02 -17.04 50.87
C VAL K 210 -4.04 -18.16 50.99
N THR K 211 -5.00 -18.19 50.05
CA THR K 211 -6.04 -19.21 50.16
C THR K 211 -5.53 -20.61 49.79
N LYS K 212 -4.51 -20.71 48.92
CA LYS K 212 -3.84 -22.00 48.73
C LYS K 212 -3.16 -22.46 50.00
N GLY K 213 -2.54 -21.54 50.73
CA GLY K 213 -1.95 -21.90 52.01
C GLY K 213 -2.98 -22.35 53.03
N ILE K 214 -4.14 -21.70 53.03
CA ILE K 214 -5.17 -22.06 53.99
C ILE K 214 -5.74 -23.44 53.68
N ILE K 215 -5.97 -23.74 52.40
CA ILE K 215 -6.54 -25.05 52.08
C ILE K 215 -5.50 -26.15 52.28
N ASN K 216 -4.22 -25.86 52.03
CA ASN K 216 -3.18 -26.86 52.27
C ASN K 216 -3.01 -27.13 53.75
N ALA K 217 -3.04 -26.08 54.58
CA ALA K 217 -2.92 -26.27 56.02
C ALA K 217 -4.15 -26.96 56.59
N ILE K 218 -5.34 -26.72 56.02
CA ILE K 218 -6.52 -27.36 56.58
C ILE K 218 -6.64 -28.81 56.11
N LYS K 219 -6.03 -29.18 54.98
CA LYS K 219 -6.07 -30.57 54.56
C LYS K 219 -4.85 -31.37 55.02
N ASP K 220 -3.81 -30.70 55.51
CA ASP K 220 -2.61 -31.40 55.97
C ASP K 220 -2.55 -31.39 57.49
N PRO K 221 -2.83 -32.51 58.15
CA PRO K 221 -2.68 -32.56 59.61
C PRO K 221 -1.22 -32.62 60.01
N ASP K 222 -1.02 -32.50 61.33
CA ASP K 222 0.17 -32.37 62.21
C ASP K 222 0.71 -30.94 62.25
N ALA K 223 0.12 -30.01 61.49
CA ALA K 223 0.57 -28.62 61.46
C ALA K 223 -0.32 -27.72 62.32
N ARG K 224 -0.81 -28.24 63.44
CA ARG K 224 -1.83 -27.56 64.24
C ARG K 224 -1.21 -26.91 65.47
N GLY K 225 -1.99 -25.99 66.06
CA GLY K 225 -1.58 -25.25 67.24
C GLY K 225 -0.84 -23.96 66.95
N LYS K 226 -0.02 -23.95 65.91
CA LYS K 226 0.84 -22.82 65.62
C LYS K 226 0.10 -21.74 64.85
N THR K 227 0.27 -20.50 65.28
CA THR K 227 -0.23 -19.36 64.52
C THR K 227 0.70 -19.06 63.35
N PHE K 228 0.12 -18.68 62.21
CA PHE K 228 0.87 -18.47 60.99
C PHE K 228 0.69 -17.04 60.51
N ALA K 229 1.68 -16.54 59.75
CA ALA K 229 1.63 -15.20 59.20
C ALA K 229 2.21 -15.20 57.80
N PHE K 230 1.50 -14.55 56.87
CA PHE K 230 1.89 -14.59 55.47
C PHE K 230 2.62 -13.31 55.08
N VAL K 231 3.62 -13.48 54.20
CA VAL K 231 4.64 -12.48 53.96
C VAL K 231 4.54 -12.05 52.50
N GLY K 232 4.57 -10.74 52.26
CA GLY K 232 4.70 -10.22 50.93
C GLY K 232 6.14 -10.30 50.45
N PRO K 233 6.33 -10.54 49.16
CA PRO K 233 7.70 -10.80 48.65
C PRO K 233 8.55 -9.54 48.44
N ASN K 234 7.96 -8.36 48.34
CA ASN K 234 8.72 -7.16 47.99
C ASN K 234 9.13 -6.34 49.21
N ARG K 235 8.15 -5.88 50.00
CA ARG K 235 8.34 -5.10 51.23
C ARG K 235 9.09 -3.79 50.96
N TYR K 236 8.41 -2.90 50.25
CA TYR K 236 8.94 -1.55 50.07
C TYR K 236 7.92 -0.47 50.42
N LEU K 237 8.24 0.77 50.06
CA LEU K 237 7.49 1.95 50.50
C LEU K 237 6.08 1.97 49.91
N LEU K 238 5.15 2.56 50.66
CA LEU K 238 3.78 2.69 50.19
C LEU K 238 3.67 3.70 49.05
N PHE K 239 4.43 4.79 49.12
CA PHE K 239 4.27 5.85 48.13
C PHE K 239 4.89 5.46 46.79
N ASP K 240 5.98 4.68 46.82
CA ASP K 240 6.50 4.08 45.60
C ASP K 240 5.51 3.10 45.00
N LEU K 241 4.76 2.40 45.85
CA LEU K 241 3.74 1.49 45.37
C LEU K 241 2.57 2.25 44.74
N VAL K 242 2.24 3.43 45.28
CA VAL K 242 1.19 4.26 44.69
C VAL K 242 1.64 4.81 43.33
N GLN K 243 2.92 5.20 43.23
CA GLN K 243 3.47 5.59 41.93
C GLN K 243 3.46 4.44 40.94
N TYR K 244 3.74 3.22 41.43
CA TYR K 244 3.67 2.03 40.58
C TYR K 244 2.26 1.78 40.09
N VAL K 245 1.26 2.00 40.96
CA VAL K 245 -0.14 1.79 40.60
C VAL K 245 -0.58 2.78 39.54
N PHE K 246 -0.27 4.07 39.74
CA PHE K 246 -0.61 5.07 38.72
C PHE K 246 0.14 4.85 37.41
N ALA K 247 1.38 4.37 37.48
CA ALA K 247 2.15 4.10 36.27
C ALA K 247 1.56 2.95 35.48
N VAL K 248 1.22 1.85 36.16
CA VAL K 248 0.64 0.73 35.46
C VAL K 248 -0.82 1.00 35.06
N ALA K 249 -1.48 1.97 35.71
CA ALA K 249 -2.88 2.26 35.42
C ALA K 249 -3.06 3.52 34.59
N HIS K 250 -1.97 4.07 34.02
CA HIS K 250 -2.00 4.95 32.85
C HIS K 250 -2.52 6.36 33.16
N ARG K 251 -3.02 6.58 34.35
CA ARG K 251 -3.51 7.90 34.71
C ARG K 251 -2.58 8.56 35.72
N PRO K 252 -2.41 9.89 35.66
CA PRO K 252 -1.51 10.56 36.61
C PRO K 252 -2.15 10.79 37.97
N ARG K 281 -11.20 7.63 56.55
CA ARG K 281 -10.04 7.92 57.38
C ARG K 281 -9.54 6.67 58.08
N ASP K 282 -10.45 5.75 58.35
CA ASP K 282 -10.09 4.50 59.02
C ASP K 282 -9.21 3.63 58.14
N LYS K 283 -9.58 3.49 56.86
CA LYS K 283 -8.80 2.66 55.95
C LYS K 283 -7.41 3.24 55.70
N VAL K 284 -7.32 4.56 55.55
CA VAL K 284 -6.03 5.17 55.26
C VAL K 284 -5.14 5.16 56.51
N GLU K 285 -5.72 5.31 57.70
CA GLU K 285 -4.89 5.19 58.90
C GLU K 285 -4.47 3.76 59.15
N ARG K 286 -5.34 2.79 58.84
CA ARG K 286 -4.99 1.40 59.08
C ARG K 286 -4.08 0.84 57.99
N ILE K 287 -3.89 1.53 56.87
CA ILE K 287 -2.78 1.16 55.99
C ILE K 287 -1.51 1.94 56.31
N HIS K 288 -1.61 3.14 56.89
CA HIS K 288 -0.41 3.85 57.33
C HIS K 288 0.06 3.44 58.72
N THR K 289 -0.63 2.51 59.39
CA THR K 289 -0.31 2.27 60.79
C THR K 289 0.96 1.43 60.98
N THR K 290 0.92 0.16 60.59
CA THR K 290 1.97 -0.79 60.94
C THR K 290 2.06 -1.88 59.88
N ASP K 291 3.29 -2.17 59.44
CA ASP K 291 3.57 -3.27 58.53
C ASP K 291 4.98 -3.77 58.85
N ARG K 292 5.07 -4.88 59.59
CA ARG K 292 6.34 -5.46 59.97
C ARG K 292 6.26 -6.97 59.84
N THR K 293 7.43 -7.60 59.95
CA THR K 293 7.52 -9.04 60.08
C THR K 293 7.68 -9.41 61.55
N LEU K 294 7.38 -10.66 61.86
CA LEU K 294 7.55 -11.18 63.20
C LEU K 294 8.38 -12.46 63.10
N PRO K 295 9.54 -12.52 63.74
CA PRO K 295 10.37 -13.72 63.66
C PRO K 295 9.89 -14.87 64.54
N HIS K 296 8.84 -14.67 65.32
CA HIS K 296 8.36 -15.71 66.22
C HIS K 296 7.68 -16.84 65.45
N LEU K 297 6.77 -16.50 64.56
CA LEU K 297 5.81 -17.48 64.05
C LEU K 297 6.13 -17.87 62.61
N PRO K 298 5.86 -19.12 62.22
CA PRO K 298 6.24 -19.58 60.89
C PRO K 298 5.23 -19.20 59.82
N GLY K 299 5.74 -19.06 58.59
CA GLY K 299 4.95 -18.58 57.48
C GLY K 299 4.84 -19.52 56.29
N LEU K 300 5.20 -19.01 55.11
CA LEU K 300 4.97 -19.72 53.86
C LEU K 300 5.84 -20.97 53.74
N GLU K 301 7.08 -20.90 54.24
CA GLU K 301 8.09 -21.91 53.93
C GLU K 301 7.81 -23.25 54.58
N ASP K 302 7.02 -23.28 55.66
CA ASP K 302 6.59 -24.53 56.27
C ASP K 302 5.32 -25.09 55.64
N LEU K 303 5.00 -24.68 54.42
CA LEU K 303 3.79 -25.14 53.78
C LEU K 303 4.06 -25.63 52.37
N GLY K 304 5.08 -25.06 51.73
CA GLY K 304 5.47 -25.48 50.40
C GLY K 304 4.58 -24.97 49.30
N VAL K 305 4.43 -23.65 49.19
CA VAL K 305 3.65 -23.05 48.12
C VAL K 305 4.47 -21.91 47.52
N GLN K 306 4.41 -21.78 46.20
CA GLN K 306 5.16 -20.74 45.49
C GLN K 306 4.47 -19.39 45.69
N ALA K 307 5.28 -18.36 45.92
CA ALA K 307 4.77 -17.01 46.12
C ALA K 307 4.64 -16.27 44.80
N THR K 308 3.45 -15.75 44.54
CA THR K 308 3.30 -14.91 43.35
C THR K 308 3.63 -13.47 43.71
N PRO K 309 4.42 -12.79 42.87
CA PRO K 309 4.84 -11.42 43.20
C PRO K 309 3.70 -10.42 43.03
N LEU K 310 4.00 -9.19 43.44
CA LEU K 310 3.07 -8.07 43.23
C LEU K 310 2.97 -7.71 41.76
N GLU K 311 4.09 -7.78 41.03
CA GLU K 311 4.18 -7.16 39.72
C GLU K 311 3.36 -7.91 38.68
N LEU K 312 3.48 -9.24 38.68
CA LEU K 312 2.79 -10.08 37.70
C LEU K 312 1.27 -9.97 37.86
N LYS K 313 0.78 -10.23 39.07
CA LYS K 313 -0.66 -10.18 39.32
C LYS K 313 -1.20 -8.77 39.25
N ALA K 314 -0.37 -7.76 39.55
CA ALA K 314 -0.82 -6.38 39.46
C ALA K 314 -1.00 -5.96 38.01
N ILE K 315 -0.11 -6.39 37.12
CA ILE K 315 -0.32 -6.18 35.70
C ILE K 315 -1.53 -6.97 35.22
N GLU K 316 -1.77 -8.15 35.80
CA GLU K 316 -2.95 -8.93 35.44
C GLU K 316 -4.24 -8.25 35.85
N VAL K 317 -4.25 -7.59 37.01
CA VAL K 317 -5.50 -7.09 37.56
C VAL K 317 -5.76 -5.63 37.22
N LEU K 318 -4.73 -4.85 36.85
CA LEU K 318 -4.92 -3.44 36.52
C LEU K 318 -5.47 -3.31 35.10
N ARG K 319 -6.73 -3.68 34.95
CA ARG K 319 -7.55 -3.39 33.80
C ARG K 319 -8.29 -2.08 34.05
N ARG K 320 -9.38 -1.85 33.33
CA ARG K 320 -10.41 -0.83 33.56
C ARG K 320 -9.85 0.61 33.61
N HIS K 321 -8.71 0.84 32.97
CA HIS K 321 -8.18 2.17 32.75
C HIS K 321 -8.66 2.70 31.40
N ARG K 322 -8.08 3.81 30.95
CA ARG K 322 -8.47 4.43 29.69
C ARG K 322 -7.96 3.58 28.53
N THR K 323 -8.90 2.87 27.88
CA THR K 323 -8.66 1.99 26.72
C THR K 323 -7.59 0.92 26.97
N LEU L 13 29.55 -61.24 53.75
CA LEU L 13 29.32 -62.57 54.31
C LEU L 13 29.33 -63.64 53.22
N GLY L 14 28.91 -64.85 53.58
CA GLY L 14 29.02 -65.99 52.70
C GLY L 14 27.78 -66.23 51.87
N LEU L 15 27.80 -67.35 51.14
CA LEU L 15 26.71 -67.72 50.25
C LEU L 15 25.48 -68.14 51.06
N ARG L 16 24.30 -67.80 50.54
CA ARG L 16 23.05 -68.19 51.18
C ARG L 16 22.22 -69.12 50.30
N GLU L 17 21.86 -68.70 49.09
CA GLU L 17 21.05 -69.58 48.23
C GLU L 17 21.58 -69.54 46.80
N ILE L 18 21.45 -70.67 46.12
CA ILE L 18 21.88 -70.82 44.73
C ILE L 18 20.67 -71.22 43.90
N ARG L 19 20.47 -70.54 42.77
CA ARG L 19 19.35 -70.75 41.89
C ARG L 19 19.86 -71.34 40.58
N ILE L 20 19.23 -72.42 40.12
CA ILE L 20 19.54 -73.05 38.85
C ILE L 20 18.29 -73.01 37.99
N HIS L 21 18.42 -72.51 36.76
CA HIS L 21 17.30 -72.44 35.84
C HIS L 21 17.65 -73.20 34.58
N LEU L 22 16.86 -74.21 34.24
CA LEU L 22 17.13 -75.06 33.08
C LEU L 22 15.92 -75.26 32.16
N CYS L 23 16.08 -76.12 31.17
CA CYS L 23 15.06 -76.39 30.16
C CYS L 23 15.24 -77.83 29.68
N GLN L 24 14.66 -78.15 28.52
CA GLN L 24 14.76 -79.48 27.95
C GLN L 24 15.58 -79.56 26.67
N ARG L 25 15.77 -78.46 25.95
CA ARG L 25 16.51 -78.48 24.69
C ARG L 25 17.45 -77.28 24.58
N SER L 26 18.69 -77.49 25.05
CA SER L 26 19.82 -76.59 24.89
C SER L 26 21.07 -77.38 25.26
N PRO L 27 22.18 -77.22 24.53
CA PRO L 27 23.37 -78.05 24.83
C PRO L 27 24.05 -77.67 26.13
N GLY L 28 24.09 -76.37 26.46
CA GLY L 28 24.53 -75.98 27.79
C GLY L 28 23.59 -76.50 28.85
N SER L 29 22.27 -76.47 28.58
CA SER L 29 21.32 -77.08 29.50
C SER L 29 21.50 -78.58 29.56
N GLN L 30 21.90 -79.21 28.46
CA GLN L 30 22.18 -80.64 28.49
C GLN L 30 23.39 -80.96 29.36
N GLY L 31 24.41 -80.11 29.32
CA GLY L 31 25.55 -80.28 30.21
C GLY L 31 25.18 -80.07 31.67
N VAL L 32 24.30 -79.10 31.94
CA VAL L 32 23.89 -78.89 33.34
C VAL L 32 22.90 -79.98 33.75
N ARG L 33 22.19 -80.59 32.79
CA ARG L 33 21.41 -81.79 33.09
C ARG L 33 22.31 -82.94 33.48
N ASP L 34 23.45 -83.10 32.82
CA ASP L 34 24.37 -84.17 33.20
C ASP L 34 25.02 -83.88 34.55
N PHE L 35 25.25 -82.60 34.86
CA PHE L 35 25.69 -82.22 36.22
C PHE L 35 24.63 -82.57 37.26
N ILE L 36 23.37 -82.23 36.99
CA ILE L 36 22.32 -82.39 37.99
C ILE L 36 21.83 -83.84 38.05
N GLU L 37 22.15 -84.66 37.05
CA GLU L 37 21.86 -86.09 37.11
C GLU L 37 23.05 -86.89 37.60
N LYS L 38 24.24 -86.32 37.64
CA LYS L 38 25.39 -86.99 38.24
C LYS L 38 25.80 -86.41 39.59
N ARG L 39 26.04 -85.10 39.66
CA ARG L 39 26.78 -84.57 40.80
C ARG L 39 26.01 -83.57 41.64
N TYR L 40 24.77 -83.90 42.01
CA TYR L 40 24.06 -83.05 42.95
C TYR L 40 24.38 -83.38 44.41
N VAL L 41 24.68 -84.65 44.70
CA VAL L 41 24.66 -85.14 46.08
C VAL L 41 25.81 -84.55 46.90
N GLU L 42 26.93 -84.20 46.26
CA GLU L 42 28.10 -83.75 47.00
C GLU L 42 27.91 -82.33 47.54
N LEU L 43 27.16 -81.49 46.82
CA LEU L 43 26.92 -80.12 47.26
C LEU L 43 26.07 -80.09 48.53
N LYS L 44 24.89 -80.70 48.47
CA LYS L 44 23.98 -80.66 49.61
C LYS L 44 24.47 -81.55 50.73
N LYS L 45 25.21 -82.62 50.40
CA LYS L 45 25.83 -83.45 51.42
C LYS L 45 26.90 -82.69 52.18
N ALA L 46 27.76 -81.97 51.45
CA ALA L 46 28.79 -81.17 52.09
C ALA L 46 28.20 -79.92 52.73
N ASN L 47 27.18 -79.35 52.12
CA ASN L 47 26.57 -78.10 52.58
C ASN L 47 25.07 -78.31 52.72
N PRO L 48 24.58 -78.72 53.89
CA PRO L 48 23.13 -78.80 54.10
C PRO L 48 22.47 -77.45 54.34
N ASP L 49 23.24 -76.38 54.57
CA ASP L 49 22.71 -75.06 54.85
C ASP L 49 22.54 -74.21 53.60
N LEU L 50 22.37 -74.84 52.44
CA LEU L 50 22.17 -74.13 51.18
C LEU L 50 20.99 -74.76 50.44
N PRO L 51 19.81 -74.17 50.52
CA PRO L 51 18.68 -74.67 49.72
C PRO L 51 18.81 -74.25 48.26
N ILE L 52 19.60 -75.02 47.52
CA ILE L 52 19.92 -74.75 46.12
C ILE L 52 18.71 -75.11 45.26
N LEU L 53 17.93 -74.12 44.88
CA LEU L 53 16.69 -74.36 44.16
C LEU L 53 16.95 -74.64 42.69
N ILE L 54 16.15 -75.55 42.12
CA ILE L 54 16.25 -75.98 40.74
C ILE L 54 14.92 -75.67 40.07
N ARG L 55 14.97 -75.12 38.86
CA ARG L 55 13.76 -74.71 38.15
C ARG L 55 13.74 -75.24 36.73
N GLU L 56 12.56 -75.72 36.33
CA GLU L 56 12.30 -76.23 34.99
C GLU L 56 10.97 -75.65 34.53
N CYS L 57 10.95 -74.90 33.41
CA CYS L 57 9.63 -74.55 32.92
C CYS L 57 9.30 -75.10 31.54
N SER L 58 9.84 -74.51 30.47
CA SER L 58 9.78 -75.13 29.16
C SER L 58 11.05 -74.86 28.36
N ASP L 59 11.47 -73.59 28.40
CA ASP L 59 12.59 -73.10 27.59
C ASP L 59 12.99 -71.78 28.20
N VAL L 60 14.20 -71.72 28.74
CA VAL L 60 14.71 -70.52 29.39
C VAL L 60 16.22 -70.59 29.28
N GLN L 61 16.86 -69.44 29.47
CA GLN L 61 18.32 -69.40 29.50
C GLN L 61 18.83 -70.20 30.71
N PRO L 62 19.78 -71.12 30.52
CA PRO L 62 20.24 -71.95 31.63
C PRO L 62 21.08 -71.16 32.62
N LYS L 63 20.45 -70.50 33.57
CA LYS L 63 21.13 -69.49 34.37
C LYS L 63 21.49 -70.01 35.76
N LEU L 64 22.61 -69.51 36.28
CA LEU L 64 23.13 -69.88 37.59
C LEU L 64 23.27 -68.61 38.41
N TRP L 65 22.45 -68.49 39.45
CA TRP L 65 22.32 -67.28 40.23
C TRP L 65 22.63 -67.59 41.69
N ALA L 66 22.97 -66.56 42.45
CA ALA L 66 23.31 -66.73 43.86
C ALA L 66 22.83 -65.52 44.65
N ARG L 67 21.93 -65.76 45.60
CA ARG L 67 21.37 -64.70 46.43
C ARG L 67 22.01 -64.79 47.81
N TYR L 68 22.74 -63.73 48.19
CA TYR L 68 23.42 -63.63 49.47
C TYR L 68 23.88 -62.19 49.68
N ALA L 69 24.36 -61.92 50.90
CA ALA L 69 25.02 -60.66 51.31
C ALA L 69 24.10 -59.45 51.12
N PHE L 70 23.06 -59.41 51.96
CA PHE L 70 22.16 -58.26 52.12
C PHE L 70 21.36 -57.97 50.85
N GLY L 71 21.11 -58.98 50.03
CA GLY L 71 20.29 -58.77 48.85
C GLY L 71 21.08 -58.65 47.56
N GLN L 72 22.07 -59.51 47.36
CA GLN L 72 22.83 -59.55 46.12
C GLN L 72 22.50 -60.81 45.36
N GLU L 73 21.94 -60.63 44.17
CA GLU L 73 21.66 -61.70 43.21
C GLU L 73 22.76 -61.65 42.16
N LYS L 74 23.77 -62.50 42.31
CA LYS L 74 24.87 -62.54 41.36
C LYS L 74 24.58 -63.56 40.28
N ASN L 75 24.97 -63.23 39.06
CA ASN L 75 24.37 -63.73 37.83
C ASN L 75 25.46 -64.25 36.91
N VAL L 76 25.42 -65.55 36.59
CA VAL L 76 26.19 -66.08 35.47
C VAL L 76 25.27 -66.95 34.63
N SER L 77 25.69 -67.19 33.40
CA SER L 77 24.97 -68.07 32.50
C SER L 77 25.70 -69.40 32.38
N LEU L 78 24.94 -70.43 32.04
CA LEU L 78 25.50 -71.73 31.72
C LEU L 78 25.09 -72.13 30.31
N ASN L 79 24.88 -71.14 29.46
CA ASN L 79 24.70 -71.35 28.03
C ASN L 79 25.97 -71.95 27.44
N ASN L 80 25.79 -72.97 26.61
CA ASN L 80 26.79 -73.75 25.83
C ASN L 80 28.13 -73.96 26.55
N PHE L 81 28.05 -74.38 27.80
CA PHE L 81 29.22 -74.70 28.60
C PHE L 81 29.28 -76.19 28.89
N SER L 82 30.50 -76.71 28.99
CA SER L 82 30.72 -78.08 29.42
C SER L 82 30.51 -78.19 30.92
N ALA L 83 30.19 -79.42 31.37
CA ALA L 83 29.78 -79.64 32.76
C ALA L 83 30.90 -79.40 33.74
N ASP L 84 32.15 -79.63 33.33
CA ASP L 84 33.28 -79.35 34.20
C ASP L 84 33.48 -77.84 34.36
N GLN L 85 33.25 -77.08 33.29
CA GLN L 85 33.28 -75.63 33.40
C GLN L 85 32.10 -75.11 34.21
N VAL L 86 30.97 -75.82 34.17
CA VAL L 86 29.82 -75.47 35.00
C VAL L 86 30.16 -75.66 36.47
N THR L 87 30.80 -76.79 36.81
CA THR L 87 31.22 -77.02 38.19
C THR L 87 32.35 -76.05 38.57
N ARG L 88 33.17 -75.64 37.60
CA ARG L 88 34.20 -74.62 37.84
C ARG L 88 33.58 -73.28 38.22
N ALA L 89 32.56 -72.85 37.48
CA ALA L 89 31.89 -71.60 37.81
C ALA L 89 31.10 -71.73 39.11
N LEU L 90 30.58 -72.92 39.40
CA LEU L 90 29.86 -73.16 40.65
C LEU L 90 30.80 -73.03 41.85
N GLU L 91 32.01 -73.58 41.73
CA GLU L 91 33.00 -73.44 42.80
C GLU L 91 33.55 -72.02 42.83
N ASN L 92 33.58 -71.34 41.68
CA ASN L 92 33.98 -69.93 41.62
C ASN L 92 33.00 -69.07 42.41
N VAL L 93 31.71 -69.38 42.33
CA VAL L 93 30.74 -68.69 43.16
C VAL L 93 30.90 -69.11 44.62
N LEU L 94 30.79 -70.40 44.90
CA LEU L 94 30.96 -70.90 46.25
C LEU L 94 32.44 -71.08 46.59
N LYS M 5 -37.04 -21.20 -29.50
CA LYS M 5 -38.16 -21.28 -28.55
C LYS M 5 -38.45 -19.98 -27.84
N LYS M 6 -38.93 -20.11 -26.60
CA LYS M 6 -39.34 -18.97 -25.80
C LYS M 6 -39.24 -19.41 -24.33
N THR M 7 -38.15 -19.02 -23.66
CA THR M 7 -38.02 -18.96 -22.20
C THR M 7 -38.29 -20.31 -21.52
N THR M 8 -37.37 -21.25 -21.75
CA THR M 8 -37.50 -22.62 -21.28
C THR M 8 -37.52 -22.69 -19.74
N GLY M 9 -37.88 -23.86 -19.22
CA GLY M 9 -38.14 -24.04 -17.80
C GLY M 9 -36.91 -23.98 -16.92
N LEU M 10 -35.72 -24.17 -17.48
CA LEU M 10 -34.51 -24.05 -16.69
C LEU M 10 -34.18 -22.58 -16.43
N VAL M 11 -33.12 -22.35 -15.66
CA VAL M 11 -32.87 -21.02 -15.13
C VAL M 11 -31.65 -20.38 -15.78
N GLY M 12 -30.47 -21.00 -15.60
CA GLY M 12 -29.26 -20.43 -16.14
C GLY M 12 -28.93 -20.92 -17.53
N LEU M 13 -29.96 -20.99 -18.37
CA LEU M 13 -29.89 -21.70 -19.66
C LEU M 13 -30.94 -21.11 -20.59
N ALA M 14 -30.50 -20.25 -21.51
CA ALA M 14 -31.38 -19.62 -22.49
C ALA M 14 -31.42 -20.45 -23.77
N VAL M 15 -32.54 -20.37 -24.49
CA VAL M 15 -32.81 -21.27 -25.59
C VAL M 15 -31.89 -20.99 -26.77
N CYS M 16 -31.53 -22.05 -27.49
CA CYS M 16 -30.74 -21.92 -28.70
C CYS M 16 -31.64 -21.91 -29.92
N GLU M 17 -31.12 -21.35 -31.01
CA GLU M 17 -31.90 -21.17 -32.23
C GLU M 17 -31.63 -22.21 -33.29
N THR M 18 -30.43 -22.80 -33.32
CA THR M 18 -30.07 -23.84 -34.27
C THR M 18 -29.64 -25.07 -33.48
N PRO M 19 -30.58 -25.87 -32.99
CA PRO M 19 -30.19 -27.03 -32.18
C PRO M 19 -29.57 -28.14 -33.01
N HIS M 20 -30.01 -28.28 -34.26
CA HIS M 20 -29.77 -29.50 -35.01
C HIS M 20 -28.32 -29.62 -35.45
N GLU M 21 -27.82 -28.65 -36.24
CA GLU M 21 -26.46 -28.75 -36.75
C GLU M 21 -25.42 -28.55 -35.65
N ARG M 22 -25.77 -27.80 -34.60
CA ARG M 22 -24.90 -27.68 -33.44
C ARG M 22 -24.74 -29.03 -32.74
N LEU M 23 -25.86 -29.74 -32.55
CA LEU M 23 -25.82 -31.07 -31.96
C LEU M 23 -25.07 -32.05 -32.86
N LYS M 24 -25.18 -31.88 -34.18
CA LYS M 24 -24.52 -32.79 -35.09
C LYS M 24 -23.00 -32.58 -35.11
N ILE M 25 -22.56 -31.32 -35.05
CA ILE M 25 -21.11 -31.11 -35.01
C ILE M 25 -20.55 -31.49 -33.65
N LEU M 26 -21.37 -31.40 -32.59
CA LEU M 26 -20.99 -31.97 -31.29
C LEU M 26 -20.75 -33.47 -31.38
N TYR M 27 -21.67 -34.21 -32.00
CA TYR M 27 -21.50 -35.66 -32.00
C TYR M 27 -20.46 -36.12 -33.02
N THR M 28 -20.20 -35.34 -34.07
CA THR M 28 -19.06 -35.69 -34.92
C THR M 28 -17.74 -35.43 -34.22
N LYS M 29 -17.67 -34.40 -33.36
CA LYS M 29 -16.48 -34.27 -32.53
C LYS M 29 -16.36 -35.41 -31.51
N ILE M 30 -17.49 -35.93 -31.04
CA ILE M 30 -17.46 -37.12 -30.19
C ILE M 30 -16.88 -38.32 -30.95
N LEU M 31 -17.29 -38.49 -32.22
CA LEU M 31 -16.73 -39.57 -33.03
C LEU M 31 -15.25 -39.36 -33.31
N ASP M 32 -14.81 -38.11 -33.46
CA ASP M 32 -13.39 -37.83 -33.69
C ASP M 32 -12.55 -38.18 -32.48
N VAL M 33 -12.95 -37.69 -31.31
CA VAL M 33 -12.19 -37.94 -30.08
C VAL M 33 -12.29 -39.41 -29.68
N LEU M 34 -13.38 -40.08 -30.06
CA LEU M 34 -13.42 -41.54 -29.91
C LEU M 34 -12.49 -42.22 -30.90
N GLY M 35 -12.29 -41.63 -32.08
CA GLY M 35 -11.30 -42.14 -33.01
C GLY M 35 -9.88 -42.02 -32.49
N HIS M 36 -9.64 -41.06 -31.60
CA HIS M 36 -8.35 -41.03 -30.88
C HIS M 36 -8.16 -42.25 -29.98
N ILE M 37 -9.24 -42.76 -29.41
CA ILE M 37 -9.17 -43.81 -28.39
C ILE M 37 -8.79 -45.13 -29.06
N PRO M 38 -7.95 -45.97 -28.42
CA PRO M 38 -7.62 -47.28 -28.99
C PRO M 38 -8.82 -48.21 -29.11
N LYS M 39 -8.57 -49.34 -29.77
CA LYS M 39 -9.59 -50.14 -30.43
C LYS M 39 -10.12 -51.28 -29.59
N ASN M 40 -9.25 -52.13 -29.05
CA ASN M 40 -9.61 -53.46 -28.58
C ASN M 40 -10.55 -53.47 -27.39
N ALA M 41 -10.59 -52.39 -26.61
CA ALA M 41 -11.52 -52.31 -25.49
C ALA M 41 -12.94 -52.11 -26.00
N ALA M 42 -13.90 -52.50 -25.17
CA ALA M 42 -15.30 -52.37 -25.50
C ALA M 42 -15.88 -51.00 -25.13
N TYR M 43 -15.08 -50.15 -24.48
CA TYR M 43 -15.52 -48.79 -24.17
C TYR M 43 -15.81 -48.01 -25.46
N ARG M 44 -14.92 -48.17 -26.45
CA ARG M 44 -15.15 -47.65 -27.79
C ARG M 44 -16.43 -48.22 -28.39
N LYS M 45 -16.71 -49.51 -28.13
CA LYS M 45 -17.90 -50.15 -28.69
C LYS M 45 -19.18 -49.55 -28.11
N TYR M 46 -19.23 -49.39 -26.79
CA TYR M 46 -20.46 -48.89 -26.18
C TYR M 46 -20.68 -47.41 -26.49
N THR M 47 -19.61 -46.61 -26.44
CA THR M 47 -19.75 -45.20 -26.79
C THR M 47 -20.10 -45.02 -28.27
N GLU M 48 -19.48 -45.80 -29.16
CA GLU M 48 -19.78 -45.72 -30.59
C GLU M 48 -21.21 -46.15 -30.87
N GLN M 49 -21.69 -47.19 -30.18
CA GLN M 49 -23.04 -47.69 -30.40
C GLN M 49 -24.08 -46.68 -29.93
N ILE M 50 -23.90 -46.12 -28.73
CA ILE M 50 -24.90 -45.19 -28.22
C ILE M 50 -24.86 -43.88 -28.99
N THR M 51 -23.68 -43.47 -29.48
CA THR M 51 -23.59 -42.21 -30.21
C THR M 51 -24.17 -42.36 -31.60
N ASN M 52 -23.97 -43.51 -32.24
CA ASN M 52 -24.58 -43.74 -33.55
C ASN M 52 -26.09 -43.92 -33.43
N GLU M 53 -26.58 -44.52 -32.34
CA GLU M 53 -28.02 -44.58 -32.10
C GLU M 53 -28.61 -43.18 -31.96
N LYS M 54 -27.95 -42.32 -31.17
CA LYS M 54 -28.50 -40.98 -30.94
C LYS M 54 -28.39 -40.11 -32.19
N LEU M 55 -27.31 -40.27 -32.94
CA LEU M 55 -27.18 -39.56 -34.21
C LEU M 55 -28.20 -40.05 -35.23
N SER M 56 -28.54 -41.34 -35.20
CA SER M 56 -29.60 -41.84 -36.07
C SER M 56 -30.97 -41.36 -35.63
N ILE M 57 -31.14 -41.08 -34.34
CA ILE M 57 -32.36 -40.42 -33.88
C ILE M 57 -32.45 -39.03 -34.47
N VAL M 58 -31.35 -38.29 -34.46
CA VAL M 58 -31.42 -36.87 -34.80
C VAL M 58 -31.42 -36.64 -36.32
N LYS M 59 -30.67 -37.45 -37.07
CA LYS M 59 -30.62 -37.30 -38.53
C LYS M 59 -31.96 -37.59 -39.18
N ALA M 60 -32.75 -38.50 -38.63
CA ALA M 60 -34.04 -38.84 -39.20
C ALA M 60 -35.14 -37.87 -38.80
N GLU M 61 -34.85 -36.90 -37.94
CA GLU M 61 -35.87 -36.00 -37.41
C GLU M 61 -35.45 -34.54 -37.53
N PRO M 62 -36.07 -33.77 -38.41
CA PRO M 62 -35.91 -32.30 -38.38
C PRO M 62 -36.92 -31.57 -37.49
N ASP M 63 -37.66 -32.29 -36.65
CA ASP M 63 -38.71 -31.69 -35.83
C ASP M 63 -38.09 -31.05 -34.59
N VAL M 64 -38.94 -30.56 -33.70
CA VAL M 64 -38.48 -30.00 -32.43
C VAL M 64 -39.15 -30.76 -31.28
N LYS M 65 -40.48 -30.68 -31.21
CA LYS M 65 -41.19 -31.24 -30.07
C LYS M 65 -41.30 -32.76 -30.16
N LYS M 66 -41.51 -33.28 -31.37
CA LYS M 66 -41.39 -34.73 -31.58
C LYS M 66 -39.96 -35.21 -31.33
N LEU M 67 -38.97 -34.37 -31.66
CA LEU M 67 -37.59 -34.70 -31.38
C LEU M 67 -37.32 -34.73 -29.88
N GLU M 68 -38.04 -33.91 -29.10
CA GLU M 68 -37.91 -33.99 -27.65
C GLU M 68 -38.61 -35.22 -27.10
N GLU M 69 -39.79 -35.54 -27.62
CA GLU M 69 -40.54 -36.66 -27.08
C GLU M 69 -39.95 -38.01 -27.48
N GLN M 70 -39.18 -38.06 -28.56
CA GLN M 70 -38.49 -39.29 -28.97
C GLN M 70 -37.12 -39.40 -28.29
N LEU M 71 -36.25 -38.42 -28.53
CA LEU M 71 -34.93 -38.42 -27.93
C LEU M 71 -35.02 -38.02 -26.46
N GLN M 72 -34.58 -38.91 -25.58
CA GLN M 72 -34.63 -38.64 -24.14
C GLN M 72 -33.61 -37.56 -23.76
N GLY M 73 -33.77 -37.04 -22.55
CA GLY M 73 -33.00 -35.88 -22.14
C GLY M 73 -33.79 -34.60 -22.28
N GLY M 74 -34.99 -34.58 -21.71
CA GLY M 74 -35.86 -33.43 -21.84
C GLY M 74 -35.34 -32.20 -21.12
N GLN M 75 -35.59 -31.02 -21.68
CA GLN M 75 -36.28 -30.88 -22.98
C GLN M 75 -35.36 -30.97 -24.20
N ILE M 76 -34.50 -29.97 -24.41
CA ILE M 76 -33.61 -30.02 -25.57
C ILE M 76 -32.16 -29.72 -25.21
N GLU M 77 -31.91 -28.61 -24.51
CA GLU M 77 -30.57 -28.09 -24.37
C GLU M 77 -29.76 -28.85 -23.32
N GLU M 78 -30.42 -29.65 -22.47
CA GLU M 78 -29.70 -30.56 -21.60
C GLU M 78 -28.92 -31.59 -22.39
N VAL M 79 -29.42 -31.99 -23.56
CA VAL M 79 -28.69 -32.90 -24.43
C VAL M 79 -27.40 -32.26 -24.92
N ILE M 80 -27.47 -30.95 -25.19
CA ILE M 80 -26.30 -30.21 -25.66
C ILE M 80 -25.26 -30.09 -24.54
N LEU M 81 -25.71 -29.74 -23.33
CA LEU M 81 -24.81 -29.62 -22.19
C LEU M 81 -24.22 -30.97 -21.81
N GLN M 82 -25.03 -32.02 -21.89
CA GLN M 82 -24.58 -33.37 -21.60
C GLN M 82 -23.62 -33.87 -22.65
N ALA M 83 -23.78 -33.40 -23.90
CA ALA M 83 -22.80 -33.69 -24.94
C ALA M 83 -21.48 -33.00 -24.68
N GLU M 84 -21.54 -31.76 -24.16
CA GLU M 84 -20.31 -31.07 -23.77
C GLU M 84 -19.58 -31.81 -22.65
N ASN M 85 -20.32 -32.29 -21.65
CA ASN M 85 -19.69 -33.03 -20.57
C ASN M 85 -19.22 -34.42 -21.03
N GLU M 86 -19.87 -34.99 -22.04
CA GLU M 86 -19.41 -36.25 -22.60
C GLU M 86 -18.12 -36.04 -23.38
N LEU M 87 -18.01 -34.91 -24.08
CA LEU M 87 -16.73 -34.51 -24.66
C LEU M 87 -15.68 -34.26 -23.59
N SER M 88 -16.11 -33.75 -22.43
CA SER M 88 -15.17 -33.50 -21.34
C SER M 88 -14.59 -34.81 -20.80
N LEU M 89 -15.44 -35.83 -20.60
CA LEU M 89 -14.90 -37.13 -20.21
C LEU M 89 -14.08 -37.75 -21.32
N ALA M 90 -14.42 -37.48 -22.59
CA ALA M 90 -13.64 -38.00 -23.70
C ALA M 90 -12.21 -37.45 -23.67
N ARG M 91 -12.08 -36.13 -23.50
CA ARG M 91 -10.77 -35.48 -23.39
C ARG M 91 -10.02 -35.98 -22.17
N LYS M 92 -10.71 -36.16 -21.05
CA LYS M 92 -10.04 -36.65 -19.85
C LYS M 92 -9.72 -38.14 -19.93
N MET M 93 -10.34 -38.87 -20.85
CA MET M 93 -10.08 -40.30 -20.97
C MET M 93 -9.33 -40.68 -22.25
N ILE M 94 -8.76 -39.71 -22.97
CA ILE M 94 -7.53 -40.07 -23.69
C ILE M 94 -6.47 -40.49 -22.70
N GLN M 95 -6.30 -39.70 -21.65
CA GLN M 95 -5.38 -40.03 -20.57
C GLN M 95 -6.04 -41.03 -19.61
N TRP M 96 -5.31 -41.33 -18.53
CA TRP M 96 -5.75 -42.01 -17.31
C TRP M 96 -6.02 -43.50 -17.49
N LYS M 97 -6.02 -43.98 -18.73
CA LYS M 97 -6.15 -45.35 -19.23
C LYS M 97 -7.12 -46.23 -18.45
N PRO M 98 -8.43 -45.97 -18.50
CA PRO M 98 -9.37 -46.75 -17.69
C PRO M 98 -9.52 -48.19 -18.13
N TRP M 99 -9.23 -48.51 -19.39
CA TRP M 99 -9.48 -49.85 -19.90
C TRP M 99 -8.34 -50.83 -19.60
N GLU M 100 -7.20 -50.36 -19.13
CA GLU M 100 -6.07 -51.22 -18.85
C GLU M 100 -6.35 -52.07 -17.60
N PRO M 101 -5.71 -53.24 -17.48
CA PRO M 101 -5.99 -54.14 -16.34
C PRO M 101 -5.58 -53.55 -15.00
N LEU M 102 -5.95 -54.28 -13.95
CA LEU M 102 -6.06 -53.72 -12.60
C LEU M 102 -4.71 -53.37 -12.00
N VAL M 103 -4.73 -52.40 -11.09
CA VAL M 103 -3.68 -52.17 -10.12
C VAL M 103 -3.94 -53.18 -8.99
N GLU M 104 -3.00 -53.31 -8.05
CA GLU M 104 -2.97 -54.40 -7.06
C GLU M 104 -4.23 -54.46 -6.19
N GLU M 105 -4.42 -55.61 -5.56
CA GLU M 105 -5.61 -56.07 -4.89
C GLU M 105 -5.66 -55.59 -3.45
N PRO M 106 -6.85 -55.53 -2.85
CA PRO M 106 -6.95 -55.33 -1.40
C PRO M 106 -6.51 -56.59 -0.67
N PRO M 107 -6.33 -56.53 0.68
CA PRO M 107 -5.96 -57.75 1.41
C PRO M 107 -7.03 -58.83 1.53
N ALA M 108 -8.17 -58.64 0.85
CA ALA M 108 -9.18 -59.63 0.49
C ALA M 108 -10.01 -60.12 1.67
N SER M 109 -9.65 -59.72 2.88
CA SER M 109 -10.51 -59.89 4.04
C SER M 109 -11.12 -58.56 4.45
N GLN M 110 -11.40 -57.71 3.47
CA GLN M 110 -11.87 -56.35 3.72
C GLN M 110 -13.29 -56.11 3.25
N TRP M 111 -13.64 -56.53 2.04
CA TRP M 111 -14.96 -56.16 1.55
C TRP M 111 -16.07 -57.09 2.02
N LYS M 112 -15.74 -58.21 2.67
CA LYS M 112 -16.77 -59.02 3.31
C LYS M 112 -17.25 -58.30 4.56
N TRP M 113 -18.58 -58.11 4.66
CA TRP M 113 -19.09 -57.21 5.71
C TRP M 113 -19.03 -57.76 7.13
N PRO M 114 -19.75 -58.84 7.48
CA PRO M 114 -20.35 -58.93 8.84
C PRO M 114 -19.38 -59.04 10.02
N ILE M 115 -18.07 -58.94 9.78
CA ILE M 115 -16.97 -58.81 10.76
C ILE M 115 -17.02 -59.81 11.90
N THR N 14 5.25 -53.10 -0.52
CA THR N 14 4.71 -52.10 0.39
C THR N 14 4.77 -50.70 -0.20
N SER N 15 3.63 -50.23 -0.70
CA SER N 15 3.52 -48.89 -1.29
C SER N 15 2.75 -47.99 -0.33
N VAL N 16 3.41 -46.90 0.10
CA VAL N 16 2.84 -45.90 0.99
C VAL N 16 3.11 -44.54 0.39
N LYS N 17 2.05 -43.75 0.22
CA LYS N 17 2.19 -42.42 -0.36
C LYS N 17 2.26 -41.39 0.77
N PRO N 18 3.41 -40.75 0.99
CA PRO N 18 3.50 -39.76 2.06
C PRO N 18 2.85 -38.44 1.65
N ILE N 19 2.74 -37.55 2.63
CA ILE N 19 2.06 -36.28 2.40
C ILE N 19 2.94 -35.33 1.63
N PHE N 20 4.05 -34.91 2.24
CA PHE N 20 4.92 -33.85 1.73
C PHE N 20 6.36 -34.33 1.68
N SER N 21 6.69 -35.31 2.53
CA SER N 21 8.07 -35.57 2.89
C SER N 21 8.80 -36.42 1.86
N ARG N 22 10.10 -36.22 1.79
CA ARG N 22 11.03 -37.09 1.09
C ARG N 22 12.07 -37.67 2.04
N ASP N 23 12.73 -36.83 2.82
CA ASP N 23 13.44 -37.24 4.02
C ASP N 23 13.03 -36.28 5.11
N MET N 24 13.74 -36.30 6.24
CA MET N 24 13.36 -35.39 7.31
C MET N 24 13.93 -33.99 7.13
N ASN N 25 14.59 -33.71 6.01
CA ASN N 25 15.08 -32.34 5.76
C ASN N 25 13.93 -31.38 5.53
N GLU N 26 12.98 -31.74 4.66
CA GLU N 26 11.81 -30.91 4.45
C GLU N 26 10.94 -30.86 5.71
N ALA N 27 10.96 -31.93 6.50
CA ALA N 27 10.29 -31.94 7.78
C ALA N 27 10.87 -30.89 8.72
N LYS N 28 12.20 -30.87 8.85
CA LYS N 28 12.89 -29.85 9.64
C LYS N 28 12.62 -28.45 9.11
N ARG N 29 12.58 -28.30 7.79
CA ARG N 29 12.37 -26.99 7.17
C ARG N 29 10.96 -26.46 7.46
N ARG N 30 9.95 -27.30 7.27
CA ARG N 30 8.58 -26.86 7.53
C ARG N 30 8.34 -26.66 9.01
N VAL N 31 8.96 -27.46 9.88
CA VAL N 31 8.69 -27.27 11.31
C VAL N 31 9.43 -26.04 11.83
N ARG N 32 10.60 -25.68 11.26
CA ARG N 32 11.24 -24.46 11.73
C ARG N 32 10.53 -23.23 11.20
N GLU N 33 9.95 -23.32 9.99
CA GLU N 33 9.15 -22.20 9.50
C GLU N 33 7.85 -22.06 10.29
N LEU N 34 7.27 -23.19 10.70
CA LEU N 34 6.07 -23.15 11.52
C LEU N 34 6.37 -22.58 12.90
N TYR N 35 7.54 -22.88 13.45
CA TYR N 35 7.92 -22.27 14.73
C TYR N 35 8.18 -20.78 14.59
N ARG N 36 8.72 -20.34 13.44
CA ARG N 36 8.86 -18.91 13.19
C ARG N 36 7.50 -18.22 13.12
N ALA N 37 6.54 -18.90 12.51
CA ALA N 37 5.18 -18.38 12.45
C ALA N 37 4.55 -18.32 13.83
N TRP N 38 4.80 -19.33 14.68
CA TRP N 38 4.30 -19.26 16.05
C TRP N 38 4.99 -18.19 16.86
N TYR N 39 6.27 -17.91 16.58
CA TYR N 39 6.95 -16.85 17.32
C TYR N 39 6.35 -15.49 16.97
N ARG N 40 6.16 -15.22 15.69
CA ARG N 40 5.51 -13.95 15.36
C ARG N 40 4.00 -13.99 15.56
N GLU N 41 3.45 -15.13 15.97
CA GLU N 41 2.04 -15.27 16.29
C GLU N 41 1.72 -14.88 17.73
N VAL N 42 2.61 -15.19 18.67
CA VAL N 42 2.36 -15.01 20.11
C VAL N 42 2.09 -13.56 20.56
N PRO N 43 2.92 -12.55 20.24
CA PRO N 43 2.70 -11.24 20.89
C PRO N 43 1.46 -10.52 20.40
N ASN N 44 1.11 -10.70 19.13
CA ASN N 44 -0.13 -10.13 18.59
C ASN N 44 -1.35 -10.71 19.29
N THR N 45 -1.34 -12.01 19.57
CA THR N 45 -2.49 -12.61 20.23
C THR N 45 -2.54 -12.27 21.71
N VAL N 46 -1.39 -12.20 22.38
CA VAL N 46 -1.41 -11.89 23.80
C VAL N 46 -1.70 -10.41 24.01
N HIS N 47 -1.53 -9.58 22.98
CA HIS N 47 -2.03 -8.21 23.05
C HIS N 47 -3.50 -8.10 22.64
N LEU N 48 -3.96 -8.95 21.71
CA LEU N 48 -5.31 -8.83 21.19
C LEU N 48 -6.35 -9.36 22.17
N PHE N 49 -6.09 -10.50 22.79
CA PHE N 49 -7.09 -11.11 23.65
C PHE N 49 -7.11 -10.53 25.05
N GLN N 50 -6.31 -9.49 25.32
CA GLN N 50 -6.17 -8.84 26.62
C GLN N 50 -5.80 -9.86 27.70
N LEU N 51 -4.77 -10.65 27.41
CA LEU N 51 -4.41 -11.76 28.27
C LEU N 51 -3.64 -11.25 29.48
N ASP N 52 -3.13 -12.18 30.28
CA ASP N 52 -2.62 -11.87 31.60
C ASP N 52 -1.30 -12.59 31.89
N ILE N 53 -0.54 -12.94 30.86
CA ILE N 53 0.62 -13.81 30.97
C ILE N 53 1.78 -13.11 30.28
N SER N 54 2.95 -13.14 30.90
CA SER N 54 4.15 -12.58 30.30
C SER N 54 4.52 -13.33 29.03
N VAL N 55 5.20 -12.62 28.12
CA VAL N 55 5.50 -13.16 26.80
C VAL N 55 6.53 -14.27 26.90
N LYS N 56 7.46 -14.15 27.85
CA LYS N 56 8.49 -15.17 28.07
C LYS N 56 7.88 -16.50 28.45
N GLN N 57 6.89 -16.49 29.36
CA GLN N 57 6.26 -17.72 29.82
C GLN N 57 5.47 -18.38 28.70
N GLY N 58 4.76 -17.59 27.91
CA GLY N 58 4.00 -18.15 26.80
C GLY N 58 4.88 -18.75 25.72
N ARG N 59 5.97 -18.05 25.37
CA ARG N 59 6.90 -18.60 24.39
C ARG N 59 7.62 -19.83 24.91
N ASP N 60 7.92 -19.88 26.20
CA ASP N 60 8.55 -21.07 26.75
C ASP N 60 7.58 -22.25 26.80
N LYS N 61 6.29 -21.99 27.03
CA LYS N 61 5.35 -23.11 26.97
C LYS N 61 5.12 -23.56 25.53
N VAL N 62 5.21 -22.63 24.57
CA VAL N 62 5.11 -23.01 23.15
C VAL N 62 6.28 -23.92 22.76
N ARG N 63 7.50 -23.50 23.09
CA ARG N 63 8.64 -24.34 22.73
C ARG N 63 8.71 -25.61 23.59
N GLU N 64 8.09 -25.62 24.77
CA GLU N 64 7.96 -26.86 25.53
C GLU N 64 7.00 -27.82 24.85
N MET N 65 5.90 -27.31 24.30
CA MET N 65 4.98 -28.14 23.54
C MET N 65 5.61 -28.66 22.26
N PHE N 66 6.49 -27.87 21.63
CA PHE N 66 7.27 -28.39 20.51
C PHE N 66 8.24 -29.48 20.95
N LYS N 67 8.93 -29.27 22.07
CA LYS N 67 9.91 -30.24 22.56
C LYS N 67 9.29 -31.48 23.19
N LYS N 68 7.96 -31.51 23.36
CA LYS N 68 7.31 -32.71 23.85
C LYS N 68 7.36 -33.84 22.82
N ASN N 69 7.08 -33.54 21.56
CA ASN N 69 6.96 -34.56 20.53
C ASN N 69 8.18 -34.61 19.62
N ALA N 70 9.38 -34.42 20.18
CA ALA N 70 10.61 -34.50 19.39
C ALA N 70 11.06 -35.94 19.14
N HIS N 71 10.34 -36.93 19.68
CA HIS N 71 10.73 -38.33 19.63
C HIS N 71 10.17 -39.07 18.42
N VAL N 72 9.67 -38.34 17.42
CA VAL N 72 9.02 -38.95 16.26
C VAL N 72 9.94 -38.83 15.06
N THR N 73 10.27 -39.96 14.46
CA THR N 73 11.09 -39.99 13.26
C THR N 73 10.32 -40.32 12.00
N ASP N 74 9.10 -40.84 12.13
CA ASP N 74 8.32 -41.21 10.96
C ASP N 74 7.82 -39.95 10.25
N PRO N 75 8.09 -39.79 8.96
CA PRO N 75 7.91 -38.48 8.31
C PRO N 75 6.45 -38.11 8.05
N ARG N 76 5.60 -39.12 7.85
CA ARG N 76 4.17 -38.85 7.67
C ARG N 76 3.56 -38.27 8.94
N VAL N 77 3.99 -38.78 10.09
CA VAL N 77 3.51 -38.27 11.38
C VAL N 77 3.97 -36.82 11.56
N VAL N 78 5.19 -36.53 11.13
CA VAL N 78 5.70 -35.16 11.22
C VAL N 78 4.90 -34.23 10.30
N ASP N 79 4.54 -34.72 9.11
CA ASP N 79 3.72 -33.94 8.20
C ASP N 79 2.35 -33.64 8.81
N LEU N 80 1.75 -34.64 9.45
CA LEU N 80 0.43 -34.43 10.03
C LEU N 80 0.49 -33.51 11.24
N LEU N 81 1.56 -33.56 12.02
CA LEU N 81 1.78 -32.58 13.09
C LEU N 81 1.92 -31.16 12.55
N VAL N 82 2.66 -31.00 11.43
CA VAL N 82 2.82 -29.68 10.82
C VAL N 82 1.46 -29.14 10.36
N ILE N 83 0.63 -30.01 9.80
CA ILE N 83 -0.68 -29.59 9.31
C ILE N 83 -1.61 -29.22 10.47
N LYS N 84 -1.56 -29.98 11.57
CA LYS N 84 -2.35 -29.63 12.76
C LYS N 84 -1.92 -28.30 13.37
N GLY N 85 -0.61 -28.09 13.50
CA GLY N 85 -0.13 -26.83 14.04
C GLY N 85 -0.45 -25.65 13.15
N LYS N 86 -0.44 -25.87 11.83
CA LYS N 86 -0.84 -24.81 10.92
C LYS N 86 -2.32 -24.49 11.06
N MET N 87 -3.15 -25.51 11.27
CA MET N 87 -4.58 -25.30 11.48
C MET N 87 -4.84 -24.46 12.72
N GLU N 88 -4.19 -24.80 13.83
CA GLU N 88 -4.46 -24.03 15.04
C GLU N 88 -3.80 -22.66 15.00
N LEU N 89 -2.72 -22.50 14.23
CA LEU N 89 -2.14 -21.17 14.06
C LEU N 89 -3.07 -20.27 13.24
N GLU N 90 -3.73 -20.84 12.23
CA GLU N 90 -4.76 -20.09 11.51
C GLU N 90 -5.92 -19.72 12.42
N GLU N 91 -6.39 -20.68 13.22
CA GLU N 91 -7.58 -20.43 14.03
C GLU N 91 -7.28 -19.55 15.24
N THR N 92 -6.01 -19.38 15.61
CA THR N 92 -5.68 -18.36 16.62
C THR N 92 -5.22 -17.05 16.00
N ILE N 93 -4.78 -17.02 14.75
CA ILE N 93 -4.44 -15.74 14.15
C ILE N 93 -5.70 -15.04 13.66
N ASN N 94 -6.80 -15.79 13.48
CA ASN N 94 -8.10 -15.13 13.41
C ASN N 94 -8.60 -14.88 14.83
N VAL N 95 -9.82 -14.41 14.95
CA VAL N 95 -10.39 -14.13 16.27
C VAL N 95 -11.46 -15.20 16.47
N TRP N 96 -11.27 -16.35 15.80
CA TRP N 96 -12.27 -17.40 15.85
C TRP N 96 -12.26 -18.12 17.19
N LYS N 97 -11.08 -18.31 17.77
CA LYS N 97 -10.97 -18.91 19.08
C LYS N 97 -10.98 -17.81 20.13
N GLN N 98 -11.66 -18.06 21.24
CA GLN N 98 -11.90 -17.04 22.25
C GLN N 98 -10.81 -17.08 23.31
N ARG N 99 -11.05 -16.39 24.42
CA ARG N 99 -10.12 -16.38 25.55
C ARG N 99 -10.05 -17.74 26.22
N THR N 100 -11.15 -18.48 26.20
CA THR N 100 -11.25 -19.74 26.93
C THR N 100 -10.31 -20.80 26.37
N HIS N 101 -10.25 -20.93 25.06
CA HIS N 101 -9.41 -21.96 24.44
C HIS N 101 -7.93 -21.62 24.61
N VAL N 102 -7.59 -20.34 24.51
CA VAL N 102 -6.21 -19.90 24.65
C VAL N 102 -5.73 -20.12 26.08
N MET N 103 -6.57 -19.82 27.06
CA MET N 103 -6.20 -20.17 28.43
C MET N 103 -6.22 -21.68 28.65
N ARG N 104 -7.01 -22.41 27.87
CA ARG N 104 -7.09 -23.86 27.99
C ARG N 104 -5.81 -24.53 27.51
N PHE N 105 -5.08 -23.87 26.58
CA PHE N 105 -3.73 -24.32 26.28
C PHE N 105 -2.83 -24.23 27.51
N PHE N 106 -3.00 -23.18 28.31
CA PHE N 106 -2.23 -23.06 29.53
C PHE N 106 -2.84 -23.97 30.60
N HIS N 107 -2.11 -24.15 31.69
CA HIS N 107 -2.62 -24.84 32.87
C HIS N 107 -2.32 -23.98 34.09
N GLU N 108 -3.20 -23.03 34.38
CA GLU N 108 -3.07 -22.23 35.59
C GLU N 108 -3.99 -22.71 36.71
N THR N 109 -4.96 -23.57 36.40
CA THR N 109 -5.79 -24.20 37.40
C THR N 109 -5.27 -25.61 37.64
N GLU N 110 -4.83 -25.88 38.86
CA GLU N 110 -4.34 -27.21 39.22
C GLU N 110 -5.48 -28.23 39.15
N ALA N 111 -5.19 -29.49 38.75
CA ALA N 111 -3.95 -30.18 38.27
C ALA N 111 -2.60 -30.09 39.03
N PRO N 112 -2.52 -30.57 40.28
CA PRO N 112 -1.26 -30.51 41.02
C PRO N 112 -0.42 -31.78 40.99
N ARG N 113 -0.91 -32.86 40.36
CA ARG N 113 -0.47 -34.24 40.55
C ARG N 113 0.98 -34.47 40.15
N PRO N 114 1.88 -34.74 41.11
CA PRO N 114 3.28 -35.04 40.77
C PRO N 114 3.46 -36.51 40.42
N LYS N 115 4.71 -36.92 40.22
CA LYS N 115 5.01 -38.31 39.87
C LYS N 115 5.76 -39.04 40.98
N ASP N 116 5.66 -38.58 42.22
CA ASP N 116 6.28 -39.28 43.34
C ASP N 116 5.54 -40.58 43.61
N PHE N 117 6.28 -41.57 44.14
CA PHE N 117 5.64 -42.83 44.50
C PHE N 117 4.80 -42.66 45.76
N LEU N 118 5.37 -42.04 46.78
CA LEU N 118 4.70 -41.98 48.08
C LEU N 118 3.52 -41.02 48.03
N SER N 119 3.61 -39.96 47.22
CA SER N 119 2.50 -39.04 47.03
C SER N 119 1.29 -39.75 46.41
N LYS N 120 1.55 -40.61 45.42
CA LYS N 120 0.50 -41.45 44.87
C LYS N 120 0.14 -42.61 45.79
N PHE N 121 0.93 -42.86 46.82
CA PHE N 121 0.58 -43.88 47.79
C PHE N 121 -0.33 -43.34 48.89
N TYR N 122 -0.24 -42.04 49.19
CA TYR N 122 -1.20 -41.46 50.13
C TYR N 122 -2.58 -41.36 49.50
N VAL N 123 -2.70 -40.57 48.43
CA VAL N 123 -3.93 -40.55 47.64
C VAL N 123 -3.83 -41.74 46.71
N GLY N 124 -4.36 -42.88 47.15
CA GLY N 124 -3.98 -44.16 46.60
C GLY N 124 -4.73 -44.55 45.34
N HIS N 125 -4.46 -45.79 44.92
CA HIS N 125 -5.06 -46.44 43.75
C HIS N 125 -4.80 -45.68 42.46
N ASP N 126 -3.62 -45.05 42.34
CA ASP N 126 -3.15 -44.45 41.10
C ASP N 126 -1.74 -44.95 40.82
N PRO N 127 -1.60 -46.20 40.33
CA PRO N 127 -0.24 -46.71 40.07
C PRO N 127 0.35 -46.17 38.77
N ALA O 1 -66.85 -13.82 17.57
CA ALA O 1 -68.30 -13.96 17.71
C ALA O 1 -68.76 -13.32 19.01
N SER O 2 -70.00 -13.67 19.40
CA SER O 2 -70.68 -13.16 20.61
C SER O 2 -70.70 -11.65 20.64
N ALA O 3 -70.98 -11.05 19.49
CA ALA O 3 -70.85 -9.61 19.32
C ALA O 3 -72.01 -9.11 18.46
N THR O 4 -72.23 -7.80 18.51
CA THR O 4 -73.40 -7.23 17.87
C THR O 4 -73.19 -7.13 16.36
N ARG O 5 -74.23 -6.64 15.67
CA ARG O 5 -74.31 -6.77 14.23
C ARG O 5 -73.57 -5.68 13.47
N LEU O 6 -73.42 -4.49 14.05
CA LEU O 6 -72.73 -3.40 13.35
C LEU O 6 -71.25 -3.70 13.19
N ILE O 7 -70.62 -4.20 14.26
CA ILE O 7 -69.21 -4.56 14.19
C ILE O 7 -69.01 -5.85 13.39
N GLN O 8 -70.02 -6.72 13.34
CA GLN O 8 -69.99 -7.87 12.44
C GLN O 8 -69.98 -7.42 10.99
N GLY O 9 -70.82 -6.43 10.66
CA GLY O 9 -70.81 -5.87 9.32
C GLY O 9 -69.51 -5.17 8.99
N LEU O 10 -68.89 -4.54 9.99
CA LEU O 10 -67.59 -3.91 9.75
C LEU O 10 -66.50 -4.96 9.52
N ARG O 11 -66.58 -6.10 10.20
CA ARG O 11 -65.63 -7.19 9.93
C ARG O 11 -65.81 -7.75 8.54
N ASN O 12 -67.07 -7.96 8.13
CA ASN O 12 -67.32 -8.49 6.79
C ASN O 12 -67.11 -7.46 5.70
N TRP O 13 -67.08 -6.18 6.04
CA TRP O 13 -66.76 -5.15 5.05
C TRP O 13 -65.26 -4.97 4.91
N ALA O 14 -64.53 -5.12 6.01
CA ALA O 14 -63.07 -5.10 5.95
C ALA O 14 -62.50 -6.39 5.36
N SER O 15 -63.27 -7.48 5.39
CA SER O 15 -62.84 -8.74 4.78
C SER O 15 -64.10 -9.53 4.44
N GLY O 16 -64.46 -9.55 3.16
CA GLY O 16 -65.67 -10.24 2.74
C GLY O 16 -65.54 -11.74 2.65
N ARG O 17 -65.31 -12.41 3.78
CA ARG O 17 -65.11 -13.85 3.80
C ARG O 17 -66.12 -14.59 4.66
N ASP O 18 -67.18 -13.91 5.10
CA ASP O 18 -68.21 -14.42 6.02
C ASP O 18 -67.57 -14.95 7.30
N LEU O 19 -66.94 -14.03 8.03
CA LEU O 19 -66.13 -14.34 9.19
C LEU O 19 -66.93 -14.91 10.35
N GLN O 20 -68.22 -14.59 10.43
CA GLN O 20 -69.07 -15.09 11.50
C GLN O 20 -69.31 -16.60 11.38
N ALA O 21 -69.22 -17.13 10.15
CA ALA O 21 -69.48 -18.54 9.92
C ALA O 21 -68.39 -19.42 10.54
N LYS O 22 -67.16 -19.29 10.06
CA LYS O 22 -66.05 -20.08 10.58
C LYS O 22 -64.96 -19.12 11.02
N LEU O 23 -64.71 -19.07 12.34
CA LEU O 23 -63.94 -18.00 12.96
C LEU O 23 -62.69 -18.45 13.69
N GLN O 24 -62.43 -19.77 13.73
CA GLN O 24 -61.37 -20.40 14.54
C GLN O 24 -61.53 -20.04 16.02
N LEU O 25 -62.74 -20.23 16.52
CA LEU O 25 -63.00 -20.41 17.93
C LEU O 25 -63.99 -21.57 17.99
N ARG O 26 -63.53 -22.74 18.45
CA ARG O 26 -64.36 -23.92 18.42
C ARG O 26 -65.36 -23.91 19.58
N TYR O 27 -66.64 -24.13 19.26
CA TYR O 27 -67.69 -24.18 20.26
C TYR O 27 -68.45 -25.50 20.27
N GLN O 28 -68.96 -25.93 19.11
CA GLN O 28 -69.81 -27.12 19.05
C GLN O 28 -69.04 -28.41 18.80
N GLU O 29 -68.09 -28.39 17.85
CA GLU O 29 -67.46 -29.62 17.38
C GLU O 29 -66.11 -29.83 18.05
N ILE O 30 -66.02 -29.49 19.33
CA ILE O 30 -65.05 -30.15 20.18
C ILE O 30 -65.48 -31.60 20.33
N SER O 31 -64.54 -32.52 20.18
CA SER O 31 -64.84 -33.94 20.32
C SER O 31 -65.31 -34.24 21.74
N LYS O 32 -66.52 -34.78 21.85
CA LYS O 32 -67.14 -35.04 23.15
C LYS O 32 -66.37 -36.13 23.88
N ARG O 33 -65.66 -35.73 24.92
CA ARG O 33 -64.72 -36.62 25.60
C ARG O 33 -65.46 -37.63 26.46
N THR O 34 -64.68 -38.49 27.12
CA THR O 34 -65.14 -39.74 27.75
C THR O 34 -65.94 -40.58 26.75
N GLN O 35 -65.27 -40.94 25.66
CA GLN O 35 -65.84 -41.80 24.64
C GLN O 35 -66.04 -43.22 25.16
N PRO O 36 -66.89 -44.02 24.51
CA PRO O 36 -67.00 -45.42 24.89
C PRO O 36 -65.70 -46.16 24.64
N PRO O 37 -65.40 -47.16 25.46
CA PRO O 37 -64.11 -47.83 25.38
C PRO O 37 -64.01 -48.72 24.15
N PRO O 38 -62.95 -48.57 23.36
CA PRO O 38 -62.86 -49.30 22.10
C PRO O 38 -62.34 -50.71 22.27
N LYS O 39 -62.78 -51.58 21.37
CA LYS O 39 -62.24 -52.94 21.25
C LYS O 39 -61.44 -52.99 19.95
N LEU O 40 -60.15 -53.14 20.08
CA LEU O 40 -59.24 -53.17 18.94
C LEU O 40 -59.41 -54.46 18.16
N PRO O 41 -59.15 -54.42 16.86
CA PRO O 41 -59.08 -55.65 16.07
C PRO O 41 -57.67 -56.22 16.07
N VAL O 42 -57.60 -57.52 15.80
CA VAL O 42 -56.34 -58.22 15.59
C VAL O 42 -56.32 -58.71 14.15
N GLY O 43 -55.22 -58.44 13.45
CA GLY O 43 -55.18 -58.53 12.01
C GLY O 43 -54.97 -59.93 11.48
N PRO O 44 -54.27 -60.06 10.34
CA PRO O 44 -54.16 -61.37 9.68
C PRO O 44 -53.18 -62.34 10.32
N SER O 45 -53.24 -62.45 11.64
CA SER O 45 -52.53 -63.42 12.44
C SER O 45 -53.24 -63.45 13.78
N HIS O 46 -52.96 -64.51 14.55
CA HIS O 46 -53.73 -65.22 15.58
C HIS O 46 -54.70 -66.17 14.90
N ARG O 47 -54.76 -66.17 13.57
CA ARG O 47 -55.47 -67.18 12.80
C ARG O 47 -54.89 -68.54 13.11
N LEU O 48 -55.68 -69.39 13.76
CA LEU O 48 -55.21 -70.70 14.16
C LEU O 48 -55.06 -71.60 12.93
N SER O 49 -54.30 -72.68 13.12
CA SER O 49 -54.19 -73.87 12.26
C SER O 49 -53.42 -73.64 10.97
N ASN O 50 -52.99 -72.42 10.68
CA ASN O 50 -52.28 -72.16 9.44
C ASN O 50 -51.06 -71.28 9.60
N ASN O 51 -50.90 -70.58 10.73
CA ASN O 51 -49.83 -69.60 10.88
C ASN O 51 -48.50 -70.28 11.21
N TYR O 52 -47.93 -70.90 10.20
CA TYR O 52 -46.54 -71.33 10.29
C TYR O 52 -45.66 -70.10 10.20
N TYR O 53 -44.81 -69.89 11.20
CA TYR O 53 -43.86 -68.80 11.14
C TYR O 53 -42.77 -69.06 10.12
N CYS O 54 -42.59 -70.33 9.74
CA CYS O 54 -41.66 -70.72 8.67
C CYS O 54 -41.93 -69.98 7.36
N ALA O 55 -43.19 -69.69 7.06
CA ALA O 55 -43.50 -68.97 5.83
C ALA O 55 -43.10 -67.51 5.93
N ARG O 56 -43.71 -66.76 6.84
CA ARG O 56 -43.55 -65.31 6.87
C ARG O 56 -42.31 -64.86 7.64
N ASP O 57 -41.18 -65.48 7.34
CA ASP O 57 -39.94 -65.20 8.06
C ASP O 57 -39.11 -64.20 7.27
N GLY O 58 -39.58 -62.95 7.26
CA GLY O 58 -38.96 -61.90 6.48
C GLY O 58 -37.58 -61.50 6.94
N ARG O 59 -37.25 -61.80 8.19
CA ARG O 59 -35.88 -61.62 8.65
C ARG O 59 -34.94 -62.60 7.96
N ARG O 60 -35.38 -63.84 7.78
CA ARG O 60 -34.55 -64.88 7.18
C ARG O 60 -34.64 -64.92 5.67
N GLU O 61 -35.44 -64.05 5.05
CA GLU O 61 -35.45 -63.94 3.60
C GLU O 61 -34.37 -63.00 3.07
N ALA O 62 -33.48 -62.52 3.93
CA ALA O 62 -32.42 -61.61 3.53
C ALA O 62 -31.32 -62.39 2.83
N MET O 63 -31.29 -62.30 1.53
CA MET O 63 -30.26 -62.96 0.75
C MET O 63 -28.96 -62.17 0.85
N PRO O 64 -27.80 -62.84 0.74
CA PRO O 64 -26.56 -62.11 0.57
C PRO O 64 -26.51 -61.48 -0.81
N PRO O 65 -25.82 -60.35 -0.97
CA PRO O 65 -25.86 -59.65 -2.26
C PRO O 65 -25.05 -60.37 -3.32
N SER O 66 -25.64 -60.51 -4.51
CA SER O 66 -24.98 -61.20 -5.59
C SER O 66 -23.88 -60.33 -6.18
N ILE O 67 -22.90 -60.98 -6.80
CA ILE O 67 -21.66 -60.34 -7.21
C ILE O 67 -21.48 -60.45 -8.72
N VAL O 68 -21.02 -59.35 -9.32
CA VAL O 68 -20.50 -59.26 -10.67
C VAL O 68 -19.11 -58.60 -10.52
N MET O 69 -18.43 -58.38 -11.66
CA MET O 69 -16.98 -58.43 -11.84
C MET O 69 -16.19 -57.70 -10.75
N SER O 70 -14.97 -58.17 -10.51
CA SER O 70 -14.45 -58.44 -9.19
C SER O 70 -13.03 -57.90 -9.10
N SER O 71 -12.32 -58.43 -8.11
CA SER O 71 -10.87 -58.50 -8.06
C SER O 71 -10.36 -59.88 -8.41
N GLN O 72 -11.25 -60.82 -8.69
CA GLN O 72 -10.89 -62.18 -9.04
C GLN O 72 -11.95 -62.82 -9.93
N SER O 89 -20.23 -57.56 -30.12
CA SER O 89 -21.22 -58.62 -30.37
C SER O 89 -21.97 -58.95 -29.09
N GLU O 90 -22.04 -57.99 -28.17
CA GLU O 90 -22.79 -58.11 -26.94
C GLU O 90 -23.85 -57.01 -26.92
N LYS O 91 -25.11 -57.40 -27.11
CA LYS O 91 -26.22 -56.46 -27.23
C LYS O 91 -26.51 -55.87 -25.86
N LYS O 92 -25.93 -54.71 -25.58
CA LYS O 92 -25.84 -54.14 -24.24
C LYS O 92 -25.94 -52.63 -24.38
N ALA O 93 -25.41 -51.92 -23.36
CA ALA O 93 -25.52 -50.48 -23.16
C ALA O 93 -26.97 -50.06 -22.96
N VAL O 94 -27.65 -50.78 -22.08
CA VAL O 94 -28.99 -50.41 -21.65
C VAL O 94 -28.86 -49.47 -20.46
N SER O 95 -29.94 -48.81 -20.14
CA SER O 95 -30.05 -47.91 -19.01
C SER O 95 -30.43 -48.71 -17.77
N PRO O 96 -30.15 -48.17 -16.57
CA PRO O 96 -30.58 -48.87 -15.35
C PRO O 96 -32.09 -49.00 -15.22
N ALA O 97 -32.85 -48.07 -15.77
CA ALA O 97 -34.30 -48.10 -15.74
C ALA O 97 -34.78 -47.61 -17.10
N PRO O 98 -36.05 -47.87 -17.45
CA PRO O 98 -36.66 -47.17 -18.57
C PRO O 98 -36.67 -45.68 -18.33
N PRO O 99 -36.42 -44.86 -19.36
CA PRO O 99 -36.36 -43.42 -19.17
C PRO O 99 -37.73 -42.84 -18.81
N ILE O 100 -37.71 -41.84 -17.95
CA ILE O 100 -38.92 -41.38 -17.28
C ILE O 100 -39.74 -40.51 -18.21
N LYS O 101 -41.02 -40.86 -18.36
CA LYS O 101 -41.91 -40.08 -19.19
C LYS O 101 -42.22 -38.75 -18.53
N ARG O 102 -42.22 -37.68 -19.32
CA ARG O 102 -42.58 -36.36 -18.85
C ARG O 102 -44.05 -36.33 -18.44
N TRP O 103 -44.34 -35.54 -17.41
CA TRP O 103 -45.65 -35.53 -16.77
C TRP O 103 -46.62 -34.70 -17.61
N GLU O 104 -47.77 -34.37 -17.01
CA GLU O 104 -48.76 -33.52 -17.65
C GLU O 104 -49.17 -32.43 -16.67
N LEU O 105 -49.52 -31.26 -17.21
CA LEU O 105 -50.29 -30.29 -16.44
C LEU O 105 -51.57 -30.92 -15.96
N SER O 106 -51.79 -30.88 -14.65
CA SER O 106 -53.05 -31.39 -14.11
C SER O 106 -54.18 -30.42 -14.45
N GLN O 107 -55.35 -30.99 -14.74
CA GLN O 107 -56.49 -30.20 -15.20
C GLN O 107 -57.03 -29.28 -14.12
N ASP O 108 -56.82 -29.64 -12.84
CA ASP O 108 -57.42 -28.93 -11.72
C ASP O 108 -56.72 -27.59 -11.51
N GLU O 109 -57.09 -26.63 -12.38
CA GLU O 109 -56.67 -25.24 -12.46
C GLU O 109 -55.15 -25.10 -12.50
N PRO O 110 -54.50 -25.42 -13.62
CA PRO O 110 -53.06 -25.18 -13.73
C PRO O 110 -52.82 -23.73 -14.13
N TYR O 111 -51.55 -23.41 -14.36
CA TYR O 111 -51.17 -22.08 -14.84
C TYR O 111 -50.29 -22.25 -16.07
N LEU O 112 -50.77 -21.81 -17.23
CA LEU O 112 -52.09 -21.18 -17.37
C LEU O 112 -53.11 -22.20 -17.86
N GLU P 2 -78.43 -0.44 20.21
CA GLU P 2 -78.33 -1.81 20.71
C GLU P 2 -77.25 -1.95 21.77
N LEU P 3 -76.51 -0.86 22.01
CA LEU P 3 -75.50 -0.87 23.06
C LEU P 3 -76.13 -0.78 24.43
N LEU P 4 -77.35 -0.24 24.53
CA LEU P 4 -78.06 -0.27 25.80
C LEU P 4 -78.49 -1.68 26.16
N GLN P 5 -78.67 -2.55 25.17
CA GLN P 5 -78.93 -3.96 25.45
C GLN P 5 -77.69 -4.68 25.96
N VAL P 6 -76.50 -4.16 25.70
CA VAL P 6 -75.28 -4.82 26.13
C VAL P 6 -74.99 -4.52 27.59
N LEU P 7 -74.92 -3.23 27.93
CA LEU P 7 -74.55 -2.83 29.29
C LEU P 7 -75.64 -3.13 30.31
N LYS P 8 -76.88 -3.32 29.86
CA LYS P 8 -77.90 -3.88 30.75
C LYS P 8 -77.57 -5.34 31.07
N ARG P 9 -77.24 -6.12 30.04
CA ARG P 9 -76.80 -7.49 30.26
C ARG P 9 -75.39 -7.50 30.87
N GLY P 10 -74.55 -6.54 30.51
CA GLY P 10 -73.20 -6.48 31.05
C GLY P 10 -73.12 -6.08 32.49
N LEU P 11 -74.20 -5.55 33.05
CA LEU P 11 -74.28 -5.30 34.48
C LEU P 11 -74.79 -6.53 35.24
N GLN P 12 -75.38 -7.50 34.54
CA GLN P 12 -75.94 -8.67 35.19
C GLN P 12 -74.88 -9.63 35.73
N GLN P 13 -73.64 -9.51 35.27
CA GLN P 13 -72.54 -10.19 35.95
C GLN P 13 -71.85 -9.29 36.97
N VAL P 14 -72.18 -8.00 36.99
CA VAL P 14 -71.59 -7.10 37.98
C VAL P 14 -72.37 -7.19 39.29
N SER P 15 -73.70 -7.00 39.22
CA SER P 15 -74.54 -7.10 40.40
C SER P 15 -75.13 -8.49 40.58
N GLY P 16 -74.79 -9.45 39.72
CA GLY P 16 -75.23 -10.82 39.90
C GLY P 16 -74.20 -11.61 40.69
N HIS P 17 -73.28 -10.88 41.32
CA HIS P 17 -72.25 -11.46 42.17
C HIS P 17 -72.51 -11.25 43.64
N GLY P 18 -73.35 -10.29 44.01
CA GLY P 18 -73.62 -9.97 45.40
C GLY P 18 -73.61 -8.48 45.63
N GLY P 19 -72.76 -7.77 44.88
CA GLY P 19 -72.67 -6.33 45.02
C GLY P 19 -71.53 -5.77 44.19
N LEU P 20 -70.98 -4.65 44.66
CA LEU P 20 -69.85 -4.00 44.01
C LEU P 20 -68.52 -4.31 44.69
N ARG P 21 -68.53 -4.49 46.01
CA ARG P 21 -67.33 -5.01 46.67
C ARG P 21 -67.07 -6.46 46.26
N GLY P 22 -68.14 -7.23 46.02
CA GLY P 22 -67.97 -8.56 45.45
C GLY P 22 -67.49 -8.53 44.02
N TYR P 23 -67.95 -7.55 43.24
CA TYR P 23 -67.40 -7.35 41.91
C TYR P 23 -65.94 -6.90 41.96
N LEU P 24 -65.58 -6.13 42.99
CA LEU P 24 -64.19 -5.69 43.14
C LEU P 24 -63.29 -6.86 43.53
N ARG P 25 -63.86 -7.86 44.21
CA ARG P 25 -63.10 -8.98 44.75
C ARG P 25 -62.44 -9.79 43.65
N VAL P 26 -63.25 -10.38 42.77
CA VAL P 26 -62.72 -11.25 41.73
C VAL P 26 -62.07 -10.45 40.60
N LEU P 27 -62.39 -9.15 40.49
CA LEU P 27 -61.72 -8.32 39.49
C LEU P 27 -60.29 -8.03 39.90
N PHE P 28 -60.09 -7.53 41.12
CA PHE P 28 -58.73 -7.32 41.61
C PHE P 28 -58.05 -8.61 42.06
N ARG P 29 -58.74 -9.75 42.05
CA ARG P 29 -58.06 -10.99 42.41
C ARG P 29 -57.13 -11.40 41.30
N ALA P 30 -57.66 -11.83 40.15
CA ALA P 30 -56.83 -11.71 38.95
C ALA P 30 -57.53 -10.99 37.80
N ASN P 31 -58.53 -11.64 37.19
CA ASN P 31 -59.04 -11.14 35.91
C ASN P 31 -60.55 -11.19 35.73
N ASP P 32 -61.17 -12.27 36.16
CA ASP P 32 -62.43 -12.73 35.59
C ASP P 32 -63.64 -12.11 36.24
N VAL P 33 -64.65 -11.81 35.43
CA VAL P 33 -65.91 -11.23 35.87
C VAL P 33 -67.07 -12.06 35.33
N ARG P 34 -66.81 -13.32 35.00
CA ARG P 34 -67.75 -14.17 34.28
C ARG P 34 -68.63 -15.00 35.22
N VAL P 35 -68.92 -14.49 36.42
CA VAL P 35 -69.62 -15.24 37.44
C VAL P 35 -71.08 -15.42 37.05
N GLY P 36 -71.72 -16.50 37.53
CA GLY P 36 -73.12 -16.71 37.24
C GLY P 36 -73.62 -18.13 37.06
N THR P 37 -72.77 -19.14 37.18
CA THR P 37 -73.22 -20.52 37.01
C THR P 37 -73.27 -21.34 38.29
N LEU P 38 -72.33 -21.16 39.22
CA LEU P 38 -72.32 -21.74 40.57
C LEU P 38 -72.38 -23.27 40.55
N VAL P 39 -71.36 -23.89 39.96
CA VAL P 39 -71.41 -25.33 39.76
C VAL P 39 -71.03 -26.09 41.02
N GLY P 40 -69.83 -25.87 41.54
CA GLY P 40 -69.51 -26.63 42.74
C GLY P 40 -68.35 -26.12 43.56
N GLU P 41 -68.54 -25.98 44.87
CA GLU P 41 -67.43 -25.64 45.73
C GLU P 41 -66.76 -26.92 46.19
N ASP P 42 -65.66 -26.76 46.94
CA ASP P 42 -64.97 -27.93 47.45
C ASP P 42 -64.16 -27.54 48.69
N LYS P 43 -64.04 -28.52 49.58
CA LYS P 43 -63.23 -28.47 50.79
C LYS P 43 -61.78 -28.09 50.45
N TYR P 44 -61.13 -27.43 51.41
CA TYR P 44 -60.06 -26.45 51.25
C TYR P 44 -60.54 -25.25 50.45
N GLY P 45 -61.83 -24.98 50.50
CA GLY P 45 -62.42 -23.74 50.07
C GLY P 45 -62.88 -23.58 48.63
N ASN P 46 -62.10 -24.07 47.67
CA ASN P 46 -62.09 -23.45 46.34
C ASN P 46 -63.33 -23.80 45.53
N LYS P 47 -63.74 -22.88 44.68
CA LYS P 47 -64.98 -23.03 43.94
C LYS P 47 -64.70 -23.28 42.47
N TYR P 48 -65.67 -23.88 41.79
CA TYR P 48 -65.51 -24.34 40.42
C TYR P 48 -66.74 -23.89 39.63
N TYR P 49 -66.50 -23.10 38.58
CA TYR P 49 -67.57 -22.57 37.76
C TYR P 49 -67.43 -23.07 36.33
N GLU P 50 -68.51 -23.65 35.80
CA GLU P 50 -68.54 -24.17 34.44
C GLU P 50 -69.67 -23.49 33.68
N ASP P 51 -69.33 -22.82 32.58
CA ASP P 51 -70.32 -22.20 31.71
C ASP P 51 -70.23 -22.81 30.33
N ASN P 52 -71.35 -22.80 29.62
CA ASN P 52 -71.44 -23.47 28.32
C ASN P 52 -71.24 -22.50 27.15
N LYS P 53 -71.62 -21.24 27.31
CA LYS P 53 -71.64 -20.33 26.16
C LYS P 53 -70.24 -19.86 25.76
N GLN P 54 -69.24 -20.01 26.61
CA GLN P 54 -67.89 -19.74 26.15
C GLN P 54 -67.36 -20.91 25.33
N PHE P 55 -66.20 -20.70 24.72
CA PHE P 55 -65.62 -21.70 23.84
C PHE P 55 -64.82 -22.71 24.63
N PHE P 56 -64.17 -23.63 23.92
CA PHE P 56 -63.50 -24.74 24.57
C PHE P 56 -62.13 -24.27 25.02
N GLY P 57 -62.00 -24.00 26.31
CA GLY P 57 -60.83 -23.38 26.87
C GLY P 57 -61.25 -22.40 27.95
N ARG P 58 -62.52 -22.02 27.94
CA ARG P 58 -63.09 -21.15 28.96
C ARG P 58 -64.36 -21.75 29.57
N HIS P 59 -64.52 -23.06 29.53
CA HIS P 59 -65.63 -23.68 30.22
C HIS P 59 -65.43 -23.64 31.72
N ARG P 60 -64.36 -24.25 32.19
CA ARG P 60 -64.21 -24.66 33.58
C ARG P 60 -63.10 -23.84 34.22
N TRP P 61 -63.47 -22.93 35.12
CA TRP P 61 -62.47 -22.13 35.81
C TRP P 61 -62.64 -22.23 37.31
N VAL P 62 -61.51 -22.25 38.01
CA VAL P 62 -61.47 -22.34 39.47
C VAL P 62 -61.35 -20.94 40.03
N ILE P 63 -61.96 -20.72 41.19
CA ILE P 63 -61.75 -19.53 41.99
C ILE P 63 -61.16 -19.98 43.31
N TYR P 64 -59.91 -19.64 43.55
CA TYR P 64 -59.20 -20.03 44.76
C TYR P 64 -59.69 -19.23 45.95
N THR P 65 -59.54 -19.80 47.13
CA THR P 65 -59.91 -19.15 48.36
C THR P 65 -58.67 -18.79 49.17
N THR P 66 -58.90 -18.29 50.37
CA THR P 66 -57.85 -17.69 51.18
C THR P 66 -57.40 -18.66 52.25
N GLU P 67 -56.10 -18.97 52.24
CA GLU P 67 -55.41 -19.78 53.26
C GLU P 67 -56.03 -21.17 53.41
N MET P 68 -55.97 -21.95 52.33
CA MET P 68 -56.40 -23.34 52.47
C MET P 68 -55.31 -24.17 53.14
N ASN P 69 -54.04 -23.83 52.90
CA ASN P 69 -52.94 -24.37 53.69
C ASN P 69 -52.42 -23.36 54.69
N GLY P 70 -52.63 -22.07 54.45
CA GLY P 70 -52.30 -21.04 55.43
C GLY P 70 -51.18 -20.12 55.00
N LYS P 71 -51.05 -19.89 53.69
CA LYS P 71 -49.94 -19.10 53.18
C LYS P 71 -50.40 -17.79 52.54
N ASN P 72 -51.55 -17.26 52.97
CA ASN P 72 -52.14 -16.01 52.49
C ASN P 72 -52.36 -16.03 50.98
N THR P 73 -53.08 -17.05 50.51
CA THR P 73 -53.29 -17.23 49.08
C THR P 73 -54.55 -16.54 48.57
N PHE P 74 -54.96 -15.44 49.21
CA PHE P 74 -55.85 -14.49 48.55
C PHE P 74 -55.18 -13.91 47.31
N TRP P 75 -53.96 -13.40 47.46
CA TRP P 75 -53.10 -13.05 46.35
C TRP P 75 -52.32 -14.30 45.95
N ASP P 76 -51.29 -14.11 45.10
CA ASP P 76 -50.23 -15.03 44.65
C ASP P 76 -50.65 -16.50 44.52
N VAL P 77 -51.75 -16.72 43.79
CA VAL P 77 -52.35 -18.05 43.68
C VAL P 77 -51.45 -18.98 42.88
N ASP P 78 -51.12 -20.12 43.47
CA ASP P 78 -50.32 -21.12 42.78
C ASP P 78 -51.19 -21.97 41.86
N GLY P 79 -50.54 -22.84 41.09
CA GLY P 79 -51.19 -23.99 40.53
C GLY P 79 -51.13 -25.15 41.50
N SER P 80 -51.75 -26.26 41.10
CA SER P 80 -51.86 -27.50 41.88
C SER P 80 -52.53 -27.29 43.24
N MET P 81 -53.32 -26.23 43.41
CA MET P 81 -54.12 -26.07 44.61
C MET P 81 -55.51 -26.68 44.45
N VAL P 82 -55.63 -27.69 43.61
CA VAL P 82 -56.90 -28.39 43.41
C VAL P 82 -56.73 -29.84 43.84
N PRO P 83 -57.76 -30.47 44.39
CA PRO P 83 -57.73 -31.90 44.62
C PRO P 83 -57.76 -32.66 43.30
N PRO P 84 -57.29 -33.91 43.26
CA PRO P 84 -57.01 -34.56 41.98
C PRO P 84 -58.23 -34.89 41.13
N GLU P 85 -59.40 -35.15 41.72
CA GLU P 85 -60.57 -35.37 40.86
C GLU P 85 -60.98 -34.09 40.15
N TRP P 86 -60.77 -32.95 40.80
CA TRP P 86 -60.96 -31.68 40.11
C TRP P 86 -59.79 -31.37 39.19
N HIS P 87 -58.65 -32.04 39.36
CA HIS P 87 -57.59 -31.96 38.38
C HIS P 87 -57.89 -32.81 37.14
N ARG P 88 -58.78 -33.80 37.26
CA ARG P 88 -59.31 -34.47 36.08
C ARG P 88 -60.37 -33.64 35.40
N TRP P 89 -61.25 -33.02 36.19
CA TRP P 89 -62.35 -32.25 35.61
C TRP P 89 -61.86 -30.96 34.97
N LEU P 90 -60.92 -30.27 35.61
CA LEU P 90 -60.56 -28.93 35.18
C LEU P 90 -59.68 -28.95 33.94
N HIS P 91 -58.92 -30.01 33.72
CA HIS P 91 -58.06 -30.12 32.55
C HIS P 91 -58.77 -30.70 31.34
N CYS P 92 -60.11 -30.64 31.31
CA CYS P 92 -60.94 -31.02 30.17
C CYS P 92 -60.73 -32.47 29.75
N MET P 93 -60.43 -33.35 30.71
CA MET P 93 -60.32 -34.77 30.43
C MET P 93 -61.66 -35.49 30.49
N THR P 94 -62.74 -34.77 30.83
CA THR P 94 -64.05 -35.37 30.99
C THR P 94 -65.11 -34.36 30.57
N ASP P 95 -66.37 -34.79 30.66
CA ASP P 95 -67.51 -33.91 30.42
C ASP P 95 -68.47 -33.84 31.60
N ASP P 96 -68.20 -34.58 32.68
CA ASP P 96 -69.06 -34.63 33.85
C ASP P 96 -68.29 -34.18 35.09
N PRO P 97 -68.96 -33.52 36.04
CA PRO P 97 -68.27 -33.05 37.23
C PRO P 97 -67.87 -34.22 38.12
N PRO P 98 -66.80 -34.07 38.92
CA PRO P 98 -66.28 -35.21 39.68
C PRO P 98 -66.97 -35.35 41.03
N THR P 99 -68.11 -34.70 41.21
CA THR P 99 -68.98 -34.98 42.35
C THR P 99 -70.12 -35.91 41.97
N VAL P 100 -70.22 -36.30 40.69
CA VAL P 100 -71.14 -37.36 40.30
C VAL P 100 -70.64 -38.70 40.82
N LYS P 101 -69.36 -39.00 40.59
CA LYS P 101 -68.68 -40.12 41.23
C LYS P 101 -67.38 -39.62 41.87
N PRO P 102 -67.46 -39.10 43.09
CA PRO P 102 -66.23 -38.63 43.79
C PRO P 102 -65.26 -39.74 44.18
N PRO P 103 -65.66 -40.80 44.96
CA PRO P 103 -64.63 -41.45 45.76
C PRO P 103 -63.82 -42.49 45.01
N THR P 104 -62.99 -43.20 45.75
CA THR P 104 -62.38 -44.45 45.31
C THR P 104 -62.18 -45.31 46.56
N ALA P 105 -62.18 -46.62 46.38
CA ALA P 105 -62.14 -47.54 47.51
C ALA P 105 -60.71 -48.03 47.75
N ARG P 106 -59.89 -47.11 48.29
CA ARG P 106 -58.52 -47.42 48.67
C ARG P 106 -58.22 -46.73 50.00
N LYS P 107 -57.60 -47.46 50.92
CA LYS P 107 -57.27 -46.91 52.24
C LYS P 107 -55.79 -46.51 52.29
N PHE P 108 -55.40 -45.56 51.42
CA PHE P 108 -54.13 -44.89 51.61
C PHE P 108 -54.07 -43.44 51.15
N ILE P 109 -55.16 -42.86 50.64
CA ILE P 109 -55.08 -41.55 49.99
C ILE P 109 -54.94 -40.47 51.06
N TRP P 110 -54.02 -39.54 50.82
CA TRP P 110 -53.84 -38.38 51.68
C TRP P 110 -55.12 -37.54 51.74
N THR P 111 -55.30 -36.85 52.86
CA THR P 111 -56.42 -35.93 53.02
C THR P 111 -56.04 -34.50 52.67
N ASN P 112 -54.87 -34.28 52.09
CA ASN P 112 -54.38 -32.92 51.86
C ASN P 112 -54.28 -32.57 50.39
N HIS P 113 -53.47 -33.31 49.62
CA HIS P 113 -52.95 -32.86 48.32
C HIS P 113 -52.44 -31.42 48.41
N LYS P 114 -51.38 -31.28 49.21
CA LYS P 114 -50.72 -30.00 49.41
C LYS P 114 -50.18 -29.47 48.09
N PHE P 115 -50.10 -28.14 47.96
CA PHE P 115 -49.66 -27.50 46.73
C PHE P 115 -48.15 -27.67 46.57
N ASN P 116 -47.60 -27.03 45.54
CA ASN P 116 -46.18 -27.15 45.24
C ASN P 116 -45.38 -26.46 46.33
N LEU P 117 -44.75 -27.27 47.18
CA LEU P 117 -44.12 -26.85 48.42
C LEU P 117 -42.65 -26.53 48.28
N SER P 118 -42.22 -26.07 47.11
CA SER P 118 -40.81 -25.76 46.90
C SER P 118 -40.46 -24.38 47.45
N GLY P 119 -39.18 -24.19 47.73
CA GLY P 119 -38.70 -22.92 48.28
C GLY P 119 -39.08 -22.69 49.72
N THR P 120 -39.18 -23.76 50.49
CA THR P 120 -39.75 -23.75 51.84
C THR P 120 -38.71 -24.28 52.83
N PRO P 121 -39.03 -24.39 54.12
CA PRO P 121 -38.31 -25.36 54.95
C PRO P 121 -38.84 -26.78 54.86
N GLN P 122 -39.95 -27.02 54.15
CA GLN P 122 -40.58 -28.34 54.12
C GLN P 122 -40.69 -28.80 52.67
N GLN P 123 -39.61 -29.40 52.15
CA GLN P 123 -39.63 -29.93 50.79
C GLN P 123 -38.59 -31.03 50.68
N TYR P 124 -38.48 -31.56 49.46
CA TYR P 124 -37.71 -32.78 49.21
C TYR P 124 -36.21 -32.55 49.34
N VAL P 125 -35.52 -33.56 49.84
CA VAL P 125 -34.07 -33.69 49.74
C VAL P 125 -33.72 -35.09 49.23
N PRO P 126 -32.71 -35.23 48.40
CA PRO P 126 -32.34 -36.56 47.89
C PRO P 126 -31.30 -37.26 48.75
N TYR P 127 -31.39 -38.58 48.76
CA TYR P 127 -30.51 -39.44 49.53
C TYR P 127 -30.63 -40.87 49.02
N SER P 128 -29.49 -41.54 48.91
CA SER P 128 -29.47 -42.91 48.41
C SER P 128 -30.08 -43.85 49.44
N THR P 129 -31.21 -44.45 49.10
CA THR P 129 -31.88 -45.41 49.98
C THR P 129 -31.19 -46.78 49.83
N THR P 130 -29.96 -46.85 50.36
CA THR P 130 -29.15 -48.03 50.22
C THR P 130 -28.32 -48.17 51.50
N ARG P 131 -28.18 -49.41 51.97
CA ARG P 131 -27.53 -49.68 53.25
C ARG P 131 -26.01 -49.63 53.10
N LYS P 132 -25.31 -50.16 54.12
CA LYS P 132 -23.85 -50.17 54.19
C LYS P 132 -23.24 -50.95 53.02
N LYS P 133 -22.11 -50.46 52.52
CA LYS P 133 -21.49 -51.05 51.34
C LYS P 133 -20.83 -52.39 51.65
N ILE P 134 -19.81 -52.39 52.51
CA ILE P 134 -18.98 -53.57 52.71
C ILE P 134 -18.73 -53.89 54.18
N GLN P 135 -19.30 -53.13 55.12
CA GLN P 135 -19.22 -53.35 56.57
C GLN P 135 -17.76 -53.36 57.05
N GLU P 136 -17.21 -52.14 57.10
CA GLU P 136 -15.83 -51.89 57.51
C GLU P 136 -15.48 -52.54 58.85
N TRP P 137 -14.22 -52.91 58.99
CA TRP P 137 -13.78 -53.74 60.10
C TRP P 137 -13.71 -52.95 61.39
N VAL P 138 -14.43 -53.42 62.40
CA VAL P 138 -14.42 -52.81 63.73
C VAL P 138 -13.44 -53.58 64.59
N PRO P 139 -12.37 -52.96 65.09
CA PRO P 139 -11.32 -53.71 65.76
C PRO P 139 -11.74 -54.14 67.15
N PRO P 140 -11.13 -55.19 67.71
CA PRO P 140 -11.34 -55.50 69.12
C PRO P 140 -10.68 -54.45 70.01
N SER P 141 -11.48 -53.81 70.85
CA SER P 141 -11.04 -52.64 71.61
C SER P 141 -10.28 -53.00 72.88
N THR P 142 -9.92 -54.26 73.07
CA THR P 142 -9.12 -54.57 74.26
C THR P 142 -7.67 -54.12 74.05
N PRO P 143 -6.99 -53.68 75.11
CA PRO P 143 -5.60 -53.28 74.97
C PRO P 143 -4.63 -54.41 75.26
N TYR P 144 -3.53 -54.41 74.52
CA TYR P 144 -2.43 -55.34 74.74
C TYR P 144 -1.22 -54.57 75.25
N LYS P 145 -0.49 -55.19 76.20
CA LYS P 145 0.78 -54.70 76.75
C LYS P 145 0.64 -53.33 77.41
N PRO Q 5 28.56 3.71 6.46
CA PRO Q 5 28.41 3.30 7.85
C PRO Q 5 27.90 1.88 7.97
N LEU Q 6 27.93 1.14 6.85
CA LEU Q 6 27.54 -0.27 6.81
C LEU Q 6 28.75 -1.06 6.33
N THR Q 7 29.62 -1.43 7.26
CA THR Q 7 30.80 -2.23 6.99
C THR Q 7 30.59 -3.63 7.56
N LEU Q 8 31.65 -4.44 7.48
CA LEU Q 8 31.58 -5.78 8.07
C LEU Q 8 31.70 -5.72 9.59
N GLU Q 9 32.51 -4.78 10.09
CA GLU Q 9 32.79 -4.74 11.52
C GLU Q 9 31.63 -4.15 12.31
N GLY Q 10 30.88 -3.21 11.73
CA GLY Q 10 29.71 -2.69 12.42
C GLY Q 10 28.60 -3.72 12.51
N ILE Q 11 28.42 -4.50 11.44
CA ILE Q 11 27.47 -5.61 11.46
C ILE Q 11 27.92 -6.67 12.45
N LYS Q 12 29.23 -6.94 12.52
CA LYS Q 12 29.71 -7.92 13.49
C LYS Q 12 29.55 -7.43 14.93
N ASP Q 13 29.69 -6.12 15.16
CA ASP Q 13 29.50 -5.59 16.50
C ASP Q 13 28.02 -5.61 16.90
N ARG Q 14 27.11 -5.35 15.96
CA ARG Q 14 25.70 -5.39 16.33
C ARG Q 14 25.21 -6.83 16.49
N VAL Q 15 25.75 -7.76 15.69
CA VAL Q 15 25.52 -9.18 15.91
C VAL Q 15 26.11 -9.61 17.26
N LEU Q 16 27.24 -9.00 17.65
CA LEU Q 16 27.88 -9.32 18.92
C LEU Q 16 27.00 -8.90 20.10
N TYR Q 17 26.48 -7.67 20.08
CA TYR Q 17 25.69 -7.30 21.25
C TYR Q 17 24.27 -7.88 21.21
N VAL Q 18 23.76 -8.32 20.06
CA VAL Q 18 22.50 -9.05 20.17
C VAL Q 18 22.71 -10.50 20.58
N LEU Q 19 23.90 -11.07 20.31
CA LEU Q 19 24.27 -12.33 20.95
C LEU Q 19 24.46 -12.16 22.44
N LYS Q 20 24.92 -10.98 22.87
CA LYS Q 20 24.91 -10.65 24.29
C LYS Q 20 23.47 -10.52 24.80
N LEU Q 21 22.57 -10.02 23.95
CA LEU Q 21 21.19 -9.78 24.36
C LEU Q 21 20.38 -11.07 24.45
N TYR Q 22 20.79 -12.12 23.75
CA TYR Q 22 20.13 -13.42 23.93
C TYR Q 22 20.45 -13.98 25.30
N ASP Q 23 19.46 -14.66 25.89
CA ASP Q 23 19.48 -14.98 27.31
C ASP Q 23 20.18 -16.29 27.63
N LYS Q 24 19.82 -17.37 26.93
CA LYS Q 24 20.29 -18.69 27.33
C LYS Q 24 21.74 -18.95 27.00
N ILE Q 25 22.39 -18.10 26.21
CA ILE Q 25 23.79 -18.31 25.86
C ILE Q 25 24.66 -17.90 27.05
N ASP Q 26 25.58 -18.79 27.44
CA ASP Q 26 26.28 -18.68 28.72
C ASP Q 26 27.70 -19.21 28.60
N PRO Q 27 28.71 -18.32 28.46
CA PRO Q 27 28.61 -16.88 28.22
C PRO Q 27 28.47 -16.62 26.72
N GLU Q 28 28.78 -15.40 26.28
CA GLU Q 28 28.79 -15.12 24.84
C GLU Q 28 29.86 -15.94 24.14
N LYS Q 29 31.13 -15.70 24.49
CA LYS Q 29 32.30 -16.45 24.04
C LYS Q 29 32.39 -16.45 22.51
N LEU Q 30 32.55 -15.25 21.96
CA LEU Q 30 32.54 -15.08 20.52
C LEU Q 30 33.85 -15.60 19.92
N SER Q 31 33.74 -16.21 18.76
CA SER Q 31 34.89 -16.62 17.98
C SER Q 31 34.49 -16.64 16.52
N VAL Q 32 35.50 -16.52 15.65
CA VAL Q 32 35.27 -16.70 14.23
C VAL Q 32 35.04 -18.16 13.89
N ASN Q 33 35.43 -19.08 14.78
CA ASN Q 33 35.21 -20.50 14.64
C ASN Q 33 34.54 -21.03 15.90
N SER Q 34 33.48 -20.34 16.34
CA SER Q 34 32.87 -20.65 17.63
C SER Q 34 32.06 -21.95 17.56
N HIS Q 35 31.13 -22.03 16.61
CA HIS Q 35 30.17 -23.12 16.44
C HIS Q 35 29.39 -23.38 17.73
N PHE Q 36 28.54 -22.40 18.06
CA PHE Q 36 27.76 -22.37 19.28
C PHE Q 36 26.76 -23.52 19.42
N MET Q 37 26.49 -24.27 18.34
CA MET Q 37 25.61 -25.43 18.40
C MET Q 37 26.10 -26.53 19.33
N LYS Q 38 27.23 -27.14 18.98
CA LYS Q 38 27.71 -28.31 19.72
C LYS Q 38 28.87 -28.01 20.64
N ASP Q 39 29.70 -27.02 20.30
CA ASP Q 39 30.81 -26.64 21.16
C ASP Q 39 30.36 -25.82 22.36
N LEU Q 40 29.14 -25.28 22.33
CA LEU Q 40 28.60 -24.49 23.42
C LEU Q 40 27.33 -25.07 24.00
N GLY Q 41 26.86 -26.21 23.48
CA GLY Q 41 25.70 -26.87 24.02
C GLY Q 41 24.39 -26.17 23.72
N LEU Q 42 24.04 -26.08 22.44
CA LEU Q 42 22.78 -25.47 22.03
C LEU Q 42 22.03 -26.43 21.12
N ASP Q 43 20.75 -26.12 20.91
CA ASP Q 43 19.85 -26.94 20.13
C ASP Q 43 19.63 -26.32 18.75
N SER Q 44 19.20 -27.15 17.80
CA SER Q 44 18.77 -26.66 16.50
C SER Q 44 17.51 -25.80 16.61
N LEU Q 45 16.71 -26.07 17.65
CA LEU Q 45 15.65 -25.15 18.06
C LEU Q 45 16.21 -23.78 18.38
N ASP Q 46 17.30 -23.73 19.15
CA ASP Q 46 17.93 -22.47 19.47
C ASP Q 46 18.67 -21.89 18.27
N GLN Q 47 19.13 -22.77 17.37
CA GLN Q 47 19.70 -22.32 16.10
C GLN Q 47 18.68 -21.51 15.30
N VAL Q 48 17.47 -22.05 15.11
CA VAL Q 48 16.49 -21.32 14.31
C VAL Q 48 15.96 -20.12 15.10
N GLU Q 49 15.97 -20.18 16.44
CA GLU Q 49 15.70 -18.99 17.26
C GLU Q 49 16.66 -17.86 16.95
N ILE Q 50 17.96 -18.15 16.95
CA ILE Q 50 18.96 -17.11 16.70
C ILE Q 50 18.90 -16.60 15.27
N ILE Q 51 18.64 -17.50 14.31
CA ILE Q 51 18.58 -17.10 12.90
C ILE Q 51 17.41 -16.15 12.65
N MET Q 52 16.21 -16.54 13.06
CA MET Q 52 15.11 -15.59 12.86
C MET Q 52 15.15 -14.44 13.85
N ALA Q 53 15.94 -14.54 14.92
CA ALA Q 53 16.17 -13.38 15.78
C ALA Q 53 17.00 -12.33 15.06
N MET Q 54 18.03 -12.75 14.31
CA MET Q 54 18.80 -11.81 13.49
C MET Q 54 17.93 -11.22 12.40
N GLU Q 55 17.05 -12.06 11.83
CA GLU Q 55 16.03 -11.57 10.89
C GLU Q 55 15.16 -10.50 11.53
N ASP Q 56 14.75 -10.71 12.77
CA ASP Q 56 13.97 -9.71 13.51
C ASP Q 56 14.81 -8.47 13.80
N GLU Q 57 16.12 -8.63 13.93
CA GLU Q 57 16.99 -7.51 14.25
C GLU Q 57 17.12 -6.55 13.08
N PHE Q 58 17.70 -7.00 11.96
CA PHE Q 58 18.21 -5.95 11.08
C PHE Q 58 17.96 -6.19 9.59
N GLY Q 59 16.95 -6.94 9.20
CA GLY Q 59 16.69 -6.96 7.78
C GLY Q 59 15.97 -8.12 7.12
N PHE Q 60 16.62 -8.67 6.10
CA PHE Q 60 16.01 -9.56 5.11
C PHE Q 60 15.58 -10.88 5.72
N GLU Q 61 14.78 -11.64 4.96
CA GLU Q 61 13.89 -12.65 5.52
C GLU Q 61 14.60 -13.93 5.95
N ILE Q 62 15.72 -14.28 5.32
CA ILE Q 62 16.58 -15.42 5.65
C ILE Q 62 15.79 -16.73 5.58
N PRO Q 63 15.52 -17.27 4.39
CA PRO Q 63 14.68 -18.47 4.28
C PRO Q 63 15.30 -19.75 4.84
N ASP Q 64 14.60 -20.86 4.66
CA ASP Q 64 14.78 -22.06 5.49
C ASP Q 64 16.11 -22.76 5.24
N ILE Q 65 16.50 -22.93 3.98
CA ILE Q 65 17.72 -23.70 3.70
C ILE Q 65 18.95 -22.89 4.09
N ASP Q 66 18.91 -21.56 3.90
CA ASP Q 66 20.01 -20.72 4.34
C ASP Q 66 20.01 -20.59 5.85
N ALA Q 67 18.84 -20.73 6.48
CA ALA Q 67 18.80 -20.84 7.93
C ALA Q 67 19.43 -22.13 8.42
N GLU Q 68 19.36 -23.19 7.61
CA GLU Q 68 19.99 -24.44 8.00
C GLU Q 68 21.50 -24.40 7.81
N LYS Q 69 21.97 -23.75 6.73
CA LYS Q 69 23.37 -23.86 6.36
C LYS Q 69 24.34 -23.04 7.21
N LEU Q 70 23.90 -22.34 8.26
CA LEU Q 70 24.81 -21.43 8.95
C LEU Q 70 25.53 -22.08 10.13
N MET Q 71 24.78 -22.43 11.18
CA MET Q 71 25.26 -23.19 12.36
C MET Q 71 26.48 -22.56 13.07
N CYS Q 72 26.77 -21.26 12.85
CA CYS Q 72 28.08 -20.69 13.21
C CYS Q 72 28.02 -19.17 13.17
N PRO Q 73 28.62 -18.46 14.15
CA PRO Q 73 28.47 -16.99 14.23
C PRO Q 73 29.09 -16.21 13.09
N GLN Q 74 30.35 -16.49 12.80
CA GLN Q 74 31.04 -15.77 11.74
C GLN Q 74 30.48 -16.14 10.36
N GLU Q 75 29.96 -17.35 10.22
CA GLU Q 75 29.31 -17.72 8.97
C GLU Q 75 27.99 -17.00 8.79
N ILE Q 76 27.30 -16.68 9.88
CA ILE Q 76 26.14 -15.78 9.84
C ILE Q 76 26.57 -14.38 9.38
N VAL Q 77 27.65 -13.88 9.97
CA VAL Q 77 28.14 -12.53 9.63
C VAL Q 77 28.55 -12.47 8.17
N ASP Q 78 29.18 -13.53 7.66
CA ASP Q 78 29.58 -13.56 6.27
C ASP Q 78 28.40 -13.77 5.32
N TYR Q 79 27.37 -14.50 5.77
CA TYR Q 79 26.18 -14.65 4.93
C TYR Q 79 25.40 -13.35 4.82
N ILE Q 80 25.32 -12.58 5.91
CA ILE Q 80 24.75 -11.25 5.83
C ILE Q 80 25.61 -10.33 4.97
N ALA Q 81 26.94 -10.46 5.07
CA ALA Q 81 27.84 -9.68 4.22
C ALA Q 81 27.69 -10.05 2.74
N ASP Q 82 27.27 -11.28 2.46
CA ASP Q 82 26.91 -11.67 1.11
C ASP Q 82 25.55 -11.11 0.70
N LYS Q 83 24.58 -11.13 1.61
CA LYS Q 83 23.21 -10.83 1.23
C LYS Q 83 22.87 -9.34 1.33
N LYS Q 84 23.33 -8.66 2.37
CA LYS Q 84 23.02 -7.24 2.53
C LYS Q 84 23.84 -6.39 1.57
N MET R 1 -37.65 36.75 26.20
CA MET R 1 -37.13 35.95 27.28
C MET R 1 -38.21 35.04 27.86
N ASN R 2 -39.43 35.14 27.32
CA ASN R 2 -40.50 34.27 27.81
C ASN R 2 -40.31 32.85 27.30
N LEU R 3 -40.02 32.69 26.02
CA LEU R 3 -39.64 31.37 25.54
C LEU R 3 -38.29 30.95 26.08
N MET R 4 -37.43 31.90 26.48
CA MET R 4 -36.22 31.53 27.20
C MET R 4 -36.52 31.00 28.59
N ILE R 5 -37.59 31.49 29.23
CA ILE R 5 -38.07 30.93 30.49
C ILE R 5 -38.57 29.50 30.28
N THR R 6 -39.33 29.28 29.20
CA THR R 6 -39.79 27.92 28.90
C THR R 6 -38.63 26.98 28.62
N LEU R 7 -37.66 27.44 27.84
CA LEU R 7 -36.47 26.66 27.53
C LEU R 7 -35.66 26.36 28.79
N LEU R 8 -35.57 27.33 29.70
CA LEU R 8 -34.87 27.14 30.97
C LEU R 8 -35.57 26.12 31.84
N THR R 9 -36.90 26.19 31.93
CA THR R 9 -37.63 25.23 32.75
C THR R 9 -37.54 23.82 32.19
N ASN R 10 -37.67 23.67 30.87
CA ASN R 10 -37.54 22.35 30.26
C ASN R 10 -36.13 21.80 30.43
N PHE R 11 -35.12 22.65 30.25
CA PHE R 11 -33.73 22.22 30.37
C PHE R 11 -33.41 21.82 31.81
N THR R 12 -33.86 22.61 32.79
CA THR R 12 -33.59 22.29 34.19
C THR R 12 -34.34 21.04 34.62
N LEU R 13 -35.59 20.86 34.18
CA LEU R 13 -36.34 19.67 34.58
C LEU R 13 -35.78 18.44 33.90
N ALA R 14 -35.27 18.57 32.67
CA ALA R 14 -34.62 17.44 32.02
C ALA R 14 -33.32 17.06 32.72
N THR R 15 -32.53 18.06 33.15
CA THR R 15 -31.32 17.75 33.90
C THR R 15 -31.64 17.15 35.26
N LEU R 16 -32.75 17.57 35.87
CA LEU R 16 -33.18 16.92 37.12
C LEU R 16 -33.55 15.47 36.88
N LEU R 17 -34.26 15.18 35.78
CA LEU R 17 -34.60 13.80 35.45
C LEU R 17 -33.35 12.94 35.23
N VAL R 18 -32.36 13.48 34.52
CA VAL R 18 -31.16 12.70 34.21
C VAL R 18 -30.31 12.48 35.46
N THR R 19 -30.06 13.55 36.22
CA THR R 19 -29.17 13.41 37.38
C THR R 19 -29.84 12.67 38.53
N ILE R 20 -31.17 12.70 38.63
CA ILE R 20 -31.82 11.86 39.63
C ILE R 20 -31.98 10.44 39.11
N ALA R 21 -31.93 10.23 37.79
CA ALA R 21 -31.79 8.88 37.30
C ALA R 21 -30.37 8.33 37.51
N PHE R 22 -29.39 9.19 37.73
CA PHE R 22 -28.01 8.73 37.87
C PHE R 22 -27.49 8.69 39.31
N TRP R 23 -27.89 9.61 40.19
CA TRP R 23 -27.47 9.49 41.59
C TRP R 23 -28.16 8.35 42.30
N LEU R 24 -29.30 7.88 41.78
CA LEU R 24 -30.14 6.95 42.55
C LEU R 24 -29.61 5.51 42.59
N PRO R 25 -29.31 4.82 41.46
CA PRO R 25 -29.07 3.36 41.59
C PRO R 25 -27.72 2.99 42.19
N GLN R 26 -26.72 3.85 42.07
CA GLN R 26 -25.39 3.52 42.58
C GLN R 26 -25.33 3.60 44.09
N PRO R 50 -13.77 1.78 8.01
CA PRO R 50 -13.56 2.75 6.94
C PRO R 50 -14.84 3.48 6.58
N PHE R 51 -14.99 3.81 5.30
CA PHE R 51 -16.12 4.61 4.84
C PHE R 51 -16.34 4.33 3.36
N SER R 52 -17.49 4.78 2.86
CA SER R 52 -17.83 4.70 1.45
C SER R 52 -18.13 6.09 0.93
N MET R 53 -17.98 6.25 -0.39
CA MET R 53 -18.44 7.48 -1.02
C MET R 53 -19.96 7.53 -1.08
N LYS R 54 -20.61 6.37 -1.11
CA LYS R 54 -22.06 6.32 -1.14
C LYS R 54 -22.70 6.79 0.15
N PHE R 55 -21.97 6.73 1.26
CA PHE R 55 -22.43 7.37 2.50
C PHE R 55 -22.41 8.88 2.38
N PHE R 56 -21.53 9.42 1.54
CA PHE R 56 -21.25 10.84 1.49
C PHE R 56 -22.04 11.57 0.43
N LEU R 57 -22.44 10.88 -0.64
CA LEU R 57 -23.17 11.55 -1.72
C LEU R 57 -24.56 11.95 -1.29
N VAL R 58 -25.20 11.14 -0.45
CA VAL R 58 -26.57 11.42 -0.03
C VAL R 58 -26.61 12.64 0.89
N ALA R 59 -25.56 12.81 1.72
CA ALA R 59 -25.51 13.97 2.61
C ALA R 59 -25.30 15.27 1.83
N ILE R 60 -24.43 15.24 0.81
CA ILE R 60 -24.20 16.46 0.05
C ILE R 60 -25.40 16.75 -0.84
N THR R 61 -26.07 15.71 -1.32
CA THR R 61 -27.29 15.89 -2.09
C THR R 61 -28.38 16.53 -1.22
N PHE R 62 -28.50 16.06 0.03
CA PHE R 62 -29.34 16.71 1.03
C PHE R 62 -28.98 18.17 1.19
N LEU R 63 -27.68 18.46 1.30
CA LEU R 63 -27.23 19.82 1.60
C LEU R 63 -27.59 20.77 0.47
N LEU R 64 -27.35 20.35 -0.77
CA LEU R 64 -27.60 21.24 -1.90
C LEU R 64 -29.09 21.41 -2.17
N PHE R 65 -29.86 20.32 -2.09
CA PHE R 65 -31.30 20.48 -2.22
C PHE R 65 -31.94 21.18 -1.04
N ASP R 66 -31.32 21.14 0.15
CA ASP R 66 -31.83 21.87 1.29
C ASP R 66 -31.57 23.37 1.13
N LEU R 67 -30.43 23.73 0.55
CA LEU R 67 -30.18 25.13 0.23
C LEU R 67 -31.13 25.63 -0.84
N GLU R 68 -31.47 24.77 -1.80
CA GLU R 68 -32.47 25.20 -2.78
C GLU R 68 -33.87 25.29 -2.16
N ILE R 69 -34.16 24.46 -1.14
CA ILE R 69 -35.37 24.65 -0.34
C ILE R 69 -35.36 26.00 0.36
N ALA R 70 -34.19 26.40 0.87
CA ALA R 70 -34.05 27.70 1.51
C ALA R 70 -34.30 28.84 0.53
N LEU R 71 -33.92 28.66 -0.73
CA LEU R 71 -34.30 29.65 -1.74
C LEU R 71 -35.79 29.61 -2.06
N LEU R 72 -36.40 28.44 -2.01
CA LEU R 72 -37.83 28.34 -2.37
C LEU R 72 -38.73 28.94 -1.28
N LEU R 73 -38.50 28.58 -0.02
CA LEU R 73 -39.44 28.78 1.08
C LEU R 73 -39.97 30.19 1.42
N PRO R 74 -39.35 31.31 1.03
CA PRO R 74 -40.08 32.58 1.13
C PRO R 74 -41.11 32.83 0.04
N LEU R 75 -41.46 31.82 -0.76
CA LEU R 75 -42.54 31.94 -1.74
C LEU R 75 -43.90 32.28 -1.13
N PRO R 76 -44.39 31.64 -0.05
CA PRO R 76 -45.68 32.08 0.51
C PRO R 76 -45.64 33.44 1.16
N TRP R 77 -44.47 33.98 1.45
CA TRP R 77 -44.40 35.38 1.86
C TRP R 77 -44.73 36.29 0.70
N ALA R 78 -44.34 35.90 -0.52
CA ALA R 78 -44.22 36.84 -1.62
C ALA R 78 -45.48 36.99 -2.45
N SER R 79 -46.43 36.06 -2.35
CA SER R 79 -47.53 35.92 -3.30
C SER R 79 -48.53 37.08 -3.31
N GLN R 80 -48.32 38.15 -2.55
CA GLN R 80 -49.17 39.33 -2.60
C GLN R 80 -48.35 40.55 -3.04
N THR R 81 -48.22 40.69 -4.36
CA THR R 81 -47.54 41.84 -4.96
C THR R 81 -48.26 42.22 -6.24
N THR R 82 -47.79 43.28 -6.88
CA THR R 82 -48.34 43.73 -8.15
C THR R 82 -47.57 43.19 -9.35
N ASN R 83 -46.75 42.16 -9.15
CA ASN R 83 -46.02 41.50 -10.23
C ASN R 83 -46.19 39.99 -10.03
N LEU R 84 -47.23 39.44 -10.62
CA LEU R 84 -47.64 38.06 -10.37
C LEU R 84 -47.17 37.07 -11.42
N ASN R 85 -47.25 37.46 -12.69
CA ASN R 85 -46.77 36.61 -13.77
C ASN R 85 -45.27 36.36 -13.67
N THR R 86 -44.51 37.39 -13.30
CA THR R 86 -43.07 37.26 -13.14
C THR R 86 -42.72 36.35 -11.97
N MET R 87 -43.50 36.46 -10.88
CA MET R 87 -43.31 35.58 -9.74
C MET R 87 -43.59 34.14 -10.07
N LEU R 88 -44.67 33.89 -10.84
CA LEU R 88 -44.97 32.55 -11.32
C LEU R 88 -43.83 32.02 -12.18
N THR R 89 -43.28 32.86 -13.06
CA THR R 89 -42.25 32.43 -13.99
C THR R 89 -40.96 32.08 -13.26
N MET R 90 -40.52 32.92 -12.33
CA MET R 90 -39.28 32.62 -11.62
C MET R 90 -39.46 31.53 -10.56
N ALA R 91 -40.66 31.36 -10.01
CA ALA R 91 -40.88 30.24 -9.09
C ALA R 91 -40.84 28.93 -9.85
N LEU R 92 -41.47 28.88 -11.03
CA LEU R 92 -41.36 27.71 -11.87
C LEU R 92 -39.94 27.50 -12.36
N LEU R 93 -39.17 28.58 -12.51
CA LEU R 93 -37.76 28.44 -12.89
C LEU R 93 -36.95 27.83 -11.76
N LEU R 94 -37.24 28.19 -10.51
CA LEU R 94 -36.50 27.61 -9.38
C LEU R 94 -36.81 26.13 -9.21
N ILE R 95 -38.10 25.76 -9.25
CA ILE R 95 -38.41 24.33 -9.14
C ILE R 95 -37.95 23.58 -10.38
N PHE R 96 -37.90 24.24 -11.53
CA PHE R 96 -37.46 23.59 -12.75
C PHE R 96 -35.97 23.32 -12.72
N LEU R 97 -35.19 24.27 -12.21
CA LEU R 97 -33.76 24.07 -12.02
C LEU R 97 -33.50 22.97 -11.00
N LEU R 98 -34.28 22.94 -9.92
CA LEU R 98 -34.15 21.88 -8.93
C LEU R 98 -34.47 20.52 -9.53
N ALA R 99 -35.47 20.48 -10.43
CA ALA R 99 -35.82 19.24 -11.12
C ALA R 99 -34.76 18.83 -12.13
N VAL R 100 -34.11 19.79 -12.79
CA VAL R 100 -33.03 19.48 -13.72
C VAL R 100 -31.83 18.89 -12.98
N SER R 101 -31.51 19.45 -11.81
CA SER R 101 -30.44 18.89 -10.98
C SER R 101 -30.76 17.48 -10.51
N LEU R 102 -31.99 17.29 -10.02
CA LEU R 102 -32.49 15.97 -9.63
C LEU R 102 -32.40 14.98 -10.79
N ALA R 103 -32.90 15.34 -11.96
CA ALA R 103 -32.91 14.41 -13.09
C ALA R 103 -31.51 14.17 -13.63
N TYR R 104 -30.61 15.15 -13.47
CA TYR R 104 -29.22 14.94 -13.88
C TYR R 104 -28.53 13.90 -13.02
N GLU R 105 -28.60 14.06 -11.70
CA GLU R 105 -27.99 13.04 -10.84
C GLU R 105 -28.79 11.74 -10.85
N TRP R 106 -30.04 11.78 -11.29
CA TRP R 106 -30.84 10.58 -11.49
C TRP R 106 -30.34 9.78 -12.68
N THR R 107 -30.21 10.43 -13.84
CA THR R 107 -29.79 9.73 -15.04
C THR R 107 -28.32 9.38 -15.05
N GLN R 108 -27.49 10.18 -14.38
CA GLN R 108 -26.04 10.03 -14.53
C GLN R 108 -25.43 9.27 -13.38
N LYS R 109 -26.12 8.19 -12.95
CA LYS R 109 -25.67 7.19 -11.97
C LYS R 109 -25.21 7.80 -10.64
N GLY R 110 -25.85 8.91 -10.26
CA GLY R 110 -25.48 9.57 -9.01
C GLY R 110 -25.96 8.82 -7.78
N LEU R 111 -27.16 8.25 -7.86
CA LEU R 111 -27.70 7.40 -6.78
C LEU R 111 -28.00 6.03 -7.37
N GLU R 112 -26.98 5.17 -7.42
CA GLU R 112 -27.14 3.79 -7.83
C GLU R 112 -26.36 2.90 -6.87
N TRP R 113 -26.58 1.60 -6.99
CA TRP R 113 -25.97 0.64 -6.07
C TRP R 113 -25.47 -0.60 -6.83
N MET S 1 -47.79 32.97 36.78
CA MET S 1 -48.82 32.19 36.11
C MET S 1 -48.27 31.56 34.85
N PHE S 2 -47.22 32.16 34.31
CA PHE S 2 -46.62 31.67 33.07
C PHE S 2 -45.85 30.38 33.31
N MET S 3 -45.15 30.29 34.44
CA MET S 3 -44.50 29.03 34.79
C MET S 3 -45.54 27.96 35.14
N ILE S 4 -46.72 28.38 35.62
CA ILE S 4 -47.81 27.44 35.82
C ILE S 4 -48.32 26.93 34.48
N ASN S 5 -48.34 27.81 33.46
CA ASN S 5 -48.70 27.38 32.10
C ASN S 5 -47.71 26.37 31.55
N VAL S 6 -46.42 26.63 31.76
CA VAL S 6 -45.38 25.73 31.27
C VAL S 6 -45.46 24.38 31.97
N LEU S 7 -45.68 24.38 33.29
CA LEU S 7 -45.79 23.12 34.00
C LEU S 7 -47.10 22.39 33.67
N THR S 8 -48.18 23.10 33.39
CA THR S 8 -49.37 22.41 32.93
C THR S 8 -49.25 21.93 31.49
N LEU S 9 -48.24 22.38 30.75
CA LEU S 9 -47.95 21.69 29.50
C LEU S 9 -47.06 20.47 29.68
N ILE S 10 -46.00 20.59 30.50
CA ILE S 10 -44.96 19.56 30.51
C ILE S 10 -45.06 18.61 31.69
N ILE S 11 -46.11 18.72 32.52
CA ILE S 11 -46.45 17.65 33.45
C ILE S 11 -47.28 16.54 32.76
N PRO S 12 -48.32 16.80 31.96
CA PRO S 12 -49.03 15.66 31.36
C PRO S 12 -48.28 14.95 30.24
N ILE S 13 -47.05 15.33 29.89
CA ILE S 13 -46.36 14.61 28.81
C ILE S 13 -45.92 13.23 29.29
N LEU S 14 -45.55 13.10 30.57
CA LEU S 14 -45.19 11.79 31.10
C LEU S 14 -46.38 10.87 31.17
N LEU S 15 -47.53 11.43 31.61
CA LEU S 15 -48.80 10.70 31.60
C LEU S 15 -49.15 10.25 30.19
N ALA S 16 -49.02 11.15 29.22
CA ALA S 16 -49.36 10.86 27.84
C ALA S 16 -48.46 9.80 27.25
N VAL S 17 -47.16 9.85 27.53
CA VAL S 17 -46.23 8.90 26.93
C VAL S 17 -46.39 7.51 27.56
N ALA S 18 -46.50 7.44 28.89
CA ALA S 18 -46.67 6.14 29.54
C ALA S 18 -48.01 5.50 29.17
N PHE S 19 -49.06 6.30 29.08
CA PHE S 19 -50.33 5.73 28.69
C PHE S 19 -50.36 5.41 27.20
N LEU S 20 -49.53 6.08 26.41
CA LEU S 20 -49.34 5.69 25.02
C LEU S 20 -48.61 4.35 24.92
N THR S 21 -47.69 4.06 25.85
CA THR S 21 -47.05 2.74 25.86
C THR S 21 -48.06 1.64 26.15
N LEU S 22 -48.94 1.85 27.14
CA LEU S 22 -49.95 0.82 27.41
C LEU S 22 -50.94 0.72 26.25
N VAL S 23 -51.27 1.85 25.62
CA VAL S 23 -52.22 1.84 24.51
C VAL S 23 -51.62 1.14 23.30
N GLU S 24 -50.35 1.36 23.00
CA GLU S 24 -49.76 0.64 21.88
C GLU S 24 -49.60 -0.84 22.17
N ARG S 25 -49.33 -1.22 23.43
CA ARG S 25 -49.23 -2.63 23.74
C ARG S 25 -50.60 -3.31 23.67
N LYS S 26 -51.64 -2.65 24.18
CA LYS S 26 -52.98 -3.20 24.10
C LYS S 26 -53.51 -3.26 22.67
N VAL S 27 -53.23 -2.22 21.88
CA VAL S 27 -53.76 -2.19 20.52
C VAL S 27 -53.04 -3.19 19.65
N LEU S 28 -51.72 -3.36 19.82
CA LEU S 28 -51.03 -4.46 19.15
C LEU S 28 -51.52 -5.82 19.64
N GLY S 29 -51.89 -5.91 20.92
CA GLY S 29 -52.45 -7.14 21.43
C GLY S 29 -53.80 -7.48 20.83
N TYR S 30 -54.61 -6.49 20.50
CA TYR S 30 -55.89 -6.77 19.90
C TYR S 30 -55.89 -6.76 18.37
N MET S 31 -54.85 -6.20 17.75
CA MET S 31 -54.62 -6.49 16.33
C MET S 31 -54.17 -7.92 16.18
N GLN S 32 -53.37 -8.38 17.13
CA GLN S 32 -53.05 -9.77 17.37
C GLN S 32 -54.22 -10.38 18.16
N PHE S 33 -54.12 -11.62 18.59
CA PHE S 33 -55.14 -12.18 19.47
C PHE S 33 -54.66 -12.26 20.92
N ARG S 34 -54.42 -11.11 21.52
CA ARG S 34 -53.92 -11.07 22.90
C ARG S 34 -54.72 -10.09 23.73
N LYS S 35 -55.16 -10.53 24.90
CA LYS S 35 -55.56 -9.55 25.89
C LYS S 35 -54.35 -9.17 26.74
N GLY S 36 -54.56 -8.26 27.69
CA GLY S 36 -53.50 -7.88 28.59
C GLY S 36 -52.59 -6.82 28.00
N PRO S 37 -51.83 -6.10 28.85
CA PRO S 37 -51.64 -6.19 30.31
C PRO S 37 -52.83 -5.78 31.17
N ASN S 38 -53.39 -6.77 31.85
CA ASN S 38 -54.52 -6.56 32.73
C ASN S 38 -54.44 -7.37 34.01
N VAL S 39 -53.36 -8.11 34.24
CA VAL S 39 -53.15 -8.72 35.56
C VAL S 39 -52.61 -7.68 36.53
N VAL S 40 -51.82 -6.75 36.03
CA VAL S 40 -51.31 -5.67 36.87
C VAL S 40 -52.43 -4.64 37.00
N GLY S 41 -53.28 -4.81 38.01
CA GLY S 41 -54.40 -3.94 38.26
C GLY S 41 -55.45 -3.96 37.17
N PRO S 42 -56.42 -3.06 37.25
CA PRO S 42 -57.44 -3.00 36.20
C PRO S 42 -56.89 -2.36 34.93
N TYR S 43 -56.65 -3.22 33.94
CA TYR S 43 -56.27 -2.89 32.56
C TYR S 43 -54.88 -2.26 32.44
N GLY S 44 -54.14 -2.10 33.53
CA GLY S 44 -52.74 -1.78 33.45
C GLY S 44 -52.34 -0.36 33.12
N LEU S 45 -52.62 0.58 34.03
CA LEU S 45 -52.06 1.93 34.00
C LEU S 45 -50.89 2.05 34.98
N LEU S 46 -51.05 1.38 36.11
CA LEU S 46 -49.95 1.05 36.99
C LEU S 46 -48.93 0.13 36.34
N GLN S 47 -49.24 -0.52 35.19
CA GLN S 47 -48.21 -1.24 34.45
C GLN S 47 -47.19 -0.31 33.77
N PRO S 48 -47.57 0.76 33.06
CA PRO S 48 -46.55 1.75 32.69
C PRO S 48 -45.94 2.47 33.87
N ILE S 49 -46.70 2.76 34.93
CA ILE S 49 -46.09 3.33 36.14
C ILE S 49 -45.00 2.41 36.68
N ALA S 50 -45.27 1.10 36.69
CA ALA S 50 -44.38 0.13 37.28
C ALA S 50 -43.14 -0.09 36.43
N ASP S 51 -43.29 -0.18 35.10
CA ASP S 51 -42.06 -0.43 34.35
C ASP S 51 -41.22 0.84 34.18
N ALA S 52 -41.85 2.02 34.22
CA ALA S 52 -41.09 3.26 34.23
C ALA S 52 -40.26 3.37 35.50
N ILE S 53 -40.89 3.14 36.67
CA ILE S 53 -40.12 3.22 37.90
C ILE S 53 -39.15 2.05 38.02
N LYS S 54 -39.42 0.92 37.35
CA LYS S 54 -38.45 -0.18 37.34
C LYS S 54 -37.20 0.20 36.57
N LEU S 55 -37.37 0.83 35.40
CA LEU S 55 -36.19 1.21 34.62
C LEU S 55 -35.43 2.33 35.29
N PHE S 56 -36.12 3.16 36.08
CA PHE S 56 -35.40 4.09 36.94
C PHE S 56 -34.61 3.35 38.03
N ILE S 57 -35.21 2.32 38.62
CA ILE S 57 -34.56 1.56 39.69
C ILE S 57 -33.35 0.79 39.17
N LYS S 58 -33.48 0.18 37.99
CA LYS S 58 -32.50 -0.78 37.50
C LYS S 58 -31.16 -0.11 37.21
N GLU S 59 -30.07 -0.80 37.55
CA GLU S 59 -28.74 -0.22 37.61
C GLU S 59 -28.28 0.19 36.21
N PRO S 60 -27.69 1.38 36.05
CA PRO S 60 -27.41 1.91 34.71
C PRO S 60 -26.29 1.16 34.01
N LEU S 61 -26.11 1.53 32.75
CA LEU S 61 -25.01 0.99 31.95
C LEU S 61 -23.70 1.55 32.45
N ARG S 62 -22.75 0.67 32.67
CA ARG S 62 -21.45 1.14 33.14
C ARG S 62 -20.66 1.74 31.98
N PRO S 63 -19.98 2.86 32.20
CA PRO S 63 -19.11 3.41 31.16
C PRO S 63 -17.76 2.70 31.12
N ALA S 64 -17.21 2.40 29.92
CA ALA S 64 -17.69 2.41 28.51
C ALA S 64 -18.29 3.68 27.90
N THR S 65 -17.59 4.79 28.00
CA THR S 65 -17.94 6.02 27.31
C THR S 65 -16.69 6.65 26.70
N SER S 66 -16.93 7.73 25.97
CA SER S 66 -15.90 8.60 25.43
C SER S 66 -16.50 9.99 25.56
N SER S 67 -15.85 10.85 26.37
CA SER S 67 -16.37 12.16 26.78
C SER S 67 -17.72 12.00 27.45
N ILE S 68 -17.69 11.58 28.72
CA ILE S 68 -18.83 11.44 29.62
C ILE S 68 -19.81 12.60 29.50
N SER S 69 -19.29 13.83 29.45
CA SER S 69 -20.09 15.03 29.26
C SER S 69 -20.87 15.00 27.95
N MET S 70 -20.22 14.59 26.86
CA MET S 70 -20.90 14.46 25.56
C MET S 70 -21.96 13.36 25.60
N PHE S 71 -21.63 12.26 26.27
CA PHE S 71 -22.56 11.13 26.40
C PHE S 71 -23.81 11.50 27.18
N ILE S 72 -23.68 12.37 28.17
CA ILE S 72 -24.88 12.86 28.85
C ILE S 72 -25.50 13.99 28.05
N LEU S 73 -24.71 14.68 27.22
CA LEU S 73 -25.17 15.87 26.52
C LEU S 73 -26.08 15.53 25.35
N ALA S 74 -26.01 14.32 24.80
CA ALA S 74 -26.93 13.98 23.73
C ALA S 74 -28.38 13.73 24.20
N PRO S 75 -28.67 12.85 25.18
CA PRO S 75 -30.08 12.61 25.52
C PRO S 75 -30.73 13.77 26.24
N ILE S 76 -29.94 14.61 26.92
CA ILE S 76 -30.50 15.82 27.50
C ILE S 76 -31.00 16.74 26.40
N LEU S 77 -30.32 16.75 25.24
CA LEU S 77 -30.78 17.54 24.12
C LEU S 77 -32.04 16.94 23.51
N ALA S 78 -32.09 15.61 23.40
CA ALA S 78 -33.28 14.96 22.85
C ALA S 78 -34.52 15.25 23.70
N LEU S 79 -34.41 15.13 25.02
CA LEU S 79 -35.58 15.35 25.84
C LEU S 79 -35.94 16.83 25.95
N THR S 80 -34.96 17.74 25.89
CA THR S 80 -35.37 19.14 25.93
C THR S 80 -35.96 19.59 24.61
N LEU S 81 -35.67 18.91 23.48
CA LEU S 81 -36.43 19.15 22.26
C LEU S 81 -37.87 18.69 22.42
N ALA S 82 -38.03 17.46 22.96
CA ALA S 82 -39.35 16.90 23.16
C ALA S 82 -40.20 17.73 24.11
N LEU S 83 -39.56 18.46 25.03
CA LEU S 83 -40.30 19.38 25.87
C LEU S 83 -40.58 20.70 25.16
N THR S 84 -39.56 21.30 24.52
CA THR S 84 -39.69 22.61 23.90
C THR S 84 -40.35 22.59 22.54
N MET S 85 -41.00 21.50 22.15
CA MET S 85 -41.66 21.46 20.86
C MET S 85 -43.18 21.44 20.92
N TRP S 86 -43.76 21.68 22.09
CA TRP S 86 -45.20 21.89 22.16
C TRP S 86 -45.56 23.32 22.52
N ILE S 87 -44.64 24.26 22.30
CA ILE S 87 -44.91 25.63 22.69
C ILE S 87 -45.85 26.33 21.68
N PRO S 88 -45.61 26.38 20.36
CA PRO S 88 -46.53 27.13 19.52
C PRO S 88 -47.70 26.32 18.95
N LEU S 89 -47.96 25.11 19.42
CA LEU S 89 -49.01 24.29 18.83
C LEU S 89 -50.37 24.74 19.31
N PRO S 90 -51.25 25.23 18.43
CA PRO S 90 -52.56 25.68 18.91
C PRO S 90 -53.58 24.59 19.11
N MET S 91 -53.72 24.17 20.35
CA MET S 91 -55.11 23.87 20.62
C MET S 91 -55.70 25.09 21.31
N PRO S 92 -56.99 25.41 21.14
CA PRO S 92 -57.39 26.75 20.62
C PRO S 92 -56.47 27.93 20.89
N TYR S 93 -55.98 28.08 22.11
CA TYR S 93 -55.02 29.13 22.40
C TYR S 93 -53.65 28.49 22.65
N PRO S 94 -52.67 28.72 21.79
CA PRO S 94 -51.34 28.16 22.03
C PRO S 94 -50.61 28.92 23.13
N LEU S 95 -49.47 28.36 23.53
CA LEU S 95 -48.70 28.96 24.62
C LEU S 95 -48.02 30.24 24.16
N ILE S 96 -47.43 30.23 22.97
CA ILE S 96 -46.80 31.41 22.39
C ILE S 96 -47.30 31.58 20.97
N ASN S 97 -48.03 32.67 20.73
CA ASN S 97 -48.38 33.09 19.37
C ASN S 97 -47.13 33.66 18.72
N MET S 98 -46.74 33.10 17.58
CA MET S 98 -45.52 33.49 16.90
C MET S 98 -45.84 34.10 15.54
N ASN S 99 -44.85 34.78 14.98
CA ASN S 99 -44.94 35.17 13.58
C ASN S 99 -44.79 33.95 12.68
N LEU S 100 -44.00 32.97 13.11
CA LEU S 100 -43.78 31.77 12.30
C LEU S 100 -43.42 30.60 13.20
N GLY S 101 -44.05 29.46 12.97
CA GLY S 101 -43.82 28.31 13.82
C GLY S 101 -43.38 27.06 13.10
N VAL S 102 -43.72 26.96 11.82
CA VAL S 102 -43.49 25.73 11.08
C VAL S 102 -42.01 25.57 10.74
N LEU S 103 -41.30 26.67 10.54
CA LEU S 103 -39.87 26.60 10.34
C LEU S 103 -39.17 26.23 11.64
N PHE S 104 -39.77 26.61 12.76
CA PHE S 104 -39.29 26.18 14.07
C PHE S 104 -39.50 24.67 14.26
N MET S 105 -40.62 24.14 13.73
CA MET S 105 -40.87 22.70 13.73
C MET S 105 -39.77 21.95 12.98
N LEU S 106 -39.47 22.40 11.75
CA LEU S 106 -38.48 21.70 10.94
C LEU S 106 -37.08 21.83 11.54
N ALA S 107 -36.77 22.99 12.13
CA ALA S 107 -35.48 23.20 12.77
C ALA S 107 -35.29 22.28 13.97
N MET S 108 -36.34 22.09 14.77
CA MET S 108 -36.20 21.19 15.91
C MET S 108 -36.17 19.72 15.47
N SER S 109 -36.78 19.40 14.32
CA SER S 109 -36.58 18.07 13.75
C SER S 109 -35.12 17.84 13.38
N SER S 110 -34.47 18.87 12.83
CA SER S 110 -33.04 18.75 12.53
C SER S 110 -32.20 18.65 13.80
N LEU S 111 -32.65 19.28 14.88
CA LEU S 111 -31.96 19.07 16.14
C LEU S 111 -32.14 17.65 16.67
N ALA S 112 -33.27 17.01 16.34
CA ALA S 112 -33.40 15.58 16.66
C ALA S 112 -32.41 14.74 15.85
N VAL S 113 -32.13 15.15 14.61
CA VAL S 113 -31.08 14.51 13.83
C VAL S 113 -29.72 14.65 14.53
N TYR S 114 -29.46 15.83 15.12
CA TYR S 114 -28.28 16.02 15.96
C TYR S 114 -28.22 15.05 17.13
N SER S 115 -29.36 14.84 17.79
CA SER S 115 -29.40 13.90 18.91
C SER S 115 -29.00 12.51 18.49
N ILE S 116 -29.55 12.04 17.35
CA ILE S 116 -29.23 10.71 16.84
C ILE S 116 -27.75 10.58 16.52
N LEU S 117 -27.20 11.61 15.86
CA LEU S 117 -25.81 11.55 15.42
C LEU S 117 -24.85 11.61 16.61
N TRP S 118 -25.17 12.42 17.62
CA TRP S 118 -24.29 12.53 18.77
C TRP S 118 -24.30 11.27 19.61
N SER S 119 -25.48 10.66 19.80
CA SER S 119 -25.52 9.38 20.49
C SER S 119 -24.80 8.30 19.71
N GLY S 120 -24.88 8.35 18.37
CA GLY S 120 -24.19 7.37 17.56
C GLY S 120 -22.68 7.47 17.63
N TRP S 121 -22.16 8.70 17.62
CA TRP S 121 -20.71 8.84 17.75
C TRP S 121 -20.23 8.51 19.15
N ALA S 122 -20.90 9.03 20.17
CA ALA S 122 -20.42 8.84 21.52
C ALA S 122 -20.75 7.47 22.09
N SER S 123 -21.51 6.64 21.38
CA SER S 123 -21.92 5.35 21.89
C SER S 123 -20.79 4.36 22.14
N ASN S 124 -20.16 3.89 21.06
CA ASN S 124 -19.50 2.60 21.16
C ASN S 124 -18.57 2.38 19.97
N SER S 125 -18.16 1.13 19.75
CA SER S 125 -17.34 0.71 18.62
C SER S 125 -18.04 0.84 17.27
N LYS S 126 -17.34 0.42 16.21
CA LYS S 126 -17.60 0.94 14.86
C LYS S 126 -18.92 0.45 14.27
N TYR S 127 -19.41 -0.72 14.68
CA TYR S 127 -20.59 -1.28 14.00
C TYR S 127 -21.86 -0.51 14.36
N ALA S 128 -22.01 -0.16 15.64
CA ALA S 128 -23.12 0.71 16.03
C ALA S 128 -22.98 2.09 15.42
N LEU S 129 -21.75 2.54 15.18
CA LEU S 129 -21.52 3.81 14.49
C LEU S 129 -22.03 3.75 13.06
N ILE S 130 -21.78 2.63 12.36
CA ILE S 130 -22.29 2.47 10.99
C ILE S 130 -23.81 2.39 10.99
N GLY S 131 -24.39 1.68 11.96
CA GLY S 131 -25.84 1.59 12.05
C GLY S 131 -26.51 2.92 12.31
N ALA S 132 -25.99 3.68 13.28
CA ALA S 132 -26.50 5.02 13.54
C ALA S 132 -26.21 5.98 12.40
N LEU S 133 -25.17 5.72 11.61
CA LEU S 133 -24.88 6.57 10.47
C LEU S 133 -25.93 6.38 9.38
N ARG S 134 -26.30 5.12 9.13
CA ARG S 134 -27.40 4.85 8.21
C ARG S 134 -28.71 5.40 8.75
N ALA S 135 -28.89 5.39 10.06
CA ALA S 135 -30.09 5.96 10.66
C ALA S 135 -30.16 7.47 10.46
N VAL S 136 -29.04 8.16 10.61
CA VAL S 136 -28.98 9.60 10.36
C VAL S 136 -29.25 9.91 8.89
N ALA S 137 -28.74 9.06 8.00
CA ALA S 137 -29.01 9.23 6.56
C ALA S 137 -30.49 9.08 6.24
N GLN S 138 -31.12 8.01 6.74
CA GLN S 138 -32.53 7.79 6.45
C GLN S 138 -33.44 8.72 7.23
N THR S 139 -32.93 9.43 8.23
CA THR S 139 -33.71 10.49 8.87
C THR S 139 -33.59 11.80 8.11
N ILE S 140 -32.37 12.13 7.67
CA ILE S 140 -32.10 13.40 7.02
C ILE S 140 -32.64 13.43 5.60
N SER S 141 -32.90 12.26 4.99
CA SER S 141 -33.37 12.27 3.62
C SER S 141 -34.82 12.70 3.48
N TYR S 142 -35.55 12.83 4.58
CA TYR S 142 -36.97 13.17 4.53
C TYR S 142 -37.28 14.60 4.92
N GLU S 143 -36.34 15.33 5.51
CA GLU S 143 -36.62 16.72 5.86
C GLU S 143 -36.63 17.62 4.64
N VAL S 144 -36.07 17.16 3.52
CA VAL S 144 -36.40 17.76 2.23
C VAL S 144 -37.89 17.64 1.96
N THR S 145 -38.41 16.42 2.06
CA THR S 145 -39.78 16.11 1.63
C THR S 145 -40.82 16.76 2.51
N LEU S 146 -40.64 16.66 3.83
CA LEU S 146 -41.66 17.15 4.76
C LEU S 146 -41.72 18.66 4.75
N ALA S 147 -40.57 19.33 4.64
CA ALA S 147 -40.56 20.79 4.56
C ALA S 147 -41.16 21.28 3.25
N ILE S 148 -40.84 20.58 2.14
CA ILE S 148 -41.44 20.90 0.84
C ILE S 148 -42.96 20.77 0.88
N ILE S 149 -43.46 19.69 1.47
CA ILE S 149 -44.89 19.44 1.47
C ILE S 149 -45.61 20.40 2.41
N LEU S 150 -45.02 20.65 3.58
CA LEU S 150 -45.59 21.62 4.51
C LEU S 150 -45.64 23.01 3.92
N LEU S 151 -44.61 23.39 3.13
CA LEU S 151 -44.63 24.66 2.44
C LEU S 151 -45.76 24.72 1.42
N SER S 152 -45.94 23.64 0.64
CA SER S 152 -47.01 23.64 -0.35
C SER S 152 -48.40 23.58 0.25
N VAL S 153 -48.57 23.06 1.46
CA VAL S 153 -49.91 23.10 2.06
C VAL S 153 -50.18 24.40 2.80
N LEU S 154 -49.16 25.10 3.30
CA LEU S 154 -49.42 26.42 3.83
C LEU S 154 -49.55 27.47 2.75
N LEU S 155 -49.09 27.17 1.53
CA LEU S 155 -49.17 28.14 0.44
C LEU S 155 -50.62 28.45 0.06
N MET S 156 -51.54 27.52 0.33
CA MET S 156 -52.97 27.81 0.24
C MET S 156 -53.43 28.82 1.28
N ASN S 157 -52.65 29.04 2.34
CA ASN S 157 -53.04 29.92 3.42
C ASN S 157 -52.09 31.08 3.65
N GLY S 158 -50.92 31.07 3.03
CA GLY S 158 -50.13 32.28 2.86
C GLY S 158 -49.33 32.76 4.06
N SER S 159 -49.82 32.50 5.26
CA SER S 159 -49.21 33.05 6.47
C SER S 159 -48.72 31.90 7.35
N PHE S 160 -47.85 32.25 8.30
CA PHE S 160 -47.19 31.25 9.13
C PHE S 160 -47.72 31.24 10.56
N THR S 161 -48.74 32.04 10.86
CA THR S 161 -49.13 32.28 12.23
C THR S 161 -49.81 31.08 12.88
N LEU S 162 -50.43 30.23 12.06
CA LEU S 162 -51.08 28.94 12.36
C LEU S 162 -52.41 29.11 13.07
N SER S 163 -52.66 30.30 13.60
CA SER S 163 -54.02 30.69 13.96
C SER S 163 -54.77 31.13 12.71
N THR S 164 -54.06 31.64 11.70
CA THR S 164 -54.68 31.77 10.39
C THR S 164 -54.99 30.41 9.79
N LEU S 165 -54.23 29.37 10.15
CA LEU S 165 -54.59 28.03 9.70
C LEU S 165 -55.87 27.55 10.38
N ILE S 166 -55.98 27.76 11.70
CA ILE S 166 -57.21 27.34 12.38
C ILE S 166 -58.40 28.22 11.98
N ILE S 167 -58.16 29.41 11.43
CA ILE S 167 -59.24 30.15 10.79
C ILE S 167 -59.61 29.53 9.45
N THR S 168 -58.62 29.33 8.57
CA THR S 168 -58.88 28.86 7.21
C THR S 168 -59.35 27.42 7.13
N GLN S 169 -59.28 26.65 8.20
CA GLN S 169 -59.89 25.33 8.17
C GLN S 169 -61.37 25.33 8.47
N GLU S 170 -62.03 26.50 8.51
CA GLU S 170 -63.39 26.52 9.02
C GLU S 170 -64.40 25.94 8.05
N GLN S 171 -64.16 26.07 6.74
CA GLN S 171 -65.20 25.73 5.79
C GLN S 171 -65.10 24.28 5.36
N VAL S 172 -63.97 23.89 4.78
CA VAL S 172 -63.72 22.50 4.45
C VAL S 172 -62.44 22.07 5.14
N TRP S 173 -62.27 20.77 5.24
CA TRP S 173 -61.00 20.24 5.70
C TRP S 173 -59.96 20.45 4.60
N LEU S 174 -58.70 20.55 5.01
CA LEU S 174 -57.65 20.78 4.04
C LEU S 174 -57.20 19.47 3.39
N ILE S 175 -57.76 18.34 3.81
CA ILE S 175 -57.52 17.08 3.13
C ILE S 175 -58.16 17.06 1.74
N PHE S 176 -59.24 17.83 1.54
CA PHE S 176 -59.92 17.81 0.24
C PHE S 176 -59.17 18.57 -0.85
N PRO S 177 -58.64 19.80 -0.65
CA PRO S 177 -57.87 20.40 -1.73
C PRO S 177 -56.47 19.85 -1.88
N ALA S 178 -55.96 19.12 -0.89
CA ALA S 178 -54.68 18.41 -1.06
C ALA S 178 -54.77 17.09 -0.31
N TRP S 179 -55.27 16.07 -0.99
CA TRP S 179 -55.14 14.71 -0.47
C TRP S 179 -53.79 14.03 -0.76
N PRO S 180 -53.16 14.08 -2.00
CA PRO S 180 -51.94 13.27 -2.16
C PRO S 180 -50.75 13.88 -1.45
N LEU S 181 -50.78 15.21 -1.34
CA LEU S 181 -49.73 15.94 -0.65
C LEU S 181 -49.78 15.64 0.84
N ALA S 182 -50.99 15.58 1.41
CA ALA S 182 -51.15 15.22 2.81
C ALA S 182 -50.79 13.76 3.07
N MET S 183 -51.09 12.87 2.10
CA MET S 183 -50.74 11.46 2.25
C MET S 183 -49.23 11.25 2.29
N MET S 184 -48.52 11.89 1.37
CA MET S 184 -47.06 11.86 1.37
C MET S 184 -46.48 12.52 2.61
N TRP S 185 -47.15 13.55 3.13
CA TRP S 185 -46.73 14.16 4.39
C TRP S 185 -46.85 13.19 5.55
N PHE S 186 -47.92 12.40 5.55
CA PHE S 186 -48.12 11.44 6.62
C PHE S 186 -47.08 10.33 6.56
N ILE S 187 -46.70 9.91 5.35
CA ILE S 187 -45.60 8.95 5.20
C ILE S 187 -44.29 9.56 5.70
N SER S 188 -44.10 10.86 5.47
CA SER S 188 -42.91 11.52 5.99
C SER S 188 -42.93 11.63 7.51
N THR S 189 -44.11 11.71 8.13
CA THR S 189 -44.18 11.67 9.58
C THR S 189 -43.83 10.29 10.11
N LEU S 190 -44.25 9.23 9.41
CA LEU S 190 -43.77 7.88 9.74
C LEU S 190 -42.26 7.77 9.61
N ALA S 191 -41.67 8.52 8.67
CA ALA S 191 -40.22 8.51 8.54
C ALA S 191 -39.54 9.25 9.67
N GLU S 192 -40.07 10.41 10.06
CA GLU S 192 -39.44 11.22 11.10
C GLU S 192 -39.56 10.58 12.48
N THR S 193 -40.65 9.87 12.75
CA THR S 193 -40.76 9.18 14.03
C THR S 193 -39.93 7.90 14.10
N ASN S 194 -39.43 7.43 12.95
CA ASN S 194 -38.45 6.34 12.84
C ASN S 194 -39.00 5.03 13.41
N ARG S 195 -40.13 4.60 12.86
CA ARG S 195 -40.79 3.38 13.29
C ARG S 195 -40.94 2.44 12.11
N ALA S 196 -41.56 1.29 12.38
CA ALA S 196 -41.96 0.39 11.31
C ALA S 196 -42.99 1.09 10.42
N PRO S 197 -42.96 0.88 9.09
CA PRO S 197 -42.17 -0.06 8.30
C PRO S 197 -40.75 0.37 7.93
N PHE S 198 -40.10 1.24 8.70
CA PHE S 198 -38.77 1.71 8.38
C PHE S 198 -37.81 1.19 9.45
N ASP S 199 -36.65 0.71 9.02
CA ASP S 199 -35.77 -0.03 9.93
C ASP S 199 -34.89 0.89 10.76
N LEU S 200 -34.49 0.39 11.92
CA LEU S 200 -33.39 0.95 12.69
C LEU S 200 -32.48 -0.15 13.22
N THR S 201 -32.61 -1.36 12.68
CA THR S 201 -31.79 -2.49 13.10
C THR S 201 -30.94 -3.00 11.94
N ALA S 217 -27.22 1.85 23.56
CA ALA S 217 -27.74 3.20 23.76
C ALA S 217 -27.54 3.65 25.20
N GLY S 218 -28.56 4.28 25.78
CA GLY S 218 -28.53 4.67 27.16
C GLY S 218 -28.55 6.18 27.35
N PRO S 219 -29.47 6.68 28.20
CA PRO S 219 -30.57 5.98 28.84
C PRO S 219 -31.75 5.69 27.92
N PHE S 220 -32.12 4.40 27.95
CA PHE S 220 -33.14 3.89 27.03
C PHE S 220 -34.48 4.55 27.29
N ALA S 221 -34.78 4.86 28.56
CA ALA S 221 -36.02 5.55 28.89
C ALA S 221 -36.06 6.96 28.31
N LEU S 222 -34.92 7.63 28.25
CA LEU S 222 -34.93 9.00 27.73
C LEU S 222 -35.04 9.02 26.21
N PHE S 223 -34.34 8.10 25.54
CA PHE S 223 -34.49 7.98 24.09
C PHE S 223 -35.91 7.53 23.73
N PHE S 224 -36.48 6.65 24.55
CA PHE S 224 -37.85 6.19 24.44
C PHE S 224 -38.85 7.33 24.59
N MET S 225 -38.59 8.19 25.57
CA MET S 225 -39.41 9.37 25.83
C MET S 225 -39.38 10.33 24.66
N ALA S 226 -38.19 10.56 24.09
CA ALA S 226 -38.04 11.44 22.95
C ALA S 226 -38.78 10.90 21.72
N GLU S 227 -38.71 9.57 21.52
CA GLU S 227 -39.47 8.91 20.46
C GLU S 227 -40.96 9.17 20.57
N TYR S 228 -41.53 8.88 21.75
CA TYR S 228 -43.00 8.93 21.79
C TYR S 228 -43.51 10.35 21.87
N ALA S 229 -42.76 11.28 22.47
CA ALA S 229 -43.16 12.67 22.42
C ALA S 229 -43.04 13.24 21.01
N ASN S 230 -42.08 12.74 20.23
CA ASN S 230 -42.01 13.09 18.81
C ASN S 230 -43.24 12.60 18.06
N ILE S 231 -43.72 11.40 18.39
CA ILE S 231 -44.90 10.84 17.73
C ILE S 231 -46.14 11.67 18.06
N ILE S 232 -46.34 11.99 19.34
CA ILE S 232 -47.52 12.76 19.74
C ILE S 232 -47.43 14.18 19.20
N MET S 233 -46.22 14.70 19.08
CA MET S 233 -45.98 16.01 18.47
C MET S 233 -46.43 16.03 17.01
N MET S 234 -45.98 15.04 16.24
CA MET S 234 -46.37 14.96 14.84
C MET S 234 -47.85 14.70 14.67
N ASN S 235 -48.48 13.97 15.60
CA ASN S 235 -49.90 13.72 15.50
C ASN S 235 -50.71 14.98 15.78
N ILE S 236 -50.32 15.75 16.81
CA ILE S 236 -50.98 17.01 17.11
C ILE S 236 -50.80 18.01 15.99
N PHE S 237 -49.60 18.05 15.40
CA PHE S 237 -49.36 18.96 14.29
C PHE S 237 -50.12 18.54 13.04
N THR S 238 -50.32 17.23 12.86
CA THR S 238 -51.14 16.73 11.77
C THR S 238 -52.59 17.16 11.96
N THR S 239 -53.10 16.98 13.18
CA THR S 239 -54.51 17.25 13.47
C THR S 239 -54.81 18.74 13.37
N THR S 240 -53.85 19.59 13.72
CA THR S 240 -54.01 21.01 13.45
C THR S 240 -53.91 21.30 11.96
N LEU S 241 -53.04 20.56 11.26
CA LEU S 241 -52.60 21.00 9.95
C LEU S 241 -53.58 20.67 8.84
N PHE S 242 -54.25 19.52 8.90
CA PHE S 242 -54.95 19.01 7.74
C PHE S 242 -56.45 18.79 7.95
N LEU S 243 -56.93 18.82 9.18
CA LEU S 243 -58.32 18.50 9.47
C LEU S 243 -58.70 19.20 10.76
N GLY S 244 -59.84 18.82 11.33
CA GLY S 244 -60.35 19.50 12.49
C GLY S 244 -61.66 20.20 12.19
N ALA S 245 -62.02 21.20 12.99
CA ALA S 245 -63.29 21.88 12.80
C ALA S 245 -63.14 23.31 13.30
N PHE S 246 -64.27 23.97 13.51
CA PHE S 246 -64.31 25.37 13.88
C PHE S 246 -63.99 25.54 15.36
N HIS S 247 -63.91 26.80 15.77
CA HIS S 247 -63.73 27.17 17.17
C HIS S 247 -64.53 28.45 17.42
N ASN S 248 -65.71 28.28 17.99
CA ASN S 248 -66.43 29.43 18.53
C ASN S 248 -65.74 29.85 19.82
N PRO S 249 -65.38 31.13 19.97
CA PRO S 249 -64.78 31.59 21.23
C PRO S 249 -65.72 31.53 22.43
N TYR S 250 -65.14 31.87 23.60
CA TYR S 250 -65.71 31.68 24.96
C TYR S 250 -66.33 30.29 25.17
N MET S 251 -65.78 29.27 24.50
CA MET S 251 -66.05 27.86 24.72
C MET S 251 -64.93 27.03 24.09
N PRO S 252 -63.76 26.91 24.71
CA PRO S 252 -62.67 26.17 24.09
C PRO S 252 -62.75 24.67 24.30
N GLU S 253 -63.61 24.21 25.21
CA GLU S 253 -63.75 22.77 25.46
C GLU S 253 -64.25 22.03 24.23
N LEU S 254 -65.06 22.69 23.40
CA LEU S 254 -65.62 22.05 22.21
C LEU S 254 -64.53 21.71 21.19
N TYR S 255 -63.72 22.70 20.83
CA TYR S 255 -62.62 22.44 19.92
C TYR S 255 -61.58 21.53 20.54
N THR S 256 -61.35 21.62 21.85
CA THR S 256 -60.34 20.76 22.46
C THR S 256 -60.80 19.30 22.46
N ILE S 257 -62.10 19.06 22.67
CA ILE S 257 -62.66 17.71 22.56
C ILE S 257 -62.51 17.16 21.15
N ASN S 258 -62.91 17.96 20.15
CA ASN S 258 -62.87 17.46 18.78
C ASN S 258 -61.44 17.26 18.31
N PHE S 259 -60.53 18.13 18.75
CA PHE S 259 -59.11 18.00 18.46
C PHE S 259 -58.51 16.75 19.09
N THR S 260 -58.83 16.48 20.36
CA THR S 260 -58.32 15.31 21.04
C THR S 260 -58.85 14.03 20.40
N ILE S 261 -60.13 14.00 20.04
CA ILE S 261 -60.71 12.81 19.44
C ILE S 261 -60.09 12.53 18.07
N LYS S 262 -59.90 13.57 17.25
CA LYS S 262 -59.30 13.35 15.94
C LYS S 262 -57.82 12.97 16.05
N SER S 263 -57.09 13.58 16.99
CA SER S 263 -55.68 13.22 17.16
C SER S 263 -55.52 11.81 17.71
N LEU S 264 -56.43 11.38 18.58
CA LEU S 264 -56.38 10.02 19.09
C LEU S 264 -56.69 9.00 18.01
N LEU S 265 -57.70 9.27 17.17
CA LEU S 265 -58.01 8.38 16.06
C LEU S 265 -56.85 8.30 15.08
N LEU S 266 -56.17 9.42 14.86
CA LEU S 266 -55.03 9.40 13.95
C LEU S 266 -53.83 8.69 14.54
N SER S 267 -53.61 8.77 15.85
CA SER S 267 -52.48 8.06 16.44
C SER S 267 -52.74 6.56 16.50
N ILE S 268 -54.01 6.17 16.73
CA ILE S 268 -54.39 4.77 16.64
C ILE S 268 -54.21 4.26 15.22
N THR S 269 -54.56 5.09 14.22
CA THR S 269 -54.33 4.73 12.83
C THR S 269 -52.84 4.62 12.53
N PHE S 270 -52.02 5.45 13.18
CA PHE S 270 -50.58 5.43 13.01
C PHE S 270 -49.97 4.11 13.48
N LEU S 271 -50.27 3.74 14.72
CA LEU S 271 -49.81 2.46 15.26
C LEU S 271 -50.46 1.29 14.51
N TRP S 272 -51.66 1.51 13.99
CA TRP S 272 -52.39 0.50 13.24
C TRP S 272 -51.73 0.23 11.89
N ILE S 273 -51.16 1.25 11.26
CA ILE S 273 -50.38 1.07 10.04
C ILE S 273 -49.05 0.42 10.37
N ARG S 274 -48.47 0.76 11.53
CA ARG S 274 -47.25 0.10 11.99
C ARG S 274 -47.45 -1.41 12.19
N ALA S 275 -48.64 -1.81 12.64
CA ALA S 275 -48.88 -3.16 13.15
C ALA S 275 -48.70 -4.28 12.13
N SER S 276 -48.77 -3.99 10.83
CA SER S 276 -48.95 -5.08 9.89
C SER S 276 -48.10 -4.95 8.63
N TYR S 277 -46.92 -4.33 8.71
CA TYR S 277 -46.09 -4.25 7.51
C TYR S 277 -44.61 -4.52 7.79
N PRO S 278 -43.96 -5.28 6.94
CA PRO S 278 -42.54 -5.59 7.14
C PRO S 278 -41.65 -4.41 6.81
N ARG S 279 -40.44 -4.47 7.33
CA ARG S 279 -39.51 -3.36 7.19
C ARG S 279 -38.87 -3.35 5.81
N PHE S 280 -38.54 -2.16 5.35
CA PHE S 280 -38.12 -2.03 3.96
C PHE S 280 -36.64 -2.32 3.84
N ARG S 281 -36.21 -2.67 2.64
CA ARG S 281 -34.79 -2.69 2.36
C ARG S 281 -34.28 -1.26 2.27
N TYR S 282 -33.03 -1.06 2.70
CA TYR S 282 -32.49 0.28 2.85
C TYR S 282 -32.31 0.98 1.51
N ASP S 283 -31.71 0.29 0.55
CA ASP S 283 -31.54 0.89 -0.77
C ASP S 283 -32.89 1.04 -1.47
N GLN S 284 -33.83 0.14 -1.18
CA GLN S 284 -35.20 0.36 -1.60
C GLN S 284 -35.80 1.60 -0.95
N LEU S 285 -35.41 1.90 0.29
CA LEU S 285 -35.96 3.07 0.98
C LEU S 285 -35.47 4.36 0.34
N MET S 286 -34.15 4.47 0.12
CA MET S 286 -33.59 5.66 -0.53
C MET S 286 -34.07 5.79 -1.97
N HIS S 287 -34.00 4.69 -2.74
CA HIS S 287 -34.50 4.63 -4.11
C HIS S 287 -35.94 5.10 -4.21
N LEU S 288 -36.79 4.56 -3.33
CA LEU S 288 -38.21 4.87 -3.34
C LEU S 288 -38.45 6.34 -3.00
N LEU S 289 -37.77 6.84 -1.95
CA LEU S 289 -37.92 8.24 -1.55
C LEU S 289 -37.51 9.19 -2.68
N TRP S 290 -36.27 9.10 -3.15
CA TRP S 290 -35.80 10.02 -4.19
C TRP S 290 -36.61 9.89 -5.46
N LYS S 291 -36.53 8.72 -6.10
CA LYS S 291 -37.13 8.55 -7.42
C LYS S 291 -38.65 8.45 -7.41
N ASN S 292 -39.33 8.53 -6.26
CA ASN S 292 -40.78 8.58 -6.41
C ASN S 292 -41.42 9.73 -5.66
N PHE S 293 -40.95 10.04 -4.45
CA PHE S 293 -41.53 11.18 -3.78
C PHE S 293 -40.95 12.49 -4.28
N LEU S 294 -39.69 12.52 -4.74
CA LEU S 294 -39.16 13.84 -5.01
C LEU S 294 -39.67 14.48 -6.31
N PRO S 295 -39.81 13.77 -7.46
CA PRO S 295 -40.49 14.42 -8.58
C PRO S 295 -41.97 14.70 -8.31
N LEU S 296 -42.61 13.88 -7.48
CA LEU S 296 -44.03 14.08 -7.23
C LEU S 296 -44.26 15.28 -6.32
N THR S 297 -43.37 15.49 -5.34
CA THR S 297 -43.43 16.70 -4.52
C THR S 297 -43.20 17.95 -5.36
N LEU S 298 -42.28 17.88 -6.32
CA LEU S 298 -42.03 19.03 -7.18
C LEU S 298 -43.23 19.31 -8.07
N ALA S 299 -43.88 18.26 -8.54
CA ALA S 299 -45.08 18.41 -9.35
C ALA S 299 -46.20 19.07 -8.55
N LEU S 300 -46.40 18.62 -7.30
CA LEU S 300 -47.43 19.21 -6.47
C LEU S 300 -47.08 20.64 -6.05
N CYS S 301 -45.79 20.94 -5.87
CA CYS S 301 -45.40 22.30 -5.54
C CYS S 301 -45.64 23.25 -6.70
N MET S 302 -45.26 22.85 -7.92
CA MET S 302 -45.45 23.77 -9.04
C MET S 302 -46.93 23.92 -9.38
N TRP S 303 -47.73 22.88 -9.13
CA TRP S 303 -49.15 23.07 -9.37
C TRP S 303 -49.82 23.88 -8.28
N HIS S 304 -49.38 23.74 -7.02
CA HIS S 304 -49.90 24.59 -5.96
C HIS S 304 -49.27 25.97 -5.93
N VAL S 305 -48.28 26.23 -6.77
CA VAL S 305 -47.89 27.61 -7.03
C VAL S 305 -48.75 28.20 -8.12
N SER S 306 -48.84 27.51 -9.26
CA SER S 306 -49.54 28.08 -10.40
C SER S 306 -51.05 28.06 -10.24
N LEU S 307 -51.60 27.36 -9.27
CA LEU S 307 -53.05 27.33 -9.11
C LEU S 307 -53.68 28.49 -8.34
N PRO S 308 -53.13 28.99 -7.20
CA PRO S 308 -53.73 30.20 -6.61
C PRO S 308 -53.64 31.44 -7.47
N ILE S 309 -52.65 31.52 -8.37
CA ILE S 309 -52.67 32.61 -9.33
C ILE S 309 -53.70 32.36 -10.43
N LEU S 310 -54.13 31.11 -10.61
CA LEU S 310 -55.24 30.84 -11.53
C LEU S 310 -56.57 31.23 -10.90
N LEU S 311 -56.92 30.59 -9.79
CA LEU S 311 -58.29 30.61 -9.32
C LEU S 311 -58.64 31.85 -8.48
N SER S 312 -57.88 32.94 -8.64
CA SER S 312 -58.18 34.25 -8.05
C SER S 312 -58.18 34.22 -6.54
N SER S 313 -57.46 33.28 -5.94
CA SER S 313 -57.50 33.07 -4.50
C SER S 313 -56.06 33.02 -4.00
N ILE S 314 -55.51 34.21 -3.75
CA ILE S 314 -54.24 34.31 -3.04
C ILE S 314 -54.60 34.80 -1.63
N PRO S 315 -53.98 34.24 -0.60
CA PRO S 315 -54.52 34.36 0.76
C PRO S 315 -54.33 35.76 1.32
N PRO S 316 -55.14 36.14 2.31
CA PRO S 316 -54.99 37.48 2.93
C PRO S 316 -53.84 37.51 3.93
N GLN S 317 -52.63 37.47 3.40
CA GLN S 317 -51.42 37.55 4.21
C GLN S 317 -51.28 38.97 4.69
N THR S 318 -51.71 39.22 5.93
CA THR S 318 -51.85 40.56 6.45
C THR S 318 -50.48 41.21 6.66
N MET T 1 -30.99 38.65 32.60
CA MET T 1 -32.27 38.99 33.19
C MET T 1 -32.47 40.51 33.26
N MET T 2 -31.70 41.25 32.48
CA MET T 2 -31.75 42.71 32.54
C MET T 2 -31.46 43.28 31.16
N THR T 3 -31.08 44.56 31.12
CA THR T 3 -31.04 45.33 29.87
C THR T 3 -29.95 44.85 28.93
N TYR T 4 -28.77 44.53 29.44
CA TYR T 4 -27.64 44.26 28.53
C TYR T 4 -27.60 42.79 28.11
N ILE T 5 -28.74 42.24 27.73
CA ILE T 5 -28.81 40.82 27.44
C ILE T 5 -28.25 40.54 26.05
N VAL T 6 -28.32 41.54 25.16
CA VAL T 6 -27.71 41.42 23.84
C VAL T 6 -26.20 41.38 23.98
N PHE T 7 -25.65 42.24 24.84
CA PHE T 7 -24.21 42.25 25.09
C PHE T 7 -23.75 40.95 25.74
N ILE T 8 -24.53 40.41 26.68
CA ILE T 8 -24.13 39.18 27.36
C ILE T 8 -24.18 37.98 26.40
N LEU T 9 -25.22 37.89 25.57
CA LEU T 9 -25.26 36.83 24.58
C LEU T 9 -24.14 36.99 23.54
N SER T 10 -23.72 38.23 23.29
CA SER T 10 -22.53 38.41 22.45
C SER T 10 -21.27 37.92 23.14
N ILE T 11 -21.19 38.04 24.47
CA ILE T 11 -20.03 37.49 25.19
C ILE T 11 -19.96 35.99 25.05
N ILE T 12 -21.11 35.32 25.22
CA ILE T 12 -21.15 33.86 25.05
C ILE T 12 -20.85 33.48 23.59
N PHE T 13 -21.25 34.34 22.64
CA PHE T 13 -20.98 34.09 21.22
C PHE T 13 -19.48 34.08 20.91
N VAL T 14 -18.77 35.11 21.39
CA VAL T 14 -17.35 35.18 21.10
C VAL T 14 -16.60 34.11 21.89
N MET T 15 -17.11 33.73 23.07
CA MET T 15 -16.57 32.58 23.79
C MET T 15 -16.71 31.29 22.99
N GLY T 16 -17.82 31.13 22.27
CA GLY T 16 -17.98 29.94 21.46
C GLY T 16 -17.04 29.91 20.27
N PHE T 17 -16.84 31.08 19.64
CA PHE T 17 -15.86 31.15 18.56
C PHE T 17 -14.45 30.85 19.03
N VAL T 18 -14.09 31.32 20.24
CA VAL T 18 -12.81 30.94 20.82
C VAL T 18 -12.78 29.43 21.12
N GLY T 19 -13.90 28.90 21.60
CA GLY T 19 -14.00 27.52 22.02
C GLY T 19 -13.86 26.51 20.90
N PHE T 20 -14.15 26.88 19.66
CA PHE T 20 -13.68 26.01 18.58
C PHE T 20 -12.56 26.58 17.73
N SER T 21 -12.12 27.82 17.98
CA SER T 21 -10.91 28.27 17.30
C SER T 21 -9.66 27.83 18.01
N SER T 22 -9.79 27.23 19.20
CA SER T 22 -8.65 26.63 19.87
C SER T 22 -8.20 25.30 19.25
N LYS T 23 -8.85 24.86 18.17
CA LYS T 23 -8.62 23.62 17.43
C LYS T 23 -8.77 22.36 18.27
N PRO T 24 -9.98 21.99 18.69
CA PRO T 24 -10.15 20.67 19.31
C PRO T 24 -10.29 19.59 18.26
N SER T 25 -10.69 18.39 18.67
CA SER T 25 -11.21 17.43 17.72
C SER T 25 -12.43 18.02 17.02
N PRO T 26 -12.60 17.77 15.72
CA PRO T 26 -13.64 18.48 14.96
C PRO T 26 -15.07 18.16 15.35
N ILE T 27 -15.34 17.12 16.13
CA ILE T 27 -16.72 16.99 16.61
C ILE T 27 -16.96 17.93 17.81
N TYR T 28 -15.94 18.19 18.62
CA TYR T 28 -16.04 19.28 19.59
C TYR T 28 -16.12 20.63 18.87
N GLY T 29 -15.44 20.74 17.73
CA GLY T 29 -15.57 21.94 16.92
C GLY T 29 -16.99 22.14 16.39
N GLY T 30 -17.63 21.06 15.94
CA GLY T 30 -19.01 21.13 15.52
C GLY T 30 -19.94 21.49 16.65
N LEU T 31 -19.66 20.97 17.85
CA LEU T 31 -20.41 21.36 19.04
C LEU T 31 -20.26 22.85 19.33
N GLY T 32 -19.03 23.37 19.23
CA GLY T 32 -18.81 24.78 19.49
C GLY T 32 -19.49 25.67 18.47
N LEU T 33 -19.50 25.25 17.21
CA LEU T 33 -20.17 26.06 16.20
C LEU T 33 -21.68 25.97 16.31
N ILE T 34 -22.21 24.84 16.82
CA ILE T 34 -23.64 24.75 17.08
C ILE T 34 -24.06 25.68 18.22
N VAL T 35 -23.28 25.69 19.31
CA VAL T 35 -23.58 26.59 20.43
C VAL T 35 -23.46 28.05 20.00
N SER T 36 -22.43 28.36 19.20
CA SER T 36 -22.24 29.73 18.70
C SER T 36 -23.37 30.14 17.78
N GLY T 37 -23.86 29.22 16.93
CA GLY T 37 -24.96 29.55 16.06
C GLY T 37 -26.26 29.74 16.81
N GLY T 38 -26.46 28.97 17.88
CA GLY T 38 -27.65 29.17 18.71
C GLY T 38 -27.66 30.52 19.39
N VAL T 39 -26.52 30.93 19.94
CA VAL T 39 -26.53 32.24 20.58
C VAL T 39 -26.48 33.39 19.58
N GLY T 40 -25.97 33.16 18.37
CA GLY T 40 -26.10 34.17 17.34
C GLY T 40 -27.54 34.34 16.89
N CYS T 41 -28.27 33.22 16.80
CA CYS T 41 -29.72 33.26 16.63
C CYS T 41 -30.39 34.05 17.74
N GLY T 42 -29.93 33.87 18.98
CA GLY T 42 -30.46 34.65 20.09
C GLY T 42 -30.22 36.14 19.93
N ILE T 43 -29.02 36.53 19.46
CA ILE T 43 -28.69 37.94 19.26
C ILE T 43 -29.56 38.57 18.18
N VAL T 44 -29.68 37.89 17.04
CA VAL T 44 -30.42 38.49 15.94
C VAL T 44 -31.93 38.47 16.23
N LEU T 45 -32.40 37.49 17.00
CA LEU T 45 -33.80 37.53 17.43
C LEU T 45 -34.04 38.62 18.46
N ASN T 46 -33.01 38.95 19.25
CA ASN T 46 -33.11 40.13 20.10
C ASN T 46 -33.21 41.40 19.29
N PHE T 47 -32.61 41.44 18.12
CA PHE T 47 -32.93 42.57 17.24
C PHE T 47 -34.20 42.34 16.42
N GLY T 48 -34.66 41.10 16.31
CA GLY T 48 -35.99 40.85 15.78
C GLY T 48 -36.19 41.12 14.30
N GLY T 49 -35.66 40.27 13.41
CA GLY T 49 -35.13 38.97 13.77
C GLY T 49 -36.24 37.95 13.69
N SER T 50 -37.36 38.38 13.08
CA SER T 50 -38.56 37.55 13.08
C SER T 50 -38.42 36.36 12.13
N PHE T 51 -37.69 36.52 11.04
CA PHE T 51 -37.57 35.45 10.06
C PHE T 51 -36.15 34.97 9.83
N LEU T 52 -35.18 35.88 9.75
CA LEU T 52 -33.85 35.53 9.25
C LEU T 52 -33.07 34.70 10.25
N GLY T 53 -33.22 35.01 11.54
CA GLY T 53 -32.54 34.25 12.55
C GLY T 53 -33.13 32.89 12.82
N LEU T 54 -34.40 32.70 12.51
CA LEU T 54 -34.95 31.35 12.53
C LEU T 54 -34.66 30.66 11.21
N MET T 55 -34.33 31.43 10.18
CA MET T 55 -34.01 30.90 8.86
C MET T 55 -32.60 30.34 8.79
N VAL T 56 -31.63 31.00 9.42
CA VAL T 56 -30.26 30.47 9.51
C VAL T 56 -30.24 29.17 10.31
N PHE T 57 -31.18 29.01 11.24
CA PHE T 57 -31.15 27.90 12.16
C PHE T 57 -31.42 26.58 11.45
N LEU T 58 -32.26 26.62 10.42
CA LEU T 58 -32.47 25.42 9.62
C LEU T 58 -31.29 25.12 8.72
N ILE T 59 -30.58 26.13 8.24
CA ILE T 59 -29.49 25.88 7.32
C ILE T 59 -28.21 25.49 8.05
N TYR T 60 -27.71 26.31 8.96
CA TYR T 60 -26.44 25.94 9.59
C TYR T 60 -26.65 24.92 10.70
N LEU T 61 -27.56 25.21 11.62
CA LEU T 61 -27.93 24.22 12.61
C LEU T 61 -29.01 23.26 12.12
N GLY T 62 -29.31 23.28 10.83
CA GLY T 62 -30.20 22.27 10.31
C GLY T 62 -29.64 21.47 9.16
N GLY T 63 -28.73 22.04 8.38
CA GLY T 63 -28.20 21.33 7.24
C GLY T 63 -26.70 21.31 7.06
N MET T 64 -25.96 22.19 7.74
CA MET T 64 -24.52 22.28 7.48
C MET T 64 -23.69 21.54 8.52
N MET T 65 -23.96 21.79 9.81
CA MET T 65 -23.22 21.09 10.84
C MET T 65 -23.57 19.63 10.89
N VAL T 66 -24.74 19.25 10.36
CA VAL T 66 -25.09 17.85 10.23
C VAL T 66 -24.07 17.15 9.33
N VAL T 67 -23.76 17.78 8.21
CA VAL T 67 -22.85 17.15 7.27
C VAL T 67 -21.41 17.32 7.73
N PHE T 68 -21.13 18.36 8.52
CA PHE T 68 -19.80 18.50 9.11
C PHE T 68 -19.53 17.42 10.14
N GLY T 69 -20.51 17.15 11.01
CA GLY T 69 -20.39 16.04 11.94
C GLY T 69 -20.42 14.69 11.25
N TYR T 70 -21.17 14.59 10.16
CA TYR T 70 -21.17 13.38 9.32
C TYR T 70 -19.79 13.09 8.78
N THR T 71 -19.13 14.11 8.24
CA THR T 71 -17.81 13.92 7.64
C THR T 71 -16.74 13.76 8.71
N THR T 72 -16.96 14.34 9.89
CA THR T 72 -16.12 14.02 11.04
C THR T 72 -16.25 12.56 11.42
N ALA T 73 -17.47 12.02 11.31
CA ALA T 73 -17.70 10.64 11.70
C ALA T 73 -17.14 9.66 10.69
N MET T 74 -17.18 10.00 9.40
CA MET T 74 -16.83 9.01 8.39
C MET T 74 -15.39 9.10 7.89
N ALA T 75 -14.71 10.25 8.04
CA ALA T 75 -13.40 10.42 7.43
C ALA T 75 -12.26 10.37 8.44
N THR T 76 -12.26 11.24 9.43
CA THR T 76 -11.18 11.30 10.40
C THR T 76 -11.53 10.50 11.64
N GLU T 77 -10.49 9.98 12.30
CA GLU T 77 -10.68 9.13 13.47
C GLU T 77 -10.48 9.88 14.78
N GLN T 78 -9.28 10.44 15.01
CA GLN T 78 -8.87 11.12 16.23
C GLN T 78 -9.16 10.25 17.47
N TYR T 79 -8.44 9.14 17.53
CA TYR T 79 -8.69 8.13 18.55
C TYR T 79 -7.67 8.29 19.67
N PRO T 80 -8.08 8.70 20.88
CA PRO T 80 -7.16 8.88 22.01
C PRO T 80 -6.59 7.56 22.52
N SER T 85 -7.07 18.70 28.09
CA SER T 85 -6.44 17.74 27.19
C SER T 85 -5.02 18.13 26.83
N ASN T 86 -4.85 18.82 25.70
CA ASN T 86 -3.54 19.21 25.22
C ASN T 86 -3.14 20.56 25.79
N LYS T 87 -1.84 20.87 25.71
CA LYS T 87 -1.34 22.14 26.19
C LYS T 87 -1.76 23.30 25.30
N VAL T 88 -1.60 23.15 23.98
CA VAL T 88 -1.71 24.29 23.08
C VAL T 88 -3.16 24.72 22.92
N VAL T 89 -4.07 23.75 22.79
CA VAL T 89 -5.50 24.00 22.61
C VAL T 89 -6.07 24.77 23.79
N LEU T 90 -5.90 24.23 24.99
CA LEU T 90 -6.48 24.86 26.17
C LEU T 90 -5.69 26.11 26.57
N GLY T 91 -4.42 26.20 26.20
CA GLY T 91 -3.68 27.44 26.44
C GLY T 91 -4.18 28.58 25.58
N THR T 92 -4.47 28.30 24.30
CA THR T 92 -5.09 29.31 23.44
C THR T 92 -6.49 29.66 23.92
N PHE T 93 -7.22 28.68 24.47
CA PHE T 93 -8.52 28.99 25.07
C PHE T 93 -8.39 29.92 26.26
N ILE T 94 -7.36 29.71 27.08
CA ILE T 94 -7.09 30.59 28.22
C ILE T 94 -6.75 32.00 27.74
N THR T 95 -5.89 32.11 26.73
CA THR T 95 -5.51 33.45 26.25
C THR T 95 -6.66 34.15 25.55
N GLY T 96 -7.55 33.41 24.90
CA GLY T 96 -8.73 34.02 24.31
C GLY T 96 -9.71 34.52 25.37
N LEU T 97 -9.89 33.74 26.44
CA LEU T 97 -10.70 34.20 27.56
C LEU T 97 -10.08 35.42 28.24
N LEU T 98 -8.74 35.46 28.29
CA LEU T 98 -8.04 36.60 28.88
C LEU T 98 -8.25 37.85 28.03
N MET T 99 -8.16 37.71 26.70
CA MET T 99 -8.35 38.86 25.81
C MET T 99 -9.78 39.38 25.86
N GLU T 100 -10.77 38.47 25.93
CA GLU T 100 -12.15 38.93 26.05
C GLU T 100 -12.41 39.58 27.39
N PHE T 101 -11.83 39.02 28.47
CA PHE T 101 -11.98 39.60 29.80
C PHE T 101 -11.36 41.00 29.85
N LEU T 102 -10.22 41.19 29.20
CA LEU T 102 -9.55 42.48 29.19
C LEU T 102 -10.36 43.51 28.40
N MET T 103 -10.84 43.13 27.21
CA MET T 103 -11.62 44.04 26.39
C MET T 103 -12.94 44.43 27.06
N VAL T 104 -13.63 43.47 27.67
CA VAL T 104 -14.92 43.80 28.27
C VAL T 104 -14.74 44.53 29.60
N TYR T 105 -13.64 44.27 30.32
CA TYR T 105 -13.31 45.06 31.50
C TYR T 105 -13.06 46.52 31.15
N TYR T 106 -12.33 46.76 30.05
CA TYR T 106 -12.10 48.13 29.62
C TYR T 106 -13.33 48.76 28.98
N VAL T 107 -14.26 47.97 28.46
CA VAL T 107 -15.55 48.53 28.05
C VAL T 107 -16.35 48.95 29.28
N LEU T 108 -16.34 48.11 30.32
CA LEU T 108 -17.15 48.36 31.51
C LEU T 108 -16.67 49.58 32.28
N LYS T 109 -15.42 49.56 32.75
CA LYS T 109 -14.99 50.59 33.68
C LYS T 109 -14.38 51.82 33.02
N ASP T 110 -14.46 51.93 31.69
CA ASP T 110 -13.98 53.14 31.03
C ASP T 110 -15.01 53.69 30.04
N LYS T 111 -14.59 54.67 29.24
CA LYS T 111 -15.48 55.26 28.23
C LYS T 111 -15.62 54.35 27.03
N GLU T 112 -14.51 54.08 26.34
CA GLU T 112 -14.55 53.46 25.03
C GLU T 112 -13.26 52.68 24.79
N VAL T 113 -13.37 51.63 23.99
CA VAL T 113 -12.24 50.78 23.63
C VAL T 113 -12.06 50.87 22.12
N GLU T 114 -10.81 51.11 21.70
CA GLU T 114 -10.52 51.51 20.33
C GLU T 114 -9.49 50.55 19.76
N ILE T 115 -9.86 49.76 18.75
CA ILE T 115 -8.80 49.04 18.04
C ILE T 115 -8.17 50.00 17.04
N VAL T 116 -8.89 50.41 16.00
CA VAL T 116 -8.80 51.76 15.49
C VAL T 116 -10.22 52.19 15.10
N PHE T 117 -10.96 52.68 16.09
CA PHE T 117 -12.36 53.07 15.99
C PHE T 117 -12.67 53.96 17.20
N LYS T 118 -13.95 54.21 17.43
CA LYS T 118 -14.43 54.75 18.70
C LYS T 118 -15.74 54.01 19.01
N PHE T 119 -15.63 52.89 19.72
CA PHE T 119 -16.83 52.13 20.08
C PHE T 119 -17.44 52.74 21.34
N ASN T 120 -18.57 53.42 21.17
CA ASN T 120 -19.22 54.13 22.27
C ASN T 120 -19.81 53.12 23.24
N GLY T 121 -19.17 52.97 24.38
CA GLY T 121 -19.41 51.81 25.22
C GLY T 121 -20.55 51.91 26.20
N MET T 122 -21.71 51.40 25.78
CA MET T 122 -22.82 51.08 26.67
C MET T 122 -23.70 50.10 25.92
N GLY T 123 -24.60 49.46 26.67
CA GLY T 123 -25.49 48.48 26.07
C GLY T 123 -26.48 49.12 25.13
N ASP T 124 -26.91 48.35 24.13
CA ASP T 124 -27.66 48.90 23.01
C ASP T 124 -29.15 48.64 23.17
N TRP T 125 -29.80 49.49 23.96
CA TRP T 125 -31.19 49.78 23.67
C TRP T 125 -31.31 50.88 22.64
N VAL T 126 -30.18 51.47 22.26
CA VAL T 126 -30.09 52.44 21.18
C VAL T 126 -29.21 51.84 20.07
N ILE T 127 -29.62 52.01 18.82
CA ILE T 127 -30.85 52.67 18.44
C ILE T 127 -31.92 51.64 18.14
N TYR T 128 -33.16 52.11 18.04
CA TYR T 128 -34.30 51.24 17.78
C TYR T 128 -35.40 52.11 17.20
N ASP T 129 -36.42 51.44 16.67
CA ASP T 129 -37.63 52.11 16.20
C ASP T 129 -38.31 52.89 17.32
N THR T 130 -38.93 53.99 16.95
CA THR T 130 -39.77 54.76 17.86
C THR T 130 -41.25 54.37 17.73
N GLY T 131 -41.50 53.06 17.72
CA GLY T 131 -42.84 52.52 17.63
C GLY T 131 -43.62 52.88 16.37
N ASP T 132 -43.07 52.58 15.20
CA ASP T 132 -43.74 52.92 13.96
C ASP T 132 -44.87 51.94 13.64
N SER T 133 -45.70 52.34 12.68
CA SER T 133 -46.73 51.47 12.13
C SER T 133 -46.07 50.53 11.13
N GLY T 134 -45.49 49.46 11.66
CA GLY T 134 -44.83 48.47 10.83
C GLY T 134 -45.83 47.66 10.03
N PHE T 135 -46.65 46.88 10.73
CA PHE T 135 -47.84 46.15 10.27
C PHE T 135 -47.50 44.95 9.37
N PHE T 136 -46.26 44.81 8.92
CA PHE T 136 -45.91 43.64 8.12
C PHE T 136 -44.55 43.05 8.45
N SER T 137 -43.85 43.55 9.47
CA SER T 137 -42.58 43.01 9.96
C SER T 137 -41.51 43.04 8.86
N GLU T 138 -41.07 44.26 8.53
CA GLU T 138 -40.42 44.71 7.28
C GLU T 138 -39.43 43.74 6.63
N GLU T 139 -38.75 42.93 7.45
CA GLU T 139 -38.04 41.74 6.97
C GLU T 139 -38.92 40.88 6.06
N ALA T 140 -40.16 40.67 6.47
CA ALA T 140 -41.05 39.75 5.77
C ALA T 140 -41.37 40.24 4.37
N MET T 141 -41.77 41.50 4.23
CA MET T 141 -42.07 42.02 2.89
C MET T 141 -40.82 42.27 2.07
N GLY T 142 -39.70 42.59 2.72
CA GLY T 142 -38.42 42.68 2.04
C GLY T 142 -38.05 41.38 1.36
N ILE T 143 -38.03 40.28 2.12
CA ILE T 143 -37.76 38.98 1.54
C ILE T 143 -38.95 38.49 0.69
N ALA T 144 -40.14 39.07 0.87
CA ALA T 144 -41.26 38.84 -0.03
C ALA T 144 -41.16 39.63 -1.33
N ALA T 145 -40.07 40.39 -1.51
CA ALA T 145 -39.56 40.68 -2.85
C ALA T 145 -38.77 39.48 -3.36
N LEU T 146 -37.84 39.72 -4.29
CA LEU T 146 -36.94 38.81 -5.03
C LEU T 146 -37.67 38.08 -6.14
N TYR T 147 -38.99 38.19 -6.23
CA TYR T 147 -39.73 37.54 -7.29
C TYR T 147 -40.42 38.52 -8.19
N SER T 148 -40.56 39.78 -7.77
CA SER T 148 -40.99 40.88 -8.63
C SER T 148 -39.80 41.67 -9.14
N TYR T 149 -38.98 42.17 -8.23
CA TYR T 149 -37.76 42.88 -8.59
C TYR T 149 -36.60 41.95 -8.86
N GLY T 150 -36.54 40.82 -8.16
CA GLY T 150 -35.43 39.90 -8.26
C GLY T 150 -35.41 39.04 -9.50
N THR T 151 -35.16 39.64 -10.65
CA THR T 151 -34.97 38.83 -11.85
C THR T 151 -33.60 38.14 -11.84
N TRP T 152 -32.54 38.94 -11.81
CA TRP T 152 -31.19 38.43 -12.06
C TRP T 152 -30.64 37.63 -10.89
N LEU T 153 -30.98 38.04 -9.66
CA LEU T 153 -30.29 37.56 -8.47
C LEU T 153 -30.61 36.10 -8.19
N VAL T 154 -31.90 35.75 -8.19
CA VAL T 154 -32.28 34.37 -7.90
C VAL T 154 -31.91 33.45 -9.06
N ILE T 155 -31.85 34.00 -10.28
CA ILE T 155 -31.44 33.21 -11.44
C ILE T 155 -29.98 32.81 -11.32
N VAL T 156 -29.10 33.76 -11.00
CA VAL T 156 -27.69 33.39 -10.89
C VAL T 156 -27.43 32.57 -9.64
N THR T 157 -28.26 32.73 -8.60
CA THR T 157 -28.09 31.92 -7.40
C THR T 157 -28.44 30.46 -7.67
N GLY T 158 -29.61 30.22 -8.25
CA GLY T 158 -29.99 28.86 -8.60
C GLY T 158 -29.07 28.24 -9.63
N TRP T 159 -28.59 29.05 -10.58
CA TRP T 159 -27.65 28.55 -11.56
C TRP T 159 -26.34 28.14 -10.91
N SER T 160 -25.88 28.90 -9.92
CA SER T 160 -24.68 28.54 -9.18
C SER T 160 -24.87 27.26 -8.40
N LEU T 161 -26.07 27.04 -7.84
CA LEU T 161 -26.29 25.81 -7.10
C LEU T 161 -26.36 24.59 -8.02
N LEU T 162 -26.94 24.77 -9.21
CA LEU T 162 -26.94 23.71 -10.22
C LEU T 162 -25.53 23.34 -10.66
N ILE T 163 -24.71 24.35 -10.89
CA ILE T 163 -23.32 24.09 -11.25
C ILE T 163 -22.58 23.47 -10.07
N GLY T 164 -22.96 23.82 -8.84
CA GLY T 164 -22.41 23.13 -7.69
C GLY T 164 -22.73 21.65 -7.68
N VAL T 165 -23.96 21.28 -8.09
CA VAL T 165 -24.35 19.88 -8.17
C VAL T 165 -23.49 19.13 -9.19
N VAL T 166 -23.33 19.70 -10.39
CA VAL T 166 -22.56 18.98 -11.41
C VAL T 166 -21.07 18.94 -11.05
N VAL T 167 -20.59 19.96 -10.33
CA VAL T 167 -19.20 19.98 -9.86
C VAL T 167 -18.97 18.86 -8.84
N ILE T 168 -19.90 18.72 -7.88
CA ILE T 168 -19.76 17.70 -6.84
C ILE T 168 -19.78 16.30 -7.45
N MET T 169 -20.67 16.06 -8.42
CA MET T 169 -20.70 14.71 -8.99
C MET T 169 -19.47 14.44 -9.86
N GLU T 170 -18.95 15.47 -10.55
CA GLU T 170 -17.75 15.25 -11.36
C GLU T 170 -16.53 14.92 -10.51
N ILE T 171 -16.31 15.68 -9.43
CA ILE T 171 -15.17 15.41 -8.55
C ILE T 171 -15.37 14.09 -7.81
N THR T 172 -16.61 13.78 -7.41
CA THR T 172 -16.93 12.46 -6.88
C THR T 172 -17.41 11.54 -8.00
N ARG T 173 -16.61 11.50 -9.06
CA ARG T 173 -16.58 10.54 -10.15
C ARG T 173 -17.76 10.70 -11.09
N GLY T 174 -17.83 11.89 -11.72
CA GLY T 174 -18.72 12.06 -12.85
C GLY T 174 -18.27 11.19 -14.02
N ASN T 175 -19.23 10.51 -14.66
CA ASN T 175 -20.64 10.55 -14.30
C ASN T 175 -20.98 9.41 -13.35
N MET U 1 -22.60 54.04 18.17
CA MET U 1 -21.84 53.18 17.26
C MET U 1 -22.45 51.79 17.31
N SER U 2 -23.46 51.64 18.19
CA SER U 2 -24.19 50.39 18.43
C SER U 2 -23.22 49.29 18.86
N LEU U 3 -22.76 49.44 20.11
CA LEU U 3 -21.61 48.82 20.77
C LEU U 3 -21.33 47.35 20.43
N VAL U 4 -22.39 46.57 20.19
CA VAL U 4 -22.30 45.15 19.86
C VAL U 4 -21.47 44.89 18.60
N TYR U 5 -21.38 45.86 17.69
CA TYR U 5 -20.61 45.72 16.46
C TYR U 5 -19.13 45.52 16.75
N MET U 6 -18.62 46.13 17.82
CA MET U 6 -17.25 45.91 18.27
C MET U 6 -17.02 44.46 18.65
N ASN U 7 -17.96 43.87 19.38
CA ASN U 7 -17.80 42.48 19.79
C ASN U 7 -17.90 41.54 18.61
N ILE U 8 -18.75 41.86 17.64
CA ILE U 8 -18.86 40.95 16.50
C ILE U 8 -17.64 41.09 15.58
N MET U 9 -17.04 42.27 15.49
CA MET U 9 -15.79 42.39 14.74
C MET U 9 -14.63 41.67 15.44
N MET U 10 -14.59 41.75 16.78
CA MET U 10 -13.61 40.97 17.53
C MET U 10 -13.85 39.48 17.38
N ALA U 11 -15.12 39.08 17.27
CA ALA U 11 -15.46 37.70 16.99
C ALA U 11 -15.03 37.29 15.59
N PHE U 12 -15.08 38.22 14.63
CA PHE U 12 -14.54 37.95 13.31
C PHE U 12 -13.04 37.70 13.36
N THR U 13 -12.32 38.52 14.15
CA THR U 13 -10.88 38.28 14.28
C THR U 13 -10.59 36.96 14.99
N VAL U 14 -11.45 36.58 15.94
CA VAL U 14 -11.34 35.27 16.58
C VAL U 14 -11.47 34.16 15.55
N SER U 15 -12.51 34.22 14.72
CA SER U 15 -12.72 33.18 13.72
C SER U 15 -11.67 33.21 12.63
N LEU U 16 -11.11 34.38 12.34
CA LEU U 16 -10.09 34.46 11.30
C LEU U 16 -8.77 33.90 11.78
N THR U 17 -8.38 34.18 13.03
CA THR U 17 -7.18 33.54 13.58
C THR U 17 -7.38 32.04 13.74
N GLY U 18 -8.60 31.62 14.08
CA GLY U 18 -8.88 30.18 14.12
C GLY U 18 -8.83 29.54 12.75
N LEU U 19 -9.18 30.29 11.71
CA LEU U 19 -9.02 29.78 10.35
C LEU U 19 -7.56 29.71 9.95
N LEU U 20 -6.75 30.68 10.35
CA LEU U 20 -5.37 30.72 9.88
C LEU U 20 -4.48 29.75 10.67
N MET U 21 -4.35 29.93 11.98
CA MET U 21 -3.59 28.93 12.73
C MET U 21 -4.49 27.74 13.00
N TYR U 22 -4.08 26.56 12.53
CA TYR U 22 -4.82 25.34 12.78
C TYR U 22 -3.86 24.17 12.71
N ARG U 23 -3.93 23.30 13.72
CA ARG U 23 -2.85 22.36 13.98
C ARG U 23 -2.96 21.12 13.12
N SER U 24 -4.02 20.34 13.29
CA SER U 24 -4.04 18.97 12.80
C SER U 24 -5.06 18.72 11.71
N HIS U 25 -6.33 18.99 11.97
CA HIS U 25 -7.39 18.56 11.06
C HIS U 25 -7.87 19.70 10.19
N LEU U 26 -8.12 19.39 8.92
CA LEU U 26 -8.67 20.38 8.00
C LEU U 26 -10.12 20.69 8.31
N MET U 27 -10.82 19.77 8.97
CA MET U 27 -12.23 19.97 9.30
C MET U 27 -12.42 21.12 10.27
N SER U 28 -11.49 21.30 11.21
CA SER U 28 -11.56 22.45 12.11
C SER U 28 -11.36 23.75 11.35
N SER U 29 -10.49 23.74 10.35
CA SER U 29 -10.28 24.94 9.53
C SER U 29 -11.53 25.28 8.73
N LEU U 30 -12.17 24.27 8.17
CA LEU U 30 -13.38 24.50 7.38
C LEU U 30 -14.54 24.94 8.27
N LEU U 31 -14.60 24.42 9.49
CA LEU U 31 -15.66 24.81 10.40
C LEU U 31 -15.44 26.22 10.94
N CYS U 32 -14.18 26.65 11.09
CA CYS U 32 -13.95 28.04 11.45
C CYS U 32 -14.20 28.98 10.28
N LEU U 33 -14.03 28.50 9.05
CA LEU U 33 -14.51 29.27 7.89
C LEU U 33 -16.01 29.46 7.95
N GLU U 34 -16.74 28.41 8.35
CA GLU U 34 -18.18 28.52 8.54
C GLU U 34 -18.53 29.49 9.67
N GLY U 35 -17.71 29.50 10.73
CA GLY U 35 -17.95 30.45 11.81
C GLY U 35 -17.75 31.89 11.37
N MET U 36 -16.71 32.14 10.58
CA MET U 36 -16.49 33.44 9.95
C MET U 36 -17.68 33.86 9.09
N MET U 37 -18.23 32.90 8.35
CA MET U 37 -19.43 33.12 7.55
C MET U 37 -20.61 33.57 8.41
N LEU U 38 -20.82 32.88 9.54
CA LEU U 38 -21.88 33.23 10.48
C LEU U 38 -21.65 34.62 11.06
N SER U 39 -20.39 34.98 11.31
CA SER U 39 -20.07 36.29 11.85
C SER U 39 -20.45 37.41 10.88
N LEU U 40 -20.09 37.24 9.60
CA LEU U 40 -20.47 38.22 8.59
C LEU U 40 -21.98 38.32 8.44
N PHE U 41 -22.66 37.16 8.47
CA PHE U 41 -24.12 37.10 8.42
C PHE U 41 -24.75 37.94 9.52
N ILE U 42 -24.38 37.67 10.77
CA ILE U 42 -24.98 38.34 11.92
C ILE U 42 -24.69 39.83 11.91
N LEU U 43 -23.44 40.19 11.60
CA LEU U 43 -23.02 41.59 11.65
C LEU U 43 -23.78 42.42 10.60
N ALA U 44 -23.80 41.93 9.36
CA ALA U 44 -24.55 42.62 8.31
C ALA U 44 -26.05 42.62 8.57
N THR U 45 -26.59 41.58 9.21
CA THR U 45 -28.03 41.55 9.45
C THR U 45 -28.43 42.58 10.49
N LEU U 46 -27.64 42.73 11.55
CA LEU U 46 -27.96 43.76 12.55
C LEU U 46 -27.84 45.15 11.97
N MET U 47 -26.86 45.35 11.09
CA MET U 47 -26.73 46.63 10.39
C MET U 47 -27.94 46.95 9.52
N ILE U 48 -28.40 45.97 8.74
CA ILE U 48 -29.51 46.21 7.83
C ILE U 48 -30.82 46.38 8.60
N LEU U 49 -30.99 45.66 9.72
CA LEU U 49 -32.17 45.86 10.55
C LEU U 49 -32.19 47.24 11.18
N ASN U 50 -31.08 47.68 11.76
CA ASN U 50 -31.11 48.99 12.40
C ASN U 50 -31.10 50.13 11.40
N SER U 51 -30.66 49.88 10.17
CA SER U 51 -30.73 50.92 9.15
C SER U 51 -32.14 51.12 8.61
N HIS U 52 -33.05 50.18 8.86
CA HIS U 52 -34.28 49.97 8.08
C HIS U 52 -33.96 49.92 6.59
N PHE U 53 -32.87 49.22 6.26
CA PHE U 53 -32.43 49.07 4.87
C PHE U 53 -33.28 47.99 4.23
N THR U 54 -34.53 48.35 3.96
CA THR U 54 -35.58 47.38 3.75
C THR U 54 -35.73 46.93 2.30
N LEU U 55 -35.16 47.68 1.36
CA LEU U 55 -35.27 47.27 -0.03
C LEU U 55 -34.33 46.10 -0.32
N ALA U 56 -33.05 46.28 -0.09
CA ALA U 56 -32.06 45.23 -0.33
C ALA U 56 -31.69 44.54 0.99
N SER U 57 -32.67 43.88 1.58
CA SER U 57 -32.44 43.05 2.75
C SER U 57 -32.13 41.60 2.38
N MET U 58 -31.61 41.38 1.18
CA MET U 58 -31.35 40.05 0.66
C MET U 58 -30.00 39.52 1.07
N MET U 59 -29.08 40.45 1.36
CA MET U 59 -27.69 40.17 1.74
C MET U 59 -27.50 39.06 2.76
N PRO U 60 -28.23 39.00 3.93
CA PRO U 60 -27.99 37.91 4.88
C PRO U 60 -28.24 36.52 4.33
N ILE U 61 -29.42 36.30 3.76
CA ILE U 61 -29.77 34.97 3.28
C ILE U 61 -28.98 34.60 2.02
N ILE U 62 -28.62 35.57 1.18
CA ILE U 62 -27.97 35.18 -0.06
C ILE U 62 -26.46 34.99 0.14
N LEU U 63 -25.84 35.84 0.95
CA LEU U 63 -24.49 35.57 1.47
C LEU U 63 -24.42 34.20 2.13
N LEU U 64 -25.45 33.87 2.91
CA LEU U 64 -25.53 32.58 3.59
C LEU U 64 -25.57 31.41 2.62
N VAL U 65 -26.47 31.45 1.63
CA VAL U 65 -26.64 30.29 0.76
C VAL U 65 -25.41 30.10 -0.14
N PHE U 66 -24.80 31.19 -0.61
CA PHE U 66 -23.58 31.06 -1.41
C PHE U 66 -22.41 30.49 -0.61
N ALA U 67 -22.11 31.08 0.54
CA ALA U 67 -20.96 30.55 1.26
C ALA U 67 -21.25 29.19 1.91
N ALA U 68 -22.54 28.83 2.04
CA ALA U 68 -22.90 27.48 2.42
C ALA U 68 -22.56 26.48 1.31
N CYS U 69 -22.85 26.81 0.04
CA CYS U 69 -22.47 25.86 -1.00
C CYS U 69 -20.95 25.83 -1.21
N GLU U 70 -20.26 26.91 -0.86
CA GLU U 70 -18.79 26.86 -0.74
C GLU U 70 -18.37 25.81 0.28
N ALA U 71 -18.99 25.82 1.46
CA ALA U 71 -18.67 24.81 2.48
C ALA U 71 -19.00 23.40 2.02
N ALA U 72 -20.02 23.25 1.17
CA ALA U 72 -20.33 21.95 0.58
C ALA U 72 -19.21 21.47 -0.32
N LEU U 73 -18.67 22.36 -1.16
CA LEU U 73 -17.52 22.02 -1.99
C LEU U 73 -16.31 21.64 -1.14
N GLY U 74 -16.12 22.36 -0.03
CA GLY U 74 -15.02 22.02 0.86
C GLY U 74 -15.16 20.66 1.50
N LEU U 75 -16.40 20.29 1.84
CA LEU U 75 -16.66 18.95 2.37
C LEU U 75 -16.34 17.88 1.33
N SER U 76 -16.70 18.11 0.07
CA SER U 76 -16.39 17.12 -0.97
C SER U 76 -14.90 16.99 -1.20
N LEU U 77 -14.18 18.11 -1.14
CA LEU U 77 -12.72 18.06 -1.32
C LEU U 77 -12.06 17.33 -0.16
N LEU U 78 -12.55 17.56 1.07
CA LEU U 78 -11.99 16.87 2.22
C LEU U 78 -12.29 15.38 2.16
N VAL U 79 -13.46 15.01 1.63
CA VAL U 79 -13.79 13.59 1.47
C VAL U 79 -12.90 12.96 0.42
N MET U 80 -12.57 13.69 -0.65
CA MET U 80 -11.70 13.13 -1.69
C MET U 80 -10.28 12.92 -1.16
N VAL U 81 -9.76 13.90 -0.40
CA VAL U 81 -8.43 13.76 0.19
C VAL U 81 -8.40 12.63 1.22
N SER U 82 -9.44 12.51 2.04
CA SER U 82 -9.51 11.41 3.00
C SER U 82 -9.77 10.08 2.33
N ASN U 83 -10.27 10.08 1.09
CA ASN U 83 -10.49 8.84 0.39
C ASN U 83 -9.21 8.33 -0.22
N THR U 84 -8.41 9.22 -0.81
CA THR U 84 -7.15 8.76 -1.39
C THR U 84 -6.02 8.62 -0.37
N TYR U 85 -6.23 9.03 0.87
CA TYR U 85 -5.27 8.78 1.93
C TYR U 85 -5.92 8.01 3.06
N GLY U 86 -5.21 7.85 4.17
CA GLY U 86 -5.78 7.26 5.35
C GLY U 86 -6.55 8.27 6.17
N THR U 87 -5.91 9.38 6.48
CA THR U 87 -6.49 10.43 7.30
C THR U 87 -6.62 11.70 6.47
N ASP U 88 -6.97 12.79 7.15
CA ASP U 88 -7.09 14.12 6.54
C ASP U 88 -6.27 15.13 7.32
N TYR U 89 -5.03 14.78 7.65
CA TYR U 89 -4.17 15.69 8.36
C TYR U 89 -3.67 16.80 7.44
N VAL U 90 -3.18 17.88 8.07
CA VAL U 90 -2.39 18.86 7.34
C VAL U 90 -1.08 18.23 6.89
N GLN U 91 -0.52 17.37 7.74
CA GLN U 91 0.57 16.50 7.32
C GLN U 91 0.05 15.42 6.38
N ASN U 92 0.98 14.62 5.86
CA ASN U 92 0.79 13.74 4.71
C ASN U 92 0.31 14.50 3.48
N LEU U 93 0.70 15.78 3.41
CA LEU U 93 0.46 16.62 2.24
C LEU U 93 1.74 17.29 1.80
N ASN U 94 2.87 16.96 2.42
CA ASN U 94 4.16 17.59 2.15
C ASN U 94 4.75 17.19 0.81
N LEU U 95 4.14 16.26 0.09
CA LEU U 95 4.49 16.02 -1.30
C LEU U 95 4.09 17.22 -2.15
N LEU U 96 4.63 17.26 -3.37
CA LEU U 96 4.56 18.41 -4.27
C LEU U 96 5.16 19.64 -3.58
N GLN U 97 6.48 19.55 -3.40
CA GLN U 97 7.22 20.58 -2.69
C GLN U 97 7.43 21.81 -3.57
N CYS U 98 7.24 22.98 -2.97
CA CYS U 98 7.35 24.25 -3.67
C CYS U 98 8.80 24.58 -4.01
N MET V 1 62.95 79.50 -60.37
CA MET V 1 63.10 79.14 -61.78
C MET V 1 62.31 77.88 -62.11
N ASN V 2 61.69 77.87 -63.30
CA ASN V 2 60.97 76.69 -63.75
C ASN V 2 61.92 75.51 -63.94
N LEU V 3 63.15 75.78 -64.38
CA LEU V 3 64.15 74.71 -64.49
C LEU V 3 64.48 74.13 -63.13
N PHE V 4 64.62 74.99 -62.12
CA PHE V 4 65.04 74.57 -60.79
C PHE V 4 64.00 73.67 -60.14
N SER V 5 62.75 74.15 -60.09
CA SER V 5 61.66 73.37 -59.52
C SER V 5 61.37 72.13 -60.35
N SER V 6 61.49 72.24 -61.69
CA SER V 6 61.24 71.11 -62.57
C SER V 6 62.24 70.00 -62.34
N LEU V 7 63.53 70.34 -62.25
CA LEU V 7 64.54 69.32 -62.03
C LEU V 7 64.48 68.72 -60.63
N THR V 8 64.13 69.52 -59.61
CA THR V 8 63.98 68.94 -58.27
C THR V 8 62.79 67.98 -58.19
N LEU V 9 61.66 68.36 -58.79
CA LEU V 9 60.50 67.49 -58.74
C LEU V 9 60.69 66.24 -59.60
N VAL V 10 61.49 66.32 -60.66
CA VAL V 10 61.75 65.06 -61.37
C VAL V 10 62.81 64.23 -60.67
N THR V 11 63.71 64.82 -59.85
CA THR V 11 64.53 63.99 -58.98
C THR V 11 63.68 63.25 -57.95
N LEU V 12 62.59 63.88 -57.51
CA LEU V 12 61.63 63.14 -56.70
C LEU V 12 60.97 62.03 -57.52
N ILE V 13 60.46 62.36 -58.71
CA ILE V 13 59.55 61.45 -59.40
C ILE V 13 60.29 60.31 -60.11
N LEU V 14 61.60 60.42 -60.30
CA LEU V 14 62.34 59.30 -60.86
C LEU V 14 62.41 58.12 -59.90
N LEU V 15 62.25 58.37 -58.60
CA LEU V 15 62.14 57.28 -57.64
C LEU V 15 60.68 56.91 -57.43
N THR V 16 59.93 56.75 -58.51
CA THR V 16 58.55 56.29 -58.40
C THR V 16 58.21 55.21 -59.42
N MET V 17 58.96 55.14 -60.53
CA MET V 17 58.65 54.15 -61.57
C MET V 17 58.85 52.70 -61.14
N PRO V 18 60.02 52.25 -60.60
CA PRO V 18 60.26 50.79 -60.55
C PRO V 18 59.38 50.01 -59.58
N ILE V 19 58.93 50.64 -58.50
CA ILE V 19 58.05 49.97 -57.54
C ILE V 19 56.72 49.63 -58.20
N ALA V 20 56.07 50.64 -58.79
CA ALA V 20 54.83 50.41 -59.53
C ALA V 20 55.06 49.56 -60.78
N ALA V 21 56.28 49.57 -61.31
CA ALA V 21 56.60 48.74 -62.47
C ALA V 21 56.54 47.27 -62.12
N ILE V 22 57.28 46.84 -61.09
CA ILE V 22 57.23 45.42 -60.76
C ILE V 22 55.99 45.08 -59.94
N ASN V 23 55.24 46.08 -59.46
CA ASN V 23 53.90 45.78 -59.00
C ASN V 23 52.94 45.57 -60.15
N PHE V 24 53.27 46.10 -61.33
CA PHE V 24 52.42 45.95 -62.51
C PHE V 24 53.00 45.02 -63.57
N ASN V 25 54.15 44.40 -63.33
CA ASN V 25 54.84 43.70 -64.42
C ASN V 25 54.30 42.30 -64.64
N THR V 26 54.52 41.41 -63.64
CA THR V 26 54.13 39.99 -63.54
C THR V 26 54.96 39.12 -64.50
N HIS V 27 55.78 39.75 -65.35
CA HIS V 27 56.76 39.06 -66.20
C HIS V 27 58.14 39.46 -65.69
N LYS V 28 58.82 38.51 -65.06
CA LYS V 28 60.00 38.81 -64.24
C LYS V 28 61.16 39.30 -65.10
N PHE V 29 61.51 40.59 -64.94
CA PHE V 29 62.60 41.17 -65.70
C PHE V 29 63.95 40.62 -65.24
N THR V 30 64.78 40.27 -66.21
CA THR V 30 66.14 39.85 -65.91
C THR V 30 67.01 41.03 -65.51
N ASN V 31 66.81 42.17 -66.16
CA ASN V 31 67.66 43.34 -65.98
C ASN V 31 67.15 44.26 -64.87
N TYR V 32 66.46 43.73 -63.88
CA TYR V 32 65.94 44.58 -62.80
C TYR V 32 67.02 45.25 -61.93
N PRO V 33 68.13 44.59 -61.52
CA PRO V 33 69.19 45.36 -60.86
C PRO V 33 69.80 46.44 -61.74
N LEU V 34 70.00 46.13 -63.02
CA LEU V 34 70.53 47.14 -63.95
C LEU V 34 69.56 48.30 -64.09
N TYR V 35 68.26 48.01 -64.03
CA TYR V 35 67.25 49.05 -64.18
C TYR V 35 67.21 49.97 -62.96
N VAL V 36 67.29 49.40 -61.76
CA VAL V 36 67.27 50.23 -60.57
C VAL V 36 68.56 51.04 -60.46
N LYS V 37 69.68 50.45 -60.89
CA LYS V 37 70.95 51.18 -60.86
C LYS V 37 70.93 52.35 -61.85
N THR V 38 70.38 52.13 -63.05
CA THR V 38 70.40 53.22 -64.01
C THR V 38 69.36 54.29 -63.69
N THR V 39 68.27 53.95 -62.99
CA THR V 39 67.38 55.04 -62.58
C THR V 39 67.93 55.81 -61.40
N ILE V 40 68.73 55.17 -60.53
CA ILE V 40 69.41 55.93 -59.49
C ILE V 40 70.50 56.81 -60.10
N SER V 41 71.18 56.34 -61.14
CA SER V 41 72.18 57.16 -61.81
C SER V 41 71.54 58.34 -62.54
N CYS V 42 70.35 58.13 -63.11
CA CYS V 42 69.65 59.25 -63.75
C CYS V 42 69.14 60.24 -62.72
N ALA V 43 68.72 59.76 -61.55
CA ALA V 43 68.36 60.66 -60.45
C ALA V 43 69.56 61.47 -59.98
N PHE V 44 70.75 60.84 -59.95
CA PHE V 44 71.97 61.55 -59.58
C PHE V 44 72.31 62.64 -60.58
N ILE V 45 72.28 62.33 -61.88
CA ILE V 45 72.66 63.32 -62.87
C ILE V 45 71.62 64.42 -62.98
N THR V 46 70.35 64.14 -62.64
CA THR V 46 69.41 65.24 -62.55
C THR V 46 69.58 66.04 -61.26
N SER V 47 70.09 65.43 -60.20
CA SER V 47 70.27 66.14 -58.95
C SER V 47 71.56 66.94 -58.88
N MET V 48 72.51 66.67 -59.78
CA MET V 48 73.76 67.43 -59.74
C MET V 48 73.56 68.86 -60.21
N ILE V 49 72.64 69.08 -61.14
CA ILE V 49 72.44 70.37 -61.80
C ILE V 49 71.90 71.46 -60.86
N PRO V 50 70.78 71.30 -60.14
CA PRO V 50 70.25 72.46 -59.41
C PRO V 50 71.04 72.80 -58.17
N THR V 51 71.82 71.86 -57.63
CA THR V 51 72.74 72.20 -56.55
C THR V 51 73.83 73.14 -57.06
N MET V 52 74.36 72.87 -58.26
CA MET V 52 75.35 73.76 -58.85
C MET V 52 74.72 75.11 -59.17
N MET V 53 73.44 75.12 -59.57
CA MET V 53 72.72 76.39 -59.74
C MET V 53 72.57 77.13 -58.41
N PHE V 54 72.35 76.37 -57.34
CA PHE V 54 72.17 76.93 -56.00
C PHE V 54 73.42 77.64 -55.51
N ILE V 55 74.57 76.98 -55.64
CA ILE V 55 75.83 77.60 -55.23
C ILE V 55 76.22 78.70 -56.23
N HIS V 56 75.80 78.56 -57.49
CA HIS V 56 76.07 79.56 -58.51
C HIS V 56 75.39 80.90 -58.21
N THR V 57 74.14 80.88 -57.79
CA THR V 57 73.56 82.17 -57.46
C THR V 57 72.93 82.24 -56.08
N GLY V 58 72.20 81.19 -55.68
CA GLY V 58 71.28 81.32 -54.58
C GLY V 58 69.91 80.84 -55.02
N GLN V 59 68.94 81.75 -55.08
CA GLN V 59 67.58 81.53 -55.58
C GLN V 59 66.90 80.40 -54.78
N GLU V 60 66.66 80.69 -53.51
CA GLU V 60 66.51 79.63 -52.51
C GLU V 60 65.02 79.41 -52.24
N MET V 61 64.45 78.31 -52.74
CA MET V 61 63.02 78.37 -53.01
C MET V 61 62.26 77.18 -52.43
N ILE V 62 60.98 77.41 -52.15
CA ILE V 62 60.12 76.37 -51.60
C ILE V 62 59.04 76.04 -52.60
N ILE V 63 58.59 74.77 -52.58
CA ILE V 63 57.43 74.34 -53.33
C ILE V 63 56.39 73.85 -52.34
N SER V 64 55.12 74.01 -52.70
CA SER V 64 54.01 73.71 -51.79
C SER V 64 52.74 73.53 -52.59
N ASN V 65 52.16 72.33 -52.58
CA ASN V 65 50.95 72.09 -53.36
C ASN V 65 50.16 70.91 -52.80
N TRP V 66 48.94 70.77 -53.32
CA TRP V 66 47.99 69.71 -53.00
C TRP V 66 47.67 69.69 -51.50
N HIS V 67 47.02 70.77 -51.06
CA HIS V 67 46.63 70.87 -49.67
C HIS V 67 45.44 69.97 -49.40
N TRP V 68 45.53 69.20 -48.32
CA TRP V 68 44.49 68.28 -47.90
C TRP V 68 44.31 68.43 -46.40
N LEU V 69 43.06 68.39 -45.97
CA LEU V 69 42.59 68.78 -44.63
C LEU V 69 43.15 70.15 -44.23
N THR V 70 42.74 71.17 -44.99
CA THR V 70 42.93 72.57 -44.60
C THR V 70 41.78 73.00 -43.70
N ILE V 71 41.75 72.39 -42.51
CA ILE V 71 40.52 72.27 -41.74
C ILE V 71 40.19 73.51 -40.90
N GLN V 72 41.01 73.79 -39.92
CA GLN V 72 40.90 74.92 -39.01
C GLN V 72 41.80 76.03 -39.52
N THR V 73 42.22 76.92 -38.62
CA THR V 73 43.14 78.02 -38.93
C THR V 73 44.47 77.58 -39.54
N LEU V 74 44.83 76.30 -39.49
CA LEU V 74 46.02 75.82 -40.19
C LEU V 74 45.64 75.23 -41.54
N LYS V 75 46.67 74.70 -42.20
CA LYS V 75 46.53 73.92 -43.41
C LYS V 75 47.81 73.11 -43.55
N LEU V 76 47.75 72.06 -44.35
CA LEU V 76 48.95 71.29 -44.64
C LEU V 76 48.88 70.74 -46.05
N SER V 77 49.89 71.06 -46.84
CA SER V 77 50.04 70.58 -48.20
C SER V 77 51.29 69.72 -48.27
N LEU V 78 51.46 69.00 -49.38
CA LEU V 78 52.77 68.38 -49.57
C LEU V 78 53.69 69.50 -50.05
N SER V 79 54.76 69.72 -49.29
CA SER V 79 55.56 70.92 -49.47
C SER V 79 56.99 70.57 -49.10
N PHE V 80 57.95 70.95 -49.94
CA PHE V 80 59.32 70.80 -49.50
C PHE V 80 60.18 71.92 -50.04
N LYS V 81 61.32 72.12 -49.38
CA LYS V 81 62.01 73.38 -49.40
C LYS V 81 63.47 73.18 -49.81
N MET V 82 63.92 73.96 -50.78
CA MET V 82 65.27 73.92 -51.29
C MET V 82 66.01 75.07 -50.61
N ASP V 83 66.54 74.76 -49.43
CA ASP V 83 67.61 75.51 -48.78
C ASP V 83 68.70 74.50 -48.48
N PHE V 84 69.88 74.73 -49.04
CA PHE V 84 71.23 74.32 -48.61
C PHE V 84 71.42 72.88 -48.12
N PHE V 85 70.50 72.37 -47.32
CA PHE V 85 70.67 71.07 -46.68
C PHE V 85 69.89 70.02 -47.44
N SER V 86 68.58 70.22 -47.52
CA SER V 86 67.78 69.56 -48.52
C SER V 86 68.14 69.97 -49.93
N MET V 87 68.85 71.10 -50.11
CA MET V 87 69.31 71.36 -51.47
C MET V 87 70.46 70.44 -51.86
N MET V 88 71.61 70.54 -51.20
CA MET V 88 72.77 69.80 -51.68
C MET V 88 73.25 68.75 -50.69
N PHE V 89 72.32 68.02 -50.07
CA PHE V 89 72.69 66.74 -49.50
C PHE V 89 72.33 65.57 -50.39
N VAL V 90 71.17 65.65 -51.04
CA VAL V 90 70.60 64.65 -51.95
C VAL V 90 71.56 64.05 -52.97
N PRO V 91 72.48 64.81 -53.63
CA PRO V 91 73.46 64.12 -54.50
C PRO V 91 74.40 63.18 -53.77
N VAL V 92 74.79 63.51 -52.54
CA VAL V 92 75.67 62.63 -51.77
C VAL V 92 74.96 61.31 -51.44
N ALA V 93 73.71 61.39 -51.00
CA ALA V 93 72.95 60.19 -50.65
C ALA V 93 72.65 59.34 -51.88
N LEU V 94 72.30 59.98 -52.99
CA LEU V 94 72.06 59.23 -54.23
C LEU V 94 73.34 58.58 -54.73
N PHE V 95 74.48 59.27 -54.60
CA PHE V 95 75.76 58.73 -55.06
C PHE V 95 76.18 57.52 -54.24
N VAL V 96 76.08 57.65 -52.91
CA VAL V 96 76.36 56.56 -51.99
C VAL V 96 75.46 55.36 -52.27
N THR V 97 74.16 55.60 -52.45
CA THR V 97 73.26 54.49 -52.65
C THR V 97 73.44 53.88 -54.04
N TRP V 98 73.89 54.66 -55.01
CA TRP V 98 74.20 54.12 -56.33
C TRP V 98 75.37 53.15 -56.27
N SER V 99 76.41 53.51 -55.51
CA SER V 99 77.51 52.57 -55.31
C SER V 99 77.07 51.34 -54.51
N ILE V 100 76.16 51.51 -53.56
CA ILE V 100 75.63 50.37 -52.83
C ILE V 100 74.76 49.49 -53.74
N MET V 101 74.12 50.08 -54.75
CA MET V 101 73.40 49.28 -55.74
C MET V 101 74.36 48.39 -56.52
N GLU V 102 75.53 48.94 -56.88
CA GLU V 102 76.57 48.10 -57.50
C GLU V 102 77.01 46.97 -56.57
N PHE V 103 77.33 47.33 -55.33
CA PHE V 103 77.87 46.35 -54.39
C PHE V 103 76.84 45.30 -53.99
N SER V 104 75.55 45.64 -54.08
CA SER V 104 74.49 44.69 -53.80
C SER V 104 74.03 43.94 -55.03
N MET V 105 74.35 44.43 -56.24
CA MET V 105 74.31 43.58 -57.40
C MET V 105 75.26 42.41 -57.21
N TRP V 106 76.48 42.70 -56.82
CA TRP V 106 77.45 41.62 -56.68
C TRP V 106 77.17 40.74 -55.46
N TYR V 107 77.00 41.38 -54.29
CA TYR V 107 76.97 40.66 -53.01
C TYR V 107 75.74 39.78 -52.89
N MET V 108 74.67 40.10 -53.59
CA MET V 108 73.45 39.33 -53.45
C MET V 108 73.21 38.64 -54.77
N HIS V 109 74.26 38.06 -55.35
CA HIS V 109 74.11 37.34 -56.60
C HIS V 109 73.36 36.03 -56.41
N SER V 110 73.46 35.42 -55.23
CA SER V 110 73.00 34.05 -55.03
C SER V 110 71.68 33.97 -54.26
N ASP V 111 70.73 34.88 -54.51
CA ASP V 111 69.39 34.77 -53.94
C ASP V 111 68.33 35.13 -54.96
N PRO V 112 67.30 34.30 -55.11
CA PRO V 112 66.15 34.68 -55.95
C PRO V 112 65.26 35.73 -55.33
N ASN V 113 65.49 36.13 -54.07
CA ASN V 113 64.70 37.16 -53.43
C ASN V 113 65.30 38.55 -53.62
N ILE V 114 66.06 38.74 -54.71
CA ILE V 114 66.78 39.98 -54.96
C ILE V 114 65.83 41.13 -55.34
N ASN V 115 64.70 40.80 -55.97
CA ASN V 115 63.82 41.84 -56.50
C ASN V 115 63.09 42.55 -55.37
N GLN V 116 62.57 41.79 -54.41
CA GLN V 116 61.97 42.35 -53.22
C GLN V 116 63.00 43.12 -52.39
N PHE V 117 64.25 42.66 -52.42
CA PHE V 117 65.32 43.35 -51.71
C PHE V 117 65.56 44.74 -52.29
N PHE V 118 65.63 44.85 -53.62
CA PHE V 118 65.82 46.16 -54.23
C PHE V 118 64.57 47.02 -54.11
N LYS V 119 63.39 46.41 -54.08
CA LYS V 119 62.17 47.17 -53.83
C LYS V 119 62.19 47.81 -52.45
N TYR V 120 62.59 47.04 -51.44
CA TYR V 120 62.68 47.57 -50.08
C TYR V 120 63.75 48.65 -49.97
N LEU V 121 64.88 48.45 -50.65
CA LEU V 121 65.97 49.42 -50.53
C LEU V 121 65.63 50.72 -51.25
N LEU V 122 64.98 50.65 -52.41
CA LEU V 122 64.58 51.86 -53.10
C LEU V 122 63.46 52.57 -52.35
N LEU V 123 62.55 51.81 -51.73
CA LEU V 123 61.49 52.40 -50.93
C LEU V 123 62.05 53.13 -49.72
N PHE V 124 63.07 52.54 -49.10
CA PHE V 124 63.81 53.20 -48.02
C PHE V 124 64.47 54.48 -48.50
N LEU V 125 64.97 54.49 -49.74
CA LEU V 125 65.57 55.73 -50.27
C LEU V 125 64.52 56.80 -50.47
N ILE V 126 63.35 56.41 -50.99
CA ILE V 126 62.24 57.36 -51.22
C ILE V 126 61.82 57.99 -49.91
N THR V 127 61.70 57.18 -48.87
CA THR V 127 61.25 57.71 -47.59
C THR V 127 62.33 58.57 -46.95
N MET V 128 63.61 58.23 -47.17
CA MET V 128 64.67 59.08 -46.63
C MET V 128 64.72 60.43 -47.35
N LEU V 129 64.40 60.43 -48.64
CA LEU V 129 64.34 61.68 -49.39
C LEU V 129 63.17 62.55 -48.92
N ILE V 130 62.00 61.94 -48.73
CA ILE V 130 60.83 62.68 -48.26
C ILE V 130 61.03 63.15 -46.82
N LEU V 131 61.83 62.43 -46.03
CA LEU V 131 62.25 62.95 -44.74
C LEU V 131 63.12 64.18 -44.90
N VAL V 132 64.20 64.08 -45.68
CA VAL V 132 65.18 65.18 -45.67
C VAL V 132 64.73 66.41 -46.44
N THR V 133 63.67 66.32 -47.24
CA THR V 133 63.30 67.49 -48.02
C THR V 133 62.26 68.39 -47.35
N ALA V 134 61.36 67.84 -46.54
CA ALA V 134 60.11 68.53 -46.23
C ALA V 134 60.31 69.69 -45.26
N ASN V 135 59.38 70.65 -45.35
CA ASN V 135 59.21 71.69 -44.34
C ASN V 135 57.86 71.64 -43.66
N ASN V 136 56.85 71.11 -44.32
CA ASN V 136 55.62 70.72 -43.65
C ASN V 136 55.94 69.56 -42.72
N LEU V 137 55.77 69.78 -41.42
CA LEU V 137 56.37 68.90 -40.42
C LEU V 137 55.65 67.56 -40.33
N PHE V 138 54.39 67.49 -40.76
CA PHE V 138 53.70 66.21 -40.85
C PHE V 138 54.37 65.30 -41.86
N GLN V 139 54.85 65.87 -42.96
CA GLN V 139 55.59 65.09 -43.96
C GLN V 139 56.93 64.62 -43.42
N LEU V 140 57.56 65.43 -42.56
CA LEU V 140 58.75 64.99 -41.83
C LEU V 140 58.44 63.79 -40.96
N PHE V 141 57.28 63.80 -40.31
CA PHE V 141 56.91 62.68 -39.46
C PHE V 141 56.58 61.44 -40.27
N ILE V 142 56.02 61.65 -41.48
CA ILE V 142 55.82 60.56 -42.43
C ILE V 142 57.15 59.89 -42.78
N GLY V 143 58.12 60.70 -43.19
CA GLY V 143 59.43 60.18 -43.53
C GLY V 143 60.13 59.53 -42.35
N TRP V 144 59.90 60.05 -41.15
CA TRP V 144 60.45 59.50 -39.92
C TRP V 144 60.01 58.06 -39.69
N GLU V 145 58.69 57.85 -39.56
CA GLU V 145 58.23 56.50 -39.28
C GLU V 145 58.40 55.56 -40.47
N GLY V 146 58.43 56.10 -41.69
CA GLY V 146 58.68 55.25 -42.84
C GLY V 146 60.11 54.72 -42.88
N VAL V 147 61.10 55.58 -42.59
CA VAL V 147 62.47 55.06 -42.59
C VAL V 147 62.69 54.16 -41.38
N GLY V 148 61.96 54.38 -40.29
CA GLY V 148 62.02 53.44 -39.18
C GLY V 148 61.53 52.06 -39.55
N ILE V 149 60.40 51.99 -40.26
CA ILE V 149 59.87 50.66 -40.55
C ILE V 149 60.61 50.00 -41.73
N MET V 150 61.20 50.79 -42.64
CA MET V 150 62.04 50.17 -43.65
C MET V 150 63.34 49.66 -43.04
N SER V 151 63.82 50.34 -42.00
CA SER V 151 64.95 49.83 -41.24
C SER V 151 64.60 48.51 -40.57
N PHE V 152 63.38 48.42 -40.05
CA PHE V 152 62.90 47.17 -39.46
C PHE V 152 62.90 46.03 -40.46
N LEU V 153 62.34 46.27 -41.65
CA LEU V 153 62.27 45.20 -42.65
C LEU V 153 63.66 44.80 -43.16
N LEU V 154 64.53 45.78 -43.38
CA LEU V 154 65.83 45.43 -43.94
C LEU V 154 66.77 44.81 -42.92
N ILE V 155 66.62 45.13 -41.63
CA ILE V 155 67.35 44.37 -40.62
C ILE V 155 66.79 42.95 -40.54
N GLY V 156 65.47 42.83 -40.50
CA GLY V 156 64.86 41.51 -40.48
C GLY V 156 64.62 40.93 -41.86
N TRP V 157 65.53 41.19 -42.79
CA TRP V 157 65.49 40.54 -44.10
C TRP V 157 65.60 39.03 -43.98
N TRP V 158 66.69 38.55 -43.39
CA TRP V 158 66.87 37.13 -43.21
C TRP V 158 65.93 36.63 -42.13
N TYR V 159 64.77 36.13 -42.54
CA TYR V 159 63.93 35.48 -41.56
C TYR V 159 64.52 34.13 -41.16
N GLY V 160 64.05 33.59 -40.06
CA GLY V 160 64.88 32.75 -39.24
C GLY V 160 65.71 33.68 -38.37
N ARG V 161 66.71 33.12 -37.68
CA ARG V 161 67.74 33.87 -36.96
C ARG V 161 67.12 34.79 -35.90
N THR V 162 66.67 34.15 -34.80
CA THR V 162 65.98 34.84 -33.71
C THR V 162 66.74 36.04 -33.15
N ASP V 163 68.07 36.02 -33.26
CA ASP V 163 68.85 37.22 -32.92
C ASP V 163 68.53 38.38 -33.85
N ALA V 164 68.23 38.10 -35.13
CA ALA V 164 67.99 39.19 -36.09
C ALA V 164 66.67 39.91 -35.80
N ASN V 165 65.58 39.18 -35.61
CA ASN V 165 64.34 39.89 -35.34
C ASN V 165 64.28 40.41 -33.90
N THR V 166 65.05 39.82 -32.96
CA THR V 166 65.28 40.48 -31.67
C THR V 166 65.90 41.85 -31.86
N ALA V 167 66.92 41.90 -32.71
CA ALA V 167 67.63 43.13 -32.97
C ALA V 167 66.75 44.16 -33.65
N ALA V 168 65.94 43.71 -34.60
CA ALA V 168 65.03 44.61 -35.29
C ALA V 168 63.94 45.13 -34.36
N LEU V 169 63.54 44.32 -33.37
CA LEU V 169 62.61 44.78 -32.35
C LEU V 169 63.21 45.88 -31.49
N GLN V 170 64.49 45.75 -31.12
CA GLN V 170 65.18 46.81 -30.39
C GLN V 170 65.22 48.11 -31.20
N ALA V 171 65.52 47.98 -32.50
CA ALA V 171 65.63 49.15 -33.37
C ALA V 171 64.29 49.88 -33.50
N ILE V 172 63.20 49.12 -33.67
CA ILE V 172 61.92 49.79 -33.84
C ILE V 172 61.43 50.37 -32.50
N LEU V 173 61.85 49.79 -31.36
CA LEU V 173 61.46 50.37 -30.08
C LEU V 173 62.14 51.72 -29.85
N TYR V 174 63.43 51.80 -30.16
CA TYR V 174 64.08 53.09 -29.97
C TYR V 174 63.63 54.11 -31.02
N ASN V 175 63.17 53.64 -32.18
CA ASN V 175 62.45 54.54 -33.08
C ASN V 175 61.15 55.06 -32.47
N ARG V 176 60.43 54.24 -31.70
CA ARG V 176 59.22 54.80 -31.10
C ARG V 176 59.51 55.75 -29.94
N ILE V 177 60.67 55.62 -29.29
CA ILE V 177 60.97 56.65 -28.29
C ILE V 177 61.39 57.95 -28.99
N GLY V 178 62.02 57.84 -30.17
CA GLY V 178 62.12 59.00 -31.05
C GLY V 178 60.76 59.57 -31.42
N ASP V 179 59.76 58.70 -31.58
CA ASP V 179 58.42 59.15 -31.93
C ASP V 179 57.75 59.93 -30.80
N ILE V 180 57.91 59.47 -29.54
CA ILE V 180 57.28 60.21 -28.44
C ILE V 180 57.94 61.58 -28.26
N GLY V 181 59.27 61.67 -28.45
CA GLY V 181 59.92 62.97 -28.42
C GLY V 181 59.45 63.90 -29.54
N PHE V 182 59.31 63.35 -30.74
CA PHE V 182 58.92 64.17 -31.89
C PHE V 182 57.46 64.62 -31.78
N ILE V 183 56.58 63.77 -31.25
CA ILE V 183 55.18 64.21 -31.17
C ILE V 183 55.00 65.18 -30.01
N LEU V 184 55.85 65.13 -28.99
CA LEU V 184 55.80 66.20 -27.98
C LEU V 184 56.24 67.53 -28.59
N ALA V 185 57.26 67.50 -29.46
CA ALA V 185 57.67 68.71 -30.16
C ALA V 185 56.55 69.25 -31.05
N MET V 186 55.87 68.35 -31.77
CA MET V 186 54.77 68.76 -32.63
C MET V 186 53.61 69.32 -31.80
N ALA V 187 53.39 68.75 -30.61
CA ALA V 187 52.33 69.23 -29.73
C ALA V 187 52.58 70.66 -29.28
N TRP V 188 53.81 70.96 -28.89
CA TRP V 188 54.08 72.32 -28.43
C TRP V 188 54.02 73.31 -29.58
N PHE V 189 54.52 72.91 -30.75
CA PHE V 189 54.49 73.82 -31.91
C PHE V 189 53.06 74.12 -32.34
N LEU V 190 52.18 73.12 -32.26
CA LEU V 190 50.79 73.37 -32.64
C LEU V 190 50.09 74.27 -31.62
N ILE V 191 50.20 73.93 -30.33
CA ILE V 191 49.40 74.67 -29.34
C ILE V 191 50.00 76.02 -29.00
N ASN V 192 51.19 76.35 -29.51
CA ASN V 192 51.65 77.71 -29.29
C ASN V 192 52.10 78.47 -30.54
N LEU V 193 51.96 77.91 -31.74
CA LEU V 193 52.27 78.72 -32.92
C LEU V 193 51.28 78.48 -34.06
N ASN V 194 50.13 77.88 -33.78
CA ASN V 194 48.98 77.72 -34.69
C ASN V 194 49.27 76.87 -35.93
N THR V 195 50.43 76.23 -35.99
CA THR V 195 50.77 75.33 -37.09
C THR V 195 51.87 74.40 -36.63
N TRP V 196 52.27 73.50 -37.52
CA TRP V 196 53.58 72.86 -37.41
C TRP V 196 54.24 72.96 -38.80
N ASP V 197 54.87 74.11 -39.04
CA ASP V 197 55.55 74.42 -40.28
C ASP V 197 56.80 75.24 -39.96
N LEU V 198 57.90 74.92 -40.67
CA LEU V 198 59.21 75.49 -40.36
C LEU V 198 59.25 77.00 -40.52
N GLN V 199 58.50 77.55 -41.47
CA GLN V 199 58.62 78.97 -41.80
C GLN V 199 58.03 79.86 -40.71
N GLN V 200 56.87 79.51 -40.18
CA GLN V 200 56.27 80.32 -39.11
C GLN V 200 56.99 80.11 -37.79
N ILE V 201 57.52 78.90 -37.57
CA ILE V 201 58.41 78.64 -36.44
C ILE V 201 59.63 79.55 -36.48
N PHE V 202 60.20 79.74 -37.66
CA PHE V 202 61.34 80.64 -37.77
C PHE V 202 60.88 82.09 -37.71
N MET V 203 59.64 82.36 -38.10
CA MET V 203 59.14 83.73 -38.11
C MET V 203 58.93 84.25 -36.71
N LEU V 204 58.35 83.46 -35.83
CA LEU V 204 58.16 83.89 -34.45
C LEU V 204 59.07 83.08 -33.54
N ASN V 205 59.97 83.76 -32.85
CA ASN V 205 60.89 83.10 -31.94
C ASN V 205 60.36 83.20 -30.53
N PRO V 206 59.89 82.11 -29.94
CA PRO V 206 59.34 82.19 -28.58
C PRO V 206 60.45 82.33 -27.55
N ASN V 207 60.04 82.66 -26.33
CA ASN V 207 60.98 82.85 -25.22
C ASN V 207 61.18 81.55 -24.45
N ASP V 208 60.10 81.00 -23.89
CA ASP V 208 60.18 79.73 -23.18
C ASP V 208 60.03 78.62 -24.19
N SER V 209 61.07 77.80 -24.34
CA SER V 209 61.10 76.77 -25.37
C SER V 209 61.72 75.49 -24.86
N ASN V 210 61.67 75.27 -23.55
CA ASN V 210 62.41 74.16 -22.96
C ASN V 210 61.73 72.82 -23.24
N LEU V 211 60.40 72.82 -23.25
CA LEU V 211 59.67 71.57 -23.52
C LEU V 211 59.84 71.08 -24.95
N PRO V 212 59.71 71.89 -26.02
CA PRO V 212 60.00 71.33 -27.35
C PRO V 212 61.47 71.02 -27.57
N LEU V 213 62.38 71.72 -26.90
CA LEU V 213 63.79 71.39 -27.03
C LEU V 213 64.10 70.03 -26.40
N MET V 214 63.49 69.75 -25.24
CA MET V 214 63.63 68.41 -24.67
C MET V 214 62.98 67.35 -25.55
N GLY V 215 61.88 67.69 -26.23
CA GLY V 215 61.30 66.76 -27.18
C GLY V 215 62.22 66.46 -28.36
N LEU V 216 62.87 67.50 -28.89
CA LEU V 216 63.80 67.32 -30.00
C LEU V 216 65.04 66.53 -29.57
N ILE V 217 65.53 66.78 -28.36
CA ILE V 217 66.64 66.03 -27.79
C ILE V 217 66.30 64.56 -27.68
N LEU V 218 65.09 64.26 -27.19
CA LEU V 218 64.66 62.88 -27.09
C LEU V 218 64.53 62.22 -28.46
N ALA V 219 64.06 62.98 -29.44
CA ALA V 219 63.93 62.46 -30.80
C ALA V 219 65.29 62.13 -31.40
N ALA V 220 66.27 63.01 -31.19
CA ALA V 220 67.61 62.78 -31.74
C ALA V 220 68.31 61.62 -31.05
N THR V 221 68.21 61.53 -29.71
CA THR V 221 68.88 60.45 -29.01
C THR V 221 68.16 59.13 -29.19
N GLY V 222 66.92 59.14 -29.63
CA GLY V 222 66.29 57.90 -30.01
C GLY V 222 66.69 57.49 -31.41
N LYS V 223 66.81 58.48 -32.29
CA LYS V 223 66.96 58.16 -33.70
C LYS V 223 68.40 57.81 -34.08
N SER V 224 69.38 58.42 -33.42
CA SER V 224 70.73 58.41 -33.96
C SER V 224 71.73 57.80 -32.98
N ALA V 225 71.30 56.77 -32.26
CA ALA V 225 72.17 55.83 -31.54
C ALA V 225 73.00 56.50 -30.45
N GLN V 226 72.35 57.31 -29.63
CA GLN V 226 73.01 58.12 -28.63
C GLN V 226 72.70 57.59 -27.24
N PHE V 227 73.54 57.97 -26.28
CA PHE V 227 73.68 57.24 -25.02
C PHE V 227 72.42 57.25 -24.18
N GLY V 228 72.13 56.11 -23.56
CA GLY V 228 70.87 55.87 -22.92
C GLY V 228 69.96 55.10 -23.84
N LEU V 229 70.01 55.44 -25.13
CA LEU V 229 69.19 54.82 -26.16
C LEU V 229 70.03 54.36 -27.34
N HIS V 230 71.34 54.30 -27.17
CA HIS V 230 72.28 53.82 -28.18
C HIS V 230 72.24 52.34 -28.57
N PRO V 231 72.07 51.31 -27.64
CA PRO V 231 72.60 49.98 -27.96
C PRO V 231 71.82 49.18 -29.00
N TRP V 232 70.95 49.83 -29.77
CA TRP V 232 70.34 49.21 -30.94
C TRP V 232 71.26 49.19 -32.14
N LEU V 233 72.50 49.60 -31.97
CA LEU V 233 73.44 49.76 -33.07
C LEU V 233 74.19 48.46 -33.48
N PRO V 234 74.75 47.66 -32.57
CA PRO V 234 75.22 46.34 -33.02
C PRO V 234 74.08 45.42 -33.40
N SER V 235 72.97 45.55 -32.67
CA SER V 235 71.65 45.12 -33.12
C SER V 235 71.37 45.46 -34.58
N ALA V 236 71.60 46.71 -34.99
CA ALA V 236 71.42 47.06 -36.39
C ALA V 236 72.48 46.44 -37.28
N MET V 237 73.65 46.14 -36.74
CA MET V 237 74.67 45.42 -37.49
C MET V 237 74.41 43.92 -37.58
N GLU V 238 73.36 43.40 -36.93
CA GLU V 238 73.04 41.98 -37.08
C GLU V 238 72.63 41.60 -38.50
N GLY V 239 72.11 42.53 -39.28
CA GLY V 239 71.56 42.22 -40.58
C GLY V 239 72.59 41.98 -41.67
N PRO V 240 72.17 42.03 -42.93
CA PRO V 240 73.10 41.85 -44.04
C PRO V 240 73.99 43.08 -44.21
N THR V 241 74.96 42.93 -45.10
CA THR V 241 75.99 43.95 -45.24
C THR V 241 75.56 45.23 -45.97
N PRO V 242 74.95 45.21 -47.18
CA PRO V 242 74.63 46.52 -47.79
C PRO V 242 73.46 47.21 -47.11
N VAL V 243 72.55 46.44 -46.50
CA VAL V 243 71.57 46.99 -45.57
C VAL V 243 72.25 47.79 -44.48
N SER V 244 73.28 47.20 -43.86
CA SER V 244 74.00 47.87 -42.79
C SER V 244 74.75 49.09 -43.32
N ALA V 245 75.27 49.00 -44.54
CA ALA V 245 76.04 50.08 -45.14
C ALA V 245 75.16 51.29 -45.39
N LEU V 246 74.01 51.09 -46.02
CA LEU V 246 73.11 52.21 -46.24
C LEU V 246 72.44 52.65 -44.94
N LEU V 247 72.25 51.72 -44.01
CA LEU V 247 71.57 52.02 -42.76
C LEU V 247 72.42 52.91 -41.86
N HIS V 248 73.74 52.80 -41.94
CA HIS V 248 74.55 53.61 -41.07
C HIS V 248 75.73 54.23 -41.81
N SER V 249 75.54 54.59 -43.07
CA SER V 249 76.49 55.46 -43.75
C SER V 249 76.00 56.90 -43.80
N SER V 250 74.89 57.14 -44.49
CA SER V 250 74.23 58.44 -44.49
C SER V 250 72.79 58.33 -44.01
N THR V 251 72.00 57.49 -44.67
CA THR V 251 70.58 57.40 -44.42
C THR V 251 70.32 56.75 -43.07
N MET V 252 69.29 57.25 -42.38
CA MET V 252 68.69 56.69 -41.15
C MET V 252 69.59 56.87 -39.92
N VAL V 253 70.84 57.23 -40.13
CA VAL V 253 71.75 57.46 -39.03
C VAL V 253 71.95 58.95 -38.76
N VAL V 254 71.86 59.80 -39.79
CA VAL V 254 71.98 61.23 -39.58
C VAL V 254 70.64 61.89 -39.33
N ALA V 255 69.53 61.15 -39.43
CA ALA V 255 68.21 61.75 -39.33
C ALA V 255 67.92 62.28 -37.93
N GLY V 256 68.59 61.76 -36.90
CA GLY V 256 68.45 62.32 -35.57
C GLY V 256 69.07 63.70 -35.46
N ILE V 257 70.28 63.85 -36.00
CA ILE V 257 70.93 65.16 -35.94
C ILE V 257 70.50 66.06 -37.07
N PHE V 258 69.83 65.50 -38.09
CA PHE V 258 69.30 66.30 -39.20
C PHE V 258 68.24 67.27 -38.70
N LEU V 259 67.43 66.83 -37.75
CA LEU V 259 66.35 67.65 -37.21
C LEU V 259 66.90 68.81 -36.40
N LEU V 260 67.86 68.53 -35.52
CA LEU V 260 68.48 69.58 -34.73
C LEU V 260 69.26 70.55 -35.59
N ILE V 261 69.83 70.08 -36.70
CA ILE V 261 70.40 70.99 -37.68
C ILE V 261 69.32 71.85 -38.31
N ARG V 262 68.17 71.25 -38.62
CA ARG V 262 67.12 71.97 -39.32
C ARG V 262 66.48 73.05 -38.44
N PHE V 263 66.50 72.88 -37.12
CA PHE V 263 65.91 73.87 -36.21
C PHE V 263 66.96 74.80 -35.60
N TYR V 264 67.97 75.18 -36.37
CA TYR V 264 69.00 76.07 -35.86
C TYR V 264 68.54 77.49 -35.47
N PRO V 265 67.52 78.13 -36.07
CA PRO V 265 67.07 79.40 -35.47
C PRO V 265 66.41 79.20 -34.13
N LEU V 266 65.78 78.05 -33.90
CA LEU V 266 65.20 77.80 -32.60
C LEU V 266 66.28 77.49 -31.57
N THR V 267 67.35 76.80 -31.97
CA THR V 267 68.43 76.53 -31.02
C THR V 267 69.58 77.52 -31.15
N GLU V 268 69.31 78.73 -31.65
CA GLU V 268 70.25 79.85 -31.45
C GLU V 268 70.46 80.12 -29.97
N ASN V 269 69.41 80.54 -29.28
CA ASN V 269 69.48 80.95 -27.89
C ASN V 269 69.25 79.73 -27.00
N ASN V 270 68.90 79.98 -25.73
CA ASN V 270 68.70 78.96 -24.69
C ASN V 270 69.98 78.17 -24.46
N LYS V 271 70.93 78.85 -23.81
CA LYS V 271 72.23 78.28 -23.46
C LYS V 271 72.12 77.00 -22.63
N PHE V 272 71.05 76.88 -21.84
CA PHE V 272 70.71 75.60 -21.22
C PHE V 272 70.52 74.51 -22.27
N GLY V 273 69.90 74.86 -23.40
CA GLY V 273 69.71 73.89 -24.47
C GLY V 273 71.01 73.47 -25.12
N GLN V 274 71.87 74.44 -25.46
CA GLN V 274 73.16 74.08 -26.08
C GLN V 274 74.07 73.35 -25.11
N SER V 275 73.94 73.61 -23.81
CA SER V 275 74.67 72.84 -22.81
C SER V 275 74.21 71.39 -22.79
N ILE V 276 72.90 71.17 -22.87
CA ILE V 276 72.36 69.82 -22.97
C ILE V 276 72.89 69.12 -24.22
N MET V 277 72.89 69.84 -25.36
CA MET V 277 73.42 69.35 -26.63
C MET V 277 74.84 68.83 -26.50
N LEU V 278 75.76 69.69 -26.08
CA LEU V 278 77.16 69.28 -26.13
C LEU V 278 77.54 68.36 -24.98
N CYS V 279 76.87 68.44 -23.82
CA CYS V 279 77.15 67.48 -22.75
C CYS V 279 76.68 66.08 -23.12
N LEU V 280 75.48 65.97 -23.71
CA LEU V 280 75.00 64.68 -24.16
C LEU V 280 75.90 64.10 -25.24
N GLY V 281 76.35 64.95 -26.18
CA GLY V 281 77.22 64.47 -27.23
C GLY V 281 78.58 64.00 -26.73
N ALA V 282 79.14 64.70 -25.74
CA ALA V 282 80.40 64.27 -25.14
C ALA V 282 80.24 62.94 -24.42
N MET V 283 79.09 62.74 -23.77
CA MET V 283 78.81 61.47 -23.10
C MET V 283 78.72 60.33 -24.10
N THR V 284 77.99 60.54 -25.20
CA THR V 284 77.89 59.54 -26.27
C THR V 284 79.26 59.21 -26.84
N THR V 285 80.08 60.23 -27.06
CA THR V 285 81.33 60.03 -27.75
C THR V 285 82.31 59.26 -26.89
N LEU V 286 82.39 59.61 -25.60
CA LEU V 286 83.30 58.88 -24.72
C LEU V 286 82.83 57.47 -24.48
N PHE V 287 81.51 57.26 -24.33
CA PHE V 287 81.05 55.91 -24.01
C PHE V 287 81.22 54.97 -25.21
N THR V 288 80.92 55.44 -26.42
CA THR V 288 81.09 54.56 -27.56
C THR V 288 82.56 54.41 -27.95
N ALA V 289 83.40 55.41 -27.66
CA ALA V 289 84.83 55.22 -27.91
C ALA V 289 85.43 54.24 -26.91
N MET V 290 85.01 54.29 -25.66
CA MET V 290 85.51 53.35 -24.67
C MET V 290 84.96 51.95 -24.90
N CYS V 291 83.73 51.85 -25.40
CA CYS V 291 83.16 50.56 -25.73
C CYS V 291 83.76 49.97 -27.01
N ALA V 292 84.22 50.84 -27.91
CA ALA V 292 84.76 50.38 -29.19
C ALA V 292 86.10 49.66 -29.03
N LEU V 293 86.83 49.92 -27.96
CA LEU V 293 88.06 49.18 -27.74
C LEU V 293 87.74 47.76 -27.28
N THR V 294 88.61 46.84 -27.68
CA THR V 294 88.47 45.40 -27.48
C THR V 294 87.13 44.91 -28.04
N GLN V 295 87.05 44.98 -29.36
CA GLN V 295 85.94 44.37 -30.06
C GLN V 295 86.53 43.60 -31.23
N ASN V 296 85.87 42.51 -31.60
CA ASN V 296 86.42 41.61 -32.60
C ASN V 296 85.52 41.36 -33.80
N ASP V 297 84.26 41.77 -33.74
CA ASP V 297 83.41 41.76 -34.91
C ASP V 297 83.59 43.07 -35.65
N ILE V 298 83.71 43.00 -36.98
CA ILE V 298 84.08 44.17 -37.75
C ILE V 298 82.96 45.19 -37.77
N LYS V 299 81.73 44.72 -37.98
CA LYS V 299 80.60 45.61 -38.14
C LYS V 299 80.25 46.32 -36.84
N LYS V 300 80.46 45.66 -35.70
CA LYS V 300 80.30 46.33 -34.41
C LYS V 300 81.32 47.44 -34.22
N ILE V 301 82.54 47.24 -34.72
CA ILE V 301 83.57 48.27 -34.64
C ILE V 301 83.21 49.47 -35.51
N ILE V 302 82.76 49.22 -36.74
CA ILE V 302 82.44 50.33 -37.64
C ILE V 302 81.20 51.07 -37.14
N ALA V 303 80.28 50.35 -36.49
CA ALA V 303 79.11 50.99 -35.93
C ALA V 303 79.46 51.83 -34.71
N PHE V 304 80.36 51.35 -33.86
CA PHE V 304 80.77 52.16 -32.73
C PHE V 304 81.53 53.39 -33.18
N SER V 305 82.29 53.26 -34.28
CA SER V 305 82.96 54.43 -34.83
C SER V 305 81.96 55.44 -35.36
N THR V 306 80.89 54.98 -36.02
CA THR V 306 79.93 55.96 -36.55
C THR V 306 79.12 56.59 -35.42
N SER V 307 78.94 55.88 -34.31
CA SER V 307 78.32 56.52 -33.15
C SER V 307 79.23 57.58 -32.55
N SER V 308 80.53 57.34 -32.56
CA SER V 308 81.47 58.36 -32.08
C SER V 308 81.46 59.60 -32.96
N GLN V 309 81.39 59.41 -34.28
CA GLN V 309 81.35 60.57 -35.18
C GLN V 309 80.04 61.35 -35.03
N LEU V 310 78.94 60.64 -34.81
CA LEU V 310 77.69 61.32 -34.52
C LEU V 310 77.74 62.07 -33.18
N GLY V 311 78.50 61.55 -32.22
CA GLY V 311 78.67 62.30 -30.98
C GLY V 311 79.47 63.58 -31.18
N LEU V 312 80.48 63.53 -32.06
CA LEU V 312 81.14 64.76 -32.49
C LEU V 312 80.16 65.74 -33.13
N MET V 313 79.20 65.25 -33.91
CA MET V 313 78.24 66.17 -34.50
C MET V 313 77.26 66.74 -33.47
N MET V 314 76.95 65.99 -32.43
CA MET V 314 76.15 66.55 -31.33
C MET V 314 76.91 67.65 -30.60
N VAL V 315 78.21 67.47 -30.41
CA VAL V 315 79.04 68.55 -29.84
C VAL V 315 79.07 69.75 -30.79
N THR V 316 79.11 69.47 -32.09
CA THR V 316 79.12 70.51 -33.11
C THR V 316 77.82 71.31 -33.11
N ILE V 317 76.71 70.68 -32.72
CA ILE V 317 75.47 71.42 -32.56
C ILE V 317 75.46 72.16 -31.21
N GLY V 318 76.18 71.61 -30.21
CA GLY V 318 76.30 72.29 -28.93
C GLY V 318 76.99 73.64 -29.04
N ILE V 319 78.08 73.70 -29.78
CA ILE V 319 78.60 75.00 -30.21
C ILE V 319 77.68 75.50 -31.33
N ASN V 320 77.52 76.82 -31.45
CA ASN V 320 76.62 77.30 -32.51
C ASN V 320 77.25 77.20 -33.89
N GLN V 321 77.41 75.97 -34.40
CA GLN V 321 78.06 75.70 -35.68
C GLN V 321 77.35 74.55 -36.39
N PRO V 322 76.23 74.82 -37.05
CA PRO V 322 75.49 73.71 -37.68
C PRO V 322 76.06 73.28 -39.03
N HIS V 323 76.68 74.21 -39.74
CA HIS V 323 77.07 73.96 -41.12
C HIS V 323 78.33 73.09 -41.20
N LEU V 324 79.22 73.22 -40.21
CA LEU V 324 80.32 72.26 -40.10
C LEU V 324 79.82 70.86 -39.79
N ALA V 325 78.73 70.75 -39.02
CA ALA V 325 78.14 69.44 -38.78
C ALA V 325 77.56 68.85 -40.06
N PHE V 326 76.98 69.69 -40.92
CA PHE V 326 76.49 69.19 -42.21
C PHE V 326 77.65 68.77 -43.13
N LEU V 327 78.74 69.54 -43.10
CA LEU V 327 79.97 69.15 -43.79
C LEU V 327 80.45 67.79 -43.30
N HIS V 328 80.36 67.57 -41.99
CA HIS V 328 80.75 66.30 -41.40
C HIS V 328 79.81 65.18 -41.84
N ILE V 329 78.52 65.47 -42.01
CA ILE V 329 77.56 64.49 -42.53
C ILE V 329 77.99 63.99 -43.89
N CYS V 330 78.31 64.92 -44.80
CA CYS V 330 78.65 64.54 -46.16
C CYS V 330 79.95 63.75 -46.24
N THR V 331 81.01 64.27 -45.59
CA THR V 331 82.30 63.58 -45.59
C THR V 331 82.22 62.22 -44.91
N HIS V 332 81.57 62.17 -43.75
CA HIS V 332 81.29 60.93 -43.03
C HIS V 332 80.51 59.94 -43.86
N ALA V 333 79.61 60.42 -44.71
CA ALA V 333 78.78 59.54 -45.53
C ALA V 333 79.61 58.80 -46.56
N PHE V 334 80.36 59.56 -47.38
CA PHE V 334 81.33 58.97 -48.32
C PHE V 334 82.26 57.99 -47.61
N PHE V 335 82.78 58.45 -46.47
CA PHE V 335 83.76 57.78 -45.65
C PHE V 335 83.31 56.38 -45.22
N LYS V 336 82.25 56.31 -44.42
CA LYS V 336 81.89 54.99 -43.91
C LYS V 336 81.04 54.16 -44.87
N ALA V 337 80.45 54.74 -45.92
CA ALA V 337 79.93 53.88 -46.96
C ALA V 337 81.05 53.10 -47.64
N MET V 338 82.16 53.78 -47.93
CA MET V 338 83.32 53.12 -48.50
C MET V 338 83.91 52.10 -47.53
N LEU V 339 83.86 52.41 -46.24
CA LEU V 339 84.43 51.49 -45.24
C LEU V 339 83.61 50.21 -45.08
N PHE V 340 82.27 50.35 -44.95
CA PHE V 340 81.41 49.17 -44.90
C PHE V 340 81.50 48.34 -46.17
N MET V 341 81.62 49.00 -47.32
CA MET V 341 81.69 48.26 -48.57
C MET V 341 82.99 47.47 -48.69
N CYS V 342 84.10 48.05 -48.22
CA CYS V 342 85.36 47.30 -48.17
C CYS V 342 85.27 46.13 -47.20
N SER V 343 84.63 46.34 -46.05
CA SER V 343 84.49 45.28 -45.05
C SER V 343 83.67 44.12 -45.59
N GLY V 344 82.54 44.41 -46.25
CA GLY V 344 81.74 43.37 -46.83
C GLY V 344 82.41 42.65 -47.97
N SER V 345 83.28 43.36 -48.71
CA SER V 345 84.11 42.71 -49.73
C SER V 345 85.03 41.68 -49.11
N ILE V 346 85.68 42.03 -47.99
CA ILE V 346 86.55 41.08 -47.30
C ILE V 346 85.77 39.89 -46.77
N ILE V 347 84.60 40.16 -46.17
CA ILE V 347 83.82 39.11 -45.51
C ILE V 347 83.26 38.12 -46.52
N HIS V 348 82.69 38.60 -47.62
CA HIS V 348 82.23 37.67 -48.63
C HIS V 348 83.38 37.08 -49.44
N SER V 349 84.56 37.70 -49.40
CA SER V 349 85.72 37.04 -49.98
C SER V 349 86.15 35.86 -49.14
N LEU V 350 85.92 35.89 -47.83
CA LEU V 350 86.43 34.81 -47.00
C LEU V 350 85.27 34.06 -46.35
N ASN V 351 84.28 33.69 -47.17
CA ASN V 351 83.24 32.71 -46.86
C ASN V 351 82.33 33.14 -45.71
N ASP V 352 82.14 34.45 -45.56
CA ASP V 352 81.20 35.05 -44.61
C ASP V 352 81.51 34.67 -43.16
N GLU V 353 82.79 34.78 -42.79
CA GLU V 353 83.23 34.38 -41.47
C GLU V 353 83.45 35.55 -40.52
N GLN V 354 83.80 36.73 -41.06
CA GLN V 354 83.46 38.04 -40.51
C GLN V 354 84.23 38.43 -39.25
N ASP V 355 84.94 37.50 -38.63
CA ASP V 355 85.54 37.78 -37.33
C ASP V 355 87.00 38.11 -37.50
N ILE V 356 87.53 38.97 -36.63
CA ILE V 356 88.90 39.46 -36.78
C ILE V 356 89.91 38.40 -36.34
N ARG V 357 89.68 37.77 -35.20
CA ARG V 357 90.28 36.46 -34.99
C ARG V 357 89.77 35.54 -36.09
N LYS V 358 90.67 34.70 -36.59
CA LYS V 358 90.49 33.91 -37.82
C LYS V 358 90.29 34.86 -39.02
N MET V 359 91.09 35.94 -39.07
CA MET V 359 91.20 36.76 -40.28
C MET V 359 92.60 37.34 -40.51
N GLY V 360 93.56 37.04 -39.64
CA GLY V 360 94.72 37.87 -39.35
C GLY V 360 95.48 38.66 -40.41
N GLY V 361 96.12 37.97 -41.35
CA GLY V 361 96.93 38.65 -42.34
C GLY V 361 96.38 38.55 -43.74
N LEU V 362 95.87 39.66 -44.26
CA LEU V 362 95.27 39.67 -45.59
C LEU V 362 95.86 40.76 -46.49
N PHE V 363 96.93 41.42 -46.07
CA PHE V 363 97.66 42.28 -46.98
C PHE V 363 98.31 41.44 -48.08
N LYS V 364 98.26 41.97 -49.31
CA LYS V 364 98.64 41.37 -50.59
C LYS V 364 97.73 40.22 -51.02
N ALA V 365 96.76 39.81 -50.20
CA ALA V 365 95.58 39.16 -50.73
C ALA V 365 94.71 40.26 -51.30
N MET V 366 94.47 40.23 -52.62
CA MET V 366 94.77 41.31 -53.56
C MET V 366 94.61 42.72 -52.98
N PRO V 367 95.65 43.54 -53.09
CA PRO V 367 95.76 44.75 -52.27
C PRO V 367 94.84 45.89 -52.67
N PHE V 368 93.90 45.66 -53.58
CA PHE V 368 92.86 46.66 -53.84
C PHE V 368 92.02 46.88 -52.60
N THR V 369 91.61 45.81 -51.94
CA THR V 369 90.84 45.95 -50.72
C THR V 369 91.69 46.41 -49.54
N THR V 370 92.97 46.03 -49.47
CA THR V 370 93.80 46.47 -48.35
C THR V 370 94.12 47.94 -48.50
N THR V 371 94.40 48.36 -49.74
CA THR V 371 94.54 49.78 -50.06
C THR V 371 93.26 50.54 -49.73
N ALA V 372 92.11 49.96 -50.08
CA ALA V 372 90.82 50.60 -49.78
C ALA V 372 90.63 50.82 -48.29
N LEU V 373 90.93 49.80 -47.48
CA LEU V 373 90.72 49.95 -46.06
C LEU V 373 91.76 50.85 -45.41
N ILE V 374 92.99 50.90 -45.93
CA ILE V 374 93.93 51.81 -45.29
C ILE V 374 93.65 53.25 -45.70
N ILE V 375 93.12 53.47 -46.92
CA ILE V 375 92.61 54.79 -47.30
C ILE V 375 91.50 55.22 -46.35
N GLY V 376 90.52 54.34 -46.12
CA GLY V 376 89.42 54.67 -45.24
C GLY V 376 89.84 54.93 -43.81
N SER V 377 90.62 54.01 -43.24
CA SER V 377 90.95 54.12 -41.84
C SER V 377 92.06 55.13 -41.54
N LEU V 378 92.79 55.61 -42.55
CA LEU V 378 93.61 56.78 -42.32
C LEU V 378 92.90 58.08 -42.66
N ALA V 379 91.85 58.02 -43.47
CA ALA V 379 90.94 59.15 -43.56
C ALA V 379 90.18 59.34 -42.27
N LEU V 380 90.04 58.27 -41.48
CA LEU V 380 89.64 58.44 -40.09
C LEU V 380 90.73 59.18 -39.36
N THR V 381 90.31 60.16 -38.55
CA THR V 381 91.07 61.20 -37.85
C THR V 381 91.70 62.23 -38.78
N GLY V 382 91.58 62.08 -40.10
CA GLY V 382 92.06 63.11 -41.00
C GLY V 382 93.57 63.25 -41.10
N MET V 383 94.23 62.32 -41.79
CA MET V 383 95.62 62.52 -42.20
C MET V 383 95.76 63.86 -42.92
N PRO V 384 96.51 64.81 -42.35
CA PRO V 384 96.43 66.21 -42.79
C PRO V 384 97.10 66.46 -44.13
N PHE V 385 96.34 66.99 -45.09
CA PHE V 385 94.91 67.27 -44.92
C PHE V 385 94.07 66.80 -46.10
N LEU V 386 93.14 65.92 -45.76
CA LEU V 386 92.25 65.22 -46.66
C LEU V 386 90.82 65.66 -46.32
N THR V 387 89.82 64.97 -46.88
CA THR V 387 88.42 65.30 -46.60
C THR V 387 88.08 65.10 -45.13
N GLY V 388 88.65 64.07 -44.51
CA GLY V 388 88.41 63.83 -43.10
C GLY V 388 89.09 64.83 -42.17
N PHE V 389 90.05 65.60 -42.69
CA PHE V 389 90.71 66.61 -41.89
C PHE V 389 89.75 67.73 -41.53
N TYR V 390 89.02 68.21 -42.55
CA TYR V 390 88.31 69.49 -42.49
C TYR V 390 87.25 69.47 -41.41
N SER V 391 86.32 68.51 -41.52
CA SER V 391 85.20 68.38 -40.60
C SER V 391 85.70 68.21 -39.16
N LYS V 392 86.42 67.11 -38.89
CA LYS V 392 86.80 66.76 -37.53
C LYS V 392 87.71 67.81 -36.89
N ASP V 393 88.71 68.28 -37.64
CA ASP V 393 89.67 69.15 -36.98
C ASP V 393 89.19 70.59 -36.87
N LEU V 394 88.44 71.11 -37.86
CA LEU V 394 87.85 72.42 -37.66
C LEU V 394 86.77 72.40 -36.59
N ILE V 395 86.06 71.27 -36.44
CA ILE V 395 85.10 71.13 -35.35
C ILE V 395 85.79 71.18 -33.99
N ILE V 396 86.89 70.43 -33.84
CA ILE V 396 87.49 70.39 -32.50
C ILE V 396 88.23 71.69 -32.20
N GLU V 397 88.80 72.35 -33.20
CA GLU V 397 89.45 73.63 -32.93
C GLU V 397 88.44 74.74 -32.70
N SER V 398 87.29 74.70 -33.38
CA SER V 398 86.24 75.69 -33.12
C SER V 398 85.58 75.43 -31.77
N ALA V 399 85.50 74.18 -31.35
CA ALA V 399 85.06 73.86 -29.99
C ALA V 399 86.07 74.36 -28.97
N ASN V 400 87.35 74.30 -29.31
CA ASN V 400 88.38 74.81 -28.43
C ASN V 400 88.32 76.33 -28.35
N THR V 401 87.93 76.98 -29.44
CA THR V 401 87.72 78.43 -29.44
C THR V 401 86.25 78.77 -29.20
N SER V 402 85.71 78.25 -28.11
CA SER V 402 84.30 78.47 -27.80
C SER V 402 84.11 78.49 -26.29
N TYR V 403 83.03 79.13 -25.87
CA TYR V 403 82.60 79.13 -24.48
C TYR V 403 82.02 77.75 -24.18
N THR V 404 82.92 76.80 -23.92
CA THR V 404 82.62 75.38 -23.90
C THR V 404 82.24 75.02 -22.46
N ASN V 405 82.15 73.72 -22.15
CA ASN V 405 81.76 73.29 -20.82
C ASN V 405 82.94 72.69 -20.06
N ALA V 406 84.16 72.86 -20.57
CA ALA V 406 85.45 72.50 -19.95
C ALA V 406 85.65 71.02 -19.68
N TRP V 407 84.72 70.19 -20.08
CA TRP V 407 84.86 68.77 -19.87
C TRP V 407 84.63 68.07 -21.21
N ALA V 408 83.75 68.66 -22.01
CA ALA V 408 83.51 68.16 -23.36
C ALA V 408 84.75 68.31 -24.23
N LEU V 409 85.59 69.31 -23.96
CA LEU V 409 86.85 69.46 -24.68
C LEU V 409 87.76 68.27 -24.41
N LEU V 410 87.87 67.87 -23.14
CA LEU V 410 88.64 66.70 -22.79
C LEU V 410 87.99 65.41 -23.29
N MET V 411 86.66 65.42 -23.43
CA MET V 411 85.98 64.25 -24.00
C MET V 411 86.31 64.09 -25.47
N THR V 412 86.32 65.19 -26.23
CA THR V 412 86.74 65.13 -27.62
C THR V 412 88.22 64.75 -27.74
N LEU V 413 89.04 65.18 -26.78
CA LEU V 413 90.45 64.80 -26.72
C LEU V 413 90.61 63.28 -26.62
N VAL V 414 90.01 62.70 -25.57
CA VAL V 414 90.11 61.27 -25.32
C VAL V 414 89.42 60.47 -26.41
N ALA V 415 88.37 61.02 -27.01
CA ALA V 415 87.66 60.30 -28.06
C ALA V 415 88.45 60.28 -29.36
N THR V 416 89.16 61.37 -29.67
CA THR V 416 90.03 61.37 -30.85
C THR V 416 91.18 60.40 -30.67
N SER V 417 91.74 60.34 -29.45
CA SER V 417 92.79 59.36 -29.16
C SER V 417 92.27 57.93 -29.30
N PHE V 418 91.06 57.67 -28.79
CA PHE V 418 90.50 56.33 -28.87
C PHE V 418 90.18 55.92 -30.30
N THR V 419 89.67 56.85 -31.10
CA THR V 419 89.32 56.46 -32.46
C THR V 419 90.59 56.26 -33.30
N ALA V 420 91.66 56.97 -32.95
CA ALA V 420 92.97 56.66 -33.52
C ALA V 420 93.44 55.25 -33.16
N ILE V 421 93.30 54.87 -31.89
CA ILE V 421 93.92 53.59 -31.48
C ILE V 421 93.12 52.41 -31.99
N TYR V 422 91.77 52.50 -32.04
CA TYR V 422 91.10 51.33 -32.63
C TYR V 422 91.16 51.32 -34.14
N SER V 423 91.32 52.48 -34.80
CA SER V 423 91.59 52.47 -36.24
C SER V 423 92.89 51.74 -36.56
N THR V 424 93.96 52.09 -35.84
CA THR V 424 95.25 51.44 -36.10
C THR V 424 95.23 49.97 -35.70
N ARG V 425 94.51 49.64 -34.62
CA ARG V 425 94.42 48.24 -34.21
C ARG V 425 93.64 47.42 -35.22
N ILE V 426 92.57 47.99 -35.81
CA ILE V 426 91.80 47.19 -36.75
C ILE V 426 92.56 47.04 -38.07
N ILE V 427 93.39 48.03 -38.44
CA ILE V 427 94.24 47.83 -39.62
C ILE V 427 95.26 46.73 -39.35
N PHE V 428 95.90 46.75 -38.18
CA PHE V 428 96.93 45.76 -37.88
C PHE V 428 96.36 44.35 -37.79
N PHE V 429 95.30 44.18 -37.02
CA PHE V 429 94.67 42.87 -36.90
C PHE V 429 94.00 42.40 -38.18
N ALA V 430 93.62 43.32 -39.07
CA ALA V 430 92.95 42.88 -40.28
C ALA V 430 93.94 42.50 -41.38
N LEU V 431 94.97 43.31 -41.57
CA LEU V 431 95.71 43.26 -42.83
C LEU V 431 97.15 42.80 -42.67
N LEU V 432 97.93 43.45 -41.80
CA LEU V 432 99.37 43.25 -41.76
C LEU V 432 99.81 42.40 -40.57
N GLY V 433 99.00 41.42 -40.19
CA GLY V 433 99.39 40.44 -39.20
C GLY V 433 99.97 39.21 -39.85
N GLN V 434 99.84 38.09 -39.15
CA GLN V 434 100.20 36.86 -39.86
C GLN V 434 98.94 36.10 -40.23
N PRO V 435 98.90 35.53 -41.45
CA PRO V 435 97.64 35.03 -42.01
C PRO V 435 97.05 33.83 -41.27
N ARG V 436 95.95 34.06 -40.57
CA ARG V 436 95.29 33.01 -39.80
C ARG V 436 93.86 32.89 -40.34
N PHE V 437 93.68 32.07 -41.38
CA PHE V 437 92.35 31.90 -41.93
C PHE V 437 92.32 30.55 -42.61
N PRO V 438 91.21 29.80 -42.55
CA PRO V 438 91.24 28.40 -42.92
C PRO V 438 91.47 28.18 -44.41
N THR V 439 91.95 27.00 -44.73
CA THR V 439 92.49 26.70 -46.05
C THR V 439 91.38 26.50 -47.08
N LEU V 440 91.78 26.04 -48.26
CA LEU V 440 91.01 26.10 -49.50
C LEU V 440 90.53 27.54 -49.72
N ILE V 441 91.53 28.39 -49.98
CA ILE V 441 91.26 29.81 -50.18
C ILE V 441 90.42 29.99 -51.44
N ASN V 442 89.51 30.95 -51.40
CA ASN V 442 88.67 31.26 -52.54
C ASN V 442 88.56 32.77 -52.71
N ILE V 443 89.69 33.45 -52.53
CA ILE V 443 89.75 34.90 -52.57
C ILE V 443 89.71 35.34 -54.03
N ASN V 444 88.77 36.22 -54.36
CA ASN V 444 88.65 36.75 -55.71
C ASN V 444 88.05 38.14 -55.64
N GLU V 445 88.72 39.10 -56.28
CA GLU V 445 88.16 40.42 -56.49
C GLU V 445 88.31 40.90 -57.92
N ASN V 446 88.67 40.02 -58.84
CA ASN V 446 88.63 40.35 -60.25
C ASN V 446 87.16 40.38 -60.66
N ASN V 447 86.55 41.54 -60.52
CA ASN V 447 85.12 41.72 -60.46
C ASN V 447 84.80 43.14 -60.87
N PRO V 448 84.07 43.35 -61.97
CA PRO V 448 83.91 44.73 -62.46
C PRO V 448 83.06 45.60 -61.56
N PHE V 449 82.01 45.05 -60.96
CA PHE V 449 81.11 45.85 -60.14
C PHE V 449 81.79 46.29 -58.85
N LEU V 450 82.59 45.42 -58.24
CA LEU V 450 83.23 45.78 -56.99
C LEU V 450 84.35 46.79 -57.20
N ILE V 451 85.15 46.63 -58.27
CA ILE V 451 86.20 47.59 -58.50
C ILE V 451 85.61 48.93 -58.93
N ASN V 452 84.47 48.91 -59.62
CA ASN V 452 83.78 50.15 -59.95
C ASN V 452 83.27 50.85 -58.70
N SER V 453 82.69 50.11 -57.77
CA SER V 453 82.11 50.71 -56.58
C SER V 453 83.18 51.24 -55.64
N ILE V 454 84.22 50.45 -55.39
CA ILE V 454 85.31 50.86 -54.51
C ILE V 454 86.10 52.00 -55.13
N LYS V 455 86.35 51.94 -56.45
CA LYS V 455 86.97 53.03 -57.18
C LYS V 455 86.19 54.32 -57.04
N ARG V 456 84.88 54.23 -57.24
CA ARG V 456 84.01 55.38 -57.21
C ARG V 456 83.96 56.02 -55.83
N LEU V 457 83.97 55.20 -54.78
CA LEU V 457 83.94 55.81 -53.45
C LEU V 457 85.29 56.23 -52.90
N LEU V 458 86.40 55.67 -53.36
CA LEU V 458 87.67 56.28 -52.94
C LEU V 458 87.88 57.60 -53.67
N ILE V 459 87.49 57.67 -54.95
CA ILE V 459 87.53 58.93 -55.68
C ILE V 459 86.57 59.95 -55.07
N GLY V 460 85.43 59.49 -54.53
CA GLY V 460 84.55 60.38 -53.81
C GLY V 460 85.15 60.87 -52.51
N SER V 461 85.56 59.95 -51.64
CA SER V 461 86.06 60.31 -50.32
C SER V 461 87.45 60.93 -50.34
N LEU V 462 88.10 61.07 -51.50
CA LEU V 462 89.34 61.83 -51.56
C LEU V 462 89.16 63.28 -51.98
N PHE V 463 88.11 63.62 -52.71
CA PHE V 463 87.96 64.95 -53.27
C PHE V 463 86.73 65.71 -52.79
N ALA V 464 85.65 65.00 -52.44
CA ALA V 464 84.36 65.65 -52.26
C ALA V 464 84.31 66.51 -51.01
N GLY V 465 85.11 66.17 -49.99
CA GLY V 465 85.17 67.03 -48.81
C GLY V 465 85.72 68.40 -49.11
N PHE V 466 86.83 68.44 -49.86
CA PHE V 466 87.40 69.72 -50.28
C PHE V 466 86.49 70.46 -51.25
N ILE V 467 85.86 69.73 -52.18
CA ILE V 467 85.01 70.36 -53.18
C ILE V 467 83.77 70.96 -52.54
N ILE V 468 83.15 70.25 -51.61
CA ILE V 468 81.96 70.77 -50.94
C ILE V 468 82.34 71.88 -49.96
N SER V 469 83.39 71.68 -49.15
CA SER V 469 83.79 72.65 -48.15
C SER V 469 84.32 73.95 -48.76
N ASN V 470 84.77 73.91 -50.01
CA ASN V 470 85.27 75.13 -50.63
C ASN V 470 84.11 76.06 -51.00
N ASN V 471 83.17 75.57 -51.80
CA ASN V 471 82.11 76.46 -52.29
C ASN V 471 80.84 76.42 -51.44
N ILE V 472 80.98 76.59 -50.13
CA ILE V 472 79.79 76.85 -49.33
C ILE V 472 79.64 78.36 -49.26
N PRO V 473 78.43 78.90 -49.30
CA PRO V 473 78.22 80.27 -48.86
C PRO V 473 78.56 80.39 -47.39
N PRO V 474 79.34 81.40 -46.99
CA PRO V 474 79.79 81.46 -45.60
C PRO V 474 78.66 81.81 -44.65
N MET V 475 78.17 80.78 -43.97
CA MET V 475 77.02 80.90 -43.09
C MET V 475 77.43 81.16 -41.65
N THR V 476 78.73 81.29 -41.39
CA THR V 476 79.21 81.63 -40.07
C THR V 476 80.54 82.35 -40.23
N ILE V 477 81.00 82.95 -39.14
CA ILE V 477 82.30 83.62 -39.10
C ILE V 477 83.34 82.60 -38.63
N PRO V 478 84.30 82.23 -39.47
CA PRO V 478 85.35 81.32 -39.02
C PRO V 478 86.28 81.99 -38.03
N GLN V 479 86.77 81.19 -37.09
CA GLN V 479 87.60 81.75 -36.02
C GLN V 479 89.01 82.04 -36.51
N MET V 480 89.74 80.99 -36.89
CA MET V 480 91.04 81.00 -37.59
C MET V 480 92.18 81.56 -36.73
N THR V 481 91.90 82.08 -35.53
CA THR V 481 92.89 82.74 -34.69
C THR V 481 93.03 81.92 -33.41
N MET V 482 93.85 80.89 -33.49
CA MET V 482 94.02 80.05 -32.32
C MET V 482 95.34 80.36 -31.63
N PRO V 483 95.42 80.14 -30.32
CA PRO V 483 96.72 80.20 -29.66
C PRO V 483 97.61 79.04 -30.07
N HIS V 484 98.87 79.16 -29.68
CA HIS V 484 99.80 78.05 -29.87
C HIS V 484 99.41 76.92 -28.90
N TYR V 485 99.86 75.70 -29.24
CA TYR V 485 99.50 74.42 -28.61
C TYR V 485 97.99 74.22 -28.46
N LEU V 486 97.20 74.84 -29.33
CA LEU V 486 95.77 74.57 -29.41
C LEU V 486 95.31 74.27 -30.83
N LYS V 487 96.13 74.54 -31.83
CA LYS V 487 95.90 74.08 -33.20
C LYS V 487 96.71 72.84 -33.53
N MET V 488 97.89 72.71 -32.91
CA MET V 488 98.74 71.53 -33.05
C MET V 488 98.10 70.30 -32.42
N THR V 489 97.17 70.48 -31.48
CA THR V 489 96.70 69.42 -30.61
C THR V 489 95.94 68.31 -31.35
N ALA V 490 95.33 68.62 -32.51
CA ALA V 490 94.64 67.61 -33.29
C ALA V 490 95.61 66.55 -33.80
N LEU V 491 96.61 67.00 -34.56
CA LEU V 491 97.67 66.13 -35.05
C LEU V 491 98.45 65.50 -33.90
N THR V 492 98.60 66.22 -32.78
CA THR V 492 99.26 65.67 -31.60
C THR V 492 98.53 64.45 -31.06
N VAL V 493 97.20 64.55 -30.91
CA VAL V 493 96.41 63.46 -30.37
C VAL V 493 96.36 62.29 -31.35
N THR V 494 96.24 62.57 -32.65
CA THR V 494 96.20 61.47 -33.61
C THR V 494 97.53 60.74 -33.70
N ILE V 495 98.65 61.46 -33.64
CA ILE V 495 99.96 60.82 -33.69
C ILE V 495 100.23 60.02 -32.42
N LEU V 496 99.85 60.55 -31.25
CA LEU V 496 100.05 59.77 -30.03
C LEU V 496 99.12 58.56 -29.99
N GLY V 497 97.95 58.65 -30.61
CA GLY V 497 97.11 57.48 -30.75
C GLY V 497 97.72 56.41 -31.64
N PHE V 498 98.34 56.83 -32.75
CA PHE V 498 99.03 55.89 -33.63
C PHE V 498 100.17 55.18 -32.90
N ILE V 499 100.97 55.95 -32.15
CA ILE V 499 102.10 55.39 -31.42
C ILE V 499 101.62 54.48 -30.29
N LEU V 500 100.50 54.85 -29.64
CA LEU V 500 99.97 54.06 -28.53
C LEU V 500 99.42 52.72 -29.02
N ALA V 501 98.70 52.73 -30.14
CA ALA V 501 98.25 51.46 -30.71
C ALA V 501 99.41 50.64 -31.26
N LEU V 502 100.47 51.32 -31.73
CA LEU V 502 101.66 50.61 -32.18
C LEU V 502 102.35 49.87 -31.04
N GLU V 503 102.45 50.52 -29.88
CA GLU V 503 103.12 49.83 -28.77
C GLU V 503 102.22 48.76 -28.16
N ILE V 504 100.89 48.93 -28.23
CA ILE V 504 100.00 47.84 -27.83
C ILE V 504 100.16 46.64 -28.78
N SER V 505 100.35 46.92 -30.07
CA SER V 505 100.62 45.87 -31.04
C SER V 505 101.93 45.14 -30.75
N ASN V 506 102.99 45.90 -30.45
CA ASN V 506 104.26 45.25 -30.18
C ASN V 506 104.33 44.61 -28.80
N THR V 507 103.38 44.90 -27.91
CA THR V 507 103.19 44.05 -26.73
C THR V 507 102.32 42.84 -27.03
N THR V 508 101.48 42.92 -28.07
CA THR V 508 100.72 41.75 -28.49
C THR V 508 101.63 40.73 -29.16
N HIS V 509 102.75 41.18 -29.73
CA HIS V 509 103.76 40.26 -30.25
C HIS V 509 104.39 39.39 -29.15
N TYR V 510 104.41 39.88 -27.91
CA TYR V 510 104.99 39.15 -26.79
C TYR V 510 104.12 37.97 -26.40
N LEU V 511 104.63 37.15 -25.48
CA LEU V 511 103.87 36.02 -24.94
C LEU V 511 103.93 36.08 -23.42
N LYS V 512 102.77 36.32 -22.80
CA LYS V 512 102.66 36.24 -21.34
C LYS V 512 101.39 35.56 -20.86
N PHE V 513 100.30 35.55 -21.64
CA PHE V 513 98.96 35.17 -21.22
C PHE V 513 98.54 35.94 -19.97
N ASN V 514 98.32 37.23 -20.20
CA ASN V 514 97.85 38.11 -19.14
C ASN V 514 96.39 37.81 -18.78
N TYR V 515 95.88 38.56 -17.82
CA TYR V 515 94.61 38.29 -17.18
C TYR V 515 93.64 39.45 -17.35
N PRO V 516 92.33 39.22 -17.28
CA PRO V 516 91.38 40.34 -17.35
C PRO V 516 91.43 41.19 -16.09
N SER V 517 91.53 42.50 -16.28
CA SER V 517 91.64 43.44 -15.16
C SER V 517 90.39 44.29 -14.99
N ASN V 518 89.27 43.83 -15.58
CA ASN V 518 87.90 44.32 -15.45
C ASN V 518 87.65 45.66 -16.15
N THR V 519 88.70 46.37 -16.53
CA THR V 519 88.54 47.47 -17.46
C THR V 519 88.60 46.96 -18.89
N PHE V 520 89.40 45.91 -19.10
CA PHE V 520 89.26 45.03 -20.26
C PHE V 520 87.82 44.54 -20.40
N LYS V 521 87.23 44.10 -19.29
CA LYS V 521 85.88 43.56 -19.34
C LYS V 521 84.85 44.65 -19.57
N PHE V 522 85.06 45.83 -18.95
CA PHE V 522 84.15 46.94 -19.18
C PHE V 522 84.25 47.47 -20.61
N SER V 523 85.41 47.35 -21.24
CA SER V 523 85.50 47.77 -22.63
C SER V 523 84.93 46.72 -23.57
N ASN V 524 85.17 45.45 -23.28
CA ASN V 524 84.80 44.40 -24.22
C ASN V 524 83.32 44.07 -24.14
N LEU V 525 82.79 43.93 -22.93
CA LEU V 525 81.43 43.40 -22.81
C LEU V 525 80.39 44.53 -22.79
N LEU V 526 80.54 45.44 -23.78
CA LEU V 526 79.53 46.43 -24.16
C LEU V 526 79.19 47.39 -23.02
N GLY V 527 80.20 47.74 -22.21
CA GLY V 527 80.11 47.51 -20.79
C GLY V 527 78.79 47.70 -20.10
N TYR V 528 78.19 46.54 -19.82
CA TYR V 528 77.09 46.28 -18.90
C TYR V 528 75.76 46.91 -19.28
N TYR V 529 75.72 47.80 -20.27
CA TYR V 529 74.46 48.48 -20.52
C TYR V 529 73.47 47.62 -21.32
N PRO V 530 73.83 47.00 -22.46
CA PRO V 530 72.80 46.19 -23.14
C PRO V 530 72.42 44.96 -22.35
N THR V 531 73.39 44.35 -21.67
CA THR V 531 73.09 43.19 -20.84
C THR V 531 72.14 43.54 -19.70
N ILE V 532 72.45 44.60 -18.94
CA ILE V 532 71.61 44.97 -17.80
C ILE V 532 70.23 45.42 -18.25
N MET V 533 70.16 46.30 -19.26
CA MET V 533 68.87 46.84 -19.65
C MET V 533 68.02 45.80 -20.37
N HIS V 534 68.62 45.02 -21.26
CA HIS V 534 67.88 44.02 -22.02
C HIS V 534 67.61 42.76 -21.23
N ARG V 535 68.16 42.62 -20.02
CA ARG V 535 67.73 41.55 -19.15
C ARG V 535 66.92 42.02 -17.95
N LEU V 536 66.81 43.33 -17.72
CA LEU V 536 66.02 43.81 -16.61
C LEU V 536 64.71 44.44 -17.05
N THR V 537 64.73 45.33 -18.03
CA THR V 537 63.49 45.91 -18.52
C THR V 537 62.52 44.97 -19.23
N PRO V 538 62.91 43.86 -19.88
CA PRO V 538 61.86 42.92 -20.30
C PRO V 538 61.28 42.14 -19.15
N TYR V 539 62.09 41.78 -18.16
CA TYR V 539 61.60 40.93 -17.09
C TYR V 539 60.65 41.68 -16.15
N MET V 540 60.83 42.98 -15.99
CA MET V 540 60.02 43.72 -15.04
C MET V 540 58.61 43.95 -15.58
N ASN V 541 58.51 44.38 -16.84
CA ASN V 541 57.20 44.68 -17.42
C ASN V 541 56.38 43.42 -17.62
N LEU V 542 57.03 42.29 -17.80
CA LEU V 542 56.31 41.05 -17.97
C LEU V 542 56.10 40.29 -16.66
N THR V 543 56.89 40.60 -15.63
CA THR V 543 56.48 40.22 -14.30
C THR V 543 55.20 40.95 -13.90
N MET V 544 55.13 42.24 -14.21
CA MET V 544 53.91 42.99 -13.93
C MET V 544 52.77 42.64 -14.89
N SER V 545 53.07 42.09 -16.06
CA SER V 545 52.01 41.70 -16.97
C SER V 545 51.31 40.44 -16.48
N GLN V 546 52.07 39.48 -15.93
CA GLN V 546 51.48 38.20 -15.52
C GLN V 546 50.75 38.32 -14.20
N LYS V 547 51.47 38.73 -13.15
CA LYS V 547 50.90 38.72 -11.81
C LYS V 547 49.85 39.81 -11.67
N SER V 548 50.26 41.07 -11.81
CA SER V 548 49.37 42.19 -11.56
C SER V 548 48.31 42.32 -12.65
N ALA V 549 48.74 42.43 -13.90
CA ALA V 549 47.82 42.81 -14.97
C ALA V 549 46.87 41.68 -15.34
N SER V 550 47.40 40.58 -15.85
CA SER V 550 46.54 39.58 -16.45
C SER V 550 45.87 38.69 -15.41
N SER V 551 46.65 37.95 -14.64
CA SER V 551 46.04 36.94 -13.79
C SER V 551 45.42 37.55 -12.54
N LEU V 552 45.84 38.75 -12.16
CA LEU V 552 45.38 39.29 -10.89
C LEU V 552 44.28 40.35 -11.04
N LEU V 553 44.57 41.46 -11.71
CA LEU V 553 43.67 42.61 -11.57
C LEU V 553 42.42 42.46 -12.42
N ASP V 554 42.59 42.36 -13.74
CA ASP V 554 41.47 42.38 -14.66
C ASP V 554 40.58 41.15 -14.48
N LEU V 555 41.13 39.97 -14.77
CA LEU V 555 40.39 38.71 -14.76
C LEU V 555 39.77 38.41 -13.41
N ILE V 556 40.60 38.14 -12.41
CA ILE V 556 40.04 37.51 -11.23
C ILE V 556 39.41 38.55 -10.32
N TRP V 557 39.96 39.76 -10.22
CA TRP V 557 39.29 40.71 -9.35
C TRP V 557 38.12 41.40 -10.02
N LEU V 558 38.21 41.69 -11.31
CA LEU V 558 37.07 42.35 -11.93
C LEU V 558 35.92 41.37 -12.10
N GLU V 559 36.22 40.07 -12.34
CA GLU V 559 35.17 39.06 -12.30
C GLU V 559 34.67 38.77 -10.88
N THR V 560 35.46 39.00 -9.83
CA THR V 560 34.89 38.79 -8.52
C THR V 560 34.24 40.04 -7.93
N ILE V 561 34.33 41.19 -8.58
CA ILE V 561 33.59 42.35 -8.10
C ILE V 561 32.31 42.59 -8.90
N LEU V 562 32.37 42.57 -10.25
CA LEU V 562 31.11 42.90 -10.91
C LEU V 562 30.20 41.70 -11.16
N PRO V 563 30.65 40.55 -11.76
CA PRO V 563 29.74 39.40 -11.86
C PRO V 563 29.48 38.67 -10.55
N LYS V 564 30.54 38.28 -9.83
CA LYS V 564 30.43 37.22 -8.84
C LYS V 564 29.61 37.63 -7.64
N THR V 565 29.70 38.91 -7.25
CA THR V 565 28.85 39.43 -6.18
C THR V 565 27.38 39.32 -6.56
N ILE V 566 27.05 39.71 -7.79
CA ILE V 566 25.68 39.62 -8.29
C ILE V 566 25.24 38.17 -8.37
N SER V 567 26.09 37.30 -8.89
CA SER V 567 25.71 35.91 -9.13
C SER V 567 25.54 35.15 -7.82
N LEU V 568 26.43 35.37 -6.85
CA LEU V 568 26.28 34.75 -5.55
C LEU V 568 25.08 35.31 -4.80
N ALA V 569 24.81 36.62 -4.95
CA ALA V 569 23.64 37.20 -4.29
C ALA V 569 22.35 36.62 -4.84
N GLN V 570 22.26 36.49 -6.17
CA GLN V 570 21.07 35.92 -6.79
C GLN V 570 20.94 34.44 -6.45
N MET V 571 22.05 33.70 -6.41
CA MET V 571 21.98 32.27 -6.12
C MET V 571 21.57 32.00 -4.67
N LYS V 572 22.16 32.74 -3.72
CA LYS V 572 21.79 32.55 -2.32
C LYS V 572 20.37 33.02 -2.06
N MET V 573 19.93 34.11 -2.70
CA MET V 573 18.57 34.56 -2.45
C MET V 573 17.55 33.64 -3.10
N SER V 574 17.88 33.02 -4.22
CA SER V 574 17.00 32.00 -4.78
C SER V 574 16.91 30.81 -3.85
N THR V 575 18.06 30.30 -3.39
CA THR V 575 18.06 29.14 -2.51
C THR V 575 17.59 29.44 -1.09
N THR V 576 17.27 30.69 -0.74
CA THR V 576 16.56 30.95 0.50
C THR V 576 15.13 31.42 0.31
N ILE V 577 14.71 31.80 -0.89
CA ILE V 577 13.31 32.12 -1.10
C ILE V 577 12.54 30.88 -1.54
N THR V 578 12.95 30.25 -2.63
CA THR V 578 12.14 29.18 -3.19
C THR V 578 12.45 27.82 -2.59
N SER V 579 13.38 27.74 -1.65
CA SER V 579 13.67 26.47 -0.99
C SER V 579 12.79 26.29 0.25
N GLN V 580 11.49 26.25 0.01
CA GLN V 580 10.50 26.08 1.06
C GLN V 580 9.73 24.82 0.77
N LYS V 581 9.73 23.90 1.74
CA LYS V 581 8.99 22.65 1.61
C LYS V 581 7.48 22.90 1.64
N GLY V 582 6.75 21.95 1.06
CA GLY V 582 5.35 22.16 0.76
C GLY V 582 4.35 21.79 1.84
N LEU V 583 4.22 22.61 2.88
CA LEU V 583 3.20 22.44 3.90
C LEU V 583 2.28 23.65 3.89
N ILE V 584 1.11 23.51 4.51
CA ILE V 584 0.06 24.52 4.36
C ILE V 584 0.06 25.45 5.56
N LYS V 585 0.39 24.89 6.72
CA LYS V 585 0.40 25.64 7.97
C LYS V 585 1.46 26.74 7.95
N LEU V 586 2.57 26.50 7.25
CA LEU V 586 3.56 27.54 7.03
C LEU V 586 2.98 28.71 6.24
N TYR V 587 2.20 28.40 5.20
CA TYR V 587 1.71 29.45 4.31
C TYR V 587 0.65 30.28 5.01
N PHE V 588 -0.20 29.65 5.82
CA PHE V 588 -1.19 30.43 6.53
C PHE V 588 -0.62 31.18 7.73
N LEU V 589 0.40 30.64 8.41
CA LEU V 589 1.07 31.46 9.42
C LEU V 589 1.77 32.65 8.80
N SER V 590 2.32 32.48 7.59
CA SER V 590 2.91 33.62 6.88
C SER V 590 1.85 34.65 6.52
N PHE V 591 0.66 34.19 6.10
CA PHE V 591 -0.45 35.10 5.86
C PHE V 591 -0.83 35.87 7.10
N LEU V 592 -0.90 35.19 8.25
CA LEU V 592 -1.34 35.82 9.48
C LEU V 592 -0.33 36.86 9.96
N ILE V 593 0.96 36.53 9.90
CA ILE V 593 1.95 37.48 10.36
C ILE V 593 2.06 38.64 9.37
N THR V 594 1.78 38.40 8.09
CA THR V 594 1.78 39.49 7.12
C THR V 594 0.61 40.45 7.37
N ILE V 595 -0.57 39.90 7.69
CA ILE V 595 -1.73 40.73 7.99
C ILE V 595 -1.49 41.56 9.25
N LEU V 596 -0.94 40.94 10.31
CA LEU V 596 -0.67 41.70 11.53
C LEU V 596 0.42 42.75 11.32
N ILE V 597 1.49 42.41 10.61
CA ILE V 597 2.60 43.32 10.42
C ILE V 597 2.28 44.41 9.40
N SER V 598 1.20 44.25 8.63
CA SER V 598 0.72 45.31 7.77
C SER V 598 -0.33 46.17 8.43
N THR V 599 -1.13 45.60 9.33
CA THR V 599 -2.12 46.41 10.04
C THR V 599 -1.46 47.28 11.09
N THR V 600 -0.80 46.68 12.07
CA THR V 600 -0.44 47.47 13.23
C THR V 600 1.01 47.96 13.23
N LEU V 601 1.95 47.22 12.67
CA LEU V 601 3.34 47.65 12.79
C LEU V 601 3.70 48.69 11.73
N LEU V 602 3.68 48.29 10.47
CA LEU V 602 3.91 49.20 9.36
C LEU V 602 2.55 49.40 8.73
N ASN V 603 1.82 50.39 9.24
CA ASN V 603 0.40 50.53 8.94
C ASN V 603 0.15 50.96 7.50
N PHE V 604 -0.98 50.52 6.97
CA PHE V 604 -1.40 50.85 5.63
C PHE V 604 -2.74 51.56 5.60
N HIS V 605 -3.47 51.61 6.71
CA HIS V 605 -4.78 52.22 6.79
C HIS V 605 -4.77 53.53 7.56
N GLU V 606 -3.60 54.08 7.87
CA GLU V 606 -3.53 55.30 8.66
C GLU V 606 -2.76 56.41 7.94
N MET W 1 15.93 58.10 -47.51
CA MET W 1 16.63 57.05 -46.78
C MET W 1 15.89 55.73 -46.90
N LEU W 2 14.57 55.81 -47.09
CA LEU W 2 13.76 54.62 -47.35
C LEU W 2 14.17 53.94 -48.66
N LYS W 3 14.75 54.72 -49.59
CA LYS W 3 15.44 54.16 -50.75
C LYS W 3 16.62 53.27 -50.37
N TYR W 4 17.12 53.34 -49.14
CA TYR W 4 18.13 52.39 -48.67
C TYR W 4 17.52 51.36 -47.75
N ILE W 5 16.46 51.72 -47.04
CA ILE W 5 15.84 50.81 -46.09
C ILE W 5 15.15 49.67 -46.84
N ILE W 6 14.28 50.00 -47.78
CA ILE W 6 13.43 48.99 -48.43
C ILE W 6 14.17 48.01 -49.35
N PRO W 7 15.30 48.30 -50.03
CA PRO W 7 15.99 47.17 -50.68
C PRO W 7 16.73 46.29 -49.69
N THR W 8 17.08 46.81 -48.51
CA THR W 8 17.66 45.95 -47.49
C THR W 8 16.59 45.00 -46.93
N MET W 9 15.33 45.43 -46.86
CA MET W 9 14.24 44.48 -46.64
C MET W 9 14.15 43.49 -47.78
N MET W 10 14.10 43.98 -49.03
CA MET W 10 13.83 43.10 -50.15
C MET W 10 15.03 42.24 -50.54
N LEU W 11 16.14 42.37 -49.84
CA LEU W 11 17.22 41.41 -49.98
C LEU W 11 16.99 40.18 -49.12
N MET W 12 16.05 40.24 -48.19
CA MET W 12 15.74 39.09 -47.32
C MET W 12 14.87 38.01 -47.98
N PRO W 13 13.74 38.28 -48.67
CA PRO W 13 13.04 37.16 -49.32
C PRO W 13 13.77 36.63 -50.53
N LEU W 14 14.70 37.41 -51.09
CA LEU W 14 15.69 36.92 -52.05
C LEU W 14 16.37 35.65 -51.56
N THR W 15 16.91 35.71 -50.34
CA THR W 15 17.64 34.60 -49.76
C THR W 15 16.74 33.41 -49.48
N TRP W 16 15.47 33.67 -49.16
CA TRP W 16 14.54 32.57 -48.96
C TRP W 16 14.21 31.88 -50.28
N LEU W 17 13.68 32.61 -51.24
CA LEU W 17 13.36 31.97 -52.51
C LEU W 17 14.49 32.08 -53.54
N SER W 18 15.71 31.80 -53.09
CA SER W 18 16.74 31.25 -53.97
C SER W 18 17.09 29.86 -53.48
N LYS W 19 17.64 29.03 -54.39
CA LYS W 19 17.89 27.63 -54.07
C LYS W 19 19.37 27.37 -53.78
N ASN W 20 19.72 26.09 -53.69
CA ASN W 20 21.11 25.66 -53.57
C ASN W 20 21.93 26.15 -54.76
N SER W 21 23.14 26.65 -54.46
CA SER W 21 24.05 27.31 -55.41
C SER W 21 23.39 28.49 -56.12
N MET W 22 22.44 29.12 -55.45
CA MET W 22 21.73 30.26 -56.03
C MET W 22 21.54 31.41 -55.04
N ILE W 23 21.58 31.15 -53.73
CA ILE W 23 21.49 32.20 -52.71
C ILE W 23 22.71 33.11 -52.78
N TRP W 24 23.86 32.55 -53.16
CA TRP W 24 25.13 33.18 -52.85
C TRP W 24 25.38 34.37 -53.76
N ILE W 25 25.22 34.16 -55.05
CA ILE W 25 25.46 35.20 -56.05
C ILE W 25 24.45 36.32 -55.87
N ASN W 26 23.20 35.97 -55.51
CA ASN W 26 22.15 36.95 -55.29
C ASN W 26 22.48 37.86 -54.12
N THR W 27 22.80 37.27 -52.97
CA THR W 27 23.11 38.05 -51.78
C THR W 27 24.34 38.92 -51.98
N THR W 28 25.43 38.34 -52.50
CA THR W 28 26.68 39.10 -52.60
C THR W 28 26.58 40.21 -53.65
N LEU W 29 26.06 39.89 -54.84
CA LEU W 29 25.86 40.87 -55.89
C LEU W 29 24.97 42.01 -55.44
N HIS W 30 23.82 41.68 -54.84
CA HIS W 30 22.88 42.73 -54.50
C HIS W 30 23.37 43.55 -53.30
N SER W 31 24.13 42.94 -52.40
CA SER W 31 24.68 43.74 -51.30
C SER W 31 25.76 44.69 -51.78
N LEU W 32 26.55 44.28 -52.79
CA LEU W 32 27.48 45.22 -53.40
C LEU W 32 26.75 46.34 -54.14
N LEU W 33 25.59 46.02 -54.74
CA LEU W 33 24.76 47.05 -55.35
C LEU W 33 24.28 48.07 -54.31
N ILE W 34 23.92 47.58 -53.12
CA ILE W 34 23.53 48.49 -52.05
C ILE W 34 24.73 49.31 -51.56
N SER W 35 25.94 48.75 -51.66
CA SER W 35 27.13 49.52 -51.33
C SER W 35 27.32 50.70 -52.28
N LEU W 36 27.11 50.49 -53.59
CA LEU W 36 27.10 51.62 -54.51
C LEU W 36 25.97 52.59 -54.18
N THR W 37 24.82 52.04 -53.79
CA THR W 37 23.62 52.83 -53.54
C THR W 37 23.84 53.82 -52.39
N SER W 38 24.57 53.40 -51.37
CA SER W 38 24.88 54.32 -50.28
C SER W 38 26.17 55.09 -50.49
N LEU W 39 27.00 54.67 -51.45
CA LEU W 39 28.06 55.55 -51.91
C LEU W 39 27.48 56.77 -52.61
N LEU W 40 26.27 56.66 -53.15
CA LEU W 40 25.54 57.81 -53.68
C LEU W 40 25.15 58.84 -52.63
N LEU W 41 25.17 58.50 -51.33
CA LEU W 41 24.58 59.37 -50.30
C LEU W 41 25.34 60.68 -50.14
N LEU W 42 26.66 60.66 -50.30
CA LEU W 42 27.51 61.68 -49.70
C LEU W 42 27.35 63.02 -50.39
N ASN W 43 26.43 63.81 -49.86
CA ASN W 43 26.07 65.11 -50.41
C ASN W 43 26.27 66.20 -49.38
N GLN W 44 26.64 65.85 -48.16
CA GLN W 44 26.37 66.69 -47.01
C GLN W 44 27.28 67.90 -46.97
N PHE W 45 26.71 69.05 -46.63
CA PHE W 45 27.31 70.33 -46.92
C PHE W 45 27.04 71.34 -45.82
N GLY W 46 28.08 72.09 -45.47
CA GLY W 46 27.96 73.41 -44.88
C GLY W 46 27.21 73.59 -43.58
N ASP W 47 25.99 74.10 -43.74
CA ASP W 47 25.23 74.67 -42.64
C ASP W 47 24.81 73.62 -41.62
N ASN W 48 24.24 72.50 -42.06
CA ASN W 48 23.61 71.59 -41.13
C ASN W 48 23.71 70.16 -41.65
N SER W 49 22.85 69.31 -41.11
CA SER W 49 22.70 67.94 -41.55
C SER W 49 21.87 67.91 -42.84
N LEU W 50 21.48 66.72 -43.26
CA LEU W 50 20.51 66.60 -44.35
C LEU W 50 19.39 65.69 -43.89
N ASN W 51 18.15 66.14 -44.09
CA ASN W 51 16.98 65.48 -43.50
C ASN W 51 16.32 64.57 -44.53
N PHE W 52 16.49 63.27 -44.35
CA PHE W 52 15.76 62.26 -45.09
C PHE W 52 14.60 61.77 -44.23
N SER W 53 13.75 62.70 -43.78
CA SER W 53 12.29 62.65 -43.76
C SER W 53 11.87 63.69 -42.73
N LEU W 54 10.61 63.64 -42.32
CA LEU W 54 10.29 64.07 -40.96
C LEU W 54 10.80 63.10 -39.89
N THR W 55 11.39 61.97 -40.29
CA THR W 55 11.83 60.90 -39.42
C THR W 55 13.33 60.61 -39.51
N PHE W 56 13.96 60.68 -40.70
CA PHE W 56 15.36 60.31 -40.77
C PHE W 56 16.21 61.53 -41.09
N PHE W 57 17.47 61.52 -40.66
CA PHE W 57 18.42 62.50 -41.14
C PHE W 57 19.83 61.94 -40.98
N SER W 58 20.78 62.63 -41.59
CA SER W 58 22.18 62.23 -41.57
C SER W 58 23.03 63.43 -41.19
N ASP W 59 23.71 63.32 -40.05
CA ASP W 59 24.89 64.11 -39.73
C ASP W 59 26.08 63.58 -40.52
N SER W 60 27.15 64.37 -40.57
CA SER W 60 28.34 63.92 -41.27
C SER W 60 29.20 63.01 -40.43
N LEU W 61 28.84 62.83 -39.16
CA LEU W 61 29.35 61.71 -38.40
C LEU W 61 28.77 60.40 -38.89
N SER W 62 27.52 60.43 -39.38
CA SER W 62 26.78 59.21 -39.68
C SER W 62 27.05 58.69 -41.09
N THR W 63 27.43 59.58 -42.01
CA THR W 63 27.67 59.17 -43.38
C THR W 63 28.84 58.19 -43.55
N PRO W 64 30.04 58.41 -42.99
CA PRO W 64 31.10 57.40 -43.23
C PRO W 64 30.85 56.11 -42.47
N LEU W 65 30.19 56.16 -41.31
CA LEU W 65 29.86 54.93 -40.60
C LEU W 65 28.82 54.12 -41.35
N LEU W 66 27.84 54.80 -41.95
CA LEU W 66 26.81 54.09 -42.72
C LEU W 66 27.40 53.48 -43.98
N ILE W 67 28.29 54.20 -44.66
CA ILE W 67 28.98 53.66 -45.83
C ILE W 67 29.90 52.52 -45.42
N LEU W 68 30.52 52.60 -44.24
CA LEU W 68 31.35 51.51 -43.72
C LEU W 68 30.53 50.27 -43.46
N THR W 69 29.32 50.41 -42.93
CA THR W 69 28.46 49.27 -42.69
C THR W 69 28.06 48.59 -43.99
N MET W 70 27.59 49.38 -44.96
CA MET W 70 27.16 48.77 -46.21
C MET W 70 28.33 48.34 -47.09
N TRP W 71 29.55 48.79 -46.78
CA TRP W 71 30.74 48.21 -47.37
C TRP W 71 31.12 46.90 -46.70
N LEU W 72 30.91 46.82 -45.39
CA LEU W 72 31.42 45.70 -44.62
C LEU W 72 30.54 44.47 -44.74
N LEU W 73 29.26 44.64 -45.13
CA LEU W 73 28.40 43.47 -45.24
C LEU W 73 28.81 42.42 -46.30
N PRO W 74 29.08 42.74 -47.59
CA PRO W 74 29.37 41.64 -48.53
C PRO W 74 30.72 40.97 -48.26
N LEU W 75 31.71 41.75 -47.83
CA LEU W 75 32.97 41.23 -47.32
C LEU W 75 32.74 40.19 -46.24
N MET W 76 31.90 40.54 -45.27
CA MET W 76 31.55 39.63 -44.19
C MET W 76 30.82 38.40 -44.70
N LEU W 77 29.95 38.57 -45.70
CA LEU W 77 29.12 37.48 -46.16
C LEU W 77 29.96 36.46 -46.92
N MET W 78 30.94 36.92 -47.69
CA MET W 78 31.87 35.97 -48.28
C MET W 78 32.80 35.37 -47.24
N ALA W 79 33.14 36.14 -46.21
CA ALA W 79 34.06 35.66 -45.17
C ALA W 79 33.47 34.50 -44.37
N SER W 80 32.16 34.41 -44.29
CA SER W 80 31.51 33.45 -43.40
C SER W 80 31.10 32.19 -44.12
N GLN W 81 31.90 31.72 -45.07
CA GLN W 81 31.75 30.36 -45.58
C GLN W 81 33.05 29.60 -45.31
N HIS W 82 33.01 28.31 -45.69
CA HIS W 82 34.00 27.24 -45.47
C HIS W 82 34.02 26.78 -44.00
N HIS W 83 33.33 27.47 -43.12
CA HIS W 83 33.09 26.96 -41.78
C HIS W 83 31.61 26.70 -41.54
N LEU W 84 30.75 26.99 -42.50
CA LEU W 84 29.36 26.57 -42.44
C LEU W 84 28.80 26.11 -43.78
N SER W 85 29.64 25.98 -44.81
CA SER W 85 29.14 25.54 -46.11
C SER W 85 28.75 24.06 -46.09
N LYS W 86 29.34 23.29 -45.18
CA LYS W 86 29.00 21.89 -45.02
C LYS W 86 27.83 21.68 -44.06
N GLU W 87 27.28 22.74 -43.48
CA GLU W 87 26.09 22.63 -42.66
C GLU W 87 24.85 22.68 -43.55
N ASN W 88 23.67 22.74 -42.94
CA ASN W 88 22.45 22.54 -43.72
C ASN W 88 22.04 23.79 -44.46
N LEU W 89 21.22 23.58 -45.50
CA LEU W 89 20.78 24.66 -46.38
C LEU W 89 19.86 25.64 -45.66
N ALA W 90 18.90 25.12 -44.89
CA ALA W 90 17.98 26.00 -44.17
C ALA W 90 18.69 26.80 -43.09
N ARG W 91 19.65 26.17 -42.41
CA ARG W 91 20.42 26.88 -41.39
C ARG W 91 21.32 27.93 -42.02
N LYS W 92 21.86 27.66 -43.21
CA LYS W 92 22.65 28.65 -43.92
C LYS W 92 21.81 29.84 -44.36
N LYS W 93 20.59 29.58 -44.84
CA LYS W 93 19.67 30.67 -45.18
C LYS W 93 19.29 31.50 -43.97
N LEU W 94 19.09 30.82 -42.83
CA LEU W 94 18.76 31.52 -41.60
C LEU W 94 19.91 32.40 -41.15
N PHE W 95 21.14 31.94 -41.34
CA PHE W 95 22.33 32.73 -41.02
C PHE W 95 22.42 33.99 -41.87
N ILE W 96 22.20 33.83 -43.18
CA ILE W 96 22.31 34.99 -44.08
C ILE W 96 21.22 36.00 -43.80
N SER W 97 19.98 35.53 -43.61
CA SER W 97 18.88 36.45 -43.31
C SER W 97 19.06 37.09 -41.93
N MET W 98 19.72 36.41 -41.00
CA MET W 98 20.05 37.03 -39.72
C MET W 98 21.01 38.19 -39.90
N LEU W 99 22.03 38.01 -40.74
CA LEU W 99 22.94 39.12 -41.03
C LEU W 99 22.24 40.27 -41.75
N ILE W 100 21.27 39.97 -42.60
CA ILE W 100 20.60 41.04 -43.33
C ILE W 100 19.70 41.85 -42.40
N LEU W 101 18.95 41.16 -41.53
CA LEU W 101 18.17 41.85 -40.51
C LEU W 101 19.06 42.64 -39.55
N LEU W 102 20.25 42.12 -39.29
CA LEU W 102 21.23 42.83 -38.47
C LEU W 102 21.65 44.13 -39.12
N GLN W 103 21.99 44.09 -40.42
CA GLN W 103 22.38 45.30 -41.12
C GLN W 103 21.23 46.29 -41.17
N LEU W 104 20.01 45.78 -41.30
CA LEU W 104 18.83 46.63 -41.38
C LEU W 104 18.63 47.41 -40.09
N PHE W 105 18.79 46.76 -38.94
CA PHE W 105 18.70 47.52 -37.71
C PHE W 105 19.92 48.39 -37.47
N LEU W 106 21.07 48.07 -38.07
CA LEU W 106 22.19 49.00 -38.01
C LEU W 106 21.92 50.29 -38.79
N ILE W 107 21.29 50.19 -39.96
CA ILE W 107 20.95 51.38 -40.72
C ILE W 107 19.89 52.20 -40.00
N MET W 108 18.89 51.50 -39.45
CA MET W 108 17.93 52.08 -38.52
C MET W 108 18.61 52.85 -37.39
N THR W 109 19.68 52.29 -36.83
CA THR W 109 20.31 52.92 -35.68
C THR W 109 21.12 54.13 -36.09
N PHE W 110 21.91 54.02 -37.15
CA PHE W 110 22.76 55.13 -37.56
C PHE W 110 21.96 56.31 -38.10
N THR W 111 20.81 56.07 -38.72
CA THR W 111 20.05 57.17 -39.29
C THR W 111 18.93 57.61 -38.34
N ALA W 112 19.22 57.59 -37.04
CA ALA W 112 18.22 57.96 -36.06
C ALA W 112 18.04 59.46 -36.01
N THR W 113 16.85 59.87 -35.57
CA THR W 113 16.54 61.25 -35.24
C THR W 113 16.29 61.42 -33.76
N GLU W 114 15.37 60.63 -33.22
CA GLU W 114 15.02 60.69 -31.81
C GLU W 114 15.83 59.67 -31.04
N LEU W 115 16.21 60.04 -29.82
CA LEU W 115 17.07 59.18 -29.03
C LEU W 115 16.35 57.94 -28.52
N ILE W 116 15.02 57.99 -28.44
CA ILE W 116 14.25 56.82 -28.05
C ILE W 116 14.21 55.79 -29.18
N PHE W 117 13.99 56.28 -30.40
CA PHE W 117 14.13 55.46 -31.60
C PHE W 117 15.55 54.92 -31.70
N PHE W 118 16.54 55.73 -31.35
CA PHE W 118 17.93 55.30 -31.31
C PHE W 118 18.13 54.18 -30.30
N TYR W 119 17.43 54.24 -29.16
CA TYR W 119 17.58 53.20 -28.14
C TYR W 119 16.94 51.88 -28.55
N ILE W 120 15.74 51.97 -29.14
CA ILE W 120 15.06 50.78 -29.66
C ILE W 120 15.92 50.11 -30.72
N MET W 121 16.47 50.90 -31.64
CA MET W 121 17.30 50.33 -32.67
C MET W 121 18.69 49.96 -32.16
N PHE W 122 19.10 50.49 -31.02
CA PHE W 122 20.33 50.03 -30.36
C PHE W 122 20.18 48.59 -29.88
N GLU W 123 19.11 48.29 -29.16
CA GLU W 123 19.02 46.90 -28.71
C GLU W 123 18.50 45.98 -29.81
N ALA W 124 17.90 46.54 -30.87
CA ALA W 124 17.61 45.75 -32.06
C ALA W 124 18.87 45.44 -32.84
N THR W 125 19.87 46.31 -32.76
CA THR W 125 21.22 45.97 -33.19
C THR W 125 21.79 44.85 -32.35
N LEU W 126 21.48 44.85 -31.05
CA LEU W 126 22.01 43.82 -30.14
C LEU W 126 21.54 42.42 -30.50
N VAL W 127 20.23 42.23 -30.65
CA VAL W 127 19.66 40.86 -30.64
C VAL W 127 20.09 39.91 -31.76
N PRO W 128 20.52 40.30 -33.02
CA PRO W 128 20.99 39.26 -33.94
C PRO W 128 22.38 38.76 -33.63
N THR W 129 23.22 39.65 -33.07
CA THR W 129 24.59 39.32 -32.73
C THR W 129 24.65 38.19 -31.71
N LEU W 130 23.78 38.28 -30.70
CA LEU W 130 23.58 37.23 -29.70
C LEU W 130 23.32 35.88 -30.35
N ILE W 131 22.33 35.82 -31.25
CA ILE W 131 21.90 34.56 -31.83
C ILE W 131 22.98 33.98 -32.71
N ILE W 132 23.69 34.83 -33.45
CA ILE W 132 24.79 34.36 -34.30
C ILE W 132 25.92 33.77 -33.46
N ILE W 133 26.37 34.51 -32.45
CA ILE W 133 27.54 34.03 -31.72
C ILE W 133 27.18 32.84 -30.84
N THR W 134 25.93 32.73 -30.42
CA THR W 134 25.58 31.57 -29.61
C THR W 134 25.33 30.34 -30.48
N ARG W 135 24.75 30.51 -31.67
CA ARG W 135 24.47 29.34 -32.47
C ARG W 135 25.72 28.81 -33.16
N TRP W 136 26.66 29.69 -33.52
CA TRP W 136 27.89 29.23 -34.15
C TRP W 136 29.13 29.64 -33.36
N GLY W 137 29.02 29.62 -32.03
CA GLY W 137 30.12 30.05 -31.19
C GLY W 137 31.33 29.13 -31.20
N ASN W 138 31.16 27.88 -31.61
CA ASN W 138 32.24 26.98 -32.05
C ASN W 138 33.23 26.61 -30.95
N GLN W 139 32.90 26.87 -29.68
CA GLN W 139 33.78 26.50 -28.59
C GLN W 139 32.90 26.31 -27.36
N THR W 140 33.47 25.72 -26.31
CA THR W 140 32.70 25.17 -25.21
C THR W 140 32.09 26.20 -24.28
N GLU W 141 32.40 27.49 -24.43
CA GLU W 141 31.90 28.48 -23.49
C GLU W 141 31.12 29.60 -24.18
N ARG W 142 30.56 29.30 -25.35
CA ARG W 142 29.70 30.25 -26.05
C ARG W 142 28.46 30.59 -25.24
N LEU W 143 28.01 29.63 -24.41
CA LEU W 143 27.04 29.86 -23.35
C LEU W 143 27.38 31.08 -22.51
N ASN W 144 28.53 31.01 -21.81
CA ASN W 144 28.95 32.09 -20.92
C ASN W 144 29.25 33.36 -21.68
N ALA W 145 29.73 33.23 -22.93
CA ALA W 145 30.03 34.41 -23.75
C ALA W 145 28.77 35.20 -24.06
N GLY W 146 27.74 34.52 -24.57
CA GLY W 146 26.48 35.19 -24.85
C GLY W 146 25.80 35.71 -23.60
N LEU W 147 25.94 34.98 -22.49
CA LEU W 147 25.29 35.40 -21.25
C LEU W 147 25.91 36.68 -20.69
N TYR W 148 27.25 36.70 -20.57
CA TYR W 148 27.98 37.92 -20.22
C TYR W 148 27.66 39.07 -21.15
N PHE W 149 27.64 38.78 -22.46
CA PHE W 149 27.36 39.76 -23.50
C PHE W 149 26.04 40.47 -23.28
N LEU W 150 24.96 39.70 -23.22
CA LEU W 150 23.63 40.30 -23.17
C LEU W 150 23.39 40.97 -21.83
N PHE W 151 23.89 40.38 -20.73
CA PHE W 151 23.58 40.99 -19.45
C PHE W 151 24.38 42.25 -19.21
N TYR W 152 25.64 42.30 -19.68
CA TYR W 152 26.40 43.54 -19.58
C TYR W 152 25.78 44.65 -20.41
N THR W 153 25.43 44.34 -21.67
CA THR W 153 24.96 45.42 -22.54
C THR W 153 23.57 45.90 -22.14
N LEU W 154 22.68 45.00 -21.73
CA LEU W 154 21.35 45.44 -21.29
C LEU W 154 21.43 46.16 -19.94
N ALA W 155 22.02 45.52 -18.92
CA ALA W 155 22.05 46.11 -17.58
C ALA W 155 22.92 47.35 -17.49
N GLY W 156 23.79 47.61 -18.47
CA GLY W 156 24.38 48.93 -18.53
C GLY W 156 23.46 49.87 -19.25
N SER W 157 22.84 49.40 -20.33
CA SER W 157 22.02 50.24 -21.19
C SER W 157 20.58 50.35 -20.71
N LEU W 158 20.27 49.86 -19.53
CA LEU W 158 18.92 49.91 -19.02
C LEU W 158 18.53 51.28 -18.44
N PRO W 159 19.29 51.95 -17.56
CA PRO W 159 18.81 53.24 -17.05
C PRO W 159 18.92 54.38 -18.05
N LEU W 160 19.64 54.18 -19.15
CA LEU W 160 19.69 55.13 -20.25
C LEU W 160 18.30 55.47 -20.77
N LEU W 161 17.44 54.45 -20.84
CA LEU W 161 16.05 54.65 -21.23
C LEU W 161 15.33 55.58 -20.25
N VAL W 162 15.52 55.38 -18.95
CA VAL W 162 14.84 56.20 -17.95
C VAL W 162 15.31 57.64 -18.00
N ALA W 163 16.62 57.85 -18.18
CA ALA W 163 17.15 59.20 -18.29
C ALA W 163 16.65 59.90 -19.54
N LEU W 164 16.51 59.16 -20.65
CA LEU W 164 16.02 59.80 -21.87
C LEU W 164 14.53 60.10 -21.80
N ILE W 165 13.75 59.29 -21.09
CA ILE W 165 12.33 59.62 -20.92
C ILE W 165 12.20 60.85 -20.02
N TYR W 166 13.08 60.98 -19.03
CA TYR W 166 13.05 62.15 -18.16
C TYR W 166 13.37 63.42 -18.93
N ILE W 167 14.39 63.35 -19.80
CA ILE W 167 14.71 64.48 -20.67
C ILE W 167 13.58 64.77 -21.66
N GLN W 168 12.91 63.72 -22.14
CA GLN W 168 11.75 63.86 -23.01
C GLN W 168 10.63 64.67 -22.36
N ASN W 169 10.30 64.35 -21.12
CA ASN W 169 9.22 65.07 -20.46
C ASN W 169 9.72 66.14 -19.49
N THR W 170 10.92 66.67 -19.72
CA THR W 170 11.27 67.98 -19.15
C THR W 170 11.70 69.02 -20.17
N MET W 171 11.96 68.65 -21.42
CA MET W 171 12.45 69.63 -22.41
C MET W 171 11.83 69.43 -23.80
N GLY W 172 10.60 68.96 -23.87
CA GLY W 172 9.96 68.81 -25.17
C GLY W 172 10.49 67.61 -25.94
N SER W 173 10.34 67.67 -27.26
CA SER W 173 10.66 66.53 -28.12
C SER W 173 12.17 66.33 -28.23
N LEU W 174 12.55 65.22 -28.85
CA LEU W 174 13.94 64.77 -28.88
C LEU W 174 14.50 64.65 -30.29
N ASN W 175 14.07 65.51 -31.21
CA ASN W 175 14.84 65.72 -32.43
C ASN W 175 16.18 66.30 -32.06
N PHE W 176 17.21 65.97 -32.84
CA PHE W 176 18.56 66.40 -32.53
C PHE W 176 18.72 67.91 -32.67
N LEU W 177 17.90 68.55 -33.49
CA LEU W 177 17.92 70.00 -33.56
C LEU W 177 17.14 70.63 -32.42
N ILE W 178 16.03 69.99 -32.03
CA ILE W 178 15.23 70.44 -30.91
C ILE W 178 15.81 69.94 -29.59
N LEU W 179 16.65 68.91 -29.63
CA LEU W 179 17.60 68.74 -28.53
C LEU W 179 18.61 69.87 -28.56
N GLN W 180 19.04 70.27 -29.75
CA GLN W 180 19.74 71.52 -29.94
C GLN W 180 18.68 72.62 -30.06
N TYR W 181 19.10 73.86 -30.31
CA TYR W 181 18.28 75.07 -30.44
C TYR W 181 17.47 75.45 -29.20
N TRP W 182 17.39 74.57 -28.20
CA TRP W 182 16.61 74.74 -26.98
C TRP W 182 17.35 74.32 -25.72
N VAL W 183 18.52 73.70 -25.83
CA VAL W 183 19.18 73.17 -24.65
C VAL W 183 19.70 74.30 -23.78
N GLN W 184 19.40 74.21 -22.51
CA GLN W 184 19.83 75.13 -21.47
C GLN W 184 20.79 74.42 -20.52
N PRO W 185 21.74 75.14 -19.93
CA PRO W 185 22.68 74.49 -19.02
C PRO W 185 22.00 74.04 -17.74
N MET W 186 22.54 72.98 -17.15
CA MET W 186 21.96 72.35 -15.98
C MET W 186 23.00 72.27 -14.86
N PRO W 187 22.75 72.87 -13.69
CA PRO W 187 23.80 73.04 -12.69
C PRO W 187 24.14 71.77 -11.93
N ASN W 188 25.00 71.93 -10.92
CA ASN W 188 25.62 70.80 -10.23
C ASN W 188 24.78 70.37 -9.02
N SER W 189 23.51 70.06 -9.28
CA SER W 189 22.77 69.26 -8.33
C SER W 189 23.08 67.79 -8.59
N TRP W 190 22.89 66.97 -7.55
CA TRP W 190 23.31 65.57 -7.66
C TRP W 190 22.42 64.77 -8.59
N SER W 191 21.18 65.20 -8.82
CA SER W 191 20.34 64.53 -9.80
C SER W 191 20.92 64.69 -11.20
N ASN W 192 21.49 65.86 -11.50
CA ASN W 192 22.17 66.05 -12.78
C ASN W 192 23.37 65.13 -12.88
N THR W 193 24.08 64.92 -11.76
CA THR W 193 25.22 64.02 -11.76
C THR W 193 24.80 62.58 -12.03
N PHE W 194 23.70 62.14 -11.43
CA PHE W 194 23.23 60.78 -11.72
C PHE W 194 22.68 60.64 -13.13
N MET W 195 22.07 61.69 -13.69
CA MET W 195 21.54 61.58 -15.04
C MET W 195 22.67 61.49 -16.07
N TRP W 196 23.65 62.38 -15.95
CA TRP W 196 24.87 62.30 -16.75
C TRP W 196 25.58 60.98 -16.57
N LEU W 197 25.63 60.49 -15.32
CA LEU W 197 26.28 59.21 -15.03
C LEU W 197 25.55 58.06 -15.70
N ALA W 198 24.22 58.13 -15.76
CA ALA W 198 23.44 57.05 -16.37
C ALA W 198 23.70 56.97 -17.87
N CYS W 199 23.57 58.12 -18.56
CA CYS W 199 23.77 58.11 -20.01
C CYS W 199 25.20 57.76 -20.40
N MET W 200 26.16 58.46 -19.78
CA MET W 200 27.56 58.24 -20.10
C MET W 200 28.02 56.86 -19.66
N MET W 201 27.45 56.31 -18.59
CA MET W 201 27.85 54.98 -18.15
C MET W 201 27.30 53.88 -19.04
N ALA W 202 26.08 54.05 -19.58
CA ALA W 202 25.58 53.09 -20.56
C ALA W 202 26.46 53.04 -21.79
N PHE W 203 26.85 54.21 -22.30
CA PHE W 203 27.73 54.14 -23.46
C PHE W 203 29.17 53.74 -23.08
N MET W 204 29.62 54.03 -21.85
CA MET W 204 30.87 53.47 -21.31
C MET W 204 30.89 51.96 -21.39
N VAL W 205 29.78 51.33 -20.98
CA VAL W 205 29.61 49.89 -21.13
C VAL W 205 29.76 49.48 -22.58
N LYS W 206 29.19 50.27 -23.50
CA LYS W 206 29.22 49.84 -24.89
C LYS W 206 30.54 50.20 -25.60
N MET W 207 31.50 50.90 -24.97
CA MET W 207 32.69 51.22 -25.75
C MET W 207 33.70 50.09 -25.93
N PRO W 208 34.15 49.36 -24.87
CA PRO W 208 34.03 49.38 -23.41
C PRO W 208 34.99 50.37 -22.79
N LEU W 209 34.70 50.80 -21.56
CA LEU W 209 35.72 51.43 -20.75
C LEU W 209 36.54 50.34 -20.08
N TYR W 210 37.52 50.73 -19.28
CA TYR W 210 38.46 49.74 -18.75
C TYR W 210 37.86 48.88 -17.65
N GLY W 211 37.03 49.44 -16.79
CA GLY W 211 36.44 48.66 -15.71
C GLY W 211 35.38 47.66 -16.16
N LEU W 212 35.01 47.68 -17.43
CA LEU W 212 34.00 46.79 -18.00
C LEU W 212 34.45 46.27 -19.36
N HIS W 213 35.73 45.95 -19.49
CA HIS W 213 36.24 45.46 -20.76
C HIS W 213 36.26 43.94 -20.84
N LEU W 214 36.03 43.24 -19.73
CA LEU W 214 35.92 41.78 -19.82
C LEU W 214 34.59 41.30 -20.37
N TRP W 215 33.68 42.23 -20.65
CA TRP W 215 32.61 41.99 -21.61
C TRP W 215 33.14 41.43 -22.92
N LEU W 216 34.25 41.98 -23.40
CA LEU W 216 34.69 41.75 -24.76
C LEU W 216 35.37 40.40 -25.06
N PRO W 217 36.42 39.95 -24.36
CA PRO W 217 37.29 38.92 -24.95
C PRO W 217 36.66 37.56 -25.13
N LYS W 218 35.77 37.14 -24.24
CA LYS W 218 35.03 35.89 -24.47
C LYS W 218 34.12 36.02 -25.69
N ALA W 219 33.48 37.18 -25.84
CA ALA W 219 32.58 37.46 -26.95
C ALA W 219 33.30 37.64 -28.28
N HIS W 220 34.63 37.60 -28.33
CA HIS W 220 35.33 37.51 -29.60
C HIS W 220 36.12 36.23 -29.79
N VAL W 221 36.62 35.61 -28.72
CA VAL W 221 37.30 34.33 -28.92
C VAL W 221 36.31 33.20 -29.13
N GLU W 222 35.05 33.39 -28.77
CA GLU W 222 34.08 32.32 -28.93
C GLU W 222 32.93 32.76 -29.80
N ALA W 223 33.27 33.42 -30.90
CA ALA W 223 32.32 33.92 -31.87
C ALA W 223 32.75 33.47 -33.25
N PRO W 224 31.81 33.36 -34.20
CA PRO W 224 32.21 33.20 -35.59
C PRO W 224 32.69 34.53 -36.14
N ILE W 225 33.23 34.46 -37.36
CA ILE W 225 33.93 35.61 -37.94
C ILE W 225 32.96 36.73 -38.29
N ALA W 226 31.73 36.39 -38.70
CA ALA W 226 30.77 37.41 -39.09
C ALA W 226 30.30 38.20 -37.88
N GLY W 227 29.91 37.49 -36.81
CA GLY W 227 29.51 38.16 -35.59
C GLY W 227 30.63 38.92 -34.92
N SER W 228 31.87 38.43 -35.08
CA SER W 228 33.02 39.14 -34.51
C SER W 228 33.27 40.45 -35.23
N MET W 229 33.22 40.45 -36.56
CA MET W 229 33.40 41.69 -37.32
C MET W 229 32.27 42.67 -37.06
N VAL W 230 31.02 42.19 -37.07
CA VAL W 230 29.86 42.99 -36.69
C VAL W 230 30.05 43.63 -35.33
N LEU W 231 30.38 42.80 -34.33
CA LEU W 231 30.47 43.24 -32.94
C LEU W 231 31.52 44.31 -32.79
N ALA W 232 32.77 43.98 -33.15
CA ALA W 232 33.91 44.89 -33.03
C ALA W 232 33.66 46.20 -33.76
N ALA W 233 33.60 46.13 -35.11
CA ALA W 233 33.54 47.36 -35.89
C ALA W 233 32.23 48.11 -35.64
N ILE W 234 31.10 47.50 -36.00
CA ILE W 234 29.90 48.31 -36.05
C ILE W 234 29.36 48.58 -34.66
N LEU W 235 29.43 47.61 -33.73
CA LEU W 235 28.84 47.89 -32.42
C LEU W 235 29.69 48.83 -31.58
N LEU W 236 31.03 48.69 -31.60
CA LEU W 236 31.78 49.61 -30.75
C LEU W 236 31.78 51.02 -31.32
N LYS W 237 31.86 51.14 -32.66
CA LYS W 237 31.82 52.50 -33.18
C LYS W 237 30.41 53.06 -33.19
N LEU W 238 29.40 52.20 -33.06
CA LEU W 238 28.02 52.66 -32.86
C LEU W 238 27.85 53.24 -31.47
N GLY W 239 28.46 52.60 -30.46
CA GLY W 239 28.44 53.18 -29.12
C GLY W 239 29.13 54.53 -29.05
N GLY W 240 30.26 54.65 -29.75
CA GLY W 240 30.93 55.94 -29.85
C GLY W 240 30.10 57.00 -30.55
N TYR W 241 29.40 56.59 -31.62
CA TYR W 241 28.46 57.47 -32.32
C TYR W 241 27.35 57.97 -31.41
N GLY W 242 26.84 57.09 -30.56
CA GLY W 242 25.79 57.48 -29.64
C GLY W 242 26.26 58.49 -28.60
N MET W 243 27.45 58.28 -28.04
CA MET W 243 27.96 59.25 -27.06
C MET W 243 28.31 60.57 -27.74
N MET W 244 28.82 60.51 -28.97
CA MET W 244 29.10 61.73 -29.74
C MET W 244 27.84 62.54 -30.01
N ARG W 245 26.70 61.87 -30.19
CA ARG W 245 25.47 62.65 -30.34
C ARG W 245 25.01 63.20 -29.00
N ILE W 246 24.87 62.34 -27.98
CA ILE W 246 24.20 62.78 -26.76
C ILE W 246 25.09 63.58 -25.84
N THR W 247 26.35 63.81 -26.21
CA THR W 247 27.19 64.71 -25.44
C THR W 247 26.91 66.18 -25.74
N LEU W 248 25.97 66.49 -26.64
CA LEU W 248 25.59 67.88 -26.86
C LEU W 248 24.90 68.45 -25.63
N LEU W 249 24.00 67.69 -25.03
CA LEU W 249 23.44 68.10 -23.76
C LEU W 249 24.45 67.87 -22.64
N LEU W 250 24.20 68.55 -21.52
CA LEU W 250 24.94 68.39 -20.26
C LEU W 250 26.43 68.71 -20.38
N ASN W 251 26.74 69.79 -21.09
CA ASN W 251 28.07 70.35 -20.97
C ASN W 251 28.47 71.15 -19.71
N PRO W 252 27.62 71.75 -18.88
CA PRO W 252 28.18 72.56 -17.78
C PRO W 252 28.56 71.76 -16.54
N ILE W 253 28.48 70.43 -16.57
CA ILE W 253 28.82 69.64 -15.39
C ILE W 253 29.77 68.51 -15.77
N THR W 254 29.95 68.30 -17.08
CA THR W 254 30.87 67.25 -17.53
C THR W 254 32.32 67.56 -17.20
N ASP W 255 32.66 68.84 -17.00
CA ASP W 255 34.00 69.20 -16.58
C ASP W 255 34.23 68.75 -15.14
N PHE W 256 33.27 69.04 -14.27
CA PHE W 256 33.40 68.67 -12.86
C PHE W 256 33.30 67.18 -12.65
N MET W 257 32.51 66.49 -13.47
CA MET W 257 32.23 65.08 -13.23
C MET W 257 32.94 64.14 -14.20
N ALA W 258 33.84 64.65 -15.03
CA ALA W 258 34.52 63.80 -15.99
C ALA W 258 35.90 63.36 -15.56
N TYR W 259 36.36 63.78 -14.40
CA TYR W 259 37.71 63.47 -13.95
C TYR W 259 38.00 61.99 -13.68
N PRO W 260 37.14 61.17 -13.03
CA PRO W 260 37.55 59.78 -12.81
C PRO W 260 37.57 58.94 -14.07
N PHE W 261 36.71 59.25 -15.05
CA PHE W 261 36.59 58.38 -16.22
C PHE W 261 37.79 58.53 -17.13
N ILE W 262 38.31 59.75 -17.26
CA ILE W 262 39.54 59.99 -18.01
C ILE W 262 40.70 59.22 -17.41
N MET W 263 40.82 59.21 -16.09
CA MET W 263 41.97 58.57 -15.48
C MET W 263 41.85 57.06 -15.55
N LEU W 264 40.64 56.56 -15.37
CA LEU W 264 40.37 55.14 -15.59
C LEU W 264 40.73 54.74 -17.02
N SER W 265 40.36 55.58 -18.00
CA SER W 265 40.63 55.26 -19.39
C SER W 265 42.12 55.30 -19.70
N LEU W 266 42.85 56.25 -19.13
CA LEU W 266 44.28 56.36 -19.41
C LEU W 266 45.06 55.21 -18.80
N TRP W 267 44.89 54.98 -17.49
CA TRP W 267 45.65 53.93 -16.86
C TRP W 267 45.21 52.56 -17.36
N GLY W 268 43.94 52.42 -17.74
CA GLY W 268 43.52 51.17 -18.32
C GLY W 268 43.96 50.97 -19.75
N MET W 269 44.18 52.06 -20.49
CA MET W 269 44.79 51.94 -21.80
C MET W 269 46.21 51.42 -21.68
N ILE W 270 46.95 51.93 -20.70
CA ILE W 270 48.31 51.42 -20.46
C ILE W 270 48.27 49.96 -20.04
N MET W 271 47.37 49.61 -19.12
CA MET W 271 47.27 48.24 -18.64
C MET W 271 46.79 47.28 -19.71
N THR W 272 45.94 47.73 -20.64
CA THR W 272 45.42 46.84 -21.67
C THR W 272 46.47 46.62 -22.75
N SER W 273 47.21 47.67 -23.13
CA SER W 273 48.34 47.46 -24.02
C SER W 273 49.40 46.56 -23.37
N SER W 274 49.53 46.61 -22.05
CA SER W 274 50.42 45.68 -21.38
C SER W 274 49.87 44.25 -21.38
N ILE W 275 48.55 44.10 -21.24
CA ILE W 275 48.00 42.74 -21.07
C ILE W 275 47.96 42.02 -22.42
N CYS W 276 47.91 42.74 -23.53
CA CYS W 276 47.96 42.05 -24.82
C CYS W 276 49.36 41.94 -25.38
N LEU W 277 50.37 41.88 -24.52
CA LEU W 277 51.74 41.66 -24.96
C LEU W 277 52.19 40.23 -24.74
N ARG W 278 51.47 39.48 -23.91
CA ARG W 278 51.96 38.24 -23.37
C ARG W 278 50.96 37.10 -23.47
N GLN W 279 49.70 37.39 -23.81
CA GLN W 279 48.68 36.36 -23.87
C GLN W 279 48.88 35.42 -25.05
N THR W 280 48.39 34.20 -24.87
CA THR W 280 48.11 33.29 -25.97
C THR W 280 46.72 33.62 -26.53
N ASP W 281 46.19 32.73 -27.36
CA ASP W 281 44.89 32.90 -28.03
C ASP W 281 44.87 34.18 -28.86
N LEU W 282 45.67 34.14 -29.93
CA LEU W 282 45.93 35.21 -30.89
C LEU W 282 44.72 36.04 -31.30
N LYS W 283 43.56 35.38 -31.37
CA LYS W 283 42.29 36.06 -31.62
C LYS W 283 41.99 37.14 -30.57
N SER W 284 42.41 36.93 -29.33
CA SER W 284 42.09 37.87 -28.25
C SER W 284 42.99 39.10 -28.25
N LEU W 285 44.16 39.04 -28.90
CA LEU W 285 45.05 40.20 -28.94
C LEU W 285 44.41 41.35 -29.69
N ILE W 286 43.66 41.04 -30.75
CA ILE W 286 42.95 42.08 -31.48
C ILE W 286 41.85 42.67 -30.60
N ALA W 287 41.23 41.85 -29.75
CA ALA W 287 40.19 42.35 -28.86
C ALA W 287 40.75 43.31 -27.83
N TYR W 288 41.90 42.98 -27.23
CA TYR W 288 42.47 43.93 -26.29
C TYR W 288 43.08 45.14 -26.99
N SER W 289 43.53 44.98 -28.23
CA SER W 289 43.91 46.12 -29.05
C SER W 289 42.73 47.06 -29.25
N SER W 290 41.56 46.47 -29.44
CA SER W 290 40.34 47.24 -29.61
C SER W 290 39.97 47.97 -28.33
N VAL W 291 40.20 47.34 -27.18
CA VAL W 291 39.97 48.03 -25.91
C VAL W 291 40.91 49.22 -25.76
N SER W 292 42.16 49.06 -26.21
CA SER W 292 43.13 50.15 -26.14
C SER W 292 42.73 51.33 -27.03
N HIS W 293 42.37 51.05 -28.27
CA HIS W 293 41.92 52.11 -29.16
C HIS W 293 40.61 52.75 -28.69
N MET W 294 39.70 51.98 -28.11
CA MET W 294 38.48 52.61 -27.61
C MET W 294 38.71 53.41 -26.33
N ALA W 295 39.72 53.05 -25.55
CA ALA W 295 40.09 53.91 -24.42
C ALA W 295 40.62 55.25 -24.91
N LEU W 296 41.40 55.22 -25.99
CA LEU W 296 41.85 56.47 -26.61
C LEU W 296 40.67 57.26 -27.17
N VAL W 297 39.68 56.55 -27.72
CA VAL W 297 38.45 57.17 -28.20
C VAL W 297 37.73 57.87 -27.05
N ILE W 298 37.63 57.22 -25.90
CA ILE W 298 36.87 57.79 -24.77
C ILE W 298 37.56 59.00 -24.18
N VAL W 299 38.90 58.98 -24.16
CA VAL W 299 39.66 60.19 -23.83
C VAL W 299 39.28 61.31 -24.79
N ALA W 300 39.22 60.98 -26.09
CA ALA W 300 38.88 61.98 -27.09
C ALA W 300 37.43 62.45 -26.99
N ILE W 301 36.53 61.65 -26.44
CA ILE W 301 35.14 62.10 -26.37
C ILE W 301 34.93 62.97 -25.15
N LEU W 302 35.52 62.58 -24.01
CA LEU W 302 35.27 63.36 -22.80
C LEU W 302 36.02 64.68 -22.79
N ILE W 303 37.18 64.78 -23.46
CA ILE W 303 37.61 66.13 -23.77
C ILE W 303 36.78 66.63 -24.93
N GLN W 304 36.46 67.92 -24.93
CA GLN W 304 35.40 68.39 -25.82
C GLN W 304 35.91 69.40 -26.83
N THR W 305 36.97 69.05 -27.51
CA THR W 305 37.51 69.95 -28.52
C THR W 305 37.07 69.49 -29.91
N PRO W 306 36.84 70.42 -30.85
CA PRO W 306 36.67 70.01 -32.25
C PRO W 306 37.85 69.24 -32.83
N TRP W 307 39.07 69.59 -32.44
CA TRP W 307 40.24 68.77 -32.73
C TRP W 307 40.06 67.35 -32.23
N SER W 308 39.54 67.24 -31.00
CA SER W 308 39.33 65.95 -30.39
C SER W 308 38.25 65.15 -31.11
N TYR W 309 37.19 65.82 -31.58
CA TYR W 309 36.14 65.05 -32.24
C TYR W 309 36.54 64.62 -33.64
N MET W 310 37.34 65.43 -34.35
CA MET W 310 37.86 65.01 -35.64
C MET W 310 38.79 63.82 -35.50
N GLY W 311 39.72 63.88 -34.53
CA GLY W 311 40.58 62.73 -34.26
C GLY W 311 39.81 61.52 -33.80
N ALA W 312 38.71 61.72 -33.07
CA ALA W 312 37.91 60.61 -32.57
C ALA W 312 37.23 59.86 -33.70
N THR W 313 36.59 60.59 -34.63
CA THR W 313 35.89 59.88 -35.69
C THR W 313 36.86 59.24 -36.69
N ALA W 314 38.03 59.85 -36.91
CA ALA W 314 39.02 59.20 -37.77
C ALA W 314 39.56 57.93 -37.13
N LEU W 315 39.81 57.97 -35.81
CA LEU W 315 40.26 56.79 -35.08
C LEU W 315 39.20 55.70 -35.10
N MET W 316 37.92 56.09 -35.02
CA MET W 316 36.82 55.13 -35.12
C MET W 316 36.85 54.38 -36.44
N ILE W 317 36.89 55.10 -37.56
CA ILE W 317 36.76 54.43 -38.85
C ILE W 317 38.00 53.60 -39.19
N ALA W 318 39.19 54.15 -38.89
CA ALA W 318 40.42 53.42 -39.19
C ALA W 318 40.55 52.18 -38.32
N HIS W 319 40.22 52.28 -37.03
CA HIS W 319 40.31 51.12 -36.18
C HIS W 319 39.26 50.08 -36.51
N GLY W 320 38.08 50.51 -36.98
CA GLY W 320 37.09 49.54 -37.43
C GLY W 320 37.58 48.71 -38.60
N LEU W 321 38.17 49.36 -39.61
CA LEU W 321 38.73 48.62 -40.73
C LEU W 321 39.89 47.72 -40.31
N THR W 322 40.78 48.22 -39.45
CA THR W 322 41.92 47.44 -39.00
C THR W 322 41.51 46.20 -38.22
N SER W 323 40.56 46.35 -37.28
CA SER W 323 40.15 45.23 -36.45
C SER W 323 39.36 44.21 -37.26
N SER W 324 38.53 44.67 -38.21
CA SER W 324 37.77 43.71 -39.01
C SER W 324 38.68 42.91 -39.93
N MET W 325 39.66 43.59 -40.56
CA MET W 325 40.65 42.90 -41.36
C MET W 325 41.43 41.88 -40.55
N LEU W 326 41.92 42.30 -39.37
CA LEU W 326 42.83 41.44 -38.63
C LEU W 326 42.10 40.26 -38.00
N PHE W 327 40.82 40.43 -37.67
CA PHE W 327 39.97 39.29 -37.35
C PHE W 327 39.85 38.33 -38.52
N CYS W 328 39.73 38.86 -39.75
CA CYS W 328 39.63 37.96 -40.89
C CYS W 328 40.93 37.19 -41.14
N LEU W 329 42.09 37.82 -40.88
CA LEU W 329 43.34 37.08 -41.04
C LEU W 329 43.51 36.02 -39.95
N ALA W 330 43.07 36.33 -38.73
CA ALA W 330 43.11 35.32 -37.67
C ALA W 330 42.18 34.17 -37.97
N ASN W 331 41.05 34.43 -38.62
CA ASN W 331 40.19 33.33 -39.06
C ASN W 331 40.85 32.52 -40.15
N SER W 332 41.61 33.17 -41.04
CA SER W 332 42.36 32.42 -42.06
C SER W 332 43.36 31.47 -41.41
N ASN W 333 44.06 31.95 -40.38
CA ASN W 333 45.04 31.08 -39.71
C ASN W 333 44.35 29.96 -38.94
N TYR W 334 43.17 30.21 -38.37
CA TYR W 334 42.45 29.15 -37.69
C TYR W 334 41.85 28.15 -38.68
N GLU W 335 41.54 28.60 -39.89
CA GLU W 335 41.17 27.64 -40.93
C GLU W 335 42.37 26.79 -41.33
N ARG W 336 43.58 27.36 -41.24
CA ARG W 336 44.77 26.57 -41.51
C ARG W 336 44.99 25.49 -40.46
N VAL W 337 45.19 25.88 -39.19
CA VAL W 337 45.37 24.88 -38.15
C VAL W 337 44.30 25.04 -37.08
N HIS W 338 43.90 23.91 -36.51
CA HIS W 338 42.80 23.88 -35.54
C HIS W 338 43.32 24.12 -34.13
N SER W 339 43.96 25.28 -33.94
CA SER W 339 44.65 25.54 -32.69
C SER W 339 44.06 26.71 -31.91
N ARG W 340 44.00 27.90 -32.55
CA ARG W 340 43.63 29.23 -32.03
C ARG W 340 44.72 29.79 -31.11
N THR W 341 45.72 28.98 -30.78
CA THR W 341 46.82 29.44 -29.95
C THR W 341 47.83 30.21 -30.79
N MET W 342 48.82 30.79 -30.13
CA MET W 342 49.75 31.69 -30.78
C MET W 342 51.07 31.01 -31.14
N ILE W 343 51.65 30.26 -30.21
CA ILE W 343 53.01 29.74 -30.39
C ILE W 343 53.03 28.51 -31.29
N LEU W 344 51.87 27.96 -31.65
CA LEU W 344 51.87 26.72 -32.40
C LEU W 344 52.12 26.97 -33.89
N ALA W 345 51.24 27.73 -34.53
CA ALA W 345 51.35 27.98 -35.97
C ALA W 345 52.48 28.95 -36.22
N ARG W 346 53.60 28.46 -36.75
CA ARG W 346 54.78 29.27 -36.94
C ARG W 346 55.33 29.02 -38.34
N GLY W 347 56.28 29.87 -38.74
CA GLY W 347 56.85 29.77 -40.07
C GLY W 347 56.19 30.72 -41.04
N LEU W 348 55.66 30.19 -42.14
CA LEU W 348 54.74 30.86 -43.06
C LEU W 348 55.32 32.11 -43.74
N GLN W 349 56.63 32.33 -43.67
CA GLN W 349 57.22 33.26 -44.60
C GLN W 349 57.57 32.57 -45.91
N THR W 350 58.06 31.33 -45.81
CA THR W 350 58.22 30.45 -46.95
C THR W 350 56.86 30.17 -47.54
N LEU W 351 56.04 29.44 -46.79
CA LEU W 351 54.75 28.99 -47.28
C LEU W 351 53.74 30.13 -47.21
N LEU W 352 52.87 30.20 -48.22
CA LEU W 352 51.92 31.28 -48.48
C LEU W 352 52.65 32.61 -48.52
N PRO W 353 53.46 32.87 -49.55
CA PRO W 353 54.42 33.97 -49.50
C PRO W 353 53.81 35.35 -49.73
N LEU W 354 52.49 35.46 -49.84
CA LEU W 354 51.83 36.73 -50.02
C LEU W 354 50.70 36.94 -49.02
N MET W 355 50.35 35.91 -48.26
CA MET W 355 49.58 36.10 -47.04
C MET W 355 50.34 36.99 -46.05
N ALA W 356 51.67 36.85 -46.03
CA ALA W 356 52.51 37.65 -45.15
C ALA W 356 52.49 39.12 -45.52
N ALA W 357 52.26 39.44 -46.80
CA ALA W 357 52.12 40.83 -47.19
C ALA W 357 50.88 41.45 -46.57
N TRP W 358 49.80 40.70 -46.46
CA TRP W 358 48.60 41.24 -45.84
C TRP W 358 48.76 41.33 -44.33
N TRP W 359 49.45 40.35 -43.72
CA TRP W 359 49.75 40.45 -42.29
C TRP W 359 50.62 41.66 -42.00
N LEU W 360 51.61 41.91 -42.86
CA LEU W 360 52.49 43.06 -42.69
C LEU W 360 51.72 44.36 -42.86
N LEU W 361 50.80 44.41 -43.83
CA LEU W 361 50.07 45.65 -44.07
C LEU W 361 49.09 45.95 -42.93
N ALA W 362 48.42 44.91 -42.41
CA ALA W 362 47.55 45.10 -41.26
C ALA W 362 48.34 45.48 -40.01
N SER W 363 49.50 44.85 -39.80
CA SER W 363 50.31 45.15 -38.63
C SER W 363 50.89 46.56 -38.70
N LEU W 364 51.15 47.07 -39.89
CA LEU W 364 51.64 48.43 -39.96
C LEU W 364 50.54 49.46 -39.89
N THR W 365 49.31 49.11 -40.31
CA THR W 365 48.21 50.01 -40.02
C THR W 365 47.89 50.05 -38.54
N ASN W 366 48.02 48.91 -37.85
CA ASN W 366 47.83 48.89 -36.40
C ASN W 366 49.00 49.54 -35.68
N LEU W 367 50.17 49.58 -36.33
CA LEU W 367 51.27 50.42 -35.88
C LEU W 367 50.96 51.91 -36.02
N ALA W 368 49.95 52.25 -36.84
CA ALA W 368 49.71 53.57 -37.41
C ALA W 368 50.92 54.03 -38.24
N LEU W 369 51.11 53.33 -39.35
CA LEU W 369 51.96 53.82 -40.41
C LEU W 369 51.43 55.17 -40.89
N PRO W 370 52.30 56.15 -41.15
CA PRO W 370 51.90 57.57 -41.06
C PRO W 370 50.96 58.10 -42.14
N PRO W 371 51.00 57.66 -43.41
CA PRO W 371 49.94 58.15 -44.31
C PRO W 371 48.57 57.57 -44.04
N SER W 372 48.45 56.53 -43.22
CA SER W 372 47.15 55.91 -42.97
C SER W 372 46.29 56.80 -42.08
N ILE W 373 45.02 56.38 -41.93
CA ILE W 373 44.04 57.17 -41.20
C ILE W 373 44.24 57.02 -39.69
N ASN W 374 44.79 55.88 -39.24
CA ASN W 374 44.89 55.61 -37.82
C ASN W 374 45.89 56.56 -37.15
N LEU W 375 46.96 56.91 -37.85
CA LEU W 375 47.88 57.91 -37.32
C LEU W 375 47.26 59.29 -37.33
N ILE W 376 46.39 59.58 -38.30
CA ILE W 376 45.69 60.86 -38.33
C ILE W 376 44.83 61.01 -37.08
N GLY W 377 44.03 59.99 -36.79
CA GLY W 377 43.21 59.93 -35.59
C GLY W 377 43.99 60.05 -34.30
N GLU W 378 44.99 59.17 -34.12
CA GLU W 378 45.77 59.17 -32.90
C GLU W 378 46.55 60.48 -32.72
N LEU W 379 47.02 61.06 -33.83
CA LEU W 379 47.80 62.28 -33.74
C LEU W 379 46.94 63.45 -33.31
N PHE W 380 45.75 63.61 -33.91
CA PHE W 380 44.92 64.74 -33.50
C PHE W 380 44.37 64.56 -32.09
N VAL W 381 44.15 63.30 -31.66
CA VAL W 381 43.73 63.10 -30.28
C VAL W 381 44.84 63.45 -29.31
N VAL W 382 46.10 63.12 -29.67
CA VAL W 382 47.23 63.49 -28.83
C VAL W 382 47.41 65.01 -28.78
N MET W 383 47.19 65.69 -29.91
CA MET W 383 47.26 67.16 -29.93
C MET W 383 46.20 67.77 -29.02
N SER W 384 44.97 67.27 -29.10
CA SER W 384 43.90 67.83 -28.31
C SER W 384 44.08 67.53 -26.83
N THR W 385 44.58 66.34 -26.49
CA THR W 385 44.79 66.06 -25.08
C THR W 385 46.04 66.74 -24.53
N PHE W 386 46.99 67.13 -25.39
CA PHE W 386 48.09 67.92 -24.86
C PHE W 386 47.67 69.36 -24.63
N SER W 387 46.72 69.86 -25.43
CA SER W 387 46.13 71.14 -25.09
C SER W 387 45.23 71.02 -23.87
N TRP W 388 44.68 69.83 -23.62
CA TRP W 388 43.93 69.59 -22.40
C TRP W 388 44.83 69.67 -21.18
N SER W 389 45.97 68.97 -21.21
CA SER W 389 46.91 69.01 -20.11
C SER W 389 48.32 68.82 -20.64
N ASN W 390 49.28 69.49 -20.00
CA ASN W 390 50.67 69.44 -20.43
C ASN W 390 51.42 68.22 -19.91
N ILE W 391 50.69 67.21 -19.43
CA ILE W 391 51.31 66.11 -18.70
C ILE W 391 50.92 64.74 -19.26
N THR W 392 49.78 64.60 -19.92
CA THR W 392 49.24 63.32 -20.34
C THR W 392 49.98 62.68 -21.50
N ILE W 393 50.99 63.35 -22.06
CA ILE W 393 51.65 62.83 -23.25
C ILE W 393 52.57 61.67 -22.92
N ILE W 394 52.94 61.51 -21.65
CA ILE W 394 53.68 60.33 -21.20
C ILE W 394 52.87 59.08 -21.45
N LEU W 395 51.59 59.12 -21.09
CA LEU W 395 50.71 57.97 -21.25
C LEU W 395 50.45 57.68 -22.73
N MET W 396 50.30 58.73 -23.54
CA MET W 396 50.04 58.54 -24.97
C MET W 396 51.25 57.94 -25.67
N GLY W 397 52.44 58.46 -25.40
CA GLY W 397 53.62 57.90 -26.03
C GLY W 397 53.97 56.51 -25.54
N LEU W 398 53.71 56.23 -24.26
CA LEU W 398 53.97 54.89 -23.74
C LEU W 398 52.98 53.90 -24.31
N ASN W 399 51.73 54.35 -24.55
CA ASN W 399 50.78 53.57 -25.33
C ASN W 399 51.31 53.31 -26.73
N MET W 400 51.91 54.33 -27.36
CA MET W 400 52.44 54.17 -28.71
C MET W 400 53.56 53.14 -28.77
N VAL W 401 54.45 53.16 -27.77
CA VAL W 401 55.57 52.22 -27.73
C VAL W 401 55.08 50.80 -27.50
N ILE W 402 54.23 50.60 -26.48
CA ILE W 402 53.77 49.25 -26.21
C ILE W 402 52.84 48.75 -27.31
N THR W 403 52.14 49.66 -28.00
CA THR W 403 51.30 49.26 -29.12
C THR W 403 52.13 48.78 -30.29
N ALA W 404 53.22 49.51 -30.55
CA ALA W 404 54.21 49.07 -31.54
C ALA W 404 54.75 47.69 -31.19
N LEU W 405 55.04 47.46 -29.92
CA LEU W 405 55.69 46.19 -29.58
C LEU W 405 54.72 45.03 -29.64
N TYR W 406 53.48 45.17 -29.17
CA TYR W 406 52.62 43.99 -29.25
C TYR W 406 52.13 43.76 -30.68
N SER W 407 51.91 44.81 -31.47
CA SER W 407 51.54 44.60 -32.86
C SER W 407 52.66 43.93 -33.63
N LEU W 408 53.90 44.33 -33.36
CA LEU W 408 55.02 43.68 -34.00
C LEU W 408 55.21 42.26 -33.49
N TYR W 409 54.86 42.00 -32.23
CA TYR W 409 54.98 40.64 -31.71
C TYR W 409 53.95 39.73 -32.34
N MET W 410 52.74 40.25 -32.57
CA MET W 410 51.74 39.53 -33.35
C MET W 410 52.24 39.23 -34.76
N LEU W 411 52.97 40.17 -35.34
CA LEU W 411 53.52 39.93 -36.68
C LEU W 411 54.59 38.84 -36.66
N ILE W 412 55.62 38.99 -35.83
CA ILE W 412 56.79 38.13 -35.94
C ILE W 412 56.75 36.93 -35.00
N THR W 413 55.62 36.70 -34.33
CA THR W 413 55.53 35.51 -33.52
C THR W 413 55.04 34.33 -34.35
N THR W 414 53.85 34.47 -34.92
CA THR W 414 53.22 33.38 -35.64
C THR W 414 53.72 33.24 -37.06
N GLN W 415 54.45 34.22 -37.58
CA GLN W 415 54.77 34.19 -38.99
C GLN W 415 56.22 34.61 -39.23
N ARG W 416 57.13 34.04 -38.44
CA ARG W 416 58.54 34.37 -38.54
C ARG W 416 59.38 33.33 -37.85
N GLY W 417 60.34 32.77 -38.59
CA GLY W 417 61.49 32.10 -38.00
C GLY W 417 61.67 30.63 -38.29
N LYS W 418 60.61 29.82 -38.09
CA LYS W 418 60.68 28.39 -38.38
C LYS W 418 59.29 27.76 -38.34
N HIS W 419 58.92 27.06 -39.41
CA HIS W 419 57.75 26.20 -39.38
C HIS W 419 58.00 25.02 -38.46
N THR W 420 56.98 24.59 -37.74
CA THR W 420 57.16 23.51 -36.77
C THR W 420 57.30 22.13 -37.41
N HIS W 421 57.13 22.03 -38.73
CA HIS W 421 57.33 20.83 -39.58
C HIS W 421 56.69 19.56 -39.00
N HIS W 422 55.55 19.72 -38.32
CA HIS W 422 54.61 18.64 -38.12
C HIS W 422 53.20 19.12 -38.45
N ILE W 423 53.10 20.14 -39.28
CA ILE W 423 51.82 20.70 -39.67
C ILE W 423 51.22 19.92 -40.82
N ASN W 424 51.91 19.93 -41.96
CA ASN W 424 51.69 19.24 -43.25
C ASN W 424 50.23 19.06 -43.67
N ASN W 425 49.41 20.08 -43.47
CA ASN W 425 48.06 20.08 -44.00
C ASN W 425 47.61 21.42 -44.56
N ILE W 426 48.41 22.47 -44.45
CA ILE W 426 47.95 23.79 -44.86
C ILE W 426 47.97 23.88 -46.38
N LEU W 427 46.91 24.42 -46.93
CA LEU W 427 46.79 24.61 -48.36
C LEU W 427 47.39 25.94 -48.76
N PRO W 428 47.82 26.07 -50.01
CA PRO W 428 48.14 27.40 -50.54
C PRO W 428 46.91 28.28 -50.55
N SER W 429 47.16 29.59 -50.58
CA SER W 429 46.13 30.59 -50.30
C SER W 429 45.05 30.60 -51.38
N PHE W 430 43.79 30.56 -50.95
CA PHE W 430 42.69 30.59 -51.89
C PHE W 430 42.56 31.97 -52.49
N THR W 431 41.76 32.04 -53.56
CA THR W 431 41.41 33.34 -54.13
C THR W 431 40.45 34.11 -53.22
N ARG W 432 39.72 33.41 -52.35
CA ARG W 432 38.68 34.06 -51.57
C ARG W 432 39.28 34.95 -50.49
N GLU W 433 40.20 34.41 -49.69
CA GLU W 433 40.79 35.20 -48.61
C GLU W 433 41.63 36.35 -49.15
N ASN W 434 42.28 36.13 -50.30
CA ASN W 434 43.00 37.19 -50.96
C ASN W 434 42.05 38.28 -51.46
N ALA W 435 40.85 37.88 -51.92
CA ALA W 435 39.84 38.85 -52.31
C ALA W 435 39.34 39.64 -51.10
N LEU W 436 39.23 38.99 -49.96
CA LEU W 436 38.79 39.66 -48.74
C LEU W 436 39.81 40.67 -48.27
N MET W 437 41.10 40.31 -48.35
CA MET W 437 42.16 41.25 -48.02
C MET W 437 42.16 42.43 -48.98
N SER W 438 41.90 42.17 -50.26
CA SER W 438 41.86 43.24 -51.24
C SER W 438 40.65 44.14 -51.04
N LEU W 439 39.54 43.60 -50.54
CA LEU W 439 38.40 44.44 -50.22
C LEU W 439 38.65 45.25 -48.96
N HIS W 440 39.48 44.76 -48.04
CA HIS W 440 39.83 45.59 -46.88
C HIS W 440 40.73 46.73 -47.27
N MET W 441 41.86 46.44 -47.91
CA MET W 441 42.95 47.42 -47.95
C MET W 441 43.06 48.21 -49.24
N LEU W 442 42.07 48.16 -50.08
CA LEU W 442 41.98 49.24 -51.06
C LEU W 442 41.31 50.50 -50.50
N PRO W 443 40.15 50.44 -49.80
CA PRO W 443 39.56 51.70 -49.31
C PRO W 443 40.36 52.38 -48.22
N LEU W 444 41.14 51.64 -47.44
CA LEU W 444 41.92 52.30 -46.40
C LEU W 444 43.02 53.16 -46.99
N LEU W 445 43.70 52.66 -48.02
CA LEU W 445 44.71 53.48 -48.69
C LEU W 445 44.06 54.56 -49.54
N LEU W 446 42.88 54.29 -50.12
CA LEU W 446 42.22 55.32 -50.91
C LEU W 446 41.67 56.45 -50.04
N LEU W 447 41.32 56.17 -48.78
CA LEU W 447 41.04 57.25 -47.86
C LEU W 447 42.31 57.87 -47.30
N SER W 448 43.41 57.11 -47.27
CA SER W 448 44.69 57.67 -46.88
C SER W 448 45.15 58.75 -47.86
N LEU W 449 44.76 58.61 -49.13
CA LEU W 449 45.04 59.69 -50.08
C LEU W 449 44.17 60.91 -49.80
N ASN W 450 42.85 60.74 -49.72
CA ASN W 450 41.91 61.86 -49.58
C ASN W 450 41.03 61.65 -48.36
N PRO W 451 41.46 62.10 -47.19
CA PRO W 451 40.70 61.84 -45.95
C PRO W 451 39.75 62.95 -45.51
N LYS W 452 39.51 63.97 -46.33
CA LYS W 452 38.62 65.07 -45.94
C LYS W 452 37.17 64.64 -45.79
N ILE W 453 36.81 63.46 -46.29
CA ILE W 453 35.47 62.92 -46.11
C ILE W 453 35.21 62.56 -44.66
N ILE W 454 36.10 61.76 -44.07
CA ILE W 454 35.75 61.01 -42.86
C ILE W 454 35.85 61.85 -41.59
N LEU W 455 36.28 63.10 -41.68
CA LEU W 455 36.30 63.94 -40.49
C LEU W 455 34.88 64.35 -40.12
N GLY W 456 34.70 64.68 -38.85
CA GLY W 456 33.38 64.72 -38.26
C GLY W 456 32.57 65.96 -38.57
N PRO W 457 31.58 66.25 -37.72
CA PRO W 457 30.77 67.45 -37.91
C PRO W 457 31.56 68.73 -37.73
N LEU W 458 32.61 68.70 -36.92
CA LEU W 458 33.42 69.89 -36.66
C LEU W 458 34.60 69.96 -37.61
N TYR W 459 34.31 69.81 -38.90
CA TYR W 459 35.31 69.88 -39.95
C TYR W 459 35.72 71.32 -40.17
N MET X 1 -15.21 12.87 -17.17
CA MET X 1 -15.35 13.95 -18.13
C MET X 1 -16.31 13.62 -19.28
N ASN X 2 -17.31 14.45 -19.46
CA ASN X 2 -18.01 14.45 -20.72
C ASN X 2 -17.74 15.76 -21.44
N PRO X 3 -17.68 15.74 -22.77
CA PRO X 3 -17.51 16.98 -23.52
C PRO X 3 -18.64 17.99 -23.32
N ILE X 4 -19.87 17.51 -23.13
CA ILE X 4 -20.96 18.40 -22.76
C ILE X 4 -20.70 19.04 -21.41
N ILE X 5 -20.17 18.26 -20.46
CA ILE X 5 -19.89 18.78 -19.13
C ILE X 5 -18.75 19.81 -19.18
N LEU X 6 -17.75 19.58 -20.05
CA LEU X 6 -16.67 20.55 -20.19
C LEU X 6 -17.14 21.83 -20.86
N ILE X 7 -18.05 21.73 -21.84
CA ILE X 7 -18.62 22.94 -22.43
C ILE X 7 -19.45 23.70 -21.39
N ILE X 8 -20.15 22.97 -20.52
CA ILE X 8 -20.89 23.61 -19.42
C ILE X 8 -19.96 24.31 -18.44
N ILE X 9 -18.84 23.67 -18.09
CA ILE X 9 -17.92 24.26 -17.12
C ILE X 9 -17.23 25.49 -17.71
N LEU X 10 -16.89 25.45 -19.01
CA LEU X 10 -16.38 26.64 -19.68
C LEU X 10 -17.42 27.74 -19.74
N MET X 11 -18.69 27.39 -19.97
CA MET X 11 -19.77 28.36 -19.94
C MET X 11 -19.90 29.02 -18.57
N THR X 12 -19.68 28.25 -17.51
CA THR X 12 -19.81 28.84 -16.18
C THR X 12 -18.59 29.67 -15.78
N VAL X 13 -17.40 29.31 -16.26
CA VAL X 13 -16.24 30.18 -16.07
C VAL X 13 -16.47 31.52 -16.76
N MET X 14 -16.93 31.46 -18.02
CA MET X 14 -17.23 32.68 -18.76
C MET X 14 -18.36 33.47 -18.12
N LEU X 15 -19.37 32.78 -17.58
CA LEU X 15 -20.45 33.46 -16.89
C LEU X 15 -19.98 34.15 -15.64
N GLY X 16 -19.13 33.49 -14.84
CA GLY X 16 -18.63 34.11 -13.63
C GLY X 16 -17.75 35.30 -13.89
N THR X 17 -16.88 35.19 -14.91
CA THR X 17 -15.99 36.31 -15.21
C THR X 17 -16.76 37.48 -15.82
N ILE X 18 -17.77 37.19 -16.65
CA ILE X 18 -18.58 38.26 -17.22
C ILE X 18 -19.44 38.92 -16.13
N ILE X 19 -19.90 38.15 -15.13
CA ILE X 19 -20.59 38.75 -13.99
C ILE X 19 -19.66 39.66 -13.19
N VAL X 20 -18.39 39.27 -13.05
CA VAL X 20 -17.42 40.15 -12.40
C VAL X 20 -17.21 41.42 -13.22
N MET X 21 -17.19 41.28 -14.55
CA MET X 21 -16.98 42.45 -15.41
C MET X 21 -18.18 43.41 -15.37
N ILE X 22 -19.39 42.87 -15.38
CA ILE X 22 -20.55 43.64 -15.81
C ILE X 22 -21.35 44.22 -14.65
N SER X 23 -21.22 43.69 -13.44
CA SER X 23 -22.15 44.05 -12.41
C SER X 23 -21.74 45.33 -11.71
N THR X 24 -22.70 45.91 -10.99
CA THR X 24 -22.46 47.09 -10.18
C THR X 24 -22.76 46.84 -8.72
N HIS X 25 -23.13 45.63 -8.36
CA HIS X 25 -23.44 45.28 -6.98
C HIS X 25 -22.30 44.46 -6.41
N TRP X 26 -22.06 44.61 -5.10
CA TRP X 26 -20.91 43.95 -4.49
C TRP X 26 -21.13 42.45 -4.33
N LEU X 27 -22.36 42.07 -3.96
CA LEU X 27 -22.74 40.67 -3.85
C LEU X 27 -22.54 39.94 -5.17
N LEU X 28 -22.81 40.60 -6.29
CA LEU X 28 -22.65 39.96 -7.58
C LEU X 28 -21.19 39.75 -7.93
N ILE X 29 -20.31 40.66 -7.51
CA ILE X 29 -18.88 40.47 -7.71
C ILE X 29 -18.39 39.30 -6.87
N TRP X 30 -18.90 39.18 -5.65
CA TRP X 30 -18.47 38.07 -4.80
C TRP X 30 -18.99 36.74 -5.34
N ILE X 31 -20.21 36.74 -5.87
CA ILE X 31 -20.79 35.58 -6.53
C ILE X 31 -19.96 35.18 -7.74
N GLY X 32 -19.50 36.18 -8.51
CA GLY X 32 -18.69 35.88 -9.67
C GLY X 32 -17.35 35.25 -9.33
N PHE X 33 -16.70 35.75 -8.27
CA PHE X 33 -15.44 35.15 -7.82
C PHE X 33 -15.65 33.73 -7.32
N GLU X 34 -16.68 33.52 -6.52
CA GLU X 34 -16.97 32.19 -6.00
C GLU X 34 -17.34 31.20 -7.09
N MET X 35 -18.19 31.61 -8.04
CA MET X 35 -18.57 30.74 -9.13
C MET X 35 -17.37 30.45 -10.03
N ASN X 36 -16.45 31.40 -10.17
CA ASN X 36 -15.21 31.16 -10.90
C ASN X 36 -14.38 30.07 -10.21
N MET X 37 -14.31 30.13 -8.88
CA MET X 37 -13.62 29.08 -8.12
C MET X 37 -14.29 27.72 -8.30
N LEU X 38 -15.62 27.67 -8.10
CA LEU X 38 -16.38 26.42 -8.15
C LEU X 38 -16.31 25.77 -9.52
N ALA X 39 -16.31 26.57 -10.57
CA ALA X 39 -16.17 26.02 -11.91
C ALA X 39 -14.72 25.61 -12.19
N ILE X 40 -13.73 26.35 -11.68
CA ILE X 40 -12.36 26.06 -12.05
C ILE X 40 -11.78 24.89 -11.25
N ILE X 41 -12.47 24.44 -10.20
CA ILE X 41 -11.97 23.28 -9.45
C ILE X 41 -11.99 21.99 -10.28
N PRO X 42 -13.05 21.59 -11.01
CA PRO X 42 -12.94 20.34 -11.78
C PRO X 42 -12.27 20.46 -13.13
N ILE X 43 -11.79 21.63 -13.54
CA ILE X 43 -10.86 21.66 -14.66
C ILE X 43 -9.52 21.09 -14.21
N MET X 44 -9.07 21.48 -13.02
CA MET X 44 -8.04 20.73 -12.32
C MET X 44 -8.63 19.41 -11.84
N MET X 45 -7.75 18.48 -11.46
CA MET X 45 -8.10 17.06 -11.28
C MET X 45 -8.79 16.52 -12.53
N LYS X 46 -8.26 16.92 -13.69
CA LYS X 46 -8.78 16.39 -14.94
C LYS X 46 -8.36 14.94 -15.11
N LYS X 47 -7.16 14.61 -14.65
CA LYS X 47 -6.77 13.22 -14.42
C LYS X 47 -7.13 12.87 -12.97
N HIS X 48 -6.63 11.75 -12.47
CA HIS X 48 -6.98 11.36 -11.11
C HIS X 48 -5.75 11.06 -10.27
N ASN X 49 -4.60 11.59 -10.66
CA ASN X 49 -3.41 11.51 -9.84
C ASN X 49 -3.58 12.33 -8.56
N PRO X 50 -2.92 11.94 -7.47
CA PRO X 50 -3.05 12.71 -6.22
C PRO X 50 -2.36 14.08 -6.26
N ARG X 51 -1.48 14.32 -7.24
CA ARG X 51 -0.85 15.63 -7.37
C ARG X 51 -1.88 16.72 -7.62
N ALA X 52 -2.77 16.49 -8.59
CA ALA X 52 -3.83 17.44 -8.88
C ALA X 52 -4.82 17.57 -7.74
N THR X 53 -4.99 16.50 -6.95
CA THR X 53 -5.90 16.54 -5.82
C THR X 53 -5.36 17.46 -4.72
N GLU X 54 -4.07 17.33 -4.40
CA GLU X 54 -3.49 18.20 -3.38
C GLU X 54 -3.39 19.63 -3.88
N ALA X 55 -3.11 19.81 -5.18
CA ALA X 55 -3.08 21.15 -5.76
C ALA X 55 -4.44 21.83 -5.66
N SER X 56 -5.50 21.09 -6.00
CA SER X 56 -6.84 21.65 -5.91
C SER X 56 -7.25 21.93 -4.47
N THR X 57 -6.75 21.13 -3.51
CA THR X 57 -7.03 21.39 -2.11
C THR X 57 -6.41 22.70 -1.65
N LYS X 58 -5.12 22.90 -1.96
CA LYS X 58 -4.44 24.13 -1.59
C LYS X 58 -5.10 25.34 -2.25
N TYR X 59 -5.46 25.20 -3.52
CA TYR X 59 -6.09 26.28 -4.24
C TYR X 59 -7.45 26.63 -3.67
N PHE X 60 -8.23 25.61 -3.31
CA PHE X 60 -9.55 25.86 -2.75
C PHE X 60 -9.46 26.58 -1.41
N LEU X 61 -8.52 26.16 -0.56
CA LEU X 61 -8.41 26.81 0.75
C LEU X 61 -8.01 28.28 0.62
N THR X 62 -6.99 28.57 -0.18
CA THR X 62 -6.57 29.97 -0.33
C THR X 62 -7.64 30.80 -1.04
N GLN X 63 -8.31 30.22 -2.04
CA GLN X 63 -9.29 30.97 -2.81
C GLN X 63 -10.52 31.28 -1.96
N SER X 64 -10.95 30.32 -1.14
CA SER X 64 -12.12 30.53 -0.30
C SER X 64 -11.83 31.53 0.80
N THR X 65 -10.63 31.50 1.41
CA THR X 65 -10.38 32.47 2.45
C THR X 65 -10.18 33.88 1.87
N ALA X 66 -9.71 33.97 0.62
CA ALA X 66 -9.67 35.26 -0.05
C ALA X 66 -11.07 35.79 -0.32
N SER X 67 -11.98 34.90 -0.76
CA SER X 67 -13.36 35.29 -1.01
C SER X 67 -14.03 35.80 0.25
N MET X 68 -13.82 35.11 1.37
CA MET X 68 -14.49 35.54 2.59
C MET X 68 -13.88 36.80 3.17
N LEU X 69 -12.56 37.01 2.99
CA LEU X 69 -11.99 38.28 3.44
C LEU X 69 -12.47 39.44 2.57
N LEU X 70 -12.72 39.18 1.29
CA LEU X 70 -13.36 40.18 0.44
C LEU X 70 -14.75 40.54 0.95
N MET X 71 -15.52 39.53 1.36
CA MET X 71 -16.84 39.80 1.91
C MET X 71 -16.75 40.57 3.22
N MET X 72 -15.71 40.31 4.02
CA MET X 72 -15.45 41.11 5.22
C MET X 72 -15.21 42.57 4.87
N ALA X 73 -14.45 42.84 3.81
CA ALA X 73 -14.19 44.23 3.41
C ALA X 73 -15.46 44.93 2.97
N ILE X 74 -16.34 44.21 2.27
CA ILE X 74 -17.59 44.82 1.81
C ILE X 74 -18.53 45.11 2.99
N ILE X 75 -18.57 44.20 3.98
CA ILE X 75 -19.45 44.45 5.11
C ILE X 75 -18.88 45.56 6.01
N ILE X 76 -17.56 45.76 5.98
CA ILE X 76 -17.00 46.96 6.62
C ILE X 76 -17.42 48.21 5.86
N ASN X 77 -17.44 48.14 4.52
CA ASN X 77 -17.86 49.27 3.70
C ASN X 77 -19.31 49.68 4.00
N LEU X 78 -20.16 48.71 4.31
CA LEU X 78 -21.50 49.10 4.70
C LEU X 78 -21.65 49.33 6.21
N MET X 79 -20.67 48.94 7.04
CA MET X 79 -20.64 49.45 8.41
C MET X 79 -20.39 50.94 8.43
N PHE X 80 -19.56 51.42 7.52
CA PHE X 80 -19.47 52.84 7.21
C PHE X 80 -20.56 53.18 6.19
N SER X 81 -20.40 54.32 5.50
CA SER X 81 -21.36 54.82 4.51
C SER X 81 -21.82 53.76 3.52
N GLY X 82 -23.09 53.39 3.60
CA GLY X 82 -23.52 52.11 3.08
C GLY X 82 -24.41 52.16 1.87
N GLN X 83 -23.85 51.77 0.73
CA GLN X 83 -24.61 51.56 -0.49
C GLN X 83 -23.85 50.58 -1.35
N TRP X 84 -24.56 49.87 -2.20
CA TRP X 84 -23.95 48.82 -3.00
C TRP X 84 -23.59 49.31 -4.39
N THR X 85 -22.77 50.36 -4.43
CA THR X 85 -22.29 50.93 -5.68
C THR X 85 -20.79 50.74 -5.76
N VAL X 86 -20.31 50.19 -6.87
CA VAL X 86 -18.88 49.96 -7.04
C VAL X 86 -18.25 51.31 -7.35
N MET X 87 -17.66 51.93 -6.34
CA MET X 87 -17.19 53.29 -6.44
C MET X 87 -16.00 53.46 -5.50
N LYS X 88 -15.66 54.72 -5.20
CA LYS X 88 -14.79 55.05 -4.10
C LYS X 88 -15.27 54.42 -2.80
N LEU X 89 -14.36 53.79 -2.07
CA LEU X 89 -14.74 53.22 -0.79
C LEU X 89 -14.75 54.30 0.28
N PHE X 90 -15.06 53.90 1.52
CA PHE X 90 -15.24 54.88 2.59
C PHE X 90 -14.50 54.47 3.85
N ASN X 91 -13.36 53.82 3.70
CA ASN X 91 -12.50 53.40 4.79
C ASN X 91 -11.15 53.03 4.23
N PRO X 92 -10.06 53.58 4.77
CA PRO X 92 -8.74 53.00 4.47
C PRO X 92 -8.58 51.57 4.96
N MET X 93 -9.23 51.21 6.07
CA MET X 93 -9.15 49.83 6.56
C MET X 93 -9.87 48.87 5.63
N ALA X 94 -11.05 49.26 5.14
CA ALA X 94 -11.78 48.39 4.21
C ALA X 94 -11.05 48.25 2.89
N SER X 95 -10.47 49.34 2.39
CA SER X 95 -9.68 49.26 1.16
C SER X 95 -8.42 48.43 1.36
N MET X 96 -7.85 48.47 2.55
CA MET X 96 -6.68 47.64 2.86
C MET X 96 -7.03 46.16 2.84
N LEU X 97 -8.12 45.80 3.54
CA LEU X 97 -8.59 44.41 3.52
C LEU X 97 -9.00 43.97 2.13
N MET X 98 -9.57 44.88 1.33
CA MET X 98 -10.04 44.50 0.02
C MET X 98 -8.90 44.28 -0.96
N THR X 99 -7.90 45.17 -0.94
CA THR X 99 -6.76 44.96 -1.83
C THR X 99 -5.91 43.78 -1.39
N MET X 100 -5.86 43.47 -0.09
CA MET X 100 -5.18 42.24 0.30
C MET X 100 -5.99 41.00 -0.09
N ALA X 101 -7.32 41.11 -0.09
CA ALA X 101 -8.15 40.02 -0.60
C ALA X 101 -7.88 39.77 -2.08
N LEU X 102 -7.87 40.83 -2.89
CA LEU X 102 -7.60 40.65 -4.31
C LEU X 102 -6.16 40.26 -4.59
N ALA X 103 -5.24 40.66 -3.72
CA ALA X 103 -3.87 40.19 -3.83
C ALA X 103 -3.77 38.70 -3.55
N MET X 104 -4.63 38.18 -2.68
CA MET X 104 -4.71 36.72 -2.55
C MET X 104 -5.39 36.10 -3.76
N LYS X 105 -6.36 36.80 -4.36
CA LYS X 105 -7.11 36.28 -5.51
C LYS X 105 -6.17 36.04 -6.70
N LEU X 106 -5.45 37.07 -7.11
CA LEU X 106 -4.39 36.90 -8.10
C LEU X 106 -2.89 36.77 -8.34
N GLY X 107 -2.14 36.35 -7.31
CA GLY X 107 -0.70 36.20 -7.43
C GLY X 107 0.06 37.42 -6.96
N MET X 108 0.35 37.46 -5.67
CA MET X 108 1.13 38.54 -5.09
C MET X 108 2.13 37.99 -4.09
N ALA X 109 3.13 38.81 -3.79
CA ALA X 109 4.34 38.35 -3.10
C ALA X 109 4.15 37.75 -1.71
N PRO X 110 3.33 38.30 -0.79
CA PRO X 110 3.12 37.55 0.46
C PRO X 110 2.24 36.33 0.25
N PHE X 111 1.55 36.25 -0.88
CA PHE X 111 0.42 35.36 -1.08
C PHE X 111 0.67 34.38 -2.22
N HIS X 112 1.90 34.31 -2.73
CA HIS X 112 2.20 33.54 -3.94
C HIS X 112 2.56 32.10 -3.64
N PHE X 113 2.40 31.65 -2.40
CA PHE X 113 2.86 30.33 -2.01
C PHE X 113 2.02 29.20 -2.59
N TRP X 114 0.83 29.51 -3.08
CA TRP X 114 0.00 28.49 -3.70
C TRP X 114 0.18 28.40 -5.21
N VAL X 115 0.81 29.38 -5.85
CA VAL X 115 0.83 29.43 -7.31
C VAL X 115 1.75 28.38 -7.93
N PRO X 116 3.02 28.20 -7.55
CA PRO X 116 3.79 27.12 -8.17
C PRO X 116 3.32 25.74 -7.76
N GLU X 117 2.83 25.60 -6.53
CA GLU X 117 2.30 24.32 -6.09
C GLU X 117 1.00 23.99 -6.81
N VAL X 118 0.19 24.99 -7.15
CA VAL X 118 -1.03 24.66 -7.87
C VAL X 118 -0.71 24.40 -9.33
N THR X 119 0.35 24.99 -9.86
CA THR X 119 0.65 24.76 -11.27
C THR X 119 1.49 23.52 -11.53
N GLN X 120 2.19 22.98 -10.52
CA GLN X 120 3.11 21.90 -10.83
C GLN X 120 2.39 20.58 -11.09
N GLY X 121 1.40 20.24 -10.29
CA GLY X 121 0.80 18.92 -10.38
C GLY X 121 -0.46 18.83 -11.21
N ILE X 122 -0.61 19.76 -12.13
CA ILE X 122 -1.80 19.83 -12.97
C ILE X 122 -1.35 19.74 -14.42
N PRO X 123 -2.24 19.34 -15.35
CA PRO X 123 -1.87 19.39 -16.76
C PRO X 123 -1.83 20.81 -17.30
N LEU X 124 -1.51 20.93 -18.59
CA LEU X 124 -1.25 22.25 -19.17
C LEU X 124 -2.53 23.05 -19.39
N SER X 125 -3.65 22.40 -19.73
CA SER X 125 -4.88 23.11 -20.05
C SER X 125 -5.44 23.81 -18.82
N SER X 126 -5.42 23.13 -17.69
CA SER X 126 -5.89 23.71 -16.44
C SER X 126 -5.01 24.89 -16.02
N GLY X 127 -3.71 24.77 -16.21
CA GLY X 127 -2.81 25.87 -15.87
C GLY X 127 -3.03 27.08 -16.76
N LEU X 128 -3.26 26.84 -18.05
CA LEU X 128 -3.55 27.94 -18.98
C LEU X 128 -4.83 28.65 -18.60
N ILE X 129 -5.90 27.90 -18.34
CA ILE X 129 -7.18 28.56 -18.07
C ILE X 129 -7.15 29.24 -16.70
N LEU X 130 -6.40 28.70 -15.73
CA LEU X 130 -6.38 29.36 -14.43
C LEU X 130 -5.55 30.62 -14.50
N LEU X 131 -4.42 30.62 -15.22
CA LEU X 131 -3.63 31.83 -15.35
C LEU X 131 -4.41 32.92 -16.09
N THR X 132 -5.06 32.57 -17.20
CA THR X 132 -5.81 33.57 -17.96
C THR X 132 -6.98 34.16 -17.16
N TRP X 133 -7.91 33.31 -16.72
CA TRP X 133 -9.08 33.93 -16.11
C TRP X 133 -8.86 34.33 -14.65
N GLN X 134 -8.01 33.63 -13.91
CA GLN X 134 -7.68 34.04 -12.56
C GLN X 134 -6.63 35.13 -12.48
N LYS X 135 -6.09 35.60 -13.60
CA LYS X 135 -5.40 36.89 -13.58
C LYS X 135 -6.17 37.94 -14.35
N LEU X 136 -7.28 37.57 -14.98
CA LEU X 136 -8.14 38.58 -15.60
C LEU X 136 -9.24 39.06 -14.65
N ALA X 137 -9.74 38.19 -13.79
CA ALA X 137 -10.92 38.52 -13.00
C ALA X 137 -10.74 39.61 -11.92
N PRO X 138 -9.63 39.70 -11.16
CA PRO X 138 -9.55 40.81 -10.21
C PRO X 138 -9.14 42.14 -10.80
N MET X 139 -8.50 42.15 -11.98
CA MET X 139 -8.03 43.39 -12.58
C MET X 139 -9.15 44.35 -12.90
N SER X 140 -10.32 43.83 -13.30
CA SER X 140 -11.48 44.69 -13.52
C SER X 140 -11.91 45.35 -12.23
N VAL X 141 -11.88 44.60 -11.12
CA VAL X 141 -12.29 45.14 -9.84
C VAL X 141 -11.33 46.21 -9.35
N LEU X 142 -10.03 45.97 -9.50
CA LEU X 142 -9.03 46.96 -9.09
C LEU X 142 -9.09 48.21 -9.97
N TYR X 143 -9.32 48.03 -11.28
CA TYR X 143 -9.58 49.14 -12.18
C TYR X 143 -10.80 49.95 -11.75
N GLN X 144 -11.80 49.30 -11.18
CA GLN X 144 -12.95 50.02 -10.66
C GLN X 144 -12.59 50.82 -9.40
N ILE X 145 -12.05 50.14 -8.39
CA ILE X 145 -11.97 50.74 -7.05
C ILE X 145 -10.59 51.35 -6.78
N LEU X 146 -9.84 51.68 -7.83
CA LEU X 146 -8.59 52.43 -7.64
C LEU X 146 -8.69 53.76 -6.88
N PRO X 147 -9.75 54.65 -7.03
CA PRO X 147 -9.59 55.99 -6.42
C PRO X 147 -9.73 56.07 -4.91
N SER X 148 -9.69 54.97 -4.18
CA SER X 148 -9.72 55.05 -2.72
C SER X 148 -8.76 54.07 -2.09
N ILE X 149 -7.55 53.94 -2.62
CA ILE X 149 -6.57 52.98 -2.11
C ILE X 149 -5.35 53.74 -1.62
N ASN X 150 -4.89 53.40 -0.42
CA ASN X 150 -3.57 53.83 0.03
C ASN X 150 -2.53 53.23 -0.90
N LEU X 151 -1.69 54.10 -1.48
CA LEU X 151 -0.80 53.71 -2.57
C LEU X 151 0.29 52.76 -2.11
N ASP X 152 0.67 52.81 -0.84
CA ASP X 152 1.79 52.01 -0.35
C ASP X 152 1.46 50.53 -0.40
N LEU X 153 0.18 50.17 -0.25
CA LEU X 153 -0.31 48.82 -0.44
C LEU X 153 0.05 48.28 -1.82
N ILE X 154 -0.49 48.93 -2.85
CA ILE X 154 -0.34 48.47 -4.23
C ILE X 154 1.13 48.52 -4.64
N LEU X 155 1.84 49.57 -4.23
CA LEU X 155 3.22 49.70 -4.68
C LEU X 155 4.13 48.71 -3.97
N THR X 156 3.88 48.43 -2.69
CA THR X 156 4.67 47.45 -1.96
C THR X 156 4.45 46.06 -2.52
N LEU X 157 3.19 45.71 -2.79
CA LEU X 157 2.91 44.39 -3.35
C LEU X 157 3.48 44.25 -4.75
N SER X 158 3.49 45.35 -5.52
CA SER X 158 4.02 45.29 -6.87
C SER X 158 5.52 45.13 -6.89
N ILE X 159 6.24 45.95 -6.11
CA ILE X 159 7.70 45.87 -6.01
C ILE X 159 8.12 44.50 -5.52
N LEU X 160 7.49 44.03 -4.43
CA LEU X 160 7.92 42.78 -3.85
C LEU X 160 7.53 41.60 -4.73
N SER X 161 6.44 41.69 -5.49
CA SER X 161 6.08 40.60 -6.39
C SER X 161 7.00 40.54 -7.59
N ILE X 162 7.44 41.70 -8.09
CA ILE X 162 8.41 41.69 -9.18
C ILE X 162 9.75 41.13 -8.72
N THR X 163 10.20 41.50 -7.52
CA THR X 163 11.50 40.95 -7.10
C THR X 163 11.41 39.51 -6.60
N ILE X 164 10.25 39.05 -6.14
CA ILE X 164 10.14 37.64 -5.77
C ILE X 164 10.02 36.76 -7.00
N GLY X 165 9.17 37.15 -7.95
CA GLY X 165 9.13 36.46 -9.23
C GLY X 165 10.44 36.53 -10.01
N GLY X 166 11.26 37.54 -9.72
CA GLY X 166 12.63 37.50 -10.16
C GLY X 166 13.46 36.46 -9.46
N TRP X 167 13.69 36.64 -8.15
CA TRP X 167 14.72 35.86 -7.45
C TRP X 167 14.31 34.41 -7.30
N GLY X 168 13.11 34.16 -6.82
CA GLY X 168 12.53 32.85 -7.00
C GLY X 168 12.24 32.69 -8.48
N GLY X 169 12.96 31.79 -9.12
CA GLY X 169 12.83 31.64 -10.56
C GLY X 169 14.14 31.24 -11.20
N LEU X 170 15.22 31.32 -10.44
CA LEU X 170 16.52 30.92 -10.92
C LEU X 170 16.85 29.49 -10.59
N ASN X 171 15.89 28.75 -10.04
CA ASN X 171 16.19 27.48 -9.41
C ASN X 171 15.37 26.32 -9.94
N GLN X 172 14.33 26.57 -10.71
CA GLN X 172 13.41 25.52 -11.11
C GLN X 172 13.55 25.20 -12.58
N THR X 173 13.63 23.91 -12.89
CA THR X 173 13.48 23.45 -14.27
C THR X 173 12.10 22.88 -14.54
N GLN X 174 11.25 22.79 -13.52
CA GLN X 174 9.84 22.53 -13.72
C GLN X 174 9.24 23.72 -14.45
N LEU X 175 8.79 23.49 -15.69
CA LEU X 175 8.39 24.59 -16.57
C LEU X 175 7.14 25.29 -16.08
N ARG X 176 6.29 24.57 -15.36
CA ARG X 176 5.12 25.19 -14.76
C ARG X 176 5.51 26.14 -13.64
N LYS X 177 6.55 25.81 -12.87
CA LYS X 177 7.02 26.74 -11.85
C LYS X 177 7.71 27.95 -12.47
N ILE X 178 8.38 27.75 -13.60
CA ILE X 178 8.99 28.86 -14.33
C ILE X 178 7.92 29.83 -14.81
N MET X 179 6.86 29.28 -15.42
CA MET X 179 5.79 30.13 -15.92
C MET X 179 5.00 30.77 -14.77
N ALA X 180 4.94 30.10 -13.61
CA ALA X 180 4.25 30.67 -12.47
C ALA X 180 5.03 31.83 -11.87
N TYR X 181 6.35 31.70 -11.73
CA TYR X 181 7.15 32.82 -11.25
C TYR X 181 7.16 33.97 -12.24
N SER X 182 7.11 33.66 -13.54
CA SER X 182 6.93 34.71 -14.53
C SER X 182 5.58 35.41 -14.37
N SER X 183 4.55 34.64 -14.00
CA SER X 183 3.23 35.23 -13.76
C SER X 183 3.26 36.16 -12.57
N ILE X 184 4.00 35.81 -11.54
CA ILE X 184 4.11 36.65 -10.36
C ILE X 184 4.81 37.96 -10.70
N ALA X 185 5.89 37.89 -11.46
CA ALA X 185 6.62 39.10 -11.84
C ALA X 185 5.78 40.00 -12.74
N HIS X 186 5.08 39.42 -13.70
CA HIS X 186 4.28 40.26 -14.58
C HIS X 186 3.03 40.80 -13.87
N MET X 187 2.46 40.08 -12.91
CA MET X 187 1.33 40.63 -12.18
C MET X 187 1.76 41.77 -11.26
N GLY X 188 2.99 41.72 -10.74
CA GLY X 188 3.55 42.87 -10.06
C GLY X 188 3.67 44.08 -10.97
N TRP X 189 4.15 43.86 -12.20
CA TRP X 189 4.17 44.94 -13.20
C TRP X 189 2.78 45.48 -13.49
N MET X 190 1.81 44.58 -13.70
CA MET X 190 0.48 44.99 -14.13
C MET X 190 -0.34 45.59 -13.01
N THR X 191 0.08 45.40 -11.76
CA THR X 191 -0.56 46.07 -10.64
C THR X 191 0.10 47.39 -10.30
N ALA X 192 1.38 47.57 -10.68
CA ALA X 192 2.15 48.72 -10.24
C ALA X 192 1.58 50.07 -10.70
N VAL X 193 0.99 50.12 -11.90
CA VAL X 193 0.68 51.41 -12.50
C VAL X 193 -0.82 51.61 -12.42
N LEU X 194 -1.42 51.04 -11.37
CA LEU X 194 -2.87 51.10 -11.25
C LEU X 194 -3.36 52.50 -10.88
N LEU X 195 -2.57 53.24 -10.10
CA LEU X 195 -3.02 54.52 -9.58
C LEU X 195 -2.52 55.70 -10.41
N TYR X 196 -1.91 55.44 -11.56
CA TYR X 196 -1.37 56.50 -12.39
C TYR X 196 -2.08 56.57 -13.74
N ASN X 197 -2.11 55.48 -14.49
CA ASN X 197 -2.92 55.38 -15.68
C ASN X 197 -3.24 53.91 -15.91
N PRO X 198 -4.48 53.49 -15.69
CA PRO X 198 -4.81 52.06 -15.76
C PRO X 198 -4.95 51.52 -17.18
N THR X 199 -4.91 52.40 -18.18
CA THR X 199 -4.81 51.98 -19.57
C THR X 199 -3.58 51.11 -19.79
N MET X 200 -2.46 51.48 -19.16
CA MET X 200 -1.24 50.68 -19.25
C MET X 200 -1.42 49.32 -18.61
N THR X 201 -2.15 49.27 -17.49
CA THR X 201 -2.40 47.99 -16.82
C THR X 201 -3.24 47.07 -17.69
N LEU X 202 -4.26 47.61 -18.33
CA LEU X 202 -5.10 46.72 -19.13
C LEU X 202 -4.43 46.32 -20.44
N LEU X 203 -3.62 47.20 -21.04
CA LEU X 203 -2.85 46.82 -22.22
C LEU X 203 -1.79 45.78 -21.89
N ASN X 204 -1.15 45.93 -20.73
CA ASN X 204 -0.20 44.92 -20.26
C ASN X 204 -0.92 43.61 -19.97
N LEU X 205 -2.19 43.68 -19.54
CA LEU X 205 -2.96 42.46 -19.33
C LEU X 205 -3.23 41.75 -20.64
N ILE X 206 -3.57 42.50 -21.68
CA ILE X 206 -3.80 41.92 -23.01
C ILE X 206 -2.54 41.25 -23.52
N ILE X 207 -1.41 41.97 -23.44
CA ILE X 207 -0.14 41.46 -23.97
C ILE X 207 0.32 40.22 -23.20
N TYR X 208 0.17 40.25 -21.87
CA TYR X 208 0.58 39.11 -21.07
C TYR X 208 -0.27 37.87 -21.34
N ILE X 209 -1.59 38.07 -21.49
CA ILE X 209 -2.47 36.93 -21.76
C ILE X 209 -2.16 36.31 -23.11
N ILE X 210 -1.88 37.14 -24.12
CA ILE X 210 -1.55 36.59 -25.43
C ILE X 210 -0.20 35.88 -25.41
N MET X 211 0.78 36.43 -24.67
CA MET X 211 2.08 35.79 -24.55
C MET X 211 2.01 34.44 -23.85
N THR X 212 1.29 34.38 -22.73
CA THR X 212 1.17 33.13 -21.99
C THR X 212 0.37 32.09 -22.79
N SER X 213 -0.61 32.55 -23.58
CA SER X 213 -1.32 31.63 -24.46
C SER X 213 -0.40 31.05 -25.52
N THR X 214 0.51 31.87 -26.08
CA THR X 214 1.49 31.35 -27.03
C THR X 214 2.43 30.35 -26.39
N MET X 215 2.90 30.66 -25.17
CA MET X 215 3.86 29.80 -24.50
C MET X 215 3.26 28.46 -24.13
N PHE X 216 2.09 28.48 -23.51
CA PHE X 216 1.43 27.23 -23.16
C PHE X 216 0.94 26.48 -24.38
N THR X 217 0.62 27.15 -25.49
CA THR X 217 0.26 26.41 -26.69
C THR X 217 1.48 25.70 -27.26
N LEU X 218 2.65 26.34 -27.21
CA LEU X 218 3.87 25.67 -27.60
C LEU X 218 4.23 24.51 -26.69
N PHE X 219 3.88 24.58 -25.41
CA PHE X 219 4.12 23.40 -24.59
C PHE X 219 3.07 22.31 -24.82
N MET X 220 1.84 22.68 -25.18
CA MET X 220 0.84 21.67 -25.49
C MET X 220 1.06 21.02 -26.85
N ALA X 221 1.84 21.65 -27.72
CA ALA X 221 2.16 21.04 -29.01
C ALA X 221 3.02 19.79 -28.86
N ASN X 222 3.75 19.68 -27.75
CA ASN X 222 4.62 18.53 -27.49
C ASN X 222 4.87 18.49 -25.98
N SER X 223 4.34 17.47 -25.31
CA SER X 223 4.19 17.46 -23.86
C SER X 223 5.56 17.38 -23.19
N THR X 224 5.94 18.43 -22.48
CA THR X 224 7.23 18.53 -21.82
C THR X 224 7.03 18.95 -20.37
N THR X 225 7.99 18.55 -19.53
CA THR X 225 8.01 18.99 -18.14
C THR X 225 9.35 19.62 -17.83
N THR X 226 10.40 19.17 -18.51
CA THR X 226 11.77 19.61 -18.27
C THR X 226 12.36 20.19 -19.54
N THR X 227 13.58 20.69 -19.42
CA THR X 227 14.27 21.29 -20.56
C THR X 227 14.86 20.23 -21.47
N LEU X 228 15.14 19.05 -20.94
CA LEU X 228 15.70 17.97 -21.74
C LEU X 228 14.68 17.47 -22.75
N SER X 229 13.41 17.45 -22.34
CA SER X 229 12.34 17.17 -23.28
C SER X 229 12.25 18.23 -24.36
N LEU X 230 12.56 19.50 -24.02
CA LEU X 230 12.65 20.53 -25.05
C LEU X 230 13.82 20.31 -26.00
N SER X 231 14.92 19.73 -25.51
CA SER X 231 16.00 19.38 -26.43
C SER X 231 15.61 18.26 -27.37
N HIS X 232 14.80 17.32 -26.88
CA HIS X 232 14.23 16.32 -27.79
C HIS X 232 13.27 16.96 -28.79
N THR X 233 12.56 18.03 -28.40
CA THR X 233 11.74 18.74 -29.37
C THR X 233 12.60 19.49 -30.38
N TRP X 234 13.81 19.90 -29.99
CA TRP X 234 14.75 20.41 -30.98
C TRP X 234 15.08 19.35 -32.02
N ASN X 235 15.38 18.14 -31.54
CA ASN X 235 15.73 17.05 -32.47
C ASN X 235 14.57 16.73 -33.42
N LYS X 236 13.34 16.67 -32.89
CA LYS X 236 12.26 16.17 -33.73
C LYS X 236 11.72 17.24 -34.70
N ALA X 237 11.81 18.52 -34.37
CA ALA X 237 11.23 19.55 -35.24
C ALA X 237 11.96 20.87 -35.09
N PRO X 238 12.25 21.56 -36.20
CA PRO X 238 13.03 22.81 -36.10
C PRO X 238 12.21 24.08 -35.90
N ILE X 239 10.94 24.11 -36.31
CA ILE X 239 10.18 25.36 -36.28
C ILE X 239 9.72 25.67 -34.86
N MET X 240 9.47 24.62 -34.06
CA MET X 240 9.18 24.81 -32.64
C MET X 240 10.34 25.48 -31.91
N THR X 241 11.57 25.25 -32.38
CA THR X 241 12.73 25.85 -31.75
C THR X 241 12.78 27.35 -31.96
N ILE X 242 12.53 27.81 -33.18
CA ILE X 242 12.56 29.24 -33.42
C ILE X 242 11.34 29.90 -32.81
N LEU X 243 10.25 29.16 -32.63
CA LEU X 243 9.13 29.71 -31.88
C LEU X 243 9.45 29.88 -30.40
N VAL X 244 10.15 28.90 -29.82
CA VAL X 244 10.59 29.02 -28.43
C VAL X 244 11.56 30.17 -28.28
N LEU X 245 12.44 30.37 -29.27
CA LEU X 245 13.36 31.51 -29.29
C LEU X 245 12.59 32.85 -29.28
N ILE X 246 11.64 33.02 -30.20
CA ILE X 246 10.96 34.31 -30.33
C ILE X 246 10.04 34.56 -29.14
N THR X 247 9.33 33.53 -28.67
CA THR X 247 8.41 33.76 -27.57
C THR X 247 9.13 33.92 -26.24
N LEU X 248 10.27 33.24 -26.03
CA LEU X 248 11.03 33.49 -24.81
C LEU X 248 11.69 34.85 -24.84
N LEU X 249 12.14 35.30 -26.00
CA LEU X 249 12.70 36.65 -26.09
C LEU X 249 11.63 37.72 -25.97
N SER X 250 10.38 37.43 -26.34
CA SER X 250 9.32 38.40 -26.12
C SER X 250 8.77 38.35 -24.70
N MET X 251 8.94 37.23 -24.00
CA MET X 251 8.77 37.29 -22.56
C MET X 251 9.91 38.09 -21.92
N GLY X 252 11.10 38.07 -22.54
CA GLY X 252 12.20 38.85 -22.03
C GLY X 252 12.05 40.34 -22.24
N GLY X 253 11.30 40.73 -23.27
CA GLY X 253 11.05 42.14 -23.50
C GLY X 253 12.20 42.89 -24.13
N LEU X 254 12.52 42.55 -25.38
CA LEU X 254 13.59 43.32 -26.01
C LEU X 254 13.02 44.26 -27.06
N PRO X 255 13.59 45.46 -27.17
CA PRO X 255 13.00 46.56 -27.99
C PRO X 255 12.77 46.25 -29.46
N PRO X 256 13.46 45.32 -30.13
CA PRO X 256 12.96 44.91 -31.45
C PRO X 256 11.70 44.07 -31.41
N LEU X 257 11.27 43.61 -30.24
CA LEU X 257 10.24 42.62 -30.16
C LEU X 257 9.09 43.19 -29.33
N SER X 258 7.92 42.56 -29.43
CA SER X 258 6.71 43.21 -28.93
C SER X 258 6.55 43.12 -27.42
N GLY X 259 7.33 42.29 -26.74
CA GLY X 259 7.23 42.24 -25.29
C GLY X 259 7.83 43.44 -24.59
N PHE X 260 8.56 44.27 -25.30
CA PHE X 260 9.16 45.47 -24.72
C PHE X 260 8.15 46.59 -24.57
N MET X 261 7.19 46.67 -25.50
CA MET X 261 6.16 47.69 -25.49
C MET X 261 5.36 47.86 -24.19
N PRO X 262 5.02 46.81 -23.40
CA PRO X 262 4.39 47.10 -22.11
C PRO X 262 5.32 47.67 -21.08
N LYS X 263 6.62 47.35 -21.13
CA LYS X 263 7.56 47.92 -20.16
C LYS X 263 7.75 49.40 -20.41
N TRP X 264 7.94 49.75 -21.68
CA TRP X 264 8.36 51.09 -22.08
C TRP X 264 7.29 52.13 -21.80
N MET X 265 6.02 51.77 -22.03
CA MET X 265 4.94 52.72 -21.78
C MET X 265 4.69 52.90 -20.28
N ILE X 266 4.89 51.83 -19.50
CA ILE X 266 4.88 51.93 -18.04
C ILE X 266 5.94 52.92 -17.58
N ILE X 267 7.16 52.81 -18.12
CA ILE X 267 8.24 53.71 -17.71
C ILE X 267 7.92 55.14 -18.11
N GLN X 268 7.26 55.33 -19.27
CA GLN X 268 6.88 56.66 -19.71
C GLN X 268 5.88 57.31 -18.76
N GLU X 269 4.72 56.70 -18.61
CA GLU X 269 3.69 57.35 -17.81
C GLU X 269 3.87 57.11 -16.31
N MET X 270 4.95 56.46 -15.91
CA MET X 270 5.42 56.49 -14.53
C MET X 270 6.39 57.65 -14.30
N THR X 271 7.31 57.89 -15.23
CA THR X 271 8.27 58.97 -15.08
C THR X 271 7.75 60.32 -15.53
N LYS X 272 6.52 60.42 -16.03
CA LYS X 272 5.96 61.77 -16.11
C LYS X 272 5.55 62.30 -14.74
N ASN X 273 5.51 61.45 -13.71
CA ASN X 273 5.42 61.89 -12.34
C ASN X 273 6.84 62.06 -11.79
N ASP X 274 6.97 62.18 -10.47
CA ASP X 274 8.28 62.31 -9.83
C ASP X 274 8.85 60.96 -9.41
N SER X 275 8.51 59.90 -10.11
CA SER X 275 8.99 58.56 -9.79
C SER X 275 10.02 58.16 -10.84
N ILE X 276 11.29 58.10 -10.45
CA ILE X 276 12.39 57.75 -11.33
C ILE X 276 13.20 56.57 -10.78
N ILE X 277 13.50 56.61 -9.47
CA ILE X 277 14.25 55.54 -8.84
C ILE X 277 13.44 54.25 -8.78
N LEU X 278 12.13 54.36 -8.66
CA LEU X 278 11.24 53.21 -8.71
C LEU X 278 11.17 52.60 -10.11
N PRO X 279 11.05 53.37 -11.22
CA PRO X 279 11.24 52.76 -12.54
C PRO X 279 12.59 52.11 -12.76
N THR X 280 13.70 52.71 -12.32
CA THR X 280 14.96 52.05 -12.63
C THR X 280 15.16 50.80 -11.77
N LEU X 281 14.55 50.75 -10.58
CA LEU X 281 14.59 49.52 -9.78
C LEU X 281 13.75 48.42 -10.44
N MET X 282 12.54 48.78 -10.90
CA MET X 282 11.66 47.82 -11.54
C MET X 282 12.25 47.30 -12.84
N ALA X 283 12.93 48.17 -13.59
CA ALA X 283 13.49 47.70 -14.85
C ALA X 283 14.80 46.96 -14.67
N ILE X 284 15.55 47.20 -13.59
CA ILE X 284 16.65 46.30 -13.24
C ILE X 284 16.13 44.91 -12.90
N THR X 285 15.01 44.83 -12.17
CA THR X 285 14.46 43.51 -11.89
C THR X 285 13.84 42.87 -13.13
N ALA X 286 13.39 43.70 -14.07
CA ALA X 286 12.99 43.20 -15.39
C ALA X 286 14.18 42.68 -16.18
N LEU X 287 15.38 43.22 -15.94
CA LEU X 287 16.57 42.59 -16.48
C LEU X 287 16.87 41.30 -15.75
N LEU X 288 16.46 41.19 -14.48
CA LEU X 288 16.77 40.01 -13.71
C LEU X 288 15.95 38.81 -14.16
N ASN X 289 14.65 39.00 -14.40
CA ASN X 289 13.83 37.82 -14.71
C ASN X 289 13.94 37.37 -16.17
N LEU X 290 14.88 37.92 -16.92
CA LEU X 290 15.22 37.45 -18.25
C LEU X 290 16.22 36.31 -18.22
N TYR X 291 16.91 36.10 -17.10
CA TYR X 291 18.02 35.14 -17.07
C TYR X 291 17.53 33.71 -17.15
N PHE X 292 16.41 33.39 -16.51
CA PHE X 292 15.94 32.02 -16.62
C PHE X 292 15.29 31.77 -17.98
N TYR X 293 14.68 32.80 -18.58
CA TYR X 293 14.31 32.75 -19.99
C TYR X 293 15.51 32.45 -20.86
N MET X 294 16.65 33.06 -20.56
CA MET X 294 17.81 32.96 -21.43
C MET X 294 18.49 31.61 -21.29
N ARG X 295 18.58 31.09 -20.06
CA ARG X 295 19.14 29.74 -19.91
C ARG X 295 18.17 28.70 -20.45
N LEU X 296 16.87 29.00 -20.46
CA LEU X 296 15.92 28.10 -21.11
C LEU X 296 16.14 28.09 -22.62
N THR X 297 16.39 29.25 -23.22
CA THR X 297 16.65 29.33 -24.65
C THR X 297 17.96 28.61 -25.00
N TYR X 298 18.98 28.78 -24.16
CA TYR X 298 20.24 28.06 -24.31
C TYR X 298 20.04 26.56 -24.22
N SER X 299 19.09 26.12 -23.38
CA SER X 299 18.80 24.70 -23.30
C SER X 299 18.02 24.21 -24.51
N THR X 300 17.19 25.06 -25.11
CA THR X 300 16.29 24.58 -26.16
C THR X 300 16.90 24.64 -27.55
N ALA X 301 17.22 25.82 -28.04
CA ALA X 301 17.35 25.98 -29.48
C ALA X 301 18.74 26.39 -29.94
N LEU X 302 19.65 26.71 -29.03
CA LEU X 302 20.91 27.31 -29.45
C LEU X 302 22.10 26.39 -29.18
N THR X 303 22.29 25.94 -27.95
CA THR X 303 23.08 24.74 -27.77
C THR X 303 22.17 23.53 -28.01
N MET X 304 22.77 22.34 -28.03
CA MET X 304 21.98 21.14 -28.31
C MET X 304 22.40 20.01 -27.38
N PHE X 305 21.44 19.45 -26.69
CA PHE X 305 21.73 18.36 -25.79
C PHE X 305 21.74 17.05 -26.55
N PRO X 306 22.41 16.01 -26.04
CA PRO X 306 22.37 14.71 -26.73
C PRO X 306 20.99 14.09 -26.71
N SER X 307 20.65 13.41 -27.79
CA SER X 307 19.31 12.90 -28.00
C SER X 307 19.27 11.39 -27.88
N THR X 308 18.07 10.87 -27.79
CA THR X 308 17.82 9.45 -27.67
C THR X 308 17.12 8.96 -28.93
N ASN X 309 17.50 7.78 -29.40
CA ASN X 309 16.71 7.17 -30.46
C ASN X 309 15.34 6.75 -29.92
N ASN X 310 14.48 6.34 -30.86
CA ASN X 310 13.02 6.37 -30.96
C ASN X 310 12.54 7.77 -31.31
N MET X 311 13.41 8.78 -31.29
CA MET X 311 13.19 9.94 -32.14
C MET X 311 13.31 9.57 -33.60
N LYS X 312 14.19 8.60 -33.91
CA LYS X 312 14.22 7.97 -35.21
C LYS X 312 12.87 7.34 -35.54
N MET X 313 12.21 6.78 -34.53
CA MET X 313 10.86 6.24 -34.74
C MET X 313 9.86 7.37 -34.94
N LYS X 314 10.00 8.46 -34.18
CA LYS X 314 9.03 9.54 -34.24
C LYS X 314 9.18 10.38 -35.51
N TRP X 315 10.27 10.20 -36.25
CA TRP X 315 10.41 10.82 -37.56
C TRP X 315 9.36 10.31 -38.54
N GLN X 316 8.97 9.04 -38.45
CA GLN X 316 8.05 8.48 -39.43
C GLN X 316 6.62 8.94 -39.24
N PHE X 317 6.30 9.59 -38.12
CA PHE X 317 4.97 10.13 -37.92
C PHE X 317 5.04 11.64 -37.99
N PRO X 318 4.39 12.27 -38.95
CA PRO X 318 4.29 13.73 -38.93
C PRO X 318 3.38 14.18 -37.80
N THR X 319 3.50 15.46 -37.46
CA THR X 319 2.82 16.00 -36.30
C THR X 319 1.31 16.02 -36.50
N THR X 320 0.58 15.67 -35.45
CA THR X 320 -0.85 15.50 -35.54
C THR X 320 -1.60 16.07 -34.34
N LYS X 321 -0.92 16.79 -33.45
CA LYS X 321 -1.62 17.60 -32.45
C LYS X 321 -2.45 18.67 -33.15
N ARG X 322 -3.59 19.00 -32.57
CA ARG X 322 -4.28 20.20 -32.97
C ARG X 322 -3.84 21.32 -32.05
N MET X 323 -3.60 22.49 -32.62
CA MET X 323 -3.40 23.70 -31.83
C MET X 323 -4.72 24.45 -31.83
N THR X 324 -5.02 25.08 -30.70
CA THR X 324 -6.25 25.86 -30.60
C THR X 324 -6.16 27.03 -31.57
N LEU X 325 -5.24 27.96 -31.31
CA LEU X 325 -4.81 28.93 -32.32
C LEU X 325 -3.40 29.38 -31.93
N LEU X 326 -2.40 28.71 -32.48
CA LEU X 326 -1.00 29.09 -32.23
C LEU X 326 -0.42 30.20 -33.11
N PRO X 327 -0.50 30.16 -34.46
CA PRO X 327 0.31 31.11 -35.24
C PRO X 327 -0.23 32.53 -35.21
N THR X 328 -1.56 32.67 -35.20
CA THR X 328 -2.19 33.98 -35.09
C THR X 328 -1.81 34.65 -33.78
N MET X 329 -1.91 33.93 -32.66
CA MET X 329 -1.48 34.47 -31.38
C MET X 329 0.01 34.78 -31.36
N THR X 330 0.82 33.97 -32.06
CA THR X 330 2.26 34.19 -32.06
C THR X 330 2.63 35.50 -32.75
N VAL X 331 2.19 35.68 -34.00
CA VAL X 331 2.54 36.93 -34.69
C VAL X 331 1.72 38.11 -34.22
N LEU X 332 0.63 37.90 -33.49
CA LEU X 332 0.00 39.00 -32.80
C LEU X 332 0.81 39.39 -31.57
N SER X 333 1.50 38.43 -30.97
CA SER X 333 2.23 38.65 -29.74
C SER X 333 3.64 39.16 -29.94
N THR X 334 4.22 38.97 -31.11
CA THR X 334 5.64 39.26 -31.27
C THR X 334 5.97 40.34 -32.29
N MET X 335 5.18 40.49 -33.35
CA MET X 335 5.45 41.51 -34.35
C MET X 335 4.61 42.76 -34.15
N LEU X 336 4.13 43.00 -32.93
CA LEU X 336 3.22 44.10 -32.64
C LEU X 336 3.97 45.39 -32.31
N LEU X 337 5.26 45.47 -32.66
CA LEU X 337 6.08 46.61 -32.27
C LEU X 337 5.67 47.94 -32.91
N PRO X 338 5.48 48.07 -34.23
CA PRO X 338 5.11 49.40 -34.74
C PRO X 338 3.68 49.81 -34.46
N LEU X 339 2.88 48.96 -33.83
CA LEU X 339 1.54 49.32 -33.39
C LEU X 339 1.51 49.76 -31.92
N THR X 340 2.38 50.67 -31.52
CA THR X 340 2.23 51.28 -30.20
C THR X 340 1.08 52.29 -30.08
N PRO X 341 0.65 53.09 -31.13
CA PRO X 341 -0.50 53.96 -30.88
C PRO X 341 -1.85 53.24 -31.00
N ILE X 342 -1.82 51.90 -30.88
CA ILE X 342 -2.98 51.08 -30.56
C ILE X 342 -3.01 50.96 -29.03
N LEU X 343 -2.23 51.81 -28.36
CA LEU X 343 -2.47 52.10 -26.95
C LEU X 343 -3.89 52.62 -26.72
N SER X 344 -4.25 53.69 -27.44
CA SER X 344 -5.51 54.38 -27.25
C SER X 344 -6.70 53.66 -27.86
N ILE X 345 -6.53 52.41 -28.32
CA ILE X 345 -7.67 51.59 -28.69
C ILE X 345 -8.45 51.12 -27.48
N LEU X 346 -7.88 51.27 -26.27
CA LEU X 346 -8.36 50.59 -25.09
C LEU X 346 -9.35 51.45 -24.30
N GLU X 347 -8.95 52.67 -23.95
CA GLU X 347 -9.88 53.54 -23.24
C GLU X 347 -10.68 54.32 -24.27
N ALA Y 1 7.99 51.54 11.45
CA ALA Y 1 6.79 52.36 11.30
C ALA Y 1 7.13 53.84 11.07
N LYS Y 2 6.11 54.54 10.57
CA LYS Y 2 6.27 55.92 10.14
C LYS Y 2 6.64 56.83 11.31
N THR Y 3 6.13 56.52 12.50
CA THR Y 3 6.39 57.37 13.67
C THR Y 3 7.88 57.35 14.06
N LEU Y 4 8.52 56.19 14.08
CA LEU Y 4 9.90 56.17 14.53
C LEU Y 4 10.87 56.50 13.41
N LEU Y 5 10.53 56.23 12.13
CA LEU Y 5 11.40 56.75 11.08
C LEU Y 5 11.26 58.26 10.96
N HIS Y 6 10.07 58.80 11.26
CA HIS Y 6 9.89 60.24 11.33
C HIS Y 6 10.66 60.84 12.50
N GLN Y 7 10.71 60.12 13.64
CA GLN Y 7 11.55 60.56 14.75
C GLN Y 7 13.03 60.53 14.40
N TYR Y 8 13.45 59.59 13.55
CA TYR Y 8 14.86 59.57 13.15
C TYR Y 8 15.17 60.73 12.21
N TRP Y 9 14.33 60.95 11.19
CA TRP Y 9 14.65 61.99 10.23
C TRP Y 9 14.29 63.39 10.72
N ASP Y 10 13.52 63.52 11.80
CA ASP Y 10 13.18 64.85 12.30
C ASP Y 10 14.36 65.51 13.00
N ILE Y 11 15.34 64.74 13.42
CA ILE Y 11 16.52 65.29 14.07
C ILE Y 11 17.35 66.04 13.03
N PRO Y 12 17.71 67.30 13.27
CA PRO Y 12 18.70 67.95 12.41
C PRO Y 12 20.05 67.26 12.52
N GLU Y 13 20.70 67.06 11.38
CA GLU Y 13 21.84 66.15 11.27
C GLU Y 13 23.08 66.85 10.70
N GLY Y 14 23.57 67.94 11.30
CA GLY Y 14 23.31 68.41 12.65
C GLY Y 14 23.82 67.53 13.77
N THR Y 15 23.71 68.04 15.00
CA THR Y 15 24.08 67.28 16.18
C THR Y 15 23.06 67.56 17.28
N GLU Y 16 22.23 66.57 17.56
CA GLU Y 16 21.32 66.53 18.70
C GLU Y 16 21.45 65.15 19.33
N CYS Y 17 22.69 64.79 19.61
CA CYS Y 17 23.15 63.42 19.46
C CYS Y 17 22.64 62.51 20.57
N HIS Y 18 22.91 61.22 20.36
CA HIS Y 18 22.56 59.96 21.06
C HIS Y 18 21.07 59.66 21.06
N ARG Y 19 20.22 60.64 20.71
CA ARG Y 19 18.86 60.32 20.31
C ARG Y 19 18.86 59.67 18.94
N LYS Y 20 19.81 60.08 18.09
CA LYS Y 20 20.01 59.44 16.80
C LYS Y 20 20.37 57.97 16.96
N THR Y 21 21.28 57.67 17.89
CA THR Y 21 21.65 56.28 18.09
C THR Y 21 20.54 55.49 18.74
N TYR Y 22 19.76 56.11 19.64
CA TYR Y 22 18.63 55.38 20.22
C TYR Y 22 17.56 55.07 19.19
N ALA Y 23 17.27 56.03 18.30
CA ALA Y 23 16.31 55.78 17.23
C ALA Y 23 16.83 54.74 16.24
N ALA Y 24 18.13 54.73 15.99
CA ALA Y 24 18.69 53.75 15.07
C ALA Y 24 18.68 52.35 15.67
N THR Y 25 18.89 52.24 16.99
CA THR Y 25 18.71 50.95 17.65
C THR Y 25 17.26 50.50 17.64
N SER Y 26 16.31 51.43 17.72
CA SER Y 26 14.91 51.05 17.63
C SER Y 26 14.56 50.54 16.23
N ILE Y 27 15.10 51.20 15.20
CA ILE Y 27 14.95 50.72 13.82
C ILE Y 27 15.54 49.32 13.67
N GLY Y 28 16.72 49.11 14.24
CA GLY Y 28 17.36 47.80 14.14
C GLY Y 28 16.60 46.71 14.86
N GLY Y 29 16.05 47.02 16.04
CA GLY Y 29 15.26 46.05 16.76
C GLY Y 29 13.97 45.69 16.02
N ALA Y 30 13.33 46.69 15.41
CA ALA Y 30 12.12 46.44 14.65
C ALA Y 30 12.40 45.58 13.43
N SER Y 31 13.45 45.91 12.66
CA SER Y 31 13.73 45.17 11.44
C SER Y 31 14.20 43.75 11.75
N GLY Y 32 14.97 43.59 12.82
CA GLY Y 32 15.36 42.27 13.26
C GLY Y 32 14.17 41.43 13.68
N LEU Y 33 13.19 42.05 14.35
CA LEU Y 33 12.00 41.31 14.74
C LEU Y 33 11.16 40.91 13.52
N VAL Y 34 11.12 41.76 12.49
CA VAL Y 34 10.42 41.44 11.24
C VAL Y 34 11.02 40.20 10.58
N VAL Y 35 12.32 40.27 10.30
CA VAL Y 35 12.97 39.20 9.54
C VAL Y 35 13.04 37.92 10.37
N SER Y 36 13.21 38.05 11.69
CA SER Y 36 13.20 36.89 12.56
C SER Y 36 11.80 36.28 12.66
N ALA Y 37 10.76 37.11 12.52
CA ALA Y 37 9.41 36.57 12.54
C ALA Y 37 9.14 35.73 11.31
N TYR Y 38 9.57 36.20 10.13
CA TYR Y 38 9.47 35.37 8.93
C TYR Y 38 10.30 34.09 9.05
N SER Y 39 11.48 34.18 9.66
CA SER Y 39 12.33 33.00 9.76
C SER Y 39 11.77 31.97 10.72
N VAL Y 40 11.24 32.41 11.87
CA VAL Y 40 10.65 31.48 12.82
C VAL Y 40 9.30 30.98 12.33
N ALA Y 41 8.66 31.70 11.40
CA ALA Y 41 7.48 31.13 10.76
C ALA Y 41 7.85 30.06 9.75
N LEU Y 42 9.00 30.20 9.09
CA LEU Y 42 9.34 29.33 7.97
C LEU Y 42 10.46 28.34 8.29
N LYS Y 43 10.66 28.01 9.56
CA LYS Y 43 11.71 27.03 9.83
C LYS Y 43 11.24 25.88 10.73
N THR Y 44 10.35 26.15 11.71
CA THR Y 44 9.99 25.24 12.81
C THR Y 44 11.24 24.79 13.54
N PRO Y 45 11.76 25.61 14.46
CA PRO Y 45 13.10 25.37 15.04
C PRO Y 45 13.27 24.05 15.78
N THR Y 46 12.33 23.67 16.67
CA THR Y 46 12.24 22.41 17.43
C THR Y 46 13.59 21.97 18.02
N SER Y 47 14.04 22.65 19.08
CA SER Y 47 13.17 23.25 20.09
C SER Y 47 12.90 24.74 20.00
N PHE Y 48 12.01 25.19 20.87
CA PHE Y 48 11.59 26.60 20.89
C PHE Y 48 12.70 27.50 21.41
N LEU Y 49 13.60 26.95 22.22
CA LEU Y 49 14.78 27.69 22.67
C LEU Y 49 15.67 28.08 21.48
N GLU Y 50 15.76 27.20 20.48
CA GLU Y 50 16.47 27.55 19.26
C GLU Y 50 15.77 28.67 18.51
N GLY Y 51 14.43 28.70 18.54
CA GLY Y 51 13.71 29.78 17.89
C GLY Y 51 13.95 31.11 18.56
N VAL Y 52 13.93 31.12 19.89
CA VAL Y 52 14.23 32.34 20.64
C VAL Y 52 15.68 32.76 20.40
N ALA Y 53 16.58 31.79 20.27
CA ALA Y 53 17.98 32.10 20.00
C ALA Y 53 18.17 32.72 18.62
N ARG Y 54 17.48 32.20 17.61
CA ARG Y 54 17.59 32.76 16.27
C ARG Y 54 16.98 34.15 16.18
N THR Y 55 15.83 34.36 16.83
CA THR Y 55 15.24 35.70 16.83
C THR Y 55 16.09 36.69 17.60
N GLY Y 56 16.70 36.26 18.70
CA GLY Y 56 17.59 37.12 19.44
C GLY Y 56 18.84 37.46 18.66
N ARG Y 57 19.36 36.50 17.88
CA ARG Y 57 20.52 36.77 17.04
C ARG Y 57 20.20 37.76 15.93
N TYR Y 58 19.04 37.61 15.29
CA TYR Y 58 18.67 38.53 14.21
C TYR Y 58 18.42 39.94 14.74
N THR Y 59 17.65 40.06 15.82
CA THR Y 59 17.40 41.38 16.43
C THR Y 59 18.70 42.01 16.93
N PHE Y 60 19.58 41.21 17.52
CA PHE Y 60 20.83 41.73 18.06
C PHE Y 60 21.75 42.23 16.96
N THR Y 61 21.84 41.48 15.85
CA THR Y 61 22.70 41.92 14.76
C THR Y 61 22.15 43.15 14.06
N ALA Y 62 20.83 43.22 13.83
CA ALA Y 62 20.28 44.39 13.15
C ALA Y 62 20.35 45.62 14.04
N ALA Y 63 20.15 45.45 15.34
CA ALA Y 63 20.31 46.56 16.28
C ALA Y 63 21.76 47.00 16.37
N ALA Y 64 22.71 46.06 16.27
CA ALA Y 64 24.12 46.42 16.30
C ALA Y 64 24.52 47.23 15.08
N ILE Y 65 24.01 46.84 13.90
CA ILE Y 65 24.29 47.59 12.67
C ILE Y 65 23.69 48.99 12.76
N GLY Y 66 22.46 49.09 13.28
CA GLY Y 66 21.86 50.41 13.46
C GLY Y 66 22.62 51.29 14.44
N ALA Y 67 23.09 50.70 15.54
CA ALA Y 67 23.84 51.45 16.54
C ALA Y 67 25.15 51.96 15.98
N ILE Y 68 25.89 51.11 15.26
CA ILE Y 68 27.20 51.52 14.76
C ILE Y 68 27.05 52.53 13.64
N PHE Y 69 26.00 52.39 12.83
CA PHE Y 69 25.66 53.39 11.81
C PHE Y 69 25.38 54.76 12.45
N GLY Y 70 24.57 54.77 13.51
CA GLY Y 70 24.27 56.02 14.18
C GLY Y 70 25.45 56.64 14.90
N LEU Y 71 26.33 55.81 15.47
CA LEU Y 71 27.50 56.31 16.17
C LEU Y 71 28.45 57.00 15.22
N THR Y 72 28.81 56.34 14.11
CA THR Y 72 29.74 57.01 13.20
C THR Y 72 29.06 58.11 12.39
N SER Y 73 27.73 58.07 12.24
CA SER Y 73 26.98 59.22 11.74
C SER Y 73 27.19 60.46 12.62
N CYS Y 74 26.95 60.30 13.93
CA CYS Y 74 27.09 61.42 14.86
C CYS Y 74 28.53 61.91 14.93
N ILE Y 75 29.49 60.99 14.96
CA ILE Y 75 30.89 61.37 15.08
C ILE Y 75 31.37 62.09 13.82
N SER Y 76 31.03 61.58 12.63
CA SER Y 76 31.45 62.23 11.40
C SER Y 76 30.78 63.57 11.22
N ALA Y 77 29.52 63.70 11.66
CA ALA Y 77 28.83 64.98 11.56
C ALA Y 77 29.42 66.01 12.51
N GLN Y 78 29.86 65.59 13.69
CA GLN Y 78 30.49 66.52 14.62
C GLN Y 78 31.88 66.92 14.15
N VAL Y 79 32.64 65.97 13.61
CA VAL Y 79 34.04 66.24 13.27
C VAL Y 79 34.14 67.04 11.98
N ARG Y 80 33.46 66.60 10.91
CA ARG Y 80 33.61 67.26 9.62
C ARG Y 80 32.96 68.63 9.60
N GLU Y 81 31.94 68.84 10.43
CA GLU Y 81 31.17 70.09 10.53
C GLU Y 81 30.56 70.51 9.19
N LYS Y 82 30.20 69.53 8.36
CA LYS Y 82 29.60 69.78 7.06
C LYS Y 82 28.45 68.80 6.90
N PRO Y 83 27.26 69.17 7.38
CA PRO Y 83 26.14 68.21 7.48
C PRO Y 83 25.43 67.90 6.17
N ASP Y 84 25.98 68.27 5.02
CA ASP Y 84 25.27 68.13 3.76
C ASP Y 84 25.76 66.97 2.90
N ASP Y 85 26.99 66.51 3.11
CA ASP Y 85 27.55 65.46 2.26
C ASP Y 85 26.88 64.12 2.52
N PRO Y 86 26.91 63.22 1.55
CA PRO Y 86 26.61 61.81 1.82
C PRO Y 86 27.84 60.97 2.13
N LEU Y 87 29.04 61.57 2.11
CA LEU Y 87 30.27 60.83 2.35
C LEU Y 87 30.35 60.33 3.78
N ASN Y 88 29.82 61.11 4.72
CA ASN Y 88 29.76 60.67 6.11
C ASN Y 88 28.88 59.44 6.27
N TYR Y 89 27.75 59.39 5.56
CA TYR Y 89 26.97 58.16 5.66
C TYR Y 89 27.50 57.05 4.77
N LEU Y 90 28.36 57.39 3.81
CA LEU Y 90 29.11 56.34 3.10
C LEU Y 90 30.04 55.62 4.07
N ILE Y 91 30.74 56.39 4.90
CA ILE Y 91 31.51 55.84 6.02
C ILE Y 91 30.60 55.05 6.94
N GLY Y 92 29.37 55.55 7.15
CA GLY Y 92 28.43 54.87 8.02
C GLY Y 92 28.01 53.49 7.51
N GLY Y 93 27.65 53.41 6.23
CA GLY Y 93 27.27 52.15 5.64
C GLY Y 93 28.42 51.17 5.55
N CYS Y 94 29.65 51.67 5.31
CA CYS Y 94 30.78 50.75 5.30
C CYS Y 94 31.08 50.22 6.71
N ALA Y 95 30.93 51.07 7.73
CA ALA Y 95 31.15 50.59 9.09
C ALA Y 95 30.11 49.58 9.51
N GLY Y 96 28.85 49.81 9.10
CA GLY Y 96 27.80 48.84 9.39
C GLY Y 96 28.01 47.53 8.67
N GLY Y 97 28.49 47.58 7.43
CA GLY Y 97 28.79 46.35 6.72
C GLY Y 97 29.96 45.59 7.31
N LEU Y 98 31.00 46.31 7.75
CA LEU Y 98 32.14 45.67 8.40
C LEU Y 98 31.73 44.99 9.69
N THR Y 99 30.84 45.61 10.48
CA THR Y 99 30.46 44.94 11.71
C THR Y 99 29.41 43.86 11.50
N LEU Y 100 28.64 43.92 10.40
CA LEU Y 100 27.86 42.77 9.98
C LEU Y 100 28.76 41.59 9.67
N GLY Y 101 29.83 41.82 8.91
CA GLY Y 101 30.81 40.77 8.67
C GLY Y 101 31.54 40.32 9.92
N ALA Y 102 31.66 41.21 10.90
CA ALA Y 102 32.25 40.82 12.17
C ALA Y 102 31.33 39.89 12.96
N ARG Y 103 30.03 40.20 12.99
CA ARG Y 103 29.11 39.38 13.77
C ARG Y 103 28.69 38.10 13.06
N THR Y 104 28.90 38.00 11.75
CA THR Y 104 28.76 36.69 11.11
C THR Y 104 30.10 35.96 10.97
N ARG Y 105 31.20 36.62 11.31
CA ARG Y 105 32.54 36.03 11.44
C ARG Y 105 33.06 35.46 10.11
N SER Y 106 32.86 36.23 9.04
CA SER Y 106 33.52 36.02 7.77
C SER Y 106 33.80 37.39 7.16
N TYR Y 107 34.84 37.48 6.35
CA TYR Y 107 35.35 38.78 5.96
C TYR Y 107 34.96 39.23 4.57
N GLY Y 108 34.76 38.29 3.63
CA GLY Y 108 34.31 38.69 2.30
C GLY Y 108 32.89 39.22 2.31
N ILE Y 109 32.03 38.62 3.13
CA ILE Y 109 30.68 39.14 3.35
C ILE Y 109 30.74 40.53 3.96
N GLY Y 110 31.71 40.75 4.86
CA GLY Y 110 31.88 42.08 5.43
C GLY Y 110 32.34 43.10 4.41
N ALA Y 111 33.18 42.69 3.45
CA ALA Y 111 33.65 43.62 2.44
C ALA Y 111 32.53 44.00 1.47
N ALA Y 112 31.80 43.00 0.98
CA ALA Y 112 30.68 43.27 0.08
C ALA Y 112 29.57 44.03 0.79
N ALA Y 113 29.38 43.77 2.08
CA ALA Y 113 28.39 44.51 2.85
C ALA Y 113 28.82 45.95 3.09
N CYS Y 114 30.12 46.18 3.31
CA CYS Y 114 30.66 47.54 3.35
C CYS Y 114 30.34 48.31 2.09
N ALA Y 115 30.63 47.70 0.94
CA ALA Y 115 30.40 48.37 -0.35
C ALA Y 115 28.92 48.68 -0.57
N TYR Y 116 28.06 47.67 -0.43
CA TYR Y 116 26.66 47.86 -0.78
C TYR Y 116 25.93 48.71 0.26
N MET Y 117 26.18 48.50 1.56
CA MET Y 117 25.53 49.32 2.57
C MET Y 117 26.03 50.76 2.54
N GLY Y 118 27.30 50.99 2.20
CA GLY Y 118 27.77 52.35 2.03
C GLY Y 118 27.11 53.05 0.86
N LEU Y 119 26.96 52.35 -0.27
CA LEU Y 119 26.30 52.94 -1.42
C LEU Y 119 24.83 53.23 -1.14
N THR Y 120 24.14 52.32 -0.45
CA THR Y 120 22.74 52.54 -0.16
C THR Y 120 22.55 53.66 0.87
N ALA Y 121 23.45 53.78 1.85
CA ALA Y 121 23.28 54.82 2.85
C ALA Y 121 23.60 56.20 2.27
N ALA Y 122 24.62 56.29 1.42
CA ALA Y 122 24.89 57.53 0.69
C ALA Y 122 23.71 57.92 -0.19
N LEU Y 123 23.08 56.93 -0.84
CA LEU Y 123 21.92 57.23 -1.66
C LEU Y 123 20.70 57.65 -0.83
N VAL Y 124 20.53 57.09 0.36
CA VAL Y 124 19.41 57.46 1.22
C VAL Y 124 19.55 58.89 1.70
N LYS Y 125 20.73 59.25 2.22
CA LYS Y 125 20.94 60.64 2.65
C LYS Y 125 20.92 61.60 1.47
N MET Y 126 21.39 61.15 0.32
CA MET Y 126 21.45 62.00 -0.85
C MET Y 126 20.06 62.29 -1.38
N GLY Y 127 19.19 61.26 -1.36
CA GLY Y 127 17.82 61.45 -1.77
C GLY Y 127 17.00 62.23 -0.77
N GLN Y 128 17.35 62.13 0.52
CA GLN Y 128 16.71 63.02 1.48
C GLN Y 128 17.19 64.45 1.30
N LEU Y 129 18.43 64.62 0.85
CA LEU Y 129 19.02 65.95 0.73
C LEU Y 129 18.42 66.67 -0.47
N GLU Y 130 18.27 65.97 -1.60
CA GLU Y 130 17.59 66.60 -2.72
C GLU Y 130 16.08 66.61 -2.52
N GLY Y 131 15.51 65.47 -2.14
CA GLY Y 131 14.08 65.34 -1.94
C GLY Y 131 13.46 64.48 -3.02
N TRP Y 132 13.31 63.19 -2.70
CA TRP Y 132 12.70 62.19 -3.57
C TRP Y 132 11.62 61.52 -2.75
N LYS Y 133 10.38 61.62 -3.19
CA LYS Y 133 9.25 61.26 -2.33
C LYS Y 133 9.15 59.75 -2.15
N VAL Y 134 8.51 59.37 -1.05
CA VAL Y 134 8.31 57.96 -0.72
C VAL Y 134 7.21 57.41 -1.62
N PHE Y 135 7.60 56.55 -2.56
CA PHE Y 135 6.75 55.60 -3.28
C PHE Y 135 5.81 56.20 -4.31
N ALA Y 136 5.65 57.52 -4.36
CA ALA Y 136 4.57 58.09 -5.15
C ALA Y 136 4.76 59.58 -5.33
N GLU Y 137 4.04 60.14 -6.30
CA GLU Y 137 3.61 61.53 -6.19
C GLU Y 137 2.34 61.63 -5.33
N PRO Y 138 1.26 60.84 -5.57
CA PRO Y 138 0.75 59.92 -6.59
C PRO Y 138 -0.08 60.60 -7.69
N LYS Y 139 0.08 61.91 -7.82
CA LYS Y 139 -0.67 62.69 -8.82
C LYS Y 139 -0.02 62.50 -10.19
N VAL Y 140 -0.43 63.32 -11.16
CA VAL Y 140 0.22 63.32 -12.46
C VAL Y 140 0.88 64.66 -12.73
N GLY Z 5 75.68 19.39 -66.78
CA GLY Z 5 75.37 18.65 -65.57
C GLY Z 5 75.80 19.38 -64.32
N LYS Z 6 75.13 20.50 -64.06
CA LYS Z 6 75.46 21.35 -62.92
C LYS Z 6 74.26 21.72 -62.06
N ARG Z 7 73.10 21.92 -62.65
CA ARG Z 7 72.01 22.61 -61.96
C ARG Z 7 71.23 21.66 -61.06
N LEU Z 8 70.54 22.25 -60.10
CA LEU Z 8 69.81 21.54 -59.05
C LEU Z 8 68.34 21.91 -59.12
N PHE Z 9 67.59 21.45 -58.12
CA PHE Z 9 66.13 21.56 -58.10
C PHE Z 9 65.69 22.33 -56.86
N ILE Z 10 65.22 23.54 -57.06
CA ILE Z 10 64.67 24.31 -55.95
C ILE Z 10 63.28 23.77 -55.63
N ILE Z 11 62.83 23.99 -54.39
CA ILE Z 11 61.52 23.52 -53.94
C ILE Z 11 60.71 24.76 -53.59
N LYS Z 12 59.83 25.16 -54.48
CA LYS Z 12 58.98 26.33 -54.26
C LYS Z 12 57.65 25.91 -53.66
N PRO Z 13 56.97 26.82 -52.94
CA PRO Z 13 55.63 26.49 -52.45
C PRO Z 13 54.62 26.30 -53.56
N SER Z 14 54.42 27.34 -54.36
CA SER Z 14 53.52 27.37 -55.51
C SER Z 14 53.71 28.70 -56.23
N GLY Z 15 53.34 28.72 -57.50
CA GLY Z 15 53.30 29.97 -58.24
C GLY Z 15 51.94 30.19 -58.85
N PHE Z 16 51.21 29.09 -59.03
CA PHE Z 16 50.02 29.08 -59.87
C PHE Z 16 48.91 29.93 -59.28
N TYR Z 17 48.47 29.60 -58.06
CA TYR Z 17 47.31 30.25 -57.46
C TYR Z 17 47.60 31.71 -57.15
N ASP Z 18 48.82 32.00 -56.71
CA ASP Z 18 49.21 33.36 -56.37
C ASP Z 18 49.24 34.26 -57.60
N LYS Z 19 49.95 33.83 -58.65
CA LYS Z 19 50.02 34.64 -59.84
C LYS Z 19 48.68 34.69 -60.57
N ARG Z 20 47.85 33.66 -60.43
CA ARG Z 20 46.52 33.69 -61.00
C ARG Z 20 45.66 34.74 -60.31
N PHE Z 21 45.71 34.80 -58.97
CA PHE Z 21 44.95 35.82 -58.26
C PHE Z 21 45.40 37.22 -58.62
N LEU Z 22 46.72 37.45 -58.66
CA LEU Z 22 47.17 38.81 -58.93
C LEU Z 22 46.94 39.21 -60.38
N LYS Z 23 47.00 38.25 -61.30
CA LYS Z 23 46.65 38.53 -62.68
C LYS Z 23 45.17 38.87 -62.80
N LEU Z 24 44.31 38.15 -62.09
CA LEU Z 24 42.89 38.49 -62.09
C LEU Z 24 42.63 39.84 -61.44
N LEU Z 25 43.40 40.20 -60.41
CA LEU Z 25 43.16 41.46 -59.72
C LEU Z 25 43.55 42.65 -60.60
N ARG Z 26 44.71 42.57 -61.25
CA ARG Z 26 45.10 43.65 -62.14
C ARG Z 26 44.19 43.71 -63.36
N PHE Z 27 43.70 42.57 -63.85
CA PHE Z 27 42.80 42.59 -65.00
C PHE Z 27 41.44 43.18 -64.64
N TYR Z 28 40.89 42.83 -63.49
CA TYR Z 28 39.57 43.27 -63.10
C TYR Z 28 39.54 44.65 -62.45
N ILE Z 29 40.69 45.21 -62.08
CA ILE Z 29 40.74 46.65 -61.84
C ILE Z 29 41.01 47.41 -63.13
N LEU Z 30 41.88 46.87 -63.97
CA LEU Z 30 42.33 47.52 -65.19
C LEU Z 30 41.23 47.59 -66.24
N LEU Z 31 40.22 46.71 -66.16
CA LEU Z 31 39.17 46.67 -67.18
C LEU Z 31 38.26 47.88 -67.10
N THR Z 32 38.10 48.49 -65.94
CA THR Z 32 37.46 49.78 -65.83
C THR Z 32 38.36 50.81 -65.14
N GLY Z 33 39.66 50.53 -65.05
CA GLY Z 33 40.59 51.55 -64.66
C GLY Z 33 41.02 52.36 -65.86
N ILE Z 34 41.15 51.68 -67.00
CA ILE Z 34 41.57 52.33 -68.24
C ILE Z 34 40.45 53.17 -68.88
N PRO Z 35 39.22 52.68 -69.12
CA PRO Z 35 38.26 53.54 -69.83
C PRO Z 35 37.78 54.72 -69.02
N VAL Z 36 37.80 54.66 -67.69
CA VAL Z 36 37.38 55.79 -66.89
C VAL Z 36 38.44 56.90 -66.93
N VAL Z 37 39.71 56.52 -66.87
CA VAL Z 37 40.78 57.52 -66.97
C VAL Z 37 40.84 58.11 -68.36
N ILE Z 38 40.59 57.29 -69.39
CA ILE Z 38 40.46 57.81 -70.74
C ILE Z 38 39.28 58.76 -70.86
N GLY Z 39 38.15 58.42 -70.23
CA GLY Z 39 36.98 59.27 -70.28
C GLY Z 39 37.17 60.62 -69.60
N ILE Z 40 37.78 60.61 -68.41
CA ILE Z 40 38.02 61.88 -67.72
C ILE Z 40 39.11 62.68 -68.40
N THR Z 41 40.04 62.01 -69.11
CA THR Z 41 41.02 62.72 -69.91
C THR Z 41 40.34 63.43 -71.08
N LEU Z 42 39.40 62.74 -71.72
CA LEU Z 42 38.60 63.38 -72.79
C LEU Z 42 37.74 64.52 -72.24
N ILE Z 43 37.28 64.39 -70.99
CA ILE Z 43 36.50 65.45 -70.36
C ILE Z 43 37.35 66.70 -70.15
N ASN Z 44 38.48 66.58 -69.48
CA ASN Z 44 39.28 67.77 -69.26
C ASN Z 44 40.21 68.10 -70.42
N VAL Z 45 40.05 67.46 -71.58
CA VAL Z 45 40.69 67.97 -72.80
C VAL Z 45 39.68 68.45 -73.83
N PHE Z 46 38.39 68.17 -73.67
CA PHE Z 46 37.40 68.68 -74.61
C PHE Z 46 36.35 69.59 -73.97
N ILE Z 47 35.66 69.13 -72.93
CA ILE Z 47 34.36 69.74 -72.60
C ILE Z 47 34.51 71.07 -71.86
N GLY Z 48 35.68 71.38 -71.31
CA GLY Z 48 35.82 72.62 -70.57
C GLY Z 48 35.55 72.44 -69.09
N GLU Z 49 36.27 73.16 -68.24
CA GLU Z 49 35.93 73.09 -66.82
C GLU Z 49 34.78 74.05 -66.53
N ALA Z 50 35.08 75.37 -66.53
CA ALA Z 50 34.17 76.45 -66.18
C ALA Z 50 34.91 77.78 -66.30
N GLU Z 51 34.20 78.89 -66.13
CA GLU Z 51 34.82 80.21 -66.10
C GLU Z 51 34.32 80.97 -64.89
N LEU Z 52 35.09 81.98 -64.49
CA LEU Z 52 35.06 82.55 -63.15
C LEU Z 52 34.22 83.81 -63.03
N ALA Z 53 33.13 83.91 -63.79
CA ALA Z 53 32.36 85.14 -63.81
C ALA Z 53 31.46 85.23 -62.58
N GLU Z 54 30.55 86.19 -62.59
CA GLU Z 54 29.69 86.47 -61.45
C GLU Z 54 28.21 86.27 -61.81
N ILE Z 55 27.35 86.66 -60.89
CA ILE Z 55 25.91 86.47 -61.06
C ILE Z 55 25.38 87.49 -62.05
N PRO Z 56 24.70 87.06 -63.11
CA PRO Z 56 24.12 88.02 -64.06
C PRO Z 56 22.91 88.72 -63.44
N GLU Z 57 22.60 89.88 -64.02
CA GLU Z 57 21.58 90.75 -63.48
C GLU Z 57 20.20 90.19 -63.81
N GLY Z 58 19.44 89.83 -62.78
CA GLY Z 58 18.09 89.31 -62.97
C GLY Z 58 18.04 87.95 -63.61
N TYR Z 59 18.79 87.00 -63.06
CA TYR Z 59 18.82 85.63 -63.57
C TYR Z 59 19.28 84.72 -62.45
N VAL Z 60 18.45 83.74 -62.10
CA VAL Z 60 18.84 82.79 -61.06
C VAL Z 60 19.30 81.50 -61.71
N PRO Z 61 20.37 80.91 -61.20
CA PRO Z 61 20.86 79.66 -61.80
C PRO Z 61 20.11 78.45 -61.27
N GLU Z 62 20.58 77.27 -61.67
CA GLU Z 62 20.13 76.02 -61.10
C GLU Z 62 20.88 75.79 -59.79
N HIS Z 63 20.67 74.64 -59.15
CA HIS Z 63 21.59 74.29 -58.07
C HIS Z 63 22.88 73.70 -58.60
N TRP Z 64 22.93 73.36 -59.89
CA TRP Z 64 24.19 73.25 -60.61
C TRP Z 64 24.46 74.61 -61.24
N GLU Z 65 25.38 74.67 -62.22
CA GLU Z 65 25.99 75.92 -62.70
C GLU Z 65 26.62 76.70 -61.54
N TYR Z 66 27.34 75.97 -60.69
CA TYR Z 66 28.00 76.52 -59.52
C TYR Z 66 29.43 76.07 -59.33
N PHE Z 67 29.91 75.11 -60.10
CA PHE Z 67 31.08 74.32 -59.73
C PHE Z 67 32.11 74.35 -60.84
N LYS Z 68 33.38 74.24 -60.47
CA LYS Z 68 34.46 74.29 -61.44
C LYS Z 68 34.43 73.09 -62.38
N HIS Z 69 34.52 71.90 -61.82
CA HIS Z 69 34.70 70.71 -62.63
C HIS Z 69 33.37 70.29 -63.23
N PRO Z 70 33.34 69.88 -64.50
CA PRO Z 70 32.05 69.59 -65.15
C PRO Z 70 31.42 68.30 -64.70
N ILE Z 71 32.22 67.29 -64.34
CA ILE Z 71 31.62 66.04 -63.87
C ILE Z 71 31.01 66.23 -62.49
N SER Z 72 31.61 67.07 -61.64
CA SER Z 72 31.01 67.39 -60.36
C SER Z 72 29.70 68.15 -60.54
N ARG Z 73 29.67 69.05 -61.53
CA ARG Z 73 28.44 69.75 -61.87
C ARG Z 73 27.37 68.78 -62.36
N TRP Z 74 27.77 67.77 -63.13
CA TRP Z 74 26.82 66.77 -63.60
C TRP Z 74 26.29 65.91 -62.45
N ILE Z 75 27.16 65.60 -61.49
CA ILE Z 75 26.75 64.88 -60.28
C ILE Z 75 25.69 65.67 -59.51
N ALA Z 76 25.93 66.97 -59.34
CA ALA Z 76 24.94 67.82 -58.69
C ALA Z 76 23.66 67.95 -59.51
N ARG Z 77 23.77 67.86 -60.84
CA ARG Z 77 22.59 68.02 -61.67
C ARG Z 77 21.67 66.81 -61.59
N THR Z 78 22.23 65.61 -61.66
CA THR Z 78 21.40 64.44 -61.88
C THR Z 78 21.19 63.57 -60.65
N PHE Z 79 21.95 63.76 -59.58
CA PHE Z 79 21.93 62.83 -58.46
C PHE Z 79 21.61 63.46 -57.12
N PHE Z 80 21.82 64.74 -56.95
CA PHE Z 80 21.73 65.37 -55.65
C PHE Z 80 20.44 66.15 -55.48
N ASP Z 81 20.34 66.88 -54.38
CA ASP Z 81 19.20 67.73 -54.08
C ASP Z 81 19.70 69.13 -53.78
N ALA Z 82 18.84 70.11 -54.02
CA ALA Z 82 19.23 71.50 -53.84
C ALA Z 82 19.32 71.84 -52.36
N PRO Z 83 20.22 72.76 -51.98
CA PRO Z 83 20.26 73.23 -50.59
C PRO Z 83 19.03 74.04 -50.22
N GLU Z 84 18.32 74.62 -51.18
CA GLU Z 84 17.10 75.35 -50.86
C GLU Z 84 15.98 74.39 -50.45
N LYS Z 85 15.84 73.30 -51.21
CA LYS Z 85 14.88 72.25 -50.89
C LYS Z 85 15.17 71.64 -49.52
N ASN Z 86 16.45 71.39 -49.24
CA ASN Z 86 16.86 70.85 -47.95
C ASN Z 86 16.61 71.85 -46.82
N TYR Z 87 16.90 73.13 -47.06
CA TYR Z 87 16.74 74.16 -46.05
C TYR Z 87 15.27 74.32 -45.67
N GLU Z 88 14.39 74.31 -46.67
CA GLU Z 88 12.96 74.42 -46.39
C GLU Z 88 12.41 73.18 -45.72
N ARG Z 89 12.95 72.00 -46.06
CA ARG Z 89 12.52 70.78 -45.37
C ARG Z 89 12.93 70.80 -43.90
N THR Z 90 14.14 71.30 -43.61
CA THR Z 90 14.59 71.44 -42.22
C THR Z 90 13.69 72.39 -41.46
N MET Z 91 13.32 73.51 -42.07
CA MET Z 91 12.49 74.46 -41.36
C MET Z 91 11.09 73.89 -41.12
N ALA Z 92 10.59 73.10 -42.08
CA ALA Z 92 9.30 72.44 -41.93
C ALA Z 92 9.30 71.43 -40.79
N ILE Z 93 10.32 70.57 -40.72
CA ILE Z 93 10.34 69.56 -39.65
C ILE Z 93 10.56 70.21 -38.28
N LEU Z 94 11.31 71.33 -38.23
CA LEU Z 94 11.46 72.03 -36.96
C LEU Z 94 10.15 72.63 -36.49
N GLN Z 95 9.39 73.23 -37.40
CA GLN Z 95 8.08 73.78 -37.06
C GLN Z 95 7.12 72.69 -36.56
N ILE Z 96 7.09 71.55 -37.27
CA ILE Z 96 6.17 70.47 -36.94
C ILE Z 96 6.48 69.89 -35.57
N GLU Z 97 7.72 69.47 -35.34
CA GLU Z 97 7.99 68.82 -34.07
C GLU Z 97 8.12 69.83 -32.92
N SER Z 98 8.32 71.12 -33.22
CA SER Z 98 8.18 72.14 -32.19
C SER Z 98 6.75 72.23 -31.70
N GLU Z 99 5.78 72.22 -32.61
CA GLU Z 99 4.38 72.21 -32.17
C GLU Z 99 4.04 70.94 -31.41
N LYS Z 100 4.63 69.80 -31.81
CA LYS Z 100 4.49 68.56 -31.05
C LYS Z 100 4.94 68.72 -29.60
N ALA Z 101 6.14 69.29 -29.40
CA ALA Z 101 6.67 69.42 -28.04
C ALA Z 101 5.87 70.40 -27.20
N GLU Z 102 5.42 71.49 -27.82
CA GLU Z 102 4.61 72.47 -27.10
C GLU Z 102 3.27 71.88 -26.67
N LEU Z 103 2.64 71.10 -27.56
CA LEU Z 103 1.39 70.44 -27.19
C LEU Z 103 1.60 69.39 -26.11
N ARG Z 104 2.78 68.74 -26.09
CA ARG Z 104 3.05 67.73 -25.07
C ARG Z 104 3.19 68.35 -23.69
N LEU Z 105 3.95 69.45 -23.59
CA LEU Z 105 4.11 70.11 -22.29
C LEU Z 105 2.80 70.74 -21.83
N LYS Z 106 2.01 71.26 -22.78
CA LYS Z 106 0.70 71.79 -22.45
C LYS Z 106 -0.22 70.69 -21.93
N GLU Z 107 -0.12 69.49 -22.51
CA GLU Z 107 -0.95 68.37 -22.09
C GLU Z 107 -0.63 67.93 -20.68
N LEU Z 108 0.67 67.85 -20.34
CA LEU Z 108 0.99 67.41 -18.99
C LEU Z 108 0.61 68.46 -17.95
N GLU Z 109 0.71 69.76 -18.30
CA GLU Z 109 0.23 70.79 -17.37
C GLU Z 109 -1.29 70.72 -17.18
N VAL Z 110 -2.03 70.49 -18.27
CA VAL Z 110 -3.48 70.34 -18.20
C VAL Z 110 -3.85 69.14 -17.33
N ARG Z 111 -3.13 68.03 -17.51
CA ARG Z 111 -3.47 66.82 -16.78
C ARG Z 111 -3.18 66.96 -15.29
N ARG Z 112 -2.08 67.61 -14.92
CA ARG Z 112 -1.80 67.76 -13.49
C ARG Z 112 -2.76 68.75 -12.83
N LEU Z 113 -3.15 69.83 -13.53
CA LEU Z 113 -4.09 70.75 -12.90
C LEU Z 113 -5.51 70.18 -12.87
N MET Z 114 -5.86 69.35 -13.84
CA MET Z 114 -7.17 68.72 -13.83
C MET Z 114 -7.28 67.67 -12.75
N ARG Z 115 -6.19 66.94 -12.49
CA ARG Z 115 -6.21 66.02 -11.36
C ARG Z 115 -6.22 66.78 -10.05
N ALA Z 116 -5.60 67.96 -10.02
CA ALA Z 116 -5.61 68.78 -8.80
C ALA Z 116 -7.02 69.26 -8.46
N LYS Z 117 -7.72 69.87 -9.42
CA LYS Z 117 -9.06 70.39 -9.11
C LYS Z 117 -10.15 69.33 -9.35
N GLY Z 118 -10.28 68.88 -10.59
CA GLY Z 118 -11.36 68.00 -10.97
C GLY Z 118 -12.43 68.64 -11.83
N ASP Z 119 -12.22 69.87 -12.30
CA ASP Z 119 -13.22 70.57 -13.09
C ASP Z 119 -13.35 70.01 -14.50
N GLY Z 120 -12.34 69.28 -14.98
CA GLY Z 120 -12.35 68.80 -16.34
C GLY Z 120 -13.23 67.59 -16.50
N PRO Z 121 -13.21 67.02 -17.71
CA PRO Z 121 -14.02 65.84 -17.99
C PRO Z 121 -13.32 64.51 -17.78
N TRP Z 122 -12.02 64.50 -17.50
CA TRP Z 122 -11.27 63.24 -17.54
C TRP Z 122 -11.41 62.45 -16.26
N PHE Z 123 -10.94 63.00 -15.14
CA PHE Z 123 -10.88 62.24 -13.89
C PHE Z 123 -12.19 62.43 -13.14
N GLN Z 124 -13.24 61.82 -13.70
CA GLN Z 124 -14.59 61.89 -13.18
C GLN Z 124 -15.08 60.47 -12.99
N TYR Z 125 -14.79 59.91 -11.84
CA TYR Z 125 -15.27 58.58 -11.60
C TYR Z 125 -16.75 58.64 -11.24
N PRO Z 126 -17.57 57.71 -11.74
CA PRO Z 126 -19.03 57.86 -11.66
C PRO Z 126 -19.54 57.72 -10.23
N THR Z 127 -20.32 58.70 -9.81
CA THR Z 127 -20.86 58.73 -8.47
C THR Z 127 -22.22 58.03 -8.46
N ILE Z 128 -22.99 58.26 -7.39
CA ILE Z 128 -24.34 57.75 -7.29
C ILE Z 128 -25.20 58.39 -8.37
N ASP Z 129 -25.99 57.58 -9.07
CA ASP Z 129 -26.87 58.05 -10.13
C ASP Z 129 -28.27 58.24 -9.57
N LYS Z 130 -28.77 59.48 -9.60
CA LYS Z 130 -30.01 59.81 -8.94
C LYS Z 130 -31.25 59.46 -9.74
N ALA Z 131 -31.10 58.86 -10.92
CA ALA Z 131 -32.26 58.55 -11.76
C ALA Z 131 -33.09 57.39 -11.24
N LEU Z 132 -32.62 56.67 -10.23
CA LEU Z 132 -33.40 55.61 -9.63
C LEU Z 132 -34.04 56.03 -8.30
N ILE Z 133 -33.63 57.15 -7.72
CA ILE Z 133 -34.26 57.65 -6.50
C ILE Z 133 -35.64 58.18 -6.86
N ASP Z 134 -36.68 57.55 -6.34
CA ASP Z 134 -38.05 57.93 -6.63
C ASP Z 134 -38.63 58.66 -5.42
N HIS Z 135 -38.84 59.96 -5.57
CA HIS Z 135 -39.60 60.72 -4.58
C HIS Z 135 -41.06 60.27 -4.59
N SER Z 136 -41.59 59.94 -3.42
CA SER Z 136 -42.95 59.43 -3.30
C SER Z 136 -43.40 59.63 -1.87
N PRO Z 137 -44.69 59.73 -1.62
CA PRO Z 137 -45.18 59.69 -0.24
C PRO Z 137 -45.13 58.28 0.30
N LYS Z 138 -44.19 58.03 1.20
CA LYS Z 138 -44.00 56.70 1.77
C LYS Z 138 -45.00 56.40 2.87
N ALA Z 139 -44.72 55.39 3.69
CA ALA Z 139 -45.61 55.01 4.78
C ALA Z 139 -45.31 55.79 6.06
N THR Z 140 -44.06 55.74 6.51
CA THR Z 140 -43.70 56.39 7.76
C THR Z 140 -43.61 57.90 7.53
N PRO Z 141 -44.23 58.73 8.40
CA PRO Z 141 -44.18 60.19 8.20
C PRO Z 141 -42.80 60.80 8.28
N ASP Z 142 -42.12 60.58 9.39
CA ASP Z 142 -40.79 61.15 9.60
C ASP Z 142 -39.78 60.24 8.92
N ASN Z 143 -39.44 60.59 7.68
CA ASN Z 143 -38.58 59.78 6.85
C ASN Z 143 -37.13 59.88 7.29
N ASP AA 2 80.34 31.80 -53.58
CA ASP AA 2 80.94 31.07 -52.48
C ASP AA 2 80.49 29.62 -52.45
N ALA AA 3 80.75 28.89 -53.53
CA ALA AA 3 80.42 27.46 -53.60
C ALA AA 3 81.49 26.71 -54.38
N PRO AA 4 82.55 26.26 -53.73
CA PRO AA 4 83.44 25.29 -54.36
C PRO AA 4 82.92 23.88 -54.16
N PRO AA 5 82.92 23.06 -55.20
CA PRO AA 5 82.35 21.71 -55.06
C PRO AA 5 83.28 20.77 -54.33
N LEU AA 6 82.76 20.12 -53.31
CA LEU AA 6 83.47 19.10 -52.57
C LEU AA 6 83.14 17.74 -53.17
N THR AA 7 84.07 16.80 -53.03
CA THR AA 7 83.86 15.44 -53.50
C THR AA 7 84.53 14.48 -52.54
N LEU AA 8 84.16 13.20 -52.67
CA LEU AA 8 84.57 12.19 -51.70
C LEU AA 8 86.07 11.92 -51.77
N GLU AA 9 86.62 11.83 -52.98
CA GLU AA 9 88.06 11.65 -53.12
C GLU AA 9 88.81 12.87 -52.61
N GLY AA 10 88.25 14.06 -52.84
CA GLY AA 10 88.92 15.28 -52.40
C GLY AA 10 88.91 15.44 -50.90
N ILE AA 11 87.78 15.14 -50.26
CA ILE AA 11 87.74 15.25 -48.80
C ILE AA 11 88.58 14.14 -48.16
N LYS AA 12 88.66 12.97 -48.80
CA LYS AA 12 89.54 11.90 -48.32
C LYS AA 12 91.01 12.34 -48.38
N ASP AA 13 91.39 12.99 -49.47
CA ASP AA 13 92.76 13.45 -49.62
C ASP AA 13 93.08 14.58 -48.64
N ARG AA 14 92.14 15.48 -48.38
CA ARG AA 14 92.43 16.59 -47.47
C ARG AA 14 92.52 16.11 -46.02
N VAL AA 15 91.63 15.20 -45.62
CA VAL AA 15 91.70 14.65 -44.26
C VAL AA 15 92.96 13.81 -44.08
N LEU AA 16 93.36 13.05 -45.10
CA LEU AA 16 94.57 12.26 -44.93
C LEU AA 16 95.82 13.13 -45.02
N TYR AA 17 95.74 14.26 -45.71
CA TYR AA 17 96.83 15.22 -45.72
C TYR AA 17 97.05 15.82 -44.34
N VAL AA 18 95.99 16.26 -43.69
CA VAL AA 18 96.18 16.84 -42.37
C VAL AA 18 96.41 15.79 -41.28
N LEU AA 19 96.09 14.52 -41.53
CA LEU AA 19 96.53 13.50 -40.60
C LEU AA 19 98.00 13.17 -40.80
N LYS AA 20 98.48 13.15 -42.04
CA LYS AA 20 99.87 12.83 -42.30
C LYS AA 20 100.78 13.97 -41.85
N LEU AA 21 100.27 15.19 -41.86
CA LEU AA 21 101.06 16.33 -41.40
C LEU AA 21 101.23 16.32 -39.88
N TYR AA 22 100.39 15.60 -39.16
CA TYR AA 22 100.50 15.47 -37.71
C TYR AA 22 101.78 14.71 -37.35
N ASP AA 23 102.30 15.01 -36.16
CA ASP AA 23 103.68 14.65 -35.84
C ASP AA 23 103.85 13.16 -35.52
N LYS AA 24 103.24 12.71 -34.43
CA LYS AA 24 103.64 11.45 -33.80
C LYS AA 24 102.99 10.21 -34.43
N ILE AA 25 102.51 10.31 -35.66
CA ILE AA 25 102.12 9.15 -36.44
C ILE AA 25 103.15 8.96 -37.55
N ASP AA 26 103.02 7.85 -38.26
CA ASP AA 26 103.93 7.65 -39.37
C ASP AA 26 103.21 7.78 -40.71
N PRO AA 27 103.92 8.21 -41.76
CA PRO AA 27 103.34 8.14 -43.11
C PRO AA 27 103.33 6.75 -43.70
N GLU AA 28 103.93 5.77 -43.02
CA GLU AA 28 103.91 4.39 -43.49
C GLU AA 28 102.60 3.70 -43.13
N LYS AA 29 102.34 3.58 -41.83
CA LYS AA 29 101.16 2.88 -41.34
C LYS AA 29 100.06 3.89 -41.04
N LEU AA 30 99.56 4.51 -42.10
CA LEU AA 30 98.49 5.50 -42.04
C LEU AA 30 97.40 5.04 -42.99
N SER AA 31 96.48 4.24 -42.48
CA SER AA 31 95.43 3.66 -43.31
C SER AA 31 94.14 4.45 -43.20
N VAL AA 32 93.33 4.35 -44.26
CA VAL AA 32 91.98 4.91 -44.23
C VAL AA 32 91.12 4.17 -43.23
N ASN AA 33 91.17 2.84 -43.25
CA ASN AA 33 90.51 2.00 -42.25
C ASN AA 33 91.56 1.71 -41.19
N SER AA 34 91.75 2.67 -40.28
CA SER AA 34 92.66 2.52 -39.16
C SER AA 34 92.00 3.04 -37.90
N HIS AA 35 92.40 2.51 -36.76
CA HIS AA 35 91.81 2.94 -35.50
C HIS AA 35 92.66 4.01 -34.84
N PHE AA 36 91.99 4.86 -34.08
CA PHE AA 36 92.69 5.82 -33.24
C PHE AA 36 92.92 5.26 -31.85
N MET AA 37 92.53 4.02 -31.62
CA MET AA 37 92.64 3.33 -30.35
C MET AA 37 93.43 2.03 -30.45
N LYS AA 38 93.22 1.25 -31.50
CA LYS AA 38 93.84 -0.06 -31.59
C LYS AA 38 95.26 0.01 -32.15
N ASP AA 39 95.41 0.45 -33.40
CA ASP AA 39 96.68 0.30 -34.09
C ASP AA 39 97.53 1.56 -34.13
N LEU AA 40 96.93 2.75 -34.22
CA LEU AA 40 97.75 3.95 -34.09
C LEU AA 40 98.17 4.19 -32.66
N GLY AA 41 97.41 3.69 -31.69
CA GLY AA 41 97.82 3.68 -30.30
C GLY AA 41 97.83 5.02 -29.60
N LEU AA 42 97.44 6.10 -30.26
CA LEU AA 42 97.42 7.40 -29.62
C LEU AA 42 96.23 7.51 -28.68
N ASP AA 43 96.31 8.47 -27.77
CA ASP AA 43 95.34 8.57 -26.68
C ASP AA 43 94.13 9.38 -27.10
N SER AA 44 93.15 9.45 -26.19
CA SER AA 44 91.94 10.22 -26.41
C SER AA 44 92.22 11.70 -26.54
N LEU AA 45 93.25 12.18 -25.83
CA LEU AA 45 93.58 13.60 -25.81
C LEU AA 45 94.02 14.08 -27.19
N ASP AA 46 94.98 13.38 -27.79
CA ASP AA 46 95.41 13.75 -29.13
C ASP AA 46 94.37 13.39 -30.18
N GLN AA 47 93.48 12.44 -29.88
CA GLN AA 47 92.34 12.16 -30.75
C GLN AA 47 91.42 13.37 -30.84
N VAL AA 48 91.16 14.02 -29.71
CA VAL AA 48 90.33 15.22 -29.76
C VAL AA 48 91.12 16.42 -30.26
N GLU AA 49 92.45 16.39 -30.17
CA GLU AA 49 93.25 17.35 -30.93
C GLU AA 49 93.06 17.19 -32.44
N ILE AA 50 92.95 15.94 -32.91
CA ILE AA 50 92.64 15.68 -34.32
C ILE AA 50 91.25 16.21 -34.67
N ILE AA 51 90.28 15.97 -33.78
CA ILE AA 51 88.91 16.49 -33.98
C ILE AA 51 88.92 18.02 -34.07
N MET AA 52 89.75 18.65 -33.24
CA MET AA 52 89.93 20.09 -33.30
C MET AA 52 90.57 20.53 -34.60
N ALA AA 53 91.49 19.72 -35.14
CA ALA AA 53 92.10 20.04 -36.43
C ALA AA 53 91.07 20.02 -37.55
N MET AA 54 90.16 19.02 -37.53
CA MET AA 54 89.09 18.99 -38.54
C MET AA 54 88.15 20.18 -38.39
N GLU AA 55 87.77 20.52 -37.16
CA GLU AA 55 86.88 21.65 -36.93
C GLU AA 55 87.52 22.96 -37.37
N ASP AA 56 88.82 23.12 -37.12
CA ASP AA 56 89.48 24.37 -37.47
C ASP AA 56 89.80 24.45 -38.96
N GLU AA 57 89.95 23.31 -39.63
CA GLU AA 57 90.16 23.37 -41.07
C GLU AA 57 88.86 23.66 -41.80
N PHE AA 58 87.82 22.87 -41.53
CA PHE AA 58 86.65 22.91 -42.40
C PHE AA 58 85.70 24.05 -42.04
N GLY AA 59 85.72 24.54 -40.81
CA GLY AA 59 85.01 25.73 -40.45
C GLY AA 59 83.70 25.53 -39.72
N PHE AA 60 83.54 24.44 -38.98
CA PHE AA 60 82.32 24.20 -38.22
C PHE AA 60 82.64 23.28 -37.06
N GLU AA 61 81.92 23.48 -35.95
CA GLU AA 61 82.01 22.57 -34.82
C GLU AA 61 81.38 21.23 -35.15
N ILE AA 62 81.84 20.20 -34.47
CA ILE AA 62 81.09 18.95 -34.43
C ILE AA 62 80.73 18.76 -32.96
N PRO AA 63 79.58 18.20 -32.63
CA PRO AA 63 79.17 18.09 -31.23
C PRO AA 63 79.90 16.99 -30.48
N ASP AA 64 79.85 17.09 -29.16
CA ASP AA 64 80.51 16.15 -28.27
C ASP AA 64 79.75 14.86 -28.10
N ILE AA 65 78.52 14.76 -28.62
CA ILE AA 65 77.85 13.48 -28.71
C ILE AA 65 78.52 12.61 -29.77
N ASP AA 66 79.23 13.22 -30.72
CA ASP AA 66 79.96 12.51 -31.75
C ASP AA 66 81.44 12.34 -31.42
N ALA AA 67 82.05 13.34 -30.79
CA ALA AA 67 83.49 13.33 -30.53
C ALA AA 67 83.93 12.22 -29.58
N GLU AA 68 82.99 11.62 -28.85
CA GLU AA 68 83.27 10.37 -28.17
C GLU AA 68 83.60 9.25 -29.15
N LYS AA 69 82.97 9.28 -30.32
CA LYS AA 69 82.75 8.04 -31.05
C LYS AA 69 82.96 8.20 -32.54
N LEU AA 70 84.05 8.88 -32.94
CA LEU AA 70 84.50 8.80 -34.33
C LEU AA 70 85.60 7.75 -34.46
N MET AA 71 86.75 8.00 -33.84
CA MET AA 71 87.85 7.05 -33.61
C MET AA 71 88.45 6.42 -34.86
N CYS AA 72 88.13 6.90 -36.06
CA CYS AA 72 88.69 6.36 -37.31
C CYS AA 72 88.45 7.36 -38.42
N PRO AA 73 89.37 7.45 -39.39
CA PRO AA 73 89.24 8.51 -40.42
C PRO AA 73 88.08 8.30 -41.38
N GLN AA 74 87.65 7.07 -41.60
CA GLN AA 74 86.54 6.83 -42.51
C GLN AA 74 85.24 7.42 -41.98
N GLU AA 75 84.99 7.27 -40.67
CA GLU AA 75 83.80 7.88 -40.11
C GLU AA 75 83.94 9.39 -39.98
N ILE AA 76 85.18 9.91 -39.93
CA ILE AA 76 85.38 11.36 -40.03
C ILE AA 76 84.90 11.86 -41.39
N VAL AA 77 85.34 11.19 -42.46
CA VAL AA 77 84.93 11.57 -43.81
C VAL AA 77 83.43 11.41 -43.98
N ASP AA 78 82.85 10.36 -43.38
CA ASP AA 78 81.40 10.18 -43.41
C ASP AA 78 80.67 11.30 -42.69
N TYR AA 79 81.22 11.79 -41.58
CA TYR AA 79 80.47 12.77 -40.81
C TYR AA 79 80.56 14.16 -41.42
N ILE AA 80 81.69 14.52 -42.03
CA ILE AA 80 81.67 15.79 -42.76
C ILE AA 80 80.87 15.63 -44.07
N ALA AA 81 80.77 14.40 -44.59
CA ALA AA 81 79.86 14.14 -45.71
C ALA AA 81 78.40 14.32 -45.32
N ASP AA 82 78.09 14.11 -44.03
CA ASP AA 82 76.72 14.34 -43.57
C ASP AA 82 76.46 15.81 -43.31
N LYS AA 83 77.45 16.51 -42.74
CA LYS AA 83 77.28 17.94 -42.49
C LYS AA 83 77.21 18.73 -43.80
N LYS AA 84 77.91 18.28 -44.85
CA LYS AA 84 77.96 19.06 -46.07
C LYS AA 84 77.06 18.54 -47.18
N ASP AA 85 76.59 17.29 -47.09
CA ASP AA 85 75.74 16.63 -48.10
C ASP AA 85 76.42 16.62 -49.47
N VAL AA 86 77.50 15.83 -49.54
CA VAL AA 86 78.51 16.00 -50.57
C VAL AA 86 78.04 15.22 -51.80
N TYR AA 87 77.23 15.89 -52.63
CA TYR AA 87 77.07 15.58 -54.05
C TYR AA 87 76.80 16.88 -54.80
N GLU AA 88 77.13 16.84 -56.09
CA GLU AA 88 76.95 18.02 -56.94
C GLU AA 88 75.51 18.09 -57.46
N PRO BA 1 -24.06 72.42 16.62
CA PRO BA 1 -24.29 73.66 15.87
C PRO BA 1 -25.64 74.30 16.17
N GLY BA 2 -26.65 74.01 15.35
CA GLY BA 2 -27.95 74.61 15.55
C GLY BA 2 -28.77 73.83 16.57
N ILE BA 3 -29.55 74.57 17.36
CA ILE BA 3 -30.43 73.99 18.38
C ILE BA 3 -31.83 73.87 17.81
N VAL BA 4 -32.58 72.90 18.34
CA VAL BA 4 -33.95 72.69 17.88
C VAL BA 4 -34.85 73.77 18.46
N GLU BA 5 -36.05 73.90 17.88
CA GLU BA 5 -37.03 74.87 18.33
C GLU BA 5 -38.28 74.07 18.73
N LEU BA 6 -38.29 73.61 19.97
CA LEU BA 6 -39.37 72.79 20.49
C LEU BA 6 -40.57 73.67 20.82
N PRO BA 7 -41.78 73.14 20.69
CA PRO BA 7 -42.96 73.87 21.16
C PRO BA 7 -43.04 73.84 22.68
N SER BA 8 -43.87 74.74 23.22
CA SER BA 8 -43.96 74.88 24.65
C SER BA 8 -44.93 73.86 25.24
N LEU BA 9 -45.07 73.89 26.56
CA LEU BA 9 -46.07 73.10 27.27
C LEU BA 9 -47.45 73.73 27.20
N GLU BA 10 -47.57 74.94 26.64
CA GLU BA 10 -48.87 75.56 26.47
C GLU BA 10 -49.61 75.00 25.26
N ASP BA 11 -48.87 74.66 24.20
CA ASP BA 11 -49.47 73.96 23.07
C ASP BA 11 -49.58 72.47 23.32
N LEU BA 12 -48.77 71.93 24.22
CA LEU BA 12 -48.88 70.52 24.61
C LEU BA 12 -49.89 70.33 25.73
N LYS BA 13 -51.09 70.89 25.55
CA LYS BA 13 -52.23 70.56 26.40
C LYS BA 13 -53.48 70.63 25.53
N VAL BA 14 -53.84 69.49 24.98
CA VAL BA 14 -55.10 69.28 24.30
C VAL BA 14 -55.84 68.28 25.16
N GLN BA 15 -57.18 68.39 25.19
CA GLN BA 15 -57.96 67.37 25.89
C GLN BA 15 -57.79 66.06 25.13
N GLU BA 16 -56.95 65.19 25.68
CA GLU BA 16 -56.59 63.97 24.99
C GLU BA 16 -57.74 62.99 25.04
N VAL BA 17 -57.94 62.25 23.96
CA VAL BA 17 -59.06 61.31 23.88
C VAL BA 17 -58.57 60.02 24.52
N LYS BA 18 -58.63 60.00 25.85
CA LYS BA 18 -58.15 58.85 26.62
C LYS BA 18 -59.23 57.77 26.63
N VAL BA 19 -59.40 57.18 25.45
CA VAL BA 19 -60.33 56.08 25.26
C VAL BA 19 -59.49 54.84 25.00
N SER BA 20 -60.13 53.68 25.06
CA SER BA 20 -59.38 52.45 24.87
C SER BA 20 -59.35 52.09 23.40
N SER BA 21 -58.75 50.94 23.10
CA SER BA 21 -58.37 50.62 21.74
C SER BA 21 -59.46 49.91 20.95
N SER BA 22 -60.18 48.98 21.57
CA SER BA 22 -61.17 48.20 20.83
C SER BA 22 -62.39 49.04 20.48
N VAL BA 23 -62.78 49.94 21.38
CA VAL BA 23 -63.89 50.85 21.08
C VAL BA 23 -63.49 51.83 19.98
N LEU BA 24 -62.22 52.24 19.97
CA LEU BA 24 -61.74 53.16 18.94
C LEU BA 24 -61.60 52.45 17.61
N LYS BA 25 -61.31 51.15 17.63
CA LYS BA 25 -61.20 50.37 16.41
C LYS BA 25 -62.58 50.06 15.84
N ALA BA 26 -63.54 49.74 16.71
CA ALA BA 26 -64.88 49.46 16.24
C ALA BA 26 -65.62 50.72 15.82
N ALA BA 27 -65.21 51.88 16.32
CA ALA BA 27 -65.85 53.14 15.96
C ALA BA 27 -65.08 53.88 14.87
N ALA BA 28 -64.55 53.15 13.90
CA ALA BA 28 -63.63 53.75 12.94
C ALA BA 28 -64.31 54.22 11.66
N HIS BA 29 -65.28 53.47 11.15
CA HIS BA 29 -65.77 53.71 9.79
C HIS BA 29 -66.66 54.94 9.73
N HIS BA 30 -67.62 55.05 10.65
CA HIS BA 30 -68.45 56.24 10.67
C HIS BA 30 -67.69 57.47 11.15
N TYR BA 31 -66.64 57.26 11.93
CA TYR BA 31 -65.69 58.33 12.21
C TYR BA 31 -64.95 58.76 10.94
N GLY BA 32 -64.73 57.82 10.02
CA GLY BA 32 -64.27 58.19 8.70
C GLY BA 32 -65.34 58.86 7.86
N ALA BA 33 -66.61 58.63 8.18
CA ALA BA 33 -67.70 59.21 7.39
C ALA BA 33 -67.98 60.65 7.79
N GLN BA 34 -68.42 60.87 9.03
CA GLN BA 34 -68.81 62.21 9.45
C GLN BA 34 -67.61 63.10 9.70
N CYS BA 35 -66.76 62.73 10.65
CA CYS BA 35 -65.48 63.42 10.84
C CYS BA 35 -64.48 62.91 9.82
N ASP BA 36 -63.19 63.20 10.07
CA ASP BA 36 -62.05 62.91 9.20
C ASP BA 36 -62.14 63.62 7.84
N LYS BA 37 -63.00 64.62 7.72
CA LYS BA 37 -62.91 65.54 6.59
C LYS BA 37 -61.88 66.65 6.84
N PRO BA 38 -61.81 67.34 7.99
CA PRO BA 38 -60.76 68.34 8.13
C PRO BA 38 -59.43 67.83 8.69
N ASN BA 39 -59.17 66.52 8.72
CA ASN BA 39 -57.85 66.08 9.14
C ASN BA 39 -56.94 65.72 7.98
N LYS BA 40 -57.45 65.73 6.75
CA LYS BA 40 -56.55 65.64 5.61
C LYS BA 40 -55.80 66.95 5.41
N GLU BA 41 -56.28 68.04 6.00
CA GLU BA 41 -55.43 69.18 6.28
C GLU BA 41 -54.18 68.76 7.05
N PHE BA 42 -54.37 67.99 8.13
CA PHE BA 42 -53.25 67.51 8.93
C PHE BA 42 -52.38 66.55 8.15
N MET BA 43 -53.00 65.70 7.33
CA MET BA 43 -52.23 64.74 6.55
C MET BA 43 -51.39 65.43 5.49
N LEU BA 44 -51.96 66.42 4.81
CA LEU BA 44 -51.22 67.16 3.81
C LEU BA 44 -50.15 68.04 4.46
N CYS BA 45 -50.39 68.53 5.67
CA CYS BA 45 -49.34 69.24 6.39
C CYS BA 45 -48.20 68.31 6.73
N ARG BA 46 -48.52 67.08 7.12
CA ARG BA 46 -47.48 66.13 7.49
C ARG BA 46 -46.71 65.63 6.28
N TRP BA 47 -47.34 65.62 5.11
CA TRP BA 47 -46.61 65.13 3.94
C TRP BA 47 -46.05 66.23 3.05
N GLU BA 48 -46.38 67.50 3.30
CA GLU BA 48 -45.68 68.61 2.66
C GLU BA 48 -44.57 69.16 3.51
N GLU BA 49 -44.68 69.06 4.83
CA GLU BA 49 -43.57 69.30 5.73
C GLU BA 49 -43.39 68.06 6.58
N LYS BA 50 -42.18 67.50 6.56
CA LYS BA 50 -41.89 66.32 7.37
C LYS BA 50 -41.54 66.71 8.82
N ASP BA 51 -42.33 67.58 9.43
CA ASP BA 51 -41.91 68.27 10.65
C ASP BA 51 -43.11 68.48 11.56
N PRO BA 52 -43.43 67.49 12.39
CA PRO BA 52 -44.20 67.79 13.58
C PRO BA 52 -43.32 68.58 14.53
N ARG BA 53 -43.98 69.33 15.42
CA ARG BA 53 -43.67 70.62 16.10
C ARG BA 53 -44.14 71.77 15.22
N ARG BA 54 -44.73 71.51 14.07
CA ARG BA 54 -45.29 72.57 13.24
C ARG BA 54 -46.76 72.38 12.93
N CYS BA 55 -47.20 71.15 12.63
CA CYS BA 55 -48.57 70.87 12.24
C CYS BA 55 -49.48 70.57 13.42
N LEU BA 56 -49.13 71.06 14.62
CA LEU BA 56 -49.80 70.63 15.84
C LEU BA 56 -51.15 71.31 16.06
N GLU BA 57 -51.41 72.44 15.41
CA GLU BA 57 -52.74 73.04 15.48
C GLU BA 57 -53.76 72.15 14.81
N GLU BA 58 -53.40 71.55 13.69
CA GLU BA 58 -54.29 70.59 13.04
C GLU BA 58 -54.37 69.26 13.80
N GLY BA 59 -53.35 68.92 14.58
CA GLY BA 59 -53.47 67.81 15.50
C GLY BA 59 -54.45 68.07 16.61
N LYS BA 60 -54.44 69.30 17.14
CA LYS BA 60 -55.47 69.70 18.10
C LYS BA 60 -56.84 69.73 17.46
N LEU BA 61 -56.90 70.06 16.17
CA LEU BA 61 -58.17 70.06 15.44
C LEU BA 61 -58.73 68.65 15.26
N VAL BA 62 -57.89 67.68 14.90
CA VAL BA 62 -58.41 66.32 14.76
C VAL BA 62 -58.72 65.72 16.13
N ASN BA 63 -58.01 66.15 17.16
CA ASN BA 63 -58.30 65.70 18.52
C ASN BA 63 -59.68 66.18 18.97
N GLN BA 64 -59.98 67.47 18.74
CA GLN BA 64 -61.30 67.96 19.12
C GLN BA 64 -62.39 67.42 18.20
N CYS BA 65 -62.08 67.11 16.93
CA CYS BA 65 -63.10 66.53 16.05
C CYS BA 65 -63.47 65.12 16.50
N ALA BA 66 -62.47 64.31 16.87
CA ALA BA 66 -62.75 62.96 17.34
C ALA BA 66 -63.48 62.97 18.68
N LEU BA 67 -63.12 63.91 19.56
CA LEU BA 67 -63.83 64.02 20.83
C LEU BA 67 -65.27 64.50 20.62
N GLU BA 68 -65.48 65.41 19.67
CA GLU BA 68 -66.84 65.87 19.35
C GLU BA 68 -67.66 64.74 18.74
N PHE BA 69 -67.03 63.91 17.90
CA PHE BA 69 -67.73 62.77 17.31
C PHE BA 69 -68.14 61.75 18.36
N PHE BA 70 -67.23 61.46 19.29
CA PHE BA 70 -67.59 60.50 20.34
C PHE BA 70 -68.57 61.10 21.34
N ARG BA 71 -68.56 62.42 21.52
CA ARG BA 71 -69.62 63.07 22.28
C ARG BA 71 -70.97 62.89 21.60
N GLN BA 72 -71.01 63.09 20.28
CA GLN BA 72 -72.27 63.00 19.54
C GLN BA 72 -72.79 61.56 19.52
N ILE BA 73 -71.88 60.59 19.43
CA ILE BA 73 -72.33 59.20 19.50
C ILE BA 73 -72.61 58.77 20.93
N LYS BA 74 -72.11 59.53 21.91
CA LYS BA 74 -72.37 59.23 23.31
C LYS BA 74 -73.76 59.70 23.73
N ARG BA 75 -74.18 60.86 23.23
CA ARG BA 75 -75.44 61.44 23.67
C ARG BA 75 -76.65 60.70 23.10
N HIS BA 76 -76.57 60.30 21.84
CA HIS BA 76 -77.72 59.69 21.17
C HIS BA 76 -77.58 58.16 21.15
N CYS BA 77 -78.44 57.52 20.37
CA CYS BA 77 -78.32 56.10 20.05
C CYS BA 77 -76.99 55.84 19.33
N ALA BA 78 -76.30 54.76 19.70
CA ALA BA 78 -76.75 53.74 20.63
C ALA BA 78 -75.98 53.72 21.94
N GLU BA 79 -76.70 53.34 22.98
CA GLU BA 79 -76.08 52.76 24.16
C GLU BA 79 -75.70 51.28 23.94
N PRO BA 80 -76.44 50.46 23.18
CA PRO BA 80 -75.88 49.16 22.75
C PRO BA 80 -74.70 49.24 21.78
N PHE BA 81 -74.21 50.42 21.42
CA PHE BA 81 -72.84 50.55 20.94
C PHE BA 81 -71.84 49.97 21.92
N THR BA 82 -72.10 50.16 23.23
CA THR BA 82 -71.28 49.55 24.26
C THR BA 82 -71.32 48.02 24.16
N GLU BA 83 -72.51 47.48 23.92
CA GLU BA 83 -72.67 46.04 23.73
C GLU BA 83 -71.94 45.57 22.48
N TYR BA 84 -71.93 46.40 21.43
CA TYR BA 84 -71.25 46.01 20.19
C TYR BA 84 -69.74 45.97 20.36
N TRP BA 85 -69.14 46.99 20.97
CA TRP BA 85 -67.69 46.91 21.10
C TRP BA 85 -67.27 45.92 22.18
N THR BA 86 -68.10 45.67 23.20
CA THR BA 86 -67.69 44.60 24.12
C THR BA 86 -67.98 43.22 23.55
N CYS BA 87 -68.81 43.13 22.52
CA CYS BA 87 -68.93 41.89 21.76
C CYS BA 87 -67.70 41.67 20.89
N ILE BA 88 -67.09 42.75 20.40
CA ILE BA 88 -65.94 42.60 19.54
C ILE BA 88 -64.61 42.66 20.31
N ASP BA 89 -64.65 42.98 21.60
CA ASP BA 89 -63.41 43.25 22.34
C ASP BA 89 -62.61 41.98 22.59
N TYR BA 90 -63.21 41.00 23.26
CA TYR BA 90 -62.46 39.85 23.75
C TYR BA 90 -62.16 38.81 22.69
N SER BA 91 -62.31 39.12 21.42
CA SER BA 91 -62.07 38.17 20.33
C SER BA 91 -60.66 38.26 19.77
N GLY BA 92 -59.64 38.24 20.63
CA GLY BA 92 -58.25 38.23 20.17
C GLY BA 92 -57.88 39.53 19.50
N LEU BA 93 -57.28 39.44 18.32
CA LEU BA 93 -57.20 40.61 17.46
C LEU BA 93 -58.57 40.79 16.81
N GLN BA 94 -59.02 42.03 16.73
CA GLN BA 94 -60.43 42.33 16.48
C GLN BA 94 -60.74 42.16 15.00
N LEU BA 95 -61.15 40.96 14.62
CA LEU BA 95 -61.76 40.76 13.32
C LEU BA 95 -63.14 41.42 13.32
N PHE BA 96 -63.47 42.08 12.22
CA PHE BA 96 -64.76 42.74 12.13
C PHE BA 96 -65.88 41.82 11.66
N ARG BA 97 -65.56 40.63 11.17
CA ARG BA 97 -66.54 39.61 10.84
C ARG BA 97 -67.01 38.82 12.06
N ARG BA 98 -66.51 39.16 13.24
CA ARG BA 98 -66.86 38.41 14.45
C ARG BA 98 -68.29 38.67 14.88
N CYS BA 99 -68.60 39.91 15.23
CA CYS BA 99 -69.90 40.27 15.77
C CYS BA 99 -70.61 41.07 14.69
N ARG BA 100 -71.22 40.35 13.75
CA ARG BA 100 -71.75 40.96 12.53
C ARG BA 100 -73.21 41.37 12.68
N LYS BA 101 -73.99 40.57 13.42
CA LYS BA 101 -75.40 40.89 13.62
C LYS BA 101 -75.56 42.15 14.45
N GLU BA 102 -74.74 42.31 15.50
CA GLU BA 102 -74.81 43.55 16.26
C GLU BA 102 -74.20 44.72 15.51
N GLN BA 103 -73.32 44.46 14.54
CA GLN BA 103 -72.87 45.51 13.63
C GLN BA 103 -74.03 46.00 12.79
N ALA BA 104 -74.86 45.08 12.32
CA ALA BA 104 -76.09 45.45 11.62
C ALA BA 104 -77.04 46.20 12.54
N GLN BA 105 -77.10 45.81 13.82
CA GLN BA 105 -77.96 46.50 14.77
C GLN BA 105 -77.52 47.94 15.00
N PHE BA 106 -76.21 48.15 15.16
CA PHE BA 106 -75.69 49.50 15.36
C PHE BA 106 -75.87 50.35 14.11
N ASP BA 107 -75.69 49.73 12.94
CA ASP BA 107 -75.93 50.45 11.69
C ASP BA 107 -77.40 50.84 11.55
N LYS BA 108 -78.32 49.96 11.94
CA LYS BA 108 -79.74 50.27 11.83
C LYS BA 108 -80.16 51.35 12.81
N CYS BA 109 -79.63 51.30 14.04
CA CYS BA 109 -79.77 52.41 15.00
C CYS BA 109 -79.33 53.74 14.42
N VAL BA 110 -78.06 53.81 13.98
CA VAL BA 110 -77.52 55.10 13.58
C VAL BA 110 -78.13 55.56 12.25
N LEU BA 111 -78.64 54.63 11.45
CA LEU BA 111 -79.22 55.01 10.17
C LEU BA 111 -80.64 55.51 10.36
N ASP BA 112 -81.50 54.74 11.04
CA ASP BA 112 -82.87 55.13 11.22
C ASP BA 112 -83.04 56.27 12.21
N LYS BA 113 -82.04 56.54 13.05
CA LYS BA 113 -82.16 57.59 14.05
C LYS BA 113 -81.23 58.76 13.83
N LEU BA 114 -80.14 58.60 13.09
CA LEU BA 114 -79.27 59.76 12.95
C LEU BA 114 -78.85 60.01 11.51
N GLY BA 115 -78.64 58.97 10.72
CA GLY BA 115 -78.10 59.12 9.37
C GLY BA 115 -76.84 58.31 9.19
N TRP BA 116 -75.79 58.91 8.60
CA TRP BA 116 -74.42 58.37 8.62
C TRP BA 116 -74.34 56.98 7.98
N VAL BA 117 -74.53 56.95 6.66
CA VAL BA 117 -74.36 55.71 5.92
C VAL BA 117 -72.92 55.20 6.09
N ARG BA 118 -72.79 53.90 6.30
CA ARG BA 118 -71.47 53.30 6.45
C ARG BA 118 -70.73 53.37 5.11
N PRO BA 119 -69.44 53.73 5.13
CA PRO BA 119 -68.67 53.75 3.88
C PRO BA 119 -68.49 52.33 3.34
N ASP BA 120 -69.05 52.09 2.16
CA ASP BA 120 -68.87 50.82 1.48
C ASP BA 120 -67.42 50.65 1.08
N LEU BA 121 -66.97 49.40 1.02
CA LEU BA 121 -65.67 49.13 0.45
C LEU BA 121 -65.72 49.38 -1.05
N GLY BA 122 -64.71 50.07 -1.59
CA GLY BA 122 -63.51 50.49 -0.89
C GLY BA 122 -63.32 51.96 -0.61
N GLU BA 123 -64.34 52.65 -0.10
CA GLU BA 123 -64.33 54.10 -0.05
C GLU BA 123 -63.47 54.69 1.08
N LEU BA 124 -62.75 53.89 1.85
CA LEU BA 124 -61.68 54.43 2.70
C LEU BA 124 -60.32 54.29 2.00
N SER BA 125 -60.32 54.77 0.76
CA SER BA 125 -59.21 54.67 -0.17
C SER BA 125 -59.45 55.77 -1.22
N LYS BA 126 -58.95 55.55 -2.45
CA LYS BA 126 -59.36 56.33 -3.61
C LYS BA 126 -58.97 57.79 -3.50
N VAL BA 127 -57.68 58.07 -3.73
CA VAL BA 127 -56.94 59.30 -3.43
C VAL BA 127 -57.75 60.59 -3.62
N THR BA 128 -57.74 61.43 -2.60
CA THR BA 128 -58.75 62.45 -2.38
C THR BA 128 -58.10 63.83 -2.36
N LYS BA 129 -58.73 64.79 -3.03
CA LYS BA 129 -58.22 66.15 -3.02
C LYS BA 129 -58.41 66.78 -1.65
N VAL BA 130 -57.60 67.79 -1.37
CA VAL BA 130 -57.74 68.59 -0.16
C VAL BA 130 -57.17 69.98 -0.43
N LYS BA 131 -57.95 71.00 -0.13
CA LYS BA 131 -57.47 72.37 -0.14
C LYS BA 131 -57.20 72.83 1.28
N THR BA 132 -56.21 73.71 1.44
CA THR BA 132 -55.83 74.25 2.73
C THR BA 132 -55.87 75.76 2.67
N ASP BA 133 -55.47 76.40 3.77
CA ASP BA 133 -55.33 77.85 3.83
C ASP BA 133 -53.87 78.27 3.69
N ARG BA 134 -52.95 77.50 4.27
CA ARG BA 134 -51.53 77.82 4.17
C ARG BA 134 -51.04 77.50 2.76
N PRO BA 135 -50.10 78.29 2.24
CA PRO BA 135 -49.51 77.96 0.94
C PRO BA 135 -48.50 76.83 1.09
N LEU BA 136 -48.35 76.06 0.01
CA LEU BA 136 -47.52 74.86 0.07
C LEU BA 136 -46.04 75.25 0.21
N PRO BA 137 -45.29 74.54 1.04
CA PRO BA 137 -43.91 74.95 1.32
C PRO BA 137 -42.98 74.63 0.16
N GLU BA 138 -41.82 75.27 0.19
CA GLU BA 138 -40.73 74.99 -0.72
C GLU BA 138 -39.52 74.57 0.08
N ASN BA 139 -38.67 73.75 -0.58
CA ASN BA 139 -37.43 73.07 -0.17
C ASN BA 139 -37.33 72.71 1.31
N PRO BA 140 -38.21 71.83 1.82
CA PRO BA 140 -38.13 71.47 3.24
C PRO BA 140 -36.88 70.70 3.59
N TYR BA 141 -36.25 70.07 2.60
CA TYR BA 141 -34.89 69.58 2.78
C TYR BA 141 -33.97 70.78 2.81
N HIS BA 142 -33.70 71.31 4.00
CA HIS BA 142 -32.94 72.55 4.12
C HIS BA 142 -31.48 72.32 3.81
N SER BA 143 -31.09 72.58 2.57
CA SER BA 143 -29.76 72.31 2.08
C SER BA 143 -29.21 73.55 1.38
N ARG BA 144 -27.97 73.45 0.94
CA ARG BA 144 -27.31 74.51 0.19
C ARG BA 144 -27.67 74.41 -1.28
N ALA BA 145 -26.99 75.18 -2.12
CA ALA BA 145 -27.19 75.11 -3.55
C ALA BA 145 -26.36 73.98 -4.16
N ARG BA 146 -26.75 73.56 -5.34
CA ARG BA 146 -26.02 72.53 -6.07
C ARG BA 146 -24.72 73.15 -6.55
N PRO BA 147 -23.56 72.72 -6.02
CA PRO BA 147 -22.37 73.59 -5.98
C PRO BA 147 -21.77 73.96 -7.34
N GLU BA 148 -21.44 72.97 -8.16
CA GLU BA 148 -20.82 73.26 -9.43
C GLU BA 148 -21.44 72.41 -10.52
N PRO BA 149 -21.74 73.01 -11.67
CA PRO BA 149 -22.03 72.21 -12.86
C PRO BA 149 -20.74 71.91 -13.63
N ASN BA 150 -20.71 70.73 -14.21
CA ASN BA 150 -19.65 70.38 -15.14
C ASN BA 150 -19.89 71.10 -16.46
N PRO BA 151 -18.90 71.83 -16.99
CA PRO BA 151 -19.04 72.35 -18.35
C PRO BA 151 -19.13 71.22 -19.37
N GLU BA 152 -20.28 71.16 -20.04
CA GLU BA 152 -20.56 70.08 -20.97
C GLU BA 152 -19.73 70.25 -22.23
N VAL BA 153 -18.94 69.24 -22.57
CA VAL BA 153 -18.02 69.32 -23.70
C VAL BA 153 -18.82 69.03 -24.98
N GLU BA 154 -18.91 70.02 -25.85
CA GLU BA 154 -19.55 69.86 -27.14
C GLU BA 154 -18.71 70.50 -28.23
N GLY BA 155 -19.26 70.63 -29.43
CA GLY BA 155 -18.52 71.17 -30.54
C GLY BA 155 -17.98 70.08 -31.43
N ASP BA 156 -18.00 70.34 -32.75
CA ASP BA 156 -17.54 69.36 -33.72
C ASP BA 156 -16.03 69.22 -33.66
N LEU BA 157 -15.57 67.98 -33.66
CA LEU BA 157 -14.20 67.64 -33.31
C LEU BA 157 -13.25 67.84 -34.48
N LYS BA 158 -12.11 68.45 -34.18
CA LYS BA 158 -11.02 68.55 -35.12
C LYS BA 158 -10.37 67.18 -35.28
N PRO BA 159 -9.62 66.95 -36.37
CA PRO BA 159 -8.77 65.75 -36.41
C PRO BA 159 -7.56 65.84 -35.49
N ALA BA 160 -6.70 64.83 -35.52
CA ALA BA 160 -5.57 64.76 -34.62
C ALA BA 160 -4.54 65.83 -34.95
N ARG BA 161 -3.97 66.43 -33.92
CA ARG BA 161 -2.97 67.49 -34.09
C ARG BA 161 -1.60 66.84 -34.20
N HIS BA 162 -1.09 66.76 -35.42
CA HIS BA 162 0.24 66.22 -35.75
C HIS BA 162 0.39 64.77 -35.32
N GLY BA 163 -0.70 64.00 -35.41
CA GLY BA 163 -0.63 62.58 -35.15
C GLY BA 163 -0.75 62.25 -33.67
N SER BA 164 -0.09 61.16 -33.29
CA SER BA 164 -0.16 60.64 -31.93
C SER BA 164 0.52 61.56 -30.91
N ARG BA 165 1.50 62.35 -31.36
CA ARG BA 165 2.35 63.20 -30.52
C ARG BA 165 3.07 62.39 -29.43
N LEU BA 166 3.33 61.13 -29.72
CA LEU BA 166 4.16 60.28 -28.88
C LEU BA 166 5.61 60.51 -29.33
N PHE BA 167 6.53 59.60 -28.96
CA PHE BA 167 7.91 59.67 -29.41
C PHE BA 167 8.00 59.70 -30.92
N PHE BA 168 7.59 58.62 -31.56
CA PHE BA 168 7.53 58.58 -33.00
C PHE BA 168 6.34 57.71 -33.37
N TRP BA 169 6.34 57.18 -34.60
CA TRP BA 169 5.15 56.78 -35.35
C TRP BA 169 4.23 58.00 -35.52
N THR BA 170 4.81 59.03 -36.11
CA THR BA 170 4.05 60.21 -36.49
C THR BA 170 3.10 59.86 -37.63
N MET BA 171 1.98 60.59 -37.69
CA MET BA 171 0.83 60.34 -38.57
C MET BA 171 0.29 58.91 -38.42
N SER CA 3 44.19 82.59 -62.02
CA SER CA 3 44.77 83.85 -61.54
C SER CA 3 44.19 84.21 -60.18
N TRP CA 4 44.58 85.37 -59.67
CA TRP CA 4 44.10 85.82 -58.36
C TRP CA 4 44.02 87.35 -58.37
N ASP CA 5 43.64 87.90 -57.23
CA ASP CA 5 43.67 89.34 -57.02
C ASP CA 5 44.99 89.71 -56.35
N LYS CA 6 45.81 90.46 -57.06
CA LYS CA 6 47.10 90.89 -56.51
C LYS CA 6 46.94 91.97 -55.45
N ASP CA 7 45.75 92.57 -55.35
CA ASP CA 7 45.48 93.49 -54.25
C ASP CA 7 45.45 92.74 -52.92
N VAL CA 8 44.77 91.59 -52.89
CA VAL CA 8 44.66 90.83 -51.65
C VAL CA 8 45.85 89.89 -51.47
N TYR CA 9 46.59 89.60 -52.54
CA TYR CA 9 47.83 88.85 -52.48
C TYR CA 9 48.93 89.76 -52.99
N PRO CA 10 49.48 90.62 -52.14
CA PRO CA 10 50.47 91.58 -52.62
C PRO CA 10 51.81 90.90 -52.89
N GLU CA 11 52.56 91.51 -53.80
CA GLU CA 11 53.92 91.07 -54.07
C GLU CA 11 54.85 92.25 -53.95
N PRO CA 12 56.05 92.05 -53.40
CA PRO CA 12 57.07 93.10 -53.44
C PRO CA 12 57.54 93.34 -54.86
N PRO CA 13 58.04 94.54 -55.15
CA PRO CA 13 58.54 94.81 -56.52
C PRO CA 13 59.76 93.98 -56.83
N ARG CA 14 59.83 93.52 -58.08
CA ARG CA 14 60.85 92.56 -58.49
C ARG CA 14 62.22 93.22 -58.60
N ARG CA 15 63.26 92.44 -58.32
CA ARG CA 15 64.64 92.91 -58.32
C ARG CA 15 65.51 91.81 -58.92
N THR CA 16 66.16 92.09 -60.05
CA THR CA 16 66.99 91.08 -60.69
C THR CA 16 68.25 91.68 -61.29
N PRO CA 17 69.43 91.19 -60.91
CA PRO CA 17 70.66 91.68 -61.54
C PRO CA 17 71.06 90.85 -62.76
N ALA CA 18 72.15 91.21 -63.43
CA ALA CA 18 72.67 90.46 -64.56
C ALA CA 18 74.11 90.07 -64.29
N PRO CA 19 74.45 88.77 -64.28
CA PRO CA 19 75.84 88.37 -64.02
C PRO CA 19 76.75 88.73 -65.18
N SER CA 20 77.92 89.25 -64.84
CA SER CA 20 78.89 89.74 -65.84
C SER CA 20 80.24 89.06 -65.66
N PRO CA 21 80.43 87.88 -66.23
CA PRO CA 21 81.78 87.33 -66.35
C PRO CA 21 82.58 88.11 -67.38
N GLN CA 22 83.83 88.54 -67.07
CA GLN CA 22 84.81 88.25 -65.98
C GLN CA 22 85.16 86.78 -65.71
N THR CA 23 84.89 85.91 -66.67
CA THR CA 23 85.49 84.58 -66.72
C THR CA 23 85.88 84.27 -68.15
N SER CA 24 86.76 83.29 -68.32
CA SER CA 24 86.83 82.54 -69.56
C SER CA 24 86.93 81.05 -69.24
N LEU CA 25 85.81 80.44 -68.84
CA LEU CA 25 85.63 79.01 -69.08
C LEU CA 25 84.93 78.79 -70.43
N PRO CA 26 83.80 79.46 -70.74
CA PRO CA 26 82.74 80.20 -70.04
C PRO CA 26 81.39 79.46 -69.92
N ASN CA 27 80.65 79.74 -68.83
CA ASN CA 27 79.20 79.63 -68.64
C ASN CA 27 78.54 78.36 -69.16
N PRO CA 28 78.68 77.22 -68.47
CA PRO CA 28 77.99 76.01 -68.94
C PRO CA 28 76.50 76.01 -68.69
N ILE CA 29 76.06 76.62 -67.59
CA ILE CA 29 74.65 76.56 -67.21
C ILE CA 29 73.79 77.40 -68.12
N THR CA 30 74.37 78.43 -68.76
CA THR CA 30 73.62 79.20 -69.75
C THR CA 30 73.35 78.38 -71.00
N TYR CA 31 74.37 77.64 -71.47
CA TYR CA 31 74.21 76.67 -72.54
C TYR CA 31 73.15 75.64 -72.20
N LEU CA 32 73.17 75.16 -70.95
CA LEU CA 32 72.22 74.14 -70.53
C LEU CA 32 70.81 74.69 -70.43
N THR CA 33 70.64 75.94 -69.97
CA THR CA 33 69.29 76.46 -69.85
C THR CA 33 68.72 76.87 -71.21
N LYS CA 34 69.58 77.25 -72.17
CA LYS CA 34 69.07 77.49 -73.52
C LYS CA 34 68.65 76.19 -74.18
N ALA CA 35 69.45 75.13 -74.02
CA ALA CA 35 69.05 73.82 -74.55
C ALA CA 35 67.82 73.28 -73.83
N PHE CA 36 67.67 73.58 -72.54
CA PHE CA 36 66.49 73.18 -71.79
C PHE CA 36 65.24 73.86 -72.32
N ASP CA 37 65.32 75.18 -72.56
CA ASP CA 37 64.18 75.90 -73.08
C ASP CA 37 63.79 75.40 -74.47
N LEU CA 38 64.79 75.20 -75.33
CA LEU CA 38 64.49 74.76 -76.69
C LEU CA 38 63.99 73.31 -76.74
N LEU CA 39 64.41 72.47 -75.80
CA LEU CA 39 64.05 71.06 -75.87
C LEU CA 39 62.98 70.63 -74.87
N VAL CA 40 62.49 71.54 -74.03
CA VAL CA 40 61.40 71.24 -73.11
C VAL CA 40 60.24 72.21 -73.28
N ASP CA 41 60.55 73.52 -73.36
CA ASP CA 41 59.49 74.51 -73.25
C ASP CA 41 58.67 74.64 -74.53
N ARG CA 42 59.22 74.20 -75.67
CA ARG CA 42 58.47 74.32 -76.92
C ARG CA 42 57.30 73.32 -77.04
N PRO CA 43 57.47 71.99 -76.85
CA PRO CA 43 56.32 71.11 -77.08
C PRO CA 43 55.21 71.26 -76.05
N VAL CA 44 55.53 71.60 -74.80
CA VAL CA 44 54.51 71.84 -73.80
C VAL CA 44 53.72 73.10 -74.15
N THR CA 45 54.39 74.09 -74.75
CA THR CA 45 53.69 75.29 -75.21
C THR CA 45 52.73 74.96 -76.35
N LEU CA 46 53.17 74.13 -77.31
CA LEU CA 46 52.29 73.76 -78.42
C LEU CA 46 51.11 72.92 -77.94
N VAL CA 47 51.34 72.01 -76.99
CA VAL CA 47 50.27 71.18 -76.46
C VAL CA 47 49.29 72.01 -75.66
N ARG CA 48 49.79 73.01 -74.92
CA ARG CA 48 48.90 73.89 -74.17
C ARG CA 48 48.07 74.76 -75.09
N GLU CA 49 48.65 75.18 -76.22
CA GLU CA 49 47.88 75.88 -77.24
C GLU CA 49 46.76 75.01 -77.79
N PHE CA 50 47.06 73.75 -78.07
CA PHE CA 50 46.06 72.79 -78.54
C PHE CA 50 44.93 72.61 -77.53
N ILE CA 51 45.29 72.41 -76.27
CA ILE CA 51 44.26 72.17 -75.25
C ILE CA 51 43.48 73.45 -74.95
N GLU CA 52 44.10 74.61 -75.10
CA GLU CA 52 43.37 75.87 -74.92
C GLU CA 52 42.36 76.08 -76.03
N ARG CA 53 42.69 75.75 -77.27
CA ARG CA 53 41.69 75.81 -78.33
C ARG CA 53 40.57 74.81 -78.09
N GLN CA 54 40.93 73.58 -77.70
CA GLN CA 54 39.93 72.54 -77.48
C GLN CA 54 39.02 72.84 -76.30
N HIS CA 55 39.46 73.64 -75.33
CA HIS CA 55 38.54 74.03 -74.26
C HIS CA 55 37.83 75.35 -74.53
N ALA CA 56 38.42 76.25 -75.31
CA ALA CA 56 37.76 77.51 -75.63
C ALA CA 56 36.85 77.41 -76.83
N LYS CA 57 36.67 76.21 -77.41
CA LYS CA 57 35.68 76.05 -78.47
C LYS CA 57 34.26 76.27 -77.95
N ASN CA 58 33.98 75.87 -76.70
CA ASN CA 58 32.72 76.18 -76.05
C ASN CA 58 32.98 76.65 -74.62
N LYS CA 59 32.04 77.43 -74.08
CA LYS CA 59 32.28 78.16 -72.84
C LYS CA 59 31.37 77.66 -71.73
N TYR CA 60 31.96 77.40 -70.57
CA TYR CA 60 31.23 77.18 -69.33
C TYR CA 60 31.46 78.35 -68.40
N TYR CA 61 30.76 78.33 -67.26
CA TYR CA 61 30.97 79.30 -66.19
C TYR CA 61 30.65 78.63 -64.87
N TYR CA 62 31.41 79.00 -63.84
CA TYR CA 62 31.01 78.69 -62.48
C TYR CA 62 30.87 80.00 -61.72
N TYR CA 63 29.74 80.17 -61.07
CA TYR CA 63 29.44 81.41 -60.38
C TYR CA 63 29.95 81.32 -58.96
N HIS CA 64 30.51 82.42 -58.45
CA HIS CA 64 30.77 82.51 -57.03
C HIS CA 64 29.44 82.59 -56.31
N ARG CA 65 29.19 81.65 -55.41
CA ARG CA 65 27.96 81.64 -54.65
C ARG CA 65 27.93 82.81 -53.68
N GLU CA 66 26.81 83.51 -53.63
CA GLU CA 66 26.63 84.63 -52.74
C GLU CA 66 25.33 84.45 -51.96
N PHE CA 67 25.35 84.86 -50.69
CA PHE CA 67 24.20 84.76 -49.81
C PHE CA 67 23.76 86.13 -49.34
N ARG CA 68 22.55 86.17 -48.79
CA ARG CA 68 21.97 87.39 -48.25
C ARG CA 68 22.40 87.55 -46.79
N ARG CA 69 21.75 88.45 -46.07
CA ARG CA 69 22.05 88.70 -44.66
C ARG CA 69 20.76 88.61 -43.84
N VAL CA 70 20.43 87.43 -43.35
CA VAL CA 70 19.40 87.32 -42.34
C VAL CA 70 19.92 87.93 -41.04
N PRO CA 71 19.06 88.60 -40.21
CA PRO CA 71 19.58 89.68 -39.34
C PRO CA 71 20.61 89.35 -38.27
N ASP CA 72 20.27 88.55 -37.25
CA ASP CA 72 21.10 88.42 -36.06
C ASP CA 72 20.45 87.39 -35.14
N ILE CA 73 21.21 86.96 -34.13
CA ILE CA 73 20.64 86.24 -33.00
C ILE CA 73 20.02 87.22 -32.00
N THR CA 74 20.51 88.46 -31.94
CA THR CA 74 20.00 89.43 -30.98
C THR CA 74 18.60 89.90 -31.34
N GLU CA 75 18.14 89.66 -32.57
CA GLU CA 75 16.77 89.95 -32.95
C GLU CA 75 15.95 88.66 -33.04
N CYS CA 76 16.20 87.72 -32.15
CA CYS CA 76 15.44 86.48 -32.07
C CYS CA 76 14.84 86.32 -30.68
N HIS CA 77 13.69 85.67 -30.63
CA HIS CA 77 12.85 85.59 -29.44
C HIS CA 77 13.28 84.42 -28.56
N GLU CA 78 12.39 84.00 -27.65
CA GLU CA 78 12.75 83.07 -26.56
C GLU CA 78 13.19 81.71 -27.07
N LYS CA 79 12.28 80.96 -27.69
CA LYS CA 79 12.60 79.61 -28.12
C LYS CA 79 12.52 79.44 -29.63
N ASP CA 80 11.34 79.66 -30.23
CA ASP CA 80 11.08 80.26 -31.56
C ASP CA 80 12.14 80.01 -32.63
N VAL CA 81 12.31 78.74 -32.98
CA VAL CA 81 13.47 78.22 -33.71
C VAL CA 81 13.66 78.89 -35.06
N LEU CA 82 12.56 79.29 -35.71
CA LEU CA 82 12.57 79.79 -37.09
C LEU CA 82 13.33 81.10 -37.26
N CYS CA 83 13.66 81.81 -36.19
CA CYS CA 83 14.63 82.90 -36.26
C CYS CA 83 16.04 82.41 -35.99
N MET CA 84 16.17 81.52 -35.00
CA MET CA 84 17.47 81.06 -34.55
C MET CA 84 18.17 80.23 -35.60
N PHE CA 85 17.41 79.54 -36.43
CA PHE CA 85 18.02 78.69 -37.45
C PHE CA 85 18.76 79.53 -38.49
N GLU CA 86 18.07 80.53 -39.05
CA GLU CA 86 18.70 81.48 -39.96
C GLU CA 86 19.86 82.21 -39.30
N ALA CA 87 19.67 82.62 -38.04
CA ALA CA 87 20.71 83.37 -37.34
C ALA CA 87 21.97 82.55 -37.14
N GLU CA 88 21.82 81.30 -36.73
CA GLU CA 88 23.00 80.50 -36.45
C GLU CA 88 23.68 80.00 -37.71
N MET CA 89 22.93 79.76 -38.79
CA MET CA 89 23.64 79.37 -40.01
C MET CA 89 24.36 80.57 -40.62
N GLN CA 90 23.81 81.77 -40.46
CA GLN CA 90 24.51 82.98 -40.87
C GLN CA 90 25.78 83.16 -40.06
N TRP CA 91 25.70 82.93 -38.74
CA TRP CA 91 26.87 83.06 -37.90
C TRP CA 91 27.93 82.00 -38.20
N LYS CA 92 27.49 80.78 -38.52
CA LYS CA 92 28.46 79.72 -38.78
C LYS CA 92 29.16 79.92 -40.13
N ARG CA 93 28.45 80.48 -41.11
CA ARG CA 93 29.14 80.81 -42.35
C ARG CA 93 30.12 81.95 -42.17
N ASP CA 94 29.78 82.93 -41.30
CA ASP CA 94 30.79 83.91 -40.93
C ASP CA 94 31.97 83.29 -40.21
N TYR CA 95 31.74 82.24 -39.43
CA TYR CA 95 32.82 81.58 -38.71
C TYR CA 95 33.78 80.89 -39.67
N LYS CA 96 33.24 80.22 -40.70
CA LYS CA 96 34.10 79.54 -41.66
C LYS CA 96 34.88 80.53 -42.51
N VAL CA 97 34.22 81.60 -42.98
CA VAL CA 97 34.94 82.57 -43.79
C VAL CA 97 35.95 83.34 -42.95
N ASP CA 98 35.74 83.43 -41.63
CA ASP CA 98 36.69 84.12 -40.77
C ASP CA 98 37.94 83.27 -40.55
N GLN CA 99 37.75 81.95 -40.37
CA GLN CA 99 38.90 81.04 -40.34
C GLN CA 99 39.71 81.12 -41.63
N GLU CA 100 39.05 81.22 -42.77
CA GLU CA 100 39.82 81.28 -44.01
C GLU CA 100 40.52 82.63 -44.18
N ILE CA 101 39.97 83.71 -43.60
CA ILE CA 101 40.70 84.97 -43.53
C ILE CA 101 42.00 84.81 -42.74
N VAL CA 102 41.94 84.09 -41.62
CA VAL CA 102 43.15 83.82 -40.83
C VAL CA 102 44.15 82.99 -41.63
N ASN CA 103 43.65 82.03 -42.41
CA ASN CA 103 44.51 81.26 -43.31
C ASN CA 103 45.22 82.14 -44.32
N ILE CA 104 44.51 83.12 -44.88
CA ILE CA 104 45.11 84.00 -45.89
C ILE CA 104 46.18 84.89 -45.26
N ILE CA 105 45.94 85.39 -44.04
CA ILE CA 105 46.95 86.20 -43.36
C ILE CA 105 48.20 85.37 -43.06
N GLN CA 106 48.02 84.10 -42.67
CA GLN CA 106 49.19 83.28 -42.39
C GLN CA 106 49.96 82.91 -43.66
N GLU CA 107 49.26 82.75 -44.79
CA GLU CA 107 49.96 82.52 -46.05
C GLU CA 107 50.77 83.74 -46.48
N ARG CA 108 50.22 84.95 -46.22
CA ARG CA 108 51.00 86.17 -46.45
C ARG CA 108 52.25 86.20 -45.57
N LEU CA 109 52.11 85.74 -44.32
CA LEU CA 109 53.25 85.75 -43.40
C LEU CA 109 54.35 84.78 -43.86
N LYS CA 110 53.94 83.61 -44.37
CA LYS CA 110 54.92 82.67 -44.90
C LYS CA 110 55.61 83.22 -46.15
N ALA CA 111 54.85 83.88 -47.02
CA ALA CA 111 55.45 84.48 -48.21
C ALA CA 111 56.41 85.60 -47.86
N CYS CA 112 56.11 86.36 -46.79
CA CYS CA 112 57.01 87.42 -46.37
C CYS CA 112 58.27 86.85 -45.74
N GLN CA 113 58.14 85.73 -45.02
CA GLN CA 113 59.32 85.06 -44.47
C GLN CA 113 60.23 84.55 -45.56
N GLN CA 114 59.66 83.96 -46.61
CA GLN CA 114 60.54 83.39 -47.62
C GLN CA 114 61.15 84.45 -48.53
N ARG CA 115 60.37 85.45 -48.95
CA ARG CA 115 60.88 86.41 -49.92
C ARG CA 115 61.84 87.42 -49.30
N GLU CA 116 61.67 87.78 -48.03
CA GLU CA 116 62.56 88.76 -47.44
C GLU CA 116 63.90 88.17 -47.01
N GLY CA 117 64.06 86.86 -47.07
CA GLY CA 117 65.36 86.26 -46.84
C GLY CA 117 65.79 86.27 -45.39
N GLU CA 118 67.10 86.12 -45.20
CA GLU CA 118 67.69 85.90 -43.88
C GLU CA 118 67.71 87.15 -43.02
N SER CA 119 67.42 88.32 -43.57
CA SER CA 119 67.08 89.48 -42.76
C SER CA 119 65.60 89.35 -42.44
N HIS CA 120 65.32 88.78 -41.26
CA HIS CA 120 63.93 88.48 -40.90
C HIS CA 120 63.14 89.74 -40.61
N ARG CA 121 63.67 90.62 -39.78
CA ARG CA 121 62.89 91.72 -39.24
C ARG CA 121 62.90 92.95 -40.12
N GLN CA 122 63.11 92.78 -41.42
CA GLN CA 122 63.08 93.87 -42.36
C GLN CA 122 61.89 93.67 -43.28
N ASN CA 123 60.98 94.64 -43.26
CA ASN CA 123 59.86 94.80 -44.19
C ASN CA 123 58.82 93.69 -44.08
N CYS CA 124 58.83 92.93 -42.98
CA CYS CA 124 57.70 92.09 -42.60
C CYS CA 124 56.99 92.62 -41.37
N ALA CA 125 57.52 93.67 -40.74
CA ALA CA 125 57.04 94.10 -39.43
C ALA CA 125 55.65 94.70 -39.51
N LYS CA 126 55.26 95.26 -40.65
CA LYS CA 126 53.90 95.73 -40.80
C LYS CA 126 52.95 94.55 -40.99
N GLU CA 127 53.38 93.53 -41.71
CA GLU CA 127 52.55 92.34 -41.87
C GLU CA 127 52.52 91.53 -40.58
N LEU CA 128 53.62 91.49 -39.84
CA LEU CA 128 53.61 90.91 -38.51
C LEU CA 128 52.70 91.69 -37.57
N GLN CA 129 52.67 93.02 -37.73
CA GLN CA 129 51.82 93.88 -36.91
C GLN CA 129 50.36 93.59 -37.17
N GLN CA 130 49.97 93.50 -38.44
CA GLN CA 130 48.57 93.21 -38.73
C GLN CA 130 48.20 91.77 -38.40
N PHE CA 131 49.18 90.85 -38.43
CA PHE CA 131 48.92 89.48 -38.00
C PHE CA 131 48.64 89.43 -36.51
N THR CA 132 49.44 90.12 -35.70
CA THR CA 132 49.18 90.18 -34.26
C THR CA 132 47.88 90.89 -33.94
N GLN CA 133 47.51 91.89 -34.74
CA GLN CA 133 46.22 92.58 -34.56
C GLN CA 133 45.05 91.63 -34.83
N VAL CA 134 45.05 90.97 -35.98
CA VAL CA 134 43.93 90.10 -36.33
C VAL CA 134 43.90 88.88 -35.42
N VAL CA 135 45.04 88.43 -34.91
CA VAL CA 135 45.00 87.26 -34.07
C VAL CA 135 44.68 87.64 -32.63
N LYS CA 136 44.90 88.89 -32.24
CA LYS CA 136 44.37 89.36 -30.98
C LYS CA 136 42.85 89.42 -31.02
N ALA CA 137 42.31 89.85 -32.17
CA ALA CA 137 40.86 89.83 -32.37
C ALA CA 137 40.31 88.40 -32.31
N TYR CA 138 40.98 87.46 -32.96
CA TYR CA 138 40.48 86.08 -33.01
C TYR CA 138 40.57 85.39 -31.66
N GLN CA 139 41.69 85.61 -30.96
CA GLN CA 139 41.87 85.10 -29.60
C GLN CA 139 40.84 85.68 -28.65
N ASP CA 140 40.52 86.97 -28.80
CA ASP CA 140 39.50 87.55 -27.93
C ASP CA 140 38.10 87.06 -28.28
N ARG CA 141 37.86 86.66 -29.52
CA ARG CA 141 36.48 86.49 -29.93
C ARG CA 141 36.03 85.04 -30.04
N TYR CA 142 36.81 84.16 -30.68
CA TYR CA 142 36.31 82.82 -31.00
C TYR CA 142 37.04 81.71 -30.28
N HIS CA 143 37.91 82.01 -29.32
CA HIS CA 143 38.85 80.98 -28.87
C HIS CA 143 38.25 80.02 -27.86
N ASP CA 144 37.93 80.51 -26.66
CA ASP CA 144 37.74 79.61 -25.53
C ASP CA 144 36.27 79.24 -25.35
N LEU CA 145 35.62 78.81 -26.44
CA LEU CA 145 34.25 78.32 -26.38
C LEU CA 145 34.14 76.80 -26.41
N GLY CA 146 35.15 76.10 -26.92
CA GLY CA 146 35.11 74.66 -26.89
C GLY CA 146 34.53 74.04 -28.15
N ALA CA 147 33.82 72.93 -28.00
CA ALA CA 147 33.37 72.12 -29.12
C ALA CA 147 31.93 72.43 -29.54
N HIS CA 148 30.99 72.41 -28.61
CA HIS CA 148 29.59 72.63 -28.96
C HIS CA 148 29.25 74.11 -28.93
N TYR CA 149 29.89 74.85 -29.82
CA TYR CA 149 29.49 76.21 -30.09
C TYR CA 149 28.31 76.19 -31.05
N SER CA 150 27.26 76.93 -30.71
CA SER CA 150 26.14 77.02 -31.65
C SER CA 150 25.97 78.45 -32.13
N ALA CA 151 25.51 79.38 -31.29
CA ALA CA 151 25.86 80.80 -31.40
C ALA CA 151 25.82 81.41 -30.00
N ARG CA 152 25.18 80.70 -29.09
CA ARG CA 152 24.74 81.29 -27.84
C ARG CA 152 25.89 81.46 -26.86
N LYS CA 153 26.84 80.54 -26.88
CA LYS CA 153 28.05 80.69 -26.08
C LYS CA 153 28.90 81.84 -26.59
N CYS CA 154 28.86 82.11 -27.90
CA CYS CA 154 29.59 83.25 -28.45
C CYS CA 154 29.02 84.56 -27.92
N LEU CA 155 27.69 84.69 -27.89
CA LEU CA 155 27.08 85.89 -27.34
C LEU CA 155 27.27 85.98 -25.84
N ALA CA 156 27.33 84.84 -25.15
CA ALA CA 156 27.59 84.87 -23.71
C ALA CA 156 29.00 85.36 -23.43
N LYS CA 157 29.98 84.90 -24.24
CA LYS CA 157 31.35 85.39 -24.14
C LYS CA 157 31.42 86.88 -24.43
N GLN CA 158 30.64 87.33 -25.42
CA GLN CA 158 30.59 88.74 -25.79
C GLN CA 158 30.10 89.60 -24.63
N LYS CA 159 28.95 89.22 -24.05
CA LYS CA 159 28.37 89.97 -22.95
C LYS CA 159 29.28 89.97 -21.74
N GLN CA 160 29.84 88.80 -21.40
CA GLN CA 160 30.68 88.69 -20.21
C GLN CA 160 31.98 89.48 -20.38
N ARG CA 161 32.53 89.47 -21.60
CA ARG CA 161 33.75 90.22 -21.87
C ARG CA 161 33.53 91.72 -21.78
N MET CA 162 32.48 92.23 -22.42
CA MET CA 162 32.29 93.68 -22.37
C MET CA 162 31.80 94.14 -21.00
N LEU CA 163 31.14 93.27 -20.23
CA LEU CA 163 30.78 93.66 -18.87
C LEU CA 163 32.01 93.70 -17.98
N ALA CA 164 32.94 92.76 -18.17
CA ALA CA 164 34.20 92.79 -17.44
C ALA CA 164 35.02 94.02 -17.79
N GLU CA 165 35.05 94.39 -19.07
CA GLU CA 165 35.77 95.60 -19.46
C GLU CA 165 35.07 96.86 -18.96
N ARG CA 166 33.74 96.85 -18.87
CA ARG CA 166 33.02 97.99 -18.31
C ARG CA 166 33.33 98.17 -16.83
N LYS CA 167 33.36 97.07 -16.09
CA LYS CA 167 33.73 97.13 -14.68
C LYS CA 167 35.19 97.55 -14.51
N ALA CA 168 36.06 97.13 -15.44
CA ALA CA 168 37.46 97.50 -15.36
C ALA CA 168 37.66 99.00 -15.61
N THR CA 169 36.99 99.56 -16.63
CA THR CA 169 37.14 100.99 -16.86
C THR CA 169 36.37 101.83 -15.85
N LYS CA 170 35.32 101.29 -15.23
CA LYS CA 170 34.64 101.99 -14.15
C LYS CA 170 35.54 102.07 -12.92
N GLU CA 171 36.26 100.98 -12.62
CA GLU CA 171 37.20 101.00 -11.51
C GLU CA 171 38.44 101.83 -11.82
N ALA CA 172 38.85 101.87 -13.08
CA ALA CA 172 40.02 102.67 -13.43
C ALA CA 172 39.71 104.15 -13.42
N ALA CA 173 38.47 104.55 -13.74
CA ALA CA 173 38.11 105.95 -13.73
C ALA CA 173 37.93 106.46 -12.30
N LEU DA 1 -9.50 14.18 -39.47
CA LEU DA 1 -10.25 13.17 -38.73
C LEU DA 1 -11.48 13.78 -38.06
N GLN DA 2 -12.59 13.05 -38.13
CA GLN DA 2 -13.87 13.54 -37.64
C GLN DA 2 -14.07 12.97 -36.23
N TYR DA 3 -13.43 13.61 -35.26
CA TYR DA 3 -13.44 13.13 -33.89
C TYR DA 3 -13.47 14.34 -32.96
N GLY DA 4 -13.13 14.11 -31.69
CA GLY DA 4 -13.22 15.11 -30.68
C GLY DA 4 -14.54 15.00 -29.96
N PRO DA 5 -15.05 16.11 -29.45
CA PRO DA 5 -16.39 16.09 -28.84
C PRO DA 5 -17.50 15.92 -29.87
N LEU DA 6 -17.31 16.48 -31.07
CA LEU DA 6 -18.41 16.64 -32.02
C LEU DA 6 -18.87 15.30 -32.58
N ALA DA 7 -17.94 14.36 -32.78
CA ALA DA 7 -18.32 13.02 -33.19
C ALA DA 7 -19.09 12.30 -32.08
N TYR DA 8 -18.70 12.54 -30.82
CA TYR DA 8 -19.39 11.93 -29.70
C TYR DA 8 -20.76 12.57 -29.45
N ILE DA 9 -21.01 13.75 -30.00
CA ILE DA 9 -22.34 14.34 -29.85
C ILE DA 9 -23.23 14.02 -31.04
N LEU DA 10 -22.69 14.00 -32.26
CA LEU DA 10 -23.47 13.57 -33.42
C LEU DA 10 -23.78 12.08 -33.35
N GLY DA 11 -22.75 11.25 -33.38
CA GLY DA 11 -22.94 9.84 -33.11
C GLY DA 11 -23.20 9.64 -31.62
N GLU DA 12 -24.15 8.75 -31.32
CA GLU DA 12 -24.66 8.58 -29.96
C GLU DA 12 -23.59 8.08 -29.00
N LYS DA 13 -23.07 6.88 -29.21
CA LYS DA 13 -22.07 6.29 -28.34
C LYS DA 13 -21.03 5.56 -29.21
N THR DA 14 -20.20 4.75 -28.56
CA THR DA 14 -19.24 3.90 -29.25
C THR DA 14 -19.24 2.48 -28.73
N THR DA 15 -20.05 2.17 -27.72
CA THR DA 15 -20.11 0.84 -27.13
C THR DA 15 -20.87 -0.13 -28.03
N LYS DA 16 -21.61 0.37 -29.01
CA LYS DA 16 -22.53 -0.44 -29.80
C LYS DA 16 -21.85 -1.37 -30.80
N LYS DA 17 -20.53 -1.35 -30.92
CA LYS DA 17 -19.82 -2.37 -31.71
C LYS DA 17 -19.28 -3.48 -30.81
N MET DA 18 -20.20 -4.07 -30.04
CA MET DA 18 -19.93 -5.10 -29.05
C MET DA 18 -21.14 -6.02 -29.03
N THR DA 19 -20.97 -7.32 -28.75
CA THR DA 19 -19.77 -8.04 -28.34
C THR DA 19 -19.81 -9.47 -28.88
N GLU DA 20 -19.02 -10.36 -28.25
CA GLU DA 20 -18.84 -11.80 -28.44
C GLU DA 20 -18.00 -12.11 -29.67
N ASN DA 21 -17.67 -11.15 -30.48
CA ASN DA 21 -16.61 -11.29 -31.46
C ASN DA 21 -15.62 -10.15 -31.36
N SER DA 22 -16.09 -8.94 -31.03
CA SER DA 22 -15.21 -7.81 -30.74
C SER DA 22 -14.53 -8.07 -29.41
N LYS DA 23 -13.32 -8.61 -29.45
CA LYS DA 23 -12.59 -9.01 -28.27
C LYS DA 23 -11.11 -9.03 -28.61
N LEU DA 24 -10.29 -9.11 -27.56
CA LEU DA 24 -8.84 -9.18 -27.69
C LEU DA 24 -8.39 -10.58 -27.30
N ILE DA 25 -8.07 -11.39 -28.30
CA ILE DA 25 -7.47 -12.69 -28.02
C ILE DA 25 -5.99 -12.56 -28.31
N THR DA 26 -5.17 -13.18 -27.47
CA THR DA 26 -3.72 -12.98 -27.56
C THR DA 26 -3.01 -14.29 -27.33
N VAL DA 27 -2.30 -14.77 -28.33
CA VAL DA 27 -1.54 -16.01 -28.24
C VAL DA 27 -0.14 -15.65 -27.75
N ASP DA 28 0.18 -16.06 -26.53
CA ASP DA 28 1.53 -15.94 -26.01
C ASP DA 28 2.22 -17.29 -26.07
N GLY DA 29 3.42 -17.32 -26.61
CA GLY DA 29 4.17 -18.56 -26.71
C GLY DA 29 5.65 -18.30 -26.69
N ASN DA 30 6.41 -19.39 -26.59
CA ASN DA 30 7.85 -19.31 -26.68
C ASN DA 30 8.25 -19.11 -28.15
N ILE DA 31 9.51 -18.72 -28.38
CA ILE DA 31 9.96 -18.43 -29.73
C ILE DA 31 9.99 -19.70 -30.56
N CYS DA 32 9.54 -19.58 -31.82
CA CYS DA 32 9.36 -20.67 -32.78
C CYS DA 32 8.34 -21.72 -32.30
N SER DA 33 7.54 -21.42 -31.28
CA SER DA 33 6.47 -22.31 -30.84
C SER DA 33 5.11 -21.64 -30.94
N GLY DA 34 4.92 -20.49 -30.29
CA GLY DA 34 3.66 -19.78 -30.36
C GLY DA 34 3.75 -18.67 -31.39
N LYS DA 35 3.23 -18.94 -32.58
CA LYS DA 35 3.52 -18.11 -33.75
C LYS DA 35 2.21 -17.88 -34.49
N SER DA 36 2.33 -17.38 -35.72
CA SER DA 36 1.18 -17.01 -36.53
C SER DA 36 0.38 -18.20 -37.04
N LYS DA 37 0.81 -19.43 -36.79
CA LYS DA 37 0.05 -20.61 -37.20
C LYS DA 37 -1.29 -20.68 -36.49
N LEU DA 38 -1.27 -20.83 -35.17
CA LEU DA 38 -2.50 -20.92 -34.40
C LEU DA 38 -3.26 -19.60 -34.40
N ALA DA 39 -2.53 -18.48 -34.53
CA ALA DA 39 -3.17 -17.17 -34.57
C ALA DA 39 -3.97 -16.99 -35.86
N LYS DA 40 -3.38 -17.36 -37.00
CA LYS DA 40 -4.13 -17.30 -38.25
C LYS DA 40 -5.24 -18.34 -38.29
N GLU DA 41 -5.07 -19.49 -37.62
CA GLU DA 41 -6.15 -20.47 -37.55
C GLU DA 41 -7.36 -19.94 -36.80
N VAL DA 42 -7.15 -19.35 -35.62
CA VAL DA 42 -8.29 -18.83 -34.88
C VAL DA 42 -8.82 -17.54 -35.51
N ALA DA 43 -7.99 -16.80 -36.25
CA ALA DA 43 -8.48 -15.61 -36.94
C ALA DA 43 -9.34 -15.97 -38.13
N GLU DA 44 -9.00 -17.06 -38.84
CA GLU DA 44 -9.82 -17.52 -39.95
C GLU DA 44 -11.09 -18.20 -39.46
N LYS DA 45 -11.01 -18.98 -38.40
CA LYS DA 45 -12.21 -19.69 -37.93
C LYS DA 45 -13.18 -18.76 -37.23
N LEU DA 46 -12.69 -17.86 -36.38
CA LEU DA 46 -13.59 -17.15 -35.48
C LEU DA 46 -14.26 -15.95 -36.14
N GLY DA 47 -13.74 -15.49 -37.28
CA GLY DA 47 -14.29 -14.31 -37.93
C GLY DA 47 -13.79 -13.04 -37.27
N LEU DA 48 -12.49 -12.82 -37.37
CA LEU DA 48 -11.77 -11.88 -36.51
C LEU DA 48 -10.41 -11.61 -37.14
N LYS DA 49 -10.03 -10.35 -37.22
CA LYS DA 49 -8.86 -9.99 -38.03
C LYS DA 49 -7.56 -10.30 -37.30
N HIS DA 50 -6.47 -10.25 -38.06
CA HIS DA 50 -5.19 -10.78 -37.65
C HIS DA 50 -4.10 -9.73 -37.79
N PHE DA 51 -3.13 -9.78 -36.89
CA PHE DA 51 -1.94 -8.95 -36.94
C PHE DA 51 -0.71 -9.81 -37.09
N PRO DA 52 0.18 -9.52 -38.05
CA PRO DA 52 1.44 -10.25 -38.15
C PRO DA 52 2.41 -9.97 -37.01
N GLU DA 53 3.59 -10.58 -37.06
CA GLU DA 53 4.56 -10.42 -35.99
C GLU DA 53 5.12 -9.00 -35.96
N ALA DA 54 5.28 -8.46 -34.75
CA ALA DA 54 5.83 -7.13 -34.57
C ALA DA 54 7.35 -7.22 -34.75
N GLY DA 55 7.82 -6.91 -35.94
CA GLY DA 55 9.23 -7.00 -36.26
C GLY DA 55 10.00 -5.76 -35.84
N ILE DA 56 11.06 -5.45 -36.60
CA ILE DA 56 11.87 -4.29 -36.30
C ILE DA 56 11.27 -3.04 -36.91
N HIS DA 57 10.92 -3.12 -38.19
CA HIS DA 57 10.52 -1.96 -38.99
C HIS DA 57 9.02 -1.83 -39.10
N TYR DA 58 8.29 -2.14 -38.01
CA TYR DA 58 6.84 -2.03 -38.02
C TYR DA 58 6.38 -0.59 -38.16
N ALA DA 59 7.10 0.35 -37.53
CA ALA DA 59 6.79 1.76 -37.70
C ALA DA 59 7.01 2.21 -39.14
N ASP DA 60 8.01 1.63 -39.81
CA ASP DA 60 8.17 1.91 -41.23
C ASP DA 60 7.06 1.25 -42.05
N SER DA 61 6.53 0.14 -41.56
CA SER DA 61 5.48 -0.57 -42.30
C SER DA 61 4.14 0.12 -42.21
N THR DA 62 3.85 0.77 -41.08
CA THR DA 62 2.49 1.27 -40.88
C THR DA 62 2.21 2.62 -41.53
N THR DA 63 3.16 3.21 -42.26
CA THR DA 63 2.92 4.50 -42.87
C THR DA 63 3.50 4.58 -44.27
N GLY DA 64 2.65 4.90 -45.23
CA GLY DA 64 3.03 5.07 -46.62
C GLY DA 64 3.59 3.83 -47.26
N ASP DA 65 4.88 3.86 -47.57
CA ASP DA 65 5.54 2.71 -48.17
C ASP DA 65 5.79 1.66 -47.10
N GLY DA 66 5.19 0.49 -47.29
CA GLY DA 66 5.38 -0.63 -46.39
C GLY DA 66 6.69 -1.37 -46.55
N LYS DA 67 7.51 -0.99 -47.52
CA LYS DA 67 8.87 -1.48 -47.59
C LYS DA 67 9.64 -1.00 -46.38
N PRO DA 68 10.56 -1.82 -45.86
CA PRO DA 68 11.38 -1.37 -44.73
C PRO DA 68 12.33 -0.27 -45.13
N LEU DA 69 12.32 0.80 -44.35
CA LEU DA 69 13.32 1.85 -44.48
C LEU DA 69 14.66 1.29 -44.00
N PRO DA 70 15.78 1.77 -44.57
CA PRO DA 70 17.08 1.17 -44.24
C PRO DA 70 17.47 1.35 -42.79
N VAL DA 71 18.23 0.38 -42.27
CA VAL DA 71 18.37 0.20 -40.83
C VAL DA 71 19.29 1.22 -40.17
N ARG DA 72 19.79 2.20 -40.91
CA ARG DA 72 20.38 3.37 -40.27
C ARG DA 72 19.31 4.15 -39.51
N PHE DA 73 18.08 4.13 -39.99
CA PHE DA 73 16.99 4.88 -39.37
C PHE DA 73 16.25 4.03 -38.35
N SER DA 74 15.70 2.89 -38.79
CA SER DA 74 14.92 2.03 -37.90
C SER DA 74 15.77 1.29 -36.88
N GLY DA 75 17.08 1.33 -36.99
CA GLY DA 75 17.97 0.63 -36.09
C GLY DA 75 18.34 1.44 -34.87
N ASN DA 76 19.50 1.13 -34.29
CA ASN DA 76 20.42 0.12 -34.80
C ASN DA 76 20.24 -1.18 -34.04
N CYS DA 77 19.24 -1.95 -34.45
CA CYS DA 77 18.79 -3.10 -33.69
C CYS DA 77 19.64 -4.33 -33.97
N SER DA 78 19.63 -4.78 -35.23
CA SER DA 78 20.42 -5.92 -35.74
C SER DA 78 20.13 -7.20 -34.94
N LEU DA 79 18.89 -7.68 -35.11
CA LEU DA 79 18.41 -8.87 -34.41
C LEU DA 79 19.25 -10.09 -34.72
N GLU DA 80 19.75 -10.19 -35.95
CA GLU DA 80 20.68 -11.24 -36.28
C GLU DA 80 21.99 -11.09 -35.53
N LYS DA 81 22.47 -9.85 -35.37
CA LYS DA 81 23.66 -9.64 -34.54
C LYS DA 81 23.37 -9.84 -33.06
N PHE DA 82 22.12 -9.68 -32.64
CA PHE DA 82 21.78 -10.01 -31.26
C PHE DA 82 21.81 -11.51 -31.03
N TYR DA 83 21.28 -12.29 -31.97
CA TYR DA 83 21.39 -13.75 -31.85
C TYR DA 83 22.82 -14.22 -32.04
N ASP DA 84 23.66 -13.46 -32.75
CA ASP DA 84 25.07 -13.81 -32.87
C ASP DA 84 25.81 -13.55 -31.57
N ASP DA 85 25.88 -12.28 -31.15
CA ASP DA 85 26.74 -11.87 -30.04
C ASP DA 85 26.01 -10.89 -29.15
N PRO DA 86 25.34 -11.37 -28.10
CA PRO DA 86 24.72 -10.46 -27.13
C PRO DA 86 25.67 -10.01 -26.03
N LYS DA 87 26.90 -9.65 -26.38
CA LYS DA 87 27.89 -9.28 -25.38
C LYS DA 87 28.71 -8.07 -25.79
N SER DA 88 28.32 -7.35 -26.83
CA SER DA 88 29.15 -6.28 -27.36
C SER DA 88 29.07 -5.05 -26.46
N ASN DA 89 30.20 -4.36 -26.33
CA ASN DA 89 30.25 -3.14 -25.54
C ASN DA 89 29.76 -1.93 -26.32
N ASP DA 90 29.46 -2.08 -27.60
CA ASP DA 90 28.81 -1.01 -28.34
C ASP DA 90 27.36 -0.85 -27.90
N GLY DA 91 26.74 -1.92 -27.43
CA GLY DA 91 25.40 -1.87 -26.91
C GLY DA 91 24.40 -2.27 -27.96
N ASN DA 92 23.93 -3.50 -27.90
CA ASN DA 92 22.96 -3.97 -28.89
C ASN DA 92 21.83 -4.75 -28.25
N SER DA 93 21.86 -4.99 -26.94
CA SER DA 93 20.71 -5.62 -26.31
C SER DA 93 19.59 -4.61 -26.12
N TYR DA 94 19.87 -3.55 -25.36
CA TYR DA 94 18.78 -2.72 -24.89
C TYR DA 94 18.30 -1.73 -25.95
N ARG DA 95 19.16 -1.35 -26.89
CA ARG DA 95 18.70 -0.55 -28.03
C ARG DA 95 17.63 -1.30 -28.81
N LEU DA 96 17.91 -2.57 -29.11
CA LEU DA 96 16.93 -3.45 -29.73
C LEU DA 96 15.71 -3.65 -28.84
N GLN DA 97 15.93 -3.69 -27.52
CA GLN DA 97 14.81 -3.94 -26.62
C GLN DA 97 13.85 -2.77 -26.56
N ALA DA 98 14.39 -1.55 -26.47
CA ALA DA 98 13.56 -0.35 -26.50
C ALA DA 98 12.85 -0.21 -27.84
N TRP DA 99 13.52 -0.59 -28.94
CA TRP DA 99 12.89 -0.51 -30.24
C TRP DA 99 11.74 -1.49 -30.38
N LEU DA 100 11.93 -2.73 -29.90
CA LEU DA 100 10.84 -3.68 -29.93
C LEU DA 100 9.74 -3.31 -28.96
N TYR DA 101 10.08 -2.63 -27.86
CA TYR DA 101 9.04 -2.16 -26.95
C TYR DA 101 8.16 -1.12 -27.63
N ALA DA 102 8.78 -0.18 -28.35
CA ALA DA 102 8.01 0.81 -29.10
C ALA DA 102 7.19 0.16 -30.21
N SER DA 103 7.73 -0.89 -30.84
CA SER DA 103 7.00 -1.57 -31.90
C SER DA 103 5.80 -2.32 -31.35
N ARG DA 104 5.95 -3.03 -30.24
CA ARG DA 104 4.83 -3.71 -29.61
C ARG DA 104 3.79 -2.73 -29.11
N LEU DA 105 4.22 -1.57 -28.62
CA LEU DA 105 3.27 -0.57 -28.14
C LEU DA 105 2.49 0.01 -29.31
N LEU DA 106 3.14 0.26 -30.44
CA LEU DA 106 2.45 0.79 -31.61
C LEU DA 106 1.45 -0.22 -32.17
N GLN DA 107 1.85 -1.49 -32.28
CA GLN DA 107 0.91 -2.47 -32.85
C GLN DA 107 -0.22 -2.78 -31.87
N TYR DA 108 0.03 -2.66 -30.56
CA TYR DA 108 -1.07 -2.77 -29.61
C TYR DA 108 -2.03 -1.59 -29.72
N ALA DA 109 -1.50 -0.40 -29.97
CA ALA DA 109 -2.37 0.76 -30.17
C ALA DA 109 -3.19 0.61 -31.46
N ASP DA 110 -2.57 0.07 -32.51
CA ASP DA 110 -3.29 -0.19 -33.75
C ASP DA 110 -4.40 -1.20 -33.54
N ALA DA 111 -4.11 -2.25 -32.75
CA ALA DA 111 -5.10 -3.26 -32.45
C ALA DA 111 -6.27 -2.70 -31.63
N LEU DA 112 -5.96 -1.88 -30.62
CA LEU DA 112 -7.02 -1.35 -29.78
C LEU DA 112 -7.83 -0.30 -30.52
N GLU DA 113 -7.21 0.42 -31.45
CA GLU DA 113 -7.96 1.37 -32.26
C GLU DA 113 -8.86 0.64 -33.24
N HIS DA 114 -8.40 -0.48 -33.78
CA HIS DA 114 -9.26 -1.24 -34.68
C HIS DA 114 -10.36 -1.97 -33.92
N LEU DA 115 -10.15 -2.27 -32.64
CA LEU DA 115 -11.21 -2.82 -31.82
C LEU DA 115 -12.28 -1.78 -31.52
N LEU DA 116 -11.86 -0.60 -31.02
CA LEU DA 116 -12.84 0.39 -30.62
C LEU DA 116 -13.47 1.09 -31.81
N SER DA 117 -12.86 1.04 -32.98
CA SER DA 117 -13.42 1.60 -34.19
C SER DA 117 -13.96 0.44 -35.02
N THR DA 118 -15.29 0.26 -34.97
CA THR DA 118 -16.12 -0.59 -35.83
C THR DA 118 -15.94 -2.08 -35.51
N GLY DA 119 -15.01 -2.41 -34.64
CA GLY DA 119 -14.72 -3.81 -34.42
C GLY DA 119 -13.83 -4.35 -35.52
N GLN DA 120 -13.73 -5.68 -35.62
CA GLN DA 120 -14.55 -6.62 -34.87
C GLN DA 120 -13.70 -7.51 -33.97
N GLY DA 121 -12.75 -6.92 -33.26
CA GLY DA 121 -11.89 -7.68 -32.38
C GLY DA 121 -10.70 -8.27 -33.10
N VAL DA 122 -9.56 -8.42 -32.42
CA VAL DA 122 -8.35 -8.88 -33.07
C VAL DA 122 -7.58 -9.87 -32.19
N VAL DA 123 -6.65 -10.56 -32.84
CA VAL DA 123 -5.67 -11.42 -32.21
C VAL DA 123 -4.33 -10.70 -32.18
N LEU DA 124 -3.58 -10.93 -31.12
CA LEU DA 124 -2.23 -10.43 -31.00
C LEU DA 124 -1.30 -11.58 -30.63
N GLU DA 125 -0.02 -11.38 -30.89
CA GLU DA 125 0.97 -12.40 -30.56
C GLU DA 125 2.20 -11.71 -29.98
N ARG DA 126 2.65 -12.23 -28.83
CA ARG DA 126 3.82 -11.73 -28.09
C ARG DA 126 3.65 -10.26 -27.73
N SER DA 127 2.71 -10.02 -26.83
CA SER DA 127 2.34 -8.66 -26.47
C SER DA 127 3.36 -8.06 -25.50
N ILE DA 128 2.99 -6.90 -24.93
CA ILE DA 128 3.89 -6.10 -24.09
C ILE DA 128 4.19 -6.80 -22.77
N TYR DA 129 3.27 -7.63 -22.29
CA TYR DA 129 3.48 -8.32 -21.02
C TYR DA 129 4.51 -9.43 -21.18
N SER DA 130 4.38 -10.21 -22.25
CA SER DA 130 5.43 -11.14 -22.65
C SER DA 130 6.73 -10.41 -22.99
N ASP DA 131 6.66 -9.14 -23.38
CA ASP DA 131 7.87 -8.39 -23.68
C ASP DA 131 8.66 -8.06 -22.41
N PHE DA 132 7.98 -7.65 -21.33
CA PHE DA 132 8.78 -7.39 -20.13
C PHE DA 132 9.27 -8.69 -19.50
N VAL DA 133 8.49 -9.77 -19.62
CA VAL DA 133 8.98 -11.07 -19.15
C VAL DA 133 10.22 -11.51 -19.95
N PHE DA 134 10.20 -11.24 -21.26
CA PHE DA 134 11.31 -11.53 -22.16
C PHE DA 134 12.57 -10.78 -21.73
N LEU DA 135 12.43 -9.49 -21.41
CA LEU DA 135 13.62 -8.74 -20.99
C LEU DA 135 14.10 -9.15 -19.60
N GLU DA 136 13.19 -9.50 -18.69
CA GLU DA 136 13.61 -9.94 -17.37
C GLU DA 136 14.39 -11.25 -17.44
N ALA DA 137 14.00 -12.14 -18.36
CA ALA DA 137 14.81 -13.35 -18.57
C ALA DA 137 16.13 -13.03 -19.26
N MET DA 138 16.14 -12.04 -20.15
CA MET DA 138 17.39 -11.62 -20.77
C MET DA 138 18.36 -11.07 -19.73
N TYR DA 139 17.84 -10.42 -18.70
CA TYR DA 139 18.66 -9.99 -17.58
C TYR DA 139 19.05 -11.15 -16.67
N ARG DA 140 18.19 -12.18 -16.58
CA ARG DA 140 18.57 -13.40 -15.87
C ARG DA 140 19.79 -14.06 -16.52
N GLN DA 141 19.93 -13.94 -17.84
CA GLN DA 141 21.19 -14.35 -18.47
C GLN DA 141 22.34 -13.44 -18.07
N GLY DA 142 22.07 -12.17 -17.75
CA GLY DA 142 23.14 -11.29 -17.33
C GLY DA 142 23.92 -10.69 -18.48
N PHE DA 143 23.21 -9.98 -19.36
CA PHE DA 143 23.84 -9.26 -20.45
C PHE DA 143 23.77 -7.75 -20.28
N ILE DA 144 23.01 -7.28 -19.29
CA ILE DA 144 22.60 -5.89 -19.19
C ILE DA 144 22.91 -5.40 -17.78
N ARG DA 145 23.45 -4.20 -17.67
CA ARG DA 145 23.62 -3.54 -16.38
C ARG DA 145 22.26 -3.28 -15.73
N LYS DA 146 22.22 -3.37 -14.40
CA LYS DA 146 20.94 -3.35 -13.69
C LYS DA 146 20.30 -1.96 -13.68
N GLN DA 147 21.10 -0.90 -13.80
CA GLN DA 147 20.56 0.46 -13.92
C GLN DA 147 19.71 0.59 -15.19
N CYS DA 148 20.10 -0.10 -16.24
CA CYS DA 148 19.33 -0.11 -17.47
C CYS DA 148 18.01 -0.86 -17.28
N VAL DA 149 18.01 -1.89 -16.43
CA VAL DA 149 16.77 -2.58 -16.08
C VAL DA 149 15.89 -1.67 -15.24
N ASP DA 150 16.48 -0.83 -14.40
CA ASP DA 150 15.72 0.18 -13.67
C ASP DA 150 15.06 1.16 -14.61
N HIS DA 151 15.77 1.54 -15.69
CA HIS DA 151 15.16 2.36 -16.73
C HIS DA 151 13.97 1.67 -17.38
N TYR DA 152 14.12 0.38 -17.68
CA TYR DA 152 13.00 -0.33 -18.30
C TYR DA 152 11.81 -0.44 -17.35
N ASN DA 153 12.10 -0.62 -16.06
CA ASN DA 153 11.05 -0.63 -15.05
C ASN DA 153 10.32 0.71 -15.02
N GLN DA 154 11.06 1.80 -15.20
CA GLN DA 154 10.47 3.13 -15.23
C GLN DA 154 9.57 3.32 -16.45
N VAL DA 155 10.04 2.88 -17.63
CA VAL DA 155 9.24 2.97 -18.86
C VAL DA 155 7.98 2.12 -18.73
N LYS DA 156 8.11 0.94 -18.13
CA LYS DA 156 6.98 0.04 -17.96
C LYS DA 156 5.95 0.61 -16.98
N LYS DA 157 6.43 1.29 -15.93
CA LYS DA 157 5.51 1.93 -15.00
C LYS DA 157 4.75 3.08 -15.65
N VAL DA 158 5.43 3.84 -16.51
CA VAL DA 158 4.78 5.01 -17.09
C VAL DA 158 3.78 4.62 -18.18
N THR DA 159 4.19 3.76 -19.11
CA THR DA 159 3.42 3.61 -20.34
C THR DA 159 2.20 2.71 -20.19
N VAL DA 160 2.37 1.56 -19.52
CA VAL DA 160 1.35 0.50 -19.57
C VAL DA 160 0.12 0.87 -18.75
N CYS DA 161 0.29 1.72 -17.75
CA CYS DA 161 -0.74 1.93 -16.72
C CYS DA 161 -1.84 2.89 -17.15
N GLU DA 162 -2.06 3.10 -18.45
CA GLU DA 162 -3.19 3.87 -18.92
C GLU DA 162 -4.11 3.08 -19.83
N TYR DA 163 -3.87 1.79 -20.02
CA TYR DA 163 -4.58 0.99 -20.99
C TYR DA 163 -5.46 -0.05 -20.33
N LEU DA 164 -6.22 -0.71 -21.15
CA LEU DA 164 -6.92 -1.89 -20.71
C LEU DA 164 -6.16 -3.11 -21.14
N PRO DA 165 -5.93 -4.08 -20.25
CA PRO DA 165 -5.29 -5.33 -20.67
C PRO DA 165 -6.22 -6.12 -21.57
N PRO DA 166 -5.68 -6.98 -22.43
CA PRO DA 166 -6.51 -7.75 -23.36
C PRO DA 166 -7.39 -8.77 -22.64
N HIS DA 167 -8.33 -9.33 -23.41
CA HIS DA 167 -9.32 -10.21 -22.82
C HIS DA 167 -8.74 -11.58 -22.47
N VAL DA 168 -8.33 -12.36 -23.46
CA VAL DA 168 -7.88 -13.71 -23.15
C VAL DA 168 -6.48 -13.94 -23.69
N VAL DA 169 -5.75 -14.82 -23.00
CA VAL DA 169 -4.37 -15.14 -23.31
C VAL DA 169 -4.24 -16.64 -23.44
N ILE DA 170 -3.81 -17.09 -24.61
CA ILE DA 170 -3.59 -18.50 -24.91
C ILE DA 170 -2.11 -18.75 -24.68
N TYR DA 171 -1.78 -19.40 -23.58
CA TYR DA 171 -0.40 -19.73 -23.27
C TYR DA 171 -0.03 -21.01 -24.01
N VAL DA 172 1.14 -21.02 -24.64
CA VAL DA 172 1.66 -22.22 -25.28
C VAL DA 172 2.91 -22.66 -24.54
N ASP DA 173 2.90 -23.88 -24.01
CA ASP DA 173 4.04 -24.44 -23.32
C ASP DA 173 4.65 -25.51 -24.21
N VAL DA 174 5.89 -25.28 -24.64
CA VAL DA 174 6.66 -26.28 -25.37
C VAL DA 174 7.97 -26.45 -24.62
N PRO DA 175 8.45 -27.67 -24.39
CA PRO DA 175 9.74 -27.86 -23.71
C PRO DA 175 10.94 -27.37 -24.52
N VAL DA 176 12.11 -27.43 -23.89
CA VAL DA 176 13.30 -26.78 -24.44
C VAL DA 176 13.81 -27.51 -25.67
N SER DA 177 13.90 -28.84 -25.58
CA SER DA 177 14.53 -29.63 -26.65
C SER DA 177 13.72 -29.62 -27.94
N GLU DA 178 12.40 -29.48 -27.84
CA GLU DA 178 11.58 -29.39 -29.05
C GLU DA 178 11.77 -28.06 -29.75
N VAL DA 179 11.92 -26.97 -29.00
CA VAL DA 179 12.22 -25.67 -29.60
C VAL DA 179 13.61 -25.70 -30.21
N GLN DA 180 14.54 -26.39 -29.55
CA GLN DA 180 15.88 -26.60 -30.10
C GLN DA 180 15.82 -27.34 -31.43
N SER DA 181 15.00 -28.40 -31.49
CA SER DA 181 14.84 -29.15 -32.73
C SER DA 181 14.18 -28.31 -33.82
N ARG DA 182 13.23 -27.45 -33.46
CA ARG DA 182 12.55 -26.63 -34.46
C ARG DA 182 13.48 -25.56 -35.02
N ILE DA 183 14.30 -24.94 -34.16
CA ILE DA 183 15.23 -23.93 -34.64
C ILE DA 183 16.38 -24.59 -35.40
N GLN DA 184 16.61 -25.89 -35.19
CA GLN DA 184 17.49 -26.64 -36.09
C GLN DA 184 16.80 -26.98 -37.40
N LYS DA 185 15.48 -27.15 -37.39
CA LYS DA 185 14.74 -27.41 -38.62
C LYS DA 185 14.68 -26.18 -39.52
N LYS DA 186 14.71 -24.98 -38.93
CA LYS DA 186 14.56 -23.78 -39.76
C LYS DA 186 15.83 -23.49 -40.56
N GLY DA 187 17.00 -23.63 -39.94
CA GLY DA 187 18.25 -23.58 -40.68
C GLY DA 187 18.90 -22.23 -40.84
N ASN DA 188 18.40 -21.20 -40.16
CA ASN DA 188 19.02 -19.88 -40.23
C ASN DA 188 20.23 -19.87 -39.30
N PRO DA 189 21.45 -19.62 -39.82
CA PRO DA 189 22.65 -19.81 -39.00
C PRO DA 189 22.79 -18.83 -37.86
N HIS DA 190 22.38 -17.58 -38.08
CA HIS DA 190 22.33 -16.61 -37.00
C HIS DA 190 21.33 -17.03 -35.93
N GLU DA 191 20.23 -17.63 -36.35
CA GLU DA 191 19.32 -18.27 -35.42
C GLU DA 191 19.86 -19.58 -34.87
N MET DA 192 20.74 -20.26 -35.62
CA MET DA 192 21.39 -21.47 -35.10
C MET DA 192 22.41 -21.17 -34.03
N LYS DA 193 22.87 -19.93 -33.91
CA LYS DA 193 23.81 -19.60 -32.85
C LYS DA 193 23.15 -19.35 -31.49
N ILE DA 194 21.87 -19.68 -31.32
CA ILE DA 194 21.21 -19.48 -30.03
C ILE DA 194 21.73 -20.53 -29.04
N THR DA 195 21.72 -20.18 -27.76
CA THR DA 195 22.07 -21.10 -26.70
C THR DA 195 20.82 -21.51 -25.93
N SER DA 196 20.93 -22.61 -25.20
CA SER DA 196 19.77 -23.26 -24.61
C SER DA 196 19.42 -22.73 -23.24
N ALA DA 197 20.41 -22.26 -22.46
CA ALA DA 197 20.13 -21.75 -21.13
C ALA DA 197 19.38 -20.43 -21.18
N TYR DA 198 19.59 -19.66 -22.25
CA TYR DA 198 18.78 -18.46 -22.52
C TYR DA 198 17.32 -18.83 -22.67
N LEU DA 199 17.05 -19.88 -23.44
CA LEU DA 199 15.68 -20.35 -23.65
C LEU DA 199 15.09 -20.92 -22.36
N GLN DA 200 15.93 -21.58 -21.56
CA GLN DA 200 15.49 -22.14 -20.29
C GLN DA 200 15.11 -21.05 -19.29
N ASP DA 201 15.89 -19.98 -19.24
CA ASP DA 201 15.56 -18.86 -18.36
C ASP DA 201 14.33 -18.12 -18.86
N ILE DA 202 14.12 -18.09 -20.19
CA ILE DA 202 12.86 -17.58 -20.75
C ILE DA 202 11.68 -18.38 -20.23
N GLU DA 203 11.78 -19.71 -20.28
CA GLU DA 203 10.69 -20.54 -19.77
C GLU DA 203 10.51 -20.39 -18.25
N ASN DA 204 11.59 -20.20 -17.52
CA ASN DA 204 11.52 -20.05 -16.06
C ASN DA 204 10.78 -18.78 -15.68
N VAL DA 205 11.19 -17.63 -16.22
CA VAL DA 205 10.51 -16.38 -15.89
C VAL DA 205 9.11 -16.37 -16.49
N TYR DA 206 8.92 -17.07 -17.62
CA TYR DA 206 7.68 -17.06 -18.36
C TYR DA 206 6.62 -17.96 -17.73
N LYS DA 207 7.03 -18.89 -16.87
CA LYS DA 207 6.11 -19.63 -16.04
C LYS DA 207 5.94 -19.01 -14.65
N GLY DA 208 7.05 -18.59 -14.03
CA GLY DA 208 7.00 -18.24 -12.62
C GLY DA 208 6.49 -16.85 -12.31
N THR DA 209 6.56 -15.93 -13.27
CA THR DA 209 6.21 -14.54 -13.03
C THR DA 209 4.96 -14.10 -13.77
N PHE DA 210 4.80 -14.56 -15.01
CA PHE DA 210 3.70 -14.11 -15.87
C PHE DA 210 2.36 -14.62 -15.35
N LEU DA 211 2.28 -15.90 -15.04
CA LEU DA 211 1.06 -16.55 -14.58
C LEU DA 211 0.55 -16.04 -13.22
N PRO DA 212 1.39 -15.80 -12.18
CA PRO DA 212 0.82 -15.20 -10.97
C PRO DA 212 0.40 -13.75 -11.16
N GLU DA 213 1.04 -13.02 -12.06
CA GLU DA 213 0.78 -11.61 -12.20
C GLU DA 213 -0.31 -11.27 -13.21
N MET DA 214 -0.77 -12.23 -14.01
CA MET DA 214 -1.96 -11.97 -14.79
C MET DA 214 -3.20 -12.06 -13.91
N SER DA 215 -3.51 -13.27 -13.43
CA SER DA 215 -4.44 -13.55 -12.34
C SER DA 215 -5.83 -12.96 -12.59
N GLU DA 216 -6.49 -13.51 -13.62
CA GLU DA 216 -7.86 -13.23 -14.06
C GLU DA 216 -8.05 -11.84 -14.66
N LYS DA 217 -7.02 -10.99 -14.61
CA LYS DA 217 -6.81 -9.98 -15.63
C LYS DA 217 -5.98 -10.67 -16.70
N CYS DA 218 -6.46 -10.64 -17.94
CA CYS DA 218 -5.98 -11.48 -19.04
C CYS DA 218 -6.09 -12.96 -18.67
N GLU DA 219 -7.34 -13.41 -18.58
CA GLU DA 219 -7.66 -14.81 -18.27
C GLU DA 219 -7.00 -15.75 -19.28
N VAL DA 220 -6.34 -16.77 -18.76
CA VAL DA 220 -5.44 -17.59 -19.56
C VAL DA 220 -6.03 -18.97 -19.79
N LEU DA 221 -5.57 -19.58 -20.88
CA LEU DA 221 -5.78 -20.99 -21.16
C LEU DA 221 -4.44 -21.58 -21.53
N GLN DA 222 -3.95 -22.53 -20.74
CA GLN DA 222 -2.64 -23.10 -20.93
C GLN DA 222 -2.71 -24.36 -21.79
N TYR DA 223 -1.93 -24.39 -22.87
CA TYR DA 223 -1.93 -25.50 -23.80
C TYR DA 223 -0.54 -26.13 -23.87
N SER DA 224 -0.51 -27.40 -24.28
CA SER DA 224 0.70 -28.19 -24.26
C SER DA 224 1.46 -28.07 -25.58
N ALA DA 225 2.46 -28.92 -25.76
CA ALA DA 225 3.43 -28.76 -26.85
C ALA DA 225 2.82 -29.14 -28.19
N TRP DA 226 2.40 -30.39 -28.34
CA TRP DA 226 1.73 -30.84 -29.55
C TRP DA 226 0.29 -30.37 -29.63
N GLU DA 227 -0.21 -29.68 -28.60
CA GLU DA 227 -1.54 -29.09 -28.64
C GLU DA 227 -1.52 -27.83 -29.51
N ALA DA 228 -1.48 -28.07 -30.82
CA ALA DA 228 -1.52 -27.04 -31.83
C ALA DA 228 -2.04 -27.70 -33.09
N GLU DA 229 -3.07 -27.10 -33.69
CA GLU DA 229 -3.80 -27.64 -34.84
C GLU DA 229 -4.38 -29.02 -34.55
N ASP DA 230 -5.40 -29.13 -33.66
CA ASP DA 230 -6.02 -28.23 -32.64
C ASP DA 230 -6.41 -26.77 -32.92
N ALA DA 231 -7.39 -26.59 -33.81
CA ALA DA 231 -8.06 -25.32 -33.98
C ALA DA 231 -9.48 -25.33 -33.43
N GLU DA 232 -10.18 -26.46 -33.61
CA GLU DA 232 -11.57 -26.56 -33.16
C GLU DA 232 -11.66 -26.51 -31.65
N LYS DA 233 -10.67 -27.07 -30.95
CA LYS DA 233 -10.71 -27.09 -29.49
C LYS DA 233 -10.50 -25.70 -28.90
N VAL DA 234 -9.55 -24.93 -29.46
CA VAL DA 234 -9.32 -23.59 -28.92
C VAL DA 234 -10.44 -22.64 -29.32
N VAL DA 235 -11.02 -22.80 -30.52
CA VAL DA 235 -12.21 -22.01 -30.89
C VAL DA 235 -13.37 -22.32 -29.95
N GLU DA 236 -13.55 -23.60 -29.61
CA GLU DA 236 -14.58 -24.02 -28.68
C GLU DA 236 -14.36 -23.44 -27.29
N ASP DA 237 -13.11 -23.47 -26.81
CA ASP DA 237 -12.78 -22.93 -25.49
C ASP DA 237 -13.04 -21.44 -25.43
N ILE DA 238 -12.81 -20.73 -26.53
CA ILE DA 238 -13.20 -19.31 -26.57
C ILE DA 238 -14.73 -19.20 -26.58
N GLN DA 239 -15.43 -20.16 -27.19
CA GLN DA 239 -16.89 -20.08 -27.28
C GLN DA 239 -17.56 -20.23 -25.91
N TYR DA 240 -17.04 -21.10 -25.03
CA TYR DA 240 -17.65 -21.21 -23.70
C TYR DA 240 -16.84 -20.52 -22.60
N LEU DA 241 -16.20 -19.39 -22.91
CA LEU DA 241 -15.13 -18.86 -22.07
C LEU DA 241 -15.63 -18.34 -20.71
N LYS DA 242 -16.83 -17.72 -20.69
CA LYS DA 242 -17.46 -17.17 -19.48
C LYS DA 242 -16.56 -16.12 -18.83
N TYR DA 243 -16.52 -14.96 -19.49
CA TYR DA 243 -15.74 -13.80 -19.02
C TYR DA 243 -16.12 -13.43 -17.59
N ASP DA 244 -15.14 -13.49 -16.70
CA ASP DA 244 -15.38 -13.40 -15.26
C ASP DA 244 -14.87 -12.09 -14.67
N LYS DA 245 -13.58 -11.80 -14.82
CA LYS DA 245 -12.97 -10.65 -14.17
C LYS DA 245 -12.46 -9.67 -15.23
N GLY DA 246 -11.73 -8.66 -14.78
CA GLY DA 246 -11.14 -7.71 -15.67
C GLY DA 246 -11.78 -6.35 -15.61
N PRO DA 247 -11.04 -5.30 -15.98
CA PRO DA 247 -11.60 -3.95 -15.98
C PRO DA 247 -12.48 -3.64 -17.18
N TRP DA 248 -12.61 -4.56 -18.13
CA TRP DA 248 -13.45 -4.34 -19.30
C TRP DA 248 -14.93 -4.28 -18.96
N LEU DA 249 -15.34 -4.85 -17.83
CA LEU DA 249 -16.74 -4.82 -17.44
C LEU DA 249 -17.16 -3.47 -16.87
N ASP DA 250 -16.21 -2.55 -16.66
CA ASP DA 250 -16.49 -1.23 -16.10
C ASP DA 250 -15.84 -0.19 -17.01
N GLN DA 251 -16.62 0.41 -17.92
CA GLN DA 251 -16.05 1.48 -18.72
C GLN DA 251 -16.75 2.83 -18.51
N ASP DA 252 -18.09 2.97 -18.51
CA ASP DA 252 -19.12 2.17 -19.17
C ASP DA 252 -19.08 2.59 -20.63
N ASP DA 253 -19.01 3.91 -20.83
CA ASP DA 253 -18.86 4.50 -22.16
C ASP DA 253 -17.73 5.52 -22.15
N ARG DA 254 -17.50 6.11 -20.98
CA ARG DA 254 -16.65 7.29 -20.87
C ARG DA 254 -15.17 6.94 -21.03
N LYS DA 255 -14.73 5.86 -20.38
CA LYS DA 255 -13.38 5.38 -20.60
C LYS DA 255 -13.17 4.95 -22.03
N LEU DA 256 -14.20 4.43 -22.68
CA LEU DA 256 -14.09 4.08 -24.09
C LEU DA 256 -13.93 5.31 -24.96
N HIS DA 257 -14.60 6.40 -24.59
CA HIS DA 257 -14.39 7.66 -25.30
C HIS DA 257 -12.99 8.20 -25.07
N ASN DA 258 -12.48 8.09 -23.85
CA ASN DA 258 -11.12 8.52 -23.56
C ASN DA 258 -10.09 7.68 -24.29
N LEU DA 259 -10.36 6.37 -24.45
CA LEU DA 259 -9.42 5.54 -25.17
C LEU DA 259 -9.48 5.77 -26.66
N ARG DA 260 -10.66 6.09 -27.21
CA ARG DA 260 -10.71 6.48 -28.62
C ARG DA 260 -9.95 7.77 -28.86
N MET DA 261 -10.11 8.74 -27.97
CA MET DA 261 -9.43 10.00 -28.19
C MET DA 261 -7.98 9.99 -27.70
N LEU DA 262 -7.54 8.92 -27.07
CA LEU DA 262 -6.15 8.77 -26.63
C LEU DA 262 -5.32 7.89 -27.56
N VAL DA 263 -5.90 6.81 -28.05
CA VAL DA 263 -5.15 5.89 -28.91
C VAL DA 263 -4.92 6.51 -30.28
N GLN DA 264 -5.91 7.24 -30.80
CA GLN DA 264 -5.66 8.11 -31.93
C GLN DA 264 -4.71 9.24 -31.52
N ASP DA 265 -4.05 9.82 -32.52
CA ASP DA 265 -2.88 10.69 -32.34
C ASP DA 265 -1.80 9.96 -31.52
N LYS DA 266 -1.22 8.95 -32.19
CA LYS DA 266 -0.27 8.02 -31.57
C LYS DA 266 0.99 8.68 -31.02
N LEU DA 267 1.28 9.91 -31.44
CA LEU DA 267 2.37 10.66 -30.82
C LEU DA 267 2.05 11.00 -29.37
N GLU DA 268 0.76 11.16 -29.03
CA GLU DA 268 0.37 11.32 -27.63
C GLU DA 268 0.66 10.07 -26.82
N VAL DA 269 0.52 8.90 -27.44
CA VAL DA 269 0.96 7.65 -26.82
C VAL DA 269 2.47 7.68 -26.61
N LEU DA 270 3.21 8.07 -27.65
CA LEU DA 270 4.65 7.94 -27.64
C LEU DA 270 5.37 9.16 -27.06
N ASN DA 271 4.64 10.06 -26.39
CA ASN DA 271 5.28 11.12 -25.62
C ASN DA 271 5.88 10.65 -24.31
N TYR DA 272 5.84 9.36 -24.01
CA TYR DA 272 6.46 8.82 -22.81
C TYR DA 272 7.55 7.81 -23.12
N THR DA 273 7.91 7.65 -24.39
CA THR DA 273 8.90 6.64 -24.75
C THR DA 273 10.31 7.10 -24.41
N SER DA 274 10.67 8.31 -24.81
CA SER DA 274 11.93 8.92 -24.42
C SER DA 274 11.69 9.73 -23.15
N ILE DA 275 12.12 9.19 -22.00
CA ILE DA 275 11.76 9.78 -20.72
C ILE DA 275 12.58 11.03 -20.41
N PRO DA 276 13.94 11.04 -20.42
CA PRO DA 276 15.04 10.08 -20.52
C PRO DA 276 15.80 9.92 -19.20
N VAL DA 277 16.72 8.95 -19.19
CA VAL DA 277 17.67 8.78 -18.09
C VAL DA 277 19.11 8.95 -18.54
N PHE DA 278 19.40 8.66 -19.82
CA PHE DA 278 20.63 8.87 -20.61
C PHE DA 278 21.75 7.86 -20.40
N LEU DA 279 21.48 6.71 -19.79
CA LEU DA 279 21.73 5.39 -20.38
C LEU DA 279 22.85 5.35 -21.40
N PRO DA 280 24.13 5.38 -20.99
CA PRO DA 280 25.23 5.52 -21.95
C PRO DA 280 25.34 4.42 -23.01
N GLU DA 281 24.62 3.31 -22.86
CA GLU DA 281 24.52 2.31 -23.90
C GLU DA 281 23.52 2.67 -24.98
N VAL DA 282 22.62 3.60 -24.72
CA VAL DA 282 21.43 3.80 -25.54
C VAL DA 282 21.53 5.05 -26.40
N THR DA 283 21.82 6.20 -25.79
CA THR DA 283 21.52 7.49 -26.40
C THR DA 283 22.50 7.83 -27.53
N ILE DA 284 22.20 8.93 -28.20
CA ILE DA 284 22.88 9.35 -29.42
C ILE DA 284 23.20 10.83 -29.29
N GLY DA 285 24.43 11.21 -29.62
CA GLY DA 285 24.82 12.60 -29.62
C GLY DA 285 24.16 13.40 -30.73
N ALA DA 286 24.54 14.67 -30.79
CA ALA DA 286 23.86 15.60 -31.70
C ALA DA 286 24.26 15.39 -33.15
N HIS DA 287 25.53 15.04 -33.40
CA HIS DA 287 26.05 15.05 -34.77
C HIS DA 287 25.46 13.93 -35.61
N GLN DA 288 25.51 12.70 -35.09
CA GLN DA 288 24.95 11.56 -35.81
C GLN DA 288 23.45 11.70 -35.99
N SER DA 289 22.76 12.17 -34.95
CA SER DA 289 21.31 12.36 -35.03
C SER DA 289 20.96 13.42 -36.08
N ASP DA 290 21.77 14.47 -36.20
CA ASP DA 290 21.50 15.50 -37.18
C ASP DA 290 21.74 15.01 -38.60
N ARG DA 291 22.83 14.28 -38.83
CA ARG DA 291 23.05 13.79 -40.19
C ARG DA 291 22.04 12.72 -40.56
N VAL DA 292 21.58 11.91 -39.59
CA VAL DA 292 20.57 10.91 -39.91
C VAL DA 292 19.21 11.57 -40.12
N PHE DA 293 18.92 12.66 -39.42
CA PHE DA 293 17.66 13.37 -39.67
C PHE DA 293 17.67 14.08 -41.01
N GLN DA 294 18.81 14.63 -41.42
CA GLN DA 294 18.86 15.26 -42.74
C GLN DA 294 18.79 14.23 -43.85
N GLU DA 295 19.42 13.07 -43.66
CA GLU DA 295 19.27 12.01 -44.66
C GLU DA 295 17.86 11.43 -44.65
N PHE DA 296 17.16 11.51 -43.52
CA PHE DA 296 15.77 11.10 -43.49
C PHE DA 296 14.89 12.09 -44.22
N THR DA 297 15.24 13.37 -44.18
CA THR DA 297 14.57 14.32 -45.06
C THR DA 297 14.89 14.06 -46.52
N GLU DA 298 16.07 13.50 -46.81
CA GLU DA 298 16.42 13.24 -48.21
C GLU DA 298 15.67 12.06 -48.83
N LEU DA 299 14.83 11.33 -48.10
CA LEU DA 299 14.01 10.32 -48.74
C LEU DA 299 12.92 10.97 -49.59
N PRO DA 300 12.54 10.33 -50.71
CA PRO DA 300 11.55 10.96 -51.61
C PRO DA 300 10.10 10.75 -51.21
N GLY DA 301 9.81 10.14 -50.07
CA GLY DA 301 8.43 9.91 -49.70
C GLY DA 301 8.12 10.03 -48.23
N ARG DA 302 9.00 10.68 -47.46
CA ARG DA 302 8.83 10.80 -46.03
C ARG DA 302 8.86 12.24 -45.54
N LYS DA 303 9.11 13.21 -46.40
CA LYS DA 303 9.45 14.56 -45.99
C LYS DA 303 8.23 15.48 -46.10
N TYR DA 304 7.97 16.22 -45.02
CA TYR DA 304 6.96 17.29 -44.93
C TYR DA 304 5.56 16.80 -45.30
N ARG DA 305 4.98 16.03 -44.37
CA ARG DA 305 3.56 15.68 -44.36
C ARG DA 305 3.11 14.86 -45.55
N ALA DA 306 3.29 13.53 -45.44
CA ALA DA 306 2.90 12.55 -46.45
C ALA DA 306 1.47 12.71 -47.01
N GLY DA 307 0.57 13.41 -46.31
CA GLY DA 307 -0.66 13.84 -46.95
C GLY DA 307 -0.42 14.83 -48.08
N TYR DA 308 0.27 15.93 -47.78
CA TYR DA 308 0.56 16.97 -48.76
C TYR DA 308 1.88 16.74 -49.50
N ASN DA 309 2.33 15.50 -49.59
CA ASN DA 309 3.68 15.23 -50.07
C ASN DA 309 3.74 15.40 -51.58
N GLU DA 310 4.61 16.29 -52.03
CA GLU DA 310 4.89 16.39 -53.46
C GLU DA 310 5.88 15.31 -53.86
N ASP DA 311 6.18 15.26 -55.16
CA ASP DA 311 7.03 14.25 -55.82
C ASP DA 311 6.50 12.84 -55.69
N VAL DA 312 5.23 12.70 -55.32
CA VAL DA 312 4.43 11.49 -55.49
C VAL DA 312 3.20 12.00 -56.24
N GLY DA 313 2.93 13.29 -56.07
CA GLY DA 313 1.82 13.98 -56.68
C GLY DA 313 1.77 15.41 -56.16
N ASP DA 314 0.60 15.89 -55.74
CA ASP DA 314 -0.66 15.17 -55.81
C ASP DA 314 -1.62 15.97 -56.67
N LYS DA 315 -1.09 17.08 -57.21
CA LYS DA 315 -1.78 18.02 -58.10
C LYS DA 315 -3.00 18.68 -57.45
N TRP DA 316 -3.05 18.73 -56.12
CA TRP DA 316 -4.00 19.57 -55.40
C TRP DA 316 -3.24 20.34 -54.33
N ILE DA 317 -2.65 21.46 -54.75
CA ILE DA 317 -1.99 22.39 -53.85
C ILE DA 317 -2.49 23.78 -54.23
N TRP DA 318 -3.60 23.81 -54.97
CA TRP DA 318 -4.24 25.01 -55.49
C TRP DA 318 -3.28 25.83 -56.36
N LEU DA 319 -2.71 25.15 -57.35
CA LEU DA 319 -1.73 25.68 -58.31
C LEU DA 319 -0.50 26.29 -57.64
N PRO EA 1 -11.76 45.27 -16.92
CA PRO EA 1 -12.53 46.49 -17.19
C PRO EA 1 -13.98 46.39 -16.75
N PHE EA 2 -14.62 47.54 -16.56
CA PHE EA 2 -16.05 47.60 -16.28
C PHE EA 2 -16.78 47.95 -17.57
N PHE EA 3 -17.77 47.13 -17.93
CA PHE EA 3 -18.53 47.34 -19.15
C PHE EA 3 -19.92 47.88 -18.81
N ASP EA 4 -20.68 48.19 -19.86
CA ASP EA 4 -21.92 48.95 -19.70
C ASP EA 4 -23.05 48.34 -20.52
N VAL EA 5 -23.13 47.02 -20.57
CA VAL EA 5 -24.27 46.36 -21.21
C VAL EA 5 -25.52 46.57 -20.36
N GLN EA 6 -25.32 46.75 -19.04
CA GLN EA 6 -26.33 47.18 -18.09
C GLN EA 6 -27.07 48.43 -18.56
N LYS EA 7 -26.36 49.40 -19.12
CA LYS EA 7 -27.00 50.57 -19.69
C LYS EA 7 -27.35 50.39 -21.16
N LYS EA 8 -26.62 49.51 -21.87
CA LYS EA 8 -26.75 49.42 -23.31
C LYS EA 8 -28.03 48.71 -23.73
N LEU EA 9 -28.36 47.59 -23.07
CA LEU EA 9 -29.55 46.86 -23.48
C LEU EA 9 -30.84 47.54 -23.03
N GLY EA 10 -30.76 48.47 -22.09
CA GLY EA 10 -31.97 49.09 -21.59
C GLY EA 10 -32.74 48.25 -20.59
N VAL EA 11 -32.11 47.20 -20.06
CA VAL EA 11 -32.69 46.41 -18.98
C VAL EA 11 -31.92 46.78 -17.71
N ASP EA 12 -32.56 47.55 -16.84
CA ASP EA 12 -31.93 47.98 -15.59
C ASP EA 12 -32.21 46.93 -14.52
N LEU EA 13 -31.61 45.77 -14.73
CA LEU EA 13 -31.90 44.58 -13.94
C LEU EA 13 -31.19 44.55 -12.60
N ASP EA 14 -30.27 45.48 -12.35
CA ASP EA 14 -29.44 45.40 -11.16
C ASP EA 14 -29.35 46.71 -10.39
N HIS EA 15 -30.10 47.73 -10.81
CA HIS EA 15 -30.02 49.04 -10.17
C HIS EA 15 -31.00 49.21 -9.01
N TRP EA 16 -31.79 48.18 -8.71
CA TRP EA 16 -32.81 48.28 -7.69
C TRP EA 16 -32.38 47.68 -6.35
N MET EA 17 -31.44 46.73 -6.35
CA MET EA 17 -30.83 46.23 -5.13
C MET EA 17 -29.77 47.17 -4.56
N THR EA 18 -29.66 48.38 -5.08
CA THR EA 18 -28.43 49.15 -5.03
C THR EA 18 -28.37 50.14 -3.88
N ILE EA 19 -29.34 51.03 -3.76
CA ILE EA 19 -29.27 52.07 -2.74
C ILE EA 19 -30.52 51.88 -1.89
N GLN EA 20 -30.73 52.76 -0.91
CA GLN EA 20 -32.07 52.98 -0.40
C GLN EA 20 -32.80 53.92 -1.35
N SER EA 21 -34.06 54.23 -1.03
CA SER EA 21 -34.92 55.22 -1.67
C SER EA 21 -35.31 54.86 -3.12
N ALA EA 22 -34.79 53.78 -3.68
CA ALA EA 22 -35.48 53.12 -4.77
C ALA EA 22 -36.73 52.46 -4.20
N GLU EA 23 -37.74 52.32 -5.04
CA GLU EA 23 -39.09 52.03 -4.56
C GLU EA 23 -39.19 50.62 -3.99
N GLN EA 24 -39.40 50.55 -2.68
CA GLN EA 24 -39.65 49.32 -1.97
C GLN EA 24 -40.99 48.72 -2.41
N PRO EA 25 -41.18 47.39 -2.24
CA PRO EA 25 -42.43 46.77 -2.74
C PRO EA 25 -43.70 47.26 -2.05
N HIS EA 26 -43.60 47.69 -0.80
CA HIS EA 26 -44.60 48.56 -0.21
C HIS EA 26 -43.92 49.89 0.08
N ARG EA 27 -44.60 50.98 -0.26
CA ARG EA 27 -43.94 52.29 -0.37
C ARG EA 27 -43.62 52.82 1.02
N ILE EA 28 -42.55 52.29 1.59
CA ILE EA 28 -42.07 52.69 2.92
C ILE EA 28 -40.67 53.28 2.77
N PRO EA 29 -40.24 54.18 3.64
CA PRO EA 29 -38.88 54.69 3.57
C PRO EA 29 -37.95 53.89 4.46
N ALA EA 30 -36.68 54.23 4.39
CA ALA EA 30 -35.69 53.75 5.34
C ALA EA 30 -35.62 54.75 6.48
N ARG EA 31 -34.59 54.62 7.33
CA ARG EA 31 -34.48 55.52 8.47
C ARG EA 31 -33.83 56.85 8.08
N CYS EA 32 -33.02 56.88 7.03
CA CYS EA 32 -32.28 58.08 6.62
C CYS EA 32 -32.57 58.41 5.15
N HIS EA 33 -33.86 58.48 4.81
CA HIS EA 33 -34.27 58.68 3.41
C HIS EA 33 -33.88 60.05 2.87
N ALA EA 34 -34.30 61.12 3.56
CA ALA EA 34 -34.15 62.47 3.03
C ALA EA 34 -32.69 62.89 2.99
N PHE EA 35 -31.90 62.42 3.95
CA PHE EA 35 -30.46 62.65 3.93
C PHE EA 35 -29.84 62.07 2.68
N GLU EA 36 -30.27 60.87 2.29
CA GLU EA 36 -29.80 60.29 1.04
C GLU EA 36 -30.24 61.09 -0.17
N LYS EA 37 -31.49 61.55 -0.19
CA LYS EA 37 -31.96 62.26 -1.37
C LYS EA 37 -31.20 63.57 -1.56
N GLU EA 38 -30.94 64.29 -0.48
CA GLU EA 38 -30.17 65.52 -0.62
C GLU EA 38 -28.70 65.25 -0.90
N TRP EA 39 -28.16 64.14 -0.41
CA TRP EA 39 -26.76 63.84 -0.68
C TRP EA 39 -26.55 63.41 -2.13
N ILE EA 40 -27.46 62.60 -2.67
CA ILE EA 40 -27.38 62.19 -4.06
C ILE EA 40 -27.61 63.38 -4.97
N GLU EA 41 -28.54 64.27 -4.61
CA GLU EA 41 -28.70 65.48 -5.42
C GLU EA 41 -27.53 66.44 -5.25
N CYS EA 42 -26.79 66.36 -4.15
CA CYS EA 42 -25.57 67.16 -4.02
C CYS EA 42 -24.48 66.63 -4.95
N ALA EA 43 -24.34 65.31 -5.04
CA ALA EA 43 -23.20 64.77 -5.76
C ALA EA 43 -23.60 64.00 -7.01
N HIS EA 44 -24.51 64.56 -7.82
CA HIS EA 44 -24.96 63.84 -9.00
C HIS EA 44 -24.17 64.18 -10.26
N GLY EA 45 -24.21 65.44 -10.68
CA GLY EA 45 -23.51 65.85 -11.89
C GLY EA 45 -22.09 66.28 -11.57
N ILE EA 46 -21.35 65.40 -10.92
CA ILE EA 46 -20.13 65.74 -10.20
C ILE EA 46 -19.08 64.68 -10.54
N GLY EA 47 -17.84 65.13 -10.77
CA GLY EA 47 -16.77 64.21 -11.13
C GLY EA 47 -16.08 63.48 -10.00
N SER EA 48 -16.76 63.29 -8.86
CA SER EA 48 -16.33 62.49 -7.70
C SER EA 48 -15.03 62.99 -7.06
N ILE EA 49 -14.64 64.24 -7.29
CA ILE EA 49 -13.51 64.85 -6.60
C ILE EA 49 -13.92 66.14 -5.89
N ARG EA 50 -14.69 66.98 -6.57
CA ARG EA 50 -15.44 68.00 -5.87
C ARG EA 50 -16.63 67.41 -5.11
N ALA EA 51 -16.96 66.14 -5.32
CA ALA EA 51 -17.81 65.43 -4.37
C ALA EA 51 -17.07 65.19 -3.06
N GLU EA 52 -15.77 64.93 -3.13
CA GLU EA 52 -14.98 64.75 -1.92
C GLU EA 52 -14.80 66.07 -1.20
N LYS EA 53 -14.58 67.16 -1.94
CA LYS EA 53 -14.23 68.43 -1.32
C LYS EA 53 -15.37 69.44 -1.29
N GLU EA 54 -16.58 69.08 -1.68
CA GLU EA 54 -17.64 70.09 -1.65
C GLU EA 54 -18.91 69.64 -0.93
N CYS EA 55 -19.29 68.37 -1.04
CA CYS EA 55 -20.48 67.87 -0.37
C CYS EA 55 -20.14 67.26 0.99
N LYS EA 56 -19.13 67.79 1.68
CA LYS EA 56 -18.64 67.16 2.90
C LYS EA 56 -19.62 67.32 4.05
N ILE EA 57 -20.28 68.48 4.14
CA ILE EA 57 -21.16 68.79 5.26
C ILE EA 57 -22.38 67.87 5.24
N GLU EA 58 -23.03 67.74 4.08
CA GLU EA 58 -24.20 66.88 3.99
C GLU EA 58 -23.83 65.41 4.06
N PHE EA 59 -22.61 65.06 3.65
CA PHE EA 59 -22.16 63.68 3.80
C PHE EA 59 -21.92 63.34 5.26
N GLU EA 60 -21.36 64.27 6.04
CA GLU EA 60 -21.19 64.04 7.47
C GLU EA 60 -22.53 63.98 8.18
N ASP EA 61 -23.49 64.79 7.73
CA ASP EA 61 -24.86 64.72 8.26
C ASP EA 61 -25.48 63.35 7.98
N PHE EA 62 -25.27 62.83 6.76
CA PHE EA 62 -25.79 61.51 6.44
C PHE EA 62 -25.10 60.40 7.22
N ARG EA 63 -23.79 60.50 7.40
CA ARG EA 63 -23.06 59.50 8.17
C ARG EA 63 -23.49 59.46 9.63
N GLU EA 64 -23.68 60.64 10.21
CA GLU EA 64 -24.16 60.71 11.59
C GLU EA 64 -25.65 60.42 11.71
N CYS EA 65 -26.40 60.44 10.61
CA CYS EA 65 -27.73 59.82 10.64
C CYS EA 65 -27.61 58.32 10.67
N LEU EA 66 -26.67 57.77 9.88
CA LEU EA 66 -26.63 56.34 9.68
C LEU EA 66 -26.10 55.61 10.91
N LEU EA 67 -25.04 56.13 11.54
CA LEU EA 67 -24.48 55.44 12.69
C LEU EA 67 -24.84 56.07 14.03
N ARG EA 68 -25.06 57.38 14.05
CA ARG EA 68 -25.33 58.17 15.25
C ARG EA 68 -24.23 57.97 16.28
N GLN EA 69 -23.02 58.36 15.89
CA GLN EA 69 -21.87 58.18 16.76
C GLN EA 69 -21.81 59.25 17.84
N LYS EA 70 -21.66 60.51 17.43
CA LYS EA 70 -21.43 61.58 18.39
C LYS EA 70 -22.68 61.98 19.15
N THR EA 71 -23.85 61.67 18.61
CA THR EA 71 -25.08 61.87 19.37
C THR EA 71 -25.13 60.91 20.55
N MET EA 72 -24.72 59.66 20.33
CA MET EA 72 -24.57 58.72 21.43
C MET EA 72 -23.44 59.14 22.36
N LYS EA 73 -22.41 59.81 21.84
CA LYS EA 73 -21.35 60.32 22.72
C LYS EA 73 -21.89 61.39 23.66
N ARG EA 74 -22.73 62.28 23.15
CA ARG EA 74 -23.36 63.31 23.96
C ARG EA 74 -24.29 62.71 25.00
N LEU EA 75 -25.07 61.70 24.60
CA LEU EA 75 -25.99 61.04 25.53
C LEU EA 75 -25.23 60.27 26.60
N ASN EA 76 -24.09 59.67 26.23
CA ASN EA 76 -23.28 58.94 27.19
C ASN EA 76 -22.61 59.88 28.18
N ALA EA 77 -22.19 61.06 27.71
CA ALA EA 77 -21.64 62.07 28.60
C ALA EA 77 -22.69 62.56 29.59
N ILE EA 78 -23.93 62.72 29.12
CA ILE EA 78 -25.05 63.08 29.99
C ILE EA 78 -25.30 61.99 31.04
N LYS EA 79 -25.22 60.71 30.63
CA LYS EA 79 -25.41 59.60 31.56
C LYS EA 79 -24.32 59.55 32.63
N ARG EA 80 -23.06 59.72 32.22
CA ARG EA 80 -21.97 59.68 33.19
C ARG EA 80 -22.02 60.87 34.15
N GLN EA 81 -22.40 62.05 33.63
CA GLN EA 81 -22.55 63.22 34.50
C GLN EA 81 -23.70 63.04 35.48
N ARG EA 82 -24.82 62.48 35.01
CA ARG EA 82 -25.96 62.18 35.87
C ARG EA 82 -25.60 61.18 36.96
N ASP EA 83 -24.79 60.16 36.60
CA ASP EA 83 -24.34 59.19 37.59
C ASP EA 83 -23.43 59.82 38.63
N LYS EA 84 -22.51 60.69 38.22
CA LYS EA 84 -21.61 61.26 39.23
C LYS EA 84 -22.32 62.30 40.09
N LEU EA 85 -23.32 63.01 39.57
CA LEU EA 85 -24.01 63.96 40.44
C LEU EA 85 -25.06 63.29 41.32
N ILE EA 86 -25.63 62.16 40.91
CA ILE EA 86 -26.46 61.41 41.86
C ILE EA 86 -25.57 60.68 42.86
N LYS EA 87 -24.32 60.38 42.50
CA LYS EA 87 -23.35 59.91 43.48
C LYS EA 87 -23.02 61.00 44.49
N GLU EA 88 -22.98 62.24 44.02
CA GLU EA 88 -22.81 63.39 44.92
C GLU EA 88 -24.01 63.56 45.84
N GLY EA 89 -25.21 63.55 45.29
CA GLY EA 89 -26.43 63.64 46.08
C GLY EA 89 -27.24 64.91 45.86
N LYS EA 90 -26.77 65.86 45.07
CA LYS EA 90 -27.54 67.07 44.80
C LYS EA 90 -28.73 66.76 43.91
N TYR EA 91 -29.91 67.21 44.32
CA TYR EA 91 -31.21 67.02 43.65
C TYR EA 91 -31.45 65.55 43.28
N THR EA 92 -31.73 64.78 44.35
CA THR EA 92 -32.32 63.45 44.28
C THR EA 92 -33.43 63.48 43.25
N PRO EA 93 -33.27 62.74 42.15
CA PRO EA 93 -33.67 63.25 40.82
C PRO EA 93 -35.18 63.24 40.60
N PRO EA 94 -35.74 64.41 40.30
CA PRO EA 94 -37.06 64.46 39.64
C PRO EA 94 -37.04 64.41 38.11
N PRO EA 95 -35.93 63.99 37.39
CA PRO EA 95 -36.17 63.56 36.01
C PRO EA 95 -36.81 62.19 35.75
N HIS EA 96 -37.40 61.51 36.74
CA HIS EA 96 -38.08 60.25 36.46
C HIS EA 96 -39.50 60.26 37.01
N HIS EA 97 -40.47 60.40 36.10
CA HIS EA 97 -41.89 60.08 36.25
C HIS EA 97 -42.66 61.05 37.16
N SER EA 98 -41.96 61.94 37.86
CA SER EA 98 -42.59 62.77 38.88
C SER EA 98 -41.61 63.86 39.27
N GLY EA 99 -42.10 64.78 40.10
CA GLY EA 99 -41.26 65.82 40.66
C GLY EA 99 -40.59 65.37 41.94
N ASN FA 10 -47.50 2.73 -24.45
CA ASN FA 10 -46.18 3.31 -24.63
C ASN FA 10 -45.41 3.42 -23.30
N VAL FA 11 -44.93 4.62 -22.98
CA VAL FA 11 -44.15 4.85 -21.77
C VAL FA 11 -45.03 4.97 -20.53
N TRP FA 12 -46.36 4.98 -20.71
CA TRP FA 12 -47.29 4.94 -19.58
C TRP FA 12 -47.15 3.66 -18.78
N ALA FA 13 -46.71 2.58 -19.40
CA ALA FA 13 -46.36 1.36 -18.69
C ALA FA 13 -44.91 1.34 -18.22
N LYS FA 14 -44.05 2.20 -18.78
CA LYS FA 14 -42.62 2.11 -18.49
C LYS FA 14 -42.27 2.83 -17.19
N GLU FA 15 -42.48 4.14 -17.12
CA GLU FA 15 -42.13 4.95 -15.97
C GLU FA 15 -43.29 5.90 -15.69
N PRO FA 16 -44.35 5.40 -15.05
CA PRO FA 16 -45.64 6.11 -15.13
C PRO FA 16 -45.71 7.37 -14.29
N VAL FA 17 -45.07 7.40 -13.12
CA VAL FA 17 -45.13 8.56 -12.26
C VAL FA 17 -44.36 9.73 -12.88
N LEU FA 18 -43.33 9.42 -13.67
CA LEU FA 18 -42.62 10.46 -14.41
C LEU FA 18 -43.53 11.08 -15.48
N VAL FA 19 -44.30 10.25 -16.19
CA VAL FA 19 -45.17 10.76 -17.25
C VAL FA 19 -46.28 11.60 -16.66
N ALA FA 20 -46.82 11.18 -15.51
CA ALA FA 20 -47.82 11.99 -14.82
C ALA FA 20 -47.23 13.31 -14.35
N SER FA 21 -45.98 13.29 -13.90
CA SER FA 21 -45.31 14.52 -13.48
C SER FA 21 -45.10 15.48 -14.65
N PHE FA 22 -44.70 14.95 -15.81
CA PHE FA 22 -44.58 15.77 -17.01
C PHE FA 22 -45.92 16.34 -17.45
N ALA FA 23 -46.99 15.56 -17.30
CA ALA FA 23 -48.31 16.01 -17.74
C ALA FA 23 -48.82 17.15 -16.87
N ILE FA 24 -48.73 16.99 -15.53
CA ILE FA 24 -49.18 18.06 -14.65
C ILE FA 24 -48.22 19.25 -14.74
N ALA FA 25 -46.94 19.01 -15.06
CA ALA FA 25 -45.99 20.08 -15.30
C ALA FA 25 -46.36 20.90 -16.52
N GLY FA 26 -46.69 20.23 -17.62
CA GLY FA 26 -47.04 20.92 -18.84
C GLY FA 26 -48.36 21.69 -18.73
N LEU FA 27 -49.32 21.13 -18.01
CA LEU FA 27 -50.56 21.89 -17.83
C LEU FA 27 -50.36 23.06 -16.88
N ALA FA 28 -49.45 22.91 -15.91
CA ALA FA 28 -49.12 24.05 -15.05
C ALA FA 28 -48.38 25.14 -15.81
N VAL FA 29 -47.61 24.76 -16.83
CA VAL FA 29 -46.99 25.76 -17.70
C VAL FA 29 -48.04 26.45 -18.56
N ILE FA 30 -48.89 25.68 -19.22
CA ILE FA 30 -49.78 26.22 -20.24
C ILE FA 30 -50.91 27.02 -19.63
N LEU FA 31 -51.63 26.41 -18.68
CA LEU FA 31 -52.93 26.82 -18.16
C LEU FA 31 -53.10 28.28 -17.71
N PRO FA 32 -52.06 29.01 -17.25
CA PRO FA 32 -52.25 30.47 -17.08
C PRO FA 32 -52.41 31.25 -18.39
N THR FA 33 -52.13 30.67 -19.56
CA THR FA 33 -52.41 31.39 -20.80
C THR FA 33 -53.90 31.44 -21.09
N LEU FA 34 -54.58 30.30 -20.99
CA LEU FA 34 -56.03 30.27 -21.14
C LEU FA 34 -56.61 30.36 -19.73
N SER FA 35 -56.89 31.60 -19.31
CA SER FA 35 -57.32 31.85 -17.95
C SER FA 35 -58.12 33.14 -17.88
N PRO FA 36 -59.40 33.08 -17.54
CA PRO FA 36 -60.20 34.32 -17.45
C PRO FA 36 -60.14 34.98 -16.08
N TYR FA 37 -59.17 34.63 -15.25
CA TYR FA 37 -59.10 35.11 -13.88
C TYR FA 37 -57.80 35.80 -13.50
N THR FA 38 -56.82 35.87 -14.41
CA THR FA 38 -55.51 36.42 -14.04
C THR FA 38 -55.57 37.93 -13.88
N LYS FA 39 -56.36 38.60 -14.73
CA LYS FA 39 -56.59 40.03 -14.54
C LYS FA 39 -57.35 40.31 -13.25
N TYR FA 40 -58.23 39.39 -12.84
CA TYR FA 40 -58.89 39.49 -11.54
C TYR FA 40 -57.87 39.37 -10.42
N SER FA 41 -56.93 38.44 -10.56
CA SER FA 41 -55.87 38.26 -9.56
C SER FA 41 -55.03 39.52 -9.42
N LEU FA 42 -54.68 40.14 -10.56
CA LEU FA 42 -53.82 41.32 -10.49
C LEU FA 42 -54.58 42.53 -9.96
N MET FA 43 -55.89 42.62 -10.24
CA MET FA 43 -56.67 43.72 -9.67
C MET FA 43 -56.84 43.57 -8.17
N ILE FA 44 -57.08 42.34 -7.70
CA ILE FA 44 -57.16 42.07 -6.26
C ILE FA 44 -55.83 42.39 -5.60
N ASN FA 45 -54.73 42.02 -6.24
CA ASN FA 45 -53.43 42.20 -5.62
C ASN FA 45 -52.99 43.66 -5.62
N ARG FA 46 -53.39 44.42 -6.65
CA ARG FA 46 -53.06 45.83 -6.69
C ARG FA 46 -53.94 46.66 -5.75
N ALA FA 47 -55.21 46.30 -5.62
CA ALA FA 47 -56.16 47.15 -4.91
C ALA FA 47 -56.11 46.99 -3.39
N THR FA 48 -55.01 46.51 -2.83
CA THR FA 48 -54.84 46.40 -1.38
C THR FA 48 -53.71 47.30 -0.91
N PRO FA 49 -53.99 48.39 -0.19
CA PRO FA 49 -52.94 49.34 0.16
C PRO FA 49 -52.22 49.00 1.46
N TYR FA 50 -50.90 49.15 1.42
CA TYR FA 50 -50.06 48.96 2.60
C TYR FA 50 -49.76 50.26 3.31
N ASN FA 51 -49.34 51.27 2.57
CA ASN FA 51 -48.94 52.53 3.16
C ASN FA 51 -50.16 53.42 3.32
N TYR FA 52 -49.94 54.63 3.73
CA TYR FA 52 -51.08 55.53 3.81
C TYR FA 52 -51.42 56.04 2.42
N PRO FA 53 -52.71 56.09 2.06
CA PRO FA 53 -53.08 56.76 0.81
C PRO FA 53 -52.92 58.26 0.96
N VAL FA 54 -51.82 58.77 0.42
CA VAL FA 54 -51.36 60.12 0.73
C VAL FA 54 -52.24 61.12 -0.04
N PRO FA 55 -52.69 62.20 0.60
CA PRO FA 55 -53.46 63.21 -0.12
C PRO FA 55 -52.58 64.08 -1.00
N LEU FA 56 -53.17 65.12 -1.57
CA LEU FA 56 -52.44 66.04 -2.43
C LEU FA 56 -53.01 67.44 -2.25
N ARG FA 57 -52.20 68.43 -2.65
CA ARG FA 57 -52.64 69.82 -2.65
C ARG FA 57 -53.83 69.97 -3.58
N ASP FA 58 -54.87 70.65 -3.09
CA ASP FA 58 -56.28 70.43 -3.42
C ASP FA 58 -56.63 70.24 -4.89
N ASP FA 59 -56.44 71.25 -5.72
CA ASP FA 59 -56.96 71.27 -7.08
C ASP FA 59 -56.25 72.33 -7.90
N GLY FA 60 -56.10 72.02 -9.19
CA GLY FA 60 -55.99 73.02 -10.22
C GLY FA 60 -57.32 73.05 -10.94
N ASN FA 61 -58.38 72.89 -10.14
CA ASN FA 61 -59.76 72.67 -10.56
C ASN FA 61 -59.86 71.50 -11.54
N MET FA 62 -59.45 70.34 -11.05
CA MET FA 62 -59.39 69.02 -11.68
C MET FA 62 -60.65 68.22 -11.39
N PRO FA 63 -61.27 67.60 -12.41
CA PRO FA 63 -62.47 66.79 -12.17
C PRO FA 63 -62.18 65.37 -11.71
N ASP FA 64 -61.23 65.25 -10.78
CA ASP FA 64 -60.81 63.98 -10.24
C ASP FA 64 -60.62 64.21 -8.74
N VAL FA 65 -59.93 63.29 -8.09
CA VAL FA 65 -59.45 63.30 -6.69
C VAL FA 65 -60.56 63.75 -5.74
N PRO FA 66 -61.54 62.89 -5.46
CA PRO FA 66 -62.78 63.35 -4.80
C PRO FA 66 -62.58 63.74 -3.35
N SER FA 67 -63.37 64.74 -2.93
CA SER FA 67 -63.18 65.37 -1.63
C SER FA 67 -63.82 64.57 -0.50
N HIS FA 68 -65.05 64.14 -0.69
CA HIS FA 68 -65.54 63.27 0.37
C HIS FA 68 -65.15 61.83 0.04
N PRO FA 69 -64.73 61.01 1.00
CA PRO FA 69 -64.52 59.58 0.72
C PRO FA 69 -65.79 58.81 0.35
N GLN FA 70 -66.97 59.39 0.50
CA GLN FA 70 -68.19 58.79 0.00
C GLN FA 70 -68.37 58.98 -1.50
N ASP FA 71 -67.76 60.02 -2.07
CA ASP FA 71 -67.93 60.38 -3.49
C ASP FA 71 -67.36 59.31 -4.41
N PRO FA 72 -68.16 58.74 -5.31
CA PRO FA 72 -67.65 57.67 -6.19
C PRO FA 72 -66.93 58.16 -7.44
N GLN FA 73 -66.51 59.43 -7.48
CA GLN FA 73 -65.75 59.91 -8.63
C GLN FA 73 -64.37 59.29 -8.72
N GLY FA 74 -63.80 58.88 -7.58
CA GLY FA 74 -62.52 58.22 -7.56
C GLY FA 74 -62.66 56.75 -7.91
N PRO FA 75 -61.54 56.10 -8.23
CA PRO FA 75 -61.59 54.68 -8.61
C PRO FA 75 -61.72 53.81 -7.37
N SER FA 76 -62.77 53.00 -7.33
CA SER FA 76 -63.08 52.18 -6.17
C SER FA 76 -63.16 50.71 -6.59
N LEU FA 77 -63.61 49.89 -5.65
CA LEU FA 77 -63.80 48.46 -5.84
C LEU FA 77 -65.27 48.13 -5.68
N GLU FA 78 -65.81 47.39 -6.64
CA GLU FA 78 -67.18 46.90 -6.56
C GLU FA 78 -67.32 45.43 -6.90
N TRP FA 79 -66.35 44.82 -7.57
CA TRP FA 79 -66.34 43.38 -7.81
C TRP FA 79 -65.86 42.60 -6.61
N LEU FA 80 -65.39 43.27 -5.57
CA LEU FA 80 -65.03 42.59 -4.33
C LEU FA 80 -66.25 42.05 -3.63
N LYS FA 81 -67.20 42.95 -3.30
CA LYS FA 81 -68.41 42.57 -2.56
C LYS FA 81 -69.26 41.59 -3.36
N ARG FA 82 -69.24 41.67 -4.68
CA ARG FA 82 -70.06 40.86 -5.56
C ARG FA 82 -69.30 39.65 -6.09
N LEU FA 83 -68.48 39.03 -5.24
CA LEU FA 83 -67.63 37.85 -5.54
C LEU FA 83 -66.60 38.20 -6.61
N SER GA 11 86.70 18.94 -60.64
CA SER GA 11 86.81 19.25 -59.22
C SER GA 11 88.12 18.71 -58.65
N LYS GA 12 89.16 18.74 -59.48
CA LYS GA 12 90.48 18.27 -59.09
C LYS GA 12 91.16 19.30 -58.19
N MET GA 13 92.14 18.83 -57.41
CA MET GA 13 92.84 19.74 -56.50
C MET GA 13 94.36 19.57 -56.52
N GLU GA 14 94.86 18.40 -56.95
CA GLU GA 14 96.28 18.04 -57.19
C GLU GA 14 97.10 17.89 -55.91
N LEU GA 15 96.52 18.23 -54.75
CA LEU GA 15 97.05 17.97 -53.40
C LEU GA 15 98.48 18.45 -53.18
N PRO GA 16 98.71 19.76 -52.98
CA PRO GA 16 100.02 20.22 -52.50
C PRO GA 16 100.36 19.55 -51.17
N ASP GA 17 101.37 18.70 -51.19
CA ASP GA 17 101.41 17.55 -50.32
C ASP GA 17 102.30 17.75 -49.09
N TYR GA 18 102.33 16.70 -48.29
CA TYR GA 18 103.07 16.64 -47.03
C TYR GA 18 104.56 16.54 -47.29
N LYS GA 19 105.32 16.40 -46.18
CA LYS GA 19 106.80 16.32 -46.10
C LYS GA 19 107.50 17.38 -46.96
N GLN GA 20 106.85 18.53 -47.10
CA GLN GA 20 107.24 19.61 -47.98
C GLN GA 20 107.35 20.86 -47.14
N TRP GA 21 106.51 20.92 -46.10
CA TRP GA 21 106.46 22.11 -45.26
C TRP GA 21 107.72 22.24 -44.42
N LYS GA 22 108.05 21.19 -43.66
CA LYS GA 22 109.37 20.97 -43.07
C LYS GA 22 109.76 22.14 -42.16
N ILE GA 23 109.03 22.22 -41.05
CA ILE GA 23 108.39 23.46 -40.57
C ILE GA 23 109.26 24.72 -40.60
N GLU GA 24 110.34 24.77 -39.79
CA GLU GA 24 111.45 25.73 -39.89
C GLU GA 24 111.04 27.22 -39.78
N GLY GA 25 109.74 27.50 -39.63
CA GLY GA 25 109.27 28.87 -39.61
C GLY GA 25 109.58 29.47 -38.27
N THR GA 26 110.29 30.61 -38.28
CA THR GA 26 111.09 31.00 -37.13
C THR GA 26 110.35 31.22 -35.81
N PRO GA 27 109.11 31.74 -35.74
CA PRO GA 27 108.43 31.72 -34.43
C PRO GA 27 108.09 30.32 -33.95
N LEU GA 28 107.63 29.43 -34.84
CA LEU GA 28 107.34 28.05 -34.41
C LEU GA 28 108.60 27.29 -34.05
N GLU GA 29 109.68 27.51 -34.79
CA GLU GA 29 110.93 26.81 -34.49
C GLU GA 29 111.54 27.30 -33.18
N THR GA 30 111.53 28.62 -32.95
CA THR GA 30 112.06 29.12 -31.68
C THR GA 30 111.14 28.81 -30.51
N VAL GA 31 109.84 28.67 -30.74
CA VAL GA 31 109.00 28.30 -29.61
C VAL GA 31 109.08 26.81 -29.35
N GLN GA 32 109.44 26.00 -30.35
CA GLN GA 32 109.76 24.62 -30.07
C GLN GA 32 111.13 24.49 -29.40
N GLU GA 33 112.02 25.47 -29.64
CA GLU GA 33 113.25 25.56 -28.86
C GLU GA 33 112.97 25.87 -27.39
N LYS GA 34 112.10 26.86 -27.14
CA LYS GA 34 111.78 27.24 -25.76
C LYS GA 34 111.03 26.13 -25.04
N LEU GA 35 110.11 25.45 -25.74
CA LEU GA 35 109.41 24.33 -25.15
C LEU GA 35 110.29 23.10 -25.04
N ALA GA 36 111.36 23.03 -25.84
CA ALA GA 36 112.36 21.97 -25.67
C ALA GA 36 113.17 22.20 -24.40
N ALA GA 37 113.58 23.45 -24.16
CA ALA GA 37 114.26 23.79 -22.91
C ALA GA 37 113.32 23.65 -21.72
N ARG GA 38 112.02 23.82 -21.94
CA ARG GA 38 111.04 23.53 -20.91
C ARG GA 38 110.95 22.02 -20.66
N GLY GA 39 111.06 21.22 -21.71
CA GLY GA 39 111.12 19.78 -21.53
C GLY GA 39 109.82 19.07 -21.82
N LEU GA 40 109.15 19.46 -22.91
CA LEU GA 40 107.93 18.81 -23.35
C LEU GA 40 108.11 18.12 -24.70
N ARG GA 41 108.51 18.89 -25.73
CA ARG GA 41 108.94 18.39 -27.04
C ARG GA 41 107.86 17.56 -27.73
N ASP GA 42 106.62 18.00 -27.60
CA ASP GA 42 105.48 17.32 -28.22
C ASP GA 42 104.46 18.33 -28.77
N PRO GA 43 104.79 19.02 -29.87
CA PRO GA 43 103.85 19.99 -30.42
C PRO GA 43 102.82 19.37 -31.33
N TRP GA 44 102.04 20.21 -32.00
CA TRP GA 44 101.16 19.72 -33.06
C TRP GA 44 101.93 19.48 -34.35
N GLY GA 45 102.90 20.34 -34.66
CA GLY GA 45 103.87 20.02 -35.68
C GLY GA 45 103.87 20.87 -36.93
N ARG GA 46 104.01 20.22 -38.07
CA ARG GA 46 104.34 20.84 -39.34
C ARG GA 46 103.15 21.44 -40.05
N ASN GA 47 102.10 21.79 -39.31
CA ASN GA 47 100.88 22.29 -39.93
C ASN GA 47 101.09 23.65 -40.56
N GLU GA 48 101.47 24.63 -39.76
CA GLU GA 48 101.24 26.04 -40.08
C GLU GA 48 102.35 26.66 -40.91
N ALA GA 49 103.17 25.84 -41.58
CA ALA GA 49 104.13 26.42 -42.49
C ALA GA 49 103.49 26.98 -43.75
N TRP GA 50 102.28 26.51 -44.10
CA TRP GA 50 101.54 27.20 -45.14
C TRP GA 50 101.05 28.56 -44.68
N ARG GA 51 101.02 28.79 -43.38
CA ARG GA 51 100.79 30.12 -42.84
C ARG GA 51 102.08 30.90 -42.64
N TYR GA 52 103.22 30.22 -42.61
CA TYR GA 52 104.49 30.90 -42.30
C TYR GA 52 105.52 30.90 -43.43
N MET GA 53 105.15 30.48 -44.64
CA MET GA 53 106.00 30.69 -45.81
C MET GA 53 105.13 30.66 -47.06
N GLY GA 54 105.77 30.81 -48.22
CA GLY GA 54 105.06 30.95 -49.48
C GLY GA 54 105.16 32.37 -50.00
N GLY GA 55 104.02 33.02 -50.23
CA GLY GA 55 104.00 34.47 -50.38
C GLY GA 55 103.91 35.19 -49.05
N PHE GA 56 103.95 34.42 -47.97
CA PHE GA 56 103.94 34.84 -46.58
C PHE GA 56 105.39 35.03 -46.16
N ALA GA 57 105.69 34.85 -44.86
CA ALA GA 57 107.07 34.84 -44.35
C ALA GA 57 107.75 36.20 -44.48
N ASN GA 58 107.48 37.07 -43.49
CA ASN GA 58 107.76 38.50 -43.39
C ASN GA 58 106.86 39.27 -44.34
N ASN GA 59 105.56 39.06 -44.16
CA ASN GA 59 104.58 40.10 -44.43
C ASN GA 59 105.01 41.37 -43.69
N VAL GA 60 104.90 42.51 -44.38
CA VAL GA 60 105.64 43.72 -44.00
C VAL GA 60 105.11 44.28 -42.68
N SER GA 61 105.98 45.02 -41.98
CA SER GA 61 105.62 45.63 -40.72
C SER GA 61 104.66 46.80 -40.93
N PHE GA 62 104.10 47.30 -39.84
CA PHE GA 62 102.93 48.17 -39.91
C PHE GA 62 103.25 49.54 -40.49
N VAL GA 63 104.42 50.09 -40.16
CA VAL GA 63 104.77 51.38 -40.74
C VAL GA 63 105.15 51.25 -42.21
N GLY GA 64 105.43 50.04 -42.68
CA GLY GA 64 105.73 49.85 -44.09
C GLY GA 64 104.53 50.07 -44.99
N ALA GA 65 103.33 49.70 -44.52
CA ALA GA 65 102.13 49.95 -45.30
C ALA GA 65 101.83 51.44 -45.40
N LEU GA 66 102.28 52.22 -44.42
CA LEU GA 66 102.12 53.66 -44.49
C LEU GA 66 103.25 54.31 -45.29
N LEU GA 67 104.44 53.70 -45.31
CA LEU GA 67 105.52 54.15 -46.17
C LEU GA 67 105.35 53.70 -47.61
N LYS GA 68 104.35 52.86 -47.89
CA LYS GA 68 104.12 52.35 -49.24
C LYS GA 68 103.69 53.44 -50.22
N GLY GA 69 103.23 54.59 -49.72
CA GLY GA 69 102.55 55.57 -50.55
C GLY GA 69 103.42 56.35 -51.51
N PHE GA 70 104.71 56.52 -51.21
CA PHE GA 70 105.54 57.44 -51.99
C PHE GA 70 106.49 56.75 -52.95
N LYS GA 71 106.30 55.47 -53.25
CA LYS GA 71 107.17 54.84 -54.24
C LYS GA 71 106.83 55.31 -55.65
N TRP GA 72 105.55 55.45 -55.95
CA TRP GA 72 105.14 56.20 -57.13
C TRP GA 72 104.86 57.66 -56.78
N GLY GA 73 104.83 57.99 -55.49
CA GLY GA 73 104.39 59.28 -55.03
C GLY GA 73 105.38 60.40 -55.17
N PHE GA 74 106.63 60.17 -54.72
CA PHE GA 74 107.65 61.22 -54.74
C PHE GA 74 108.01 61.65 -56.15
N ALA GA 75 108.00 60.72 -57.11
CA ALA GA 75 108.30 61.08 -58.49
C ALA GA 75 107.24 62.01 -59.04
N ALA GA 76 105.97 61.69 -58.80
CA ALA GA 76 104.87 62.56 -59.21
C ALA GA 76 104.91 63.89 -58.47
N PHE GA 77 105.34 63.88 -57.21
CA PHE GA 77 105.40 65.12 -56.46
C PHE GA 77 106.52 66.03 -56.95
N VAL GA 78 107.67 65.46 -57.32
CA VAL GA 78 108.77 66.26 -57.85
C VAL GA 78 108.41 66.81 -59.23
N VAL GA 79 107.66 66.01 -60.02
CA VAL GA 79 107.18 66.51 -61.31
C VAL GA 79 106.18 67.65 -61.13
N ALA GA 80 105.34 67.57 -60.10
CA ALA GA 80 104.39 68.65 -59.85
C ALA GA 80 105.07 69.88 -59.26
N VAL GA 81 106.15 69.69 -58.50
CA VAL GA 81 106.96 70.84 -58.04
C VAL GA 81 107.62 71.53 -59.22
N GLY GA 82 108.16 70.75 -60.16
CA GLY GA 82 108.68 71.31 -61.39
C GLY GA 82 107.63 71.94 -62.28
N ALA GA 83 106.37 71.55 -62.13
CA ALA GA 83 105.28 72.17 -62.87
C ALA GA 83 105.00 73.57 -62.35
N MET HA 2 -6.19 58.36 -18.57
CA MET HA 2 -7.35 59.18 -18.85
C MET HA 2 -8.59 58.29 -18.85
N THR HA 3 -9.73 58.81 -18.43
CA THR HA 3 -10.92 58.01 -18.20
C THR HA 3 -12.09 58.56 -19.00
N GLY HA 4 -13.01 57.68 -19.40
CA GLY HA 4 -14.33 58.07 -19.88
C GLY HA 4 -14.99 59.02 -18.92
N ARG HA 5 -15.26 60.31 -19.22
CA ARG HA 5 -15.48 61.01 -20.51
C ARG HA 5 -16.62 60.30 -21.23
N GLN HA 6 -17.80 60.49 -20.62
CA GLN HA 6 -19.11 60.16 -21.20
C GLN HA 6 -19.28 58.66 -21.42
N ALA HA 7 -19.03 57.89 -20.36
CA ALA HA 7 -19.50 56.51 -20.29
C ALA HA 7 -20.87 56.48 -19.62
N ARG HA 8 -21.83 57.12 -20.28
CA ARG HA 8 -23.15 57.39 -19.71
C ARG HA 8 -24.34 56.77 -20.44
N ALA HA 9 -24.57 56.97 -21.76
CA ALA HA 9 -23.71 56.99 -22.97
C ALA HA 9 -22.77 55.80 -22.96
N PRO HA 10 -23.32 54.61 -23.29
CA PRO HA 10 -22.58 53.35 -23.06
C PRO HA 10 -21.44 53.11 -24.03
N LEU HA 11 -20.89 51.88 -23.99
CA LEU HA 11 -19.59 51.49 -24.54
C LEU HA 11 -19.31 51.99 -25.96
N GLN HA 12 -20.15 51.63 -26.94
CA GLN HA 12 -20.29 52.30 -28.23
C GLN HA 12 -18.97 52.33 -29.01
N PHE HA 13 -18.58 51.14 -29.48
CA PHE HA 13 -17.34 50.85 -30.21
C PHE HA 13 -16.94 51.90 -31.25
N LEU HA 14 -17.89 52.43 -31.98
CA LEU HA 14 -17.63 53.64 -32.74
C LEU HA 14 -18.84 54.55 -32.61
N PRO HA 15 -18.67 55.76 -32.06
CA PRO HA 15 -19.82 56.64 -31.84
C PRO HA 15 -20.35 57.21 -33.14
N ASP HA 16 -21.52 57.86 -33.05
CA ASP HA 16 -22.07 58.48 -34.23
C ASP HA 16 -21.42 59.83 -34.51
N GLU HA 17 -20.63 60.34 -33.56
CA GLU HA 17 -19.77 61.48 -33.83
C GLU HA 17 -18.46 61.08 -34.48
N ALA HA 18 -18.22 59.79 -34.66
CA ALA HA 18 -17.02 59.31 -35.33
C ALA HA 18 -17.15 59.31 -36.85
N ARG HA 19 -18.28 59.78 -37.39
CA ARG HA 19 -18.43 59.92 -38.83
C ARG HA 19 -18.24 61.36 -39.28
N SER HA 20 -17.33 62.08 -38.62
CA SER HA 20 -16.88 63.39 -39.04
C SER HA 20 -15.39 63.44 -39.30
N LEU HA 21 -14.62 62.56 -38.68
CA LEU HA 21 -13.19 62.48 -38.89
C LEU HA 21 -12.88 61.93 -40.28
N PRO HA 22 -11.69 62.20 -40.82
CA PRO HA 22 -11.28 61.56 -42.06
C PRO HA 22 -10.98 60.09 -41.83
N PRO HA 23 -11.50 59.21 -42.67
CA PRO HA 23 -11.27 57.77 -42.48
C PRO HA 23 -9.87 57.40 -42.91
N PRO HA 24 -9.36 56.25 -42.48
CA PRO HA 24 -8.09 55.74 -43.03
C PRO HA 24 -8.29 55.32 -44.47
N LYS HA 25 -7.40 55.79 -45.34
CA LYS HA 25 -7.56 55.61 -46.77
C LYS HA 25 -7.22 54.18 -47.18
N LEU HA 26 -7.48 53.89 -48.45
CA LEU HA 26 -7.02 52.66 -49.05
C LEU HA 26 -5.50 52.69 -49.15
N THR HA 27 -4.90 51.48 -49.09
CA THR HA 27 -3.46 51.17 -49.03
C THR HA 27 -2.64 52.11 -48.14
N ASP HA 28 -3.20 52.46 -46.98
CA ASP HA 28 -2.41 53.11 -45.94
C ASP HA 28 -1.34 52.15 -45.42
N PRO HA 29 -0.16 52.64 -45.04
CA PRO HA 29 0.95 51.73 -44.73
C PRO HA 29 0.76 50.90 -43.49
N ARG HA 30 -0.04 51.34 -42.52
CA ARG HA 30 -0.23 50.56 -41.31
C ARG HA 30 -1.06 49.31 -41.58
N LEU HA 31 -2.15 49.45 -42.33
CA LEU HA 31 -2.89 48.25 -42.71
C LEU HA 31 -2.15 47.43 -43.76
N ALA HA 32 -1.22 48.05 -44.50
CA ALA HA 32 -0.32 47.26 -45.34
C ALA HA 32 0.60 46.40 -44.49
N TYR HA 33 1.07 46.94 -43.35
CA TYR HA 33 1.85 46.14 -42.41
C TYR HA 33 0.99 45.04 -41.81
N ILE HA 34 -0.28 45.32 -41.53
CA ILE HA 34 -1.16 44.29 -40.99
C ILE HA 34 -1.39 43.19 -42.01
N GLY HA 35 -1.48 43.55 -43.29
CA GLY HA 35 -1.60 42.54 -44.33
C GLY HA 35 -0.34 41.71 -44.49
N PHE HA 36 0.83 42.34 -44.31
CA PHE HA 36 2.08 41.59 -44.30
C PHE HA 36 2.15 40.64 -43.13
N LEU HA 37 1.65 41.08 -41.97
CA LEU HA 37 1.57 40.21 -40.80
C LEU HA 37 0.61 39.05 -41.04
N GLY HA 38 -0.46 39.29 -41.78
CA GLY HA 38 -1.39 38.22 -42.09
C GLY HA 38 -0.81 37.22 -43.08
N TYR HA 39 -0.06 37.71 -44.06
CA TYR HA 39 0.66 36.83 -44.96
C TYR HA 39 1.67 35.97 -44.20
N CYS HA 40 2.41 36.59 -43.27
CA CYS HA 40 3.34 35.85 -42.45
C CYS HA 40 2.62 34.88 -41.51
N SER HA 41 1.40 35.23 -41.08
CA SER HA 41 0.63 34.33 -40.24
C SER HA 41 0.18 33.10 -41.00
N GLY HA 42 -0.26 33.29 -42.24
CA GLY HA 42 -0.59 32.14 -43.08
C GLY HA 42 0.63 31.31 -43.42
N LEU HA 43 1.77 31.96 -43.56
CA LEU HA 43 3.00 31.24 -43.89
C LEU HA 43 3.47 30.41 -42.71
N ILE HA 44 3.43 30.96 -41.49
CA ILE HA 44 3.79 30.16 -40.33
C ILE HA 44 2.72 29.12 -40.04
N ASP HA 45 1.46 29.38 -40.44
CA ASP HA 45 0.39 28.39 -40.34
C ASP HA 45 0.67 27.20 -41.24
N ASN HA 46 1.23 27.44 -42.42
CA ASN HA 46 1.76 26.35 -43.21
C ASN HA 46 2.95 25.71 -42.54
N ALA HA 47 3.74 26.48 -41.80
CA ALA HA 47 4.99 25.97 -41.26
C ALA HA 47 4.84 25.12 -40.00
N ILE HA 48 3.73 25.25 -39.25
CA ILE HA 48 3.59 24.49 -38.01
C ILE HA 48 3.48 23.01 -38.30
N ARG HA 49 2.43 22.61 -39.00
CA ARG HA 49 2.36 21.29 -39.56
C ARG HA 49 3.35 21.18 -40.73
N ARG HA 50 3.50 19.97 -41.23
CA ARG HA 50 4.51 19.73 -42.24
C ARG HA 50 4.00 20.00 -43.65
N ARG HA 51 2.91 20.75 -43.82
CA ARG HA 51 2.48 21.12 -45.14
C ARG HA 51 3.48 22.13 -45.73
N PRO HA 52 3.73 22.08 -47.04
CA PRO HA 52 4.82 22.87 -47.60
C PRO HA 52 4.51 24.35 -47.66
N VAL HA 53 5.57 25.14 -47.48
CA VAL HA 53 5.45 26.59 -47.49
C VAL HA 53 5.17 27.07 -48.90
N LEU HA 54 4.54 28.24 -49.01
CA LEU HA 54 4.21 29.00 -50.21
C LEU HA 54 3.21 28.30 -51.13
N SER HA 55 2.69 27.13 -50.77
CA SER HA 55 1.82 26.38 -51.65
C SER HA 55 0.85 25.56 -50.81
N ALA HA 56 -0.22 25.11 -51.47
CA ALA HA 56 -1.27 24.25 -50.93
C ALA HA 56 -2.01 24.86 -49.74
N GLY HA 57 -1.91 26.18 -49.56
CA GLY HA 57 -2.64 26.85 -48.51
C GLY HA 57 -3.09 28.23 -48.93
N LEU HA 58 -3.25 28.44 -50.24
CA LEU HA 58 -3.43 29.78 -50.77
C LEU HA 58 -4.76 30.40 -50.37
N HIS HA 59 -5.80 29.58 -50.23
CA HIS HA 59 -7.05 30.08 -49.66
C HIS HA 59 -6.89 30.50 -48.21
N ARG HA 60 -6.03 29.82 -47.45
CA ARG HA 60 -5.78 30.25 -46.08
C ARG HA 60 -4.98 31.54 -46.04
N GLN HA 61 -4.08 31.74 -47.01
CA GLN HA 61 -3.36 33.00 -47.13
C GLN HA 61 -4.32 34.15 -47.39
N PHE HA 62 -5.22 33.94 -48.35
CA PHE HA 62 -6.20 34.96 -48.71
C PHE HA 62 -7.16 35.23 -47.55
N LEU HA 63 -7.51 34.19 -46.80
CA LEU HA 63 -8.39 34.33 -45.64
C LEU HA 63 -7.75 35.16 -44.53
N TYR HA 64 -6.50 34.83 -44.18
CA TYR HA 64 -5.84 35.55 -43.09
C TYR HA 64 -5.54 37.00 -43.47
N ILE HA 65 -5.20 37.24 -44.74
CA ILE HA 65 -5.02 38.61 -45.22
C ILE HA 65 -6.31 39.40 -45.09
N THR HA 66 -7.42 38.82 -45.54
CA THR HA 66 -8.72 39.48 -45.48
C THR HA 66 -9.12 39.82 -44.05
N SER HA 67 -9.01 38.83 -43.15
CA SER HA 67 -9.48 39.01 -41.78
C SER HA 67 -8.63 40.04 -41.04
N PHE HA 68 -7.30 39.97 -41.18
CA PHE HA 68 -6.48 40.91 -40.44
C PHE HA 68 -6.59 42.33 -40.98
N VAL HA 69 -6.70 42.49 -42.30
CA VAL HA 69 -6.86 43.83 -42.86
C VAL HA 69 -8.20 44.44 -42.44
N PHE HA 70 -9.24 43.61 -42.34
CA PHE HA 70 -10.55 44.06 -41.87
C PHE HA 70 -10.49 44.55 -40.42
N VAL HA 71 -9.93 43.73 -39.54
CA VAL HA 71 -9.88 44.07 -38.12
C VAL HA 71 -9.01 45.31 -37.89
N GLY HA 72 -7.87 45.38 -38.59
CA GLY HA 72 -7.04 46.56 -38.51
C GLY HA 72 -7.70 47.81 -39.04
N TYR HA 73 -8.58 47.68 -40.02
CA TYR HA 73 -9.28 48.84 -40.54
C TYR HA 73 -10.23 49.42 -39.49
N TYR HA 74 -11.00 48.55 -38.82
CA TYR HA 74 -11.87 49.04 -37.76
C TYR HA 74 -11.10 49.66 -36.62
N LEU HA 75 -9.96 49.05 -36.25
CA LEU HA 75 -9.21 49.59 -35.13
C LEU HA 75 -8.51 50.89 -35.51
N LEU HA 76 -8.17 51.08 -36.78
CA LEU HA 76 -7.61 52.35 -37.21
C LEU HA 76 -8.63 53.47 -37.13
N LYS HA 77 -9.89 53.17 -37.47
CA LYS HA 77 -10.94 54.17 -37.34
C LYS HA 77 -11.16 54.55 -35.88
N ARG HA 78 -11.17 53.56 -34.97
CA ARG HA 78 -11.34 53.85 -33.55
C ARG HA 78 -10.16 54.64 -32.99
N GLN HA 79 -8.94 54.33 -33.46
CA GLN HA 79 -7.74 55.02 -33.01
C GLN HA 79 -7.76 56.49 -33.40
N ASP HA 80 -8.14 56.78 -34.65
CA ASP HA 80 -8.25 58.17 -35.08
C ASP HA 80 -9.29 58.93 -34.29
N TYR HA 81 -10.42 58.26 -33.97
CA TYR HA 81 -11.43 58.92 -33.15
C TYR HA 81 -10.91 59.24 -31.75
N MET HA 82 -10.12 58.33 -31.18
CA MET HA 82 -9.66 58.55 -29.80
C MET HA 82 -8.67 59.71 -29.74
N TYR HA 83 -7.79 59.81 -30.74
CA TYR HA 83 -6.89 60.96 -30.76
C TYR HA 83 -7.62 62.27 -31.03
N ALA HA 84 -8.68 62.23 -31.84
CA ALA HA 84 -9.45 63.45 -32.10
C ALA HA 84 -10.18 63.93 -30.84
N VAL HA 85 -10.75 63.00 -30.07
CA VAL HA 85 -11.49 63.43 -28.89
C VAL HA 85 -10.53 63.89 -27.81
N ARG HA 86 -9.31 63.34 -27.78
CA ARG HA 86 -8.32 63.81 -26.82
C ARG HA 86 -7.87 65.23 -27.15
N ASP HA 87 -7.66 65.52 -28.44
CA ASP HA 87 -7.23 66.87 -28.82
C ASP HA 87 -8.33 67.90 -28.60
N HIS HA 88 -9.59 67.53 -28.85
CA HIS HA 88 -10.66 68.49 -28.65
C HIS HA 88 -10.90 68.75 -27.17
N ASP HA 89 -10.75 67.73 -26.31
CA ASP HA 89 -10.89 67.98 -24.88
C ASP HA 89 -9.74 68.81 -24.34
N MET HA 90 -8.53 68.63 -24.87
CA MET HA 90 -7.40 69.44 -24.48
C MET HA 90 -7.64 70.91 -24.81
N PHE HA 91 -8.06 71.18 -26.04
CA PHE HA 91 -8.28 72.58 -26.43
C PHE HA 91 -9.49 73.18 -25.74
N SER HA 92 -10.48 72.35 -25.38
CA SER HA 92 -11.61 72.87 -24.61
C SER HA 92 -11.19 73.27 -23.21
N TYR HA 93 -10.31 72.50 -22.58
CA TYR HA 93 -9.84 72.93 -21.26
C TYR HA 93 -8.84 74.07 -21.35
N ILE HA 94 -8.18 74.25 -22.50
CA ILE HA 94 -7.38 75.46 -22.72
C ILE HA 94 -8.28 76.69 -22.75
N LYS HA 95 -9.34 76.64 -23.58
CA LYS HA 95 -10.21 77.80 -23.74
C LYS HA 95 -11.09 78.04 -22.51
N SER HA 96 -11.31 77.01 -21.68
CA SER HA 96 -12.25 77.15 -20.57
C SER HA 96 -11.71 78.04 -19.46
N HIS HA 97 -10.40 78.04 -19.21
CA HIS HA 97 -9.82 78.80 -18.12
C HIS HA 97 -8.57 79.53 -18.58
N PRO HA 98 -8.68 80.81 -18.95
CA PRO HA 98 -7.49 81.60 -19.27
C PRO HA 98 -6.68 82.03 -18.06
N GLU HA 99 -7.15 81.75 -16.85
CA GLU HA 99 -6.57 82.35 -15.66
C GLU HA 99 -5.29 81.66 -15.21
N ASP HA 100 -5.11 80.40 -15.57
CA ASP HA 100 -4.02 79.61 -15.01
C ASP HA 100 -2.92 79.27 -15.99
N PHE HA 101 -3.09 79.60 -17.27
CA PHE HA 101 -2.09 79.38 -18.31
C PHE HA 101 -1.71 80.73 -18.89
N PRO HA 102 -0.83 81.47 -18.24
CA PRO HA 102 -0.52 82.83 -18.69
C PRO HA 102 0.39 82.83 -19.90
N GLU HA 103 0.25 83.87 -20.71
CA GLU HA 103 1.02 84.02 -21.94
C GLU HA 103 2.44 84.42 -21.59
N LYS HA 104 3.41 83.61 -22.00
CA LYS HA 104 4.81 83.91 -21.79
C LYS HA 104 5.22 84.98 -22.80
N ASP HA 105 5.49 86.19 -22.30
CA ASP HA 105 5.94 87.27 -23.17
C ASP HA 105 7.36 87.00 -23.65
N LYS HA 106 7.55 87.08 -24.95
CA LYS HA 106 8.76 86.56 -25.60
C LYS HA 106 9.99 87.39 -25.32
N LYS HA 107 10.75 87.00 -24.29
CA LYS HA 107 12.02 87.65 -23.99
C LYS HA 107 13.02 87.24 -25.07
N THR HA 108 13.24 88.14 -26.03
CA THR HA 108 14.19 87.87 -27.10
C THR HA 108 15.62 87.91 -26.55
N TYR HA 109 16.55 87.38 -27.35
CA TYR HA 109 17.88 87.10 -26.83
C TYR HA 109 18.80 88.31 -26.76
N ARG HA 110 18.29 89.52 -26.98
CA ARG HA 110 19.10 90.70 -26.75
C ARG HA 110 19.27 90.96 -25.26
N GLU HA 111 18.39 90.41 -24.41
CA GLU HA 111 18.40 90.70 -23.00
C GLU HA 111 18.37 89.46 -22.11
N VAL HA 112 18.25 88.27 -22.68
CA VAL HA 112 18.24 87.05 -21.88
C VAL HA 112 19.67 86.69 -21.52
N PHE HA 113 19.92 86.49 -20.23
CA PHE HA 113 21.27 86.27 -19.73
C PHE HA 113 21.45 84.82 -19.33
N GLU HA 114 22.41 84.15 -19.95
CA GLU HA 114 22.82 82.81 -19.56
C GLU HA 114 24.35 82.76 -19.56
N GLU HA 115 24.91 82.12 -18.54
CA GLU HA 115 26.35 82.13 -18.37
C GLU HA 115 27.04 81.16 -19.33
N PHE HA 116 28.36 81.16 -19.28
CA PHE HA 116 29.17 80.59 -20.35
C PHE HA 116 29.75 79.22 -19.99
N HIS HA 117 30.55 79.13 -18.91
CA HIS HA 117 31.17 77.92 -18.38
C HIS HA 117 31.95 77.16 -19.43
N PRO HA 118 33.15 77.63 -19.80
CA PRO HA 118 33.83 77.09 -20.98
C PRO HA 118 34.37 75.68 -20.75
N VAL HA 119 34.36 74.90 -21.83
CA VAL HA 119 35.06 73.63 -21.88
C VAL HA 119 36.39 73.88 -22.58
N ARG HA 120 37.48 73.73 -21.83
CA ARG HA 120 38.79 74.10 -22.35
C ARG HA 120 39.31 72.93 -23.17
N SER IA 1 90.84 32.26 -5.51
CA SER IA 1 91.23 32.96 -6.73
C SER IA 1 90.01 33.49 -7.46
N PHE IA 2 88.83 33.19 -6.93
CA PHE IA 2 87.60 33.61 -7.59
C PHE IA 2 86.49 33.69 -6.55
N PRO IA 3 85.60 34.71 -6.61
CA PRO IA 3 84.57 34.88 -5.58
C PRO IA 3 83.38 33.93 -5.65
N LYS IA 4 83.53 32.83 -6.40
CA LYS IA 4 82.66 31.65 -6.41
C LYS IA 4 81.29 31.91 -7.03
N TYR IA 5 81.16 32.99 -7.82
CA TYR IA 5 80.07 33.21 -8.78
C TYR IA 5 78.70 33.22 -8.08
N GLU IA 6 78.44 34.31 -7.38
CA GLU IA 6 77.13 34.52 -6.81
C GLU IA 6 76.07 34.56 -7.93
N PRO IA 7 74.95 33.88 -7.75
CA PRO IA 7 73.96 33.82 -8.83
C PRO IA 7 72.97 34.96 -8.76
N SER IA 8 71.99 34.97 -9.65
CA SER IA 8 70.92 35.97 -9.62
C SER IA 8 69.68 35.35 -10.26
N ARG IA 9 68.62 36.16 -10.34
CA ARG IA 9 67.44 35.76 -11.07
C ARG IA 9 67.62 35.88 -12.57
N LEU IA 10 68.66 36.56 -13.02
CA LEU IA 10 68.93 36.72 -14.45
C LEU IA 10 70.12 35.91 -14.90
N ALA IA 11 71.23 35.98 -14.17
CA ALA IA 11 72.42 35.20 -14.48
C ALA IA 11 72.16 33.74 -14.13
N SER IA 12 72.06 32.90 -15.15
CA SER IA 12 71.86 31.48 -14.94
C SER IA 12 73.11 30.85 -14.32
N LEU IA 13 72.90 29.77 -13.59
CA LEU IA 13 74.01 29.03 -13.02
C LEU IA 13 74.46 27.98 -14.02
N PRO IA 14 75.68 28.04 -14.52
CA PRO IA 14 76.11 27.13 -15.59
C PRO IA 14 76.31 25.72 -15.07
N THR IA 15 76.43 24.79 -16.02
CA THR IA 15 76.49 23.37 -15.71
C THR IA 15 77.80 22.95 -15.06
N THR IA 16 78.83 23.79 -15.08
CA THR IA 16 80.12 23.35 -14.55
C THR IA 16 80.15 23.45 -13.03
N LEU IA 17 80.04 24.67 -12.51
CA LEU IA 17 80.21 24.89 -11.07
C LEU IA 17 78.83 24.86 -10.39
N ASP IA 18 78.34 23.65 -10.17
CA ASP IA 18 76.98 23.53 -9.65
C ASP IA 18 76.90 23.77 -8.15
N PRO IA 19 77.70 23.11 -7.27
CA PRO IA 19 78.64 21.98 -7.29
C PRO IA 19 77.94 20.69 -6.89
N ALA IA 20 76.64 20.61 -7.16
CA ALA IA 20 75.85 19.43 -6.81
C ALA IA 20 76.03 18.29 -7.81
N GLU IA 21 76.66 18.53 -8.95
CA GLU IA 21 76.86 17.48 -9.95
C GLU IA 21 77.98 16.52 -9.55
N TYR IA 22 78.73 16.84 -8.49
CA TYR IA 22 79.87 16.02 -8.10
C TYR IA 22 79.58 15.17 -6.88
N ASP IA 23 78.49 15.43 -6.17
CA ASP IA 23 78.00 14.53 -5.12
C ASP IA 23 76.95 13.62 -5.75
N ILE IA 24 77.43 12.64 -6.50
CA ILE IA 24 76.56 11.72 -7.21
C ILE IA 24 76.19 10.60 -6.26
N SER IA 25 74.96 10.63 -5.76
CA SER IA 25 74.44 9.48 -5.07
C SER IA 25 73.77 8.54 -6.07
N SER IA 26 73.32 7.38 -5.55
CA SER IA 26 72.59 6.45 -6.41
C SER IA 26 71.22 6.99 -6.78
N GLU IA 27 70.67 7.91 -5.98
CA GLU IA 27 69.37 8.50 -6.31
C GLU IA 27 69.46 9.38 -7.55
N THR IA 28 70.59 10.07 -7.74
CA THR IA 28 70.74 10.89 -8.94
C THR IA 28 70.89 10.02 -10.17
N ARG IA 29 71.59 8.88 -10.06
CA ARG IA 29 71.67 7.96 -11.18
C ARG IA 29 70.31 7.36 -11.50
N LYS IA 30 69.53 7.06 -10.46
CA LYS IA 30 68.19 6.52 -10.66
C LYS IA 30 67.29 7.55 -11.33
N ALA IA 31 67.40 8.82 -10.92
CA ALA IA 31 66.58 9.87 -11.51
C ALA IA 31 66.98 10.16 -12.94
N GLN IA 32 68.27 10.12 -13.25
CA GLN IA 32 68.70 10.36 -14.63
C GLN IA 32 68.30 9.21 -15.54
N ALA IA 33 68.35 7.97 -15.03
CA ALA IA 33 67.91 6.82 -15.81
C ALA IA 33 66.40 6.90 -16.10
N GLU IA 34 65.61 7.24 -15.09
CA GLU IA 34 64.17 7.33 -15.31
C GLU IA 34 63.80 8.52 -16.20
N ARG IA 35 64.57 9.62 -16.11
CA ARG IA 35 64.29 10.77 -16.97
C ARG IA 35 64.63 10.45 -18.42
N LEU IA 36 65.73 9.72 -18.65
CA LEU IA 36 66.03 9.25 -20.00
C LEU IA 36 64.98 8.29 -20.50
N ALA IA 37 64.41 7.47 -19.61
CA ALA IA 37 63.35 6.56 -20.02
C ALA IA 37 62.08 7.30 -20.44
N ILE IA 38 61.73 8.36 -19.70
CA ILE IA 38 60.57 9.16 -20.05
C ILE IA 38 60.77 9.86 -21.38
N ARG IA 39 61.96 10.43 -21.59
CA ARG IA 39 62.24 11.09 -22.86
C ARG IA 39 62.29 10.10 -24.02
N SER IA 40 62.76 8.87 -23.75
CA SER IA 40 62.78 7.83 -24.75
C SER IA 40 61.37 7.44 -25.19
N ARG IA 41 60.48 7.22 -24.22
CA ARG IA 41 59.12 6.80 -24.58
C ARG IA 41 58.36 7.91 -25.28
N LEU IA 42 58.58 9.16 -24.86
CA LEU IA 42 57.88 10.26 -25.54
C LEU IA 42 58.38 10.47 -26.95
N LYS IA 43 59.70 10.35 -27.16
CA LYS IA 43 60.20 10.44 -28.53
C LYS IA 43 59.77 9.25 -29.37
N ARG IA 44 59.59 8.08 -28.76
CA ARG IA 44 59.10 6.93 -29.52
C ARG IA 44 57.67 7.13 -30.00
N GLU IA 45 56.78 7.56 -29.10
CA GLU IA 45 55.40 7.84 -29.48
C GLU IA 45 55.32 8.93 -30.53
N TYR IA 46 56.11 9.99 -30.34
CA TYR IA 46 56.08 11.11 -31.28
C TYR IA 46 56.63 10.73 -32.64
N GLN IA 47 57.72 9.96 -32.70
CA GLN IA 47 58.28 9.60 -33.98
C GLN IA 47 57.42 8.57 -34.70
N LEU IA 48 56.73 7.70 -33.98
CA LEU IA 48 55.83 6.78 -34.67
C LEU IA 48 54.59 7.50 -35.18
N GLN IA 49 54.10 8.50 -34.46
CA GLN IA 49 52.96 9.26 -34.96
C GLN IA 49 53.40 10.52 -35.70
N TYR IA 50 54.67 10.58 -36.11
CA TYR IA 50 55.24 11.67 -36.88
C TYR IA 50 55.66 11.28 -38.28
N ASN IA 51 56.04 10.03 -38.49
CA ASN IA 51 56.56 9.57 -39.77
C ASN IA 51 55.53 8.78 -40.57
N ASP IA 52 54.28 8.77 -40.16
CA ASP IA 52 53.24 8.02 -40.87
C ASP IA 52 52.95 8.69 -42.21
N PRO IA 53 53.03 7.97 -43.33
CA PRO IA 53 52.79 8.60 -44.63
C PRO IA 53 51.33 8.91 -44.89
N SER IA 54 50.41 8.29 -44.17
CA SER IA 54 49.00 8.58 -44.29
C SER IA 54 48.54 9.71 -43.38
N ARG IA 55 49.38 10.11 -42.42
CA ARG IA 55 48.99 11.13 -41.46
C ARG IA 55 49.00 12.50 -42.13
N ARG IA 56 47.82 13.08 -42.28
CA ARG IA 56 47.68 14.35 -43.00
C ARG IA 56 47.79 15.56 -42.09
N GLY IA 57 47.06 15.55 -40.98
CA GLY IA 57 46.99 16.71 -40.10
C GLY IA 57 48.22 16.90 -39.24
N VAL IA 58 48.04 17.67 -38.18
CA VAL IA 58 49.13 17.95 -37.27
C VAL IA 58 49.13 16.92 -36.16
N VAL IA 59 50.25 16.83 -35.43
CA VAL IA 59 50.45 15.73 -34.48
C VAL IA 59 49.64 15.94 -33.19
N GLU IA 60 49.16 17.16 -32.94
CA GLU IA 60 48.20 17.51 -31.89
C GLU IA 60 48.73 17.17 -30.50
N ASP IA 61 49.76 17.91 -30.11
CA ASP IA 61 50.43 17.74 -28.83
C ASP IA 61 49.48 18.04 -27.67
N PRO IA 62 49.27 17.10 -26.73
CA PRO IA 62 48.49 17.44 -25.54
C PRO IA 62 49.23 18.32 -24.56
N ALA IA 63 50.55 18.47 -24.70
CA ALA IA 63 51.30 19.32 -23.79
C ALA IA 63 50.96 20.79 -24.00
N LEU IA 64 50.92 21.23 -25.25
CA LEU IA 64 50.59 22.62 -25.56
C LEU IA 64 49.14 22.93 -25.22
N ILE IA 65 48.24 21.98 -25.51
CA ILE IA 65 46.82 22.13 -25.17
C ILE IA 65 46.64 22.22 -23.66
N ARG IA 66 47.36 21.38 -22.92
CA ARG IA 66 47.25 21.36 -21.48
C ARG IA 66 47.80 22.64 -20.86
N TRP IA 67 48.91 23.13 -21.41
CA TRP IA 67 49.48 24.39 -20.92
C TRP IA 67 48.58 25.58 -21.22
N THR IA 68 47.95 25.60 -22.40
CA THR IA 68 47.07 26.73 -22.72
C THR IA 68 45.81 26.71 -21.87
N CYS IA 69 45.22 25.52 -21.67
CA CYS IA 69 44.05 25.41 -20.81
C CYS IA 69 44.37 25.72 -19.37
N ALA IA 70 45.59 25.42 -18.93
CA ALA IA 70 46.01 25.82 -17.59
C ALA IA 70 46.26 27.32 -17.51
N ARG IA 71 46.68 27.92 -18.61
CA ARG IA 71 47.09 29.31 -18.57
C ARG IA 71 45.90 30.27 -18.61
N SER IA 72 44.92 30.00 -19.46
CA SER IA 72 43.79 30.93 -19.59
C SER IA 72 42.56 30.48 -18.82
N ALA IA 73 42.02 29.31 -19.15
CA ALA IA 73 40.72 28.93 -18.65
C ALA IA 73 40.74 28.42 -17.22
N ASN IA 74 41.90 27.97 -16.74
CA ASN IA 74 42.01 27.39 -15.41
C ASN IA 74 42.66 28.36 -14.43
N VAL IA 75 42.31 29.63 -14.53
CA VAL IA 75 42.69 30.62 -13.53
C VAL IA 75 41.56 30.90 -12.56
N TYR IA 76 40.38 31.20 -13.10
CA TYR IA 76 39.29 31.72 -12.28
C TYR IA 76 38.69 30.61 -11.40
N PRO IA 77 38.56 29.37 -11.87
CA PRO IA 77 38.84 28.25 -10.96
C PRO IA 77 40.28 27.82 -11.13
N ASN IA 78 41.07 27.72 -10.06
CA ASN IA 78 40.63 27.89 -8.69
C ASN IA 78 41.21 29.13 -8.03
N PHE IA 79 40.50 29.63 -7.02
CA PHE IA 79 40.85 30.88 -6.37
C PHE IA 79 40.17 30.94 -5.01
N ARG IA 80 40.84 31.58 -4.05
CA ARG IA 80 40.24 32.08 -2.84
C ARG IA 80 40.80 33.47 -2.60
N PRO IA 81 40.01 34.39 -2.09
CA PRO IA 81 40.56 35.72 -1.80
C PRO IA 81 41.42 35.71 -0.55
N ASN IA 82 42.73 35.76 -0.75
CA ASN IA 82 43.64 35.76 0.39
C ASN IA 82 44.05 37.18 0.73
N THR IA 83 44.84 37.30 1.79
CA THR IA 83 45.38 38.60 2.15
C THR IA 83 46.39 39.08 1.11
N LYS IA 84 47.20 38.16 0.59
CA LYS IA 84 48.19 38.51 -0.42
C LYS IA 84 47.54 38.89 -1.74
N THR IA 85 46.51 38.14 -2.13
CA THR IA 85 45.82 38.41 -3.40
C THR IA 85 45.05 39.73 -3.34
N SER IA 86 44.30 39.96 -2.26
CA SER IA 86 43.53 41.19 -2.13
C SER IA 86 44.44 42.39 -1.96
N LEU IA 87 45.55 42.22 -1.23
CA LEU IA 87 46.50 43.31 -1.02
C LEU IA 87 47.16 43.70 -2.33
N LEU IA 88 47.65 42.71 -3.09
CA LEU IA 88 48.30 43.01 -4.34
C LEU IA 88 47.31 43.50 -5.39
N GLY IA 89 46.05 43.07 -5.30
CA GLY IA 89 45.04 43.56 -6.22
C GLY IA 89 44.72 45.03 -6.00
N ALA IA 90 44.44 45.40 -4.75
CA ALA IA 90 44.16 46.79 -4.46
C ALA IA 90 45.41 47.66 -4.56
N LEU IA 91 46.61 47.07 -4.56
CA LEU IA 91 47.80 47.89 -4.73
C LEU IA 91 48.07 48.14 -6.21
N PHE IA 92 48.23 47.08 -7.00
CA PHE IA 92 48.56 47.22 -8.40
C PHE IA 92 47.36 47.53 -9.29
N GLY IA 93 46.16 47.67 -8.74
CA GLY IA 93 45.04 48.04 -9.57
C GLY IA 93 44.50 49.44 -9.31
N ILE IA 94 44.56 49.87 -8.05
CA ILE IA 94 43.95 51.11 -7.64
C ILE IA 94 44.97 52.20 -7.37
N GLY IA 95 46.15 51.84 -6.86
CA GLY IA 95 47.24 52.75 -6.54
C GLY IA 95 47.69 53.67 -7.67
N PRO IA 96 48.16 53.11 -8.79
CA PRO IA 96 48.54 53.97 -9.92
C PRO IA 96 47.40 54.78 -10.49
N LEU IA 97 46.19 54.23 -10.50
CA LEU IA 97 45.03 54.96 -11.00
C LEU IA 97 44.77 56.20 -10.16
N ILE IA 98 44.73 56.05 -8.83
CA ILE IA 98 44.45 57.19 -7.98
C ILE IA 98 45.63 58.15 -7.94
N PHE IA 99 46.85 57.65 -8.19
CA PHE IA 99 48.03 58.53 -8.22
C PHE IA 99 48.02 59.41 -9.45
N TRP IA 100 47.86 58.81 -10.62
CA TRP IA 100 47.73 59.58 -11.85
C TRP IA 100 46.53 60.50 -11.83
N TYR IA 101 45.45 60.09 -11.16
CA TYR IA 101 44.27 60.92 -11.00
C TYR IA 101 44.56 62.18 -10.21
N TYR IA 102 45.26 62.04 -9.07
CA TYR IA 102 45.58 63.21 -8.27
C TYR IA 102 46.58 64.12 -8.99
N VAL IA 103 47.52 63.56 -9.73
CA VAL IA 103 48.47 64.46 -10.37
C VAL IA 103 47.84 65.19 -11.56
N PHE IA 104 46.84 64.59 -12.22
CA PHE IA 104 46.19 65.37 -13.27
C PHE IA 104 45.22 66.39 -12.70
N LYS IA 105 44.64 66.11 -11.52
CA LYS IA 105 43.92 67.16 -10.80
C LYS IA 105 44.82 68.34 -10.48
N THR IA 106 46.03 68.06 -10.02
CA THR IA 106 46.98 69.12 -9.68
C THR IA 106 47.36 69.95 -10.90
N ASP IA 107 47.71 69.28 -12.02
CA ASP IA 107 48.10 70.00 -13.23
C ASP IA 107 46.93 70.81 -13.81
N ARG IA 108 45.71 70.25 -13.77
CA ARG IA 108 44.57 70.97 -14.30
C ARG IA 108 44.20 72.16 -13.43
N ASP IA 109 44.33 72.03 -12.11
CA ASP IA 109 44.02 73.17 -11.24
C ASP IA 109 45.05 74.27 -11.39
N ARG IA 110 46.33 73.90 -11.59
CA ARG IA 110 47.37 74.87 -11.92
C ARG IA 110 47.03 75.64 -13.19
N LYS IA 111 46.70 74.92 -14.27
CA LYS IA 111 46.50 75.58 -15.55
C LYS IA 111 45.23 76.42 -15.56
N GLU IA 112 44.18 75.95 -14.89
CA GLU IA 112 42.95 76.72 -14.81
C GLU IA 112 43.11 77.99 -13.99
N LYS IA 113 43.77 77.90 -12.83
CA LYS IA 113 44.02 79.11 -12.03
C LYS IA 113 44.95 80.08 -12.76
N LEU IA 114 45.93 79.55 -13.49
CA LEU IA 114 46.91 80.41 -14.13
C LEU IA 114 46.31 81.15 -15.33
N ILE IA 115 45.45 80.47 -16.11
CA ILE IA 115 44.78 81.20 -17.18
C ILE IA 115 43.58 81.99 -16.68
N GLN IA 116 43.12 81.72 -15.45
CA GLN IA 116 42.16 82.61 -14.85
C GLN IA 116 42.82 83.92 -14.43
N GLU IA 117 44.10 83.86 -14.05
CA GLU IA 117 44.87 85.09 -13.90
C GLU IA 117 45.04 85.81 -15.22
N GLY IA 118 45.12 85.06 -16.33
CA GLY IA 118 45.28 85.64 -17.64
C GLY IA 118 46.72 85.81 -18.08
N LYS IA 119 47.69 85.53 -17.22
CA LYS IA 119 49.10 85.72 -17.58
C LYS IA 119 49.74 84.46 -18.15
N LEU IA 120 49.07 83.85 -19.12
CA LEU IA 120 49.61 82.70 -19.83
C LEU IA 120 50.00 83.13 -21.23
N ASP IA 121 50.75 82.27 -21.92
CA ASP IA 121 51.33 82.57 -23.23
C ASP IA 121 50.37 82.25 -24.37
N ARG IA 122 49.07 82.40 -24.14
CA ARG IA 122 48.03 82.11 -25.13
C ARG IA 122 47.67 83.32 -25.96
N THR IA 123 48.68 84.16 -26.25
CA THR IA 123 48.54 85.25 -27.21
C THR IA 123 48.03 84.73 -28.56
N PHE IA 124 48.47 83.55 -28.96
CA PHE IA 124 47.83 82.82 -30.04
C PHE IA 124 47.95 81.33 -29.73
N ASN IA 125 46.81 80.72 -29.40
CA ASN IA 125 46.75 79.35 -28.89
C ASN IA 125 45.56 78.66 -29.53
N ILE IA 126 45.48 78.81 -30.86
CA ILE IA 126 44.25 78.56 -31.62
C ILE IA 126 43.91 77.08 -31.61
N SER IA 127 44.89 76.25 -31.94
CA SER IA 127 44.70 74.80 -32.03
C SER IA 127 44.61 74.23 -30.61
N TYR IA 128 43.43 74.38 -30.02
CA TYR IA 128 43.25 73.93 -28.66
C TYR IA 128 42.86 72.47 -28.62
N VAL JA 5 -66.82 -57.18 19.13
CA VAL JA 5 -67.07 -55.89 18.52
C VAL JA 5 -65.80 -55.07 18.45
N LYS JA 6 -65.74 -54.13 17.51
CA LYS JA 6 -64.54 -53.34 17.25
C LYS JA 6 -64.90 -51.86 17.25
N GLN JA 7 -64.05 -51.06 17.90
CA GLN JA 7 -64.33 -49.66 18.16
C GLN JA 7 -63.13 -48.79 17.78
N ASP JA 8 -62.64 -48.97 16.55
CA ASP JA 8 -61.61 -48.09 15.99
C ASP JA 8 -62.20 -46.73 15.66
N MET JA 9 -61.41 -45.88 15.01
CA MET JA 9 -61.89 -44.61 14.49
C MET JA 9 -61.77 -44.60 12.97
N PRO JA 10 -62.78 -45.07 12.24
CA PRO JA 10 -62.86 -44.76 10.81
C PRO JA 10 -63.62 -43.46 10.62
N PRO JA 11 -63.65 -42.92 9.40
CA PRO JA 11 -64.62 -41.85 9.11
C PRO JA 11 -66.02 -42.42 9.09
N VAL JA 12 -66.96 -41.65 9.66
CA VAL JA 12 -68.33 -42.12 9.81
C VAL JA 12 -69.03 -41.99 8.46
N GLY JA 13 -69.03 -43.08 7.68
CA GLY JA 13 -69.61 -43.06 6.36
C GLY JA 13 -68.91 -42.19 5.35
N GLY JA 14 -67.67 -41.79 5.62
CA GLY JA 14 -66.96 -40.86 4.77
C GLY JA 14 -67.06 -39.44 5.29
N TYR JA 15 -66.20 -38.58 4.74
CA TYR JA 15 -66.10 -37.19 5.17
C TYR JA 15 -66.37 -36.26 3.98
N GLY JA 16 -66.81 -35.04 4.31
CA GLY JA 16 -67.10 -34.05 3.30
C GLY JA 16 -65.84 -33.42 2.75
N PRO JA 17 -66.02 -32.56 1.74
CA PRO JA 17 -64.87 -31.96 1.07
C PRO JA 17 -64.33 -30.75 1.81
N ILE JA 18 -63.08 -30.41 1.51
CA ILE JA 18 -62.45 -29.19 1.97
C ILE JA 18 -61.80 -28.54 0.76
N ASP JA 19 -62.18 -27.29 0.47
CA ASP JA 19 -61.69 -26.60 -0.71
C ASP JA 19 -60.23 -26.18 -0.55
N TYR JA 20 -59.59 -25.96 -1.68
CA TYR JA 20 -58.21 -25.50 -1.74
C TYR JA 20 -58.03 -24.46 -2.83
N LYS JA 21 -58.97 -23.52 -2.93
CA LYS JA 21 -58.92 -22.50 -3.96
C LYS JA 21 -58.52 -21.16 -3.34
N ARG JA 22 -57.76 -20.37 -4.08
CA ARG JA 22 -57.22 -19.12 -3.59
C ARG JA 22 -58.28 -18.03 -3.74
N ASN JA 23 -58.91 -17.68 -2.63
CA ASN JA 23 -60.00 -16.70 -2.59
C ASN JA 23 -59.40 -15.30 -2.51
N LEU JA 24 -59.33 -14.62 -3.64
CA LEU JA 24 -58.91 -13.21 -3.69
C LEU JA 24 -59.90 -12.46 -4.58
N PRO JA 25 -60.63 -11.49 -4.03
CA PRO JA 25 -61.79 -10.93 -4.75
C PRO JA 25 -61.43 -9.92 -5.82
N ARG JA 26 -60.16 -9.50 -5.91
CA ARG JA 26 -59.62 -8.40 -6.71
C ARG JA 26 -60.52 -7.17 -6.75
N ARG JA 27 -61.07 -6.80 -5.59
CA ARG JA 27 -61.84 -5.57 -5.44
C ARG JA 27 -60.86 -4.45 -5.07
N GLY JA 28 -60.67 -3.49 -5.97
CA GLY JA 28 -61.44 -3.37 -7.21
C GLY JA 28 -61.74 -1.93 -7.58
N LEU JA 29 -63.03 -1.61 -7.65
CA LEU JA 29 -63.64 -0.29 -7.82
C LEU JA 29 -63.42 0.32 -9.20
N SER JA 30 -62.75 -0.37 -10.13
CA SER JA 30 -62.49 0.09 -11.50
C SER JA 30 -61.73 1.43 -11.49
N GLY JA 31 -60.47 1.34 -11.04
CA GLY JA 31 -59.65 2.44 -10.58
C GLY JA 31 -59.60 3.75 -11.35
N TYR JA 32 -59.97 3.73 -12.63
CA TYR JA 32 -60.24 4.97 -13.35
C TYR JA 32 -61.35 5.76 -12.68
N SER JA 33 -62.37 5.05 -12.18
CA SER JA 33 -63.39 5.69 -11.37
C SER JA 33 -62.83 6.21 -10.06
N MET JA 34 -61.77 5.58 -9.53
CA MET JA 34 -61.19 6.10 -8.30
C MET JA 34 -60.40 7.37 -8.59
N PHE JA 35 -59.77 7.46 -9.75
CA PHE JA 35 -59.20 8.73 -10.20
C PHE JA 35 -60.28 9.80 -10.33
N ALA JA 36 -61.45 9.41 -10.85
CA ALA JA 36 -62.56 10.36 -10.95
C ALA JA 36 -63.01 10.84 -9.58
N VAL JA 37 -63.06 9.94 -8.60
CA VAL JA 37 -63.43 10.31 -7.24
C VAL JA 37 -62.40 11.25 -6.62
N GLY JA 38 -61.11 10.95 -6.81
CA GLY JA 38 -60.06 11.77 -6.23
C GLY JA 38 -59.98 13.16 -6.84
N ILE JA 39 -60.07 13.25 -8.17
CA ILE JA 39 -60.09 14.54 -8.83
C ILE JA 39 -61.35 15.32 -8.50
N GLY JA 40 -62.49 14.64 -8.31
CA GLY JA 40 -63.71 15.33 -7.92
C GLY JA 40 -63.63 15.94 -6.54
N ALA JA 41 -63.12 15.18 -5.57
CA ALA JA 41 -62.95 15.73 -4.22
C ALA JA 41 -61.89 16.82 -4.18
N LEU JA 42 -60.85 16.67 -4.98
CA LEU JA 42 -59.79 17.68 -5.12
C LEU JA 42 -60.35 19.00 -5.66
N LEU JA 43 -61.16 18.93 -6.71
CA LEU JA 43 -61.74 20.12 -7.30
C LEU JA 43 -62.80 20.75 -6.39
N PHE JA 44 -63.53 19.91 -5.65
CA PHE JA 44 -64.47 20.41 -4.64
C PHE JA 44 -63.75 21.24 -3.60
N GLY JA 45 -62.62 20.72 -3.10
CA GLY JA 45 -61.83 21.46 -2.13
C GLY JA 45 -61.29 22.75 -2.70
N TYR JA 46 -60.90 22.73 -3.98
CA TYR JA 46 -60.39 23.95 -4.62
C TYR JA 46 -61.46 25.02 -4.76
N TRP JA 47 -62.68 24.62 -5.13
CA TRP JA 47 -63.75 25.61 -5.30
C TRP JA 47 -64.15 26.22 -3.96
N SER JA 48 -64.28 25.39 -2.92
CA SER JA 48 -64.66 25.92 -1.61
C SER JA 48 -63.56 26.79 -1.01
N MET JA 49 -62.31 26.37 -1.17
CA MET JA 49 -61.18 27.14 -0.69
C MET JA 49 -61.08 28.48 -1.41
N MET JA 50 -61.37 28.47 -2.72
CA MET JA 50 -61.36 29.69 -3.53
C MET JA 50 -62.36 30.70 -3.02
N ARG JA 51 -63.60 30.25 -2.79
CA ARG JA 51 -64.64 31.15 -2.28
C ARG JA 51 -64.27 31.71 -0.91
N TRP JA 52 -63.77 30.86 -0.01
CA TRP JA 52 -63.47 31.33 1.34
C TRP JA 52 -62.28 32.27 1.37
N ASN JA 53 -61.26 32.02 0.54
CA ASN JA 53 -60.13 32.94 0.47
C ASN JA 53 -60.54 34.31 -0.05
N ARG JA 54 -61.44 34.35 -1.04
CA ARG JA 54 -61.80 35.67 -1.58
C ARG JA 54 -62.68 36.44 -0.60
N GLU JA 55 -63.53 35.76 0.18
CA GLU JA 55 -64.28 36.50 1.20
C GLU JA 55 -63.39 36.95 2.35
N ARG JA 56 -62.35 36.18 2.69
CA ARG JA 56 -61.44 36.66 3.72
C ARG JA 56 -60.57 37.81 3.19
N ARG JA 57 -60.34 37.85 1.88
CA ARG JA 57 -59.71 39.03 1.28
C ARG JA 57 -60.58 40.27 1.42
N ARG JA 58 -61.90 40.11 1.26
CA ARG JA 58 -62.82 41.23 1.49
C ARG JA 58 -62.71 41.75 2.92
N LEU JA 59 -62.71 40.84 3.89
CA LEU JA 59 -62.67 41.30 5.27
C LEU JA 59 -61.29 41.84 5.66
N GLN JA 60 -60.23 41.37 5.01
CA GLN JA 60 -58.92 41.94 5.24
C GLN JA 60 -58.81 43.34 4.64
N ILE JA 61 -59.53 43.59 3.54
CA ILE JA 61 -59.65 44.96 3.02
C ILE JA 61 -60.36 45.85 4.03
N GLU JA 62 -61.35 45.30 4.74
CA GLU JA 62 -61.96 46.08 5.83
C GLU JA 62 -60.97 46.40 6.94
N ASP JA 63 -60.06 45.47 7.24
CA ASP JA 63 -59.03 45.75 8.24
C ASP JA 63 -58.04 46.81 7.76
N PHE JA 64 -57.72 46.80 6.46
CA PHE JA 64 -56.94 47.88 5.87
C PHE JA 64 -57.64 49.23 6.05
N GLU JA 65 -58.96 49.26 5.84
CA GLU JA 65 -59.71 50.50 6.05
C GLU JA 65 -59.69 50.93 7.50
N ALA JA 66 -59.65 49.96 8.42
CA ALA JA 66 -59.54 50.28 9.84
C ALA JA 66 -58.21 50.97 10.14
N ARG JA 67 -57.10 50.44 9.62
CA ARG JA 67 -55.82 51.09 9.91
C ARG JA 67 -55.69 52.42 9.18
N ILE JA 68 -56.33 52.57 8.02
CA ILE JA 68 -56.28 53.83 7.30
C ILE JA 68 -57.04 54.92 8.05
N ALA JA 69 -58.27 54.61 8.46
CA ALA JA 69 -59.11 55.63 9.08
C ALA JA 69 -58.64 55.94 10.51
N LEU JA 70 -58.10 54.97 11.22
CA LEU JA 70 -57.79 55.18 12.62
C LEU JA 70 -56.54 56.03 12.83
N MET JA 71 -55.69 56.17 11.80
CA MET JA 71 -54.30 56.57 12.01
C MET JA 71 -54.07 58.00 12.51
N PRO JA 72 -54.67 59.09 11.96
CA PRO JA 72 -54.15 60.42 12.27
C PRO JA 72 -54.34 60.90 13.71
N LEU JA 73 -55.36 60.38 14.41
CA LEU JA 73 -55.50 60.69 15.82
C LEU JA 73 -54.34 60.11 16.63
N LEU JA 74 -53.99 58.86 16.34
CA LEU JA 74 -52.80 58.24 16.94
C LEU JA 74 -51.54 59.00 16.59
N GLN JA 75 -51.48 59.52 15.36
CA GLN JA 75 -50.33 60.28 14.91
C GLN JA 75 -50.19 61.58 15.70
N ALA JA 76 -51.32 62.25 15.96
CA ALA JA 76 -51.29 63.51 16.70
C ALA JA 76 -50.89 63.28 18.16
N GLU JA 77 -51.42 62.22 18.77
CA GLU JA 77 -51.03 61.89 20.14
C GLU JA 77 -49.56 61.51 20.22
N LYS JA 78 -49.07 60.80 19.20
CA LYS JA 78 -47.65 60.41 19.16
C LYS JA 78 -46.75 61.63 19.03
N ASP JA 79 -47.14 62.59 18.19
CA ASP JA 79 -46.33 63.79 18.01
C ASP JA 79 -46.30 64.64 19.26
N ARG JA 80 -47.46 64.81 19.90
CA ARG JA 80 -47.49 65.56 21.15
C ARG JA 80 -46.70 64.86 22.25
N ARG JA 81 -46.69 63.53 22.26
CA ARG JA 81 -45.96 62.84 23.31
C ARG JA 81 -44.45 62.92 23.09
N VAL JA 82 -43.99 62.83 21.84
CA VAL JA 82 -42.55 62.91 21.62
C VAL JA 82 -42.05 64.34 21.80
N LEU JA 83 -42.87 65.34 21.48
CA LEU JA 83 -42.45 66.71 21.77
C LEU JA 83 -42.52 66.99 23.27
N GLN JA 84 -43.41 66.30 23.98
CA GLN JA 84 -43.46 66.42 25.43
C GLN JA 84 -42.19 65.88 26.07
N MET JA 85 -41.73 64.71 25.60
CA MET JA 85 -40.46 64.18 26.11
C MET JA 85 -39.28 65.06 25.71
N LEU JA 86 -39.31 65.65 24.51
CA LEU JA 86 -38.25 66.58 24.10
C LEU JA 86 -38.18 67.79 25.02
N ARG JA 87 -39.34 68.41 25.30
CA ARG JA 87 -39.37 69.60 26.12
C ARG JA 87 -38.94 69.30 27.56
N GLU JA 88 -39.49 68.23 28.15
CA GLU JA 88 -39.14 67.90 29.52
C GLU JA 88 -37.69 67.44 29.63
N ASN JA 89 -37.18 66.74 28.62
CA ASN JA 89 -35.83 66.21 28.72
C ASN JA 89 -34.79 67.31 28.52
N LEU JA 90 -35.08 68.28 27.64
CA LEU JA 90 -34.16 69.41 27.55
C LEU JA 90 -34.27 70.33 28.76
N GLU JA 91 -35.42 70.37 29.41
CA GLU JA 91 -35.50 71.07 30.70
C GLU JA 91 -34.65 70.39 31.76
N GLU JA 92 -34.69 69.06 31.80
CA GLU JA 92 -33.82 68.28 32.70
C GLU JA 92 -32.35 68.51 32.40
N GLU JA 93 -31.98 68.53 31.12
CA GLU JA 93 -30.59 68.77 30.74
C GLU JA 93 -30.14 70.17 31.12
N ALA JA 94 -31.01 71.17 30.88
CA ALA JA 94 -30.70 72.55 31.27
C ALA JA 94 -30.58 72.71 32.78
N THR JA 95 -31.29 71.88 33.54
CA THR JA 95 -31.10 71.88 34.97
C THR JA 95 -29.79 71.19 35.38
N ILE JA 96 -29.36 70.18 34.62
CA ILE JA 96 -28.36 69.25 35.14
C ILE JA 96 -26.92 69.55 34.71
N MET JA 97 -26.70 70.30 33.63
CA MET JA 97 -25.36 70.45 33.06
C MET JA 97 -24.80 71.86 33.17
N LYS JA 98 -25.11 72.58 34.25
CA LYS JA 98 -24.63 73.95 34.36
C LYS JA 98 -23.24 74.05 34.97
N ASP JA 99 -22.51 72.94 35.06
CA ASP JA 99 -21.16 72.92 35.61
C ASP JA 99 -20.08 72.84 34.54
N VAL JA 100 -20.31 72.05 33.51
CA VAL JA 100 -19.33 71.82 32.43
C VAL JA 100 -19.15 73.11 31.64
N PRO JA 101 -17.94 73.44 31.18
CA PRO JA 101 -17.78 74.56 30.25
C PRO JA 101 -18.30 74.20 28.87
N GLY JA 102 -18.53 75.25 28.08
CA GLY JA 102 -19.12 75.06 26.77
C GLY JA 102 -20.59 74.74 26.90
N TRP JA 103 -21.04 73.70 26.20
CA TRP JA 103 -22.37 73.10 26.34
C TRP JA 103 -23.50 74.08 26.08
N LYS JA 104 -23.76 74.41 24.82
CA LYS JA 104 -25.07 74.95 24.49
C LYS JA 104 -26.15 73.93 24.87
N VAL JA 105 -27.29 74.45 25.31
CA VAL JA 105 -28.24 73.61 26.05
C VAL JA 105 -29.00 72.65 25.13
N GLY JA 106 -29.22 73.01 23.88
CA GLY JA 106 -30.12 72.23 23.04
C GLY JA 106 -29.67 72.07 21.60
N GLU JA 107 -28.36 72.06 21.37
CA GLU JA 107 -27.84 71.88 20.02
C GLU JA 107 -28.12 70.48 19.50
N SER JA 108 -28.72 70.41 18.32
CA SER JA 108 -28.53 69.24 17.49
C SER JA 108 -27.06 69.15 17.10
N VAL JA 109 -26.54 67.93 17.05
CA VAL JA 109 -25.18 67.74 16.54
C VAL JA 109 -25.15 67.99 15.05
N PHE JA 110 -26.28 67.83 14.37
CA PHE JA 110 -26.39 68.00 12.94
C PHE JA 110 -26.31 69.47 12.54
N HIS JA 111 -26.22 69.71 11.24
CA HIS JA 111 -26.06 71.07 10.72
C HIS JA 111 -27.31 71.64 10.09
N THR JA 112 -28.09 70.82 9.39
CA THR JA 112 -29.24 71.35 8.68
C THR JA 112 -30.37 71.71 9.65
N THR JA 113 -31.17 72.70 9.25
CA THR JA 113 -32.28 73.18 10.06
C THR JA 113 -33.50 72.34 9.70
N ARG JA 114 -33.49 71.11 10.17
CA ARG JA 114 -34.57 70.17 9.93
C ARG JA 114 -34.82 69.35 11.18
N TRP JA 115 -36.09 69.02 11.40
CA TRP JA 115 -36.45 68.13 12.50
C TRP JA 115 -36.04 66.71 12.15
N VAL JA 116 -34.96 66.25 12.73
CA VAL JA 116 -34.59 64.85 12.56
C VAL JA 116 -35.43 64.01 13.51
N THR JA 117 -35.67 62.76 13.15
CA THR JA 117 -36.32 61.85 14.05
C THR JA 117 -35.35 61.47 15.17
N PRO JA 118 -35.74 61.58 16.44
CA PRO JA 118 -34.82 61.28 17.54
C PRO JA 118 -34.54 59.78 17.65
N MET JA 119 -33.58 59.47 18.53
CA MET JA 119 -32.81 58.22 18.45
C MET JA 119 -33.11 57.25 19.59
N MET JA 120 -34.21 57.44 20.31
CA MET JA 120 -34.65 56.65 21.47
C MET JA 120 -33.68 56.72 22.65
N GLY JA 121 -32.76 57.68 22.64
CA GLY JA 121 -31.95 58.00 23.80
C GLY JA 121 -32.09 59.49 24.06
N GLU JA 122 -32.56 60.18 23.03
CA GLU JA 122 -33.06 61.53 23.19
C GLU JA 122 -34.48 61.52 23.73
N LEU JA 123 -35.28 60.53 23.35
CA LEU JA 123 -36.62 60.37 23.91
C LEU JA 123 -36.56 59.66 25.25
N TYR JA 124 -36.12 58.40 25.24
CA TYR JA 124 -36.08 57.58 26.44
C TYR JA 124 -34.66 57.53 27.00
N GLY JA 125 -34.16 58.69 27.38
CA GLY JA 125 -32.87 58.82 28.03
C GLY JA 125 -33.07 59.11 29.50
N LEU JA 126 -32.19 58.53 30.32
CA LEU JA 126 -32.12 58.71 31.79
C LEU JA 126 -33.46 58.47 32.49
N ARG JA 127 -34.27 57.55 31.96
CA ARG JA 127 -35.53 57.17 32.56
C ARG JA 127 -35.36 56.01 33.55
N THR JA 128 -34.11 55.52 33.68
CA THR JA 128 -33.69 54.46 34.61
C THR JA 128 -34.45 53.16 34.34
N GLY JA 129 -34.13 52.59 33.19
CA GLY JA 129 -34.29 51.16 32.96
C GLY JA 129 -35.67 50.62 32.63
N GLU JA 130 -36.64 50.86 33.52
CA GLU JA 130 -37.90 50.12 33.45
C GLU JA 130 -38.72 50.51 32.24
N GLU JA 131 -38.99 51.81 32.08
CA GLU JA 131 -39.79 52.25 30.94
C GLU JA 131 -39.04 52.10 29.63
N ILE JA 132 -37.71 52.23 29.63
CA ILE JA 132 -36.99 52.11 28.36
C ILE JA 132 -36.92 50.65 27.94
N LEU JA 133 -36.91 49.72 28.90
CA LEU JA 133 -36.90 48.31 28.57
C LEU JA 133 -38.29 47.85 28.14
N SER JA 134 -39.33 48.40 28.76
CA SER JA 134 -40.68 48.08 28.35
C SER JA 134 -41.12 48.83 27.09
N SER JA 135 -40.37 49.83 26.66
CA SER JA 135 -40.69 50.61 25.48
C SER JA 135 -39.92 50.17 24.25
N THR JA 136 -38.59 50.11 24.34
CA THR JA 136 -37.80 49.65 23.21
C THR JA 136 -37.99 48.16 22.98
N TYR JA 137 -37.68 47.35 23.99
CA TYR JA 137 -37.62 45.90 23.85
C TYR JA 137 -38.96 45.23 24.11
N GLY JA 138 -40.06 45.97 24.04
CA GLY JA 138 -41.36 45.42 24.37
C GLY JA 138 -41.87 44.43 23.34
N PHE JA 139 -42.09 44.91 22.12
CA PHE JA 139 -42.60 44.06 21.05
C PHE JA 139 -41.61 42.99 20.62
N ILE JA 140 -40.32 43.21 20.87
CA ILE JA 140 -39.28 42.32 20.36
C ILE JA 140 -39.38 40.95 21.00
N TRP JA 141 -39.71 40.90 22.28
CA TRP JA 141 -39.95 39.62 22.90
C TRP JA 141 -41.23 39.59 23.70
N TYR JA 142 -42.21 40.41 23.34
CA TYR JA 142 -43.56 40.22 23.87
C TYR JA 142 -44.26 39.21 22.99
N THR JA 143 -44.24 37.95 23.42
CA THR JA 143 -44.92 36.82 22.79
C THR JA 143 -44.48 36.62 21.32
N SER KA 1 84.35 6.55 -26.23
CA SER KA 1 84.11 5.11 -26.15
C SER KA 1 84.15 4.47 -27.52
N GLY KA 2 83.27 4.94 -28.41
CA GLY KA 2 83.16 4.37 -29.73
C GLY KA 2 81.73 3.97 -30.04
N TYR KA 3 81.44 3.74 -31.31
CA TYR KA 3 80.12 3.28 -31.70
C TYR KA 3 79.88 1.84 -31.26
N THR KA 4 78.61 1.51 -31.06
CA THR KA 4 78.18 0.12 -31.04
C THR KA 4 78.11 -0.38 -32.48
N PRO KA 5 78.16 -1.71 -32.70
CA PRO KA 5 77.96 -2.20 -34.07
C PRO KA 5 76.58 -1.95 -34.62
N ASP KA 6 75.56 -1.87 -33.76
CA ASP KA 6 74.21 -1.58 -34.21
C ASP KA 6 74.10 -0.17 -34.76
N GLU KA 7 74.71 0.80 -34.06
CA GLU KA 7 74.74 2.17 -34.54
C GLU KA 7 75.48 2.29 -35.85
N LYS KA 8 76.59 1.55 -36.01
CA LYS KA 8 77.34 1.55 -37.26
C LYS KA 8 76.50 1.01 -38.41
N LEU KA 9 75.79 -0.09 -38.18
CA LEU KA 9 75.02 -0.71 -39.26
C LEU KA 9 73.84 0.17 -39.66
N ARG KA 10 73.08 0.64 -38.66
CA ARG KA 10 71.97 1.58 -38.87
C ARG KA 10 72.45 2.83 -39.59
N LEU KA 11 73.62 3.32 -39.20
CA LEU KA 11 74.18 4.53 -39.78
C LEU KA 11 74.61 4.30 -41.22
N GLN KA 12 75.06 3.10 -41.57
CA GLN KA 12 75.43 2.86 -42.96
C GLN KA 12 74.23 2.61 -43.86
N GLN KA 13 73.14 2.04 -43.32
CA GLN KA 13 71.90 2.03 -44.09
C GLN KA 13 71.41 3.45 -44.36
N LEU KA 14 71.56 4.33 -43.37
CA LEU KA 14 71.23 5.73 -43.61
C LEU KA 14 72.22 6.40 -44.55
N ARG KA 15 73.46 5.94 -44.60
CA ARG KA 15 74.39 6.42 -45.62
C ARG KA 15 73.87 6.10 -47.01
N GLU KA 16 73.48 4.86 -47.24
CA GLU KA 16 73.00 4.46 -48.56
C GLU KA 16 71.71 5.21 -48.93
N LEU KA 17 70.80 5.37 -47.98
CA LEU KA 17 69.55 6.07 -48.28
C LEU KA 17 69.75 7.55 -48.53
N ARG KA 18 70.63 8.20 -47.75
CA ARG KA 18 70.84 9.62 -47.93
C ARG KA 18 71.58 9.90 -49.23
N ARG KA 19 72.50 9.01 -49.61
CA ARG KA 19 73.23 9.22 -50.85
C ARG KA 19 72.36 8.97 -52.06
N ARG KA 20 71.46 7.98 -52.00
CA ARG KA 20 70.52 7.77 -53.09
C ARG KA 20 69.55 8.94 -53.22
N TRP KA 21 69.08 9.48 -52.08
CA TRP KA 21 68.18 10.62 -52.13
C TRP KA 21 68.86 11.85 -52.71
N LEU KA 22 70.07 12.15 -52.24
CA LEU KA 22 70.75 13.35 -52.68
C LEU KA 22 71.20 13.24 -54.13
N LYS KA 23 71.52 12.03 -54.59
CA LYS KA 23 71.80 11.85 -56.01
C LYS KA 23 70.54 11.96 -56.85
N ASP KA 24 69.37 11.60 -56.28
CA ASP KA 24 68.13 11.85 -56.98
C ASP KA 24 67.82 13.34 -57.05
N GLN KA 25 68.23 14.11 -56.03
CA GLN KA 25 67.88 15.53 -55.97
C GLN KA 25 68.56 16.37 -57.04
N GLU KA 26 69.74 15.98 -57.51
CA GLU KA 26 70.36 16.70 -58.63
C GLU KA 26 69.64 16.27 -59.90
N LEU KA 27 68.68 17.08 -60.34
CA LEU KA 27 67.94 16.76 -61.55
C LEU KA 27 68.81 17.13 -62.73
N SER KA 28 68.90 16.21 -63.69
CA SER KA 28 69.53 16.46 -64.97
C SER KA 28 69.00 15.52 -66.04
N PRO KA 29 67.82 15.79 -66.62
CA PRO KA 29 67.42 15.02 -67.81
C PRO KA 29 67.89 15.68 -69.09
N ARG KA 30 68.87 16.58 -68.94
CA ARG KA 30 69.42 17.56 -69.89
C ARG KA 30 68.45 18.69 -70.20
N GLU KA 31 67.23 18.67 -69.68
CA GLU KA 31 66.32 19.81 -69.78
C GLU KA 31 65.62 19.99 -68.44
N PRO KA 32 66.02 21.00 -67.66
CA PRO KA 32 65.34 21.26 -66.38
C PRO KA 32 63.90 21.74 -66.55
N VAL KA 33 63.72 22.83 -67.30
CA VAL KA 33 62.41 23.43 -67.47
C VAL KA 33 62.02 23.30 -68.93
N LEU KA 34 60.82 23.78 -69.27
CA LEU KA 34 60.40 23.83 -70.63
C LEU KA 34 59.45 25.01 -70.76
N PRO KA 35 59.60 25.85 -71.78
CA PRO KA 35 58.73 27.02 -71.92
C PRO KA 35 57.38 26.62 -72.50
N PRO KA 36 56.28 26.98 -71.81
CA PRO KA 36 54.95 26.67 -72.36
C PRO KA 36 54.58 27.54 -73.53
N ARG KA 37 55.22 28.69 -73.73
CA ARG KA 37 54.89 29.57 -74.84
C ARG KA 37 56.08 29.77 -75.78
N SER KA 67 68.89 53.66 -75.69
CA SER KA 67 68.52 55.07 -75.65
C SER KA 67 67.12 55.24 -75.08
N ILE KA 68 66.35 54.14 -75.11
CA ILE KA 68 64.93 54.24 -74.81
C ILE KA 68 64.70 54.49 -73.32
N PHE KA 69 65.58 53.98 -72.45
CA PHE KA 69 65.45 54.20 -71.01
C PHE KA 69 65.59 55.67 -70.66
N ALA KA 70 66.74 56.24 -71.00
CA ALA KA 70 67.00 57.64 -70.69
C ALA KA 70 66.01 58.54 -71.41
N PHE KA 71 65.64 58.17 -72.65
CA PHE KA 71 64.65 58.91 -73.43
C PHE KA 71 63.33 59.03 -72.68
N THR KA 72 62.69 57.89 -72.38
CA THR KA 72 61.38 57.96 -71.74
C THR KA 72 61.46 58.49 -70.31
N HIS KA 73 62.53 58.18 -69.56
CA HIS KA 73 62.52 58.54 -68.14
C HIS KA 73 62.96 59.97 -67.87
N VAL KA 74 63.89 60.54 -68.64
CA VAL KA 74 64.19 61.94 -68.41
C VAL KA 74 63.56 62.81 -69.50
N LEU KA 75 62.57 62.29 -70.23
CA LEU KA 75 61.70 63.18 -70.97
C LEU KA 75 60.26 63.15 -70.50
N ILE KA 76 59.62 61.99 -70.44
CA ILE KA 76 58.17 61.91 -70.27
C ILE KA 76 57.73 62.32 -68.87
N PRO KA 77 58.32 61.86 -67.75
CA PRO KA 77 57.96 62.51 -66.48
C PRO KA 77 58.46 63.94 -66.39
N VAL KA 78 59.55 64.27 -67.09
CA VAL KA 78 60.00 65.65 -67.12
C VAL KA 78 59.02 66.51 -67.90
N TRP KA 79 58.48 66.00 -69.02
CA TRP KA 79 57.45 66.72 -69.75
C TRP KA 79 56.18 66.89 -68.92
N ILE KA 80 55.77 65.83 -68.22
CA ILE KA 80 54.53 65.91 -67.44
C ILE KA 80 54.68 66.84 -66.26
N ILE KA 81 55.82 66.79 -65.56
CA ILE KA 81 56.04 67.69 -64.43
C ILE KA 81 56.27 69.12 -64.90
N HIS KA 82 56.88 69.33 -66.07
CA HIS KA 82 57.02 70.68 -66.57
C HIS KA 82 55.69 71.25 -67.06
N TYR KA 83 54.79 70.38 -67.51
CA TYR KA 83 53.42 70.82 -67.77
C TYR KA 83 52.66 71.09 -66.49
N TYR KA 84 52.97 70.34 -65.44
CA TYR KA 84 52.31 70.49 -64.16
C TYR KA 84 52.78 71.73 -63.41
N LEU KA 85 54.02 72.12 -63.63
CA LEU KA 85 54.64 73.18 -62.85
C LEU KA 85 54.62 74.53 -63.53
N LYS KA 86 54.03 74.64 -64.71
CA LYS KA 86 53.58 75.96 -65.15
C LYS KA 86 52.18 76.21 -64.61
N TYR KA 87 51.22 75.44 -65.11
CA TYR KA 87 49.86 75.95 -65.21
C TYR KA 87 49.09 75.81 -63.89
N HIS KA 88 48.92 74.59 -63.42
CA HIS KA 88 48.16 74.36 -62.20
C HIS KA 88 48.87 74.94 -60.98
N VAL KA 89 50.20 74.88 -60.99
CA VAL KA 89 50.93 75.32 -59.81
C VAL KA 89 51.05 76.84 -59.79
N THR KA 90 50.86 77.52 -60.92
CA THR KA 90 50.77 78.97 -60.85
C THR KA 90 49.33 79.45 -60.70
N THR KA 91 48.32 78.61 -61.01
CA THR KA 91 46.96 79.03 -60.71
C THR KA 91 46.64 78.85 -59.24
N LYS KA 92 47.27 77.92 -58.56
CA LYS KA 92 47.26 78.02 -57.11
C LYS KA 92 48.18 79.17 -56.72
N PRO KA 93 47.68 80.21 -56.07
CA PRO KA 93 48.42 81.47 -55.98
C PRO KA 93 49.65 81.46 -55.06
N TYR KA 94 49.48 81.06 -53.80
CA TYR KA 94 50.60 81.00 -52.86
C TYR KA 94 51.16 79.60 -52.93
N THR KA 95 52.25 79.48 -53.67
CA THR KA 95 52.76 78.20 -54.15
C THR KA 95 54.26 78.40 -54.15
N ILE KA 96 54.97 77.71 -55.05
CA ILE KA 96 56.42 77.71 -55.18
C ILE KA 96 56.98 79.14 -55.18
N VAL KA 97 57.84 79.43 -54.21
CA VAL KA 97 58.33 80.79 -54.04
C VAL KA 97 59.81 80.74 -53.72
N GLU KA 98 60.52 81.75 -54.16
CA GLU KA 98 61.97 81.79 -54.12
C GLU KA 98 62.45 82.82 -53.12
N LYS KA 99 63.26 82.37 -52.16
CA LYS KA 99 64.13 83.26 -51.41
C LYS KA 99 65.02 84.00 -52.38
N LYS KA 100 65.06 85.31 -52.17
CA LYS KA 100 65.29 86.30 -53.21
C LYS KA 100 66.73 86.24 -53.71
N PRO KA 101 66.96 86.39 -55.01
CA PRO KA 101 68.32 86.50 -55.52
C PRO KA 101 69.00 87.74 -54.98
N ARG KA 102 70.13 87.52 -54.31
CA ARG KA 102 70.82 88.60 -53.60
C ARG KA 102 71.47 89.54 -54.60
N ILE KA 103 71.25 90.83 -54.42
CA ILE KA 103 71.88 91.84 -55.26
C ILE KA 103 73.08 92.42 -54.53
N PHE KA 104 74.11 92.72 -55.28
CA PHE KA 104 75.42 93.17 -54.85
C PHE KA 104 75.65 94.61 -55.28
N PRO KA 105 76.38 95.41 -54.49
CA PRO KA 105 76.39 96.86 -54.72
C PRO KA 105 77.12 97.34 -55.96
N GLY KA 106 77.68 96.45 -56.78
CA GLY KA 106 78.30 96.88 -58.02
C GLY KA 106 77.49 96.46 -59.23
N ASP KA 107 76.35 95.81 -58.99
CA ASP KA 107 75.53 95.28 -60.06
C ASP KA 107 74.48 96.28 -60.52
N THR KA 108 73.63 95.82 -61.44
CA THR KA 108 72.48 96.56 -61.90
C THR KA 108 71.32 95.58 -62.06
N ILE KA 109 70.11 96.12 -62.11
CA ILE KA 109 68.92 95.27 -62.15
C ILE KA 109 68.72 94.77 -63.58
N LEU KA 110 68.56 93.45 -63.72
CA LEU KA 110 68.29 92.84 -65.02
C LEU KA 110 66.93 93.22 -65.57
N GLU KA 111 65.98 93.58 -64.70
CA GLU KA 111 64.59 93.69 -65.09
C GLU KA 111 64.29 95.00 -65.81
N THR KA 112 64.46 96.12 -65.11
CA THR KA 112 64.28 97.44 -65.70
C THR KA 112 65.61 98.09 -66.06
N GLY KA 113 66.54 98.13 -65.10
CA GLY KA 113 67.88 98.61 -65.34
C GLY KA 113 68.21 99.88 -64.61
N GLU KA 114 68.84 99.74 -63.44
CA GLU KA 114 69.44 100.84 -62.71
C GLU KA 114 70.45 100.23 -61.73
N VAL KA 115 71.49 100.99 -61.45
CA VAL KA 115 72.63 100.46 -60.73
C VAL KA 115 72.43 100.67 -59.23
N ILE KA 116 73.22 99.94 -58.47
CA ILE KA 116 73.29 100.08 -57.01
C ILE KA 116 74.57 100.85 -56.75
N PRO KA 117 74.60 101.81 -55.82
CA PRO KA 117 75.83 102.58 -55.56
C PRO KA 117 76.93 101.71 -55.01
N PRO KA 118 78.16 101.91 -55.48
CA PRO KA 118 79.29 101.10 -54.98
C PRO KA 118 79.64 101.46 -53.55
N MET KA 119 80.43 100.58 -52.94
CA MET KA 119 80.85 100.78 -51.57
C MET KA 119 81.90 101.87 -51.51
N LYS KA 120 82.14 102.39 -50.30
CA LYS KA 120 82.97 103.55 -50.11
C LYS KA 120 84.42 103.15 -49.87
N GLU KA 121 85.23 104.04 -49.30
CA GLU KA 121 86.67 103.87 -49.20
C GLU KA 121 87.05 102.71 -48.29
N PHE KA 122 88.04 101.94 -48.76
CA PHE KA 122 88.65 100.73 -48.18
C PHE KA 122 89.64 100.84 -47.01
N PRO KA 123 90.44 101.96 -46.86
CA PRO KA 123 91.89 101.82 -46.60
C PRO KA 123 92.36 101.16 -45.30
N ASP KA 124 93.70 101.08 -45.21
CA ASP KA 124 94.47 100.47 -44.12
C ASP KA 124 94.17 98.97 -44.00
N GLN KA 125 94.47 98.26 -45.08
CA GLN KA 125 94.33 96.80 -45.11
C GLN KA 125 95.66 96.12 -44.82
N GLY LA 1 93.67 77.76 -21.86
CA GLY LA 1 95.02 77.53 -21.40
C GLY LA 1 95.20 77.74 -19.91
N ALA LA 2 96.40 78.15 -19.52
CA ALA LA 2 96.71 78.32 -18.10
C ALA LA 2 96.10 79.59 -17.51
N HIS LA 3 95.66 80.54 -18.34
CA HIS LA 3 94.96 81.71 -17.84
C HIS LA 3 93.64 81.31 -17.20
N LEU LA 4 92.95 80.33 -17.79
CA LEU LA 4 91.72 79.81 -17.22
C LEU LA 4 92.01 79.01 -15.95
N ALA LA 5 93.16 78.34 -15.90
CA ALA LA 5 93.58 77.66 -14.69
C ALA LA 5 93.85 78.64 -13.56
N ARG LA 6 94.43 79.80 -13.88
CA ARG LA 6 94.62 80.84 -12.88
C ARG LA 6 93.29 81.40 -12.43
N ARG LA 7 92.36 81.59 -13.37
CA ARG LA 7 91.05 82.12 -13.04
C ARG LA 7 90.25 81.18 -12.17
N TYR LA 8 90.49 79.87 -12.28
CA TYR LA 8 89.77 78.94 -11.41
C TYR LA 8 90.48 78.65 -10.09
N LEU LA 9 91.81 78.63 -10.08
CA LEU LA 9 92.52 78.33 -8.84
C LEU LA 9 92.71 79.57 -7.98
N GLY LA 10 93.31 80.62 -8.53
CA GLY LA 10 93.72 81.77 -7.74
C GLY LA 10 92.58 82.69 -7.37
N ASP LA 11 92.93 83.94 -7.07
CA ASP LA 11 91.93 84.94 -6.76
C ASP LA 11 91.11 85.29 -7.99
N ALA LA 12 89.80 85.26 -7.85
CA ALA LA 12 88.90 85.49 -8.97
C ALA LA 12 88.61 86.96 -9.20
N SER LA 13 89.16 87.86 -8.37
CA SER LA 13 88.91 89.28 -8.53
C SER LA 13 89.60 89.81 -9.78
N VAL LA 14 90.93 89.69 -9.82
CA VAL LA 14 91.72 90.34 -10.87
C VAL LA 14 91.54 89.68 -12.22
N GLU LA 15 91.06 88.44 -12.27
CA GLU LA 15 90.70 87.81 -13.53
C GLU LA 15 89.27 88.14 -13.87
N PRO LA 16 89.00 88.80 -14.99
CA PRO LA 16 87.66 89.32 -15.25
C PRO LA 16 86.72 88.24 -15.73
N GLU LA 17 85.45 88.42 -15.40
CA GLU LA 17 84.50 87.42 -15.86
C GLU LA 17 84.09 87.69 -17.30
N PRO LA 18 84.02 86.65 -18.14
CA PRO LA 18 83.40 86.81 -19.46
C PRO LA 18 81.91 87.01 -19.33
N LEU LA 19 81.32 87.52 -20.42
CA LEU LA 19 79.92 87.92 -20.63
C LEU LA 19 79.44 89.03 -19.70
N ARG LA 20 80.31 89.54 -18.85
CA ARG LA 20 80.13 90.78 -18.11
C ARG LA 20 81.43 91.56 -18.12
N MET LA 21 82.06 91.62 -19.31
CA MET LA 21 83.31 92.36 -19.47
C MET LA 21 83.18 93.87 -19.23
N PRO LA 22 82.17 94.62 -19.81
CA PRO LA 22 82.14 96.05 -19.50
C PRO LA 22 81.76 96.35 -18.06
N THR LA 23 82.79 96.72 -17.29
CA THR LA 23 82.67 97.01 -15.87
C THR LA 23 83.12 98.43 -15.54
N PHE LA 24 84.28 98.82 -16.02
CA PHE LA 24 84.82 100.15 -15.78
C PHE LA 24 84.24 101.15 -16.79
N PRO LA 25 84.13 102.42 -16.40
CA PRO LA 25 83.69 103.45 -17.36
C PRO LA 25 84.72 103.65 -18.46
N PRO LA 26 84.31 104.14 -19.62
CA PRO LA 26 85.23 104.22 -20.76
C PRO LA 26 86.26 105.33 -20.59
N ASP LA 27 87.16 105.38 -21.58
CA ASP LA 27 88.31 106.28 -21.83
C ASP LA 27 88.99 106.78 -20.55
N TYR LA 28 89.26 105.84 -19.66
CA TYR LA 28 89.88 106.12 -18.38
C TYR LA 28 91.37 106.38 -18.51
N GLY LA 29 91.99 105.92 -19.60
CA GLY LA 29 93.38 106.19 -19.88
C GLY LA 29 93.61 106.50 -21.33
N PHE LA 30 92.52 106.59 -22.08
CA PHE LA 30 92.50 106.91 -23.50
C PHE LA 30 92.62 108.37 -23.89
N PRO LA 31 92.06 109.32 -23.08
CA PRO LA 31 91.07 110.28 -23.58
C PRO LA 31 91.21 110.79 -25.01
N GLU LA 32 90.07 110.80 -25.71
CA GLU LA 32 89.92 111.15 -27.13
C GLU LA 32 90.78 110.25 -28.02
N ARG LA 33 90.42 108.97 -28.00
CA ARG LA 33 90.96 108.00 -28.96
C ARG LA 33 89.80 107.07 -29.34
N LYS LA 34 89.10 107.44 -30.41
CA LYS LA 34 88.00 106.64 -30.95
C LYS LA 34 87.73 107.12 -32.36
N GLU LA 35 87.60 106.18 -33.29
CA GLU LA 35 86.98 106.48 -34.58
C GLU LA 35 85.69 105.68 -34.78
N ARG LA 36 85.80 104.34 -34.80
CA ARG LA 36 84.72 103.42 -35.16
C ARG LA 36 84.02 103.84 -36.45
N GLU LA 37 84.80 103.78 -37.53
CA GLU LA 37 84.38 104.37 -38.81
C GLU LA 37 83.14 103.70 -39.37
N MET LA 38 83.24 102.41 -39.70
CA MET LA 38 82.13 101.55 -40.12
C MET LA 38 81.45 102.11 -41.37
N VAL LA 39 82.19 102.05 -42.47
CA VAL LA 39 81.78 102.72 -43.69
C VAL LA 39 81.17 101.65 -44.60
N ALA LA 40 80.66 100.58 -43.98
CA ALA LA 40 80.17 99.42 -44.72
C ALA LA 40 78.75 99.59 -45.24
N THR LA 41 78.13 100.76 -45.06
CA THR LA 41 76.89 101.19 -45.73
C THR LA 41 75.73 100.22 -45.42
N GLN LA 42 75.28 100.26 -44.16
CA GLN LA 42 74.31 99.36 -43.56
C GLN LA 42 73.04 99.11 -44.36
N GLN LA 43 72.57 100.12 -45.10
CA GLN LA 43 71.42 99.90 -45.97
C GLN LA 43 71.76 98.94 -47.10
N GLU LA 44 72.96 99.06 -47.67
CA GLU LA 44 73.42 98.09 -48.66
C GLU LA 44 73.68 96.73 -48.02
N MET LA 45 74.15 96.74 -46.77
CA MET LA 45 74.39 95.52 -46.00
C MET LA 45 73.09 94.77 -45.74
N ASN LA 46 71.98 95.47 -45.69
CA ASN LA 46 70.69 94.82 -45.58
C ASN LA 46 70.12 94.49 -46.95
N ASP LA 47 70.49 95.26 -47.98
CA ASP LA 47 70.02 94.99 -49.33
C ASP LA 47 70.53 93.66 -49.84
N ALA LA 48 71.84 93.44 -49.78
CA ALA LA 48 72.32 92.08 -49.88
C ALA LA 48 71.93 91.36 -48.60
N GLN LA 49 71.27 90.21 -48.73
CA GLN LA 49 70.68 89.57 -47.55
C GLN LA 49 71.79 88.87 -46.76
N LEU LA 50 72.44 89.63 -45.89
CA LEU LA 50 73.45 89.09 -45.01
C LEU LA 50 72.80 88.45 -43.80
N VAL LA 51 73.64 87.86 -42.96
CA VAL LA 51 73.20 87.01 -41.86
C VAL LA 51 73.40 87.77 -40.55
N LEU LA 52 72.56 87.47 -39.58
CA LEU LA 52 72.82 87.90 -38.21
C LEU LA 52 74.12 87.26 -37.72
N GLN LA 53 74.85 88.02 -36.89
CA GLN LA 53 76.26 87.82 -36.56
C GLN LA 53 77.16 87.82 -37.79
N GLN LA 54 76.72 88.43 -38.88
CA GLN LA 54 77.59 88.85 -39.97
C GLN LA 54 77.34 90.31 -40.32
N ARG LA 55 76.35 90.94 -39.70
CA ARG LA 55 76.14 92.40 -39.81
C ARG LA 55 77.08 93.12 -38.84
N ASP LA 56 78.38 92.91 -39.05
CA ASP LA 56 79.39 93.24 -38.07
C ASP LA 56 80.54 93.96 -38.77
N TYR LA 57 81.67 94.07 -38.07
CA TYR LA 57 82.82 94.74 -38.63
C TYR LA 57 83.42 93.92 -39.78
N CYS LA 58 84.28 94.60 -40.56
CA CYS LA 58 84.95 94.05 -41.75
C CYS LA 58 83.94 93.55 -42.77
N ALA LA 59 82.82 94.27 -42.90
CA ALA LA 59 81.70 93.75 -43.67
C ALA LA 59 81.90 93.91 -45.17
N HIS LA 60 82.54 95.00 -45.59
CA HIS LA 60 82.69 95.27 -47.01
C HIS LA 60 83.63 94.29 -47.71
N TYR LA 61 84.55 93.69 -46.96
CA TYR LA 61 85.33 92.59 -47.50
C TYR LA 61 84.44 91.40 -47.82
N LEU LA 62 83.46 91.14 -46.96
CA LEU LA 62 82.49 90.09 -47.26
C LEU LA 62 81.59 90.47 -48.43
N ILE LA 63 81.26 91.76 -48.56
CA ILE LA 63 80.45 92.24 -49.68
C ILE LA 63 81.16 91.99 -51.00
N ARG LA 64 82.43 92.39 -51.08
CA ARG LA 64 83.18 92.17 -52.30
C ARG LA 64 83.52 90.70 -52.50
N PHE LA 65 83.60 89.93 -51.40
CA PHE LA 65 83.82 88.49 -51.52
C PHE LA 65 82.63 87.80 -52.19
N LEU LA 66 81.42 88.08 -51.69
CA LEU LA 66 80.23 87.51 -52.31
C LEU LA 66 80.03 88.06 -53.71
N LYS LA 67 80.40 89.32 -53.94
CA LYS LA 67 80.25 89.92 -55.26
C LYS LA 67 81.14 89.24 -56.29
N CYS LA 68 82.41 89.03 -55.94
CA CYS LA 68 83.31 88.40 -56.89
C CYS LA 68 83.04 86.91 -57.00
N LYS LA 69 82.49 86.30 -55.95
CA LYS LA 69 82.13 84.87 -56.04
C LYS LA 69 80.94 84.67 -56.98
N ARG LA 70 79.93 85.54 -56.88
CA ARG LA 70 78.81 85.48 -57.80
C ARG LA 70 79.25 85.80 -59.21
N ASP LA 71 80.01 86.88 -59.38
CA ASP LA 71 80.39 87.34 -60.71
C ASP LA 71 81.41 86.43 -61.38
N SER LA 72 82.19 85.68 -60.60
CA SER LA 72 83.08 84.67 -61.17
C SER LA 72 82.72 83.35 -60.51
N PHE LA 73 81.66 82.73 -61.01
CA PHE LA 73 81.27 81.40 -60.57
C PHE LA 73 81.99 80.24 -61.29
N PRO LA 74 82.12 80.22 -62.64
CA PRO LA 74 82.88 79.09 -63.22
C PRO LA 74 84.36 79.14 -62.92
N ASN LA 75 84.91 80.33 -62.65
CA ASN LA 75 86.24 80.39 -62.07
C ASN LA 75 86.14 79.97 -60.61
N PHE LA 76 86.24 78.67 -60.38
CA PHE LA 76 85.94 78.07 -59.09
C PHE LA 76 86.96 78.42 -58.02
N LEU LA 77 88.19 78.74 -58.41
CA LEU LA 77 89.27 79.02 -57.48
C LEU LA 77 89.74 80.47 -57.61
N ALA LA 78 88.80 81.37 -57.91
CA ALA LA 78 89.19 82.75 -58.22
C ALA LA 78 89.41 83.58 -56.96
N CYS LA 79 88.36 83.76 -56.16
CA CYS LA 79 88.40 84.72 -55.06
C CYS LA 79 89.12 84.09 -53.87
N LYS LA 80 90.40 84.39 -53.73
CA LYS LA 80 91.16 83.88 -52.60
C LYS LA 80 91.91 85.01 -51.91
N HIS LA 81 92.28 86.05 -52.66
CA HIS LA 81 92.98 87.18 -52.05
C HIS LA 81 92.03 88.01 -51.18
N GLU LA 82 90.80 88.23 -51.66
CA GLU LA 82 89.82 88.89 -50.82
C GLU LA 82 89.43 88.03 -49.62
N GLN LA 83 89.44 86.71 -49.79
CA GLN LA 83 89.16 85.81 -48.69
C GLN LA 83 90.24 85.91 -47.62
N HIS LA 84 91.51 85.95 -48.06
CA HIS LA 84 92.64 86.12 -47.16
C HIS LA 84 92.62 87.48 -46.48
N ASP LA 85 92.21 88.52 -47.19
CA ASP LA 85 92.18 89.85 -46.59
C ASP LA 85 91.03 90.01 -45.61
N TRP LA 86 89.90 89.36 -45.88
CA TRP LA 86 88.81 89.32 -44.91
C TRP LA 86 89.21 88.55 -43.67
N ASP LA 87 89.98 87.47 -43.86
CA ASP LA 87 90.55 86.75 -42.73
C ASP LA 87 91.50 87.63 -41.92
N TYR LA 88 92.29 88.46 -42.61
CA TYR LA 88 93.22 89.34 -41.91
C TYR LA 88 92.48 90.42 -41.13
N CYS LA 89 91.38 90.92 -41.69
CA CYS LA 89 90.60 91.94 -41.01
C CYS LA 89 89.93 91.37 -39.77
N GLU LA 90 89.38 90.16 -39.88
CA GLU LA 90 88.82 89.53 -38.70
C GLU LA 90 89.89 89.08 -37.70
N HIS LA 91 91.12 88.83 -38.17
CA HIS LA 91 92.23 88.61 -37.27
C HIS LA 91 92.53 89.86 -36.46
N LEU LA 92 92.51 91.03 -37.12
CA LEU LA 92 92.71 92.27 -36.39
C LEU LA 92 91.56 92.56 -35.44
N ASP LA 93 90.34 92.15 -35.81
CA ASP LA 93 89.22 92.29 -34.89
C ASP LA 93 89.40 91.41 -33.66
N TYR LA 94 89.88 90.18 -33.84
CA TYR LA 94 90.13 89.28 -32.72
C TYR LA 94 91.25 89.80 -31.83
N VAL LA 95 92.29 90.37 -32.44
CA VAL LA 95 93.38 90.98 -31.67
C VAL LA 95 92.86 92.17 -30.87
N LYS LA 96 91.97 92.97 -31.47
CA LYS LA 96 91.41 94.13 -30.77
C LYS LA 96 90.53 93.68 -29.61
N ARG LA 97 89.81 92.57 -29.77
CA ARG LA 97 89.01 92.05 -28.66
C ARG LA 97 89.87 91.51 -27.53
N MET LA 98 90.99 90.86 -27.87
CA MET LA 98 91.91 90.40 -26.85
C MET LA 98 92.57 91.57 -26.11
N LYS LA 99 92.85 92.65 -26.85
CA LYS LA 99 93.38 93.86 -26.24
C LYS LA 99 92.36 94.49 -25.30
N GLU LA 100 91.08 94.45 -25.67
CA GLU LA 100 90.02 94.92 -24.79
C GLU LA 100 89.95 94.11 -23.51
N PHE LA 101 90.07 92.78 -23.64
CA PHE LA 101 90.11 91.87 -22.50
C PHE LA 101 91.21 92.26 -21.52
N GLU LA 102 92.45 92.23 -22.00
CA GLU LA 102 93.56 92.45 -21.07
C GLU LA 102 93.68 93.90 -20.65
N ARG LA 103 93.10 94.85 -21.42
CA ARG LA 103 92.91 96.21 -20.94
C ARG LA 103 92.12 96.22 -19.64
N GLU LA 104 90.92 95.66 -19.69
CA GLU LA 104 90.08 95.70 -18.50
C GLU LA 104 90.62 94.82 -17.38
N ARG LA 105 91.34 93.75 -17.74
CA ARG LA 105 92.00 92.89 -16.77
C ARG LA 105 93.07 93.64 -16.00
N ARG LA 106 94.00 94.27 -16.72
CA ARG LA 106 95.11 94.96 -16.05
C ARG LA 106 94.63 96.21 -15.33
N LEU LA 107 93.58 96.86 -15.83
CA LEU LA 107 92.96 97.96 -15.09
C LEU LA 107 92.42 97.49 -13.75
N LEU LA 108 91.63 96.41 -13.75
CA LEU LA 108 91.03 95.93 -12.51
C LEU LA 108 92.11 95.48 -11.53
N GLN LA 109 93.08 94.70 -12.03
CA GLN LA 109 94.16 94.17 -11.21
C GLN LA 109 94.99 95.29 -10.60
N ARG LA 110 95.60 96.14 -11.45
CA ARG LA 110 96.57 97.10 -10.93
C ARG LA 110 95.88 98.20 -10.14
N LYS LA 111 94.71 98.67 -10.59
CA LYS LA 111 94.01 99.72 -9.87
C LYS LA 111 93.49 99.25 -8.52
N LYS LA 112 92.79 98.09 -8.49
CA LYS LA 112 92.20 97.64 -7.24
C LYS LA 112 93.25 97.18 -6.26
N ARG LA 113 94.29 96.49 -6.73
CA ARG LA 113 95.32 96.05 -5.80
C ARG LA 113 96.22 97.19 -5.36
N ARG LA 114 96.45 98.20 -6.21
CA ARG LA 114 97.18 99.39 -5.79
C ARG LA 114 96.43 100.14 -4.71
N GLU LA 115 95.12 100.36 -4.91
CA GLU LA 115 94.33 101.10 -3.93
C GLU LA 115 94.18 100.31 -2.62
N GLN LA 116 93.96 99.00 -2.70
CA GLN LA 116 93.72 98.21 -1.51
C GLN LA 116 94.98 97.58 -0.93
N ARG LA 117 96.15 97.89 -1.48
CA ARG LA 117 97.41 97.57 -0.83
C ARG LA 117 98.21 98.81 -0.51
N GLU LA 118 97.72 100.00 -0.85
CA GLU LA 118 98.24 101.24 -0.28
C GLU LA 118 97.15 102.03 0.41
N ALA LA 119 96.02 101.41 0.72
CA ALA LA 119 94.97 102.05 1.50
C ALA LA 119 94.40 101.09 2.53
N PHE MA 2 72.03 15.73 -19.96
CA PHE MA 2 71.00 15.99 -20.95
C PHE MA 2 71.51 15.58 -22.32
N LEU MA 3 71.35 14.30 -22.67
CA LEU MA 3 71.99 13.73 -23.84
C LEU MA 3 71.23 12.47 -24.24
N PRO MA 4 71.22 12.10 -25.53
CA PRO MA 4 70.36 10.99 -25.96
C PRO MA 4 70.89 9.61 -25.60
N SER MA 5 72.20 9.44 -25.45
CA SER MA 5 72.75 8.10 -25.31
C SER MA 5 72.51 7.53 -23.91
N ALA MA 6 73.04 8.18 -22.88
CA ALA MA 6 72.94 7.70 -21.51
C ALA MA 6 72.29 8.77 -20.63
N ALA MA 7 72.30 8.53 -19.33
CA ALA MA 7 71.70 9.44 -18.35
C ALA MA 7 72.68 10.49 -17.86
N TYR MA 8 73.93 10.46 -18.34
CA TYR MA 8 74.99 11.34 -17.87
C TYR MA 8 76.09 11.28 -18.91
N LEU MA 9 77.09 12.15 -18.76
CA LEU MA 9 78.13 12.06 -19.77
C LEU MA 9 79.10 10.95 -19.40
N THR MA 10 80.02 11.27 -18.47
CA THR MA 10 80.84 10.46 -17.57
C THR MA 10 81.80 11.45 -16.95
N HIS MA 11 82.69 11.00 -16.06
CA HIS MA 11 83.79 11.86 -15.64
C HIS MA 11 84.72 12.18 -16.80
N GLN MA 12 85.01 11.19 -17.64
CA GLN MA 12 86.00 11.30 -18.70
C GLN MA 12 85.62 12.36 -19.72
N GLN MA 13 84.41 12.27 -20.25
CA GLN MA 13 83.93 13.24 -21.21
C GLN MA 13 83.68 14.60 -20.58
N LYS MA 14 83.41 14.65 -19.28
CA LYS MA 14 83.28 15.95 -18.60
C LYS MA 14 84.61 16.69 -18.60
N VAL MA 15 85.69 15.99 -18.23
CA VAL MA 15 87.05 16.54 -18.31
C VAL MA 15 87.40 16.88 -19.75
N LEU MA 16 86.93 16.07 -20.69
CA LEU MA 16 87.22 16.28 -22.10
C LEU MA 16 86.56 17.53 -22.63
N GLN MA 17 85.29 17.76 -22.28
CA GLN MA 17 84.60 18.98 -22.67
C GLN MA 17 85.23 20.20 -22.02
N LEU MA 18 85.72 20.05 -20.79
CA LEU MA 18 86.49 21.14 -20.19
C LEU MA 18 87.74 21.45 -20.99
N TYR MA 19 88.43 20.40 -21.47
CA TYR MA 19 89.64 20.62 -22.24
C TYR MA 19 89.36 21.29 -23.56
N LYS MA 20 88.26 20.88 -24.22
CA LYS MA 20 87.87 21.51 -25.49
C LYS MA 20 87.49 22.97 -25.28
N ARG MA 21 86.74 23.26 -24.20
CA ARG MA 21 86.32 24.63 -23.93
C ARG MA 21 87.49 25.52 -23.55
N ALA MA 22 88.43 25.01 -22.74
CA ALA MA 22 89.58 25.81 -22.37
C ALA MA 22 90.48 26.06 -23.55
N LEU MA 23 90.62 25.07 -24.43
CA LEU MA 23 91.43 25.24 -25.63
C LEU MA 23 90.78 26.22 -26.60
N ARG MA 24 89.45 26.19 -26.71
CA ARG MA 24 88.74 27.13 -27.56
C ARG MA 24 88.79 28.54 -27.00
N HIS MA 25 88.64 28.69 -25.69
CA HIS MA 25 88.80 30.00 -25.05
C HIS MA 25 90.22 30.51 -25.17
N LEU MA 26 91.20 29.61 -25.24
CA LEU MA 26 92.57 30.06 -25.42
C LEU MA 26 92.79 30.54 -26.85
N GLU MA 27 92.10 29.93 -27.82
CA GLU MA 27 92.03 30.51 -29.16
C GLU MA 27 91.44 31.91 -29.14
N SER MA 28 90.33 32.07 -28.42
CA SER MA 28 89.64 33.37 -28.41
C SER MA 28 90.43 34.42 -27.64
N ARG MA 29 91.28 33.99 -26.71
CA ARG MA 29 92.12 34.91 -25.97
C ARG MA 29 93.35 35.29 -26.79
N CYS MA 30 93.90 34.34 -27.53
CA CYS MA 30 95.26 34.47 -28.03
C CYS MA 30 95.28 34.51 -29.55
N VAL MA 31 95.66 35.66 -30.09
CA VAL MA 31 95.99 35.82 -31.50
C VAL MA 31 97.43 35.42 -31.75
N HIS MA 32 97.83 35.41 -33.02
CA HIS MA 32 99.15 35.24 -33.63
C HIS MA 32 99.59 33.78 -33.67
N ARG MA 33 98.87 32.86 -33.03
CA ARG MA 33 98.87 31.42 -33.25
C ARG MA 33 100.15 30.69 -32.79
N ASP MA 34 101.24 31.42 -32.59
CA ASP MA 34 102.49 30.79 -32.17
C ASP MA 34 102.58 30.72 -30.65
N LYS MA 35 102.40 31.85 -29.98
CA LYS MA 35 102.20 31.87 -28.54
C LYS MA 35 100.97 31.10 -28.14
N TYR MA 36 99.96 31.04 -29.02
CA TYR MA 36 98.84 30.13 -28.83
C TYR MA 36 99.29 28.68 -28.78
N ARG MA 37 100.13 28.27 -29.72
CA ARG MA 37 100.60 26.89 -29.74
C ARG MA 37 101.44 26.57 -28.51
N TYR MA 38 102.24 27.55 -28.07
CA TYR MA 38 103.01 27.44 -26.83
C TYR MA 38 102.10 27.22 -25.63
N PHE MA 39 101.10 28.08 -25.48
CA PHE MA 39 100.20 27.98 -24.32
C PHE MA 39 99.33 26.76 -24.38
N ALA MA 40 99.03 26.26 -25.58
CA ALA MA 40 98.26 25.04 -25.70
C ALA MA 40 99.08 23.84 -25.25
N CYS MA 41 100.36 23.80 -25.59
CA CYS MA 41 101.21 22.74 -25.08
C CYS MA 41 101.45 22.86 -23.57
N LEU MA 42 101.47 24.09 -23.06
CA LEU MA 42 101.57 24.29 -21.62
C LEU MA 42 100.33 23.77 -20.89
N LEU MA 43 99.15 24.01 -21.47
CA LEU MA 43 97.91 23.49 -20.89
C LEU MA 43 97.87 21.97 -20.95
N ARG MA 44 98.40 21.41 -22.03
CA ARG MA 44 98.50 19.97 -22.17
C ARG MA 44 99.41 19.38 -21.10
N ALA MA 45 100.51 20.07 -20.79
CA ALA MA 45 101.39 19.61 -19.72
C ALA MA 45 100.72 19.74 -18.35
N ARG MA 46 99.94 20.79 -18.15
CA ARG MA 46 99.23 20.98 -16.89
C ARG MA 46 98.21 19.87 -16.66
N PHE MA 47 97.58 19.39 -17.73
CA PHE MA 47 96.75 18.19 -17.56
C PHE MA 47 97.58 16.92 -17.50
N ASP MA 48 98.81 16.93 -18.01
CA ASP MA 48 99.68 15.77 -17.87
C ASP MA 48 100.27 15.62 -16.48
N GLU MA 49 100.16 16.64 -15.62
CA GLU MA 49 100.79 16.57 -14.30
C GLU MA 49 100.22 15.46 -13.43
N HIS MA 50 98.89 15.33 -13.40
CA HIS MA 50 98.24 14.31 -12.57
C HIS MA 50 97.18 13.58 -13.35
N LYS MA 51 97.55 13.08 -14.53
CA LYS MA 51 96.63 12.28 -15.31
C LYS MA 51 96.43 10.90 -14.69
N ASN MA 52 97.46 10.34 -14.07
CA ASN MA 52 97.49 8.94 -13.68
C ASN MA 52 97.14 8.75 -12.20
N GLU MA 53 96.20 9.55 -11.70
CA GLU MA 53 95.73 9.36 -10.33
C GLU MA 53 94.87 8.11 -10.26
N LYS MA 54 95.28 7.16 -9.42
CA LYS MA 54 94.40 6.04 -9.12
C LYS MA 54 93.25 6.47 -8.22
N ASP MA 55 93.42 7.58 -7.50
CA ASP MA 55 92.33 8.19 -6.75
C ASP MA 55 91.25 8.71 -7.69
N MET MA 56 90.08 8.94 -7.12
CA MET MA 56 88.97 9.48 -7.88
C MET MA 56 88.41 10.75 -7.27
N VAL MA 57 88.34 10.81 -5.94
CA VAL MA 57 87.74 11.96 -5.26
C VAL MA 57 88.68 13.17 -5.36
N LYS MA 58 89.98 12.94 -5.30
CA LYS MA 58 90.91 14.05 -5.53
C LYS MA 58 90.89 14.49 -6.97
N ALA MA 59 90.62 13.56 -7.89
CA ALA MA 59 90.52 13.91 -9.31
C ALA MA 59 89.30 14.80 -9.57
N THR MA 60 88.15 14.45 -8.99
CA THR MA 60 86.98 15.30 -9.23
C THR MA 60 87.06 16.60 -8.44
N GLN MA 61 87.78 16.63 -7.31
CA GLN MA 61 87.99 17.90 -6.63
C GLN MA 61 88.90 18.82 -7.43
N LEU MA 62 89.94 18.26 -8.04
CA LEU MA 62 90.76 19.05 -8.96
C LEU MA 62 89.98 19.45 -10.20
N LEU MA 63 89.00 18.66 -10.61
CA LEU MA 63 88.12 19.05 -11.69
C LEU MA 63 87.29 20.28 -11.32
N ARG MA 64 86.77 20.30 -10.09
CA ARG MA 64 85.98 21.46 -9.65
C ARG MA 64 86.85 22.71 -9.53
N GLU MA 65 88.06 22.57 -8.99
CA GLU MA 65 88.95 23.72 -8.90
C GLU MA 65 89.44 24.16 -10.28
N ALA MA 66 89.53 23.23 -11.22
CA ALA MA 66 89.82 23.58 -12.60
C ALA MA 66 88.68 24.38 -13.21
N GLU MA 67 87.44 24.01 -12.90
CA GLU MA 67 86.30 24.79 -13.40
C GLU MA 67 86.27 26.19 -12.81
N LYS MA 68 86.69 26.32 -11.56
CA LYS MA 68 86.78 27.64 -10.95
C LYS MA 68 87.83 28.50 -11.64
N GLU MA 69 89.04 27.95 -11.86
CA GLU MA 69 90.06 28.74 -12.55
C GLU MA 69 89.78 28.92 -14.03
N PHE MA 70 88.91 28.09 -14.60
CA PHE MA 70 88.50 28.29 -15.98
C PHE MA 70 87.48 29.41 -16.09
N TRP MA 71 86.45 29.37 -15.24
CA TRP MA 71 85.38 30.35 -15.29
C TRP MA 71 85.88 31.73 -14.86
N HIS MA 72 86.90 31.77 -14.01
CA HIS MA 72 87.54 33.04 -13.73
C HIS MA 72 88.31 33.55 -14.95
N GLY MA 73 88.80 32.65 -15.79
CA GLY MA 73 89.69 33.05 -16.86
C GLY MA 73 89.15 32.83 -18.26
N GLN MA 74 87.83 32.88 -18.43
CA GLN MA 74 87.26 32.71 -19.76
C GLN MA 74 87.33 34.01 -20.53
N HIS MA 75 86.72 34.05 -21.69
CA HIS MA 75 86.76 35.22 -22.53
C HIS MA 75 85.34 35.79 -22.69
N PRO MA 76 85.21 37.10 -22.89
CA PRO MA 76 83.86 37.65 -23.14
C PRO MA 76 83.22 37.16 -24.43
N GLN MA 77 83.97 37.07 -25.53
CA GLN MA 77 83.47 36.45 -26.76
C GLN MA 77 84.32 35.22 -27.02
N PRO MA 78 83.93 34.06 -26.48
CA PRO MA 78 84.57 32.81 -26.90
C PRO MA 78 84.33 32.60 -28.38
N TYR MA 79 85.35 32.09 -29.06
CA TYR MA 79 85.33 32.14 -30.52
C TYR MA 79 84.41 31.07 -31.06
N ILE MA 80 83.15 31.44 -31.22
CA ILE MA 80 82.16 30.57 -31.82
C ILE MA 80 82.25 30.65 -33.33
N PHE MA 81 82.22 29.50 -33.98
CA PHE MA 81 82.35 29.44 -35.43
C PHE MA 81 81.07 29.95 -36.09
N PRO MA 82 81.18 30.52 -37.30
CA PRO MA 82 79.97 31.00 -37.98
C PRO MA 82 79.18 29.91 -38.67
N GLU MA 83 78.99 28.78 -38.01
CA GLU MA 83 78.00 27.78 -38.36
C GLU MA 83 77.27 27.26 -37.14
N SER MA 84 77.75 27.54 -35.95
CA SER MA 84 77.28 27.04 -34.69
C SER MA 84 76.11 27.88 -34.18
N PRO MA 85 75.24 27.30 -33.36
CA PRO MA 85 74.28 28.11 -32.63
C PRO MA 85 74.96 29.03 -31.64
N GLY MA 86 74.42 30.24 -31.52
CA GLY MA 86 75.09 31.34 -30.90
C GLY MA 86 75.94 32.14 -31.87
N GLY MA 87 76.48 31.49 -32.89
CA GLY MA 87 77.37 32.10 -33.85
C GLY MA 87 76.74 33.06 -34.84
N THR MA 88 77.48 33.38 -35.90
CA THR MA 88 77.04 34.37 -36.86
C THR MA 88 75.93 33.80 -37.75
N SER MA 89 75.99 32.52 -38.09
CA SER MA 89 74.98 31.99 -39.02
C SER MA 89 73.69 31.63 -38.30
N TYR MA 90 73.72 30.58 -37.46
CA TYR MA 90 72.58 29.98 -36.77
C TYR MA 90 71.39 29.79 -37.72
N GLU MA 91 71.54 28.87 -38.69
CA GLU MA 91 70.61 28.69 -39.81
C GLU MA 91 70.42 29.99 -40.57
N ARG MA 92 71.51 30.40 -41.21
CA ARG MA 92 71.59 31.69 -41.89
C ARG MA 92 70.72 31.71 -43.12
N TYR MA 93 70.75 30.63 -43.90
CA TYR MA 93 69.97 30.53 -45.13
C TYR MA 93 68.73 29.67 -44.93
N GLU MA 94 68.08 29.87 -43.77
CA GLU MA 94 66.80 29.26 -43.43
C GLU MA 94 65.65 29.82 -44.25
N CYS MA 95 65.89 30.88 -45.04
CA CYS MA 95 64.91 31.42 -45.97
C CYS MA 95 64.44 30.40 -46.98
N TYR MA 96 65.29 29.45 -47.35
CA TYR MA 96 64.97 28.49 -48.39
C TYR MA 96 64.98 27.05 -47.89
N LYS MA 97 64.88 26.86 -46.57
CA LYS MA 97 64.83 25.51 -45.98
C LYS MA 97 63.39 25.04 -45.94
N VAL MA 98 62.83 24.85 -47.12
CA VAL MA 98 61.41 24.49 -47.27
C VAL MA 98 61.27 22.99 -47.01
N PRO MA 99 60.35 22.58 -46.15
CA PRO MA 99 60.13 21.15 -45.95
C PRO MA 99 59.47 20.53 -47.17
N GLU MA 100 59.66 19.22 -47.30
CA GLU MA 100 59.30 18.52 -48.51
C GLU MA 100 57.97 17.80 -48.41
N TRP MA 101 57.17 18.09 -47.38
CA TRP MA 101 55.77 17.75 -47.48
C TRP MA 101 55.03 18.69 -48.42
N CYS MA 102 55.63 19.82 -48.77
CA CYS MA 102 55.16 20.64 -49.87
C CYS MA 102 55.61 20.06 -51.20
N LEU MA 103 55.47 20.86 -52.27
CA LEU MA 103 55.93 20.59 -53.65
C LEU MA 103 55.07 19.53 -54.34
N ASP MA 104 54.17 18.89 -53.58
CA ASP MA 104 53.11 18.07 -54.15
C ASP MA 104 51.81 18.83 -54.26
N ASP MA 105 51.68 19.94 -53.55
CA ASP MA 105 50.52 20.80 -53.68
C ASP MA 105 50.74 21.88 -54.73
N TRP MA 106 51.19 21.45 -55.91
CA TRP MA 106 51.37 22.32 -57.06
C TRP MA 106 50.33 22.01 -58.12
N HIS MA 107 50.04 23.01 -58.93
CA HIS MA 107 49.19 22.81 -60.08
C HIS MA 107 49.89 21.91 -61.09
N PRO MA 108 49.15 21.03 -61.77
CA PRO MA 108 49.78 20.08 -62.71
C PRO MA 108 50.43 20.71 -63.93
N SER MA 109 50.31 22.03 -64.15
CA SER MA 109 51.14 22.69 -65.14
C SER MA 109 52.61 22.63 -64.75
N GLU MA 110 52.93 22.99 -63.49
CA GLU MA 110 54.30 22.88 -63.05
C GLU MA 110 54.71 21.45 -62.77
N LYS MA 111 53.74 20.55 -62.54
CA LYS MA 111 54.07 19.14 -62.52
C LYS MA 111 54.37 18.60 -63.90
N ALA MA 112 53.86 19.26 -64.95
CA ALA MA 112 54.32 18.97 -66.30
C ALA MA 112 55.63 19.66 -66.61
N MET MA 113 55.97 20.73 -65.90
CA MET MA 113 57.25 21.40 -66.12
C MET MA 113 58.41 20.54 -65.65
N TYR MA 114 58.23 19.78 -64.57
CA TYR MA 114 59.28 18.96 -63.97
C TYR MA 114 58.82 17.50 -63.88
N PRO MA 115 58.76 16.78 -65.00
CA PRO MA 115 58.06 15.49 -64.99
C PRO MA 115 58.81 14.33 -64.31
N ASP MA 116 60.11 14.19 -64.62
CA ASP MA 116 60.86 13.02 -64.17
C ASP MA 116 61.10 13.05 -62.68
N TYR MA 117 61.35 14.25 -62.14
CA TYR MA 117 61.54 14.41 -60.71
C TYR MA 117 60.30 14.01 -59.94
N PHE MA 118 59.13 14.37 -60.46
CA PHE MA 118 57.91 14.02 -59.73
C PHE MA 118 57.54 12.56 -59.91
N ALA MA 119 57.89 11.94 -61.05
CA ALA MA 119 57.69 10.50 -61.18
C ALA MA 119 58.57 9.72 -60.21
N LYS MA 120 59.84 10.11 -60.11
CA LYS MA 120 60.73 9.46 -59.15
C LYS MA 120 60.32 9.77 -57.71
N ARG MA 121 59.79 10.97 -57.45
CA ARG MA 121 59.29 11.25 -56.11
C ARG MA 121 58.07 10.41 -55.77
N GLU MA 122 57.22 10.14 -56.77
CA GLU MA 122 56.07 9.28 -56.53
C GLU MA 122 56.49 7.86 -56.24
N GLN MA 123 57.54 7.36 -56.91
CA GLN MA 123 57.98 6.03 -56.52
C GLN MA 123 58.74 6.02 -55.21
N TRP MA 124 59.33 7.15 -54.80
CA TRP MA 124 59.83 7.27 -53.43
C TRP MA 124 58.69 7.13 -52.42
N LYS MA 125 57.56 7.80 -52.67
CA LYS MA 125 56.47 7.72 -51.71
C LYS MA 125 55.83 6.33 -51.71
N LYS MA 126 55.83 5.65 -52.85
CA LYS MA 126 55.36 4.27 -52.86
C LYS MA 126 56.34 3.34 -52.16
N LEU MA 127 57.64 3.65 -52.21
CA LEU MA 127 58.63 2.93 -51.40
C LEU MA 127 58.38 3.15 -49.91
N ARG MA 128 58.00 4.37 -49.55
CA ARG MA 128 57.70 4.70 -48.16
C ARG MA 128 56.48 3.94 -47.66
N ARG MA 129 55.38 3.99 -48.40
CA ARG MA 129 54.15 3.35 -47.96
C ARG MA 129 54.21 1.83 -48.07
N GLU MA 130 55.04 1.32 -49.00
CA GLU MA 130 55.11 -0.11 -49.26
C GLU MA 130 55.69 -0.87 -48.08
N SER MA 131 56.61 -0.25 -47.34
CA SER MA 131 57.25 -0.90 -46.20
C SER MA 131 56.96 -0.15 -44.91
N TRP MA 132 55.81 0.53 -44.84
CA TRP MA 132 55.56 1.33 -43.65
C TRP MA 132 54.94 0.53 -42.52
N GLU MA 133 53.91 -0.26 -42.81
CA GLU MA 133 53.13 -0.84 -41.72
C GLU MA 133 53.88 -1.98 -41.05
N ARG MA 134 54.11 -3.05 -41.80
CA ARG MA 134 54.50 -4.34 -41.24
C ARG MA 134 55.88 -4.28 -40.59
N GLU MA 135 56.91 -3.99 -41.40
CA GLU MA 135 58.28 -4.08 -40.92
C GLU MA 135 58.58 -3.02 -39.88
N VAL MA 136 58.20 -1.77 -40.15
CA VAL MA 136 58.55 -0.67 -39.26
C VAL MA 136 57.80 -0.77 -37.94
N LYS MA 137 56.48 -0.99 -38.00
CA LYS MA 137 55.74 -1.04 -36.74
C LYS MA 137 55.97 -2.33 -35.97
N GLN MA 138 56.31 -3.43 -36.66
CA GLN MA 138 56.67 -4.66 -35.98
C GLN MA 138 58.02 -4.54 -35.29
N LEU MA 139 59.01 -3.95 -35.96
CA LEU MA 139 60.30 -3.69 -35.32
C LEU MA 139 60.21 -2.65 -34.21
N GLN MA 140 59.21 -1.78 -34.23
CA GLN MA 140 59.08 -0.88 -33.09
C GLN MA 140 58.40 -1.54 -31.91
N GLU MA 141 57.31 -2.28 -32.14
CA GLU MA 141 56.61 -2.96 -31.06
C GLU MA 141 57.15 -4.36 -30.77
N GLU MA 142 58.35 -4.68 -31.25
CA GLU MA 142 58.91 -6.01 -31.09
C GLU MA 142 60.07 -6.07 -30.11
N THR MA 143 61.09 -5.24 -30.31
CA THR MA 143 62.33 -5.41 -29.54
C THR MA 143 62.27 -4.96 -28.08
N PRO MA 144 61.88 -3.73 -27.73
CA PRO MA 144 62.28 -3.19 -26.42
C PRO MA 144 61.47 -3.77 -25.26
N VAL MA 145 61.75 -3.23 -24.08
CA VAL MA 145 61.12 -3.62 -22.81
C VAL MA 145 59.79 -2.87 -22.77
N GLY MA 146 58.92 -3.17 -21.79
CA GLY MA 146 57.68 -2.44 -21.61
C GLY MA 146 57.84 -0.94 -21.45
N GLY MA 147 58.98 -0.50 -20.92
CA GLY MA 147 59.44 0.85 -21.12
C GLY MA 147 60.61 0.85 -22.08
N PRO MA 148 60.65 1.83 -23.00
CA PRO MA 148 61.73 1.85 -24.00
C PRO MA 148 63.10 2.15 -23.39
N ARG MA 149 63.17 3.21 -22.59
CA ARG MA 149 64.33 3.58 -21.76
C ARG MA 149 65.59 3.85 -22.56
N THR MA 150 65.46 4.19 -23.83
CA THR MA 150 66.58 4.62 -24.66
C THR MA 150 66.05 5.44 -25.82
N GLU MA 151 66.92 6.28 -26.37
CA GLU MA 151 66.55 7.11 -27.50
C GLU MA 151 67.26 6.72 -28.79
N ALA MA 152 67.92 5.58 -28.82
CA ALA MA 152 68.37 5.02 -30.08
C ALA MA 152 67.26 4.12 -30.64
N LEU MA 153 67.53 3.51 -31.80
CA LEU MA 153 66.58 2.61 -32.41
C LEU MA 153 67.34 1.63 -33.29
N PRO MA 154 66.91 0.37 -33.37
CA PRO MA 154 67.68 -0.62 -34.12
C PRO MA 154 67.46 -0.47 -35.61
N PRO MA 155 68.40 -0.93 -36.44
CA PRO MA 155 68.22 -0.88 -37.89
C PRO MA 155 67.37 -2.04 -38.38
N ALA MA 156 67.12 -2.04 -39.69
CA ALA MA 156 66.39 -3.14 -40.34
C ALA MA 156 67.40 -4.13 -40.93
N ARG MA 157 68.15 -4.74 -40.03
CA ARG MA 157 69.15 -5.75 -40.37
C ARG MA 157 68.55 -7.10 -40.68
N LYS MA 158 67.22 -7.24 -40.64
CA LYS MA 158 66.56 -8.53 -40.76
C LYS MA 158 66.79 -9.21 -42.11
N GLN MA 159 66.17 -8.69 -43.17
CA GLN MA 159 66.56 -9.12 -44.51
C GLN MA 159 66.82 -7.97 -45.47
N GLY MA 160 65.79 -7.14 -45.65
CA GLY MA 160 65.63 -6.30 -46.82
C GLY MA 160 65.65 -4.81 -46.62
N ASP MA 161 64.45 -4.26 -46.46
CA ASP MA 161 64.13 -2.86 -46.67
C ASP MA 161 64.60 -1.93 -45.55
N LEU MA 162 64.03 -0.73 -45.54
CA LEU MA 162 64.68 0.41 -44.94
C LEU MA 162 64.64 0.37 -43.42
N PRO MA 163 65.64 0.94 -42.74
CA PRO MA 163 65.57 1.07 -41.29
C PRO MA 163 64.42 1.97 -40.89
N PRO MA 164 63.80 1.72 -39.73
CA PRO MA 164 62.55 2.38 -39.43
C PRO MA 164 62.73 3.84 -39.07
N LEU MA 165 61.68 4.62 -39.35
CA LEU MA 165 61.52 6.01 -38.91
C LEU MA 165 62.63 6.88 -39.50
N TRP MA 166 62.63 6.96 -40.83
CA TRP MA 166 63.74 7.52 -41.57
C TRP MA 166 63.34 8.70 -42.44
N TRP MA 167 62.06 9.03 -42.53
CA TRP MA 167 61.60 9.93 -43.58
C TRP MA 167 62.02 11.37 -43.28
N HIS MA 168 61.74 11.85 -42.07
CA HIS MA 168 62.17 13.19 -41.71
C HIS MA 168 63.64 13.27 -41.32
N ILE MA 169 64.37 12.16 -41.36
CA ILE MA 169 65.82 12.20 -41.25
C ILE MA 169 66.46 12.32 -42.62
N VAL MA 170 66.00 11.52 -43.57
CA VAL MA 170 66.55 11.58 -44.92
C VAL MA 170 66.12 12.87 -45.62
N THR MA 171 64.82 13.16 -45.61
CA THR MA 171 64.28 14.27 -46.39
C THR MA 171 64.37 15.57 -45.59
N ARG MA 172 65.59 16.08 -45.50
CA ARG MA 172 65.86 17.34 -44.84
C ARG MA 172 66.34 18.38 -45.87
N PRO MA 173 66.37 19.67 -45.52
CA PRO MA 173 67.03 20.64 -46.39
C PRO MA 173 68.53 20.40 -46.47
N ARG MA 174 69.12 20.89 -47.57
CA ARG MA 174 70.51 20.60 -47.89
C ARG MA 174 71.50 21.56 -47.24
N GLU MA 175 71.04 22.45 -46.38
CA GLU MA 175 71.83 23.33 -45.52
C GLU MA 175 72.68 24.34 -46.26
N ARG MA 176 72.56 24.44 -47.59
CA ARG MA 176 72.98 25.58 -48.36
C ARG MA 176 72.19 25.59 -49.67
N PRO MA 177 70.96 26.10 -49.68
CA PRO MA 177 70.31 26.20 -50.99
C PRO MA 177 70.34 27.62 -51.51
N ALA NA 5 88.20 28.56 -66.35
CA ALA NA 5 88.14 29.72 -67.22
C ALA NA 5 88.61 30.97 -66.49
N HIS NA 6 87.99 31.26 -65.35
CA HIS NA 6 88.35 32.39 -64.51
C HIS NA 6 89.48 31.98 -63.58
N ILE NA 7 89.71 32.76 -62.52
CA ILE NA 7 90.80 32.48 -61.57
C ILE NA 7 90.53 31.18 -60.83
N GLU NA 8 91.59 30.57 -60.33
CA GLU NA 8 91.41 29.30 -59.67
C GLU NA 8 91.53 29.43 -58.16
N PRO NA 9 90.92 28.53 -57.40
CA PRO NA 9 91.28 28.41 -55.98
C PRO NA 9 92.47 27.49 -55.81
N ARG NA 10 93.29 27.80 -54.81
CA ARG NA 10 94.40 26.94 -54.43
C ARG NA 10 94.30 26.59 -52.95
N TYR NA 11 95.15 25.67 -52.52
CA TYR NA 11 95.10 25.08 -51.19
C TYR NA 11 96.39 25.39 -50.45
N ARG NA 12 96.30 26.19 -49.39
CA ARG NA 12 97.38 26.48 -48.45
C ARG NA 12 98.63 27.06 -49.13
N GLN NA 13 98.45 27.82 -50.19
CA GLN NA 13 99.56 28.57 -50.77
C GLN NA 13 99.10 29.99 -51.04
N PHE NA 14 100.08 30.85 -51.33
CA PHE NA 14 99.81 32.25 -51.57
C PHE NA 14 99.05 32.43 -52.88
N PRO NA 15 97.96 33.17 -52.89
CA PRO NA 15 97.13 33.24 -54.09
C PRO NA 15 97.78 34.07 -55.18
N GLN NA 16 97.48 33.72 -56.43
CA GLN NA 16 98.03 34.47 -57.54
C GLN NA 16 97.29 35.78 -57.73
N LEU NA 17 98.02 36.77 -58.23
CA LEU NA 17 97.50 38.11 -58.45
C LEU NA 17 97.66 38.47 -59.91
N THR NA 18 96.54 38.78 -60.56
CA THR NA 18 96.60 39.35 -61.90
C THR NA 18 97.12 40.78 -61.82
N ARG NA 19 97.73 41.23 -62.91
CA ARG NA 19 98.49 42.47 -62.89
C ARG NA 19 97.61 43.72 -62.82
N SER NA 20 96.36 43.63 -63.27
CA SER NA 20 95.54 44.83 -63.39
C SER NA 20 95.13 45.36 -62.02
N GLN NA 21 94.64 44.48 -61.15
CA GLN NA 21 94.19 44.89 -59.83
C GLN NA 21 95.34 45.42 -58.97
N VAL NA 22 96.53 44.83 -59.12
CA VAL NA 22 97.64 45.31 -58.32
C VAL NA 22 98.17 46.62 -58.87
N ILE NA 23 98.12 46.83 -60.19
CA ILE NA 23 98.66 48.07 -60.70
C ILE NA 23 97.69 49.24 -60.44
N GLN NA 24 96.38 49.01 -60.46
CA GLN NA 24 95.49 50.09 -60.05
C GLN NA 24 95.46 50.29 -58.54
N ALA NA 25 95.76 49.26 -57.74
CA ALA NA 25 95.90 49.44 -56.30
C ALA NA 25 97.06 50.37 -55.97
N GLU NA 26 98.22 50.09 -56.56
CA GLU NA 26 99.39 50.96 -56.36
C GLU NA 26 99.14 52.35 -56.94
N PHE NA 27 98.40 52.41 -58.06
CA PHE NA 27 98.06 53.70 -58.66
C PHE NA 27 97.20 54.54 -57.73
N PHE NA 28 96.19 53.94 -57.10
CA PHE NA 28 95.28 54.72 -56.27
C PHE NA 28 95.95 55.16 -54.98
N SER NA 29 96.79 54.30 -54.39
CA SER NA 29 97.55 54.70 -53.21
C SER NA 29 98.53 55.82 -53.53
N ALA NA 30 99.26 55.69 -54.64
CA ALA NA 30 100.23 56.70 -55.02
C ALA NA 30 99.56 58.01 -55.44
N THR NA 31 98.36 57.96 -56.02
CA THR NA 31 97.69 59.20 -56.37
C THR NA 31 97.06 59.89 -55.16
N MET NA 32 96.62 59.14 -54.15
CA MET NA 32 96.27 59.76 -52.88
C MET NA 32 97.48 60.47 -52.29
N TRP NA 33 98.63 59.81 -52.32
CA TRP NA 33 99.79 60.39 -51.67
C TRP NA 33 100.32 61.58 -52.48
N PHE NA 34 100.22 61.52 -53.81
CA PHE NA 34 100.56 62.67 -54.64
C PHE NA 34 99.62 63.83 -54.39
N TRP NA 35 98.32 63.55 -54.23
CA TRP NA 35 97.36 64.61 -53.94
C TRP NA 35 97.65 65.28 -52.62
N ILE NA 36 97.93 64.50 -51.58
CA ILE NA 36 98.14 65.12 -50.29
C ILE NA 36 99.50 65.83 -50.23
N LEU NA 37 100.49 65.38 -51.00
CA LEU NA 37 101.75 66.10 -51.08
C LEU NA 37 101.59 67.42 -51.81
N TRP NA 38 100.94 67.41 -52.98
CA TRP NA 38 100.76 68.64 -53.74
C TRP NA 38 99.84 69.61 -53.04
N ARG NA 39 98.86 69.09 -52.30
CA ARG NA 39 97.91 69.96 -51.64
C ARG NA 39 98.49 70.53 -50.34
N PHE NA 40 99.39 69.79 -49.68
CA PHE NA 40 100.09 70.30 -48.50
C PHE NA 40 101.08 71.42 -48.83
N TRP NA 41 101.47 71.56 -50.09
CA TRP NA 41 102.56 72.45 -50.45
C TRP NA 41 102.14 73.61 -51.34
N HIS NA 42 101.06 73.46 -52.13
CA HIS NA 42 100.74 74.42 -53.17
C HIS NA 42 100.30 75.76 -52.58
N ASP NA 43 99.22 75.77 -51.83
CA ASP NA 43 98.77 77.00 -51.18
C ASP NA 43 98.79 76.90 -49.67
N SER NA 44 98.10 75.91 -49.11
CA SER NA 44 97.95 75.74 -47.67
C SER NA 44 98.90 74.64 -47.23
N ASP NA 45 99.57 74.74 -46.05
CA ASP NA 45 99.39 75.58 -44.83
C ASP NA 45 97.99 75.66 -44.24
N ALA NA 46 97.30 74.52 -44.24
CA ALA NA 46 96.10 74.33 -43.46
C ALA NA 46 96.41 73.84 -42.05
N VAL NA 47 97.63 73.35 -41.82
CA VAL NA 47 98.08 73.03 -40.48
C VAL NA 47 98.23 74.30 -39.66
N LEU NA 48 98.76 75.36 -40.28
CA LEU NA 48 98.86 76.65 -39.64
C LEU NA 48 97.60 77.47 -39.88
N GLY NA 49 97.62 78.70 -39.38
CA GLY NA 49 96.49 79.60 -39.51
C GLY NA 49 96.71 80.84 -40.34
N HIS NA 50 97.83 80.92 -41.08
CA HIS NA 50 98.16 81.94 -42.07
C HIS NA 50 98.35 83.35 -41.52
N PHE NA 51 98.14 83.57 -40.21
CA PHE NA 51 98.18 84.89 -39.62
C PHE NA 51 98.73 84.70 -38.22
N PRO NA 52 99.68 85.53 -37.78
CA PRO NA 52 100.34 85.30 -36.49
C PRO NA 52 99.40 85.61 -35.33
N TYR NA 53 99.21 84.62 -34.47
CA TYR NA 53 98.50 84.85 -33.23
C TYR NA 53 99.36 85.71 -32.31
N PRO NA 54 98.86 86.82 -31.82
CA PRO NA 54 99.71 87.73 -31.05
C PRO NA 54 99.99 87.27 -29.64
N ASP NA 55 100.59 88.14 -28.85
CA ASP NA 55 100.71 87.94 -27.41
C ASP NA 55 99.37 88.25 -26.76
N PRO NA 56 99.27 88.09 -25.44
CA PRO NA 56 98.30 88.90 -24.68
C PRO NA 56 98.48 90.38 -25.04
N SER NA 57 97.33 91.07 -25.17
CA SER NA 57 96.96 91.89 -26.32
C SER NA 57 98.13 92.56 -27.03
N GLN NA 58 98.91 93.36 -26.30
CA GLN NA 58 100.24 93.74 -26.74
C GLN NA 58 101.25 93.74 -25.61
N TRP NA 59 100.83 93.47 -24.36
CA TRP NA 59 101.60 93.69 -23.12
C TRP NA 59 102.09 95.14 -23.01
N THR NA 60 101.36 96.09 -23.57
CA THR NA 60 101.79 97.49 -23.61
C THR NA 60 100.87 98.32 -22.73
N ASP NA 61 101.20 98.38 -21.45
CA ASP NA 61 100.62 99.41 -20.58
C ASP NA 61 101.14 100.77 -21.03
N GLU NA 62 100.31 101.80 -20.80
CA GLU NA 62 100.30 103.21 -21.24
C GLU NA 62 99.89 103.30 -22.71
N GLU NA 63 99.79 102.15 -23.37
CA GLU NA 63 99.04 101.98 -24.61
C GLU NA 63 97.76 101.25 -24.24
N LEU NA 64 96.77 101.30 -25.15
CA LEU NA 64 95.43 100.68 -25.08
C LEU NA 64 94.51 101.39 -24.10
N GLY NA 65 95.04 102.34 -23.33
CA GLY NA 65 94.27 103.24 -22.52
C GLY NA 65 94.19 102.84 -21.07
N ILE NA 66 95.09 103.40 -20.26
CA ILE NA 66 95.06 103.28 -18.80
C ILE NA 66 95.52 104.61 -18.20
N PRO NA 67 95.17 104.87 -16.95
CA PRO NA 67 95.85 105.92 -16.21
C PRO NA 67 97.02 105.34 -15.43
N PRO NA 68 98.08 106.12 -15.21
CA PRO NA 68 99.18 105.64 -14.36
C PRO NA 68 98.76 105.58 -12.91
N ASP NA 69 98.50 104.38 -12.41
CA ASP NA 69 97.91 104.22 -11.09
C ASP NA 69 98.96 103.89 -10.03
N SER OA 2 40.77 13.66 -29.88
CA SER OA 2 40.04 14.41 -28.86
C SER OA 2 40.91 14.66 -27.64
N HIS OA 3 40.28 14.89 -26.50
CA HIS OA 3 41.00 15.26 -25.29
C HIS OA 3 40.20 14.81 -24.09
N ILE OA 4 40.87 14.18 -23.13
CA ILE OA 4 40.21 13.60 -21.96
C ILE OA 4 39.81 14.72 -21.01
N THR OA 5 38.69 14.55 -20.32
CA THR OA 5 38.25 15.50 -19.31
C THR OA 5 39.23 15.55 -18.13
N LYS OA 6 39.79 14.40 -17.76
CA LYS OA 6 40.73 14.34 -16.66
C LYS OA 6 42.16 14.67 -17.07
N ASP OA 7 42.38 15.18 -18.28
CA ASP OA 7 43.66 15.79 -18.62
C ASP OA 7 43.61 17.30 -18.46
N MET OA 8 42.55 17.83 -17.86
CA MET OA 8 42.57 19.16 -17.28
C MET OA 8 43.11 19.04 -15.86
N LEU OA 9 42.98 20.09 -15.06
CA LEU OA 9 43.77 20.22 -13.83
C LEU OA 9 43.08 21.07 -12.77
N PRO OA 10 42.15 20.50 -12.00
CA PRO OA 10 41.54 21.25 -10.90
C PRO OA 10 42.30 21.06 -9.60
N GLY OA 11 42.49 22.16 -8.89
CA GLY OA 11 42.89 22.08 -7.50
C GLY OA 11 44.37 21.86 -7.28
N PRO OA 12 44.85 22.33 -6.14
CA PRO OA 12 46.28 22.17 -5.81
C PRO OA 12 46.63 20.79 -5.30
N TYR OA 13 47.83 20.75 -4.73
CA TYR OA 13 48.45 19.53 -4.19
C TYR OA 13 47.63 18.62 -3.25
N PRO OA 14 46.87 19.09 -2.24
CA PRO OA 14 46.41 18.12 -1.23
C PRO OA 14 45.25 17.24 -1.74
N LYS OA 15 45.24 15.97 -1.33
CA LYS OA 15 46.20 15.35 -0.41
C LYS OA 15 47.36 14.68 -1.14
N THR OA 16 48.41 14.35 -0.41
CA THR OA 16 49.68 13.95 -1.01
C THR OA 16 49.77 12.60 -1.75
N PRO OA 17 49.12 11.48 -1.37
CA PRO OA 17 49.34 10.26 -2.19
C PRO OA 17 48.74 10.31 -3.58
N GLU OA 18 47.42 10.50 -3.65
CA GLU OA 18 46.71 10.28 -4.89
C GLU OA 18 46.84 11.47 -5.82
N GLU OA 19 46.83 12.69 -5.28
CA GLU OA 19 46.92 13.86 -6.16
C GLU OA 19 48.31 14.02 -6.75
N ARG OA 20 49.35 13.78 -5.95
CA ARG OA 20 50.70 13.85 -6.51
C ARG OA 20 50.96 12.69 -7.46
N ALA OA 21 50.40 11.50 -7.17
CA ALA OA 21 50.50 10.40 -8.13
C ALA OA 21 49.78 10.74 -9.44
N ALA OA 22 48.63 11.41 -9.35
CA ALA OA 22 47.88 11.78 -10.55
C ALA OA 22 48.60 12.86 -11.33
N ALA OA 23 49.23 13.81 -10.63
CA ALA OA 23 49.96 14.84 -11.34
C ALA OA 23 51.26 14.30 -11.95
N ALA OA 24 51.86 13.30 -11.33
CA ALA OA 24 53.02 12.64 -11.93
C ALA OA 24 52.61 11.83 -13.15
N LYS OA 25 51.43 11.21 -13.11
CA LYS OA 25 50.92 10.52 -14.29
C LYS OA 25 50.45 11.51 -15.36
N LYS OA 26 50.10 12.73 -14.98
CA LYS OA 26 49.47 13.67 -15.89
C LYS OA 26 50.45 14.59 -16.58
N TYR OA 27 51.33 15.24 -15.83
CA TYR OA 27 52.25 16.21 -16.41
C TYR OA 27 53.52 15.57 -16.94
N ASN OA 28 53.67 14.25 -16.77
CA ASN OA 28 54.85 13.49 -17.20
C ASN OA 28 56.12 14.02 -16.55
N MET OA 29 56.18 13.92 -15.23
CA MET OA 29 57.34 14.34 -14.47
C MET OA 29 57.75 13.27 -13.47
N ARG OA 30 58.93 13.47 -12.91
CA ARG OA 30 59.36 12.74 -11.72
C ARG OA 30 58.39 13.02 -10.58
N VAL OA 31 58.22 12.04 -9.69
CA VAL OA 31 57.19 12.12 -8.66
C VAL OA 31 57.53 13.21 -7.66
N GLU OA 32 58.69 13.13 -7.01
CA GLU OA 32 59.07 14.11 -6.01
C GLU OA 32 59.76 15.34 -6.60
N ASP OA 33 59.66 15.56 -7.91
CA ASP OA 33 60.06 16.81 -8.51
C ASP OA 33 58.88 17.63 -9.00
N TYR OA 34 57.68 17.10 -8.85
CA TYR OA 34 56.48 17.89 -9.08
C TYR OA 34 56.34 18.92 -7.97
N GLU OA 35 56.35 20.20 -8.34
CA GLU OA 35 56.25 21.29 -7.38
C GLU OA 35 55.10 22.22 -7.73
N PRO OA 36 54.01 22.21 -6.99
CA PRO OA 36 53.05 23.33 -7.06
C PRO OA 36 53.63 24.54 -6.36
N TYR OA 37 52.95 25.67 -6.51
CA TYR OA 37 53.61 26.96 -6.35
C TYR OA 37 53.94 27.50 -4.95
N PRO OA 38 53.15 27.26 -3.87
CA PRO OA 38 51.89 26.59 -3.54
C PRO OA 38 50.66 27.44 -3.74
N ASP OA 39 49.62 27.06 -3.00
CA ASP OA 39 48.29 27.67 -3.10
C ASP OA 39 48.24 28.90 -2.21
N ASP OA 40 48.68 30.04 -2.75
CA ASP OA 40 48.36 31.34 -2.17
C ASP OA 40 47.12 31.96 -2.79
N GLY OA 41 46.39 31.20 -3.61
CA GLY OA 41 45.17 31.71 -4.20
C GLY OA 41 45.37 32.67 -5.34
N MET OA 42 46.53 32.67 -5.98
CA MET OA 42 46.81 33.52 -7.13
C MET OA 42 46.31 32.93 -8.43
N GLY OA 43 45.39 32.00 -8.40
CA GLY OA 43 45.06 31.25 -9.59
C GLY OA 43 46.07 30.13 -9.73
N TYR OA 44 46.76 30.09 -10.87
CA TYR OA 44 47.93 29.26 -11.16
C TYR OA 44 47.64 27.75 -11.21
N GLY OA 45 46.42 27.34 -10.87
CA GLY OA 45 46.03 25.93 -10.95
C GLY OA 45 46.86 25.04 -10.05
N ASP OA 46 47.56 24.11 -10.69
CA ASP OA 46 48.48 23.20 -10.04
C ASP OA 46 49.71 22.97 -10.91
N TYR OA 47 50.03 23.93 -11.73
CA TYR OA 47 51.03 23.80 -12.77
C TYR OA 47 52.43 23.84 -12.15
N PRO OA 48 53.38 23.09 -12.68
CA PRO OA 48 54.66 22.92 -12.00
C PRO OA 48 55.53 24.17 -12.00
N LYS OA 49 56.41 24.24 -11.00
CA LYS OA 49 57.53 25.14 -11.00
C LYS OA 49 58.72 24.46 -11.63
N LEU OA 50 59.40 25.17 -12.52
CA LEU OA 50 60.55 24.64 -13.24
C LEU OA 50 61.77 25.42 -12.75
N PRO OA 51 63.02 25.09 -13.17
CA PRO OA 51 64.16 25.94 -12.75
C PRO OA 51 64.26 27.31 -13.40
N ASP OA 52 63.22 27.74 -14.11
CA ASP OA 52 62.86 29.15 -14.30
C ASP OA 52 63.73 29.96 -15.23
N ARG OA 53 64.87 29.46 -15.68
CA ARG OA 53 65.66 30.22 -16.64
C ARG OA 53 65.75 29.51 -17.98
N SER OA 54 66.35 28.31 -17.99
CA SER OA 54 66.04 27.20 -18.88
C SER OA 54 66.14 27.44 -20.39
N GLN OA 55 66.55 28.62 -20.85
CA GLN OA 55 66.50 28.90 -22.28
C GLN OA 55 67.77 29.48 -22.87
N GLN OA 56 68.62 30.12 -22.08
CA GLN OA 56 70.04 30.19 -22.43
C GLN OA 56 70.79 29.01 -21.86
N GLU OA 57 70.09 28.14 -21.14
CA GLU OA 57 70.51 26.78 -20.86
C GLU OA 57 70.16 25.92 -22.07
N ARG OA 58 70.19 24.59 -21.89
CA ARG OA 58 69.80 23.61 -22.90
C ARG OA 58 70.68 23.74 -24.15
N ASP OA 59 71.95 23.36 -23.98
CA ASP OA 59 73.00 23.61 -24.95
C ASP OA 59 72.67 23.03 -26.31
N PRO OA 60 72.90 23.77 -27.39
CA PRO OA 60 72.14 23.54 -28.63
C PRO OA 60 72.63 22.42 -29.53
N TRP OA 61 73.43 21.49 -29.01
CA TRP OA 61 73.90 20.38 -29.82
C TRP OA 61 73.18 19.07 -29.53
N TYR OA 62 72.08 19.12 -28.78
CA TYR OA 62 71.35 17.91 -28.42
C TYR OA 62 70.58 17.33 -29.60
N ASP OA 63 70.17 18.18 -30.54
CA ASP OA 63 69.34 17.84 -31.70
C ASP OA 63 68.02 17.19 -31.26
N TRP OA 64 67.23 18.01 -30.59
CA TRP OA 64 65.86 17.73 -30.20
C TRP OA 64 64.92 17.95 -31.37
N ASP OA 65 63.61 18.04 -31.10
CA ASP OA 65 62.67 18.26 -32.19
C ASP OA 65 62.52 19.74 -32.58
N HIS OA 66 62.01 20.57 -31.68
CA HIS OA 66 61.65 21.94 -32.09
C HIS OA 66 62.86 22.87 -32.06
N PRO OA 67 63.38 23.28 -33.23
CA PRO OA 67 64.77 23.75 -33.30
C PRO OA 67 65.01 25.10 -32.65
N ASP OA 68 64.02 25.98 -32.56
CA ASP OA 68 64.22 27.30 -31.98
C ASP OA 68 63.55 27.47 -30.63
N LEU OA 69 63.15 26.37 -29.99
CA LEU OA 69 62.51 26.45 -28.70
C LEU OA 69 63.05 25.48 -27.68
N ARG OA 70 63.93 24.56 -28.09
CA ARG OA 70 64.55 23.53 -27.26
C ARG OA 70 63.52 22.58 -26.64
N LEU OA 71 62.35 22.46 -27.28
CA LEU OA 71 61.30 21.56 -26.84
C LEU OA 71 61.70 20.11 -27.06
N ASN OA 72 60.93 19.22 -26.43
CA ASN OA 72 61.08 17.81 -26.75
C ASN OA 72 59.72 17.13 -26.74
N TRP OA 73 58.67 17.89 -27.05
CA TRP OA 73 57.27 17.51 -27.30
C TRP OA 73 56.52 17.08 -26.03
N GLY OA 74 57.23 16.88 -24.93
CA GLY OA 74 56.56 16.30 -23.78
C GLY OA 74 57.00 16.89 -22.46
N GLU OA 75 57.76 17.95 -22.52
CA GLU OA 75 58.12 18.55 -21.24
C GLU OA 75 56.96 19.37 -20.70
N PRO OA 76 56.84 19.53 -19.37
CA PRO OA 76 55.67 20.22 -18.82
C PRO OA 76 55.60 21.72 -19.09
N MET OA 77 56.64 22.32 -19.68
CA MET OA 77 56.58 23.66 -20.24
C MET OA 77 56.23 24.77 -19.27
N HIS OA 78 57.24 25.19 -18.49
CA HIS OA 78 57.22 26.28 -17.52
C HIS OA 78 56.29 27.44 -17.88
N TRP OA 79 55.47 27.82 -16.90
CA TRP OA 79 54.33 28.73 -16.98
C TRP OA 79 54.56 30.02 -17.74
N ASP OA 80 55.77 30.56 -17.64
CA ASP OA 80 56.11 31.86 -18.21
C ASP OA 80 56.87 31.72 -19.51
N LEU OA 81 56.45 30.76 -20.34
CA LEU OA 81 57.21 30.42 -21.54
C LEU OA 81 57.16 31.52 -22.58
N ASP OA 82 56.07 32.30 -22.64
CA ASP OA 82 55.95 33.39 -23.60
C ASP OA 82 56.92 34.52 -23.33
N MET OA 83 57.45 34.58 -22.11
CA MET OA 83 58.50 35.51 -21.75
C MET OA 83 59.88 34.85 -21.93
N TYR OA 84 59.91 33.58 -22.31
CA TYR OA 84 61.16 32.83 -22.38
C TYR OA 84 61.54 32.28 -23.74
N ILE OA 85 60.78 32.58 -24.81
CA ILE OA 85 61.30 32.27 -26.13
C ILE OA 85 62.53 33.13 -26.37
N ARG OA 86 63.61 32.49 -26.82
CA ARG OA 86 64.75 33.25 -27.30
C ARG OA 86 64.32 34.13 -28.46
N ASN OA 87 64.75 35.40 -28.43
CA ASN OA 87 64.21 36.70 -28.90
C ASN OA 87 63.34 37.47 -27.91
N ARG OA 88 63.08 36.97 -26.71
CA ARG OA 88 62.37 37.77 -25.72
C ARG OA 88 63.24 38.11 -24.51
N VAL OA 89 63.71 37.11 -23.76
CA VAL OA 89 64.52 37.33 -22.57
C VAL OA 89 65.63 36.29 -22.58
N ASP OA 90 66.87 36.75 -22.53
CA ASP OA 90 68.02 35.87 -22.57
C ASP OA 90 68.68 35.90 -21.19
N THR OA 91 68.47 34.85 -20.40
CA THR OA 91 69.07 34.76 -19.08
C THR OA 91 70.34 33.90 -19.15
N SER OA 92 71.36 34.46 -19.78
CA SER OA 92 72.65 33.80 -19.83
C SER OA 92 73.34 33.91 -18.48
N PRO OA 93 74.13 32.90 -18.11
CA PRO OA 93 75.08 33.09 -17.01
C PRO OA 93 76.12 34.13 -17.39
N THR OA 94 76.09 35.26 -16.68
CA THR OA 94 76.87 36.43 -17.05
C THR OA 94 78.36 36.18 -16.87
N PRO OA 95 79.21 36.85 -17.65
CA PRO OA 95 80.65 36.66 -17.50
C PRO OA 95 81.22 37.24 -16.21
N VAL OA 96 80.50 38.11 -15.50
CA VAL OA 96 81.07 38.65 -14.28
C VAL OA 96 80.22 38.36 -13.04
N ASN OA 97 79.03 38.94 -12.95
CA ASN OA 97 78.16 38.95 -11.78
C ASN OA 97 76.82 39.52 -12.19
N TRP OA 98 76.04 39.99 -11.23
CA TRP OA 98 75.02 41.01 -11.50
C TRP OA 98 75.21 42.25 -10.64
N ASN OA 99 75.60 42.05 -9.38
CA ASN OA 99 75.80 43.17 -8.46
C ASN OA 99 76.99 44.02 -8.89
N LEU OA 100 78.05 43.37 -9.36
CA LEU OA 100 79.23 44.08 -9.84
C LEU OA 100 78.89 44.93 -11.05
N MET OA 101 78.04 44.37 -11.93
CA MET OA 101 77.55 45.07 -13.11
C MET OA 101 76.82 46.34 -12.73
N CYS OA 102 75.81 46.21 -11.87
CA CYS OA 102 74.95 47.36 -11.57
C CYS OA 102 75.71 48.41 -10.77
N LYS OA 103 76.60 47.99 -9.87
CA LYS OA 103 77.34 48.96 -9.08
C LYS OA 103 78.33 49.74 -9.93
N HIS OA 104 79.03 49.06 -10.86
CA HIS OA 104 79.99 49.81 -11.69
C HIS OA 104 79.30 50.69 -12.72
N LEU OA 105 78.15 50.24 -13.26
CA LEU OA 105 77.43 51.09 -14.22
C LEU OA 105 76.87 52.34 -13.55
N PHE OA 106 76.26 52.17 -12.37
CA PHE OA 106 75.71 53.33 -11.66
C PHE OA 106 76.81 54.27 -11.20
N GLY OA 107 77.96 53.72 -10.79
CA GLY OA 107 79.08 54.56 -10.40
C GLY OA 107 79.66 55.36 -11.55
N PHE OA 108 79.82 54.72 -12.72
CA PHE OA 108 80.37 55.44 -13.86
C PHE OA 108 79.43 56.54 -14.36
N VAL OA 109 78.13 56.25 -14.44
CA VAL OA 109 77.19 57.24 -14.95
C VAL OA 109 77.02 58.38 -13.96
N ALA OA 110 77.04 58.06 -12.65
CA ALA OA 110 76.95 59.11 -11.63
C ALA OA 110 78.18 60.00 -11.63
N PHE OA 111 79.37 59.42 -11.80
CA PHE OA 111 80.59 60.22 -11.84
C PHE OA 111 80.63 61.11 -13.08
N MET OA 112 80.18 60.59 -14.22
CA MET OA 112 80.20 61.40 -15.43
C MET OA 112 79.18 62.53 -15.38
N LEU OA 113 78.01 62.29 -14.78
CA LEU OA 113 77.05 63.37 -14.65
C LEU OA 113 77.51 64.41 -13.62
N PHE OA 114 78.22 63.98 -12.58
CA PHE OA 114 78.75 64.95 -11.64
C PHE OA 114 79.86 65.80 -12.28
N MET OA 115 80.69 65.18 -13.12
CA MET OA 115 81.69 65.96 -13.84
C MET OA 115 81.04 66.88 -14.88
N PHE OA 116 79.89 66.47 -15.42
CA PHE OA 116 79.12 67.37 -16.29
C PHE OA 116 78.62 68.58 -15.51
N TRP OA 117 78.20 68.39 -14.26
CA TRP OA 117 77.75 69.53 -13.46
C TRP OA 117 78.91 70.45 -13.10
N VAL OA 118 80.07 69.86 -12.81
CA VAL OA 118 81.28 70.64 -12.54
C VAL OA 118 81.70 71.42 -13.79
N GLY OA 119 81.49 70.83 -14.97
CA GLY OA 119 81.68 71.58 -16.19
C GLY OA 119 80.68 72.71 -16.36
N GLU OA 120 79.41 72.45 -16.01
CA GLU OA 120 78.34 73.43 -16.19
C GLU OA 120 78.51 74.64 -15.29
N THR OA 121 79.09 74.47 -14.11
CA THR OA 121 79.33 75.66 -13.29
C THR OA 121 80.61 76.39 -13.68
N TYR OA 122 81.52 75.73 -14.41
CA TYR OA 122 82.84 76.28 -14.72
C TYR OA 122 83.05 76.21 -16.22
N PRO OA 123 82.69 77.24 -16.97
CA PRO OA 123 82.92 77.22 -18.41
C PRO OA 123 84.37 77.53 -18.77
N THR OA 124 84.69 77.31 -20.04
CA THR OA 124 85.87 77.89 -20.67
C THR OA 124 85.49 79.07 -21.56
N TYR OA 125 86.48 79.93 -21.78
CA TYR OA 125 86.33 81.05 -22.70
C TYR OA 125 87.72 81.50 -23.11
N GLN OA 126 87.89 81.74 -24.41
CA GLN OA 126 89.18 82.34 -24.72
C GLN OA 126 89.08 83.85 -24.55
N PRO OA 127 90.08 84.49 -23.93
CA PRO OA 127 89.82 85.77 -23.25
C PRO OA 127 89.62 86.93 -24.20
N VAL OA 128 88.33 87.22 -24.45
CA VAL OA 128 87.88 88.05 -25.56
C VAL OA 128 86.53 88.63 -25.13
N GLY OA 129 86.35 89.95 -25.31
CA GLY OA 129 85.09 90.56 -24.99
C GLY OA 129 84.02 90.26 -26.04
N PRO OA 130 82.84 90.85 -25.87
CA PRO OA 130 81.77 90.64 -26.83
C PRO OA 130 82.05 91.33 -28.16
N LYS OA 131 81.31 90.90 -29.18
CA LYS OA 131 81.49 91.46 -30.51
C LYS OA 131 80.96 92.89 -30.57
N GLN OA 132 81.52 93.65 -31.50
CA GLN OA 132 81.21 95.07 -31.66
C GLN OA 132 80.18 95.21 -32.78
N TYR OA 133 78.91 95.00 -32.42
CA TYR OA 133 77.84 95.09 -33.40
C TYR OA 133 77.65 96.54 -33.83
N PRO OA 134 77.47 96.78 -35.13
CA PRO OA 134 77.67 98.15 -35.64
C PRO OA 134 76.57 99.13 -35.29
N TYR OA 135 75.31 98.75 -35.40
CA TYR OA 135 74.19 99.68 -35.25
C TYR OA 135 73.35 99.29 -34.04
N ASN OA 136 73.78 99.74 -32.86
CA ASN OA 136 73.03 99.65 -31.61
C ASN OA 136 72.70 98.21 -31.25
N ASN OA 137 73.76 97.40 -31.09
CA ASN OA 137 73.68 95.95 -30.88
C ASN OA 137 72.89 95.28 -32.00
N LEU OA 138 73.12 95.75 -33.23
CA LEU OA 138 72.44 95.32 -34.46
C LEU OA 138 70.93 95.47 -34.31
N TYR OA 139 70.51 96.71 -34.12
CA TYR OA 139 69.11 97.05 -33.97
C TYR OA 139 68.48 97.21 -35.36
N LEU OA 140 67.15 97.23 -35.39
CA LEU OA 140 66.25 97.31 -36.53
C LEU OA 140 66.25 96.05 -37.40
N GLU OA 141 67.08 95.07 -37.10
CA GLU OA 141 67.10 93.81 -37.82
C GLU OA 141 66.84 92.62 -36.90
N ARG OA 142 66.67 92.89 -35.61
CA ARG OA 142 66.08 91.95 -34.68
C ARG OA 142 64.57 92.07 -34.77
N GLY OA 143 63.85 91.54 -33.78
CA GLY OA 143 62.43 91.22 -33.83
C GLY OA 143 61.42 92.19 -34.42
N GLY OA 144 61.79 93.46 -34.60
CA GLY OA 144 60.89 94.44 -35.20
C GLY OA 144 61.27 95.86 -34.89
N ASP OA 145 60.30 96.62 -34.35
CA ASP OA 145 60.42 97.98 -33.83
C ASP OA 145 60.88 98.97 -34.90
N PRO OA 146 60.03 99.33 -35.87
CA PRO OA 146 60.51 100.17 -36.97
C PRO OA 146 60.79 101.61 -36.56
N ASN OA 147 59.91 102.24 -35.78
CA ASN OA 147 60.16 103.62 -35.34
C ASN OA 147 59.75 103.84 -33.89
N LYS OA 148 59.71 102.77 -33.09
CA LYS OA 148 59.22 102.90 -31.72
C LYS OA 148 60.25 103.62 -30.85
N GLU OA 149 61.41 103.00 -30.65
CA GLU OA 149 62.43 103.56 -29.78
C GLU OA 149 63.84 103.30 -30.33
N PRO OA 150 64.60 104.36 -30.64
CA PRO OA 150 66.04 104.18 -30.82
C PRO OA 150 66.67 103.83 -29.49
N GLU OA 151 67.67 102.94 -29.54
CA GLU OA 151 68.29 102.36 -28.36
C GLU OA 151 69.79 102.67 -28.42
N PRO OA 152 70.20 103.86 -27.98
CA PRO OA 152 71.57 104.33 -28.26
C PRO OA 152 72.61 103.60 -27.43
N VAL OA 153 73.52 102.92 -28.11
CA VAL OA 153 74.72 102.33 -27.51
C VAL OA 153 75.79 102.25 -28.60
N VAL OA 154 77.01 102.65 -28.26
CA VAL OA 154 78.06 102.80 -29.27
C VAL OA 154 79.27 101.95 -28.94
N HIS OA 155 80.26 101.96 -29.82
CA HIS OA 155 81.55 101.35 -29.58
C HIS OA 155 82.64 102.38 -29.85
N TYR OA 156 83.74 102.26 -29.12
CA TYR OA 156 84.89 103.15 -29.29
C TYR OA 156 86.08 102.32 -29.74
N GLU OA 157 86.90 102.92 -30.62
CA GLU OA 157 88.11 102.23 -31.07
C GLU OA 157 89.11 102.15 -29.93
N ILE OA 158 89.66 100.96 -29.75
CA ILE OA 158 90.51 100.66 -28.61
C ILE OA 158 91.86 100.16 -29.08
N PRO PA 22 32.66 -1.25 -21.08
CA PRO PA 22 31.26 -1.68 -21.15
C PRO PA 22 30.29 -0.53 -21.41
N THR PA 23 30.81 0.60 -21.88
CA THR PA 23 29.98 1.77 -22.17
C THR PA 23 30.71 2.65 -23.18
N LEU PA 24 29.93 3.47 -23.90
CA LEU PA 24 30.50 4.35 -24.91
C LEU PA 24 30.05 5.80 -24.78
N ARG PA 25 28.79 6.02 -24.37
CA ARG PA 25 28.10 7.32 -24.26
C ARG PA 25 27.88 8.04 -25.59
N TRP PA 26 28.28 7.43 -26.71
CA TRP PA 26 28.15 8.06 -28.01
C TRP PA 26 27.86 7.00 -29.06
N GLN PA 27 27.43 7.47 -30.23
CA GLN PA 27 27.16 6.54 -31.31
C GLN PA 27 27.52 7.12 -32.69
N GLU PA 28 28.06 8.33 -32.76
CA GLU PA 28 28.15 9.07 -34.02
C GLU PA 28 29.39 8.68 -34.82
N ASP PA 29 29.62 9.38 -35.93
CA ASP PA 29 30.78 9.16 -36.77
C ASP PA 29 32.06 9.59 -36.04
N PRO PA 30 33.19 8.96 -36.37
CA PRO PA 30 34.49 9.55 -36.02
C PRO PA 30 34.72 10.81 -36.84
N GLU PA 31 34.94 11.92 -36.15
CA GLU PA 31 34.91 13.24 -36.76
C GLU PA 31 36.20 13.99 -36.50
N PRO PA 32 36.60 14.92 -37.38
CA PRO PA 32 36.00 15.29 -38.67
C PRO PA 32 36.63 14.56 -39.84
N GLU PA 33 36.11 14.84 -41.03
CA GLU PA 33 36.70 14.36 -42.28
C GLU PA 33 37.22 15.59 -43.00
N ASP PA 34 38.52 15.85 -42.86
CA ASP PA 34 39.12 17.09 -43.36
C ASP PA 34 39.19 17.08 -44.88
N GLU PA 35 38.19 17.66 -45.52
CA GLU PA 35 38.16 17.74 -46.98
C GLU PA 35 39.14 18.81 -47.45
N ASN PA 36 40.22 18.38 -48.10
CA ASN PA 36 40.99 19.31 -48.91
C ASN PA 36 40.11 19.78 -50.05
N LEU PA 37 39.93 21.08 -50.16
CA LEU PA 37 39.12 21.61 -51.24
C LEU PA 37 39.84 21.51 -52.57
N TYR PA 38 41.17 21.41 -52.54
CA TYR PA 38 41.95 21.03 -53.69
C TYR PA 38 41.98 19.50 -53.78
N GLU PA 39 42.85 18.96 -54.63
CA GLU PA 39 43.03 17.52 -54.90
C GLU PA 39 41.78 16.85 -55.46
N LYS PA 40 40.77 17.64 -55.87
CA LYS PA 40 39.80 17.23 -56.88
C LYS PA 40 39.63 18.30 -57.95
N ASN PA 41 39.97 19.55 -57.67
CA ASN PA 41 40.01 20.62 -58.66
C ASN PA 41 41.28 21.41 -58.39
N PRO PA 42 42.33 21.21 -59.21
CA PRO PA 42 43.54 22.02 -59.04
C PRO PA 42 43.41 23.43 -59.59
N ASP PA 43 42.37 23.72 -60.35
CA ASP PA 43 42.11 25.06 -60.86
C ASP PA 43 41.18 25.85 -59.95
N SER PA 44 40.87 25.33 -58.78
CA SER PA 44 39.73 25.82 -58.02
C SER PA 44 40.00 27.18 -57.40
N HIS PA 45 38.96 28.01 -57.38
CA HIS PA 45 38.91 29.23 -56.61
C HIS PA 45 38.42 28.89 -55.20
N GLY PA 46 37.97 29.90 -54.45
CA GLY PA 46 37.70 29.82 -53.02
C GLY PA 46 36.84 28.68 -52.47
N TYR PA 47 35.54 28.66 -52.75
CA TYR PA 47 34.67 27.75 -52.03
C TYR PA 47 34.52 26.43 -52.79
N ASP PA 48 33.53 25.63 -52.38
CA ASP PA 48 33.42 24.20 -52.66
C ASP PA 48 33.35 23.81 -54.13
N LYS PA 49 33.48 22.52 -54.39
CA LYS PA 49 33.90 21.85 -55.60
C LYS PA 49 32.90 21.91 -56.73
N ASP PA 50 31.82 22.66 -56.65
CA ASP PA 50 31.03 22.95 -57.85
C ASP PA 50 31.89 23.79 -58.78
N PRO PA 51 32.18 23.33 -59.99
CA PRO PA 51 33.25 23.94 -60.78
C PRO PA 51 32.90 25.27 -61.41
N ALA PA 52 31.67 25.46 -61.87
CA ALA PA 52 31.34 26.64 -62.64
C ALA PA 52 31.02 27.82 -61.75
N VAL PA 53 30.21 27.59 -60.72
CA VAL PA 53 29.67 28.70 -59.94
C VAL PA 53 30.72 29.32 -59.04
N ASP PA 54 31.82 28.62 -58.76
CA ASP PA 54 32.93 29.26 -58.05
C ASP PA 54 33.62 30.27 -58.95
N VAL PA 55 33.77 29.93 -60.23
CA VAL PA 55 34.31 30.89 -61.20
C VAL PA 55 33.35 32.06 -61.38
N TRP PA 56 32.04 31.78 -61.31
CA TRP PA 56 31.08 32.88 -61.32
C TRP PA 56 31.21 33.77 -60.09
N ASN PA 57 31.52 33.17 -58.94
CA ASN PA 57 31.70 33.96 -57.73
C ASN PA 57 32.91 34.86 -57.83
N MET PA 58 34.01 34.33 -58.38
CA MET PA 58 35.20 35.14 -58.61
C MET PA 58 34.90 36.29 -59.56
N ARG PA 59 34.18 35.98 -60.65
CA ARG PA 59 33.90 37.00 -61.65
C ARG PA 59 32.96 38.07 -61.10
N VAL PA 60 31.99 37.70 -60.27
CA VAL PA 60 31.11 38.73 -59.74
C VAL PA 60 31.78 39.54 -58.63
N VAL PA 61 32.61 38.93 -57.78
CA VAL PA 61 33.21 39.70 -56.69
C VAL PA 61 34.34 40.58 -57.20
N PHE PA 62 34.88 40.29 -58.38
CA PHE PA 62 35.81 41.27 -58.93
C PHE PA 62 35.13 42.28 -59.83
N PHE PA 63 34.29 41.84 -60.78
CA PHE PA 63 33.73 42.76 -61.76
C PHE PA 63 32.70 43.69 -61.13
N PHE PA 64 31.90 43.17 -60.19
CA PHE PA 64 30.97 44.01 -59.46
C PHE PA 64 31.47 44.35 -58.06
N GLY PA 65 32.76 44.17 -57.80
CA GLY PA 65 33.33 44.56 -56.52
C GLY PA 65 34.51 45.49 -56.66
N PHE PA 66 35.22 45.40 -57.78
CA PHE PA 66 36.32 46.29 -58.11
C PHE PA 66 36.10 47.04 -59.40
N SER PA 67 35.73 46.33 -60.47
CA SER PA 67 35.63 46.92 -61.79
C SER PA 67 34.45 47.87 -61.94
N ILE PA 68 33.50 47.84 -61.02
CA ILE PA 68 32.42 48.83 -61.04
C ILE PA 68 32.33 49.60 -59.73
N VAL PA 69 32.94 49.14 -58.64
CA VAL PA 69 32.82 49.80 -57.36
C VAL PA 69 34.05 50.64 -57.05
N LEU PA 70 35.23 50.07 -57.23
CA LEU PA 70 36.43 50.65 -56.65
C LEU PA 70 36.87 51.88 -57.43
N VAL PA 71 37.04 51.73 -58.74
CA VAL PA 71 37.52 52.87 -59.53
C VAL PA 71 36.43 53.92 -59.70
N LEU PA 72 35.15 53.50 -59.75
CA LEU PA 72 34.06 54.48 -59.86
C LEU PA 72 33.88 55.24 -58.56
N GLY PA 73 33.99 54.54 -57.42
CA GLY PA 73 34.00 55.22 -56.14
C GLY PA 73 35.19 56.11 -55.95
N SER PA 74 36.35 55.72 -56.51
CA SER PA 74 37.53 56.57 -56.44
C SER PA 74 37.35 57.86 -57.21
N THR PA 75 36.74 57.78 -58.39
CA THR PA 75 36.43 59.01 -59.12
C THR PA 75 35.34 59.82 -58.43
N PHE PA 76 34.36 59.14 -57.83
CA PHE PA 76 33.22 59.84 -57.26
C PHE PA 76 33.60 60.56 -55.98
N VAL PA 77 34.56 60.03 -55.22
CA VAL PA 77 34.98 60.70 -53.99
C VAL PA 77 36.25 61.50 -54.17
N ALA PA 78 36.97 61.33 -55.28
CA ALA PA 78 38.14 62.16 -55.53
C ALA PA 78 37.73 63.61 -55.79
N TYR PA 79 36.59 63.79 -56.44
CA TYR PA 79 35.99 65.10 -56.59
C TYR PA 79 34.48 64.95 -56.65
N LEU PA 80 33.81 65.94 -56.10
CA LEU PA 80 32.38 66.08 -55.91
C LEU PA 80 32.27 67.55 -55.54
N PRO PA 81 31.07 68.15 -55.26
CA PRO PA 81 31.06 69.57 -54.84
C PRO PA 81 31.76 69.87 -53.53
N ASP PA 82 31.75 71.16 -53.13
CA ASP PA 82 32.53 71.59 -51.99
C ASP PA 82 31.96 71.08 -50.68
N TYR PA 83 32.49 69.93 -50.26
CA TYR PA 83 32.10 69.26 -49.03
C TYR PA 83 32.39 70.16 -47.84
N ARG PA 84 31.32 70.53 -47.12
CA ARG PA 84 31.34 71.50 -46.03
C ARG PA 84 31.86 72.86 -46.51
N MET PA 85 31.52 73.23 -47.74
CA MET PA 85 31.64 74.59 -48.28
C MET PA 85 33.08 75.12 -48.22
N GLN PA 86 34.00 74.38 -48.82
CA GLN PA 86 35.41 74.71 -48.59
C GLN PA 86 35.89 75.84 -49.51
N GLU PA 87 35.85 75.60 -50.82
CA GLU PA 87 36.41 76.59 -51.74
C GLU PA 87 35.49 77.80 -51.90
N TRP PA 88 34.19 77.60 -51.63
CA TRP PA 88 33.30 78.73 -51.46
C TRP PA 88 33.79 79.65 -50.36
N ALA PA 89 34.20 79.08 -49.23
CA ALA PA 89 34.73 79.88 -48.13
C ALA PA 89 36.07 80.50 -48.49
N ARG PA 90 36.89 79.80 -49.28
CA ARG PA 90 38.16 80.35 -49.77
C ARG PA 90 37.92 81.65 -50.55
N ARG PA 91 37.10 81.56 -51.60
CA ARG PA 91 36.91 82.73 -52.45
C ARG PA 91 36.09 83.81 -51.75
N GLU PA 92 35.21 83.43 -50.83
CA GLU PA 92 34.44 84.42 -50.08
C GLU PA 92 35.35 85.19 -49.13
N ALA PA 93 36.30 84.50 -48.49
CA ALA PA 93 37.26 85.18 -47.63
C ALA PA 93 38.20 86.06 -48.44
N GLU PA 94 38.56 85.61 -49.66
CA GLU PA 94 39.35 86.44 -50.57
C GLU PA 94 38.64 87.77 -50.85
N ARG PA 95 37.37 87.69 -51.26
CA ARG PA 95 36.64 88.90 -51.61
C ARG PA 95 36.39 89.78 -50.39
N LEU PA 96 36.16 89.17 -49.23
CA LEU PA 96 35.86 89.97 -48.04
C LEU PA 96 37.10 90.68 -47.51
N VAL PA 97 38.26 90.01 -47.54
CA VAL PA 97 39.48 90.68 -47.07
C VAL PA 97 39.93 91.72 -48.09
N LYS PA 98 39.66 91.50 -49.39
CA LYS PA 98 39.94 92.53 -50.37
C LYS PA 98 39.05 93.76 -50.15
N TYR PA 99 37.79 93.54 -49.79
CA TYR PA 99 36.89 94.65 -49.47
C TYR PA 99 37.34 95.40 -48.24
N ARG PA 100 37.72 94.67 -47.18
CA ARG PA 100 38.12 95.32 -45.95
C ARG PA 100 39.53 95.90 -46.01
N GLU PA 101 40.32 95.58 -47.02
CA GLU PA 101 41.50 96.37 -47.31
C GLU PA 101 41.19 97.58 -48.17
N ALA PA 102 40.27 97.45 -49.12
CA ALA PA 102 39.94 98.55 -50.02
C ALA PA 102 39.00 99.57 -49.41
N HIS PA 103 38.56 99.38 -48.17
CA HIS PA 103 37.77 100.41 -47.51
C HIS PA 103 38.26 100.73 -46.11
N GLY PA 104 39.53 100.47 -45.82
CA GLY PA 104 40.22 101.05 -44.68
C GLY PA 104 39.87 100.49 -43.31
N LEU PA 105 38.69 99.89 -43.15
CA LEU PA 105 38.27 99.40 -41.85
C LEU PA 105 39.07 98.15 -41.48
N PRO PA 106 39.30 97.89 -40.18
CA PRO PA 106 40.18 96.78 -39.82
C PRO PA 106 39.55 95.42 -40.10
N LEU PA 107 40.36 94.52 -40.64
CA LEU PA 107 39.87 93.21 -41.03
C LEU PA 107 39.62 92.36 -39.78
N MET PA 108 38.54 91.59 -39.83
CA MET PA 108 38.01 90.81 -38.72
C MET PA 108 37.77 91.71 -37.50
N GLU PA 109 36.75 92.54 -37.67
CA GLU PA 109 36.17 93.29 -36.56
C GLU PA 109 35.79 92.34 -35.44
N SER PA 110 36.31 92.60 -34.24
CA SER PA 110 35.92 91.86 -33.06
C SER PA 110 34.51 92.28 -32.63
N ASN PA 111 33.99 91.58 -31.61
CA ASN PA 111 32.61 91.76 -31.10
C ASN PA 111 31.60 91.54 -32.21
N CYS PA 112 31.50 90.26 -32.63
CA CYS PA 112 30.78 89.88 -33.85
C CYS PA 112 29.30 90.25 -33.83
N PHE PA 113 28.70 90.37 -32.64
CA PHE PA 113 27.37 90.90 -32.54
C PHE PA 113 27.43 92.37 -32.17
N ASP PA 114 26.44 93.11 -32.64
CA ASP PA 114 26.44 94.57 -32.55
C ASP PA 114 26.24 95.02 -31.10
N PRO PA 115 27.17 95.77 -30.52
CA PRO PA 115 26.98 96.25 -29.14
C PRO PA 115 25.86 97.27 -28.98
N SER PA 116 25.30 97.81 -30.05
CA SER PA 116 24.07 98.57 -29.92
C SER PA 116 22.89 97.64 -29.64
N LYS PA 117 22.90 96.47 -30.26
CA LYS PA 117 21.86 95.47 -30.02
C LYS PA 117 22.27 94.48 -28.94
N ILE PA 118 22.61 94.99 -27.76
CA ILE PA 118 22.92 94.16 -26.62
C ILE PA 118 22.46 94.89 -25.37
N GLN PA 119 22.11 94.13 -24.34
CA GLN PA 119 21.58 94.69 -23.09
C GLN PA 119 22.24 93.94 -21.93
N LEU PA 120 23.19 94.57 -21.28
CA LEU PA 120 23.78 93.95 -20.11
C LEU PA 120 22.84 94.10 -18.91
N PRO PA 121 22.60 93.04 -18.15
CA PRO PA 121 21.88 93.19 -16.89
C PRO PA 121 22.70 93.98 -15.88
N GLU PA 122 22.01 94.67 -14.99
CA GLU PA 122 22.66 95.65 -14.14
C GLU PA 122 22.82 95.13 -12.71
N ASP PA 123 23.59 95.87 -11.93
CA ASP PA 123 23.88 95.53 -10.54
C ASP PA 123 22.87 96.22 -9.62
N LYS QA 1 -2.19 5.06 -54.84
CA LYS QA 1 -0.79 5.06 -55.25
C LYS QA 1 0.10 5.55 -54.12
N PHE QA 2 1.12 4.74 -53.79
CA PHE QA 2 2.26 5.04 -52.94
C PHE QA 2 1.90 5.11 -51.45
N TYR QA 3 0.62 5.06 -51.11
CA TYR QA 3 0.18 5.19 -49.74
C TYR QA 3 -0.68 3.99 -49.37
N ILE QA 4 -0.42 3.43 -48.20
CA ILE QA 4 -1.04 2.18 -47.78
C ILE QA 4 -2.04 2.45 -46.67
N GLN QA 5 -3.24 1.92 -46.86
CA GLN QA 5 -4.31 1.59 -45.92
C GLN QA 5 -5.08 2.78 -45.38
N GLU QA 6 -4.57 4.02 -45.61
CA GLU QA 6 -5.21 5.34 -45.67
C GLU QA 6 -4.20 6.45 -45.96
N PRO QA 7 -4.64 7.51 -46.61
CA PRO QA 7 -4.20 8.84 -46.23
C PRO QA 7 -5.22 9.44 -45.28
N PRO QA 8 -4.78 10.21 -44.27
CA PRO QA 8 -5.76 10.85 -43.38
C PRO QA 8 -6.57 11.92 -44.09
N HIS QA 9 -5.94 12.70 -44.95
CA HIS QA 9 -6.61 13.57 -45.90
C HIS QA 9 -5.69 13.72 -47.10
N GLY QA 10 -5.93 14.72 -47.92
CA GLY QA 10 -5.09 14.97 -49.07
C GLY QA 10 -5.88 15.24 -50.32
N SER QA 11 -6.97 14.51 -50.50
CA SER QA 11 -7.95 14.89 -51.50
C SER QA 11 -8.64 16.15 -51.01
N PRO QA 12 -8.67 17.22 -51.80
CA PRO QA 12 -9.15 18.52 -51.29
C PRO QA 12 -10.67 18.53 -51.12
N ASN QA 13 -11.11 18.76 -49.89
CA ASN QA 13 -12.53 18.97 -49.65
C ASN QA 13 -13.01 20.26 -50.29
N TRP QA 14 -14.25 20.25 -50.74
CA TRP QA 14 -14.76 21.34 -51.56
C TRP QA 14 -15.79 22.21 -50.85
N LEU QA 15 -16.26 21.81 -49.67
CA LEU QA 15 -17.11 22.72 -48.92
C LEU QA 15 -16.28 23.81 -48.27
N LYS QA 16 -15.14 23.44 -47.68
CA LYS QA 16 -14.43 24.34 -46.79
C LYS QA 16 -13.72 25.45 -47.55
N VAL QA 17 -13.03 25.10 -48.65
CA VAL QA 17 -12.26 26.10 -49.39
C VAL QA 17 -13.20 27.06 -50.12
N GLY QA 18 -14.31 26.56 -50.65
CA GLY QA 18 -15.27 27.42 -51.30
C GLY QA 18 -16.00 28.32 -50.31
N LEU QA 19 -16.30 27.78 -49.13
CA LEU QA 19 -16.93 28.58 -48.09
C LEU QA 19 -16.01 29.69 -47.59
N THR QA 20 -14.73 29.37 -47.37
CA THR QA 20 -13.79 30.39 -46.89
C THR QA 20 -13.52 31.45 -47.95
N LEU QA 21 -13.41 31.06 -49.21
CA LEU QA 21 -13.20 32.08 -50.24
C LEU QA 21 -14.45 32.92 -50.47
N GLY QA 22 -15.63 32.32 -50.37
CA GLY QA 22 -16.86 33.09 -50.49
C GLY QA 22 -17.03 34.10 -49.36
N THR QA 23 -16.78 33.67 -48.12
CA THR QA 23 -16.91 34.61 -47.01
C THR QA 23 -15.77 35.63 -46.99
N SER QA 24 -14.61 35.29 -47.57
CA SER QA 24 -13.54 36.27 -47.65
C SER QA 24 -13.85 37.34 -48.67
N ALA QA 25 -14.38 36.94 -49.84
CA ALA QA 25 -14.83 37.92 -50.82
C ALA QA 25 -15.98 38.75 -50.29
N PHE QA 26 -16.87 38.14 -49.49
CA PHE QA 26 -17.95 38.87 -48.84
C PHE QA 26 -17.42 39.92 -47.88
N LEU QA 27 -16.39 39.58 -47.11
CA LEU QA 27 -15.83 40.54 -46.16
C LEU QA 27 -15.07 41.66 -46.88
N TRP QA 28 -14.37 41.33 -47.97
CA TRP QA 28 -13.75 42.36 -48.80
C TRP QA 28 -14.77 43.36 -49.33
N ILE QA 29 -15.86 42.85 -49.92
CA ILE QA 29 -16.87 43.72 -50.51
C ILE QA 29 -17.58 44.54 -49.42
N TYR QA 30 -17.77 43.94 -48.24
CA TYR QA 30 -18.41 44.67 -47.16
C TYR QA 30 -17.53 45.80 -46.63
N LEU QA 31 -16.23 45.56 -46.50
CA LEU QA 31 -15.37 46.64 -46.01
C LEU QA 31 -15.17 47.71 -47.07
N ILE QA 32 -15.17 47.33 -48.35
CA ILE QA 32 -15.08 48.33 -49.42
C ILE QA 32 -16.33 49.21 -49.44
N LYS QA 33 -17.51 48.61 -49.25
CA LYS QA 33 -18.74 49.38 -49.23
C LYS QA 33 -18.81 50.29 -48.01
N GLN QA 34 -18.38 49.79 -46.84
CA GLN QA 34 -18.32 50.62 -45.64
C GLN QA 34 -17.34 51.76 -45.80
N HIS QA 35 -16.19 51.50 -46.44
CA HIS QA 35 -15.19 52.54 -46.66
C HIS QA 35 -15.69 53.60 -47.63
N ASN QA 36 -16.40 53.19 -48.69
CA ASN QA 36 -16.92 54.15 -49.65
C ASN QA 36 -18.00 55.01 -49.01
N GLU QA 37 -18.85 54.40 -48.18
CA GLU QA 37 -19.83 55.18 -47.43
C GLU QA 37 -19.17 56.14 -46.44
N ASP QA 38 -18.04 55.74 -45.86
CA ASP QA 38 -17.35 56.62 -44.92
C ASP QA 38 -16.71 57.80 -45.63
N VAL QA 39 -16.13 57.57 -46.82
CA VAL QA 39 -15.56 58.65 -47.61
C VAL QA 39 -16.66 59.61 -48.05
N LEU QA 40 -17.80 59.07 -48.48
CA LEU QA 40 -18.92 59.90 -48.91
C LEU QA 40 -19.49 60.70 -47.74
N GLU QA 41 -19.53 60.10 -46.55
CA GLU QA 41 -20.04 60.81 -45.38
C GLU QA 41 -19.10 61.93 -44.95
N TYR QA 42 -17.78 61.67 -44.98
CA TYR QA 42 -16.81 62.70 -44.64
C TYR QA 42 -16.86 63.86 -45.62
N LYS QA 43 -16.90 63.56 -46.92
CA LYS QA 43 -16.96 64.62 -47.91
C LYS QA 43 -18.30 65.34 -47.92
N ARG QA 44 -19.37 64.66 -47.51
CA ARG QA 44 -20.67 65.32 -47.44
C ARG QA 44 -20.75 66.25 -46.24
N ARG QA 45 -20.13 65.87 -45.12
CA ARG QA 45 -20.19 66.73 -43.95
C ARG QA 45 -19.19 67.87 -44.06
N ASN QA 46 -18.05 67.63 -44.68
CA ASN QA 46 -17.02 68.66 -44.81
C ASN QA 46 -16.53 68.76 -46.26
N VAL RA 6 13.26 37.76 -71.78
CA VAL RA 6 14.24 37.09 -70.94
C VAL RA 6 13.87 37.39 -69.49
N VAL RA 7 12.73 38.05 -69.30
CA VAL RA 7 12.28 38.39 -67.95
C VAL RA 7 11.78 37.15 -67.22
N ARG RA 8 10.93 36.36 -67.88
CA ARG RA 8 10.40 35.14 -67.30
C ARG RA 8 11.42 34.01 -67.22
N ASP RA 9 12.60 34.19 -67.81
CA ASP RA 9 13.73 33.29 -67.57
C ASP RA 9 14.09 33.26 -66.10
N HIS RA 10 14.30 34.44 -65.52
CA HIS RA 10 14.54 34.56 -64.09
C HIS RA 10 14.07 35.93 -63.63
N TRP RA 11 13.18 35.94 -62.65
CA TRP RA 11 12.72 37.17 -62.01
C TRP RA 11 13.33 37.36 -60.64
N ILE RA 12 14.14 36.39 -60.21
CA ILE RA 12 14.79 36.47 -58.91
C ILE RA 12 15.84 37.57 -58.89
N HIS RA 13 16.64 37.65 -59.96
CA HIS RA 13 17.78 38.55 -60.02
C HIS RA 13 17.41 40.02 -60.22
N VAL RA 14 16.16 40.32 -60.57
CA VAL RA 14 15.80 41.67 -60.97
C VAL RA 14 15.14 42.45 -59.83
N LEU RA 15 15.11 41.87 -58.63
CA LEU RA 15 14.24 42.37 -57.58
C LEU RA 15 14.78 43.67 -56.95
N VAL RA 16 16.05 43.68 -56.56
CA VAL RA 16 16.57 44.84 -55.82
C VAL RA 16 16.71 46.15 -56.60
N PRO RA 17 16.90 46.21 -57.94
CA PRO RA 17 16.79 47.54 -58.57
C PRO RA 17 15.37 48.04 -58.61
N VAL RA 18 14.40 47.13 -58.74
CA VAL RA 18 12.98 47.51 -58.66
C VAL RA 18 12.67 48.06 -57.27
N GLY RA 19 13.21 47.41 -56.24
CA GLY RA 19 13.03 47.91 -54.88
C GLY RA 19 13.70 49.26 -54.64
N PHE RA 20 14.88 49.46 -55.24
CA PHE RA 20 15.57 50.74 -55.11
C PHE RA 20 14.81 51.86 -55.81
N VAL RA 21 14.28 51.60 -57.00
CA VAL RA 21 13.48 52.60 -57.70
C VAL RA 21 12.19 52.88 -56.93
N PHE RA 22 11.63 51.86 -56.29
CA PHE RA 22 10.43 52.04 -55.48
C PHE RA 22 10.69 52.92 -54.27
N GLY RA 23 11.77 52.66 -53.54
CA GLY RA 23 12.11 53.48 -52.40
C GLY RA 23 12.47 54.90 -52.78
N TYR RA 24 13.11 55.06 -53.94
CA TYR RA 24 13.44 56.38 -54.45
C TYR RA 24 12.18 57.17 -54.78
N TYR RA 25 11.22 56.51 -55.45
CA TYR RA 25 9.94 57.15 -55.79
C TYR RA 25 9.15 57.51 -54.54
N LEU RA 26 9.18 56.65 -53.53
CA LEU RA 26 8.42 56.94 -52.32
C LEU RA 26 9.08 58.06 -51.53
N ASP RA 27 10.41 58.18 -51.58
CA ASP RA 27 11.05 59.32 -50.96
C ASP RA 27 10.77 60.61 -51.71
N ARG RA 28 10.64 60.53 -53.04
CA ARG RA 28 10.18 61.69 -53.80
C ARG RA 28 8.78 62.11 -53.40
N LYS RA 29 7.87 61.14 -53.25
CA LYS RA 29 6.49 61.47 -52.86
C LYS RA 29 6.43 62.01 -51.44
N ASN RA 30 7.29 61.51 -50.53
CA ASN RA 30 7.27 62.00 -49.17
C ASN RA 30 7.83 63.41 -49.07
N ASP RA 31 8.89 63.71 -49.82
CA ASP RA 31 9.40 65.08 -49.82
C ASP RA 31 8.44 66.05 -50.51
N GLU RA 32 7.65 65.55 -51.47
CA GLU RA 32 6.63 66.41 -52.08
C GLU RA 32 5.41 66.58 -51.18
N LYS RA 33 5.17 65.62 -50.29
CA LYS RA 33 4.19 65.84 -49.22
C LYS RA 33 4.74 66.80 -48.18
N LEU RA 34 6.06 66.90 -48.08
CA LEU RA 34 6.70 67.79 -47.12
C LEU RA 34 7.05 69.13 -47.78
N ALA RA 35 6.18 69.58 -48.69
CA ALA RA 35 6.41 70.81 -49.44
C ALA RA 35 5.89 72.04 -48.71
N ALA RA 36 6.30 72.20 -47.44
CA ALA RA 36 6.12 73.46 -46.74
C ALA RA 36 7.38 74.30 -46.90
N PHE RA 37 7.21 75.61 -46.75
CA PHE RA 37 8.25 76.62 -46.97
C PHE RA 37 8.86 76.49 -48.36
N ARG RA 38 8.01 76.67 -49.38
CA ARG RA 38 8.48 76.52 -50.75
C ARG RA 38 9.39 77.67 -51.17
N ASN RA 39 9.10 78.89 -50.70
CA ASN RA 39 9.96 80.02 -50.96
C ASN RA 39 10.08 80.95 -49.75
N LYS RA 40 9.61 80.54 -48.58
CA LYS RA 40 9.44 81.44 -47.46
C LYS RA 40 10.69 81.66 -46.64
N SER RA 41 11.84 81.15 -47.08
CA SER RA 41 13.08 81.42 -46.38
C SER RA 41 13.55 82.85 -46.62
N LEU RA 42 14.31 83.38 -45.67
CA LEU RA 42 14.92 84.69 -45.85
C LEU RA 42 16.19 84.64 -46.66
N LEU RA 43 16.72 83.45 -46.94
CA LEU RA 43 18.00 83.32 -47.59
C LEU RA 43 17.90 82.74 -48.99
N TYR RA 44 16.83 81.99 -49.28
CA TYR RA 44 16.57 81.42 -50.60
C TYR RA 44 15.18 81.87 -50.99
N LYS RA 45 15.07 83.04 -51.58
CA LYS RA 45 13.75 83.57 -51.94
C LYS RA 45 13.90 84.41 -53.20
N ARG RA 46 13.49 83.84 -54.32
CA ARG RA 46 13.32 84.55 -55.57
C ARG RA 46 11.88 84.40 -56.03
N GLU RA 47 11.54 85.09 -57.11
CA GLU RA 47 10.22 84.95 -57.67
C GLU RA 47 10.14 83.66 -58.49
N LEU RA 48 8.92 83.16 -58.65
CA LEU RA 48 8.72 82.04 -59.56
C LEU RA 48 8.92 82.53 -60.99
N LYS RA 49 9.81 81.86 -61.72
CA LYS RA 49 10.26 82.37 -63.00
C LYS RA 49 10.81 81.22 -63.82
N PRO RA 50 10.71 81.27 -65.16
CA PRO RA 50 9.83 82.19 -65.89
C PRO RA 50 8.49 81.55 -66.21
N ASN RA 51 8.47 80.22 -66.24
CA ASN RA 51 7.33 79.50 -66.82
C ASN RA 51 6.32 79.01 -65.79
N GLU RA 52 6.74 78.09 -64.91
CA GLU RA 52 5.79 77.36 -64.07
C GLU RA 52 6.31 77.23 -62.63
N GLU RA 53 6.05 78.25 -61.82
CA GLU RA 53 5.72 78.18 -60.39
C GLU RA 53 6.45 77.16 -59.52
N VAL RA 54 7.72 76.85 -59.81
CA VAL RA 54 8.41 75.82 -59.05
C VAL RA 54 9.86 76.24 -58.81
N THR RA 55 10.40 75.81 -57.68
CA THR RA 55 11.82 75.98 -57.38
C THR RA 55 12.51 74.69 -56.95
N TRP RA 56 11.77 73.68 -56.49
CA TRP RA 56 12.32 72.36 -56.26
C TRP RA 56 11.17 71.36 -56.30
N LYS RA 57 11.44 70.18 -56.84
CA LYS RA 57 10.42 69.14 -56.96
C LYS RA 57 11.05 67.75 -56.97
N MET SA 1 -63.75 -7.86 24.46
CA MET SA 1 -63.64 -7.09 23.22
C MET SA 1 -62.90 -5.77 23.45
N TRP SA 2 -63.05 -4.83 22.51
CA TRP SA 2 -62.48 -3.50 22.59
C TRP SA 2 -63.19 -2.59 23.58
N PHE SA 3 -64.18 -3.11 24.31
CA PHE SA 3 -64.62 -2.47 25.53
C PHE SA 3 -63.51 -2.41 26.58
N GLU SA 4 -62.54 -3.30 26.50
CA GLU SA 4 -61.43 -3.34 27.46
C GLU SA 4 -60.22 -2.52 27.02
N VAL SA 5 -60.28 -1.85 25.87
CA VAL SA 5 -59.21 -0.94 25.46
C VAL SA 5 -59.65 0.52 25.53
N LEU SA 6 -60.96 0.79 25.43
CA LEU SA 6 -61.45 2.15 25.59
C LEU SA 6 -61.20 2.83 26.94
N PRO SA 7 -61.02 2.13 28.09
CA PRO SA 7 -60.49 2.86 29.25
C PRO SA 7 -59.09 3.43 29.07
N GLY SA 8 -58.19 2.69 28.43
CA GLY SA 8 -56.85 3.20 28.22
C GLY SA 8 -56.81 4.41 27.30
N ILE SA 9 -57.48 4.31 26.16
CA ILE SA 9 -57.55 5.42 25.21
C ILE SA 9 -58.36 6.57 25.80
N ALA SA 10 -59.35 6.27 26.65
CA ALA SA 10 -60.15 7.31 27.28
C ALA SA 10 -59.33 8.12 28.26
N VAL SA 11 -58.56 7.45 29.11
CA VAL SA 11 -57.74 8.17 30.09
C VAL SA 11 -56.61 8.92 29.39
N MET SA 12 -56.04 8.34 28.33
CA MET SA 12 -54.99 9.07 27.62
C MET SA 12 -55.54 10.27 26.85
N GLY SA 13 -56.78 10.17 26.34
CA GLY SA 13 -57.39 11.31 25.70
C GLY SA 13 -57.75 12.40 26.69
N VAL SA 14 -58.16 12.02 27.90
CA VAL SA 14 -58.38 13.01 28.96
C VAL SA 14 -57.05 13.69 29.32
N CYS SA 15 -55.96 12.91 29.32
CA CYS SA 15 -54.64 13.51 29.52
C CYS SA 15 -54.25 14.44 28.37
N LEU SA 16 -54.79 14.22 27.16
CA LEU SA 16 -54.60 15.18 26.09
C LEU SA 16 -55.66 16.27 26.06
N PHE SA 17 -56.80 16.05 26.71
CA PHE SA 17 -57.85 17.06 26.73
C PHE SA 17 -57.51 18.21 27.66
N ILE SA 18 -56.75 17.92 28.73
CA ILE SA 18 -56.60 18.90 29.82
C ILE SA 18 -55.80 20.16 29.47
N PRO SA 19 -54.63 20.14 28.78
CA PRO SA 19 -53.75 21.31 28.89
C PRO SA 19 -54.24 22.53 28.13
N GLY SA 20 -54.87 22.35 26.97
CA GLY SA 20 -55.38 23.50 26.25
C GLY SA 20 -56.59 24.13 26.93
N MET SA 21 -57.43 23.31 27.54
CA MET SA 21 -58.60 23.84 28.26
C MET SA 21 -58.16 24.60 29.51
N ALA SA 22 -57.21 24.04 30.27
CA ALA SA 22 -56.70 24.74 31.43
C ALA SA 22 -55.92 25.99 31.03
N THR SA 23 -55.21 25.94 29.90
CA THR SA 23 -54.50 27.11 29.40
C THR SA 23 -55.45 28.23 29.02
N ALA SA 24 -56.53 27.89 28.31
CA ALA SA 24 -57.53 28.90 27.94
C ALA SA 24 -58.24 29.45 29.18
N ARG SA 25 -58.41 28.63 30.22
CA ARG SA 25 -58.95 29.14 31.47
C ARG SA 25 -57.99 30.12 32.12
N ILE SA 26 -56.68 29.86 32.04
CA ILE SA 26 -55.71 30.80 32.61
C ILE SA 26 -55.61 32.07 31.75
N HIS SA 27 -55.80 31.94 30.43
CA HIS SA 27 -55.90 33.11 29.56
C HIS SA 27 -57.07 34.00 29.95
N ARG SA 28 -58.24 33.39 30.15
CA ARG SA 28 -59.40 34.18 30.54
C ARG SA 28 -59.30 34.70 31.97
N PHE SA 29 -58.53 34.04 32.83
CA PHE SA 29 -58.40 34.51 34.20
C PHE SA 29 -57.37 35.62 34.33
N SER SA 30 -56.32 35.61 33.52
CA SER SA 30 -55.26 36.58 33.68
C SER SA 30 -55.56 37.92 33.02
N ASN SA 31 -56.77 38.11 32.49
CA ASN SA 31 -57.17 39.41 31.97
C ASN SA 31 -58.59 39.79 32.35
N GLY SA 32 -59.19 39.10 33.32
CA GLY SA 32 -60.50 39.47 33.81
C GLY SA 32 -61.64 39.18 32.85
N GLY SA 33 -61.70 37.94 32.36
CA GLY SA 33 -62.69 37.56 31.37
C GLY SA 33 -62.33 37.90 29.95
N ARG SA 34 -61.30 38.71 29.74
CA ARG SA 34 -60.86 39.04 28.39
C ARG SA 34 -60.05 37.89 27.80
N GLU SA 35 -59.82 37.98 26.51
CA GLU SA 35 -58.81 37.17 25.84
C GLU SA 35 -57.51 37.96 25.80
N LYS SA 36 -56.39 37.24 25.94
CA LYS SA 36 -55.08 37.87 25.78
C LYS SA 36 -54.91 38.38 24.35
N ARG SA 37 -54.52 39.65 24.24
CA ARG SA 37 -54.41 40.30 22.94
C ARG SA 37 -53.21 39.76 22.18
N VAL SA 38 -53.47 39.16 21.02
CA VAL SA 38 -52.40 38.69 20.16
C VAL SA 38 -51.69 39.87 19.53
N ALA SA 39 -50.43 39.67 19.17
CA ALA SA 39 -49.56 40.76 18.72
C ALA SA 39 -48.62 40.22 17.65
N HIS SA 40 -48.84 40.63 16.41
CA HIS SA 40 -48.02 40.22 15.29
C HIS SA 40 -47.44 41.39 14.51
N TYR SA 41 -48.01 42.58 14.63
CA TYR SA 41 -47.64 43.74 13.83
C TYR SA 41 -47.27 44.88 14.75
N SER SA 42 -46.55 45.86 14.20
CA SER SA 42 -46.22 47.06 14.96
C SER SA 42 -47.46 47.90 15.21
N TYR SA 43 -48.43 47.84 14.30
CA TYR SA 43 -49.67 48.60 14.45
C TYR SA 43 -50.48 48.12 15.65
N GLN SA 44 -50.63 46.80 15.78
CA GLN SA 44 -51.39 46.26 16.90
C GLN SA 44 -50.66 46.50 18.22
N TRP SA 45 -49.34 46.44 18.21
CA TRP SA 45 -48.59 46.68 19.45
C TRP SA 45 -48.64 48.13 19.86
N TYR SA 46 -48.61 49.07 18.90
CA TYR SA 46 -48.71 50.47 19.29
C TYR SA 46 -50.12 50.81 19.78
N LEU SA 47 -51.14 50.20 19.15
CA LEU SA 47 -52.50 50.36 19.64
C LEU SA 47 -52.65 49.78 21.05
N MET SA 48 -52.01 48.64 21.30
CA MET SA 48 -52.01 48.07 22.64
C MET SA 48 -51.25 48.93 23.63
N GLU SA 49 -50.18 49.58 23.18
CA GLU SA 49 -49.41 50.43 24.08
C GLU SA 49 -50.16 51.68 24.46
N ARG SA 50 -50.85 52.31 23.49
CA ARG SA 50 -51.64 53.48 23.86
C ARG SA 50 -52.87 53.08 24.67
N ASP SA 51 -53.37 51.85 24.46
CA ASP SA 51 -54.48 51.36 25.27
C ASP SA 51 -54.06 51.17 26.72
N ARG SA 52 -52.90 50.55 26.95
CA ARG SA 52 -52.42 50.39 28.31
C ARG SA 52 -51.88 51.68 28.89
N ARG SA 53 -51.58 52.67 28.06
CA ARG SA 53 -51.17 53.97 28.60
C ARG SA 53 -52.37 54.78 29.07
N VAL SA 54 -53.46 54.81 28.29
CA VAL SA 54 -54.60 55.64 28.68
C VAL SA 54 -55.42 55.04 29.80
N SER SA 55 -55.18 53.78 30.17
CA SER SA 55 -56.06 53.10 31.11
C SER SA 55 -55.90 53.60 32.54
N GLY SA 56 -54.73 54.17 32.87
CA GLY SA 56 -54.47 54.66 34.21
C GLY SA 56 -53.92 53.61 35.16
N VAL SA 57 -54.33 52.34 34.99
CA VAL SA 57 -53.82 51.25 35.80
C VAL SA 57 -52.57 50.63 35.16
N ASN SA 58 -52.15 51.16 34.01
CA ASN SA 58 -51.07 50.62 33.17
C ASN SA 58 -51.36 49.17 32.81
N ARG SA 59 -52.63 48.88 32.53
CA ARG SA 59 -53.10 47.54 32.24
C ARG SA 59 -54.09 47.60 31.10
N TYR SA 60 -53.86 46.80 30.07
CA TYR SA 60 -54.56 46.94 28.81
C TYR SA 60 -55.92 46.25 28.77
N TYR SA 61 -56.34 45.59 29.85
CA TYR SA 61 -57.58 44.84 29.81
C TYR SA 61 -58.79 45.60 30.37
N VAL SA 62 -58.57 46.75 31.03
CA VAL SA 62 -59.66 47.44 31.71
C VAL SA 62 -60.63 48.04 30.68
N SER SA 63 -60.08 48.53 29.57
CA SER SA 63 -60.77 48.81 28.29
C SER SA 63 -61.79 49.94 28.34
N LYS SA 64 -61.87 50.68 29.44
CA LYS SA 64 -62.11 52.13 29.55
C LYS SA 64 -63.01 52.73 28.46
N GLY SA 65 -64.25 52.27 28.36
CA GLY SA 65 -65.13 52.67 27.28
C GLY SA 65 -66.14 53.72 27.68
N LEU SA 66 -66.12 54.85 26.96
CA LEU SA 66 -67.20 55.83 26.86
C LEU SA 66 -67.40 56.65 28.15
N GLU SA 67 -66.68 56.32 29.22
CA GLU SA 67 -66.82 56.99 30.50
C GLU SA 67 -65.63 57.89 30.82
N ASN SA 68 -64.93 58.35 29.78
CA ASN SA 68 -63.97 59.43 29.93
C ASN SA 68 -64.05 60.37 28.73
N ILE SA 69 -65.24 60.54 28.17
CA ILE SA 69 -65.38 61.33 26.96
C ILE SA 69 -65.30 62.82 27.27
N ASP SA 70 -66.22 63.32 28.08
CA ASP SA 70 -66.28 64.74 28.39
C ASP SA 70 -65.38 65.08 29.57
FE1 SF4 TA . -45.16 -90.42 25.59
FE2 SF4 TA . -44.41 -92.78 24.53
FE3 SF4 TA . -42.67 -90.68 24.64
FE4 SF4 TA . -43.42 -92.05 26.88
S1 SF4 TA . -42.19 -92.87 25.12
S2 SF4 TA . -43.24 -89.77 26.66
S3 SF4 TA . -45.64 -92.49 26.45
S4 SF4 TA . -44.60 -90.80 23.41
N1 FMN UA . -47.56 -106.11 22.99
C2 FMN UA . -48.26 -106.90 23.85
O2 FMN UA . -47.96 -108.09 24.01
N3 FMN UA . -49.30 -106.38 24.57
C4 FMN UA . -49.74 -105.07 24.53
O4 FMN UA . -50.68 -104.71 25.24
C4A FMN UA . -49.00 -104.23 23.62
N5 FMN UA . -49.32 -102.98 23.53
C5A FMN UA . -48.58 -102.17 22.69
C6 FMN UA . -48.92 -100.82 22.56
C7 FMN UA . -48.22 -99.98 21.71
C7M FMN UA . -48.67 -98.55 21.54
C8 FMN UA . -47.11 -100.47 21.00
C8M FMN UA . -46.30 -99.58 20.12
C9 FMN UA . -46.77 -101.81 21.14
C9A FMN UA . -47.49 -102.66 21.96
N10 FMN UA . -47.19 -104.03 22.07
C10 FMN UA . -47.92 -104.84 22.89
C1' FMN UA . -46.06 -104.57 21.31
C2' FMN UA . -46.48 -105.15 19.96
O2' FMN UA . -47.35 -106.26 20.13
C3' FMN UA . -45.25 -105.59 19.15
O3' FMN UA . -45.70 -105.97 17.86
C4' FMN UA . -44.49 -106.76 19.79
O4' FMN UA . -43.42 -106.27 20.59
C5' FMN UA . -43.94 -107.73 18.76
O5' FMN UA . -45.00 -108.16 17.89
P FMN UA . -44.72 -108.74 16.43
O1P FMN UA . -44.97 -107.69 15.43
O2P FMN UA . -43.27 -109.22 16.45
O3P FMN UA . -45.64 -109.93 16.29
FE1 FES VA . -62.35 -102.70 30.97
FE2 FES VA . -60.17 -103.51 28.98
S1 FES VA . -61.05 -104.46 30.75
S2 FES VA . -61.48 -101.77 29.19
FE1 SF4 WA . -37.15 -68.39 30.89
FE2 SF4 WA . -39.32 -66.95 31.65
FE3 SF4 WA . -39.16 -69.61 32.23
FE4 SF4 WA . -37.57 -67.84 33.51
S1 SF4 WA . -39.86 -67.93 33.65
S2 SF4 WA . -36.91 -69.85 32.63
S3 SF4 WA . -37.12 -66.30 31.87
S4 SF4 WA . -39.31 -68.68 30.14
FE1 SF4 XA . -34.21 -79.88 33.92
FE2 SF4 XA . -36.16 -79.63 35.78
FE3 SF4 XA . -33.76 -80.58 36.50
FE4 SF4 XA . -34.02 -77.96 35.81
S1 SF4 XA . -34.97 -79.00 37.64
S2 SF4 XA . -32.35 -79.38 35.16
S3 SF4 XA . -35.62 -78.09 34.16
S4 SF4 XA . -35.22 -81.60 35.04
FE1 FES YA . -32.48 -83.22 23.62
FE2 FES YA . -31.26 -84.47 21.19
S1 FES YA . -33.22 -84.65 22.15
S2 FES YA . -30.80 -82.67 22.35
FE1 SF4 ZA . -33.74 -31.01 24.82
FE2 SF4 ZA . -36.24 -31.95 24.72
FE3 SF4 ZA . -35.80 -29.28 25.13
FE4 SF4 ZA . -35.39 -30.32 22.74
S1 SF4 ZA . -37.42 -30.20 23.79
S2 SF4 ZA . -33.93 -28.94 23.84
S3 SF4 ZA . -34.57 -32.42 23.21
S4 SF4 ZA . -35.24 -31.00 26.55
FE1 SF4 AB . -38.15 -42.33 29.43
FE2 SF4 AB . -38.20 -40.97 31.74
FE3 SF4 AB . -39.31 -43.41 31.66
FE4 SF4 AB . -36.61 -43.16 31.49
S1 SF4 AB . -37.91 -42.62 33.31
S2 SF4 AB . -37.94 -44.49 30.17
S3 SF4 AB . -36.38 -41.20 30.36
S4 SF4 AB . -40.04 -41.59 30.49
FE1 SF4 BB . -42.39 -51.84 36.42
FE2 SF4 BB . -39.76 -51.05 36.43
FE3 SF4 BB . -40.86 -52.08 38.66
FE4 SF4 BB . -40.48 -53.71 36.52
S1 SF4 BB . -38.84 -52.68 37.74
S2 SF4 BB . -42.35 -53.63 37.85
S3 SF4 BB . -40.83 -52.25 34.79
S4 SF4 BB . -41.48 -50.12 37.65
ZN ZN CB . -51.17 -63.08 41.73
PA NDP DB . -16.07 -8.89 54.37
O1A NDP DB . -16.81 -7.84 55.10
O2A NDP DB . -16.62 -9.01 52.97
O5B NDP DB . -16.11 -10.34 55.04
C5B NDP DB . -16.90 -10.54 56.24
C4B NDP DB . -17.98 -11.54 55.93
O4B NDP DB . -18.81 -11.72 57.11
C3B NDP DB . -18.95 -11.12 54.84
O3B NDP DB . -19.65 -12.24 54.32
C2B NDP DB . -19.86 -10.22 55.65
O2B NDP DB . -21.10 -9.88 54.97
C1B NDP DB . -20.04 -11.04 56.93
N9A NDP DB . -20.30 -10.23 58.10
C8A NDP DB . -19.51 -9.23 58.60
N7A NDP DB . -20.03 -8.61 59.63
C5A NDP DB . -21.24 -9.25 59.83
C6A NDP DB . -22.28 -9.04 60.76
N6A NDP DB . -22.26 -8.12 61.71
N1A NDP DB . -23.37 -9.85 60.67
C2A NDP DB . -23.39 -10.78 59.71
N3A NDP DB . -22.48 -11.07 58.79
C4A NDP DB . -21.42 -10.25 58.90
O3 NDP DB . -14.52 -8.49 54.24
PN NDP DB . -13.32 -9.24 53.52
O1N NDP DB . -13.85 -10.27 52.60
O2N NDP DB . -12.54 -8.20 52.73
O5D NDP DB . -12.35 -9.84 54.62
C5D NDP DB . -12.59 -11.09 55.29
C4D NDP DB . -11.83 -11.10 56.60
O4D NDP DB . -10.41 -11.11 56.34
C3D NDP DB . -12.11 -9.92 57.53
O3D NDP DB . -12.43 -10.35 58.85
C2D NDP DB . -10.81 -9.11 57.49
O2D NDP DB . -10.54 -8.46 58.72
C1D NDP DB . -9.78 -10.20 57.23
N1N NDP DB . -8.56 -9.72 56.60
C2N NDP DB . -8.60 -8.83 55.57
C3N NDP DB . -7.50 -8.35 54.95
C7N NDP DB . -7.69 -7.38 53.86
O7N NDP DB . -8.84 -7.06 53.52
N7N NDP DB . -6.60 -6.87 53.29
C4N NDP DB . -6.14 -8.80 55.37
C5N NDP DB . -6.20 -9.76 56.50
C6N NDP DB . -7.34 -10.16 57.03
P2B NDP DB . -22.49 -10.71 54.87
O1X NDP DB . -23.31 -10.13 53.78
O2X NDP DB . -22.13 -12.17 54.61
O3X NDP DB . -23.20 -10.61 56.23
O7 ZMP EB . 18.18 -30.56 14.37
P1 ZMP EB . 17.65 -30.17 15.84
O6 ZMP EB . 18.78 -30.15 16.79
O5 ZMP EB . 16.67 -31.38 16.18
C21 ZMP EB . 15.36 -31.09 16.66
C18 ZMP EB . 14.56 -32.36 16.85
C19 ZMP EB . 15.32 -33.28 17.81
C20 ZMP EB . 13.19 -32.00 17.45
C17 ZMP EB . 14.40 -33.06 15.48
O4 ZMP EB . 14.22 -32.07 14.46
C16 ZMP EB . 13.20 -34.02 15.45
O3 ZMP EB . 13.21 -35.09 16.06
N2 ZMP EB . 12.19 -33.61 14.67
C15 ZMP EB . 10.97 -34.41 14.52
C14 ZMP EB . 9.76 -33.61 15.04
C13 ZMP EB . 9.75 -33.65 16.56
O2 ZMP EB . 10.57 -34.34 17.16
N1 ZMP EB . 8.81 -32.91 17.17
C12 ZMP EB . 7.82 -32.07 16.46
C11 ZMP EB . 6.85 -31.43 17.46
S1 ZMP EB . 5.30 -30.90 16.67
C10 ZMP EB . 4.49 -30.14 18.01
O1 ZMP EB . 4.58 -30.51 19.18
C9 ZMP EB . 3.60 -28.96 17.63
C8 ZMP EB . 2.51 -28.79 18.69
C7 ZMP EB . 2.32 -27.30 18.98
C6 ZMP EB . 1.49 -27.12 20.26
C5 ZMP EB . 1.60 -25.67 20.73
C4 ZMP EB . 1.35 -25.61 22.24
C3 ZMP EB . 1.45 -24.16 22.72
C2 ZMP EB . 0.36 -23.33 22.04
C1 ZMP EB . 0.71 -21.84 22.15
C22 ZMP EB . 0.87 -21.42 23.60
C23 ZMP EB . -0.31 -20.65 24.17
O7 ZMP FB . 91.36 8.26 -23.31
P1 ZMP FB . 91.32 9.77 -22.74
O6 ZMP FB . 92.56 10.47 -23.16
O5 ZMP FB . 91.38 9.53 -21.14
C21 ZMP FB . 91.21 10.63 -20.25
C18 ZMP FB . 91.59 10.22 -18.83
C19 ZMP FB . 90.43 9.45 -18.21
C20 ZMP FB . 92.83 9.34 -18.93
C17 ZMP FB . 91.87 11.51 -18.04
O4 ZMP FB . 93.10 12.06 -18.49
C16 ZMP FB . 91.93 11.38 -16.51
O3 ZMP FB . 92.56 10.48 -15.93
N2 ZMP FB . 91.30 12.35 -15.85
C15 ZMP FB . 91.27 12.41 -14.38
C14 ZMP FB . 91.09 13.86 -13.94
C13 ZMP FB . 92.15 14.72 -14.64
O2 ZMP FB . 92.87 14.21 -15.51
N1 ZMP FB . 92.26 15.99 -14.27
C12 ZMP FB . 91.43 16.66 -13.26
C11 ZMP FB . 91.71 18.16 -13.35
S1 ZMP FB . 92.66 18.55 -14.87
C10 ZMP FB . 93.95 19.66 -14.29
O1 ZMP FB . 95.15 19.40 -14.32
C9 ZMP FB . 93.47 21.02 -13.79
C8 ZMP FB . 94.26 22.12 -14.50
C7 ZMP FB . 93.49 23.45 -14.46
C6 ZMP FB . 92.72 23.68 -15.78
C5 ZMP FB . 93.39 24.81 -16.56
C4 ZMP FB . 92.38 25.46 -17.51
C3 ZMP FB . 92.25 26.94 -17.16
C2 ZMP FB . 91.71 27.70 -18.37
#